data_4OC9
#
_entry.id   4OC9
#
_cell.length_a   60.434
_cell.length_b   149.787
_cell.length_c   186.591
_cell.angle_alpha   100.58
_cell.angle_beta   92.47
_cell.angle_gamma   90.10
#
_symmetry.space_group_name_H-M   'P 1'
#
loop_
_entity.id
_entity.type
_entity.pdbx_description
1 polymer 'Putative O-acetylhomoserine (Thiol)-lyase'
2 non-polymer IMIDAZOLE
3 non-polymer GLYCEROL
4 non-polymer 'PHOSPHATE ION'
5 water water
#
_entity_poly.entity_id   1
_entity_poly.type   'polypeptide(L)'
_entity_poly.pdbx_seq_one_letter_code
;G(MSE)NFNKETLALHGAYNFDTQRSISVPIYQNTAYNFENLDQAAARFNLQELGNIYSRLSNPTSDVLGQRLANVEGGA
FGIPVASG(MSE)AACFYALINLASSGDNVAYSNKIYGGTQTLISHTLKNFGIEAREFDIDDLDSLEKVIDQNTKAIFFE
SLSNPQIAIADIEKINQIAKKHKIVSICDNTVATPFLLQPFKHGVDVIVHSLS(LLP)YVSGQGTALGGALIERKDLNDL
LKNNDRYKAFNTPDPSYHGLNLNTLDLPIFSIRVIITWLRDLGASLAPQNAWLLLQGLETLAVRIEKHSQNAEKVANFLN
SHPDIKGVNYPTLASNAYHNLFKKYFDKNFASGLLSFEAKDYEHARRICDKTQLFLLAANLGDSKSLIIHPASTTHSQLS
EEELQKAGITKATIRLSIGLENSDDLIADLKQAIES
;
_entity_poly.pdbx_strand_id   A,B,C,D,E,F,G,H,I,J,K,L,M,N,O,P
#
# COMPACT_ATOMS: atom_id res chain seq x y z
N PHE A 4 -46.73 -11.47 75.63
CA PHE A 4 -45.27 -11.63 75.42
C PHE A 4 -44.48 -12.12 76.62
N ASN A 5 -43.29 -12.64 76.36
CA ASN A 5 -42.42 -13.13 77.43
C ASN A 5 -41.67 -12.00 78.13
N LYS A 6 -41.17 -12.27 79.33
CA LYS A 6 -40.45 -11.27 80.13
C LYS A 6 -39.32 -10.56 79.40
N GLU A 7 -38.53 -11.34 78.67
CA GLU A 7 -37.42 -10.75 77.92
C GLU A 7 -37.95 -9.68 76.96
N THR A 8 -39.08 -9.97 76.33
CA THR A 8 -39.69 -9.05 75.39
C THR A 8 -40.26 -7.80 76.04
N LEU A 9 -40.86 -7.99 77.22
CA LEU A 9 -41.46 -6.89 77.99
C LEU A 9 -40.42 -5.92 78.55
N ALA A 10 -39.15 -6.36 78.65
CA ALA A 10 -38.10 -5.47 79.14
C ALA A 10 -37.62 -4.56 78.03
N LEU A 11 -38.07 -4.85 76.82
CA LEU A 11 -37.68 -4.10 75.60
C LEU A 11 -38.78 -3.30 74.89
N HIS A 12 -40.01 -3.75 75.05
CA HIS A 12 -41.18 -3.17 74.46
C HIS A 12 -42.28 -2.96 75.47
N GLY A 13 -42.94 -1.80 75.38
CA GLY A 13 -44.04 -1.50 76.29
C GLY A 13 -43.90 -0.18 77.04
N ALA A 14 -45.05 0.33 77.51
CA ALA A 14 -45.12 1.56 78.26
C ALA A 14 -44.48 2.76 77.61
N TYR A 15 -44.31 2.74 76.29
CA TYR A 15 -43.69 3.84 75.55
C TYR A 15 -44.21 3.70 74.12
N ASN A 16 -45.02 4.64 73.68
CA ASN A 16 -45.60 4.60 72.32
C ASN A 16 -44.95 5.48 71.25
N PHE A 17 -43.79 6.08 71.52
CA PHE A 17 -43.10 6.97 70.57
C PHE A 17 -43.81 8.32 70.54
N ASP A 18 -43.12 9.38 70.93
CA ASP A 18 -43.77 10.67 70.89
C ASP A 18 -43.80 11.19 69.42
N THR A 19 -43.84 12.48 69.22
CA THR A 19 -43.92 13.03 67.89
C THR A 19 -42.71 12.67 67.03
N GLN A 20 -41.53 12.68 67.64
CA GLN A 20 -40.26 12.39 66.95
C GLN A 20 -40.04 10.93 66.62
N ARG A 21 -40.78 10.06 67.27
CA ARG A 21 -40.69 8.64 67.04
C ARG A 21 -39.29 8.02 67.22
N SER A 22 -38.60 8.47 68.27
CA SER A 22 -37.30 7.95 68.58
C SER A 22 -37.50 6.55 69.14
N ILE A 23 -36.70 5.59 68.69
CA ILE A 23 -36.82 4.19 69.18
C ILE A 23 -36.42 4.11 70.64
N SER A 24 -35.39 4.85 71.00
CA SER A 24 -34.96 4.89 72.36
C SER A 24 -35.84 5.90 73.11
N VAL A 25 -36.02 5.68 74.38
CA VAL A 25 -36.83 6.58 75.18
C VAL A 25 -36.06 7.88 75.41
N PRO A 26 -36.68 9.03 75.13
CA PRO A 26 -35.96 10.25 75.38
C PRO A 26 -35.69 10.49 76.84
N ILE A 27 -34.61 11.25 77.09
CA ILE A 27 -34.20 11.63 78.44
C ILE A 27 -34.78 13.01 78.74
N TYR A 28 -35.81 13.03 79.59
CA TYR A 28 -36.48 14.27 79.97
C TYR A 28 -35.76 14.93 81.12
N GLN A 29 -34.61 15.56 80.78
CA GLN A 29 -33.77 16.26 81.76
C GLN A 29 -34.57 17.57 81.93
N ASN A 30 -35.60 17.45 82.75
CA ASN A 30 -36.54 18.50 82.97
C ASN A 30 -37.34 18.38 84.26
N THR A 31 -37.66 19.52 84.86
CA THR A 31 -38.43 19.52 86.11
C THR A 31 -39.89 19.91 85.99
N ALA A 32 -40.23 20.76 85.02
CA ALA A 32 -41.63 21.21 84.85
C ALA A 32 -42.23 21.02 83.46
N TYR A 33 -43.55 21.15 83.42
CA TYR A 33 -44.31 20.95 82.22
C TYR A 33 -45.26 22.08 81.95
N ASN A 34 -45.45 22.37 80.67
CA ASN A 34 -46.31 23.44 80.25
C ASN A 34 -47.76 22.98 80.17
N PHE A 35 -48.58 23.40 81.13
CA PHE A 35 -49.99 23.03 81.11
C PHE A 35 -50.60 23.78 79.95
N GLU A 36 -51.54 23.14 79.26
CA GLU A 36 -52.20 23.73 78.11
C GLU A 36 -53.18 24.83 78.47
N ASN A 37 -53.68 24.81 79.70
CA ASN A 37 -54.62 25.82 80.18
C ASN A 37 -54.77 25.69 81.68
N LEU A 38 -55.33 26.70 82.30
CA LEU A 38 -55.49 26.68 83.78
C LEU A 38 -56.35 25.53 84.32
N ASP A 39 -57.42 25.15 83.62
CA ASP A 39 -58.27 24.05 84.08
C ASP A 39 -57.47 22.76 84.18
N GLN A 40 -56.74 22.46 83.12
CA GLN A 40 -55.91 21.26 83.04
C GLN A 40 -54.98 21.18 84.25
N ALA A 41 -54.33 22.31 84.54
CA ALA A 41 -53.40 22.39 85.66
C ALA A 41 -54.10 22.05 86.96
N ALA A 42 -55.07 22.88 87.33
CA ALA A 42 -55.83 22.67 88.55
C ALA A 42 -56.41 21.24 88.62
N ALA A 43 -56.93 20.74 87.50
CA ALA A 43 -57.47 19.41 87.48
C ALA A 43 -56.41 18.38 87.88
N ARG A 44 -55.16 18.57 87.44
CA ARG A 44 -54.07 17.64 87.80
C ARG A 44 -53.71 17.75 89.27
N PHE A 45 -53.70 18.97 89.81
CA PHE A 45 -53.39 19.15 91.23
C PHE A 45 -54.45 18.54 92.14
N ASN A 46 -55.64 18.28 91.61
CA ASN A 46 -56.77 17.69 92.36
C ASN A 46 -57.01 16.23 92.11
N LEU A 47 -56.09 15.60 91.40
N LEU A 47 -56.12 15.61 91.37
CA LEU A 47 -56.21 14.18 91.06
CA LEU A 47 -56.23 14.20 91.05
C LEU A 47 -57.43 13.86 90.18
C LEU A 47 -57.43 13.87 90.16
N GLN A 48 -58.09 14.88 89.63
CA GLN A 48 -59.22 14.63 88.76
C GLN A 48 -58.65 14.11 87.44
N GLU A 49 -57.61 14.77 86.92
CA GLU A 49 -56.98 14.30 85.66
C GLU A 49 -55.54 13.85 85.93
N LEU A 50 -55.14 12.71 85.39
CA LEU A 50 -53.76 12.27 85.56
C LEU A 50 -52.88 12.89 84.52
N GLY A 51 -51.64 13.17 84.89
CA GLY A 51 -50.72 13.77 83.94
C GLY A 51 -49.52 14.43 84.57
N ASN A 52 -48.66 14.97 83.72
CA ASN A 52 -47.44 15.60 84.17
C ASN A 52 -47.68 16.88 84.92
N ILE A 53 -46.93 17.03 85.99
CA ILE A 53 -47.01 18.19 86.84
C ILE A 53 -45.66 18.77 87.17
N TYR A 54 -44.86 17.96 87.87
CA TYR A 54 -43.52 18.36 88.31
C TYR A 54 -42.73 17.11 88.55
N SER A 55 -41.48 17.09 88.07
CA SER A 55 -40.60 15.92 88.18
C SER A 55 -40.32 15.33 89.54
N ARG A 56 -40.54 16.08 90.60
CA ARG A 56 -40.34 15.50 91.92
C ARG A 56 -41.37 14.40 92.14
N LEU A 57 -42.51 14.52 91.47
CA LEU A 57 -43.59 13.54 91.58
C LEU A 57 -43.46 12.46 90.51
N SER A 58 -43.32 12.87 89.26
CA SER A 58 -43.19 11.92 88.19
C SER A 58 -42.54 12.57 86.99
N ASN A 59 -41.92 11.72 86.18
CA ASN A 59 -41.22 12.09 84.96
C ASN A 59 -41.47 11.01 83.92
N PRO A 60 -41.74 11.40 82.68
CA PRO A 60 -42.00 10.39 81.64
C PRO A 60 -40.91 9.35 81.45
N THR A 61 -39.64 9.72 81.58
CA THR A 61 -38.56 8.75 81.38
C THR A 61 -38.73 7.71 82.48
N SER A 62 -38.80 8.18 83.72
CA SER A 62 -38.98 7.25 84.86
C SER A 62 -40.32 6.49 84.85
N ASP A 63 -41.36 7.05 84.22
CA ASP A 63 -42.66 6.36 84.15
C ASP A 63 -42.53 5.09 83.29
N VAL A 64 -41.77 5.17 82.20
CA VAL A 64 -41.58 4.02 81.33
C VAL A 64 -40.91 2.91 82.15
N LEU A 65 -39.90 3.29 82.93
CA LEU A 65 -39.16 2.37 83.77
C LEU A 65 -40.08 1.71 84.77
N GLY A 66 -40.88 2.51 85.43
CA GLY A 66 -41.82 2.00 86.43
C GLY A 66 -42.76 0.94 85.88
N GLN A 67 -43.39 1.26 84.75
CA GLN A 67 -44.35 0.35 84.14
C GLN A 67 -43.67 -0.92 83.61
N ARG A 68 -42.52 -0.79 82.98
CA ARG A 68 -41.84 -1.96 82.48
C ARG A 68 -41.42 -2.85 83.63
N LEU A 69 -40.90 -2.27 84.70
CA LEU A 69 -40.52 -3.10 85.86
C LEU A 69 -41.74 -3.86 86.37
N ALA A 70 -42.89 -3.19 86.34
CA ALA A 70 -44.13 -3.83 86.80
C ALA A 70 -44.51 -4.95 85.85
N ASN A 71 -44.35 -4.69 84.56
CA ASN A 71 -44.68 -5.67 83.55
C ASN A 71 -43.83 -6.90 83.66
N VAL A 72 -42.54 -6.72 83.86
CA VAL A 72 -41.64 -7.88 83.98
C VAL A 72 -41.92 -8.70 85.25
N GLU A 73 -42.31 -8.06 86.32
CA GLU A 73 -42.65 -8.76 87.56
C GLU A 73 -44.08 -9.39 87.54
N GLY A 74 -44.91 -8.98 86.59
CA GLY A 74 -46.26 -9.49 86.50
C GLY A 74 -47.16 -8.70 87.48
N GLY A 75 -46.73 -7.50 87.86
CA GLY A 75 -47.48 -6.65 88.76
C GLY A 75 -48.32 -5.63 88.00
N ALA A 76 -48.92 -4.68 88.71
CA ALA A 76 -49.77 -3.65 88.11
C ALA A 76 -49.13 -2.28 87.85
N PHE A 77 -48.43 -1.75 88.83
CA PHE A 77 -47.82 -0.44 88.71
C PHE A 77 -46.50 -0.37 89.49
N GLY A 78 -45.57 0.41 88.96
CA GLY A 78 -44.27 0.56 89.59
C GLY A 78 -43.84 1.98 89.69
N ILE A 79 -43.12 2.28 90.76
CA ILE A 79 -42.64 3.62 91.02
C ILE A 79 -41.20 3.72 91.36
N PRO A 80 -40.41 4.37 90.49
CA PRO A 80 -39.02 4.48 90.75
C PRO A 80 -38.74 5.63 91.68
N VAL A 81 -37.74 5.43 92.51
CA VAL A 81 -37.32 6.40 93.48
C VAL A 81 -35.79 6.52 93.46
N ALA A 82 -35.26 7.46 94.24
CA ALA A 82 -33.80 7.72 94.26
C ALA A 82 -32.87 6.58 94.60
N SER A 83 -33.32 5.61 95.37
CA SER A 83 -32.46 4.50 95.73
C SER A 83 -33.27 3.38 96.29
N GLY A 84 -32.62 2.22 96.42
CA GLY A 84 -33.22 1.01 96.96
C GLY A 84 -33.66 1.26 98.42
N ALA A 86 -34.47 4.13 99.72
CA ALA A 86 -35.65 4.98 99.66
C ALA A 86 -36.87 4.15 99.35
N ALA A 87 -36.70 3.15 98.48
CA ALA A 87 -37.81 2.26 98.12
C ALA A 87 -38.27 1.45 99.36
N CYS A 88 -37.33 0.93 100.13
CA CYS A 88 -37.68 0.17 101.33
C CYS A 88 -38.39 1.10 102.33
N PHE A 89 -37.81 2.28 102.55
CA PHE A 89 -38.37 3.29 103.44
C PHE A 89 -39.82 3.68 103.04
N TYR A 90 -39.99 4.09 101.80
CA TYR A 90 -41.30 4.45 101.26
C TYR A 90 -42.32 3.35 101.36
N ALA A 91 -41.90 2.11 101.15
CA ALA A 91 -42.83 0.99 101.22
C ALA A 91 -43.36 0.79 102.64
N LEU A 92 -42.47 0.89 103.61
CA LEU A 92 -42.83 0.73 105.00
C LEU A 92 -43.72 1.87 105.55
N ILE A 93 -43.28 3.12 105.37
CA ILE A 93 -44.05 4.26 105.83
C ILE A 93 -45.36 4.40 105.09
N ASN A 94 -45.51 3.81 103.90
CA ASN A 94 -46.78 3.95 103.19
C ASN A 94 -47.82 3.04 103.87
N LEU A 95 -47.32 2.14 104.72
CA LEU A 95 -48.14 1.18 105.44
C LEU A 95 -48.21 1.42 106.96
N ALA A 96 -47.10 1.84 107.55
CA ALA A 96 -47.02 2.06 108.98
C ALA A 96 -46.72 3.52 109.34
N SER A 97 -47.31 3.96 110.45
CA SER A 97 -47.12 5.30 110.96
C SER A 97 -46.83 5.16 112.45
N SER A 98 -46.56 6.28 113.10
CA SER A 98 -46.24 6.28 114.53
C SER A 98 -47.24 5.43 115.37
N GLY A 99 -46.67 4.58 116.21
CA GLY A 99 -47.47 3.70 117.05
C GLY A 99 -47.69 2.29 116.46
N ASP A 100 -47.33 2.11 115.19
CA ASP A 100 -47.48 0.83 114.56
C ASP A 100 -46.16 0.06 114.59
N ASN A 101 -46.20 -1.19 114.14
CA ASN A 101 -45.01 -2.00 114.10
C ASN A 101 -44.96 -2.71 112.77
N VAL A 102 -43.76 -3.17 112.43
CA VAL A 102 -43.55 -3.91 111.21
C VAL A 102 -42.70 -5.13 111.56
N ALA A 103 -42.98 -6.23 110.88
CA ALA A 103 -42.25 -7.47 111.09
C ALA A 103 -41.21 -7.59 110.00
N TYR A 104 -39.98 -7.93 110.39
CA TYR A 104 -38.92 -8.04 109.42
C TYR A 104 -38.00 -9.25 109.61
N SER A 105 -37.54 -9.78 108.51
CA SER A 105 -36.64 -10.92 108.51
C SER A 105 -35.30 -10.61 109.16
N ASN A 106 -34.79 -11.59 109.88
CA ASN A 106 -33.50 -11.46 110.56
C ASN A 106 -32.34 -11.66 109.55
N LYS A 107 -32.67 -12.01 108.31
CA LYS A 107 -31.65 -12.20 107.27
C LYS A 107 -31.88 -11.29 106.09
N ILE A 108 -31.40 -10.05 106.24
CA ILE A 108 -31.53 -9.02 105.20
C ILE A 108 -30.32 -8.13 105.09
N TYR A 109 -30.39 -7.24 104.09
CA TYR A 109 -29.34 -6.27 103.82
C TYR A 109 -29.14 -5.41 105.07
N GLY A 110 -27.87 -5.27 105.47
CA GLY A 110 -27.46 -4.51 106.64
C GLY A 110 -28.07 -3.12 106.75
N GLY A 111 -28.07 -2.40 105.64
CA GLY A 111 -28.64 -1.08 105.61
C GLY A 111 -30.14 -1.13 105.91
N THR A 112 -30.85 -2.08 105.30
CA THR A 112 -32.28 -2.19 105.53
C THR A 112 -32.55 -2.59 106.99
N GLN A 113 -31.62 -3.34 107.56
CA GLN A 113 -31.76 -3.78 108.94
C GLN A 113 -31.65 -2.57 109.87
N THR A 114 -30.68 -1.71 109.60
CA THR A 114 -30.48 -0.51 110.40
C THR A 114 -31.69 0.40 110.25
N LEU A 115 -32.15 0.59 109.03
CA LEU A 115 -33.34 1.41 108.74
C LEU A 115 -34.53 0.97 109.58
N ILE A 116 -34.80 -0.31 109.51
CA ILE A 116 -35.94 -0.85 110.20
C ILE A 116 -35.80 -0.95 111.72
N SER A 117 -34.70 -1.53 112.20
CA SER A 117 -34.54 -1.71 113.67
C SER A 117 -34.08 -0.47 114.45
N HIS A 118 -33.45 0.50 113.81
CA HIS A 118 -33.02 1.70 114.54
C HIS A 118 -33.62 3.02 114.04
N THR A 119 -33.39 3.35 112.77
CA THR A 119 -33.89 4.58 112.24
C THR A 119 -35.39 4.83 112.32
N LEU A 120 -36.19 3.82 112.02
CA LEU A 120 -37.65 4.02 112.08
C LEU A 120 -38.18 4.34 113.48
N LYS A 121 -37.40 4.04 114.54
CA LYS A 121 -37.85 4.35 115.91
C LYS A 121 -38.11 5.83 116.02
N ASN A 122 -37.21 6.62 115.42
CA ASN A 122 -37.32 8.08 115.42
C ASN A 122 -38.68 8.55 114.95
N PHE A 123 -39.36 7.72 114.18
CA PHE A 123 -40.67 8.11 113.70
C PHE A 123 -41.78 7.35 114.41
N GLY A 124 -41.45 6.74 115.54
CA GLY A 124 -42.41 6.00 116.35
C GLY A 124 -42.90 4.71 115.74
N ILE A 125 -42.05 4.12 114.91
CA ILE A 125 -42.38 2.87 114.24
C ILE A 125 -41.52 1.75 114.82
N GLU A 126 -42.18 0.82 115.48
CA GLU A 126 -41.55 -0.31 116.12
C GLU A 126 -41.22 -1.41 115.14
N ALA A 127 -40.06 -2.04 115.34
CA ALA A 127 -39.63 -3.12 114.49
C ALA A 127 -39.58 -4.42 115.31
N ARG A 128 -40.10 -5.49 114.72
CA ARG A 128 -40.10 -6.82 115.36
C ARG A 128 -39.50 -7.88 114.42
N GLU A 129 -38.30 -8.32 114.78
CA GLU A 129 -37.54 -9.33 114.04
C GLU A 129 -38.22 -10.70 114.05
N PHE A 130 -38.00 -11.49 112.99
CA PHE A 130 -38.54 -12.86 112.96
C PHE A 130 -37.52 -13.66 112.15
N ASP A 131 -37.54 -14.97 112.35
CA ASP A 131 -36.62 -15.88 111.68
C ASP A 131 -37.30 -16.50 110.46
N ILE A 132 -36.77 -16.25 109.26
CA ILE A 132 -37.37 -16.82 108.04
C ILE A 132 -37.28 -18.32 108.04
N ASP A 133 -36.34 -18.88 108.81
CA ASP A 133 -36.17 -20.32 108.89
C ASP A 133 -37.14 -21.00 109.89
N ASP A 134 -37.86 -20.21 110.70
CA ASP A 134 -38.81 -20.74 111.69
C ASP A 134 -40.01 -19.78 111.74
N LEU A 135 -40.91 -19.93 110.80
CA LEU A 135 -42.06 -19.07 110.68
C LEU A 135 -43.01 -18.94 111.85
N ASP A 136 -42.99 -19.88 112.79
CA ASP A 136 -43.87 -19.72 113.93
C ASP A 136 -43.45 -18.42 114.60
N SER A 137 -42.16 -18.06 114.49
CA SER A 137 -41.63 -16.83 115.10
C SER A 137 -42.31 -15.58 114.51
N LEU A 138 -42.86 -15.71 113.31
CA LEU A 138 -43.54 -14.60 112.67
C LEU A 138 -44.92 -14.42 113.29
N GLU A 139 -45.65 -15.51 113.43
N GLU A 139 -45.67 -15.50 113.43
CA GLU A 139 -46.99 -15.48 114.03
CA GLU A 139 -47.01 -15.45 114.07
C GLU A 139 -46.94 -14.81 115.41
C GLU A 139 -46.93 -14.77 115.42
N LYS A 140 -45.92 -15.19 116.17
CA LYS A 140 -45.65 -14.69 117.49
C LYS A 140 -45.55 -13.17 117.62
N VAL A 141 -44.86 -12.50 116.70
CA VAL A 141 -44.71 -11.05 116.79
C VAL A 141 -45.84 -10.22 116.16
N ILE A 142 -46.80 -10.88 115.54
CA ILE A 142 -47.92 -10.20 114.93
C ILE A 142 -49.06 -9.80 115.87
N ASP A 143 -49.55 -8.58 115.68
CA ASP A 143 -50.68 -8.04 116.47
C ASP A 143 -51.53 -7.19 115.51
N GLN A 144 -52.55 -6.48 115.99
CA GLN A 144 -53.39 -5.68 115.07
C GLN A 144 -52.72 -4.41 114.60
N ASN A 145 -51.56 -4.09 115.19
CA ASN A 145 -50.79 -2.90 114.82
C ASN A 145 -49.65 -3.18 113.81
N THR A 146 -49.45 -4.47 113.52
CA THR A 146 -48.44 -4.91 112.56
C THR A 146 -48.95 -4.54 111.16
N LYS A 147 -48.25 -3.66 110.48
CA LYS A 147 -48.68 -3.21 109.15
C LYS A 147 -47.94 -3.78 107.95
N ALA A 148 -46.81 -4.44 108.20
CA ALA A 148 -46.05 -5.03 107.11
C ALA A 148 -45.15 -6.18 107.55
N ILE A 149 -44.92 -7.08 106.61
CA ILE A 149 -44.06 -8.25 106.79
C ILE A 149 -43.01 -8.09 105.68
N PHE A 150 -41.78 -7.78 106.10
CA PHE A 150 -40.69 -7.55 105.20
C PHE A 150 -39.61 -8.64 105.19
N PHE A 151 -39.23 -9.04 103.98
CA PHE A 151 -38.20 -10.05 103.80
C PHE A 151 -37.59 -9.98 102.41
N GLU A 152 -36.50 -10.70 102.23
CA GLU A 152 -35.81 -10.76 100.95
C GLU A 152 -36.06 -12.13 100.36
N SER A 153 -36.17 -12.18 99.03
CA SER A 153 -36.39 -13.45 98.34
C SER A 153 -35.12 -14.32 98.41
N LEU A 154 -33.97 -13.68 98.22
CA LEU A 154 -32.65 -14.30 98.23
C LEU A 154 -31.87 -13.28 99.02
N SER A 155 -31.51 -13.61 100.26
CA SER A 155 -30.85 -12.66 101.16
C SER A 155 -29.42 -12.32 100.91
N ASN A 156 -29.09 -11.11 101.36
CA ASN A 156 -27.77 -10.52 101.26
C ASN A 156 -27.16 -10.34 102.65
N PRO A 157 -26.02 -10.98 102.95
CA PRO A 157 -25.12 -11.83 102.21
C PRO A 157 -25.21 -13.31 102.43
N GLN A 158 -26.19 -13.77 103.22
CA GLN A 158 -26.28 -15.22 103.48
C GLN A 158 -26.79 -16.04 102.30
N ILE A 159 -27.46 -15.40 101.36
CA ILE A 159 -28.01 -16.11 100.23
C ILE A 159 -29.08 -17.05 100.82
N ALA A 160 -29.86 -16.54 101.74
CA ALA A 160 -30.92 -17.33 102.37
C ALA A 160 -32.21 -17.16 101.57
N ILE A 161 -32.84 -18.28 101.24
CA ILE A 161 -34.08 -18.27 100.47
C ILE A 161 -35.30 -18.41 101.36
N ALA A 162 -36.22 -17.47 101.19
CA ALA A 162 -37.46 -17.45 101.96
C ALA A 162 -38.51 -18.37 101.34
N ASP A 163 -39.26 -19.08 102.20
CA ASP A 163 -40.31 -19.96 101.73
C ASP A 163 -41.51 -19.01 101.63
N ILE A 164 -41.58 -18.36 100.47
CA ILE A 164 -42.60 -17.40 100.20
C ILE A 164 -44.04 -17.84 100.46
N GLU A 165 -44.43 -19.00 99.94
CA GLU A 165 -45.81 -19.52 100.12
C GLU A 165 -46.27 -19.54 101.55
N LYS A 166 -45.36 -19.92 102.44
CA LYS A 166 -45.67 -19.96 103.86
C LYS A 166 -45.78 -18.57 104.47
N ILE A 167 -45.00 -17.62 103.98
CA ILE A 167 -45.06 -16.26 104.49
C ILE A 167 -46.39 -15.68 104.04
N ASN A 168 -46.74 -15.99 102.80
CA ASN A 168 -47.98 -15.54 102.22
C ASN A 168 -49.20 -16.02 103.02
N GLN A 169 -49.20 -17.31 103.38
CA GLN A 169 -50.31 -17.87 104.16
C GLN A 169 -50.59 -17.08 105.40
N ILE A 170 -49.56 -16.89 106.19
CA ILE A 170 -49.64 -16.14 107.40
C ILE A 170 -50.08 -14.71 107.14
N ALA A 171 -49.51 -14.08 106.13
CA ALA A 171 -49.83 -12.70 105.79
C ALA A 171 -51.29 -12.56 105.36
N LYS A 172 -51.75 -13.47 104.52
CA LYS A 172 -53.11 -13.39 104.04
C LYS A 172 -54.10 -13.61 105.13
N LYS A 173 -53.75 -14.49 106.04
CA LYS A 173 -54.63 -14.83 107.12
C LYS A 173 -54.94 -13.58 107.94
N HIS A 174 -53.90 -12.86 108.35
CA HIS A 174 -54.07 -11.65 109.15
C HIS A 174 -54.39 -10.39 108.35
N LYS A 175 -54.47 -10.51 107.02
CA LYS A 175 -54.78 -9.35 106.14
C LYS A 175 -53.68 -8.28 106.21
N ILE A 176 -52.45 -8.75 106.23
CA ILE A 176 -51.28 -7.87 106.30
C ILE A 176 -50.56 -7.85 104.96
N VAL A 177 -50.11 -6.65 104.58
CA VAL A 177 -49.37 -6.45 103.35
C VAL A 177 -47.98 -7.03 103.47
N SER A 178 -47.62 -7.89 102.51
CA SER A 178 -46.28 -8.50 102.49
C SER A 178 -45.37 -7.76 101.48
N ILE A 179 -44.14 -7.45 101.92
CA ILE A 179 -43.17 -6.78 101.12
C ILE A 179 -41.97 -7.68 100.88
N CYS A 180 -41.67 -7.94 99.61
CA CYS A 180 -40.51 -8.75 99.23
C CYS A 180 -39.45 -7.96 98.45
N ASP A 181 -38.23 -7.94 98.96
CA ASP A 181 -37.10 -7.26 98.32
C ASP A 181 -36.53 -8.35 97.40
N ASN A 182 -36.77 -8.20 96.09
CA ASN A 182 -36.34 -9.18 95.10
C ASN A 182 -35.11 -8.74 94.32
N THR A 183 -34.33 -7.88 94.93
CA THR A 183 -33.12 -7.33 94.30
C THR A 183 -32.12 -8.32 93.70
N VAL A 184 -31.68 -9.25 94.54
CA VAL A 184 -30.70 -10.21 94.12
C VAL A 184 -31.17 -11.25 93.08
N ALA A 185 -32.35 -11.82 93.29
CA ALA A 185 -32.87 -12.81 92.36
C ALA A 185 -33.22 -12.20 91.00
N THR A 186 -33.75 -10.99 91.05
CA THR A 186 -34.20 -10.19 89.88
C THR A 186 -35.52 -10.79 89.41
N PRO A 187 -36.33 -10.01 88.69
CA PRO A 187 -37.57 -10.55 88.23
C PRO A 187 -37.40 -11.70 87.25
N PHE A 188 -36.21 -11.87 86.66
CA PHE A 188 -35.98 -12.95 85.70
C PHE A 188 -35.71 -14.31 86.31
N LEU A 189 -35.36 -14.37 87.58
CA LEU A 189 -35.11 -15.64 88.16
C LEU A 189 -36.21 -16.04 89.14
N LEU A 190 -36.94 -15.06 89.63
CA LEU A 190 -37.98 -15.30 90.57
C LEU A 190 -39.07 -14.24 90.50
N GLN A 191 -40.32 -14.68 90.57
CA GLN A 191 -41.46 -13.75 90.48
C GLN A 191 -42.30 -13.82 91.77
N PRO A 192 -41.91 -13.07 92.81
CA PRO A 192 -42.66 -13.14 94.05
C PRO A 192 -44.17 -12.97 93.91
N PHE A 193 -44.63 -12.18 92.95
CA PHE A 193 -46.08 -12.02 92.81
C PHE A 193 -46.81 -13.34 92.56
N LYS A 194 -46.18 -14.24 91.84
CA LYS A 194 -46.76 -15.55 91.59
C LYS A 194 -47.07 -16.25 92.88
N HIS A 195 -46.35 -15.92 93.95
CA HIS A 195 -46.60 -16.61 95.21
C HIS A 195 -47.32 -15.85 96.28
N GLY A 196 -48.14 -14.88 95.87
CA GLY A 196 -48.93 -14.10 96.81
C GLY A 196 -48.35 -12.83 97.41
N VAL A 197 -47.15 -12.44 97.00
CA VAL A 197 -46.58 -11.20 97.52
C VAL A 197 -47.42 -10.00 97.07
N ASP A 198 -47.56 -9.04 97.96
CA ASP A 198 -48.34 -7.82 97.69
C ASP A 198 -47.51 -6.68 97.05
N VAL A 199 -46.34 -6.43 97.66
CA VAL A 199 -45.46 -5.41 97.23
C VAL A 199 -44.02 -5.90 97.09
N ILE A 200 -43.40 -5.55 95.96
CA ILE A 200 -42.03 -5.88 95.68
C ILE A 200 -41.14 -4.64 95.63
N VAL A 201 -40.01 -4.69 96.32
CA VAL A 201 -39.06 -3.58 96.29
C VAL A 201 -37.77 -4.08 95.64
N HIS A 202 -37.11 -3.18 94.90
CA HIS A 202 -35.87 -3.49 94.24
C HIS A 202 -34.87 -2.38 94.39
N SER A 203 -33.63 -2.78 94.55
CA SER A 203 -32.57 -1.81 94.57
C SER A 203 -32.14 -1.95 93.12
N LEU A 204 -32.56 -1.01 92.27
CA LEU A 204 -32.22 -1.03 90.85
C LEU A 204 -30.75 -0.79 90.64
N SER A 205 -30.14 -0.21 91.65
N SER A 205 -30.14 -0.21 91.66
CA SER A 205 -28.73 0.14 91.71
CA SER A 205 -28.72 0.12 91.69
C SER A 205 -27.82 -1.09 91.48
C SER A 205 -27.82 -1.08 91.46
N TYR A 207 -28.39 -5.24 90.14
CA TYR A 207 -28.51 -5.94 88.85
C TYR A 207 -29.18 -5.23 87.67
N VAL A 208 -30.25 -4.49 87.94
CA VAL A 208 -30.94 -3.75 86.84
C VAL A 208 -29.95 -2.82 86.13
N SER A 209 -29.12 -2.12 86.91
CA SER A 209 -28.08 -1.24 86.35
C SER A 209 -27.10 -2.17 85.74
N GLY A 210 -26.61 -3.07 86.58
CA GLY A 210 -25.67 -4.13 86.17
C GLY A 210 -24.25 -3.69 85.88
N GLN A 211 -24.01 -2.40 86.08
CA GLN A 211 -22.70 -1.83 85.81
C GLN A 211 -22.16 -0.85 86.80
N GLY A 212 -22.76 -0.78 87.97
CA GLY A 212 -22.34 0.14 89.02
C GLY A 212 -22.36 1.61 88.64
N THR A 213 -23.31 1.99 87.79
CA THR A 213 -23.40 3.36 87.34
C THR A 213 -24.64 4.17 87.67
N ALA A 214 -25.71 3.56 88.13
CA ALA A 214 -26.88 4.37 88.43
C ALA A 214 -27.59 3.89 89.68
N LEU A 215 -27.56 4.75 90.68
CA LEU A 215 -28.19 4.48 91.95
C LEU A 215 -29.70 4.66 91.70
N GLY A 216 -30.51 3.79 92.27
CA GLY A 216 -31.94 3.84 92.08
C GLY A 216 -32.72 2.71 92.74
N GLY A 217 -34.00 2.95 92.94
CA GLY A 217 -34.89 1.97 93.55
C GLY A 217 -36.29 1.97 92.95
N ALA A 218 -37.08 0.94 93.28
CA ALA A 218 -38.45 0.87 92.78
C ALA A 218 -39.40 0.14 93.72
N LEU A 219 -40.64 0.61 93.76
CA LEU A 219 -41.68 -0.02 94.57
C LEU A 219 -42.69 -0.49 93.56
N ILE A 220 -43.00 -1.77 93.60
CA ILE A 220 -43.95 -2.35 92.65
C ILE A 220 -45.10 -3.02 93.37
N GLU A 221 -46.34 -2.78 92.90
CA GLU A 221 -47.48 -3.37 93.54
C GLU A 221 -48.15 -4.40 92.63
N ARG A 222 -48.70 -5.44 93.25
CA ARG A 222 -49.37 -6.48 92.50
C ARG A 222 -50.71 -6.02 92.00
N LYS A 223 -51.29 -6.84 91.13
CA LYS A 223 -52.60 -6.55 90.59
C LYS A 223 -53.60 -6.80 91.68
N ASP A 224 -54.62 -5.95 91.76
CA ASP A 224 -55.71 -6.04 92.75
C ASP A 224 -55.32 -5.79 94.17
N LEU A 225 -54.22 -5.10 94.42
CA LEU A 225 -53.81 -4.82 95.82
C LEU A 225 -54.87 -3.99 96.58
N ASN A 226 -55.67 -3.22 95.85
CA ASN A 226 -56.74 -2.42 96.44
C ASN A 226 -57.65 -3.32 97.29
N ASP A 227 -57.92 -4.53 96.79
CA ASP A 227 -58.77 -5.53 97.50
C ASP A 227 -58.32 -5.71 98.95
N LEU A 228 -57.02 -5.74 99.17
CA LEU A 228 -56.45 -5.88 100.51
C LEU A 228 -56.40 -4.60 101.33
N LEU A 229 -56.24 -3.45 100.66
CA LEU A 229 -56.15 -2.17 101.36
C LEU A 229 -57.49 -1.51 101.63
N LYS A 230 -58.38 -1.54 100.65
CA LYS A 230 -59.69 -0.95 100.79
C LYS A 230 -60.54 -1.73 101.80
N ASN A 231 -61.25 -1.00 102.66
CA ASN A 231 -62.12 -1.59 103.69
C ASN A 231 -61.40 -2.58 104.58
N ASN A 232 -60.19 -2.21 104.98
CA ASN A 232 -59.39 -3.05 105.85
C ASN A 232 -59.02 -2.16 107.00
N ASP A 233 -59.56 -2.50 108.16
CA ASP A 233 -59.34 -1.76 109.40
C ASP A 233 -57.88 -1.61 109.80
N ARG A 234 -57.04 -2.46 109.25
CA ARG A 234 -55.63 -2.39 109.58
C ARG A 234 -54.94 -1.21 108.87
N TYR A 235 -55.54 -0.73 107.78
CA TYR A 235 -54.98 0.39 107.03
C TYR A 235 -55.91 1.59 106.88
N LYS A 236 -55.98 2.41 107.92
CA LYS A 236 -56.86 3.58 107.88
C LYS A 236 -56.44 4.69 106.95
N ALA A 237 -55.15 4.84 106.71
CA ALA A 237 -54.66 5.89 105.83
C ALA A 237 -55.29 5.74 104.46
N PHE A 238 -55.65 4.51 104.07
CA PHE A 238 -56.27 4.27 102.77
C PHE A 238 -57.81 4.22 102.80
N ASN A 239 -58.38 4.55 103.97
CA ASN A 239 -59.84 4.53 104.14
C ASN A 239 -60.42 5.68 104.94
N THR A 240 -59.72 6.81 104.97
CA THR A 240 -60.18 7.95 105.73
C THR A 240 -59.92 9.24 104.98
N PRO A 241 -60.84 10.21 105.09
CA PRO A 241 -60.61 11.48 104.41
C PRO A 241 -59.26 12.04 104.83
N ASP A 242 -58.49 12.51 103.86
CA ASP A 242 -57.16 13.04 104.15
C ASP A 242 -57.17 14.55 104.05
N PRO A 243 -56.79 15.24 105.15
CA PRO A 243 -56.76 16.70 105.15
C PRO A 243 -55.75 17.30 104.18
N SER A 244 -54.64 16.60 103.91
CA SER A 244 -53.66 17.13 102.97
C SER A 244 -54.29 17.26 101.58
N TYR A 245 -55.35 16.49 101.30
CA TYR A 245 -56.06 16.53 100.01
C TYR A 245 -57.54 16.88 100.07
N HIS A 246 -57.84 17.88 100.87
CA HIS A 246 -59.21 18.33 101.04
C HIS A 246 -60.22 17.21 101.20
N GLY A 247 -59.97 16.37 102.20
CA GLY A 247 -60.84 15.25 102.53
C GLY A 247 -60.89 14.03 101.63
N LEU A 248 -60.09 14.03 100.56
CA LEU A 248 -60.07 12.88 99.66
C LEU A 248 -59.86 11.59 100.43
N ASN A 249 -60.65 10.57 100.08
CA ASN A 249 -60.54 9.26 100.73
C ASN A 249 -60.08 8.32 99.62
N LEU A 250 -58.89 7.77 99.80
CA LEU A 250 -58.30 6.88 98.78
C LEU A 250 -59.12 5.67 98.41
N ASN A 251 -59.90 5.11 99.33
CA ASN A 251 -60.70 3.93 98.99
C ASN A 251 -61.78 4.22 97.92
N THR A 252 -61.95 5.49 97.58
CA THR A 252 -62.92 5.93 96.56
C THR A 252 -62.34 5.90 95.15
N LEU A 253 -61.03 5.73 95.04
CA LEU A 253 -60.36 5.75 93.75
C LEU A 253 -60.23 4.43 93.01
N ASP A 254 -60.42 4.48 91.69
CA ASP A 254 -60.28 3.33 90.88
C ASP A 254 -58.86 3.43 90.24
N LEU A 255 -57.86 3.31 91.10
CA LEU A 255 -56.45 3.39 90.75
C LEU A 255 -55.64 2.64 91.77
N PRO A 256 -54.40 2.28 91.43
CA PRO A 256 -53.58 1.55 92.42
C PRO A 256 -53.31 2.57 93.52
N ILE A 257 -54.10 2.52 94.57
CA ILE A 257 -53.97 3.46 95.67
C ILE A 257 -52.66 3.42 96.43
N PHE A 258 -52.01 2.27 96.48
CA PHE A 258 -50.72 2.17 97.20
C PHE A 258 -49.72 3.06 96.49
N SER A 259 -49.64 2.90 95.16
CA SER A 259 -48.72 3.68 94.35
C SER A 259 -49.11 5.16 94.36
N ILE A 260 -50.41 5.42 94.32
CA ILE A 260 -50.88 6.80 94.33
C ILE A 260 -50.43 7.50 95.59
N ARG A 261 -50.52 6.83 96.72
CA ARG A 261 -50.10 7.49 97.95
C ARG A 261 -48.59 7.75 97.91
N VAL A 262 -47.82 6.80 97.41
CA VAL A 262 -46.36 7.00 97.30
C VAL A 262 -46.05 8.28 96.53
N ILE A 263 -46.82 8.54 95.50
CA ILE A 263 -46.62 9.73 94.69
C ILE A 263 -47.09 11.04 95.31
N ILE A 264 -48.39 11.12 95.60
CA ILE A 264 -48.98 12.34 96.16
C ILE A 264 -48.58 12.68 97.57
N THR A 265 -48.01 11.72 98.27
CA THR A 265 -47.57 12.02 99.63
C THR A 265 -46.05 11.87 99.86
N TRP A 266 -45.51 10.66 99.71
CA TRP A 266 -44.08 10.44 99.97
C TRP A 266 -43.10 11.10 98.98
N LEU A 267 -43.35 10.98 97.68
CA LEU A 267 -42.48 11.65 96.71
C LEU A 267 -42.72 13.13 96.81
N ARG A 268 -43.98 13.53 96.85
CA ARG A 268 -44.29 14.95 96.91
C ARG A 268 -43.74 15.68 98.12
N ASP A 269 -43.86 15.08 99.29
CA ASP A 269 -43.40 15.75 100.51
C ASP A 269 -42.01 15.36 101.02
N LEU A 270 -41.57 14.12 100.80
CA LEU A 270 -40.24 13.70 101.29
C LEU A 270 -39.18 13.85 100.17
N GLY A 271 -39.63 13.79 98.92
CA GLY A 271 -38.74 13.98 97.77
C GLY A 271 -37.54 13.15 97.40
N ALA A 272 -37.62 11.84 97.54
CA ALA A 272 -36.54 10.94 97.18
C ALA A 272 -36.75 10.56 95.70
N SER A 273 -36.75 11.58 94.87
N SER A 273 -36.71 11.58 94.86
CA SER A 273 -36.97 11.44 93.44
CA SER A 273 -36.91 11.42 93.43
C SER A 273 -35.79 10.90 92.62
C SER A 273 -35.76 10.86 92.64
N LEU A 274 -36.12 10.04 91.65
CA LEU A 274 -35.12 9.44 90.79
C LEU A 274 -34.84 10.38 89.62
N ALA A 275 -33.59 10.79 89.49
CA ALA A 275 -33.21 11.68 88.41
C ALA A 275 -33.40 10.99 87.04
N PRO A 276 -33.76 11.77 86.02
CA PRO A 276 -33.98 11.30 84.65
C PRO A 276 -32.82 10.54 83.98
N GLN A 277 -31.61 11.01 84.19
CA GLN A 277 -30.47 10.34 83.60
C GLN A 277 -30.37 8.93 84.23
N ASN A 278 -30.52 8.84 85.54
CA ASN A 278 -30.43 7.53 86.22
C ASN A 278 -31.55 6.61 85.76
N ALA A 279 -32.75 7.17 85.63
CA ALA A 279 -33.90 6.40 85.19
C ALA A 279 -33.65 5.83 83.81
N TRP A 280 -33.12 6.67 82.93
CA TRP A 280 -32.84 6.25 81.58
C TRP A 280 -31.81 5.14 81.55
N LEU A 281 -30.71 5.32 82.30
CA LEU A 281 -29.66 4.28 82.35
C LEU A 281 -30.24 2.97 82.85
N LEU A 282 -31.09 3.07 83.89
CA LEU A 282 -31.76 1.91 84.47
C LEU A 282 -32.67 1.25 83.43
N LEU A 283 -33.32 2.03 82.58
CA LEU A 283 -34.13 1.44 81.53
C LEU A 283 -33.23 0.64 80.62
N GLN A 284 -32.07 1.20 80.29
CA GLN A 284 -31.16 0.50 79.36
C GLN A 284 -30.70 -0.80 79.98
N GLY A 285 -30.42 -0.78 81.29
CA GLY A 285 -29.96 -1.97 81.98
C GLY A 285 -31.04 -3.00 82.00
N LEU A 286 -32.28 -2.55 82.19
CA LEU A 286 -33.40 -3.46 82.22
C LEU A 286 -33.50 -4.25 80.93
N GLU A 287 -33.26 -3.57 79.82
CA GLU A 287 -33.31 -4.22 78.51
C GLU A 287 -32.40 -5.44 78.37
N THR A 288 -31.21 -5.40 78.97
CA THR A 288 -30.24 -6.48 78.90
C THR A 288 -30.10 -7.36 80.11
N LEU A 289 -30.88 -7.12 81.14
CA LEU A 289 -30.79 -7.92 82.37
C LEU A 289 -30.99 -9.42 82.14
N ALA A 290 -31.93 -9.80 81.29
CA ALA A 290 -32.17 -11.23 81.04
C ALA A 290 -30.93 -11.96 80.57
N VAL A 291 -30.20 -11.39 79.62
CA VAL A 291 -29.01 -12.07 79.17
C VAL A 291 -27.92 -12.00 80.23
N ARG A 292 -27.75 -10.83 80.84
CA ARG A 292 -26.73 -10.65 81.86
C ARG A 292 -26.86 -11.54 83.07
N ILE A 293 -28.04 -11.62 83.64
CA ILE A 293 -28.22 -12.43 84.86
C ILE A 293 -27.86 -13.89 84.66
N GLU A 294 -28.05 -14.39 83.45
CA GLU A 294 -27.69 -15.78 83.17
C GLU A 294 -26.18 -15.97 83.26
N LYS A 295 -25.42 -15.03 82.70
CA LYS A 295 -23.95 -15.12 82.75
C LYS A 295 -23.50 -14.98 84.20
N HIS A 296 -24.08 -14.01 84.92
CA HIS A 296 -23.72 -13.84 86.32
C HIS A 296 -23.93 -15.15 87.05
N SER A 297 -25.06 -15.79 86.77
CA SER A 297 -25.39 -17.05 87.39
C SER A 297 -24.45 -18.19 87.01
N GLN A 298 -24.21 -18.36 85.72
CA GLN A 298 -23.33 -19.41 85.24
C GLN A 298 -21.94 -19.25 85.88
N ASN A 299 -21.43 -18.03 85.88
CA ASN A 299 -20.14 -17.78 86.48
C ASN A 299 -20.13 -18.09 87.95
N ALA A 300 -21.16 -17.64 88.65
CA ALA A 300 -21.24 -17.85 90.11
C ALA A 300 -21.21 -19.31 90.48
N GLU A 301 -21.94 -20.12 89.71
CA GLU A 301 -21.97 -21.53 89.96
C GLU A 301 -20.58 -22.15 89.81
N LYS A 302 -19.85 -21.78 88.76
CA LYS A 302 -18.52 -22.35 88.57
C LYS A 302 -17.57 -21.96 89.67
N VAL A 303 -17.66 -20.71 90.09
CA VAL A 303 -16.83 -20.20 91.16
C VAL A 303 -17.20 -20.94 92.43
N ALA A 304 -18.50 -21.12 92.65
CA ALA A 304 -18.95 -21.82 93.83
C ALA A 304 -18.40 -23.25 93.89
N ASN A 305 -18.49 -23.96 92.76
CA ASN A 305 -17.98 -25.35 92.68
C ASN A 305 -16.47 -25.42 92.93
N PHE A 306 -15.76 -24.45 92.39
CA PHE A 306 -14.32 -24.34 92.59
C PHE A 306 -13.98 -24.08 94.06
N LEU A 307 -14.63 -23.10 94.67
CA LEU A 307 -14.38 -22.81 96.09
C LEU A 307 -14.75 -24.01 96.97
N ASN A 308 -15.86 -24.65 96.63
CA ASN A 308 -16.35 -25.79 97.40
C ASN A 308 -15.41 -26.99 97.43
N SER A 309 -14.49 -27.08 96.47
CA SER A 309 -13.55 -28.21 96.41
C SER A 309 -12.13 -27.84 96.80
N HIS A 310 -11.88 -26.57 97.04
CA HIS A 310 -10.52 -26.14 97.38
C HIS A 310 -10.26 -26.39 98.87
N PRO A 311 -9.12 -27.01 99.19
CA PRO A 311 -8.76 -27.34 100.59
C PRO A 311 -8.60 -26.17 101.54
N ASP A 312 -8.20 -25.00 101.05
CA ASP A 312 -8.06 -23.81 101.93
C ASP A 312 -9.38 -23.06 102.22
N ILE A 313 -10.51 -23.58 101.74
CA ILE A 313 -11.83 -22.95 101.95
C ILE A 313 -12.65 -23.81 102.88
N LYS A 314 -13.21 -23.20 103.90
CA LYS A 314 -13.99 -23.96 104.91
C LYS A 314 -15.50 -24.03 104.80
N GLY A 315 -16.09 -23.44 103.78
CA GLY A 315 -17.54 -23.50 103.64
C GLY A 315 -17.96 -22.53 102.57
N VAL A 316 -18.92 -22.94 101.75
CA VAL A 316 -19.43 -22.11 100.68
C VAL A 316 -20.95 -21.98 100.76
N ASN A 317 -21.42 -20.78 100.56
CA ASN A 317 -22.82 -20.50 100.63
C ASN A 317 -23.40 -20.13 99.27
N TYR A 318 -24.03 -21.09 98.59
CA TYR A 318 -24.62 -20.80 97.28
C TYR A 318 -25.70 -21.87 97.07
N PRO A 319 -26.92 -21.45 96.72
CA PRO A 319 -28.03 -22.39 96.54
C PRO A 319 -27.94 -23.55 95.57
N THR A 320 -27.10 -23.47 94.54
CA THR A 320 -27.00 -24.57 93.59
C THR A 320 -26.26 -25.76 94.18
N LEU A 321 -25.54 -25.53 95.27
CA LEU A 321 -24.79 -26.62 95.90
C LEU A 321 -25.79 -27.52 96.62
N ALA A 322 -25.84 -28.78 96.19
CA ALA A 322 -26.77 -29.80 96.76
C ALA A 322 -26.80 -29.93 98.29
N SER A 323 -25.69 -29.63 98.95
CA SER A 323 -25.58 -29.70 100.40
C SER A 323 -26.06 -28.47 101.09
N ASN A 324 -26.31 -27.42 100.34
N ASN A 324 -26.32 -27.42 100.34
CA ASN A 324 -26.74 -26.19 100.94
CA ASN A 324 -26.77 -26.19 100.94
C ASN A 324 -28.14 -26.35 101.56
C ASN A 324 -28.16 -26.34 101.55
N ALA A 325 -28.37 -25.67 102.67
CA ALA A 325 -29.64 -25.73 103.40
C ALA A 325 -30.83 -25.12 102.63
N TYR A 326 -30.56 -24.25 101.67
CA TYR A 326 -31.63 -23.65 100.90
C TYR A 326 -31.82 -24.28 99.54
N HIS A 327 -31.10 -25.37 99.26
CA HIS A 327 -31.15 -26.02 97.95
C HIS A 327 -32.55 -26.46 97.52
N ASN A 328 -33.31 -27.06 98.42
CA ASN A 328 -34.69 -27.47 98.09
C ASN A 328 -35.60 -26.26 97.78
N LEU A 329 -35.47 -25.19 98.58
CA LEU A 329 -36.24 -23.98 98.37
C LEU A 329 -35.84 -23.38 97.05
N PHE A 330 -34.56 -23.51 96.71
CA PHE A 330 -34.06 -23.03 95.43
C PHE A 330 -34.75 -23.75 94.28
N LYS A 331 -34.73 -25.08 94.32
CA LYS A 331 -35.37 -25.90 93.27
C LYS A 331 -36.87 -25.63 93.22
N LYS A 332 -37.45 -25.30 94.35
CA LYS A 332 -38.89 -25.04 94.38
C LYS A 332 -39.33 -23.70 93.75
N TYR A 333 -38.57 -22.65 94.02
CA TYR A 333 -38.94 -21.35 93.52
C TYR A 333 -38.23 -20.79 92.29
N PHE A 334 -37.07 -21.32 91.93
CA PHE A 334 -36.30 -20.82 90.76
C PHE A 334 -36.46 -21.70 89.55
N ASP A 335 -37.38 -21.32 88.67
CA ASP A 335 -37.69 -22.10 87.45
C ASP A 335 -36.57 -22.30 86.42
N LYS A 336 -35.70 -21.31 86.26
CA LYS A 336 -34.61 -21.40 85.30
C LYS A 336 -33.26 -21.99 85.79
N ASN A 337 -33.30 -22.52 86.98
CA ASN A 337 -32.15 -23.11 87.60
C ASN A 337 -30.87 -22.23 87.64
N PHE A 338 -31.06 -20.93 87.83
CA PHE A 338 -29.98 -19.96 87.95
C PHE A 338 -30.20 -19.32 89.31
N ALA A 339 -29.14 -19.08 90.07
CA ALA A 339 -29.26 -18.51 91.41
C ALA A 339 -28.64 -17.14 91.66
N SER A 340 -28.44 -16.41 90.59
CA SER A 340 -27.86 -15.08 90.62
C SER A 340 -26.35 -15.07 90.91
N GLY A 341 -25.77 -13.87 91.04
CA GLY A 341 -24.32 -13.73 91.22
C GLY A 341 -23.72 -13.44 92.55
N LEU A 342 -24.51 -13.59 93.60
CA LEU A 342 -23.97 -13.34 94.92
C LEU A 342 -23.69 -14.63 95.65
N LEU A 343 -22.58 -14.70 96.36
CA LEU A 343 -22.25 -15.87 97.11
C LEU A 343 -21.33 -15.48 98.23
N SER A 344 -21.17 -16.34 99.22
CA SER A 344 -20.24 -16.04 100.29
C SER A 344 -19.49 -17.32 100.65
N PHE A 345 -18.35 -17.21 101.31
CA PHE A 345 -17.58 -18.37 101.70
C PHE A 345 -16.76 -18.07 102.92
N GLU A 346 -16.31 -19.14 103.59
CA GLU A 346 -15.50 -19.05 104.78
C GLU A 346 -14.04 -19.31 104.47
N ALA A 347 -13.18 -18.38 104.88
CA ALA A 347 -11.74 -18.52 104.69
C ALA A 347 -11.27 -19.30 105.91
N LYS A 348 -9.98 -19.61 106.00
CA LYS A 348 -9.44 -20.37 107.14
C LYS A 348 -9.71 -19.63 108.43
N ASP A 349 -9.48 -18.32 108.39
CA ASP A 349 -9.68 -17.44 109.53
C ASP A 349 -9.63 -15.97 109.09
N TYR A 350 -9.78 -15.06 110.05
CA TYR A 350 -9.76 -13.63 109.79
C TYR A 350 -8.53 -13.18 108.97
N GLU A 351 -7.34 -13.58 109.38
CA GLU A 351 -6.12 -13.19 108.65
C GLU A 351 -6.09 -13.67 107.20
N HIS A 352 -6.66 -14.84 106.94
CA HIS A 352 -6.69 -15.39 105.58
C HIS A 352 -7.71 -14.60 104.76
N ALA A 353 -8.86 -14.26 105.35
CA ALA A 353 -9.90 -13.51 104.67
C ALA A 353 -9.42 -12.13 104.23
N ARG A 354 -8.52 -11.57 105.03
CA ARG A 354 -7.97 -10.28 104.79
C ARG A 354 -6.89 -10.39 103.68
N ARG A 355 -6.08 -11.44 103.71
CA ARG A 355 -5.03 -11.60 102.72
C ARG A 355 -5.68 -11.75 101.31
N ILE A 356 -6.81 -12.46 101.27
CA ILE A 356 -7.57 -12.68 100.03
C ILE A 356 -8.06 -11.36 99.49
N CYS A 357 -8.73 -10.58 100.35
CA CYS A 357 -9.21 -9.26 99.91
C CYS A 357 -8.09 -8.34 99.41
N ASP A 358 -6.91 -8.45 100.00
CA ASP A 358 -5.78 -7.63 99.61
C ASP A 358 -4.98 -8.15 98.38
N LYS A 359 -5.23 -9.41 97.98
CA LYS A 359 -4.53 -10.06 96.83
C LYS A 359 -5.27 -10.21 95.50
N THR A 360 -6.60 -10.14 95.49
CA THR A 360 -7.34 -10.26 94.23
C THR A 360 -7.06 -9.12 93.28
N GLN A 361 -6.99 -9.42 91.99
CA GLN A 361 -6.72 -8.43 90.93
C GLN A 361 -7.94 -8.16 90.03
N LEU A 362 -8.84 -9.13 89.87
CA LEU A 362 -10.06 -8.95 89.08
C LEU A 362 -11.23 -8.65 89.99
N PHE A 363 -11.32 -9.36 91.12
CA PHE A 363 -12.35 -9.07 92.08
C PHE A 363 -11.88 -7.77 92.70
N LEU A 364 -12.67 -6.74 92.56
CA LEU A 364 -12.35 -5.44 93.10
C LEU A 364 -12.90 -5.27 94.50
N LEU A 365 -12.01 -4.88 95.43
CA LEU A 365 -12.39 -4.67 96.81
C LEU A 365 -13.26 -3.43 96.82
N ALA A 366 -14.55 -3.66 97.04
CA ALA A 366 -15.52 -2.58 97.06
C ALA A 366 -16.83 -3.01 97.73
N ALA A 367 -17.70 -2.04 97.99
CA ALA A 367 -18.96 -2.30 98.63
C ALA A 367 -20.14 -2.04 97.72
N ASN A 368 -20.49 -3.06 96.94
CA ASN A 368 -21.59 -2.98 96.01
C ASN A 368 -21.82 -4.38 95.47
N LEU A 369 -22.86 -4.60 94.69
CA LEU A 369 -23.06 -5.92 94.14
C LEU A 369 -23.87 -5.80 92.86
N GLY A 370 -23.70 -6.78 91.97
CA GLY A 370 -24.41 -6.78 90.72
C GLY A 370 -23.74 -5.95 89.65
N ASP A 371 -22.48 -5.58 89.86
CA ASP A 371 -21.74 -4.81 88.86
C ASP A 371 -21.24 -5.85 87.82
N SER A 372 -20.98 -5.40 86.62
CA SER A 372 -20.47 -6.27 85.58
C SER A 372 -19.03 -6.72 85.94
N LYS A 373 -18.36 -5.93 86.77
CA LYS A 373 -17.03 -6.27 87.25
C LYS A 373 -17.22 -7.00 88.57
N SER A 374 -16.46 -8.08 88.77
CA SER A 374 -16.55 -8.84 89.98
C SER A 374 -16.05 -8.05 91.17
N LEU A 375 -16.73 -8.22 92.30
CA LEU A 375 -16.38 -7.49 93.53
C LEU A 375 -16.20 -8.39 94.75
N ILE A 376 -15.44 -7.89 95.72
CA ILE A 376 -15.17 -8.62 96.93
C ILE A 376 -15.19 -7.73 98.15
N ILE A 377 -15.61 -8.30 99.28
CA ILE A 377 -15.67 -7.57 100.54
C ILE A 377 -15.73 -8.55 101.74
N HIS A 378 -15.37 -8.04 102.91
CA HIS A 378 -15.39 -8.75 104.20
C HIS A 378 -16.49 -8.09 105.07
N PRO A 379 -17.74 -8.61 105.03
CA PRO A 379 -18.93 -8.08 105.78
C PRO A 379 -18.86 -7.71 107.25
N ALA A 380 -18.26 -8.54 108.07
CA ALA A 380 -18.19 -8.19 109.49
C ALA A 380 -17.68 -6.73 109.75
N SER A 381 -16.55 -6.36 109.15
CA SER A 381 -15.94 -5.03 109.34
C SER A 381 -16.39 -3.98 108.30
N THR A 382 -17.46 -4.29 107.60
CA THR A 382 -17.89 -3.41 106.55
C THR A 382 -19.41 -3.27 106.37
N THR A 383 -20.02 -4.05 105.48
CA THR A 383 -21.48 -3.98 105.21
C THR A 383 -22.40 -4.30 106.41
N HIS A 384 -21.93 -5.17 107.29
CA HIS A 384 -22.68 -5.56 108.48
C HIS A 384 -21.88 -5.18 109.72
N SER A 385 -21.09 -4.14 109.54
CA SER A 385 -20.25 -3.60 110.59
C SER A 385 -21.12 -2.99 111.72
N GLN A 386 -22.31 -2.49 111.38
CA GLN A 386 -23.21 -1.89 112.39
C GLN A 386 -23.87 -2.92 113.32
N LEU A 387 -24.10 -4.14 112.81
CA LEU A 387 -24.74 -5.21 113.60
C LEU A 387 -23.95 -5.66 114.83
N SER A 388 -24.67 -6.11 115.86
CA SER A 388 -24.06 -6.58 117.11
C SER A 388 -23.36 -7.90 116.84
N GLU A 389 -22.45 -8.29 117.73
CA GLU A 389 -21.68 -9.52 117.57
C GLU A 389 -22.64 -10.74 117.49
N GLU A 390 -23.77 -10.66 118.19
CA GLU A 390 -24.78 -11.74 118.20
C GLU A 390 -25.71 -11.69 116.98
N GLU A 391 -26.09 -10.49 116.53
CA GLU A 391 -26.95 -10.35 115.33
C GLU A 391 -26.26 -10.95 114.11
N LEU A 392 -24.93 -10.90 114.12
CA LEU A 392 -24.12 -11.44 113.06
C LEU A 392 -24.30 -12.91 112.96
N GLN A 393 -24.38 -13.54 114.13
CA GLN A 393 -24.51 -14.97 114.24
C GLN A 393 -25.94 -15.40 113.88
N LYS A 394 -26.91 -14.52 114.12
CA LYS A 394 -28.29 -14.82 113.79
C LYS A 394 -28.48 -14.76 112.25
N ALA A 395 -27.65 -13.95 111.58
CA ALA A 395 -27.66 -13.76 110.12
C ALA A 395 -26.68 -14.75 109.47
N GLY A 396 -25.87 -15.40 110.31
CA GLY A 396 -24.87 -16.38 109.89
C GLY A 396 -23.61 -15.79 109.27
N ILE A 397 -22.93 -14.86 109.94
CA ILE A 397 -21.68 -14.26 109.40
C ILE A 397 -20.58 -14.45 110.42
N THR A 398 -19.33 -14.63 109.99
CA THR A 398 -18.21 -14.80 110.91
C THR A 398 -17.03 -13.90 110.52
N LYS A 399 -15.96 -13.92 111.30
CA LYS A 399 -14.78 -13.11 111.00
C LYS A 399 -14.01 -13.63 109.79
N ALA A 400 -14.32 -14.86 109.40
CA ALA A 400 -13.65 -15.48 108.26
C ALA A 400 -14.49 -15.38 106.97
N THR A 401 -15.72 -14.86 107.11
CA THR A 401 -16.63 -14.72 105.99
C THR A 401 -16.30 -13.68 104.93
N ILE A 402 -16.36 -14.10 103.68
CA ILE A 402 -16.09 -13.26 102.51
C ILE A 402 -17.28 -13.33 101.61
N ARG A 403 -17.68 -12.17 101.08
CA ARG A 403 -18.79 -12.10 100.19
C ARG A 403 -18.26 -11.73 98.82
N LEU A 404 -18.74 -12.40 97.79
CA LEU A 404 -18.33 -12.09 96.45
C LEU A 404 -19.53 -11.72 95.58
N SER A 405 -19.31 -10.82 94.64
CA SER A 405 -20.33 -10.42 93.69
C SER A 405 -19.70 -10.88 92.39
N ILE A 406 -20.26 -11.92 91.80
CA ILE A 406 -19.70 -12.46 90.57
C ILE A 406 -20.11 -11.66 89.34
N GLY A 407 -19.10 -11.19 88.61
CA GLY A 407 -19.34 -10.39 87.42
C GLY A 407 -19.52 -11.16 86.12
N LEU A 408 -19.29 -10.46 85.01
CA LEU A 408 -19.44 -11.03 83.68
C LEU A 408 -18.11 -11.42 83.04
N GLU A 409 -17.02 -11.37 83.81
CA GLU A 409 -15.71 -11.75 83.24
C GLU A 409 -15.65 -13.24 82.89
N ASN A 410 -14.58 -13.65 82.22
CA ASN A 410 -14.43 -15.08 81.89
C ASN A 410 -14.19 -15.87 83.17
N SER A 411 -14.97 -16.93 83.37
CA SER A 411 -14.86 -17.76 84.58
C SER A 411 -13.48 -18.32 84.89
N ASP A 412 -12.75 -18.72 83.88
CA ASP A 412 -11.39 -19.24 84.12
C ASP A 412 -10.49 -18.15 84.70
N ASP A 413 -10.64 -16.95 84.17
CA ASP A 413 -9.89 -15.80 84.70
C ASP A 413 -10.25 -15.50 86.14
N LEU A 414 -11.55 -15.58 86.44
CA LEU A 414 -12.02 -15.31 87.80
C LEU A 414 -11.51 -16.34 88.79
N ILE A 415 -11.63 -17.61 88.41
CA ILE A 415 -11.17 -18.71 89.23
C ILE A 415 -9.70 -18.57 89.46
N ALA A 416 -8.93 -18.27 88.40
CA ALA A 416 -7.49 -18.10 88.55
C ALA A 416 -7.13 -16.96 89.51
N ASP A 417 -7.86 -15.86 89.44
CA ASP A 417 -7.61 -14.71 90.33
C ASP A 417 -7.89 -15.12 91.78
N LEU A 418 -9.00 -15.82 92.01
CA LEU A 418 -9.31 -16.27 93.37
C LEU A 418 -8.35 -17.32 93.85
N LYS A 419 -7.93 -18.17 92.93
CA LYS A 419 -6.98 -19.23 93.30
C LYS A 419 -5.69 -18.64 93.84
N GLN A 420 -5.09 -17.71 93.11
CA GLN A 420 -3.83 -17.12 93.57
C GLN A 420 -4.01 -16.33 94.89
N ALA A 421 -5.16 -15.70 95.08
CA ALA A 421 -5.38 -14.95 96.31
C ALA A 421 -5.52 -15.90 97.50
N ILE A 422 -6.33 -16.93 97.32
CA ILE A 422 -6.56 -17.92 98.35
C ILE A 422 -5.32 -18.70 98.77
N GLU A 423 -4.52 -19.07 97.78
CA GLU A 423 -3.29 -19.84 98.01
C GLU A 423 -2.12 -19.02 98.53
N SER A 424 -2.28 -17.70 98.66
CA SER A 424 -1.19 -16.88 99.23
C SER A 424 -1.19 -17.00 100.76
N ASN B 3 -10.98 13.32 -5.78
CA ASN B 3 -9.92 14.29 -5.28
C ASN B 3 -8.48 13.80 -5.47
N PHE B 4 -7.52 14.72 -5.54
CA PHE B 4 -6.10 14.43 -5.72
C PHE B 4 -5.30 13.91 -4.51
N ASN B 5 -4.09 13.40 -4.77
CA ASN B 5 -3.21 12.92 -3.69
C ASN B 5 -2.48 14.06 -2.99
N LYS B 6 -1.99 13.77 -1.80
CA LYS B 6 -1.28 14.78 -1.02
C LYS B 6 -0.15 15.49 -1.76
N GLU B 7 0.66 14.73 -2.49
CA GLU B 7 1.77 15.33 -3.22
C GLU B 7 1.25 16.38 -4.16
N THR B 8 0.12 16.10 -4.78
CA THR B 8 -0.48 17.03 -5.73
C THR B 8 -1.04 18.25 -5.05
N LEU B 9 -1.65 18.07 -3.87
CA LEU B 9 -2.24 19.16 -3.13
C LEU B 9 -1.21 20.13 -2.59
N ALA B 10 0.03 19.69 -2.48
CA ALA B 10 1.06 20.58 -1.95
C ALA B 10 1.55 21.51 -3.06
N LEU B 11 1.12 21.22 -4.28
CA LEU B 11 1.51 21.96 -5.49
C LEU B 11 0.41 22.77 -6.20
N HIS B 12 -0.82 22.32 -6.02
CA HIS B 12 -1.99 22.93 -6.62
C HIS B 12 -3.08 23.13 -5.60
N GLY B 13 -3.78 24.26 -5.68
CA GLY B 13 -4.87 24.53 -4.76
C GLY B 13 -4.73 25.84 -3.99
N ALA B 14 -5.88 26.33 -3.52
CA ALA B 14 -5.96 27.57 -2.76
C ALA B 14 -5.29 28.78 -3.42
N TYR B 15 -5.13 28.76 -4.72
CA TYR B 15 -4.51 29.88 -5.46
C TYR B 15 -5.03 29.77 -6.88
N ASN B 16 -5.87 30.71 -7.29
CA ASN B 16 -6.46 30.64 -8.65
C ASN B 16 -5.81 31.53 -9.74
N PHE B 17 -4.67 32.13 -9.47
CA PHE B 17 -3.99 33.01 -10.42
C PHE B 17 -4.72 34.36 -10.44
N ASP B 18 -4.05 35.43 -10.06
CA ASP B 18 -4.71 36.71 -10.10
C ASP B 18 -4.76 37.20 -11.58
N THR B 19 -4.81 38.50 -11.79
CA THR B 19 -4.90 39.04 -13.13
C THR B 19 -3.69 38.69 -14.00
N GLN B 20 -2.50 38.73 -13.39
CA GLN B 20 -1.24 38.47 -14.08
C GLN B 20 -0.99 37.00 -14.41
N ARG B 21 -1.72 36.12 -13.74
CA ARG B 21 -1.62 34.69 -13.96
C ARG B 21 -0.20 34.09 -13.77
N SER B 22 0.49 34.57 -12.74
CA SER B 22 1.80 34.07 -12.40
C SER B 22 1.61 32.66 -11.83
N ILE B 23 2.42 31.71 -12.27
CA ILE B 23 2.32 30.33 -11.81
C ILE B 23 2.70 30.24 -10.36
N SER B 24 3.70 31.02 -9.99
CA SER B 24 4.15 31.06 -8.63
C SER B 24 3.27 32.04 -7.89
N VAL B 25 3.08 31.81 -6.59
CA VAL B 25 2.27 32.68 -5.79
C VAL B 25 3.03 33.98 -5.56
N PRO B 26 2.40 35.12 -5.80
CA PRO B 26 3.13 36.33 -5.59
C PRO B 26 3.42 36.60 -4.12
N ILE B 27 4.49 37.34 -3.86
CA ILE B 27 4.88 37.70 -2.53
C ILE B 27 4.28 39.05 -2.22
N TYR B 28 3.26 39.04 -1.38
CA TYR B 28 2.59 40.28 -0.98
C TYR B 28 3.33 40.94 0.19
N GLN B 29 4.46 41.61 -0.12
CA GLN B 29 5.28 42.30 0.86
C GLN B 29 4.47 43.60 1.01
N ASN B 30 3.42 43.47 1.83
CA ASN B 30 2.46 44.51 2.04
C ASN B 30 1.66 44.37 3.34
N THR B 31 1.29 45.51 3.93
CA THR B 31 0.54 45.49 5.18
C THR B 31 -0.90 45.87 5.07
N ALA B 32 -1.25 46.73 4.09
CA ALA B 32 -2.62 47.18 3.96
C ALA B 32 -3.21 47.01 2.61
N TYR B 33 -4.53 47.12 2.57
CA TYR B 33 -5.29 46.93 1.35
C TYR B 33 -6.26 48.07 1.07
N ASN B 34 -6.45 48.36 -0.20
CA ASN B 34 -7.33 49.44 -0.58
C ASN B 34 -8.78 48.97 -0.64
N PHE B 35 -9.60 49.40 0.32
CA PHE B 35 -11.01 49.04 0.32
C PHE B 35 -11.64 49.81 -0.84
N GLU B 36 -12.61 49.19 -1.52
CA GLU B 36 -13.27 49.82 -2.69
C GLU B 36 -14.24 50.91 -2.28
N ASN B 37 -14.72 50.88 -1.05
CA ASN B 37 -15.66 51.90 -0.54
C ASN B 37 -15.78 51.75 0.94
N LEU B 38 -16.35 52.74 1.60
CA LEU B 38 -16.49 52.66 3.07
C LEU B 38 -17.36 51.50 3.60
N ASP B 39 -18.43 51.14 2.91
CA ASP B 39 -19.28 50.02 3.36
C ASP B 39 -18.47 48.73 3.43
N GLN B 40 -17.74 48.46 2.35
CA GLN B 40 -16.93 47.27 2.26
C GLN B 40 -15.98 47.16 3.45
N ALA B 41 -15.33 48.29 3.76
CA ALA B 41 -14.39 48.35 4.86
C ALA B 41 -15.09 47.99 6.18
N ALA B 42 -16.06 48.81 6.57
CA ALA B 42 -16.83 48.59 7.79
C ALA B 42 -17.40 47.16 7.82
N ALA B 43 -17.92 46.69 6.71
CA ALA B 43 -18.45 45.35 6.67
C ALA B 43 -17.37 44.32 7.05
N ARG B 44 -16.12 44.55 6.61
CA ARG B 44 -15.02 43.61 6.94
C ARG B 44 -14.64 43.70 8.40
N PHE B 45 -14.64 44.91 8.95
CA PHE B 45 -14.34 45.07 10.38
C PHE B 45 -15.41 44.45 11.30
N ASN B 46 -16.60 44.18 10.77
CA ASN B 46 -17.73 43.56 11.53
C ASN B 46 -17.94 42.09 11.24
N LEU B 47 -17.03 41.47 10.50
CA LEU B 47 -17.16 40.06 10.14
C LEU B 47 -18.38 39.76 9.27
N GLN B 48 -19.04 40.79 8.75
CA GLN B 48 -20.18 40.54 7.89
C GLN B 48 -19.61 40.04 6.55
N GLU B 49 -18.58 40.71 6.05
CA GLU B 49 -17.98 40.26 4.78
C GLU B 49 -16.53 39.80 5.04
N LEU B 50 -16.14 38.66 4.48
CA LEU B 50 -14.75 38.21 4.63
C LEU B 50 -13.85 38.84 3.57
N GLY B 51 -12.61 39.11 3.94
CA GLY B 51 -11.69 39.73 2.99
C GLY B 51 -10.49 40.36 3.65
N ASN B 52 -9.64 40.92 2.79
CA ASN B 52 -8.41 41.58 3.24
C ASN B 52 -8.66 42.84 4.01
N ILE B 53 -7.92 42.98 5.10
CA ILE B 53 -8.01 44.13 5.96
C ILE B 53 -6.63 44.72 6.29
N TYR B 54 -5.82 43.91 6.98
CA TYR B 54 -4.49 44.31 7.41
C TYR B 54 -3.70 43.06 7.65
N SER B 55 -2.45 43.06 7.16
CA SER B 55 -1.55 41.88 7.24
C SER B 55 -1.27 41.28 8.60
N ARG B 56 -1.48 42.03 9.66
CA ARG B 56 -1.28 41.43 10.97
C ARG B 56 -2.31 40.32 11.19
N LEU B 57 -3.46 40.43 10.52
CA LEU B 57 -4.55 39.45 10.63
C LEU B 57 -4.41 38.37 9.56
N SER B 58 -4.27 38.80 8.31
CA SER B 58 -4.13 37.85 7.23
C SER B 58 -3.49 38.52 6.03
N ASN B 59 -2.85 37.69 5.23
CA ASN B 59 -2.14 38.08 4.02
C ASN B 59 -2.38 37.00 2.95
N PRO B 60 -2.63 37.41 1.70
CA PRO B 60 -2.89 36.42 0.66
C PRO B 60 -1.79 35.36 0.46
N THR B 61 -0.53 35.75 0.59
CA THR B 61 0.54 34.78 0.40
C THR B 61 0.37 33.71 1.48
N SER B 62 0.30 34.16 2.73
CA SER B 62 0.13 33.25 3.84
C SER B 62 -1.20 32.50 3.83
N ASP B 63 -2.22 33.04 3.19
CA ASP B 63 -3.53 32.35 3.12
C ASP B 63 -3.42 31.09 2.26
N VAL B 64 -2.66 31.20 1.17
CA VAL B 64 -2.47 30.06 0.33
C VAL B 64 -1.80 28.96 1.14
N LEU B 65 -0.79 29.34 1.90
CA LEU B 65 -0.04 28.39 2.75
C LEU B 65 -0.95 27.69 3.74
N GLY B 66 -1.75 28.48 4.41
CA GLY B 66 -2.67 27.95 5.39
C GLY B 66 -3.62 26.91 4.83
N GLN B 67 -4.26 27.23 3.71
CA GLN B 67 -5.21 26.34 3.09
C GLN B 67 -4.54 25.08 2.55
N ARG B 68 -3.38 25.23 1.92
CA ARG B 68 -2.67 24.04 1.42
C ARG B 68 -2.25 23.15 2.56
N LEU B 69 -1.74 23.72 3.64
CA LEU B 69 -1.36 22.89 4.77
C LEU B 69 -2.57 22.12 5.28
N ALA B 70 -3.72 22.77 5.24
CA ALA B 70 -4.95 22.12 5.72
C ALA B 70 -5.32 21.02 4.78
N ASN B 71 -5.16 21.29 3.49
CA ASN B 71 -5.49 20.31 2.48
C ASN B 71 -4.62 19.08 2.59
N VAL B 72 -3.31 19.25 2.78
CA VAL B 72 -2.44 18.07 2.87
C VAL B 72 -2.73 17.25 4.13
N GLU B 73 -3.14 17.91 5.21
CA GLU B 73 -3.47 17.18 6.46
C GLU B 73 -4.86 16.57 6.45
N GLY B 74 -5.69 16.98 5.49
CA GLY B 74 -7.05 16.46 5.41
C GLY B 74 -7.94 17.23 6.39
N GLY B 75 -7.53 18.43 6.74
CA GLY B 75 -8.28 19.28 7.66
C GLY B 75 -9.13 20.30 6.92
N ALA B 76 -9.72 21.24 7.63
CA ALA B 76 -10.58 22.27 7.03
C ALA B 76 -9.99 23.65 6.78
N PHE B 77 -9.29 24.19 7.78
CA PHE B 77 -8.70 25.51 7.65
C PHE B 77 -7.38 25.59 8.43
N GLY B 78 -6.44 26.38 7.92
CA GLY B 78 -5.15 26.50 8.56
C GLY B 78 -4.75 27.94 8.65
N ILE B 79 -4.03 28.24 9.71
CA ILE B 79 -3.56 29.59 9.98
C ILE B 79 -2.08 29.66 10.32
N PRO B 80 -1.29 30.30 9.46
CA PRO B 80 0.10 30.44 9.72
C PRO B 80 0.37 31.58 10.63
N VAL B 81 1.37 31.39 11.47
CA VAL B 81 1.79 32.35 12.47
C VAL B 81 3.31 32.47 12.47
N ALA B 82 3.84 33.40 13.27
CA ALA B 82 5.30 33.67 13.30
C ALA B 82 6.25 32.55 13.63
N SER B 83 5.79 31.57 14.38
CA SER B 83 6.64 30.46 14.74
C SER B 83 5.84 29.33 15.30
N GLY B 84 6.50 28.18 15.40
CA GLY B 84 5.91 26.97 15.94
C GLY B 84 5.48 27.20 17.39
N ALA B 86 4.65 30.06 18.69
CA ALA B 86 3.48 30.90 18.65
C ALA B 86 2.25 30.07 18.33
N ALA B 87 2.42 29.07 17.46
CA ALA B 87 1.33 28.19 17.08
C ALA B 87 0.86 27.38 18.31
N CYS B 88 1.81 26.84 19.08
CA CYS B 88 1.46 26.08 20.28
C CYS B 88 0.72 27.01 21.28
N PHE B 89 1.29 28.19 21.51
CA PHE B 89 0.74 29.19 22.41
C PHE B 89 -0.70 29.56 22.02
N TYR B 90 -0.86 29.97 20.78
CA TYR B 90 -2.19 30.34 20.22
C TYR B 90 -3.20 29.21 20.31
N ALA B 91 -2.78 27.98 20.09
CA ALA B 91 -3.72 26.83 20.16
C ALA B 91 -4.24 26.62 21.59
N LEU B 92 -3.34 26.75 22.57
CA LEU B 92 -3.71 26.57 23.96
C LEU B 92 -4.60 27.70 24.50
N ILE B 93 -4.16 28.95 24.32
CA ILE B 93 -4.94 30.08 24.79
C ILE B 93 -6.27 30.25 24.05
N ASN B 94 -6.43 29.62 22.89
CA ASN B 94 -7.69 29.77 22.17
C ASN B 94 -8.70 28.85 22.83
N LEU B 95 -8.19 27.95 23.67
CA LEU B 95 -9.01 26.98 24.38
C LEU B 95 -9.07 27.18 25.88
N ALA B 96 -7.97 27.62 26.48
CA ALA B 96 -7.90 27.85 27.93
C ALA B 96 -7.60 29.30 28.30
N SER B 97 -8.18 29.73 29.41
CA SER B 97 -8.00 31.06 29.92
C SER B 97 -7.71 30.94 31.40
N SER B 98 -7.45 32.07 32.06
CA SER B 98 -7.15 32.05 33.47
C SER B 98 -8.13 31.18 34.29
N GLY B 99 -7.56 30.33 35.13
CA GLY B 99 -8.35 29.43 35.97
C GLY B 99 -8.55 28.05 35.38
N ASP B 100 -8.21 27.89 34.10
CA ASP B 100 -8.36 26.60 33.47
C ASP B 100 -7.03 25.83 33.51
N ASN B 101 -7.06 24.60 33.06
CA ASN B 101 -5.86 23.78 33.04
C ASN B 101 -5.81 23.05 31.71
N VAL B 102 -4.60 22.61 31.36
CA VAL B 102 -4.40 21.87 30.15
C VAL B 102 -3.55 20.67 30.49
N ALA B 103 -3.83 19.57 29.81
CA ALA B 103 -3.09 18.31 30.00
C ALA B 103 -2.04 18.22 28.90
N TYR B 104 -0.80 17.91 29.30
CA TYR B 104 0.26 17.82 28.32
C TYR B 104 1.18 16.59 28.51
N SER B 105 1.66 16.08 27.39
CA SER B 105 2.56 14.93 27.38
C SER B 105 3.91 15.26 28.04
N ASN B 106 4.44 14.28 28.76
CA ASN B 106 5.72 14.41 29.46
C ASN B 106 6.87 14.22 28.47
N LYS B 107 6.53 13.88 27.24
CA LYS B 107 7.55 13.69 26.18
C LYS B 107 7.30 14.64 24.99
N ILE B 108 7.78 15.88 25.13
CA ILE B 108 7.65 16.91 24.11
C ILE B 108 8.87 17.82 24.02
N TYR B 109 8.80 18.71 23.02
CA TYR B 109 9.83 19.68 22.76
C TYR B 109 10.03 20.53 24.00
N GLY B 110 11.30 20.65 24.40
CA GLY B 110 11.70 21.41 25.58
C GLY B 110 11.08 22.80 25.70
N GLY B 111 11.08 23.52 24.59
CA GLY B 111 10.51 24.83 24.58
C GLY B 111 9.03 24.75 24.88
N THR B 112 8.33 23.81 24.27
CA THR B 112 6.89 23.69 24.50
C THR B 112 6.62 23.30 25.96
N GLN B 113 7.55 22.54 26.53
CA GLN B 113 7.41 22.09 27.92
C GLN B 113 7.52 23.27 28.86
N THR B 114 8.49 24.15 28.59
CA THR B 114 8.67 25.36 29.39
C THR B 114 7.44 26.29 29.24
N LEU B 115 6.99 26.47 28.01
CA LEU B 115 5.81 27.28 27.74
C LEU B 115 4.60 26.85 28.57
N ILE B 116 4.33 25.56 28.49
CA ILE B 116 3.19 24.99 29.17
C ILE B 116 3.33 24.88 30.68
N SER B 117 4.43 24.31 31.16
CA SER B 117 4.60 24.14 32.62
C SER B 117 5.04 25.38 33.40
N HIS B 118 5.64 26.38 32.74
CA HIS B 118 6.06 27.58 33.48
C HIS B 118 5.48 28.86 33.00
N THR B 119 5.74 29.21 31.75
CA THR B 119 5.24 30.46 31.22
C THR B 119 3.74 30.68 31.28
N LEU B 120 2.94 29.67 30.99
CA LEU B 120 1.48 29.87 31.05
C LEU B 120 0.95 30.18 32.46
N LYS B 121 1.71 29.88 33.52
CA LYS B 121 1.27 30.18 34.89
C LYS B 121 1.01 31.67 35.01
N ASN B 122 1.90 32.45 34.40
CA ASN B 122 1.77 33.91 34.40
C ASN B 122 0.40 34.38 33.94
N PHE B 123 -0.29 33.56 33.16
CA PHE B 123 -1.59 33.94 32.67
C PHE B 123 -2.71 33.19 33.39
N GLY B 124 -2.36 32.59 34.52
CA GLY B 124 -3.32 31.83 35.32
C GLY B 124 -3.80 30.54 34.68
N ILE B 125 -2.94 29.95 33.84
CA ILE B 125 -3.26 28.69 33.16
C ILE B 125 -2.38 27.59 33.74
N GLU B 126 -3.06 26.66 34.39
CA GLU B 126 -2.38 25.55 35.03
C GLU B 126 -2.04 24.43 34.05
N ALA B 127 -0.91 23.79 34.28
CA ALA B 127 -0.47 22.68 33.43
C ALA B 127 -0.40 21.38 34.23
N ARG B 128 -0.91 20.30 33.64
CA ARG B 128 -0.93 18.97 34.26
C ARG B 128 -0.31 17.93 33.32
N GLU B 129 0.90 17.50 33.68
CA GLU B 129 1.65 16.51 32.93
C GLU B 129 0.98 15.11 32.93
N PHE B 130 1.22 14.33 31.89
CA PHE B 130 0.67 12.97 31.82
C PHE B 130 1.69 12.18 31.00
N ASP B 131 1.67 10.86 31.20
CA ASP B 131 2.59 9.96 30.54
C ASP B 131 1.89 9.33 29.33
N ILE B 132 2.44 9.60 28.16
CA ILE B 132 1.93 9.09 26.90
C ILE B 132 2.00 7.55 26.85
N ASP B 133 2.91 6.98 27.63
CA ASP B 133 3.07 5.53 27.71
C ASP B 133 2.12 4.85 28.68
N ASP B 134 1.40 5.63 29.49
CA ASP B 134 0.45 5.08 30.47
C ASP B 134 -0.73 6.05 30.53
N LEU B 135 -1.64 5.89 29.57
CA LEU B 135 -2.80 6.76 29.46
C LEU B 135 -3.77 6.87 30.65
N ASP B 136 -3.73 5.93 31.58
CA ASP B 136 -4.61 6.07 32.72
C ASP B 136 -4.20 7.38 33.40
N SER B 137 -2.91 7.73 33.29
CA SER B 137 -2.40 8.95 33.92
C SER B 137 -3.08 10.20 33.34
N LEU B 138 -3.62 10.08 32.15
CA LEU B 138 -4.33 11.18 31.52
C LEU B 138 -5.71 11.36 32.15
N GLU B 139 -6.46 10.27 32.30
CA GLU B 139 -7.80 10.31 32.93
C GLU B 139 -7.73 10.97 34.29
N LYS B 140 -6.70 10.57 35.02
CA LYS B 140 -6.42 11.08 36.34
C LYS B 140 -6.33 12.59 36.49
N VAL B 141 -5.66 13.27 35.57
CA VAL B 141 -5.50 14.72 35.67
C VAL B 141 -6.65 15.54 35.06
N ILE B 142 -7.61 14.88 34.43
CA ILE B 142 -8.73 15.58 33.82
C ILE B 142 -9.85 15.98 34.77
N ASP B 143 -10.34 17.21 34.60
CA ASP B 143 -11.48 17.71 35.39
C ASP B 143 -12.34 18.58 34.43
N GLN B 144 -13.36 19.26 34.92
CA GLN B 144 -14.24 20.07 34.05
C GLN B 144 -13.58 21.38 33.56
N ASN B 145 -12.43 21.70 34.14
CA ASN B 145 -11.65 22.88 33.76
C ASN B 145 -10.51 22.58 32.74
N THR B 146 -10.30 21.30 32.44
CA THR B 146 -9.28 20.88 31.49
C THR B 146 -9.80 21.26 30.08
N LYS B 147 -9.09 22.14 29.41
CA LYS B 147 -9.52 22.58 28.08
C LYS B 147 -8.78 22.02 26.87
N ALA B 148 -7.64 21.38 27.11
CA ALA B 148 -6.88 20.80 26.02
C ALA B 148 -5.95 19.68 26.45
N ILE B 149 -5.75 18.76 25.52
CA ILE B 149 -4.89 17.60 25.68
C ILE B 149 -3.83 17.76 24.59
N PHE B 150 -2.59 18.05 25.01
CA PHE B 150 -1.48 18.29 24.11
C PHE B 150 -0.39 17.24 24.08
N PHE B 151 0.01 16.85 22.87
CA PHE B 151 1.03 15.85 22.68
C PHE B 151 1.63 15.93 21.29
N GLU B 152 2.73 15.21 21.12
CA GLU B 152 3.41 15.15 19.83
C GLU B 152 3.18 13.78 19.22
N SER B 153 3.06 13.73 17.90
CA SER B 153 2.84 12.49 17.20
C SER B 153 4.11 11.63 17.25
N LEU B 154 5.24 12.28 17.07
CA LEU B 154 6.54 11.65 17.09
C LEU B 154 7.33 12.68 17.90
N SER B 155 7.67 12.33 19.14
CA SER B 155 8.35 13.29 20.02
C SER B 155 9.79 13.64 19.78
N ASN B 156 10.12 14.83 20.25
CA ASN B 156 11.44 15.45 20.16
C ASN B 156 12.06 15.64 21.56
N PRO B 157 13.21 15.00 21.85
CA PRO B 157 14.12 14.14 21.11
C PRO B 157 14.04 12.64 21.35
N GLN B 158 13.08 12.20 22.17
CA GLN B 158 12.81 10.78 22.53
C GLN B 158 12.35 9.92 21.28
N ILE B 159 11.72 10.56 20.29
CA ILE B 159 11.21 9.87 19.10
C ILE B 159 10.15 8.91 19.66
N ALA B 160 9.36 9.39 20.62
CA ALA B 160 8.31 8.60 21.23
C ALA B 160 7.01 8.77 20.46
N ILE B 161 6.40 7.65 20.10
CA ILE B 161 5.17 7.66 19.34
C ILE B 161 3.96 7.51 20.22
N ALA B 162 3.02 8.43 20.03
CA ALA B 162 1.76 8.45 20.81
C ALA B 162 0.71 7.54 20.18
N ASP B 163 -0.04 6.83 21.03
CA ASP B 163 -1.08 5.93 20.54
C ASP B 163 -2.26 6.86 20.43
N ILE B 164 -2.35 7.50 19.28
CA ILE B 164 -3.38 8.50 19.01
C ILE B 164 -4.80 8.05 19.25
N GLU B 165 -5.19 6.90 18.73
CA GLU B 165 -6.57 6.39 18.92
C GLU B 165 -7.02 6.35 20.37
N LYS B 166 -6.11 5.98 21.26
CA LYS B 166 -6.42 5.90 22.70
C LYS B 166 -6.52 7.26 23.32
N ILE B 167 -5.74 8.22 22.83
CA ILE B 167 -5.83 9.58 23.36
C ILE B 167 -7.19 10.17 22.91
N ASN B 168 -7.52 9.90 21.65
CA ASN B 168 -8.76 10.36 21.06
C ASN B 168 -9.95 9.85 21.85
N GLN B 169 -9.95 8.57 22.19
CA GLN B 169 -11.06 7.99 22.96
C GLN B 169 -11.34 8.78 24.19
N ILE B 170 -10.29 8.96 24.98
CA ILE B 170 -10.39 9.70 26.21
C ILE B 170 -10.85 11.12 25.99
N ALA B 171 -10.28 11.76 24.98
CA ALA B 171 -10.62 13.12 24.66
C ALA B 171 -12.06 13.26 24.22
N LYS B 172 -12.50 12.36 23.32
N LYS B 172 -12.52 12.34 23.38
CA LYS B 172 -13.89 12.40 22.83
CA LYS B 172 -13.91 12.40 22.90
C LYS B 172 -14.92 12.13 23.93
C LYS B 172 -14.90 12.20 23.99
N LYS B 173 -14.55 11.27 24.87
CA LYS B 173 -15.42 10.93 25.96
C LYS B 173 -15.74 12.19 26.79
N HIS B 174 -14.70 12.91 27.21
CA HIS B 174 -14.87 14.12 28.02
C HIS B 174 -15.20 15.37 27.23
N LYS B 175 -15.30 15.26 25.92
CA LYS B 175 -15.62 16.40 25.06
C LYS B 175 -14.51 17.49 25.15
N ILE B 176 -13.26 17.03 25.15
CA ILE B 176 -12.10 17.91 25.21
C ILE B 176 -11.37 17.95 23.85
N VAL B 177 -10.92 19.14 23.48
CA VAL B 177 -10.20 19.34 22.24
C VAL B 177 -8.80 18.79 22.37
N SER B 178 -8.43 17.95 21.41
CA SER B 178 -7.10 17.35 21.39
C SER B 178 -6.22 18.10 20.40
N ILE B 179 -5.00 18.41 20.84
CA ILE B 179 -4.00 19.12 20.02
C ILE B 179 -2.76 18.22 19.76
N CYS B 180 -2.46 17.97 18.49
CA CYS B 180 -1.31 17.17 18.11
C CYS B 180 -0.28 17.97 17.35
N ASP B 181 0.95 17.97 17.85
CA ASP B 181 2.09 18.66 17.22
C ASP B 181 2.67 17.58 16.28
N ASN B 182 2.43 17.74 14.99
CA ASN B 182 2.87 16.76 13.99
C ASN B 182 4.10 17.21 13.21
N THR B 183 4.88 18.09 13.82
CA THR B 183 6.07 18.66 13.21
C THR B 183 7.08 17.69 12.63
N VAL B 184 7.51 16.75 13.46
CA VAL B 184 8.52 15.79 13.01
C VAL B 184 8.06 14.77 11.98
N ALA B 185 6.88 14.21 12.18
CA ALA B 185 6.37 13.22 11.24
C ALA B 185 6.03 13.82 9.89
N THR B 186 5.47 15.03 9.94
CA THR B 186 5.02 15.82 8.77
C THR B 186 3.69 15.22 8.29
N PRO B 187 2.90 15.99 7.55
CA PRO B 187 1.64 15.44 7.09
C PRO B 187 1.81 14.31 6.11
N PHE B 188 3.00 14.16 5.54
CA PHE B 188 3.22 13.08 4.58
C PHE B 188 3.52 11.71 5.17
N LEU B 189 3.85 11.64 6.45
CA LEU B 189 4.15 10.34 7.04
C LEU B 189 3.07 9.95 7.99
N LEU B 190 2.33 10.94 8.47
CA LEU B 190 1.27 10.69 9.44
C LEU B 190 0.17 11.74 9.36
N GLN B 191 -1.07 11.30 9.43
CA GLN B 191 -2.22 12.21 9.35
C GLN B 191 -3.04 12.12 10.65
N PRO B 192 -2.67 12.87 11.68
CA PRO B 192 -3.42 12.77 12.92
C PRO B 192 -4.92 12.93 12.77
N PHE B 193 -5.40 13.72 11.80
CA PHE B 193 -6.86 13.89 11.66
C PHE B 193 -7.59 12.59 11.40
N LYS B 194 -6.94 11.68 10.69
CA LYS B 194 -7.52 10.38 10.45
C LYS B 194 -7.82 9.66 11.73
N HIS B 195 -7.09 9.98 12.79
CA HIS B 195 -7.34 9.29 14.04
C HIS B 195 -8.08 10.04 15.11
N GLY B 196 -8.89 11.01 14.70
CA GLY B 196 -9.69 11.81 15.62
C GLY B 196 -9.14 13.08 16.22
N VAL B 197 -7.94 13.48 15.82
CA VAL B 197 -7.37 14.71 16.37
C VAL B 197 -8.19 15.90 15.91
N ASP B 198 -8.36 16.86 16.81
CA ASP B 198 -9.14 18.04 16.56
C ASP B 198 -8.32 19.18 15.93
N VAL B 199 -7.18 19.45 16.55
CA VAL B 199 -6.27 20.48 16.13
C VAL B 199 -4.83 19.99 15.99
N ILE B 200 -4.22 20.36 14.88
CA ILE B 200 -2.83 20.03 14.60
C ILE B 200 -1.95 21.27 14.56
N VAL B 201 -0.83 21.22 15.25
CA VAL B 201 0.12 22.33 15.21
C VAL B 201 1.41 21.84 14.55
N HIS B 202 2.05 22.76 13.86
CA HIS B 202 3.31 22.46 13.20
C HIS B 202 4.28 23.56 13.35
N SER B 203 5.53 23.17 13.50
CA SER B 203 6.59 24.15 13.53
C SER B 203 7.01 24.03 12.08
N LEU B 204 6.58 24.98 11.25
CA LEU B 204 6.92 24.99 9.80
C LEU B 204 8.41 25.24 9.59
N SER B 205 9.01 25.81 10.62
N SER B 205 9.02 25.81 10.62
CA SER B 205 10.42 26.15 10.67
CA SER B 205 10.43 26.14 10.65
C SER B 205 11.33 24.94 10.44
C SER B 205 11.33 24.93 10.42
N TYR B 207 10.77 20.81 9.07
CA TYR B 207 10.68 20.12 7.75
C TYR B 207 10.01 20.81 6.61
N VAL B 208 8.93 21.57 6.88
CA VAL B 208 8.25 22.28 5.80
C VAL B 208 9.23 23.20 5.10
N SER B 209 10.03 23.92 5.88
CA SER B 209 11.05 24.80 5.32
C SER B 209 12.04 23.86 4.70
N GLY B 210 12.53 22.93 5.53
CA GLY B 210 13.50 21.91 5.13
C GLY B 210 14.91 22.36 4.84
N GLN B 211 15.16 23.65 5.03
CA GLN B 211 16.46 24.24 4.76
C GLN B 211 16.99 25.23 5.76
N GLY B 212 16.37 25.29 6.93
CA GLY B 212 16.81 26.21 7.99
C GLY B 212 16.78 27.66 7.62
N THR B 213 15.82 28.05 6.79
CA THR B 213 15.73 29.42 6.34
C THR B 213 14.49 30.22 6.67
N ALA B 214 13.43 29.60 7.13
CA ALA B 214 12.25 30.39 7.44
C ALA B 214 11.54 29.91 8.68
N LEU B 215 11.55 30.76 9.67
CA LEU B 215 10.94 30.48 10.91
C LEU B 215 9.44 30.63 10.66
N GLY B 216 8.64 29.75 11.25
CA GLY B 216 7.19 29.80 11.08
C GLY B 216 6.41 28.67 11.75
N GLY B 217 5.12 28.89 11.93
CA GLY B 217 4.24 27.93 12.54
C GLY B 217 2.85 27.93 11.95
N ALA B 218 2.05 26.93 12.29
CA ALA B 218 0.70 26.83 11.76
C ALA B 218 -0.25 26.08 12.69
N LEU B 219 -1.51 26.53 12.70
CA LEU B 219 -2.55 25.88 13.52
C LEU B 219 -3.57 25.44 12.50
N ILE B 220 -3.86 24.16 12.52
CA ILE B 220 -4.79 23.58 11.56
C ILE B 220 -5.95 22.91 12.27
N GLU B 221 -7.17 23.15 11.80
CA GLU B 221 -8.30 22.54 12.45
C GLU B 221 -8.97 21.50 11.54
N ARG B 222 -9.52 20.48 12.16
CA ARG B 222 -10.18 19.42 11.39
C ARG B 222 -11.51 19.87 10.87
N LYS B 223 -12.08 19.05 10.01
CA LYS B 223 -13.40 19.32 9.48
C LYS B 223 -14.40 19.06 10.59
N ASP B 224 -15.44 19.90 10.65
CA ASP B 224 -16.51 19.77 11.64
C ASP B 224 -16.12 20.01 13.08
N LEU B 225 -15.02 20.71 13.33
CA LEU B 225 -14.62 20.98 14.71
C LEU B 225 -15.70 21.81 15.48
N ASN B 226 -16.52 22.58 14.74
CA ASN B 226 -17.59 23.38 15.36
C ASN B 226 -18.50 22.49 16.20
N ASP B 227 -18.77 21.29 15.70
CA ASP B 227 -19.61 20.29 16.40
C ASP B 227 -19.15 20.11 17.85
N LEU B 228 -17.84 20.07 18.07
CA LEU B 228 -17.28 19.90 19.40
C LEU B 228 -17.22 21.18 20.23
N LEU B 229 -17.09 22.34 19.57
CA LEU B 229 -17.00 23.63 20.28
C LEU B 229 -18.34 24.27 20.56
N LYS B 230 -19.22 24.21 19.57
CA LYS B 230 -20.55 24.80 19.73
C LYS B 230 -21.40 24.02 20.73
N ASN B 231 -22.11 24.75 21.60
CA ASN B 231 -22.98 24.15 22.62
C ASN B 231 -22.24 23.16 23.51
N ASN B 232 -21.04 23.54 23.92
CA ASN B 232 -20.24 22.69 24.77
C ASN B 232 -19.87 23.58 25.95
N ASP B 233 -20.41 23.22 27.11
CA ASP B 233 -20.20 23.95 28.37
C ASP B 233 -18.75 24.11 28.75
N ARG B 234 -17.90 23.28 28.20
CA ARG B 234 -16.48 23.36 28.51
C ARG B 234 -15.81 24.57 27.82
N TYR B 235 -16.41 25.05 26.72
CA TYR B 235 -15.84 26.17 25.97
C TYR B 235 -16.81 27.37 25.84
N LYS B 236 -16.89 28.16 26.90
CA LYS B 236 -17.79 29.33 26.90
C LYS B 236 -17.34 30.45 25.96
N ALA B 237 -16.05 30.60 25.71
CA ALA B 237 -15.57 31.66 24.82
C ALA B 237 -16.21 31.52 23.43
N PHE B 238 -16.55 30.30 23.04
CA PHE B 238 -17.17 30.05 21.74
C PHE B 238 -18.71 29.99 21.77
N ASN B 239 -19.28 30.30 22.93
CA ASN B 239 -20.74 30.26 23.12
C ASN B 239 -21.33 31.40 23.92
N THR B 240 -20.65 32.54 23.96
CA THR B 240 -21.14 33.66 24.73
C THR B 240 -20.90 34.96 23.99
N PRO B 241 -21.83 35.92 24.08
CA PRO B 241 -21.61 37.20 23.42
C PRO B 241 -20.27 37.76 23.84
N ASP B 242 -19.49 38.23 22.88
CA ASP B 242 -18.17 38.77 23.18
C ASP B 242 -18.20 40.30 23.12
N PRO B 243 -17.81 40.96 24.22
CA PRO B 243 -17.80 42.43 24.25
C PRO B 243 -16.79 43.05 23.28
N SER B 244 -15.67 42.37 23.00
CA SER B 244 -14.67 42.91 22.06
C SER B 244 -15.30 43.06 20.68
N TYR B 245 -16.35 42.28 20.38
CA TYR B 245 -17.06 42.35 19.08
C TYR B 245 -18.55 42.67 19.15
N HIS B 246 -18.88 43.66 19.98
CA HIS B 246 -20.26 44.08 20.14
C HIS B 246 -21.27 42.95 20.29
N GLY B 247 -21.02 42.11 21.28
CA GLY B 247 -21.88 40.99 21.58
C GLY B 247 -21.89 39.79 20.66
N LEU B 248 -21.08 39.79 19.62
CA LEU B 248 -21.04 38.65 18.72
C LEU B 248 -20.84 37.33 19.46
N ASN B 249 -21.62 36.33 19.10
CA ASN B 249 -21.50 35.01 19.73
C ASN B 249 -21.03 34.09 18.62
N LEU B 250 -19.83 33.55 18.80
CA LEU B 250 -19.24 32.67 17.78
C LEU B 250 -20.04 31.45 17.39
N ASN B 251 -20.83 30.89 18.31
CA ASN B 251 -21.61 29.69 17.94
C ASN B 251 -22.68 29.99 16.90
N THR B 252 -22.85 31.27 16.57
CA THR B 252 -23.82 31.71 15.55
C THR B 252 -23.24 31.69 14.15
N LEU B 253 -21.93 31.52 14.03
CA LEU B 253 -21.26 31.55 12.74
C LEU B 253 -21.13 30.25 11.99
N ASP B 254 -21.31 30.32 10.68
CA ASP B 254 -21.18 29.15 9.84
C ASP B 254 -19.76 29.26 9.21
N LEU B 255 -18.76 29.15 10.08
CA LEU B 255 -17.34 29.25 9.72
C LEU B 255 -16.53 28.50 10.72
N PRO B 256 -15.29 28.13 10.37
CA PRO B 256 -14.47 27.42 11.36
C PRO B 256 -14.19 28.44 12.46
N ILE B 257 -14.98 28.37 13.51
CA ILE B 257 -14.85 29.31 14.60
C ILE B 257 -13.53 29.26 15.37
N PHE B 258 -12.89 28.10 15.43
CA PHE B 258 -11.60 27.99 16.15
C PHE B 258 -10.59 28.91 15.43
N SER B 259 -10.52 28.78 14.12
CA SER B 259 -9.62 29.57 13.29
C SER B 259 -10.02 31.04 13.31
N ILE B 260 -11.32 31.30 13.26
CA ILE B 260 -11.80 32.68 13.31
C ILE B 260 -11.35 33.37 14.57
N ARG B 261 -11.43 32.69 15.70
CA ARG B 261 -11.02 33.34 16.94
C ARG B 261 -9.51 33.59 16.91
N VAL B 262 -8.73 32.67 16.36
CA VAL B 262 -7.30 32.86 16.28
C VAL B 262 -7.00 34.17 15.53
N ILE B 263 -7.76 34.42 14.49
CA ILE B 263 -7.56 35.61 13.72
C ILE B 263 -8.05 36.92 14.34
N ILE B 264 -9.35 36.98 14.64
CA ILE B 264 -9.94 38.19 15.21
C ILE B 264 -9.51 38.53 16.62
N THR B 265 -8.93 37.57 17.32
CA THR B 265 -8.49 37.85 18.65
C THR B 265 -6.99 37.71 18.87
N TRP B 266 -6.45 36.52 18.69
CA TRP B 266 -5.03 36.30 18.97
C TRP B 266 -4.05 36.97 17.99
N LEU B 267 -4.31 36.87 16.70
CA LEU B 267 -3.43 37.54 15.74
C LEU B 267 -3.66 39.03 15.85
N ARG B 268 -4.93 39.41 15.88
CA ARG B 268 -5.24 40.83 15.95
C ARG B 268 -4.69 41.56 17.15
N ASP B 269 -4.79 40.96 18.33
CA ASP B 269 -4.33 41.62 19.54
C ASP B 269 -2.93 41.25 20.04
N LEU B 270 -2.49 40.01 19.84
CA LEU B 270 -1.16 39.60 20.29
C LEU B 270 -0.11 39.78 19.19
N GLY B 271 -0.57 39.70 17.95
CA GLY B 271 0.29 39.91 16.81
C GLY B 271 1.50 39.09 16.42
N ALA B 272 1.41 37.77 16.56
CA ALA B 272 2.51 36.89 16.18
C ALA B 272 2.28 36.48 14.71
N SER B 273 2.32 37.50 13.89
CA SER B 273 2.10 37.38 12.46
C SER B 273 3.30 36.87 11.64
N LEU B 274 2.98 36.02 10.67
CA LEU B 274 3.97 35.44 9.80
C LEU B 274 4.27 36.37 8.63
N ALA B 275 5.52 36.79 8.51
CA ALA B 275 5.93 37.69 7.43
C ALA B 275 5.77 37.00 6.05
N PRO B 276 5.39 37.77 5.04
CA PRO B 276 5.14 37.31 3.66
C PRO B 276 6.28 36.57 3.01
N GLN B 277 7.49 37.03 3.24
CA GLN B 277 8.61 36.39 2.64
C GLN B 277 8.74 34.97 3.26
N ASN B 278 8.60 34.85 4.59
CA ASN B 278 8.69 33.56 5.26
C ASN B 278 7.57 32.65 4.78
N ALA B 279 6.37 33.20 4.65
CA ALA B 279 5.23 32.43 4.19
C ALA B 279 5.48 31.90 2.82
N TRP B 280 5.98 32.75 1.94
CA TRP B 280 6.27 32.35 0.54
C TRP B 280 7.35 31.23 0.49
N LEU B 281 8.43 31.40 1.24
CA LEU B 281 9.48 30.38 1.31
C LEU B 281 8.89 29.06 1.82
N LEU B 282 8.07 29.12 2.84
CA LEU B 282 7.41 27.93 3.41
C LEU B 282 6.50 27.28 2.38
N LEU B 283 5.83 28.06 1.54
CA LEU B 283 5.01 27.48 0.48
C LEU B 283 5.91 26.72 -0.44
N GLN B 284 7.08 27.29 -0.75
CA GLN B 284 8.00 26.60 -1.67
C GLN B 284 8.47 25.27 -1.05
N GLY B 285 8.74 25.29 0.25
CA GLY B 285 9.20 24.12 0.92
C GLY B 285 8.12 23.07 0.95
N LEU B 286 6.87 23.50 1.17
CA LEU B 286 5.76 22.57 1.19
C LEU B 286 5.67 21.80 -0.12
N GLU B 287 5.92 22.48 -1.22
CA GLU B 287 5.88 21.85 -2.54
C GLU B 287 6.79 20.62 -2.69
N THR B 288 7.96 20.68 -2.07
CA THR B 288 8.94 19.59 -2.17
C THR B 288 9.07 18.68 -0.98
N LEU B 289 8.31 18.92 0.05
CA LEU B 289 8.41 18.12 1.25
C LEU B 289 8.22 16.65 1.02
N ALA B 290 7.32 16.27 0.13
CA ALA B 290 7.08 14.84 -0.11
C ALA B 290 8.29 14.13 -0.56
N VAL B 291 9.03 14.72 -1.49
CA VAL B 291 10.24 14.04 -1.97
C VAL B 291 11.34 14.11 -0.89
N ARG B 292 11.50 15.25 -0.26
CA ARG B 292 12.52 15.44 0.77
C ARG B 292 12.38 14.55 1.99
N ILE B 293 11.19 14.46 2.56
CA ILE B 293 11.00 13.66 3.75
C ILE B 293 11.37 12.18 3.53
N GLU B 294 11.18 11.68 2.32
CA GLU B 294 11.54 10.28 2.03
C GLU B 294 13.06 10.09 2.10
N LYS B 295 13.82 11.04 1.56
CA LYS B 295 15.27 10.95 1.61
C LYS B 295 15.72 11.06 3.06
N HIS B 296 15.16 12.03 3.78
CA HIS B 296 15.53 12.20 5.16
C HIS B 296 15.33 10.88 5.88
N SER B 297 14.22 10.25 5.60
CA SER B 297 13.85 8.96 6.24
C SER B 297 14.77 7.83 5.85
N GLN B 298 15.03 7.69 4.55
CA GLN B 298 15.92 6.64 4.06
C GLN B 298 17.32 6.82 4.68
N ASN B 299 17.83 8.06 4.68
CA ASN B 299 19.12 8.30 5.30
C ASN B 299 19.12 8.01 6.79
N ALA B 300 18.08 8.42 7.49
CA ALA B 300 18.01 8.20 8.95
C ALA B 300 18.06 6.74 9.32
N GLU B 301 17.35 5.94 8.55
CA GLU B 301 17.32 4.50 8.79
C GLU B 301 18.70 3.88 8.63
N LYS B 302 19.42 4.24 7.59
CA LYS B 302 20.75 3.70 7.38
C LYS B 302 21.69 4.13 8.47
N VAL B 303 21.60 5.38 8.89
CA VAL B 303 22.44 5.87 9.96
C VAL B 303 22.06 5.13 11.25
N ALA B 304 20.78 4.93 11.47
CA ALA B 304 20.33 4.23 12.67
C ALA B 304 20.89 2.80 12.71
N ASN B 305 20.80 2.08 11.58
CA ASN B 305 21.30 0.72 11.49
C ASN B 305 22.81 0.66 11.77
N PHE B 306 23.53 1.63 11.23
CA PHE B 306 24.97 1.73 11.41
C PHE B 306 25.31 1.98 12.88
N LEU B 307 24.64 2.93 13.49
CA LEU B 307 24.88 3.20 14.89
C LEU B 307 24.54 1.99 15.76
N ASN B 308 23.44 1.36 15.43
CA ASN B 308 22.95 0.22 16.19
C ASN B 308 23.89 -0.98 16.22
N SER B 309 24.79 -1.07 15.24
N SER B 309 24.78 -1.08 15.23
CA SER B 309 25.74 -2.18 15.17
CA SER B 309 25.73 -2.19 15.17
C SER B 309 27.14 -1.80 15.58
C SER B 309 27.14 -1.81 15.55
N HIS B 310 27.40 -0.54 15.84
CA HIS B 310 28.73 -0.12 16.19
C HIS B 310 29.01 -0.36 17.66
N PRO B 311 30.16 -0.98 18.00
CA PRO B 311 30.52 -1.30 19.39
C PRO B 311 30.68 -0.13 20.36
N ASP B 312 31.06 1.04 19.86
CA ASP B 312 31.21 2.23 20.73
C ASP B 312 29.88 2.98 21.01
N ILE B 313 28.75 2.46 20.54
CA ILE B 313 27.43 3.07 20.75
C ILE B 313 26.61 2.20 21.68
N LYS B 314 26.05 2.79 22.72
CA LYS B 314 25.28 2.02 23.71
C LYS B 314 23.76 1.95 23.59
N GLY B 315 23.18 2.55 22.58
CA GLY B 315 21.72 2.49 22.46
C GLY B 315 21.28 3.48 21.40
N VAL B 316 20.30 3.07 20.59
CA VAL B 316 19.80 3.89 19.53
C VAL B 316 18.31 4.02 19.61
N ASN B 317 17.83 5.23 19.44
CA ASN B 317 16.42 5.53 19.51
C ASN B 317 15.85 5.88 18.12
N TYR B 318 15.24 4.94 17.42
CA TYR B 318 14.65 5.21 16.10
C TYR B 318 13.57 4.14 15.88
N PRO B 319 12.36 4.55 15.53
CA PRO B 319 11.25 3.61 15.35
C PRO B 319 11.34 2.45 14.38
N THR B 320 12.18 2.56 13.35
CA THR B 320 12.30 1.47 12.39
C THR B 320 13.06 0.26 12.98
N LEU B 321 13.78 0.47 14.08
CA LEU B 321 14.51 -0.60 14.71
C LEU B 321 13.52 -1.52 15.42
N ALA B 322 13.48 -2.78 14.98
CA ALA B 322 12.56 -3.81 15.54
C ALA B 322 12.53 -3.96 17.07
N SER B 323 13.65 -3.67 17.72
CA SER B 323 13.74 -3.76 19.18
C SER B 323 13.24 -2.51 19.88
N ASN B 324 12.98 -1.46 19.13
N ASN B 324 12.97 -1.45 19.12
CA ASN B 324 12.53 -0.21 19.73
CA ASN B 324 12.49 -0.19 19.72
C ASN B 324 11.13 -0.38 20.34
C ASN B 324 11.12 -0.37 20.34
N ALA B 325 10.90 0.29 21.46
CA ALA B 325 9.62 0.24 22.21
C ALA B 325 8.43 0.84 21.46
N TYR B 326 8.71 1.69 20.47
CA TYR B 326 7.64 2.30 19.71
C TYR B 326 7.49 1.71 18.33
N HIS B 327 8.20 0.61 18.07
CA HIS B 327 8.15 -0.03 16.74
C HIS B 327 6.74 -0.47 16.32
N ASN B 328 5.97 -1.09 17.21
CA ASN B 328 4.61 -1.50 16.88
C ASN B 328 3.71 -0.31 16.56
N LEU B 329 3.83 0.75 17.36
CA LEU B 329 3.04 1.96 17.16
C LEU B 329 3.44 2.57 15.83
N PHE B 330 4.72 2.44 15.49
CA PHE B 330 5.23 2.94 14.22
C PHE B 330 4.53 2.23 13.09
N LYS B 331 4.56 0.90 13.12
CA LYS B 331 3.92 0.10 12.08
C LYS B 331 2.42 0.36 12.02
N LYS B 332 1.84 0.67 13.15
CA LYS B 332 0.40 0.91 13.18
C LYS B 332 -0.06 2.23 12.57
N TYR B 333 0.68 3.30 12.84
CA TYR B 333 0.32 4.61 12.34
C TYR B 333 1.04 5.18 11.11
N PHE B 334 2.21 4.65 10.75
CA PHE B 334 2.97 5.17 9.59
C PHE B 334 2.83 4.29 8.35
N ASP B 335 1.91 4.68 7.48
CA ASP B 335 1.60 3.90 6.27
C ASP B 335 2.70 3.69 5.26
N LYS B 336 3.55 4.70 5.07
CA LYS B 336 4.67 4.60 4.10
C LYS B 336 6.01 4.01 4.58
N ASN B 337 5.99 3.52 5.78
CA ASN B 337 7.13 2.94 6.41
C ASN B 337 8.40 3.78 6.47
N PHE B 338 8.21 5.08 6.68
CA PHE B 338 9.30 6.06 6.80
C PHE B 338 9.05 6.69 8.16
N ALA B 339 10.11 6.91 8.91
CA ALA B 339 9.98 7.48 10.26
C ALA B 339 10.62 8.87 10.50
N SER B 340 10.83 9.60 9.43
CA SER B 340 11.39 10.93 9.47
C SER B 340 12.90 10.94 9.75
N GLY B 341 13.46 12.13 9.91
CA GLY B 341 14.91 12.28 10.10
C GLY B 341 15.51 12.57 11.44
N LEU B 342 14.73 12.41 12.49
CA LEU B 342 15.25 12.67 13.81
C LEU B 342 15.55 11.37 14.50
N LEU B 343 16.67 11.31 15.20
CA LEU B 343 17.00 10.12 15.95
C LEU B 343 17.96 10.51 17.09
N SER B 344 18.14 9.63 18.05
CA SER B 344 19.05 9.94 19.13
C SER B 344 19.79 8.66 19.47
N PHE B 345 20.94 8.79 20.11
CA PHE B 345 21.69 7.62 20.50
C PHE B 345 22.50 7.92 21.74
N GLU B 346 22.94 6.85 22.38
CA GLU B 346 23.74 6.94 23.59
C GLU B 346 25.21 6.69 23.28
N ALA B 347 26.06 7.63 23.70
CA ALA B 347 27.51 7.47 23.53
C ALA B 347 27.96 6.68 24.74
N LYS B 348 29.25 6.38 24.83
CA LYS B 348 29.78 5.61 25.98
C LYS B 348 29.50 6.34 27.27
N ASP B 349 29.74 7.65 27.25
CA ASP B 349 29.55 8.53 28.40
C ASP B 349 29.60 10.00 27.97
N TYR B 350 29.46 10.90 28.95
CA TYR B 350 29.49 12.35 28.70
C TYR B 350 30.71 12.81 27.87
N GLU B 351 31.91 12.39 28.28
CA GLU B 351 33.11 12.79 27.56
C GLU B 351 33.15 12.30 26.11
N HIS B 352 32.56 11.14 25.84
CA HIS B 352 32.51 10.59 24.48
C HIS B 352 31.51 11.38 23.64
N ALA B 353 30.36 11.70 24.23
CA ALA B 353 29.32 12.48 23.55
C ALA B 353 29.82 13.86 23.12
N ARG B 354 30.72 14.41 23.93
CA ARG B 354 31.28 15.72 23.70
C ARG B 354 32.35 15.61 22.59
N ARG B 355 33.19 14.57 22.59
CA ARG B 355 34.19 14.44 21.52
C ARG B 355 33.52 14.31 20.17
N ILE B 356 32.41 13.57 20.14
CA ILE B 356 31.64 13.35 18.91
C ILE B 356 31.15 14.69 18.40
N CYS B 357 30.48 15.46 19.25
CA CYS B 357 30.00 16.78 18.82
C CYS B 357 31.11 17.69 18.32
N ASP B 358 32.30 17.56 18.89
CA ASP B 358 33.43 18.40 18.51
C ASP B 358 34.22 17.88 17.28
N LYS B 359 33.99 16.63 16.89
CA LYS B 359 34.68 15.97 15.75
C LYS B 359 33.94 15.84 14.41
N THR B 360 32.61 15.90 14.40
CA THR B 360 31.88 15.80 13.14
C THR B 360 32.16 16.95 12.21
N GLN B 361 32.25 16.65 10.91
CA GLN B 361 32.50 17.65 9.86
C GLN B 361 31.28 17.95 8.96
N LEU B 362 30.36 16.98 8.82
CA LEU B 362 29.14 17.16 8.01
C LEU B 362 27.97 17.43 8.92
N PHE B 363 27.89 16.71 10.03
CA PHE B 363 26.86 16.99 10.99
C PHE B 363 27.33 18.31 11.62
N LEU B 364 26.51 19.34 11.48
CA LEU B 364 26.83 20.63 12.01
C LEU B 364 26.28 20.79 13.45
N LEU B 365 27.16 21.17 14.37
CA LEU B 365 26.79 21.38 15.75
C LEU B 365 25.92 22.62 15.75
N ALA B 366 24.63 22.40 15.98
CA ALA B 366 23.65 23.46 15.99
C ALA B 366 22.35 23.02 16.64
N ALA B 367 21.48 23.99 16.89
CA ALA B 367 20.23 23.73 17.53
C ALA B 367 19.05 24.00 16.64
N ASN B 368 18.70 22.99 15.87
CA ASN B 368 17.57 23.04 14.97
C ASN B 368 17.34 21.63 14.44
N LEU B 369 16.29 21.42 13.67
CA LEU B 369 16.11 20.08 13.13
C LEU B 369 15.30 20.19 11.82
N GLY B 370 15.47 19.23 10.91
CA GLY B 370 14.77 19.24 9.65
C GLY B 370 15.45 20.07 8.59
N ASP B 371 16.71 20.44 8.80
CA ASP B 371 17.46 21.22 7.79
C ASP B 371 17.97 20.20 6.77
N SER B 372 18.22 20.66 5.57
CA SER B 372 18.73 19.79 4.51
C SER B 372 20.15 19.36 4.87
N LYS B 373 20.82 20.15 5.72
CA LYS B 373 22.16 19.82 6.19
C LYS B 373 21.99 19.10 7.50
N SER B 374 22.75 18.02 7.70
CA SER B 374 22.67 17.23 8.91
C SER B 374 23.17 18.02 10.10
N LEU B 375 22.48 17.85 11.23
CA LEU B 375 22.82 18.55 12.44
C LEU B 375 23.01 17.64 13.66
N ILE B 376 23.76 18.14 14.64
CA ILE B 376 24.03 17.40 15.84
C ILE B 376 24.00 18.28 17.06
N ILE B 377 23.59 17.71 18.19
CA ILE B 377 23.50 18.43 19.46
C ILE B 377 23.44 17.46 20.65
N HIS B 378 23.81 17.96 21.84
CA HIS B 378 23.81 17.24 23.12
C HIS B 378 22.73 17.88 24.00
N PRO B 379 21.49 17.36 23.96
CA PRO B 379 20.31 17.88 24.70
C PRO B 379 20.37 18.26 26.18
N ALA B 380 20.98 17.43 27.01
CA ALA B 380 21.04 17.77 28.44
C ALA B 380 21.53 19.21 28.72
N SER B 381 22.67 19.59 28.12
CA SER B 381 23.27 20.93 28.31
C SER B 381 22.80 21.96 27.27
N THR B 382 21.73 21.65 26.55
CA THR B 382 21.31 22.53 25.52
C THR B 382 19.79 22.68 25.34
N THR B 383 19.19 21.89 24.44
CA THR B 383 17.72 21.97 24.16
C THR B 383 16.79 21.66 25.34
N HIS B 384 17.27 20.81 26.23
CA HIS B 384 16.52 20.42 27.41
C HIS B 384 17.40 20.69 28.62
N GLN B 386 16.94 23.56 30.28
CA GLN B 386 15.98 24.05 31.28
C GLN B 386 15.33 23.00 32.20
N LEU B 387 15.09 21.79 31.71
CA LEU B 387 14.45 20.71 32.50
C LEU B 387 15.24 20.25 33.75
N SER B 388 14.51 19.77 34.77
CA SER B 388 15.13 19.30 36.01
C SER B 388 15.83 17.98 35.73
N GLU B 389 16.74 17.60 36.62
CA GLU B 389 17.53 16.36 36.46
C GLU B 389 16.57 15.14 36.37
N GLU B 390 15.43 15.20 37.08
CA GLU B 390 14.41 14.13 37.09
C GLU B 390 13.47 14.19 35.86
N GLU B 391 13.09 15.40 35.43
CA GLU B 391 12.23 15.54 34.23
C GLU B 391 12.94 14.94 33.00
N LEU B 392 14.27 15.01 33.01
CA LEU B 392 15.08 14.47 31.93
C LEU B 392 14.91 12.99 31.84
N GLN B 393 14.85 12.35 33.00
CA GLN B 393 14.73 10.91 33.10
C GLN B 393 13.29 10.48 32.73
N LYS B 394 12.32 11.36 32.97
CA LYS B 394 10.92 11.06 32.64
C LYS B 394 10.73 11.14 31.10
N ALA B 395 11.56 11.94 30.44
CA ALA B 395 11.56 12.13 28.98
C ALA B 395 12.55 11.15 28.32
N GLY B 396 13.37 10.51 29.16
CA GLY B 396 14.37 9.54 28.73
C GLY B 396 15.61 10.14 28.13
N ILE B 397 16.29 11.08 28.80
CA ILE B 397 17.55 11.70 28.27
C ILE B 397 18.65 11.52 29.29
N THR B 398 19.90 11.34 28.88
CA THR B 398 21.02 11.15 29.80
C THR B 398 22.19 12.06 29.42
N LYS B 399 23.27 12.02 30.18
CA LYS B 399 24.44 12.83 29.89
C LYS B 399 25.21 12.32 28.68
N ALA B 400 24.91 11.09 28.27
CA ALA B 400 25.58 10.49 27.12
C ALA B 400 24.74 10.59 25.85
N THR B 401 23.52 11.12 25.99
CA THR B 401 22.61 11.26 24.86
C THR B 401 22.95 12.30 23.81
N ILE B 402 22.89 11.88 22.55
CA ILE B 402 23.14 12.72 21.41
C ILE B 402 21.95 12.68 20.52
N ARG B 403 21.56 13.84 20.00
CA ARG B 403 20.43 13.91 19.11
C ARG B 403 20.97 14.30 17.71
N LEU B 404 20.48 13.62 16.68
CA LEU B 404 20.89 13.93 15.32
C LEU B 404 19.70 14.30 14.45
N SER B 405 19.91 15.22 13.52
CA SER B 405 18.89 15.62 12.56
C SER B 405 19.53 15.16 11.26
N ILE B 406 18.96 14.14 10.66
CA ILE B 406 19.51 13.60 9.45
C ILE B 406 19.09 14.40 8.23
N GLY B 407 20.09 14.86 7.50
CA GLY B 407 19.89 15.68 6.31
C GLY B 407 19.71 14.93 5.02
N LEU B 408 19.94 15.63 3.91
CA LEU B 408 19.79 15.06 2.58
C LEU B 408 21.12 14.67 1.93
N GLU B 409 22.22 14.75 2.67
CA GLU B 409 23.51 14.38 2.12
C GLU B 409 23.56 12.88 1.77
N ASN B 410 24.64 12.48 1.10
CA ASN B 410 24.81 11.07 0.75
C ASN B 410 25.04 10.26 2.05
N SER B 411 24.28 9.18 2.24
CA SER B 411 24.37 8.35 3.46
C SER B 411 25.77 7.80 3.75
N ASP B 412 26.50 7.42 2.74
CA ASP B 412 27.85 6.90 2.97
C ASP B 412 28.72 7.99 3.56
N ASP B 413 28.59 9.22 3.04
CA ASP B 413 29.35 10.34 3.55
C ASP B 413 28.96 10.63 4.99
N LEU B 414 27.67 10.56 5.28
CA LEU B 414 27.20 10.81 6.65
C LEU B 414 27.72 9.76 7.63
N ILE B 415 27.62 8.50 7.22
CA ILE B 415 28.08 7.38 8.05
C ILE B 415 29.55 7.52 8.30
N ALA B 416 30.31 7.83 7.26
CA ALA B 416 31.76 8.01 7.40
C ALA B 416 32.12 9.15 8.36
N ASP B 417 31.36 10.23 8.31
CA ASP B 417 31.63 11.37 9.19
C ASP B 417 31.35 10.93 10.64
N LEU B 418 30.24 10.25 10.87
CA LEU B 418 29.93 9.79 12.23
C LEU B 418 30.90 8.74 12.70
N LYS B 419 31.32 7.89 11.78
CA LYS B 419 32.25 6.85 12.12
C LYS B 419 33.54 7.43 12.67
N GLN B 420 34.14 8.36 11.96
CA GLN B 420 35.41 8.96 12.44
C GLN B 420 35.22 9.73 13.75
N ALA B 421 34.08 10.38 13.94
CA ALA B 421 33.82 11.12 15.18
C ALA B 421 33.65 10.15 16.38
N ILE B 422 32.83 9.11 16.19
CA ILE B 422 32.62 8.12 17.27
C ILE B 422 33.89 7.32 17.63
N GLU B 423 34.71 7.00 16.65
CA GLU B 423 35.94 6.21 16.87
C GLU B 423 37.09 7.04 17.39
N SER B 424 36.92 8.35 17.49
CA SER B 424 38.01 9.18 18.03
C SER B 424 37.96 9.19 19.52
N PHE C 4 27.71 61.42 17.65
CA PHE C 4 26.99 61.76 16.38
C PHE C 4 25.50 62.10 16.55
N ASN C 5 24.94 62.78 15.55
CA ASN C 5 23.53 63.15 15.55
C ASN C 5 22.62 61.97 15.16
N LYS C 6 21.35 62.07 15.52
CA LYS C 6 20.36 61.01 15.23
C LYS C 6 20.35 60.55 13.79
N GLU C 7 20.37 61.50 12.87
CA GLU C 7 20.36 61.16 11.46
C GLU C 7 21.52 60.22 11.13
N THR C 8 22.69 60.51 11.71
CA THR C 8 23.87 59.73 11.48
C THR C 8 23.79 58.33 12.09
N LEU C 9 23.20 58.25 13.29
CA LEU C 9 23.05 57.00 14.01
C LEU C 9 22.08 56.05 13.34
N ALA C 10 21.20 56.57 12.48
CA ALA C 10 20.24 55.71 11.79
C ALA C 10 20.90 55.06 10.58
N LEU C 11 22.11 55.51 10.28
CA LEU C 11 22.91 55.05 9.14
C LEU C 11 24.22 54.29 9.45
N HIS C 12 24.78 54.58 10.61
CA HIS C 12 26.02 53.99 11.08
C HIS C 12 25.89 53.52 12.52
N GLY C 13 26.45 52.36 12.83
CA GLY C 13 26.38 51.81 14.18
C GLY C 13 25.83 50.39 14.29
N ALA C 14 26.18 49.72 15.37
CA ALA C 14 25.73 48.36 15.65
C ALA C 14 25.97 47.34 14.53
N TYR C 15 26.90 47.61 13.63
CA TYR C 15 27.23 46.73 12.50
C TYR C 15 28.66 47.05 12.11
N ASN C 16 29.58 46.14 12.35
CA ASN C 16 31.00 46.37 12.03
C ASN C 16 31.54 45.75 10.74
N PHE C 17 30.69 45.22 9.87
CA PHE C 17 31.12 44.59 8.61
C PHE C 17 31.68 43.20 8.91
N ASP C 18 31.07 42.15 8.40
CA ASP C 18 31.62 40.82 8.66
C ASP C 18 32.88 40.62 7.78
N THR C 19 33.18 39.36 7.46
CA THR C 19 34.33 39.05 6.65
C THR C 19 34.24 39.67 5.23
N GLN C 20 33.05 39.65 4.64
CA GLN C 20 32.80 40.17 3.26
C GLN C 20 32.78 41.68 3.15
N ARG C 21 32.63 42.34 4.28
CA ARG C 21 32.63 43.79 4.32
C ARG C 21 31.59 44.47 3.42
N SER C 22 30.38 43.92 3.42
CA SER C 22 29.30 44.50 2.65
C SER C 22 28.86 45.76 3.39
N ILE C 23 28.65 46.84 2.67
CA ILE C 23 28.22 48.11 3.29
C ILE C 23 26.81 47.96 3.83
N SER C 24 25.97 47.25 3.10
CA SER C 24 24.63 47.00 3.53
C SER C 24 24.66 45.82 4.49
N VAL C 25 23.73 45.81 5.44
CA VAL C 25 23.65 44.72 6.38
C VAL C 25 23.13 43.49 5.66
N PRO C 26 23.82 42.35 5.80
CA PRO C 26 23.30 41.19 5.14
C PRO C 26 21.98 40.70 5.71
N ILE C 27 21.20 40.02 4.87
CA ILE C 27 19.93 39.46 5.28
C ILE C 27 20.17 38.01 5.67
N TYR C 28 20.12 37.77 6.97
CA TYR C 28 20.33 36.41 7.52
C TYR C 28 19.03 35.62 7.51
N GLN C 29 18.67 35.15 6.31
CA GLN C 29 17.44 34.35 6.06
C GLN C 29 17.89 32.98 6.56
N ASN C 30 17.88 32.88 7.88
CA ASN C 30 18.39 31.72 8.57
C ASN C 30 17.82 31.53 9.97
N THR C 31 17.66 30.28 10.38
CA THR C 31 17.10 30.00 11.72
C THR C 31 18.10 29.53 12.73
N ALA C 32 19.17 28.84 12.29
CA ALA C 32 20.16 28.31 13.23
C ALA C 32 21.59 28.69 12.93
N TYR C 33 22.43 28.45 13.94
CA TYR C 33 23.83 28.79 13.87
C TYR C 33 24.73 27.65 14.28
N ASN C 34 25.88 27.58 13.62
CA ASN C 34 26.84 26.54 13.88
C ASN C 34 27.76 26.94 15.04
N PHE C 35 27.54 26.32 16.20
CA PHE C 35 28.35 26.61 17.37
C PHE C 35 29.72 26.06 17.06
N GLU C 36 30.75 26.77 17.51
CA GLU C 36 32.15 26.35 17.26
C GLU C 36 32.57 25.13 18.06
N ASN C 37 31.88 24.87 19.17
CA ASN C 37 32.18 23.73 20.02
C ASN C 37 31.08 23.56 21.03
N LEU C 38 31.03 22.39 21.69
CA LEU C 38 29.96 22.14 22.66
C LEU C 38 29.93 23.11 23.87
N ASP C 39 31.08 23.55 24.36
CA ASP C 39 31.11 24.48 25.51
C ASP C 39 30.40 25.77 25.17
N GLN C 40 30.76 26.31 24.01
CA GLN C 40 30.18 27.55 23.53
C GLN C 40 28.68 27.47 23.49
N ALA C 41 28.19 26.37 22.94
CA ALA C 41 26.77 26.14 22.84
C ALA C 41 26.11 26.17 24.24
N ALA C 42 26.48 25.21 25.08
CA ALA C 42 25.94 25.10 26.43
C ALA C 42 26.09 26.43 27.17
N ALA C 43 27.22 27.09 27.02
CA ALA C 43 27.41 28.38 27.68
C ALA C 43 26.34 29.38 27.23
N ARG C 44 25.96 29.36 25.96
CA ARG C 44 24.92 30.29 25.46
C ARG C 44 23.55 29.92 26.01
N PHE C 45 23.25 28.63 26.08
CA PHE C 45 21.95 28.20 26.63
C PHE C 45 21.79 28.54 28.13
N ASN C 46 22.89 28.82 28.81
CA ASN C 46 22.92 29.16 30.25
C ASN C 46 23.08 30.62 30.54
N LEU C 47 23.03 31.44 29.52
CA LEU C 47 23.21 32.88 29.68
C LEU C 47 24.61 33.26 30.18
N GLN C 48 25.55 32.32 30.21
CA GLN C 48 26.90 32.66 30.65
C GLN C 48 27.56 33.47 29.54
N GLU C 49 27.48 33.00 28.30
CA GLU C 49 28.06 33.81 27.17
C GLU C 49 26.90 34.26 26.18
N LEU C 50 26.92 35.53 25.79
CA LEU C 50 25.89 36.05 24.89
C LEU C 50 26.27 35.72 23.44
N GLY C 51 25.27 35.45 22.61
CA GLY C 51 25.55 35.11 21.21
C GLY C 51 24.39 34.43 20.50
N ASN C 52 24.63 34.10 19.23
CA ASN C 52 23.62 33.46 18.39
C ASN C 52 23.30 32.05 18.80
N ILE C 53 22.00 31.76 18.82
CA ILE C 53 21.50 30.46 19.19
C ILE C 53 20.49 29.95 18.20
N TYR C 54 19.38 30.68 18.10
CA TYR C 54 18.27 30.32 17.23
C TYR C 54 17.49 31.57 16.97
N SER C 55 17.11 31.76 15.71
CA SER C 55 16.38 32.97 15.27
C SER C 55 15.08 33.32 15.93
N ARG C 56 14.45 32.38 16.57
CA ARG C 56 13.23 32.76 17.28
C ARG C 56 13.56 33.71 18.42
N LEU C 57 14.79 33.60 18.94
CA LEU C 57 15.24 34.44 20.04
C LEU C 57 15.90 35.70 19.53
N SER C 58 16.85 35.53 18.61
CA SER C 58 17.55 36.66 18.05
C SER C 58 18.19 36.29 16.73
N ASN C 59 18.39 37.32 15.91
CA ASN C 59 18.98 37.22 14.60
C ASN C 59 19.87 38.45 14.37
N PRO C 60 21.06 38.25 13.79
CA PRO C 60 21.95 39.40 13.56
C PRO C 60 21.36 40.57 12.76
N THR C 61 20.53 40.29 11.76
CA THR C 61 19.93 41.37 10.96
C THR C 61 19.08 42.18 11.91
N SER C 62 18.18 41.50 12.61
CA SER C 62 17.31 42.20 13.56
C SER C 62 18.06 42.83 14.74
N ASP C 63 19.24 42.32 15.08
CA ASP C 63 20.00 42.89 16.22
C ASP C 63 20.48 44.28 15.87
N VAL C 64 20.90 44.45 14.62
CA VAL C 64 21.38 45.74 14.18
C VAL C 64 20.24 46.72 14.32
N LEU C 65 19.06 46.28 13.92
CA LEU C 65 17.85 47.12 13.98
C LEU C 65 17.54 47.53 15.40
N GLY C 66 17.57 46.57 16.29
CA GLY C 66 17.28 46.82 17.69
C GLY C 66 18.19 47.86 18.30
N GLN C 67 19.49 47.68 18.09
CA GLN C 67 20.46 48.59 18.67
C GLN C 67 20.37 49.98 18.05
N ARG C 68 20.20 50.06 16.74
CA ARG C 68 20.09 51.37 16.12
C ARG C 68 18.85 52.09 16.60
N LEU C 69 17.72 51.38 16.69
CA LEU C 69 16.50 52.02 17.22
C LEU C 69 16.75 52.55 18.63
N ALA C 70 17.51 51.80 19.43
CA ALA C 70 17.84 52.23 20.80
C ALA C 70 18.74 53.45 20.76
N ASN C 71 19.68 53.44 19.83
CA ASN C 71 20.60 54.55 19.68
C ASN C 71 19.88 55.81 19.27
N VAL C 72 18.95 55.73 18.33
CA VAL C 72 18.25 56.96 17.89
C VAL C 72 17.36 57.49 18.99
N GLU C 73 16.79 56.63 19.83
CA GLU C 73 15.96 57.08 20.92
C GLU C 73 16.76 57.56 22.15
N GLY C 74 18.05 57.25 22.20
CA GLY C 74 18.87 57.62 23.35
C GLY C 74 18.69 56.60 24.47
N GLY C 75 18.25 55.40 24.13
CA GLY C 75 18.03 54.34 25.10
C GLY C 75 19.21 53.38 25.18
N ALA C 76 19.05 52.29 25.90
CA ALA C 76 20.13 51.29 26.07
C ALA C 76 20.11 50.04 25.16
N PHE C 77 18.95 49.42 25.05
CA PHE C 77 18.82 48.22 24.27
C PHE C 77 17.42 48.15 23.63
N GLY C 78 17.35 47.58 22.44
CA GLY C 78 16.09 47.45 21.74
C GLY C 78 15.88 46.06 21.19
N ILE C 79 14.62 45.63 21.19
CA ILE C 79 14.25 44.33 20.73
C ILE C 79 13.13 44.33 19.73
N PRO C 80 13.43 43.90 18.50
CA PRO C 80 12.41 43.85 17.49
C PRO C 80 11.59 42.59 17.56
N VAL C 81 10.30 42.72 17.29
CA VAL C 81 9.34 41.64 17.36
C VAL C 81 8.47 41.66 16.15
N ALA C 82 7.62 40.64 16.00
CA ALA C 82 6.74 40.52 14.80
C ALA C 82 5.80 41.66 14.44
N SER C 83 5.38 42.43 15.42
CA SER C 83 4.49 43.54 15.15
C SER C 83 4.43 44.50 16.32
N GLY C 84 3.82 45.66 16.07
CA GLY C 84 3.65 46.69 17.08
C GLY C 84 2.78 46.16 18.21
N ALA C 86 2.46 43.05 19.07
CA ALA C 86 3.28 42.12 19.84
C ALA C 86 4.18 42.88 20.81
N ALA C 87 4.70 44.02 20.36
CA ALA C 87 5.57 44.86 21.19
C ALA C 87 4.79 45.39 22.41
N CYS C 88 3.56 45.87 22.18
CA CYS C 88 2.75 46.35 23.28
C CYS C 88 2.44 45.18 24.27
N PHE C 89 2.01 44.05 23.73
CA PHE C 89 1.70 42.85 24.51
C PHE C 89 2.92 42.42 25.36
N TYR C 90 4.06 42.21 24.71
CA TYR C 90 5.31 41.82 25.37
C TYR C 90 5.75 42.80 26.44
N ALA C 91 5.56 44.10 26.20
CA ALA C 91 5.96 45.12 27.19
C ALA C 91 5.09 45.01 28.48
N LEU C 92 3.79 44.81 28.29
CA LEU C 92 2.85 44.68 29.42
C LEU C 92 3.04 43.38 30.24
N ILE C 93 3.02 42.23 29.56
CA ILE C 93 3.21 40.97 30.25
C ILE C 93 4.60 40.84 30.85
N ASN C 94 5.57 41.61 30.39
CA ASN C 94 6.91 41.50 30.98
C ASN C 94 6.91 42.19 32.34
N LEU C 95 5.85 42.95 32.59
CA LEU C 95 5.66 43.69 33.83
C LEU C 95 4.51 43.20 34.70
N ALA C 96 3.41 42.78 34.08
CA ALA C 96 2.22 42.30 34.81
C ALA C 96 1.88 40.85 34.51
N SER C 97 1.40 40.17 35.54
CA SER C 97 0.98 38.78 35.45
C SER C 97 -0.42 38.67 36.10
N SER C 98 -1.00 37.48 36.07
CA SER C 98 -2.33 37.27 36.61
C SER C 98 -2.52 37.86 38.02
N GLY C 99 -3.61 38.61 38.20
CA GLY C 99 -3.91 39.26 39.46
C GLY C 99 -3.43 40.72 39.53
N ASP C 100 -2.63 41.14 38.57
CA ASP C 100 -2.12 42.50 38.55
C ASP C 100 -3.00 43.38 37.67
N ASN C 101 -2.72 44.68 37.67
CA ASN C 101 -3.46 45.60 36.84
C ASN C 101 -2.48 46.55 36.19
N VAL C 102 -2.95 47.16 35.12
CA VAL C 102 -2.13 48.13 34.37
C VAL C 102 -3.00 49.33 34.09
N ALA C 103 -2.39 50.49 34.12
CA ALA C 103 -3.09 51.75 33.88
C ALA C 103 -2.82 52.15 32.43
N TYR C 104 -3.88 52.52 31.73
CA TYR C 104 -3.73 52.90 30.34
C TYR C 104 -4.53 54.14 29.94
N SER C 105 -3.94 54.91 29.03
CA SER C 105 -4.55 56.11 28.53
C SER C 105 -5.84 55.82 27.75
N ASN C 106 -6.82 56.70 27.94
CA ASN C 106 -8.11 56.58 27.29
C ASN C 106 -8.00 57.04 25.84
N LYS C 107 -6.84 57.59 25.47
CA LYS C 107 -6.63 58.05 24.09
C LYS C 107 -5.47 57.32 23.43
N ILE C 108 -5.77 56.14 22.89
CA ILE C 108 -4.79 55.31 22.23
C ILE C 108 -5.34 54.56 21.03
N TYR C 109 -4.42 53.86 20.34
CA TYR C 109 -4.74 53.05 19.20
C TYR C 109 -5.79 52.00 19.60
N GLY C 110 -6.85 51.92 18.80
CA GLY C 110 -7.96 51.00 19.02
C GLY C 110 -7.56 49.56 19.30
N GLY C 111 -6.61 49.05 18.53
CA GLY C 111 -6.13 47.71 18.72
C GLY C 111 -5.50 47.56 20.09
N THR C 112 -4.67 48.54 20.48
CA THR C 112 -4.02 48.47 21.79
C THR C 112 -5.08 48.58 22.90
N GLN C 113 -6.15 49.29 22.63
CA GLN C 113 -7.22 49.47 23.61
C GLN C 113 -7.93 48.14 23.84
N THR C 114 -8.22 47.44 22.74
CA THR C 114 -8.88 46.13 22.82
C THR C 114 -7.95 45.13 23.54
N LEU C 115 -6.67 45.12 23.17
CA LEU C 115 -5.67 44.27 23.80
C LEU C 115 -5.66 44.44 25.32
N ILE C 116 -5.54 45.66 25.73
CA ILE C 116 -5.49 45.98 27.14
C ILE C 116 -6.80 45.83 27.90
N SER C 117 -7.89 46.42 27.41
CA SER C 117 -9.19 46.36 28.13
C SER C 117 -9.98 45.04 27.98
N HIS C 118 -9.73 44.25 26.95
CA HIS C 118 -10.47 42.99 26.78
C HIS C 118 -9.61 41.73 26.74
N THR C 119 -8.71 41.64 25.77
CA THR C 119 -7.86 40.46 25.62
C THR C 119 -7.01 40.08 26.83
N LEU C 120 -6.41 41.06 27.52
CA LEU C 120 -5.59 40.73 28.69
C LEU C 120 -6.38 40.11 29.86
N LYS C 121 -7.72 40.28 29.87
CA LYS C 121 -8.54 39.69 30.94
C LYS C 121 -8.34 38.19 30.95
N ASN C 122 -8.30 37.61 29.76
CA ASN C 122 -8.11 36.17 29.60
C ASN C 122 -6.89 35.68 30.36
N PHE C 123 -5.93 36.57 30.61
CA PHE C 123 -4.74 36.16 31.32
C PHE C 123 -4.74 36.67 32.75
N GLY C 124 -5.91 37.08 33.22
CA GLY C 124 -6.09 37.58 34.58
C GLY C 124 -5.42 38.91 34.85
N ILE C 125 -5.29 39.73 33.80
CA ILE C 125 -4.67 41.03 33.90
C ILE C 125 -5.73 42.09 33.72
N GLU C 126 -5.95 42.83 34.81
CA GLU C 126 -6.95 43.89 34.86
C GLU C 126 -6.45 45.17 34.23
N ALA C 127 -7.34 45.86 33.54
CA ALA C 127 -7.01 47.14 32.90
C ALA C 127 -7.81 48.28 33.52
N ARG C 128 -7.13 49.39 33.82
CA ARG C 128 -7.73 50.58 34.43
C ARG C 128 -7.42 51.82 33.63
N GLU C 129 -8.45 52.32 32.96
CA GLU C 129 -8.37 53.50 32.12
C GLU C 129 -8.09 54.79 32.90
N PHE C 130 -7.44 55.76 32.27
CA PHE C 130 -7.20 57.04 32.93
C PHE C 130 -7.22 58.08 31.80
N ASP C 131 -7.47 59.33 32.17
CA ASP C 131 -7.54 60.44 31.22
C ASP C 131 -6.21 61.20 31.19
N ILE C 132 -5.54 61.19 30.04
CA ILE C 132 -4.25 61.91 29.94
C ILE C 132 -4.43 63.39 30.14
N ASP C 133 -5.64 63.90 29.91
CA ASP C 133 -5.92 65.33 30.08
C ASP C 133 -6.21 65.72 31.53
N ASP C 134 -6.37 64.74 32.42
CA ASP C 134 -6.65 65.00 33.83
C ASP C 134 -5.90 63.94 34.65
N LEU C 135 -4.62 64.17 34.86
CA LEU C 135 -3.78 63.21 35.57
C LEU C 135 -4.17 62.79 36.98
N ASP C 136 -5.02 63.53 37.66
CA ASP C 136 -5.42 63.11 38.98
C ASP C 136 -6.10 61.75 38.80
N SER C 137 -6.74 61.55 37.63
CA SER C 137 -7.43 60.30 37.33
C SER C 137 -6.47 59.11 37.31
N LEU C 138 -5.19 59.39 37.07
CA LEU C 138 -4.20 58.33 37.07
C LEU C 138 -3.89 57.90 38.52
N GLU C 139 -3.65 58.87 39.40
CA GLU C 139 -3.35 58.58 40.85
C GLU C 139 -4.43 57.69 41.41
N LYS C 140 -5.64 58.06 41.09
CA LYS C 140 -6.82 57.37 41.51
C LYS C 140 -6.88 55.88 41.24
N VAL C 141 -6.46 55.45 40.05
CA VAL C 141 -6.52 54.03 39.70
C VAL C 141 -5.29 53.22 40.11
N ILE C 142 -4.27 53.89 40.66
CA ILE C 142 -3.06 53.19 41.09
C ILE C 142 -3.14 52.52 42.46
N ASP C 143 -2.63 51.28 42.52
CA ASP C 143 -2.56 50.52 43.80
C ASP C 143 -1.21 49.75 43.76
N GLN C 144 -0.94 48.88 44.73
CA GLN C 144 0.36 48.17 44.77
C GLN C 144 0.48 47.09 43.73
N ASN C 145 -0.64 46.78 43.08
CA ASN C 145 -0.71 45.76 42.03
C ASN C 145 -0.58 46.34 40.59
N THR C 146 -0.57 47.67 40.49
CA THR C 146 -0.43 48.35 39.23
C THR C 146 1.03 48.19 38.78
N LYS C 147 1.24 47.52 37.64
CA LYS C 147 2.60 47.27 37.16
C LYS C 147 3.08 48.11 35.99
N ALA C 148 2.16 48.79 35.33
CA ALA C 148 2.55 49.64 34.21
C ALA C 148 1.57 50.79 33.93
N ILE C 149 2.13 51.87 33.37
CA ILE C 149 1.39 53.07 33.01
C ILE C 149 1.67 53.22 31.51
N PHE C 150 0.63 52.97 30.73
CA PHE C 150 0.75 53.01 29.28
C PHE C 150 0.04 54.16 28.61
N PHE C 151 0.74 54.79 27.68
CA PHE C 151 0.19 55.91 26.94
C PHE C 151 0.95 56.13 25.64
N GLU C 152 0.39 56.98 24.77
CA GLU C 152 1.00 57.33 23.49
C GLU C 152 1.51 58.79 23.58
N SER C 153 2.65 59.05 22.93
CA SER C 153 3.24 60.37 22.93
C SER C 153 2.37 61.34 22.12
N LEU C 154 1.90 60.85 21.00
CA LEU C 154 1.05 61.59 20.06
C LEU C 154 0.01 60.53 19.71
N SER C 155 -1.21 60.69 20.23
CA SER C 155 -2.26 59.64 20.05
C SER C 155 -2.91 59.48 18.73
N ASN C 156 -3.36 58.25 18.53
CA ASN C 156 -4.01 57.79 17.31
C ASN C 156 -5.45 57.42 17.62
N PRO C 157 -6.41 58.08 16.99
CA PRO C 157 -6.43 59.15 16.00
C PRO C 157 -6.67 60.55 16.46
N GLN C 158 -6.75 60.80 17.77
CA GLN C 158 -7.02 62.17 18.24
C GLN C 158 -5.85 63.13 18.12
N ILE C 159 -4.64 62.61 17.99
CA ILE C 159 -3.47 63.44 17.89
C ILE C 159 -3.37 64.17 19.25
N ALA C 160 -3.63 63.44 20.32
CA ALA C 160 -3.55 64.02 21.64
C ALA C 160 -2.14 63.86 22.18
N ILE C 161 -1.59 64.95 22.67
CA ILE C 161 -0.23 64.96 23.23
C ILE C 161 -0.22 64.83 24.73
N ALA C 162 0.54 63.84 25.20
CA ALA C 162 0.65 63.56 26.63
C ALA C 162 1.67 64.44 27.29
N ASP C 163 1.36 64.93 28.49
CA ASP C 163 2.30 65.78 29.20
C ASP C 163 3.18 64.76 29.93
N ILE C 164 4.19 64.33 29.22
CA ILE C 164 5.11 63.30 29.70
C ILE C 164 5.71 63.54 31.08
N GLU C 165 6.26 64.73 31.33
CA GLU C 165 6.88 65.07 32.63
C GLU C 165 5.99 64.80 33.82
N LYS C 166 4.71 65.11 33.67
CA LYS C 166 3.76 64.87 34.72
C LYS C 166 3.44 63.42 34.92
N ILE C 167 3.44 62.64 33.84
CA ILE C 167 3.17 61.22 33.95
C ILE C 167 4.36 60.60 34.65
N ASN C 168 5.54 61.05 34.26
CA ASN C 168 6.77 60.58 34.84
C ASN C 168 6.80 60.80 36.36
N GLN C 169 6.41 62.00 36.81
CA GLN C 169 6.40 62.31 38.24
C GLN C 169 5.65 61.29 39.02
N ILE C 170 4.42 61.07 38.59
CA ILE C 170 3.54 60.12 39.23
C ILE C 170 4.10 58.72 39.20
N ALA C 171 4.62 58.34 38.04
CA ALA C 171 5.20 57.02 37.87
C ALA C 171 6.43 56.83 38.75
N LYS C 172 7.33 57.81 38.77
CA LYS C 172 8.53 57.70 39.59
C LYS C 172 8.23 57.66 41.07
N LYS C 173 7.18 58.37 41.47
CA LYS C 173 6.80 58.41 42.87
C LYS C 173 6.41 57.02 43.37
N HIS C 174 5.51 56.35 42.65
CA HIS C 174 5.06 55.02 43.02
C HIS C 174 6.01 53.88 42.58
N LYS C 175 7.12 54.21 41.92
CA LYS C 175 8.07 53.20 41.48
C LYS C 175 7.43 52.25 40.46
N ILE C 176 6.65 52.83 39.55
CA ILE C 176 5.99 52.08 38.49
C ILE C 176 6.66 52.36 37.10
N VAL C 177 6.80 51.30 36.31
CA VAL C 177 7.41 51.40 35.00
C VAL C 177 6.44 52.08 34.05
N SER C 178 6.92 53.12 33.35
CA SER C 178 6.11 53.85 32.38
C SER C 178 6.45 53.39 30.95
N ILE C 179 5.41 53.12 30.15
CA ILE C 179 5.55 52.68 28.78
C ILE C 179 4.96 53.71 27.82
N CYS C 180 5.79 54.23 26.91
CA CYS C 180 5.35 55.19 25.92
C CYS C 180 5.41 54.66 24.49
N ASP C 181 4.28 54.67 23.80
CA ASP C 181 4.17 54.24 22.41
C ASP C 181 4.49 55.50 21.62
N ASN C 182 5.69 55.55 21.03
CA ASN C 182 6.15 56.73 20.29
C ASN C 182 6.10 56.54 18.78
N THR C 183 5.23 55.66 18.35
CA THR C 183 5.06 55.34 16.92
C THR C 183 4.82 56.51 15.97
N VAL C 184 3.83 57.32 16.27
CA VAL C 184 3.50 58.42 15.41
C VAL C 184 4.53 59.55 15.38
N ALA C 185 5.01 59.97 16.54
CA ALA C 185 5.99 61.06 16.60
C ALA C 185 7.32 60.68 15.99
N THR C 186 7.71 59.44 16.22
CA THR C 186 8.96 58.80 15.76
C THR C 186 10.06 59.35 16.67
N PRO C 187 11.18 58.66 16.72
CA PRO C 187 12.26 59.14 17.55
C PRO C 187 12.85 60.46 17.05
N PHE C 188 12.58 60.83 15.79
CA PHE C 188 13.14 62.07 15.25
C PHE C 188 12.39 63.31 15.60
N LEU C 189 11.15 63.18 16.07
CA LEU C 189 10.41 64.39 16.44
C LEU C 189 10.26 64.49 17.95
N LEU C 190 10.42 63.38 18.63
CA LEU C 190 10.26 63.35 20.07
C LEU C 190 11.04 62.22 20.70
N GLN C 191 11.70 62.52 21.81
CA GLN C 191 12.50 61.54 22.52
C GLN C 191 11.93 61.32 23.94
N PRO C 192 10.95 60.43 24.11
CA PRO C 192 10.38 60.23 25.45
C PRO C 192 11.40 59.94 26.55
N PHE C 193 12.50 59.27 26.23
CA PHE C 193 13.47 59.00 27.30
C PHE C 193 14.02 60.23 27.98
N LYS C 194 14.15 61.30 27.22
CA LYS C 194 14.65 62.54 27.73
C LYS C 194 13.69 63.01 28.85
N HIS C 195 12.45 62.56 28.85
CA HIS C 195 11.52 63.00 29.88
C HIS C 195 11.14 61.99 30.94
N GLY C 196 12.02 61.03 31.17
CA GLY C 196 11.80 60.03 32.21
C GLY C 196 11.11 58.75 31.87
N VAL C 197 10.76 58.56 30.60
CA VAL C 197 10.07 57.30 30.23
C VAL C 197 11.03 56.16 30.42
N ASP C 198 10.49 55.04 30.89
CA ASP C 198 11.25 53.80 31.15
C ASP C 198 11.37 52.87 29.94
N VAL C 199 10.22 52.63 29.31
CA VAL C 199 10.13 51.79 28.16
C VAL C 199 9.36 52.44 27.01
N ILE C 200 9.92 52.34 25.81
CA ILE C 200 9.30 52.86 24.59
C ILE C 200 8.92 51.73 23.62
N VAL C 201 7.68 51.76 23.13
CA VAL C 201 7.24 50.77 22.16
C VAL C 201 6.94 51.49 20.85
N HIS C 202 7.22 50.79 19.76
CA HIS C 202 7.00 51.32 18.43
C HIS C 202 6.41 50.32 17.51
N SER C 203 5.49 50.79 16.69
CA SER C 203 4.94 49.93 15.67
C SER C 203 5.85 50.35 14.52
N LEU C 204 6.85 49.57 14.21
CA LEU C 204 7.80 49.86 13.12
C LEU C 204 7.08 49.78 11.77
N SER C 205 5.97 49.09 11.78
N SER C 205 5.96 49.10 11.77
CA SER C 205 5.11 48.87 10.63
CA SER C 205 5.11 48.89 10.61
C SER C 205 4.65 50.20 9.98
C SER C 205 4.66 50.21 9.98
N TYR C 207 5.70 54.45 10.38
CA TYR C 207 6.74 55.35 9.85
C TYR C 207 8.13 54.81 9.58
N VAL C 208 8.62 53.90 10.43
CA VAL C 208 9.96 53.32 10.24
C VAL C 208 10.01 52.65 8.88
N SER C 209 8.97 51.88 8.56
CA SER C 209 8.86 51.21 7.27
C SER C 209 8.68 52.33 6.28
N GLY C 210 7.66 53.14 6.55
CA GLY C 210 7.32 54.32 5.73
C GLY C 210 6.73 54.07 4.37
N GLN C 211 6.54 52.79 4.07
CA GLN C 211 6.01 52.39 2.78
C GLN C 211 4.98 51.28 2.73
N GLY C 212 4.42 50.95 3.89
CA GLY C 212 3.39 49.90 4.00
C GLY C 212 3.82 48.54 3.54
N THR C 213 5.11 48.24 3.72
CA THR C 213 5.64 46.95 3.29
C THR C 213 6.17 46.00 4.33
N ALA C 214 6.41 46.42 5.55
CA ALA C 214 6.95 45.47 6.51
C ALA C 214 6.35 45.65 7.87
N LEU C 215 5.61 44.63 8.27
CA LEU C 215 4.96 44.60 9.56
C LEU C 215 6.07 44.35 10.60
N GLY C 216 6.03 45.06 11.70
CA GLY C 216 7.05 44.91 12.73
C GLY C 216 6.89 45.81 13.94
N GLY C 217 7.51 45.41 15.05
CA GLY C 217 7.45 46.20 16.28
C GLY C 217 8.78 46.18 17.05
N ALA C 218 8.88 47.03 18.06
CA ALA C 218 10.09 47.09 18.87
C ALA C 218 9.83 47.56 20.29
N LEU C 219 10.59 47.00 21.23
CA LEU C 219 10.50 47.38 22.65
C LEU C 219 11.88 47.92 22.94
N ILE C 220 11.94 49.13 23.45
CA ILE C 220 13.20 49.77 23.76
C ILE C 220 13.25 50.19 25.22
N GLU C 221 14.35 49.92 25.90
CA GLU C 221 14.45 50.28 27.30
C GLU C 221 15.49 51.39 27.49
N ARG C 222 15.23 52.23 28.48
CA ARG C 222 16.13 53.32 28.77
C ARG C 222 17.39 52.82 29.47
N LYS C 223 18.34 53.72 29.59
CA LYS C 223 19.56 53.41 30.28
C LYS C 223 19.24 53.37 31.77
N ASP C 224 19.85 52.44 32.48
CA ASP C 224 19.69 52.27 33.91
C ASP C 224 18.33 51.83 34.39
N LEU C 225 17.54 51.21 33.52
CA LEU C 225 16.21 50.72 33.96
C LEU C 225 16.31 49.67 35.10
N ASN C 226 17.44 48.96 35.19
CA ASN C 226 17.64 47.97 36.26
C ASN C 226 17.41 48.62 37.63
N ASP C 227 17.88 49.87 37.79
CA ASP C 227 17.73 50.65 39.04
C ASP C 227 16.28 50.62 39.52
N LEU C 228 15.34 50.71 38.62
CA LEU C 228 13.91 50.68 38.94
C LEU C 228 13.33 49.27 39.13
N LEU C 229 13.88 48.29 38.43
CA LEU C 229 13.36 46.90 38.53
C LEU C 229 13.99 46.08 39.65
N LYS C 230 15.30 46.21 39.80
CA LYS C 230 16.01 45.48 40.85
C LYS C 230 15.62 45.98 42.24
N ASN C 231 15.42 45.04 43.16
CA ASN C 231 15.04 45.35 44.55
C ASN C 231 13.80 46.22 44.65
N ASN C 232 12.81 45.92 43.83
CA ASN C 232 11.56 46.66 43.82
C ASN C 232 10.48 45.62 44.02
N ASP C 233 9.84 45.70 45.18
CA ASP C 233 8.77 44.77 45.61
C ASP C 233 7.60 44.70 44.65
N ARG C 234 7.48 45.69 43.80
CA ARG C 234 6.41 45.71 42.84
C ARG C 234 6.70 44.74 41.68
N TYR C 235 7.96 44.40 41.45
CA TYR C 235 8.33 43.49 40.35
C TYR C 235 9.11 42.24 40.79
N LYS C 236 8.38 41.26 41.31
CA LYS C 236 9.03 40.02 41.79
C LYS C 236 9.63 39.11 40.72
N ALA C 237 9.07 39.14 39.50
CA ALA C 237 9.59 38.33 38.42
C ALA C 237 11.08 38.67 38.17
N PHE C 238 11.50 39.90 38.46
CA PHE C 238 12.88 40.31 38.27
C PHE C 238 13.74 40.22 39.53
N ASN C 239 13.18 39.64 40.58
CA ASN C 239 13.88 39.50 41.87
C ASN C 239 13.67 38.17 42.58
N THR C 240 13.32 37.12 41.83
CA THR C 240 13.10 35.82 42.44
C THR C 240 13.68 34.72 41.56
N PRO C 241 14.23 33.66 42.18
CA PRO C 241 14.78 32.58 41.38
C PRO C 241 13.71 32.07 40.42
N ASP C 242 14.08 31.87 39.18
CA ASP C 242 13.13 31.42 38.17
C ASP C 242 13.35 29.95 37.85
N PRO C 243 12.30 29.14 38.03
CA PRO C 243 12.42 27.70 37.75
C PRO C 243 12.67 27.39 36.28
N SER C 244 12.17 28.24 35.37
CA SER C 244 12.39 27.97 33.95
C SER C 244 13.90 28.03 33.64
N TYR C 245 14.67 28.73 34.47
CA TYR C 245 16.14 28.85 34.31
C TYR C 245 16.98 28.36 35.48
N HIS C 246 16.61 27.21 36.00
CA HIS C 246 17.32 26.61 37.11
C HIS C 246 17.67 27.58 38.22
N GLY C 247 16.64 28.25 38.73
CA GLY C 247 16.80 29.20 39.83
C GLY C 247 17.43 30.55 39.57
N LEU C 248 17.79 30.82 38.33
CA LEU C 248 18.40 32.11 38.01
C LEU C 248 17.55 33.26 38.52
N ASN C 249 18.19 34.23 39.14
CA ASN C 249 17.49 35.41 39.66
C ASN C 249 18.02 36.58 38.82
N LEU C 250 17.13 37.20 38.06
CA LEU C 250 17.52 38.32 37.18
C LEU C 250 18.19 39.50 37.85
N ASN C 251 17.86 39.79 39.11
CA ASN C 251 18.49 40.94 39.76
C ASN C 251 19.99 40.73 39.97
N THR C 252 20.48 39.54 39.67
CA THR C 252 21.90 39.21 39.80
C THR C 252 22.70 39.54 38.54
N LEU C 253 22.01 39.84 37.43
CA LEU C 253 22.67 40.12 36.17
C LEU C 253 23.06 41.56 35.89
N ASP C 254 24.23 41.72 35.29
CA ASP C 254 24.72 43.03 34.93
C ASP C 254 24.40 43.17 33.41
N LEU C 255 23.10 43.21 33.11
CA LEU C 255 22.57 43.33 31.75
C LEU C 255 21.20 43.97 31.82
N PRO C 256 20.70 44.50 30.69
CA PRO C 256 19.38 45.11 30.71
C PRO C 256 18.42 43.94 30.92
N ILE C 257 18.04 43.75 32.17
CA ILE C 257 17.17 42.62 32.53
C ILE C 257 15.78 42.64 31.91
N PHE C 258 15.26 43.83 31.62
CA PHE C 258 13.92 43.92 31.03
C PHE C 258 13.99 43.26 29.65
N SER C 259 14.99 43.66 28.86
CA SER C 259 15.17 43.13 27.53
C SER C 259 15.51 41.63 27.58
N ILE C 260 16.34 41.26 28.56
CA ILE C 260 16.73 39.87 28.72
C ILE C 260 15.53 39.00 28.92
N ARG C 261 14.61 39.45 29.77
CA ARG C 261 13.43 38.63 30.00
C ARG C 261 12.60 38.52 28.71
N VAL C 262 12.46 39.61 27.97
CA VAL C 262 11.70 39.58 26.71
C VAL C 262 12.25 38.49 25.79
N ILE C 263 13.56 38.37 25.76
CA ILE C 263 14.20 37.35 24.94
C ILE C 263 14.11 35.91 25.45
N ILE C 264 14.63 35.67 26.66
CA ILE C 264 14.67 34.33 27.21
C ILE C 264 13.32 33.76 27.63
N THR C 265 12.33 34.63 27.74
CA THR C 265 11.01 34.14 28.12
C THR C 265 9.92 34.40 27.06
N TRP C 266 9.61 35.66 26.74
CA TRP C 266 8.54 35.97 25.79
C TRP C 266 8.80 35.60 24.34
N LEU C 267 9.99 35.91 23.82
CA LEU C 267 10.30 35.50 22.45
C LEU C 267 10.49 33.99 22.43
N ARG C 268 11.26 33.48 23.39
CA ARG C 268 11.52 32.05 23.42
C ARG C 268 10.30 31.16 23.54
N ASP C 269 9.39 31.53 24.41
CA ASP C 269 8.20 30.71 24.61
C ASP C 269 6.92 31.13 23.86
N LEU C 270 6.72 32.42 23.60
CA LEU C 270 5.52 32.87 22.90
C LEU C 270 5.79 33.00 21.40
N GLY C 271 7.05 33.23 21.06
CA GLY C 271 7.47 33.32 19.66
C GLY C 271 6.97 34.31 18.63
N ALA C 272 6.79 35.57 19.02
CA ALA C 272 6.34 36.62 18.09
C ALA C 272 7.61 37.25 17.49
N SER C 273 8.36 36.40 16.81
N SER C 273 8.34 36.41 16.77
CA SER C 273 9.62 36.76 16.20
CA SER C 273 9.59 36.80 16.14
C SER C 273 9.52 37.54 14.87
C SER C 273 9.48 37.59 14.88
N LEU C 274 10.40 38.52 14.73
CA LEU C 274 10.45 39.37 13.53
C LEU C 274 11.31 38.66 12.47
N ALA C 275 10.71 38.37 11.34
CA ALA C 275 11.40 37.72 10.25
C ALA C 275 12.55 38.60 9.72
N PRO C 276 13.64 37.99 9.29
CA PRO C 276 14.84 38.68 8.74
C PRO C 276 14.61 39.64 7.58
N GLN C 277 13.73 39.27 6.67
CA GLN C 277 13.45 40.13 5.52
C GLN C 277 12.75 41.42 6.03
N ASN C 278 11.80 41.28 6.94
CA ASN C 278 11.10 42.42 7.51
C ASN C 278 12.06 43.30 8.31
N ALA C 279 12.92 42.67 9.10
CA ALA C 279 13.91 43.40 9.88
C ALA C 279 14.83 44.21 8.97
N TRP C 280 15.30 43.60 7.90
CA TRP C 280 16.17 44.27 6.95
C TRP C 280 15.49 45.45 6.28
N LEU C 281 14.25 45.24 5.82
CA LEU C 281 13.47 46.33 5.20
C LEU C 281 13.31 47.47 6.20
N LEU C 282 13.01 47.12 7.45
CA LEU C 282 12.84 48.12 8.52
C LEU C 282 14.15 48.88 8.78
N LEU C 283 15.28 48.20 8.69
CA LEU C 283 16.54 48.88 8.81
C LEU C 283 16.67 49.89 7.69
N GLN C 284 16.27 49.49 6.48
CA GLN C 284 16.39 50.42 5.33
C GLN C 284 15.51 51.64 5.55
N GLY C 285 14.31 51.41 6.09
CA GLY C 285 13.39 52.51 6.33
C GLY C 285 13.95 53.42 7.38
N LEU C 286 14.58 52.83 8.39
CA LEU C 286 15.15 53.65 9.48
C LEU C 286 16.16 54.63 8.95
N GLU C 287 16.94 54.17 8.00
CA GLU C 287 17.95 55.02 7.39
C GLU C 287 17.39 56.33 6.81
N THR C 288 16.22 56.27 6.19
CA THR C 288 15.62 57.44 5.55
C THR C 288 14.49 58.12 6.31
N LEU C 289 14.15 57.63 7.50
CA LEU C 289 13.09 58.22 8.26
C LEU C 289 13.25 59.69 8.55
N ALA C 290 14.47 60.11 8.85
CA ALA C 290 14.67 61.53 9.16
C ALA C 290 14.25 62.43 8.03
N VAL C 291 14.61 62.10 6.80
CA VAL C 291 14.21 62.99 5.69
C VAL C 291 12.72 62.83 5.42
N ARG C 292 12.24 61.60 5.45
CA ARG C 292 10.81 61.35 5.20
C ARG C 292 9.83 62.00 6.18
N ILE C 293 10.09 61.87 7.48
CA ILE C 293 9.17 62.43 8.47
C ILE C 293 9.01 63.94 8.32
N GLU C 294 10.05 64.62 7.86
CA GLU C 294 9.95 66.07 7.65
C GLU C 294 8.95 66.38 6.51
N LYS C 295 9.01 65.63 5.40
CA LYS C 295 8.07 65.85 4.28
C LYS C 295 6.65 65.50 4.77
N HIS C 296 6.51 64.38 5.48
CA HIS C 296 5.20 64.01 5.97
C HIS C 296 4.64 65.17 6.77
N SER C 297 5.49 65.75 7.62
CA SER C 297 5.11 66.84 8.50
C SER C 297 4.76 68.11 7.75
N GLN C 298 5.60 68.50 6.82
CA GLN C 298 5.36 69.70 6.02
C GLN C 298 4.05 69.54 5.26
N ASN C 299 3.86 68.40 4.63
CA ASN C 299 2.60 68.18 3.92
C ASN C 299 1.39 68.22 4.86
N ALA C 300 1.49 67.57 6.01
CA ALA C 300 0.37 67.52 6.92
C ALA C 300 -0.08 68.88 7.36
N GLU C 301 0.90 69.74 7.63
CA GLU C 301 0.62 71.07 8.05
C GLU C 301 -0.16 71.84 6.98
N LYS C 302 0.26 71.75 5.74
CA LYS C 302 -0.44 72.43 4.67
C LYS C 302 -1.88 71.91 4.50
N VAL C 303 -2.05 70.60 4.60
CA VAL C 303 -3.36 70.00 4.47
C VAL C 303 -4.21 70.46 5.67
N ALA C 304 -3.61 70.49 6.85
CA ALA C 304 -4.32 70.94 8.01
C ALA C 304 -4.82 72.38 7.86
N ASN C 305 -3.94 73.27 7.39
CA ASN C 305 -4.30 74.67 7.19
C ASN C 305 -5.44 74.83 6.18
N PHE C 306 -5.36 74.03 5.12
CA PHE C 306 -6.39 74.03 4.08
C PHE C 306 -7.72 73.57 4.65
N LEU C 307 -7.72 72.45 5.35
CA LEU C 307 -8.96 71.94 5.93
C LEU C 307 -9.54 72.93 6.96
N ASN C 308 -8.66 73.52 7.76
CA ASN C 308 -9.03 74.45 8.78
C ASN C 308 -9.74 75.70 8.26
N SER C 309 -9.54 76.04 7.00
CA SER C 309 -10.18 77.23 6.42
C SER C 309 -11.34 76.93 5.49
N HIS C 310 -11.58 75.67 5.20
CA HIS C 310 -12.63 75.32 4.27
C HIS C 310 -13.97 75.32 4.99
N PRO C 311 -14.98 75.97 4.41
CA PRO C 311 -16.30 76.06 5.00
C PRO C 311 -17.03 74.74 5.24
N ASP C 312 -16.80 73.73 4.42
CA ASP C 312 -17.49 72.45 4.58
C ASP C 312 -16.85 71.54 5.66
N ILE C 313 -15.84 72.03 6.37
CA ILE C 313 -15.15 71.25 7.41
C ILE C 313 -15.45 71.86 8.76
N LYS C 314 -15.87 71.04 9.70
CA LYS C 314 -16.25 71.54 11.02
C LYS C 314 -15.26 71.49 12.15
N GLY C 315 -14.05 71.02 11.91
CA GLY C 315 -13.07 70.97 13.01
C GLY C 315 -11.88 70.16 12.56
N VAL C 316 -10.69 70.61 12.94
CA VAL C 316 -9.48 69.95 12.56
C VAL C 316 -8.60 69.70 13.76
N ASN C 317 -8.09 68.50 13.85
CA ASN C 317 -7.18 68.13 14.93
C ASN C 317 -5.73 67.94 14.46
N TYR C 318 -4.90 68.94 14.70
CA TYR C 318 -3.49 68.85 14.33
C TYR C 318 -2.78 69.85 15.24
N PRO C 319 -1.72 69.41 15.91
CA PRO C 319 -0.99 70.23 16.89
C PRO C 319 -0.36 71.56 16.44
N THR C 320 -0.07 71.73 15.16
CA THR C 320 0.54 72.95 14.73
C THR C 320 -0.47 74.09 14.69
N LEU C 321 -1.76 73.75 14.69
CA LEU C 321 -2.80 74.77 14.67
C LEU C 321 -2.83 75.46 16.05
N ALA C 322 -2.56 76.76 16.06
CA ALA C 322 -2.52 77.60 17.29
C ALA C 322 -3.72 77.51 18.22
N SER C 323 -4.88 77.21 17.66
CA SER C 323 -6.09 77.05 18.48
C SER C 323 -6.27 75.65 19.06
N ASN C 324 -5.45 74.72 18.61
CA ASN C 324 -5.59 73.34 19.08
C ASN C 324 -5.24 73.27 20.56
N ALA C 325 -5.95 72.41 21.27
CA ALA C 325 -5.76 72.22 22.71
C ALA C 325 -4.40 71.66 23.11
N TYR C 326 -3.72 71.00 22.19
CA TYR C 326 -2.44 70.42 22.48
C TYR C 326 -1.28 71.23 21.92
N HIS C 327 -1.57 72.42 21.41
CA HIS C 327 -0.53 73.27 20.78
C HIS C 327 0.60 73.63 21.74
N ASN C 328 0.28 74.00 22.97
CA ASN C 328 1.33 74.34 23.96
C ASN C 328 2.20 73.12 24.31
N LEU C 329 1.56 71.95 24.47
CA LEU C 329 2.30 70.72 24.74
C LEU C 329 3.17 70.41 23.55
N PHE C 330 2.68 70.73 22.35
CA PHE C 330 3.44 70.50 21.13
C PHE C 330 4.71 71.33 21.14
N LYS C 331 4.56 72.60 21.40
CA LYS C 331 5.71 73.51 21.46
C LYS C 331 6.67 73.12 22.58
N LYS C 332 6.14 72.58 23.65
CA LYS C 332 6.99 72.20 24.76
C LYS C 332 7.85 70.96 24.49
N TYR C 333 7.28 69.95 23.86
CA TYR C 333 8.00 68.71 23.62
C TYR C 333 8.61 68.43 22.26
N PHE C 334 8.16 69.12 21.21
CA PHE C 334 8.67 68.89 19.84
C PHE C 334 9.66 69.96 19.41
N ASP C 335 10.93 69.66 19.56
CA ASP C 335 12.01 70.61 19.25
C ASP C 335 12.14 71.07 17.77
N LYS C 336 11.87 70.19 16.81
CA LYS C 336 11.96 70.55 15.39
C LYS C 336 10.71 71.17 14.69
N ASN C 337 9.73 71.46 15.51
CA ASN C 337 8.49 72.05 15.06
C ASN C 337 7.76 71.32 13.93
N PHE C 338 7.82 70.00 13.97
CA PHE C 338 7.16 69.12 13.01
C PHE C 338 6.28 68.24 13.87
N ALA C 339 5.06 67.98 13.43
CA ALA C 339 4.11 67.17 14.21
C ALA C 339 3.67 65.84 13.61
N SER C 340 4.44 65.35 12.66
CA SER C 340 4.19 64.08 11.98
C SER C 340 3.05 64.16 10.93
N GLY C 341 2.70 63.02 10.34
CA GLY C 341 1.70 62.98 9.29
C GLY C 341 0.31 62.50 9.55
N LEU C 342 -0.07 62.39 10.80
CA LEU C 342 -1.40 61.95 11.11
C LEU C 342 -2.28 63.14 11.54
N LEU C 343 -3.51 63.18 11.08
CA LEU C 343 -4.41 64.25 11.50
C LEU C 343 -5.83 63.73 11.35
N SER C 344 -6.78 64.43 11.95
CA SER C 344 -8.18 64.03 11.79
C SER C 344 -9.00 65.29 11.66
N PHE C 345 -10.19 65.15 11.11
CA PHE C 345 -11.06 66.31 10.96
C PHE C 345 -12.52 65.87 10.99
N GLU C 346 -13.39 66.85 11.21
CA GLU C 346 -14.83 66.61 11.27
C GLU C 346 -15.49 67.05 9.98
N ALA C 347 -16.25 66.14 9.37
CA ALA C 347 -16.99 66.44 8.16
C ALA C 347 -18.30 67.05 8.65
N LYS C 348 -19.19 67.46 7.74
CA LYS C 348 -20.49 68.06 8.13
C LYS C 348 -21.28 67.06 8.97
N ASP C 349 -21.29 65.81 8.53
CA ASP C 349 -21.99 64.72 9.20
C ASP C 349 -21.54 63.35 8.63
N TYR C 350 -22.14 62.29 9.16
CA TYR C 350 -21.83 60.94 8.72
C TYR C 350 -21.88 60.77 7.20
N GLU C 351 -22.98 61.17 6.58
CA GLU C 351 -23.10 61.03 5.13
C GLU C 351 -22.00 61.75 4.33
N HIS C 352 -21.54 62.89 4.85
CA HIS C 352 -20.49 63.66 4.18
C HIS C 352 -19.16 62.95 4.34
N ALA C 353 -18.92 62.41 5.52
CA ALA C 353 -17.68 61.69 5.81
C ALA C 353 -17.50 60.47 4.91
N ARG C 354 -18.62 59.86 4.59
CA ARG C 354 -18.66 58.68 3.77
C ARG C 354 -18.44 59.09 2.29
N ARG C 355 -19.04 60.20 1.84
CA ARG C 355 -18.83 60.59 0.44
C ARG C 355 -17.36 60.89 0.20
N ILE C 356 -16.73 61.53 1.18
CA ILE C 356 -15.33 61.89 1.10
C ILE C 356 -14.50 60.65 0.93
N CYS C 357 -14.70 59.67 1.82
CA CYS C 357 -13.95 58.39 1.72
C CYS C 357 -14.16 57.67 0.40
N ASP C 358 -15.36 57.79 -0.17
CA ASP C 358 -15.67 57.16 -1.44
C ASP C 358 -15.22 57.98 -2.70
N LYS C 359 -14.86 59.26 -2.54
CA LYS C 359 -14.44 60.16 -3.64
C LYS C 359 -12.95 60.47 -3.83
N THR C 360 -12.14 60.30 -2.80
CA THR C 360 -10.70 60.57 -2.94
C THR C 360 -10.03 59.63 -3.90
N GLN C 361 -9.07 60.16 -4.66
CA GLN C 361 -8.32 59.40 -5.68
C GLN C 361 -6.87 59.17 -5.28
N LEU C 362 -6.28 60.07 -4.48
CA LEU C 362 -4.88 59.93 -4.03
C LEU C 362 -4.85 59.38 -2.65
N PHE C 363 -5.75 59.87 -1.80
CA PHE C 363 -5.86 59.34 -0.48
C PHE C 363 -6.53 57.99 -0.72
N LEU C 364 -5.83 56.92 -0.36
CA LEU C 364 -6.34 55.58 -0.53
C LEU C 364 -7.13 55.12 0.71
N LEU C 365 -8.35 54.67 0.49
CA LEU C 365 -9.20 54.20 1.55
C LEU C 365 -8.57 52.88 2.01
N ALA C 366 -7.99 52.92 3.18
CA ALA C 366 -7.32 51.78 3.76
C ALA C 366 -7.09 51.96 5.24
N ALA C 367 -6.67 50.89 5.90
CA ALA C 367 -6.43 50.93 7.33
C ALA C 367 -4.99 50.73 7.68
N ASN C 368 -4.26 51.82 7.67
CA ASN C 368 -2.86 51.82 7.99
C ASN C 368 -2.42 53.29 8.11
N LEU C 369 -1.20 53.55 8.54
CA LEU C 369 -0.75 54.93 8.61
C LEU C 369 0.77 54.95 8.49
N GLY C 370 1.29 56.07 8.02
CA GLY C 370 2.72 56.23 7.86
C GLY C 370 3.24 55.66 6.54
N ASP C 371 2.36 55.40 5.59
CA ASP C 371 2.77 54.88 4.29
C ASP C 371 3.19 56.12 3.49
N SER C 372 4.05 55.91 2.49
CA SER C 372 4.49 56.99 1.63
C SER C 372 3.30 57.49 0.77
N LYS C 373 2.30 56.64 0.58
CA LYS C 373 1.08 57.01 -0.12
C LYS C 373 0.08 57.47 0.94
N SER C 374 -0.63 58.55 0.64
CA SER C 374 -1.60 59.08 1.56
C SER C 374 -2.78 58.13 1.74
N LEU C 375 -3.28 58.05 2.97
CA LEU C 375 -4.40 57.17 3.28
C LEU C 375 -5.55 57.85 4.02
N ILE C 376 -6.73 57.25 3.90
CA ILE C 376 -7.93 57.79 4.55
C ILE C 376 -8.81 56.68 5.13
N ILE C 377 -9.49 56.98 6.24
CA ILE C 377 -10.42 56.05 6.93
C ILE C 377 -11.38 56.79 7.83
N HIS C 378 -12.49 56.12 8.11
CA HIS C 378 -13.56 56.62 8.97
C HIS C 378 -13.54 55.72 10.22
N PRO C 379 -12.81 56.12 11.28
CA PRO C 379 -12.64 55.39 12.56
C PRO C 379 -13.84 54.76 13.30
N ALA C 380 -14.93 55.49 13.45
CA ALA C 380 -16.07 54.90 14.14
C ALA C 380 -16.47 53.48 13.63
N SER C 381 -16.63 53.32 12.31
CA SER C 381 -17.02 52.04 11.70
C SER C 381 -15.83 51.13 11.28
N THR C 382 -14.63 51.47 11.74
CA THR C 382 -13.45 50.68 11.33
C THR C 382 -12.43 50.44 12.43
N THR C 383 -11.43 51.31 12.52
CA THR C 383 -10.35 51.18 13.51
C THR C 383 -10.78 51.21 14.98
N HIS C 384 -11.85 51.95 15.26
CA HIS C 384 -12.37 52.06 16.61
C HIS C 384 -13.80 51.55 16.63
N SER C 385 -14.05 50.62 15.70
CA SER C 385 -15.35 49.96 15.55
C SER C 385 -15.71 49.13 16.80
N GLN C 386 -14.71 48.58 17.46
CA GLN C 386 -14.92 47.76 18.65
C GLN C 386 -15.33 48.55 19.88
N LEU C 387 -14.87 49.81 19.99
CA LEU C 387 -15.20 50.66 21.15
C LEU C 387 -16.69 50.97 21.33
N SER C 388 -17.10 51.17 22.60
CA SER C 388 -18.49 51.48 22.94
C SER C 388 -18.81 52.89 22.47
N GLU C 389 -20.10 53.20 22.34
CA GLU C 389 -20.54 54.50 21.85
C GLU C 389 -20.00 55.62 22.78
N GLU C 390 -19.86 55.32 24.09
CA GLU C 390 -19.36 56.28 25.09
C GLU C 390 -17.81 56.35 25.10
N GLU C 391 -17.12 55.22 24.92
CA GLU C 391 -15.64 55.20 24.87
C GLU C 391 -15.15 56.07 23.71
N LEU C 392 -15.96 56.12 22.65
CA LEU C 392 -15.64 56.92 21.51
C LEU C 392 -15.57 58.38 21.85
N GLN C 393 -16.52 58.79 22.70
CA GLN C 393 -16.66 60.18 23.13
C GLN C 393 -15.53 60.51 24.08
N LYS C 394 -15.07 59.52 24.83
CA LYS C 394 -13.95 59.69 25.73
C LYS C 394 -12.64 59.97 24.97
N ALA C 395 -12.54 59.33 23.81
CA ALA C 395 -11.38 59.44 22.91
C ALA C 395 -11.55 60.60 21.93
N GLY C 396 -12.75 61.17 21.91
CA GLY C 396 -13.09 62.28 21.08
C GLY C 396 -13.30 61.91 19.63
N ILE C 397 -14.12 60.90 19.33
CA ILE C 397 -14.40 60.52 17.95
C ILE C 397 -15.90 60.62 17.70
N THR C 398 -16.30 61.01 16.50
CA THR C 398 -17.72 61.13 16.22
C THR C 398 -18.04 60.41 14.91
N LYS C 399 -19.29 60.38 14.51
CA LYS C 399 -19.67 59.75 13.25
C LYS C 399 -19.22 60.54 12.04
N ALA C 400 -18.82 61.79 12.26
CA ALA C 400 -18.39 62.67 11.19
C ALA C 400 -16.86 62.72 11.09
N THR C 401 -16.19 62.08 12.03
CA THR C 401 -14.72 62.05 12.08
C THR C 401 -14.01 61.23 11.02
N ILE C 402 -13.01 61.86 10.42
CA ILE C 402 -12.20 61.26 9.38
C ILE C 402 -10.78 61.38 9.80
N ARG C 403 -10.02 60.31 9.57
CA ARG C 403 -8.62 60.31 9.90
C ARG C 403 -7.82 60.23 8.60
N LEU C 404 -6.77 61.04 8.49
CA LEU C 404 -5.93 61.02 7.32
C LEU C 404 -4.48 60.73 7.66
N SER C 405 -3.80 59.97 6.79
CA SER C 405 -2.39 59.66 6.98
C SER C 405 -1.77 60.40 5.80
N ILE C 406 -1.04 61.46 6.09
CA ILE C 406 -0.46 62.27 5.02
C ILE C 406 0.83 61.69 4.50
N GLY C 407 0.83 61.43 3.21
CA GLY C 407 1.98 60.83 2.55
C GLY C 407 3.05 61.77 2.08
N LEU C 408 3.85 61.30 1.10
CA LEU C 408 4.94 62.09 0.56
C LEU C 408 4.61 62.73 -0.79
N GLU C 409 3.35 62.65 -1.23
CA GLU C 409 2.96 63.23 -2.52
C GLU C 409 3.06 64.74 -2.50
N ASN C 410 2.90 65.35 -3.68
CA ASN C 410 2.95 66.81 -3.76
C ASN C 410 1.72 67.37 -3.03
N SER C 411 1.94 68.32 -2.13
CA SER C 411 0.85 68.93 -1.35
C SER C 411 -0.29 69.54 -2.18
N ASP C 412 0.04 70.18 -3.27
CA ASP C 412 -1.01 70.76 -4.10
C ASP C 412 -1.92 69.67 -4.65
N ASP C 413 -1.32 68.58 -5.08
CA ASP C 413 -2.09 67.45 -5.58
C ASP C 413 -2.98 66.86 -4.49
N LEU C 414 -2.44 66.79 -3.27
CA LEU C 414 -3.21 66.24 -2.16
C LEU C 414 -4.39 67.11 -1.82
N ILE C 415 -4.11 68.41 -1.71
CA ILE C 415 -5.15 69.40 -1.39
C ILE C 415 -6.23 69.35 -2.43
N ALA C 416 -5.84 69.30 -3.71
CA ALA C 416 -6.83 69.23 -4.78
C ALA C 416 -7.69 67.99 -4.70
N ASP C 417 -7.10 66.86 -4.33
CA ASP C 417 -7.85 65.60 -4.22
C ASP C 417 -8.86 65.72 -3.06
N LEU C 418 -8.42 66.24 -1.92
CA LEU C 418 -9.33 66.43 -0.80
C LEU C 418 -10.38 67.47 -1.10
N LYS C 419 -10.00 68.50 -1.85
CA LYS C 419 -10.95 69.55 -2.18
C LYS C 419 -12.12 69.00 -2.96
N GLN C 420 -11.82 68.26 -4.02
CA GLN C 420 -12.92 67.72 -4.84
C GLN C 420 -13.80 66.72 -4.05
N ALA C 421 -13.19 65.95 -3.16
CA ALA C 421 -13.93 64.97 -2.39
C ALA C 421 -14.87 65.66 -1.39
N ILE C 422 -14.34 66.65 -0.69
CA ILE C 422 -15.09 67.43 0.26
C ILE C 422 -16.24 68.22 -0.34
N GLU C 423 -15.98 68.83 -1.48
CA GLU C 423 -16.98 69.66 -2.15
C GLU C 423 -18.05 68.87 -2.91
N SER C 424 -17.92 67.55 -2.96
CA SER C 424 -18.94 66.74 -3.65
C SER C 424 -20.22 66.51 -2.81
N ASN D 3 -10.46 35.53 101.35
CA ASN D 3 -9.67 35.54 100.13
C ASN D 3 -10.56 36.15 99.07
N PHE D 4 -11.09 35.29 98.19
CA PHE D 4 -11.93 35.71 97.06
C PHE D 4 -13.43 36.08 97.24
N ASN D 5 -13.99 36.73 96.21
CA ASN D 5 -15.41 37.11 96.22
C ASN D 5 -16.31 35.92 95.83
N LYS D 6 -17.57 36.04 96.19
CA LYS D 6 -18.56 34.99 95.92
C LYS D 6 -18.60 34.51 94.48
N GLU D 7 -18.53 35.45 93.56
CA GLU D 7 -18.59 35.09 92.16
C GLU D 7 -17.44 34.15 91.84
N THR D 8 -16.29 34.44 92.44
CA THR D 8 -15.10 33.66 92.19
C THR D 8 -15.18 32.28 92.81
N LEU D 9 -15.74 32.22 94.01
CA LEU D 9 -15.91 30.96 94.75
C LEU D 9 -16.90 30.00 94.08
N ALA D 10 -17.80 30.53 93.26
CA ALA D 10 -18.76 29.66 92.55
C ALA D 10 -18.07 28.99 91.35
N LEU D 11 -16.88 29.45 91.02
CA LEU D 11 -16.08 28.96 89.87
C LEU D 11 -14.78 28.20 90.18
N HIS D 12 -14.21 28.49 91.35
CA HIS D 12 -12.97 27.90 91.81
C HIS D 12 -13.10 27.45 93.24
N GLY D 13 -12.55 26.29 93.56
CA GLY D 13 -12.61 25.76 94.93
C GLY D 13 -13.20 24.35 95.03
N ALA D 14 -12.84 23.67 96.12
CA ALA D 14 -13.29 22.32 96.40
C ALA D 14 -13.06 21.31 95.28
N TYR D 15 -12.13 21.57 94.38
CA TYR D 15 -11.80 20.68 93.27
C TYR D 15 -10.33 20.96 92.83
N ASN D 16 -9.44 19.97 93.07
CA ASN D 16 -7.96 19.88 92.81
C ASN D 16 -7.48 19.45 91.51
N PHE D 17 -8.35 19.01 90.63
CA PHE D 17 -7.95 18.49 89.33
C PHE D 17 -7.37 17.11 89.67
N ASP D 18 -8.01 16.05 89.18
CA ASP D 18 -7.47 14.73 89.47
C ASP D 18 -6.25 14.49 88.54
N THR D 19 -5.95 13.24 88.24
CA THR D 19 -4.80 12.92 87.43
C THR D 19 -4.87 13.53 86.02
N GLN D 20 -6.06 13.52 85.45
CA GLN D 20 -6.29 14.02 84.09
C GLN D 20 -6.30 15.52 83.96
N ARG D 21 -6.47 16.20 85.08
CA ARG D 21 -6.47 17.67 85.12
C ARG D 21 -7.51 18.35 84.22
N SER D 22 -8.70 17.78 84.22
CA SER D 22 -9.79 18.33 83.44
C SER D 22 -10.24 19.60 84.18
N ILE D 23 -10.46 20.68 83.43
CA ILE D 23 -10.88 21.95 84.04
C ILE D 23 -12.26 21.81 84.61
N SER D 24 -13.10 21.09 83.88
CA SER D 24 -14.45 20.85 84.33
C SER D 24 -14.43 19.67 85.29
N VAL D 25 -15.35 19.66 86.25
CA VAL D 25 -15.44 18.58 87.22
C VAL D 25 -15.97 17.34 86.51
N PRO D 26 -15.29 16.22 86.66
CA PRO D 26 -15.80 15.05 85.99
C PRO D 26 -17.10 14.57 86.58
N ILE D 27 -17.89 13.89 85.74
CA ILE D 27 -19.17 13.34 86.16
C ILE D 27 -18.92 11.89 86.58
N TYR D 28 -18.94 11.66 87.90
CA TYR D 28 -18.75 10.33 88.42
C TYR D 28 -20.07 9.53 88.40
N GLN D 29 -20.46 9.06 87.21
CA GLN D 29 -21.69 8.28 87.01
C GLN D 29 -21.20 6.90 87.50
N ASN D 30 -21.20 6.79 88.84
CA ASN D 30 -20.70 5.64 89.55
C ASN D 30 -21.27 5.48 90.96
N THR D 31 -21.43 4.23 91.39
CA THR D 31 -21.99 3.97 92.72
C THR D 31 -20.99 3.48 93.73
N ALA D 32 -19.92 2.80 93.27
CA ALA D 32 -18.94 2.27 94.22
C ALA D 32 -17.51 2.64 93.92
N TYR D 33 -16.68 2.42 94.92
CA TYR D 33 -15.28 2.76 94.85
C TYR D 33 -14.36 1.60 95.25
N ASN D 34 -13.19 1.54 94.62
CA ASN D 34 -12.23 0.50 94.89
C ASN D 34 -11.35 0.86 96.06
N PHE D 35 -11.58 0.22 97.21
CA PHE D 35 -10.77 0.49 98.39
C PHE D 35 -9.40 -0.09 98.08
N GLU D 36 -8.35 0.61 98.51
CA GLU D 36 -6.95 0.18 98.26
C GLU D 36 -6.56 -1.05 99.08
N ASN D 37 -7.24 -1.29 100.20
CA ASN D 37 -6.96 -2.46 101.05
C ASN D 37 -8.06 -2.59 102.06
N LEU D 38 -8.14 -3.74 102.72
CA LEU D 38 -9.20 -3.96 103.71
C LEU D 38 -9.23 -2.99 104.89
N ASP D 39 -8.07 -2.58 105.38
CA ASP D 39 -8.04 -1.64 106.52
C ASP D 39 -8.71 -0.35 106.16
N GLN D 40 -8.33 0.19 105.00
CA GLN D 40 -8.89 1.43 104.52
C GLN D 40 -10.42 1.38 104.50
N ALA D 41 -10.94 0.28 103.95
CA ALA D 41 -12.36 0.08 103.84
C ALA D 41 -13.02 0.13 105.23
N ALA D 42 -12.64 -0.81 106.08
CA ALA D 42 -13.17 -0.89 107.43
C ALA D 42 -13.02 0.45 108.16
N ALA D 43 -11.88 1.09 107.99
CA ALA D 43 -11.66 2.36 108.64
C ALA D 43 -12.71 3.37 108.20
N ARG D 44 -13.10 3.34 106.92
CA ARG D 44 -14.12 4.28 106.41
C ARG D 44 -15.49 3.94 106.97
N PHE D 45 -15.80 2.65 107.07
CA PHE D 45 -17.10 2.25 107.63
C PHE D 45 -17.24 2.58 109.11
N ASN D 46 -16.12 2.85 109.79
CA ASN D 46 -16.08 3.22 111.22
C ASN D 46 -15.89 4.69 111.50
N LEU D 47 -15.92 5.49 110.46
CA LEU D 47 -15.74 6.94 110.62
C LEU D 47 -14.34 7.31 111.13
N GLN D 48 -13.41 6.35 111.15
CA GLN D 48 -12.07 6.69 111.58
C GLN D 48 -11.42 7.48 110.44
N GLU D 49 -11.57 7.01 109.21
CA GLU D 49 -11.00 7.73 108.07
C GLU D 49 -12.12 8.23 107.16
N LEU D 50 -12.03 9.48 106.72
CA LEU D 50 -13.05 10.01 105.78
C LEU D 50 -12.70 9.66 104.34
N GLY D 51 -13.71 9.41 103.53
CA GLY D 51 -13.47 9.05 102.13
C GLY D 51 -14.64 8.39 101.44
N ASN D 52 -14.41 8.07 100.17
CA ASN D 52 -15.44 7.43 99.36
C ASN D 52 -15.77 6.03 99.77
N ILE D 53 -17.06 5.76 99.79
CA ILE D 53 -17.58 4.44 100.18
C ILE D 53 -18.62 3.91 99.19
N TYR D 54 -19.72 4.65 99.07
CA TYR D 54 -20.83 4.29 98.21
C TYR D 54 -21.61 5.56 97.94
N SER D 55 -21.97 5.75 96.68
CA SER D 55 -22.68 6.97 96.21
C SER D 55 -23.99 7.33 96.89
N ARG D 56 -24.64 6.39 97.54
CA ARG D 56 -25.86 6.78 98.26
C ARG D 56 -25.51 7.74 99.41
N LEU D 57 -24.29 7.64 99.92
CA LEU D 57 -23.80 8.51 101.01
C LEU D 57 -23.13 9.76 100.48
N SER D 58 -22.17 9.58 99.55
CA SER D 58 -21.49 10.70 98.98
C SER D 58 -20.86 10.31 97.64
N ASN D 59 -20.68 11.32 96.80
CA ASN D 59 -20.09 11.20 95.46
C ASN D 59 -19.18 12.43 95.22
N PRO D 60 -18.00 12.24 94.62
CA PRO D 60 -17.09 13.36 94.39
C PRO D 60 -17.67 14.51 93.59
N THR D 61 -18.51 14.23 92.60
CA THR D 61 -19.11 15.31 91.82
C THR D 61 -19.97 16.13 92.75
N SER D 62 -20.89 15.45 93.46
CA SER D 62 -21.76 16.16 94.42
C SER D 62 -21.01 16.79 95.62
N ASP D 63 -19.84 16.27 95.97
CA ASP D 63 -19.04 16.85 97.07
C ASP D 63 -18.55 18.25 96.69
N VAL D 64 -18.11 18.39 95.44
CA VAL D 64 -17.62 19.68 94.98
C VAL D 64 -18.77 20.71 95.09
N LEU D 65 -19.97 20.28 94.69
CA LEU D 65 -21.17 21.11 94.75
C LEU D 65 -21.46 21.54 96.18
N GLY D 66 -21.43 20.57 97.08
CA GLY D 66 -21.71 20.84 98.51
C GLY D 66 -20.78 21.86 99.10
N GLN D 67 -19.49 21.68 98.89
CA GLN D 67 -18.51 22.59 99.46
C GLN D 67 -18.59 23.98 98.83
N ARG D 68 -18.77 24.05 97.53
CA ARG D 68 -18.89 25.35 96.89
C ARG D 68 -20.13 26.07 97.38
N LEU D 69 -21.25 25.37 97.49
CA LEU D 69 -22.47 26.03 98.00
C LEU D 69 -22.21 26.57 99.40
N ALA D 70 -21.46 25.82 100.19
CA ALA D 70 -21.11 26.26 101.54
C ALA D 70 -20.22 27.50 101.47
N ASN D 71 -19.27 27.47 100.57
CA ASN D 71 -18.35 28.59 100.39
C ASN D 71 -19.05 29.85 99.97
N VAL D 72 -19.97 29.77 99.01
CA VAL D 72 -20.68 30.98 98.59
C VAL D 72 -21.56 31.53 99.70
N GLU D 73 -22.12 30.67 100.54
CA GLU D 73 -22.98 31.12 101.65
C GLU D 73 -22.17 31.60 102.86
N GLY D 74 -20.88 31.30 102.89
CA GLY D 74 -20.03 31.69 104.01
C GLY D 74 -20.20 30.69 105.16
N GLY D 75 -20.66 29.47 104.83
CA GLY D 75 -20.88 28.42 105.82
C GLY D 75 -19.72 27.47 105.89
N ALA D 76 -19.87 26.38 106.61
CA ALA D 76 -18.78 25.38 106.78
C ALA D 76 -18.84 24.14 105.91
N PHE D 77 -20.00 23.54 105.82
CA PHE D 77 -20.13 22.31 105.05
C PHE D 77 -21.54 22.23 104.42
N GLY D 78 -21.61 21.63 103.24
CA GLY D 78 -22.89 21.50 102.54
C GLY D 78 -23.09 20.13 102.02
N ILE D 79 -24.35 19.71 102.03
CA ILE D 79 -24.74 18.38 101.57
C ILE D 79 -25.89 18.37 100.60
N PRO D 80 -25.60 17.98 99.36
CA PRO D 80 -26.65 17.91 98.37
C PRO D 80 -27.45 16.65 98.51
N VAL D 81 -28.73 16.80 98.24
CA VAL D 81 -29.68 15.74 98.30
C VAL D 81 -30.58 15.75 97.07
N ALA D 82 -31.43 14.73 96.94
CA ALA D 82 -32.29 14.59 95.73
C ALA D 82 -33.22 15.73 95.36
N SER D 83 -33.65 16.49 96.35
CA SER D 83 -34.55 17.60 96.08
C SER D 83 -34.61 18.54 97.24
N GLY D 84 -35.17 19.71 96.97
CA GLY D 84 -35.35 20.78 97.97
C GLY D 84 -36.23 20.25 99.12
N ALA D 86 -36.55 17.12 100.04
CA ALA D 86 -35.72 16.20 100.79
C ALA D 86 -34.81 16.96 101.72
N ALA D 87 -34.28 18.09 101.26
CA ALA D 87 -33.41 18.94 102.07
C ALA D 87 -34.19 19.48 103.30
N CYS D 88 -35.42 19.97 103.08
CA CYS D 88 -36.24 20.49 104.19
C CYS D 88 -36.54 19.36 105.18
N PHE D 89 -36.95 18.20 104.65
CA PHE D 89 -37.25 17.00 105.45
C PHE D 89 -36.04 16.57 106.30
N TYR D 90 -34.91 16.36 105.63
CA TYR D 90 -33.66 15.98 106.30
C TYR D 90 -33.21 16.97 107.37
N ALA D 91 -33.40 18.26 107.12
CA ALA D 91 -32.99 19.29 108.09
C ALA D 91 -33.85 19.21 109.38
N LEU D 92 -35.14 19.03 109.21
CA LEU D 92 -36.05 18.92 110.34
C LEU D 92 -35.84 17.62 111.15
N ILE D 93 -35.84 16.47 110.48
CA ILE D 93 -35.66 15.19 111.19
C ILE D 93 -34.29 15.05 111.78
N ASN D 94 -33.32 15.83 111.33
CA ASN D 94 -31.99 15.69 111.91
C ASN D 94 -31.98 16.38 113.26
N LEU D 95 -33.04 17.16 113.50
CA LEU D 95 -33.21 17.93 114.73
C LEU D 95 -34.37 17.47 115.63
N ALA D 96 -35.46 17.04 115.01
CA ALA D 96 -36.63 16.58 115.75
C ALA D 96 -36.98 15.13 115.47
N SER D 97 -37.46 14.45 116.51
CA SER D 97 -37.88 13.06 116.42
C SER D 97 -39.26 12.96 117.08
N SER D 98 -39.84 11.77 117.04
CA SER D 98 -41.16 11.58 117.61
C SER D 98 -41.31 12.19 119.03
N GLY D 99 -42.39 12.94 119.22
CA GLY D 99 -42.69 13.59 120.48
C GLY D 99 -42.21 15.04 120.55
N ASP D 100 -41.41 15.46 119.58
CA ASP D 100 -40.91 16.81 119.56
C ASP D 100 -41.81 17.69 118.68
N ASN D 101 -41.51 18.98 118.66
CA ASN D 101 -42.24 19.88 117.82
C ASN D 101 -41.29 20.85 117.14
N VAL D 102 -41.76 21.45 116.06
CA VAL D 102 -40.97 22.41 115.31
C VAL D 102 -41.84 23.60 115.05
N ALA D 103 -41.22 24.77 115.07
CA ALA D 103 -41.92 26.03 114.81
C ALA D 103 -41.68 26.41 113.34
N TYR D 104 -42.75 26.77 112.64
CA TYR D 104 -42.60 27.13 111.25
C TYR D 104 -43.40 28.37 110.84
N SER D 105 -42.85 29.13 109.92
CA SER D 105 -43.46 30.33 109.40
C SER D 105 -44.76 30.02 108.64
N ASN D 106 -45.72 30.91 108.80
CA ASN D 106 -47.02 30.79 108.16
C ASN D 106 -46.93 31.24 106.70
N LYS D 107 -45.78 31.76 106.31
CA LYS D 107 -45.57 32.21 104.93
C LYS D 107 -44.38 31.46 104.26
N ILE D 108 -44.69 30.27 103.76
CA ILE D 108 -43.71 29.42 103.09
C ILE D 108 -44.29 28.66 101.91
N TYR D 109 -43.39 27.94 101.23
CA TYR D 109 -43.72 27.13 100.10
C TYR D 109 -44.77 26.12 100.51
N GLY D 110 -45.82 26.03 99.71
CA GLY D 110 -46.95 25.12 99.93
C GLY D 110 -46.55 23.70 100.24
N GLY D 111 -45.61 23.18 99.47
CA GLY D 111 -45.15 21.83 99.68
C GLY D 111 -44.51 21.71 101.06
N THR D 112 -43.67 22.67 101.43
CA THR D 112 -43.01 22.61 102.72
C THR D 112 -44.05 22.72 103.84
N GLN D 113 -45.12 23.45 103.57
CA GLN D 113 -46.17 23.63 104.56
C GLN D 113 -46.88 22.32 104.81
N THR D 114 -47.18 21.61 103.74
CA THR D 114 -47.83 20.29 103.83
C THR D 114 -46.91 19.30 104.55
N LEU D 115 -45.65 19.30 104.18
CA LEU D 115 -44.65 18.44 104.82
C LEU D 115 -44.61 18.62 106.32
N ILE D 116 -44.49 19.85 106.72
CA ILE D 116 -44.42 20.18 108.13
C ILE D 116 -45.73 20.04 108.90
N SER D 117 -46.83 20.64 108.41
CA SER D 117 -48.12 20.58 109.15
C SER D 117 -48.89 19.27 109.01
N HIS D 118 -48.64 18.47 107.98
CA HIS D 118 -49.38 17.22 107.86
C HIS D 118 -48.53 15.96 107.81
N THR D 119 -47.66 15.86 106.83
CA THR D 119 -46.80 14.68 106.68
C THR D 119 -45.94 14.31 107.88
N LEU D 120 -45.31 15.27 108.52
CA LEU D 120 -44.49 14.96 109.71
C LEU D 120 -45.30 14.37 110.91
N LYS D 121 -46.63 14.54 110.95
CA LYS D 121 -47.43 13.97 112.05
C LYS D 121 -47.25 12.46 112.06
N ASN D 122 -47.23 11.87 110.85
CA ASN D 122 -47.04 10.43 110.69
C ASN D 122 -45.81 9.92 111.43
N PHE D 123 -44.86 10.81 111.67
CA PHE D 123 -43.66 10.40 112.37
C PHE D 123 -43.63 10.92 113.83
N GLY D 124 -44.80 11.37 114.31
CA GLY D 124 -44.94 11.87 115.66
C GLY D 124 -44.26 13.19 115.91
N ILE D 125 -44.15 14.00 114.85
CA ILE D 125 -43.52 15.31 114.94
C ILE D 125 -44.58 16.38 114.76
N GLU D 126 -44.79 17.13 115.84
CA GLU D 126 -45.78 18.18 115.89
C GLU D 126 -45.28 19.46 115.24
N ALA D 127 -46.19 20.14 114.55
CA ALA D 127 -45.85 21.40 113.90
C ALA D 127 -46.64 22.55 114.52
N ARG D 128 -45.94 23.66 114.78
CA ARG D 128 -46.54 24.86 115.38
C ARG D 128 -46.24 26.10 114.54
N GLU D 129 -47.27 26.59 113.87
CA GLU D 129 -47.23 27.76 113.05
C GLU D 129 -46.96 29.06 113.81
N PHE D 130 -46.31 30.02 113.15
CA PHE D 130 -46.06 31.32 113.80
C PHE D 130 -46.08 32.32 112.66
N ASP D 131 -46.33 33.58 113.02
CA ASP D 131 -46.42 34.65 112.07
C ASP D 131 -45.07 35.41 112.01
N ILE D 132 -44.41 35.40 110.85
CA ILE D 132 -43.13 36.12 110.72
C ILE D 132 -43.30 37.61 110.91
N ASP D 133 -44.51 38.12 110.69
CA ASP D 133 -44.78 39.56 110.85
C ASP D 133 -45.06 39.97 112.29
N ASP D 134 -45.19 39.01 113.20
CA ASP D 134 -45.46 39.27 114.59
C ASP D 134 -44.72 38.20 115.42
N LEU D 135 -43.45 38.44 115.64
CA LEU D 135 -42.60 37.50 116.35
C LEU D 135 -42.95 37.11 117.74
N ASP D 136 -43.79 37.86 118.42
CA ASP D 136 -44.18 37.46 119.76
C ASP D 136 -44.88 36.09 119.61
N SER D 137 -45.54 35.87 118.46
CA SER D 137 -46.24 34.61 118.18
C SER D 137 -45.26 33.43 118.17
N LEU D 138 -43.98 33.70 117.92
CA LEU D 138 -42.97 32.65 117.92
C LEU D 138 -42.64 32.24 119.37
N GLU D 139 -42.38 33.21 120.23
CA GLU D 139 -42.08 32.94 121.67
C GLU D 139 -43.16 32.06 122.27
N LYS D 140 -44.39 32.42 121.95
CA LYS D 140 -45.58 31.73 122.40
C LYS D 140 -45.64 30.22 122.15
N VAL D 141 -45.25 29.78 120.95
CA VAL D 141 -45.30 28.35 120.63
C VAL D 141 -44.07 27.56 121.04
N ILE D 142 -43.03 28.23 121.56
CA ILE D 142 -41.81 27.54 121.99
C ILE D 142 -41.87 26.88 123.36
N ASP D 143 -41.35 25.66 123.44
CA ASP D 143 -41.27 24.91 124.70
C ASP D 143 -39.93 24.16 124.68
N GLN D 144 -39.66 23.28 125.63
CA GLN D 144 -38.38 22.60 125.67
C GLN D 144 -38.26 21.48 124.64
N ASN D 145 -39.38 21.17 124.00
CA ASN D 145 -39.46 20.12 122.97
C ASN D 145 -39.35 20.67 121.54
N THR D 146 -39.32 22.00 121.42
CA THR D 146 -39.21 22.68 120.14
C THR D 146 -37.76 22.50 119.69
N LYS D 147 -37.58 21.81 118.57
CA LYS D 147 -36.22 21.55 118.06
C LYS D 147 -35.74 22.40 116.87
N ALA D 148 -36.65 23.11 116.22
CA ALA D 148 -36.27 23.92 115.07
C ALA D 148 -37.26 25.05 114.79
N ILE D 149 -36.71 26.13 114.24
CA ILE D 149 -37.46 27.33 113.86
C ILE D 149 -37.20 27.46 112.34
N PHE D 150 -38.25 27.21 111.55
CA PHE D 150 -38.17 27.22 110.12
C PHE D 150 -38.87 28.35 109.43
N PHE D 151 -38.17 28.98 108.48
CA PHE D 151 -38.72 30.09 107.73
C PHE D 151 -37.97 30.30 106.44
N GLU D 152 -38.53 31.13 105.58
CA GLU D 152 -37.92 31.46 104.30
C GLU D 152 -37.41 32.91 104.37
N SER D 153 -36.29 33.17 103.72
CA SER D 153 -35.71 34.49 103.71
C SER D 153 -36.58 35.45 102.88
N LEU D 154 -37.06 34.94 101.76
CA LEU D 154 -37.91 35.68 100.82
C LEU D 154 -38.93 34.62 100.47
N SER D 155 -40.14 34.78 100.99
CA SER D 155 -41.18 33.74 100.81
C SER D 155 -41.83 33.57 99.47
N ASN D 156 -42.30 32.34 99.28
CA ASN D 156 -42.96 31.87 98.08
C ASN D 156 -44.41 31.52 98.39
N PRO D 157 -45.38 32.20 97.78
CA PRO D 157 -45.40 33.24 96.76
C PRO D 157 -45.65 34.66 97.22
N GLN D 158 -45.73 34.89 98.52
CA GLN D 158 -45.98 36.28 98.99
C GLN D 158 -44.80 37.25 98.85
N ILE D 159 -43.59 36.73 98.72
CA ILE D 159 -42.40 37.55 98.61
C ILE D 159 -42.28 38.29 99.96
N ALA D 160 -42.55 37.56 101.05
CA ALA D 160 -42.47 38.14 102.37
C ALA D 160 -41.07 37.98 102.90
N ILE D 161 -40.51 39.07 103.38
CA ILE D 161 -39.16 39.07 103.93
C ILE D 161 -39.16 38.96 105.43
N ALA D 162 -38.39 38.00 105.91
CA ALA D 162 -38.26 37.73 107.34
C ALA D 162 -37.22 38.64 107.98
N ASP D 163 -37.51 39.14 109.18
CA ASP D 163 -36.58 39.98 109.90
C ASP D 163 -35.69 38.96 110.62
N ILE D 164 -34.68 38.52 109.90
CA ILE D 164 -33.75 37.50 110.38
C ILE D 164 -33.12 37.77 111.75
N GLU D 165 -32.55 38.96 111.95
CA GLU D 165 -31.94 39.30 113.25
C GLU D 165 -32.84 39.03 114.48
N LYS D 166 -34.13 39.34 114.34
CA LYS D 166 -35.09 39.13 115.41
C LYS D 166 -35.41 37.69 115.62
N ILE D 167 -35.41 36.91 114.54
CA ILE D 167 -35.67 35.48 114.67
C ILE D 167 -34.47 34.87 115.39
N ASN D 168 -33.29 35.31 114.98
CA ASN D 168 -32.05 34.85 115.54
C ASN D 168 -31.99 35.10 117.05
N GLN D 169 -32.35 36.30 117.47
CA GLN D 169 -32.36 36.63 118.92
C GLN D 169 -33.12 35.61 119.71
N ILE D 170 -34.35 35.38 119.30
CA ILE D 170 -35.23 34.45 119.95
C ILE D 170 -34.66 33.05 119.93
N ALA D 171 -34.14 32.64 118.78
CA ALA D 171 -33.57 31.32 118.61
C ALA D 171 -32.34 31.12 119.48
N LYS D 172 -31.45 32.10 119.49
CA LYS D 172 -30.24 31.99 120.30
C LYS D 172 -30.54 31.97 121.79
N LYS D 173 -31.57 32.69 122.19
CA LYS D 173 -31.92 32.77 123.58
C LYS D 173 -32.30 31.37 124.10
N HIS D 174 -33.20 30.69 123.41
CA HIS D 174 -33.65 29.36 123.79
C HIS D 174 -32.72 28.24 123.37
N LYS D 175 -31.62 28.57 122.69
CA LYS D 175 -30.66 27.54 122.24
C LYS D 175 -31.29 26.58 121.22
N ILE D 176 -32.08 27.15 120.31
CA ILE D 176 -32.75 26.39 119.27
C ILE D 176 -32.11 26.64 117.90
N VAL D 177 -31.99 25.58 117.12
CA VAL D 177 -31.41 25.67 115.78
C VAL D 177 -32.38 26.32 114.83
N SER D 178 -31.91 27.36 114.13
CA SER D 178 -32.74 28.07 113.16
C SER D 178 -32.41 27.58 111.76
N ILE D 179 -33.45 27.31 110.98
CA ILE D 179 -33.35 26.84 109.60
C ILE D 179 -33.95 27.85 108.62
N CYS D 180 -33.12 28.36 107.70
CA CYS D 180 -33.57 29.31 106.71
C CYS D 180 -33.52 28.75 105.29
N ASP D 181 -34.65 28.78 104.59
CA ASP D 181 -34.77 28.34 103.22
C ASP D 181 -34.45 29.61 102.41
N ASN D 182 -33.27 29.65 101.82
CA ASN D 182 -32.80 30.84 101.06
C ASN D 182 -32.89 30.63 99.55
N THR D 183 -33.77 29.73 99.13
CA THR D 183 -33.94 29.40 97.71
C THR D 183 -34.17 30.54 96.76
N VAL D 184 -35.17 31.36 97.06
CA VAL D 184 -35.48 32.46 96.18
C VAL D 184 -34.46 33.61 96.13
N ALA D 185 -33.96 34.02 97.28
CA ALA D 185 -33.00 35.11 97.31
C ALA D 185 -31.67 34.72 96.69
N THR D 186 -31.28 33.47 96.93
CA THR D 186 -30.02 32.86 96.46
C THR D 186 -28.90 33.41 97.35
N PRO D 187 -27.77 32.70 97.43
CA PRO D 187 -26.69 33.20 98.26
C PRO D 187 -26.10 34.50 97.73
N PHE D 188 -26.38 34.86 96.49
CA PHE D 188 -25.84 36.08 95.93
C PHE D 188 -26.59 37.34 96.26
N LEU D 189 -27.81 37.24 96.75
CA LEU D 189 -28.55 38.44 97.12
C LEU D 189 -28.70 38.57 98.62
N LEU D 190 -28.55 37.46 99.32
CA LEU D 190 -28.70 37.43 100.76
C LEU D 190 -27.90 36.31 101.40
N GLN D 191 -27.25 36.61 102.52
CA GLN D 191 -26.44 35.62 103.23
C GLN D 191 -26.96 35.41 104.64
N PRO D 192 -27.95 34.53 104.79
CA PRO D 192 -28.50 34.33 106.14
C PRO D 192 -27.49 34.05 107.23
N PHE D 193 -26.39 33.37 106.92
CA PHE D 193 -25.41 33.11 107.97
C PHE D 193 -24.87 34.39 108.63
N LYS D 194 -24.76 35.46 107.86
CA LYS D 194 -24.31 36.72 108.40
C LYS D 194 -25.20 37.19 109.49
N HIS D 195 -26.46 36.74 109.50
CA HIS D 195 -27.35 37.18 110.53
C HIS D 195 -27.72 36.20 111.60
N GLY D 196 -26.83 35.25 111.85
CA GLY D 196 -27.04 34.26 112.90
C GLY D 196 -27.76 32.96 112.58
N VAL D 197 -28.13 32.74 111.31
CA VAL D 197 -28.80 31.50 110.97
C VAL D 197 -27.83 30.33 111.17
N ASP D 198 -28.37 29.22 111.65
CA ASP D 198 -27.60 28.01 111.89
C ASP D 198 -27.51 27.10 110.69
N VAL D 199 -28.66 26.85 110.08
CA VAL D 199 -28.77 25.97 108.94
C VAL D 199 -29.56 26.59 107.79
N ILE D 200 -28.99 26.48 106.59
CA ILE D 200 -29.63 26.99 105.38
C ILE D 200 -30.03 25.85 104.44
N VAL D 201 -31.26 25.90 103.96
CA VAL D 201 -31.70 24.89 102.99
C VAL D 201 -31.99 25.59 101.67
N HIS D 202 -31.73 24.88 100.58
CA HIS D 202 -31.97 25.41 99.25
C HIS D 202 -32.59 24.39 98.35
N SER D 203 -33.50 24.88 97.52
CA SER D 203 -34.06 24.02 96.52
C SER D 203 -33.17 24.42 95.36
N LEU D 204 -32.18 23.62 95.07
CA LEU D 204 -31.23 23.87 93.95
C LEU D 204 -31.93 23.79 92.60
N SER D 205 -33.05 23.09 92.61
N SER D 205 -33.06 23.10 92.61
CA SER D 205 -33.91 22.88 91.48
CA SER D 205 -33.91 22.90 91.47
C SER D 205 -34.37 24.20 90.83
C SER D 205 -34.34 24.21 90.82
N TYR D 207 -33.31 28.45 91.22
CA TYR D 207 -32.27 29.35 90.67
C TYR D 207 -30.88 28.80 90.38
N VAL D 208 -30.40 27.91 91.25
CA VAL D 208 -29.07 27.32 91.05
C VAL D 208 -29.03 26.63 89.69
N SER D 209 -30.08 25.87 89.38
CA SER D 209 -30.17 25.21 88.09
C SER D 209 -30.36 26.32 87.11
N GLY D 210 -31.37 27.14 87.36
CA GLY D 210 -31.70 28.28 86.54
C GLY D 210 -32.29 28.03 85.17
N GLN D 211 -32.48 26.75 84.86
CA GLN D 211 -33.01 26.34 83.58
C GLN D 211 -34.07 25.24 83.56
N GLY D 212 -34.62 24.92 84.71
CA GLY D 212 -35.65 23.89 84.85
C GLY D 212 -35.22 22.50 84.41
N THR D 213 -33.95 22.19 84.61
CA THR D 213 -33.41 20.90 84.19
C THR D 213 -32.87 19.94 85.23
N ALA D 214 -32.62 20.37 86.44
CA ALA D 214 -32.10 19.45 87.40
C ALA D 214 -32.69 19.65 88.75
N LEU D 215 -33.44 18.65 89.17
CA LEU D 215 -34.06 18.66 90.44
C LEU D 215 -32.95 18.42 91.45
N GLY D 216 -32.99 19.11 92.56
CA GLY D 216 -31.99 18.95 93.62
C GLY D 216 -32.15 19.87 94.83
N GLY D 217 -31.52 19.50 95.92
CA GLY D 217 -31.56 20.27 97.15
C GLY D 217 -30.25 20.25 97.91
N ALA D 218 -30.12 21.12 98.90
CA ALA D 218 -28.91 21.14 99.71
C ALA D 218 -29.17 21.62 101.13
N LEU D 219 -28.39 21.06 102.06
CA LEU D 219 -28.46 21.48 103.47
C LEU D 219 -27.07 22.00 103.74
N ILE D 220 -27.01 23.23 104.22
CA ILE D 220 -25.75 23.87 104.53
C ILE D 220 -25.68 24.29 105.99
N GLU D 221 -24.56 24.03 106.65
CA GLU D 221 -24.46 24.41 108.06
C GLU D 221 -23.41 25.50 108.25
N ARG D 222 -23.68 26.37 109.21
CA ARG D 222 -22.74 27.47 109.49
C ARG D 222 -21.52 26.99 110.19
N LYS D 223 -20.56 27.89 110.28
CA LYS D 223 -19.33 27.57 110.98
C LYS D 223 -19.63 27.54 112.46
N ASP D 224 -19.00 26.62 113.18
CA ASP D 224 -19.14 26.48 114.61
C ASP D 224 -20.52 26.04 115.10
N LEU D 225 -21.31 25.42 114.24
CA LEU D 225 -22.62 24.94 114.68
C LEU D 225 -22.51 23.89 115.84
N ASN D 226 -21.38 23.19 115.94
CA ASN D 226 -21.17 22.19 117.01
C ASN D 226 -21.38 22.86 118.37
N ASP D 227 -20.90 24.10 118.50
CA ASP D 227 -21.05 24.87 119.75
C ASP D 227 -22.49 24.83 120.25
N LEU D 228 -23.44 24.95 119.34
CA LEU D 228 -24.87 24.93 119.68
C LEU D 228 -25.46 23.53 119.89
N LEU D 229 -24.93 22.53 119.20
CA LEU D 229 -25.44 21.15 119.31
C LEU D 229 -24.80 20.35 120.44
N LYS D 230 -23.49 20.48 120.58
CA LYS D 230 -22.79 19.77 121.63
C LYS D 230 -23.16 20.29 123.01
N ASN D 231 -23.36 19.37 123.95
CA ASN D 231 -23.69 19.70 125.33
C ASN D 231 -24.93 20.58 125.43
N ASN D 232 -25.94 20.26 124.65
CA ASN D 232 -27.18 21.01 124.66
C ASN D 232 -28.26 19.97 124.88
N ASP D 233 -28.88 20.06 126.04
CA ASP D 233 -29.95 19.15 126.48
C ASP D 233 -31.12 19.07 125.50
N ARG D 234 -31.25 20.07 124.66
CA ARG D 234 -32.34 20.09 123.70
C ARG D 234 -32.07 19.09 122.54
N TYR D 235 -30.80 18.73 122.31
CA TYR D 235 -30.45 17.82 121.24
C TYR D 235 -29.68 16.58 121.70
N LYS D 236 -30.41 15.61 122.25
CA LYS D 236 -29.77 14.37 122.72
C LYS D 236 -29.20 13.45 121.64
N ALA D 237 -29.76 13.48 120.44
CA ALA D 237 -29.24 12.64 119.35
C ALA D 237 -27.77 12.97 119.08
N PHE D 238 -27.36 14.19 119.35
CA PHE D 238 -25.96 14.60 119.14
C PHE D 238 -25.07 14.50 120.40
N ASN D 239 -25.62 13.92 121.46
CA ASN D 239 -24.90 13.79 122.74
C ASN D 239 -25.10 12.48 123.47
N THR D 240 -25.47 11.44 122.75
CA THR D 240 -25.71 10.15 123.35
C THR D 240 -25.15 9.04 122.49
N PRO D 241 -24.62 7.98 123.13
CA PRO D 241 -24.09 6.86 122.33
C PRO D 241 -25.18 6.37 121.39
N ASP D 242 -24.83 6.16 120.13
CA ASP D 242 -25.79 5.70 119.15
C ASP D 242 -25.58 4.22 118.83
N PRO D 243 -26.63 3.41 119.04
CA PRO D 243 -26.52 1.97 118.79
C PRO D 243 -26.29 1.62 117.32
N SER D 244 -26.78 2.47 116.39
CA SER D 244 -26.57 2.19 114.97
C SER D 244 -25.07 2.23 114.64
N TYR D 245 -24.29 2.94 115.46
CA TYR D 245 -22.82 3.04 115.29
C TYR D 245 -21.97 2.57 116.45
N HIS D 246 -22.34 1.43 116.99
CA HIS D 246 -21.62 0.83 118.11
C HIS D 246 -21.25 1.82 119.20
N GLY D 247 -22.27 2.49 119.73
CA GLY D 247 -22.11 3.46 120.81
C GLY D 247 -21.48 4.80 120.52
N LEU D 248 -21.11 5.07 119.26
CA LEU D 248 -20.51 6.35 118.92
C LEU D 248 -21.35 7.51 119.42
N ASN D 249 -20.68 8.50 120.02
CA ASN D 249 -21.37 9.69 120.52
C ASN D 249 -20.84 10.83 119.69
N LEU D 250 -21.73 11.44 118.93
CA LEU D 250 -21.34 12.55 118.03
C LEU D 250 -20.66 13.73 118.68
N ASN D 251 -20.97 14.04 119.94
CA ASN D 251 -20.33 15.19 120.59
C ASN D 251 -18.82 14.99 120.78
N THR D 252 -18.35 13.78 120.49
CA THR D 252 -16.92 13.45 120.61
C THR D 252 -16.13 13.77 119.34
N LEU D 253 -16.84 14.09 118.26
CA LEU D 253 -16.18 14.35 116.98
C LEU D 253 -15.79 15.76 116.68
N ASP D 254 -14.62 15.90 116.06
CA ASP D 254 -14.14 17.19 115.67
C ASP D 254 -14.47 17.31 114.16
N LEU D 255 -15.78 17.37 113.87
CA LEU D 255 -16.31 17.46 112.51
C LEU D 255 -17.68 18.10 112.58
N PRO D 256 -18.17 18.63 111.45
CA PRO D 256 -19.49 19.24 111.49
C PRO D 256 -20.46 18.09 111.73
N ILE D 257 -20.84 17.92 112.99
CA ILE D 257 -21.73 16.80 113.35
C ILE D 257 -23.13 16.82 112.76
N PHE D 258 -23.64 18.01 112.45
CA PHE D 258 -24.99 18.11 111.87
C PHE D 258 -24.95 17.43 110.49
N SER D 259 -23.95 17.82 109.70
CA SER D 259 -23.77 17.26 108.35
C SER D 259 -23.42 15.76 108.43
N ILE D 260 -22.59 15.39 109.40
CA ILE D 260 -22.21 13.99 109.56
C ILE D 260 -23.42 13.14 109.80
N ARG D 261 -24.34 13.60 110.65
CA ARG D 261 -25.50 12.79 110.90
C ARG D 261 -26.34 12.67 109.63
N VAL D 262 -26.46 13.76 108.87
CA VAL D 262 -27.24 13.71 107.63
C VAL D 262 -26.70 12.59 106.73
N ILE D 263 -25.38 12.44 106.70
CA ILE D 263 -24.78 11.44 105.87
C ILE D 263 -24.89 10.01 106.39
N ILE D 264 -24.33 9.78 107.58
CA ILE D 264 -24.32 8.43 108.16
C ILE D 264 -25.69 7.88 108.58
N THR D 265 -26.68 8.77 108.70
CA THR D 265 -27.99 8.30 109.08
C THR D 265 -29.09 8.55 108.05
N TRP D 266 -29.37 9.81 107.73
CA TRP D 266 -30.46 10.11 106.78
C TRP D 266 -30.18 9.71 105.31
N LEU D 267 -29.01 9.99 104.79
CA LEU D 267 -28.71 9.57 103.43
C LEU D 267 -28.53 8.05 103.42
N ARG D 268 -27.75 7.55 104.36
CA ARG D 268 -27.50 6.13 104.40
C ARG D 268 -28.72 5.27 104.54
N ASP D 269 -29.65 5.66 105.39
CA ASP D 269 -30.84 4.83 105.61
C ASP D 269 -32.12 5.24 104.84
N LEU D 270 -32.32 6.53 104.60
CA LEU D 270 -33.52 7.01 103.87
C LEU D 270 -33.24 7.15 102.38
N GLY D 271 -31.98 7.38 102.04
CA GLY D 271 -31.56 7.44 100.65
C GLY D 271 -32.04 8.40 99.60
N ALA D 272 -32.22 9.66 99.98
CA ALA D 272 -32.67 10.70 99.06
C ALA D 272 -31.40 11.32 98.46
N SER D 273 -30.67 10.46 97.78
CA SER D 273 -29.41 10.81 97.17
C SER D 273 -29.52 11.55 95.84
N LEU D 274 -28.64 12.51 95.69
CA LEU D 274 -28.61 13.31 94.49
C LEU D 274 -27.77 12.58 93.42
N ALA D 275 -28.38 12.32 92.28
CA ALA D 275 -27.69 11.69 91.17
C ALA D 275 -26.55 12.58 90.64
N PRO D 276 -25.46 11.96 90.18
CA PRO D 276 -24.27 12.64 89.66
C PRO D 276 -24.50 13.58 88.50
N GLN D 277 -25.36 13.20 87.60
CA GLN D 277 -25.63 14.06 86.46
C GLN D 277 -26.29 15.35 86.96
N ASN D 278 -27.27 15.21 87.87
CA ASN D 278 -27.96 16.39 88.41
C ASN D 278 -27.00 17.25 89.17
N ALA D 279 -26.12 16.62 89.96
CA ALA D 279 -25.13 17.35 90.75
C ALA D 279 -24.23 18.16 89.83
N TRP D 280 -23.77 17.52 88.76
CA TRP D 280 -22.89 18.20 87.80
C TRP D 280 -23.59 19.38 87.11
N LEU D 281 -24.82 19.18 86.67
CA LEU D 281 -25.58 20.26 86.04
C LEU D 281 -25.74 21.41 87.02
N LEU D 282 -26.04 21.07 88.28
CA LEU D 282 -26.20 22.08 89.34
C LEU D 282 -24.89 22.83 89.59
N LEU D 283 -23.76 22.16 89.47
CA LEU D 283 -22.49 22.83 89.61
C LEU D 283 -22.36 23.83 88.49
N GLN D 284 -22.75 23.42 87.29
CA GLN D 284 -22.64 24.34 86.16
C GLN D 284 -23.52 25.60 86.38
N GLY D 285 -24.72 25.38 86.93
CA GLY D 285 -25.65 26.46 87.15
C GLY D 285 -25.10 27.37 88.20
N LEU D 286 -24.44 26.79 89.20
CA LEU D 286 -23.88 27.60 90.26
C LEU D 286 -22.87 28.58 89.71
N GLU D 287 -22.07 28.12 88.77
CA GLU D 287 -21.06 28.97 88.14
C GLU D 287 -21.59 30.28 87.56
N THR D 288 -22.77 30.23 86.96
CA THR D 288 -23.37 31.39 86.33
C THR D 288 -24.48 32.09 87.07
N LEU D 289 -24.82 31.59 88.25
CA LEU D 289 -25.90 32.18 89.01
C LEU D 289 -25.73 33.66 89.28
N ALA D 290 -24.51 34.10 89.58
CA ALA D 290 -24.28 35.51 89.87
C ALA D 290 -24.71 36.41 88.74
N VAL D 291 -24.36 36.07 87.52
CA VAL D 291 -24.76 36.92 86.40
C VAL D 291 -26.27 36.77 86.12
N ARG D 292 -26.76 35.55 86.14
CA ARG D 292 -28.18 35.30 85.90
C ARG D 292 -29.15 35.96 86.88
N ILE D 293 -28.90 35.84 88.18
CA ILE D 293 -29.81 36.40 89.16
C ILE D 293 -29.98 37.92 89.00
N GLU D 294 -28.94 38.61 88.54
CA GLU D 294 -29.04 40.06 88.34
C GLU D 294 -30.02 40.36 87.20
N LYS D 295 -29.97 39.59 86.10
CA LYS D 295 -30.89 39.80 84.99
C LYS D 295 -32.31 39.47 85.46
N HIS D 296 -32.45 38.35 86.16
CA HIS D 296 -33.75 37.98 86.65
C HIS D 296 -34.31 39.16 87.47
N SER D 297 -33.47 39.73 88.31
CA SER D 297 -33.86 40.83 89.20
C SER D 297 -34.22 42.10 88.43
N GLN D 298 -33.36 42.48 87.52
CA GLN D 298 -33.61 43.66 86.70
C GLN D 298 -34.94 43.50 85.93
N ASN D 299 -35.14 42.34 85.29
CA ASN D 299 -36.38 42.11 84.57
C ASN D 299 -37.58 42.15 85.50
N ALA D 300 -37.49 41.51 86.66
CA ALA D 300 -38.60 41.49 87.59
C ALA D 300 -39.03 42.87 88.00
N GLU D 301 -38.04 43.73 88.25
CA GLU D 301 -38.34 45.09 88.68
C GLU D 301 -39.10 45.86 87.62
N LYS D 302 -38.69 45.73 86.36
CA LYS D 302 -39.37 46.42 85.26
C LYS D 302 -40.79 45.91 85.08
N VAL D 303 -40.97 44.60 85.19
CA VAL D 303 -42.29 44.00 85.09
C VAL D 303 -43.12 44.49 86.29
N ALA D 304 -42.53 44.53 87.47
CA ALA D 304 -43.26 44.98 88.65
C ALA D 304 -43.75 46.42 88.49
N ASN D 305 -42.86 47.29 88.05
CA ASN D 305 -43.22 48.71 87.83
C ASN D 305 -44.36 48.86 86.81
N PHE D 306 -44.30 48.05 85.75
CA PHE D 306 -45.32 48.06 84.70
C PHE D 306 -46.65 47.61 85.26
N LEU D 307 -46.65 46.48 85.97
CA LEU D 307 -47.88 46.00 86.54
C LEU D 307 -48.46 47.01 87.54
N ASN D 308 -47.57 47.60 88.34
CA ASN D 308 -47.97 48.53 89.36
C ASN D 308 -48.67 49.79 88.85
N SER D 309 -48.46 50.12 87.58
N SER D 309 -48.45 50.13 87.59
CA SER D 309 -49.07 51.31 86.99
CA SER D 309 -49.05 51.33 87.00
C SER D 309 -50.21 51.01 86.06
C SER D 309 -50.20 51.01 86.05
N HIS D 310 -50.45 49.73 85.77
CA HIS D 310 -51.51 49.37 84.85
C HIS D 310 -52.88 49.39 85.56
N PRO D 311 -53.88 50.05 84.97
CA PRO D 311 -55.23 50.16 85.56
C PRO D 311 -55.99 48.88 85.78
N ASP D 312 -55.74 47.84 84.99
CA ASP D 312 -56.43 46.55 85.18
C ASP D 312 -55.78 45.64 86.26
N ILE D 313 -54.75 46.14 86.97
CA ILE D 313 -54.07 45.36 88.00
C ILE D 313 -54.37 45.98 89.35
N LYS D 314 -54.81 45.17 90.31
CA LYS D 314 -55.19 45.67 91.64
C LYS D 314 -54.18 45.63 92.77
N GLY D 315 -52.99 45.16 92.53
CA GLY D 315 -52.01 45.12 93.62
C GLY D 315 -50.82 44.31 93.16
N VAL D 316 -49.62 44.74 93.54
CA VAL D 316 -48.42 44.07 93.18
C VAL D 316 -47.54 43.83 94.37
N ASN D 317 -47.01 42.61 94.46
CA ASN D 317 -46.11 42.23 95.56
C ASN D 317 -44.70 42.04 95.11
N TYR D 318 -43.85 43.04 95.35
CA TYR D 318 -42.43 42.94 94.98
C TYR D 318 -41.70 43.94 95.88
N PRO D 319 -40.66 43.50 96.57
CA PRO D 319 -39.94 44.32 97.52
C PRO D 319 -39.29 45.63 97.08
N THR D 320 -38.99 45.79 95.80
CA THR D 320 -38.38 47.00 95.34
C THR D 320 -39.40 48.15 95.30
N LEU D 321 -40.70 47.82 95.31
CA LEU D 321 -41.74 48.85 95.29
C LEU D 321 -41.76 49.54 96.66
N ALA D 322 -41.50 50.85 96.67
CA ALA D 322 -41.45 51.66 97.89
C ALA D 322 -42.66 51.57 98.82
N SER D 323 -43.83 51.29 98.26
CA SER D 323 -45.05 51.15 99.05
C SER D 323 -45.20 49.76 99.62
N ASN D 324 -44.36 48.84 99.21
CA ASN D 324 -44.49 47.48 99.70
C ASN D 324 -44.16 47.38 101.20
N ALA D 325 -44.85 46.50 101.90
CA ALA D 325 -44.67 46.31 103.35
C ALA D 325 -43.31 45.74 103.76
N TYR D 326 -42.62 45.08 102.84
CA TYR D 326 -41.35 44.52 103.15
C TYR D 326 -40.20 45.33 102.58
N HIS D 327 -40.50 46.51 102.05
CA HIS D 327 -39.47 47.38 101.43
C HIS D 327 -38.32 47.75 102.37
N ASN D 328 -38.63 48.14 103.60
CA ASN D 328 -37.58 48.48 104.60
C ASN D 328 -36.71 47.27 104.95
N LEU D 329 -37.35 46.11 105.12
CA LEU D 329 -36.61 44.88 105.41
C LEU D 329 -35.73 44.55 104.18
N PHE D 330 -36.23 44.85 102.99
CA PHE D 330 -35.48 44.59 101.78
C PHE D 330 -34.21 45.42 101.79
N LYS D 331 -34.36 46.72 102.01
CA LYS D 331 -33.22 47.63 102.06
C LYS D 331 -32.24 47.23 103.17
N LYS D 332 -32.77 46.69 104.26
CA LYS D 332 -31.93 46.30 105.39
C LYS D 332 -31.07 45.06 105.15
N TYR D 333 -31.66 44.04 104.55
CA TYR D 333 -30.93 42.79 104.31
C TYR D 333 -30.35 42.52 102.92
N PHE D 334 -30.80 43.21 101.87
CA PHE D 334 -30.30 42.97 100.48
C PHE D 334 -29.29 44.04 100.04
N ASP D 335 -27.99 43.72 100.18
CA ASP D 335 -26.91 44.64 99.85
C ASP D 335 -26.80 45.12 98.40
N LYS D 336 -27.07 44.24 97.44
CA LYS D 336 -26.98 44.60 96.01
C LYS D 336 -28.22 45.22 95.32
N ASN D 337 -29.19 45.52 96.13
CA ASN D 337 -30.44 46.11 95.68
C ASN D 337 -31.17 45.35 94.55
N PHE D 338 -31.13 44.02 94.61
CA PHE D 338 -31.79 43.14 93.65
C PHE D 338 -32.67 42.28 94.52
N ALA D 339 -33.89 42.03 94.09
CA ALA D 339 -34.83 41.25 94.87
C ALA D 339 -35.29 39.91 94.28
N SER D 340 -34.51 39.39 93.35
CA SER D 340 -34.78 38.11 92.67
C SER D 340 -35.92 38.19 91.64
N GLY D 341 -36.28 37.04 91.07
CA GLY D 341 -37.31 37.00 90.01
C GLY D 341 -38.69 36.54 90.28
N LEU D 342 -39.06 36.43 91.54
CA LEU D 342 -40.41 36.00 91.86
C LEU D 342 -41.27 37.18 92.27
N LEU D 343 -42.49 37.24 91.79
CA LEU D 343 -43.38 38.33 92.19
C LEU D 343 -44.82 37.83 92.04
N SER D 344 -45.77 38.53 92.67
CA SER D 344 -47.15 38.13 92.51
C SER D 344 -47.96 39.39 92.35
N PHE D 345 -49.15 39.25 91.80
CA PHE D 345 -50.02 40.41 91.63
C PHE D 345 -51.48 39.96 91.65
N GLU D 346 -52.36 40.94 91.87
CA GLU D 346 -53.78 40.73 91.92
C GLU D 346 -54.44 41.16 90.63
N ALA D 347 -55.22 40.26 90.03
CA ALA D 347 -55.95 40.55 88.81
C ALA D 347 -57.27 41.17 89.30
N LYS D 348 -58.15 41.58 88.38
CA LYS D 348 -59.44 42.19 88.76
C LYS D 348 -60.25 41.21 89.60
N ASP D 349 -60.26 39.96 89.16
CA ASP D 349 -60.97 38.87 89.83
C ASP D 349 -60.54 37.51 89.29
N TYR D 350 -61.13 36.46 89.82
CA TYR D 350 -60.83 35.10 89.41
C TYR D 350 -60.89 34.91 87.89
N GLU D 351 -61.96 35.35 87.25
CA GLU D 351 -62.09 35.19 85.78
C GLU D 351 -61.01 35.89 85.00
N HIS D 352 -60.52 37.03 85.52
CA HIS D 352 -59.47 37.78 84.86
C HIS D 352 -58.13 37.07 85.03
N ALA D 353 -57.88 36.56 86.21
CA ALA D 353 -56.65 35.81 86.50
C ALA D 353 -56.49 34.58 85.62
N ARG D 354 -57.62 33.97 85.31
CA ARG D 354 -57.68 32.79 84.50
C ARG D 354 -57.44 33.19 83.02
N ARG D 355 -58.04 34.28 82.55
CA ARG D 355 -57.82 34.68 81.13
C ARG D 355 -56.36 34.97 80.89
N ILE D 356 -55.73 35.61 81.87
CA ILE D 356 -54.33 35.95 81.79
C ILE D 356 -53.51 34.68 81.63
N CYS D 357 -53.70 33.72 82.54
CA CYS D 357 -52.96 32.45 82.45
C CYS D 357 -53.17 31.72 81.12
N ASP D 358 -54.36 31.84 80.55
CA ASP D 358 -54.66 31.21 79.28
C ASP D 358 -54.21 32.00 78.01
N LYS D 359 -53.81 33.26 78.20
N LYS D 359 -53.87 33.27 78.19
CA LYS D 359 -53.37 34.13 77.09
CA LYS D 359 -53.48 34.14 77.07
C LYS D 359 -51.91 34.39 76.86
C LYS D 359 -51.95 34.45 76.88
N THR D 360 -51.12 34.28 77.91
CA THR D 360 -49.70 34.55 77.77
C THR D 360 -49.04 33.61 76.80
N GLN D 361 -48.10 34.15 76.02
CA GLN D 361 -47.35 33.38 75.02
C GLN D 361 -45.86 33.13 75.42
N LEU D 362 -45.25 34.01 76.21
CA LEU D 362 -43.87 33.87 76.68
C LEU D 362 -43.87 33.33 78.10
N PHE D 363 -44.76 33.83 78.94
CA PHE D 363 -44.86 33.31 80.28
C PHE D 363 -45.54 31.96 80.05
N LEU D 364 -44.85 30.90 80.44
CA LEU D 364 -45.37 29.57 80.27
C LEU D 364 -46.13 29.12 81.49
N LEU D 365 -47.36 28.68 81.27
CA LEU D 365 -48.22 28.20 82.33
C LEU D 365 -47.59 26.89 82.81
N ALA D 366 -47.00 26.95 84.00
CA ALA D 366 -46.33 25.82 84.59
C ALA D 366 -46.09 26.03 86.08
N ALA D 367 -45.68 24.96 86.73
CA ALA D 367 -45.45 24.99 88.15
C ALA D 367 -44.01 24.77 88.49
N ASN D 368 -43.26 25.85 88.48
CA ASN D 368 -41.86 25.85 88.82
C ASN D 368 -41.42 27.30 88.93
N LEU D 369 -40.20 27.56 89.35
CA LEU D 369 -39.77 28.97 89.42
C LEU D 369 -38.24 28.99 89.29
N GLY D 370 -37.72 30.10 88.80
CA GLY D 370 -36.30 30.24 88.64
C GLY D 370 -35.80 29.66 87.32
N ASP D 371 -36.69 29.40 86.39
CA ASP D 371 -36.29 28.86 85.06
C ASP D 371 -35.86 30.10 84.24
N SER D 372 -35.02 29.86 83.26
CA SER D 372 -34.56 30.94 82.40
C SER D 372 -35.75 31.42 81.55
N LYS D 373 -36.76 30.56 81.40
CA LYS D 373 -37.98 30.92 80.66
C LYS D 373 -38.96 31.40 81.69
N SER D 374 -39.66 32.50 81.38
CA SER D 374 -40.63 33.05 82.29
C SER D 374 -41.81 32.11 82.49
N LEU D 375 -42.29 32.03 83.72
CA LEU D 375 -43.41 31.15 84.04
C LEU D 375 -44.55 31.83 84.78
N ILE D 376 -45.73 31.24 84.67
CA ILE D 376 -46.93 31.79 85.30
C ILE D 376 -47.81 30.72 85.88
N ILE D 377 -48.49 31.06 86.96
CA ILE D 377 -49.40 30.16 87.63
C ILE D 377 -50.39 30.88 88.56
N HIS D 378 -51.51 30.23 88.84
CA HIS D 378 -52.60 30.72 89.74
C HIS D 378 -52.58 29.83 91.00
N PRO D 379 -51.84 30.24 92.05
CA PRO D 379 -51.68 29.50 93.33
C PRO D 379 -52.87 28.88 94.06
N ALA D 380 -53.95 29.62 94.21
CA ALA D 380 -55.09 29.05 94.94
C ALA D 380 -55.50 27.63 94.45
N SER D 381 -55.69 27.45 93.14
CA SER D 381 -56.09 26.17 92.55
C SER D 381 -54.92 25.28 92.14
N THR D 382 -53.73 25.60 92.62
CA THR D 382 -52.59 24.87 92.20
C THR D 382 -51.51 24.64 93.28
N THR D 383 -50.48 25.49 93.36
CA THR D 383 -49.37 25.34 94.34
C THR D 383 -49.78 25.37 95.80
N HIS D 384 -50.84 26.11 96.08
CA HIS D 384 -51.36 26.23 97.44
C HIS D 384 -52.81 25.73 97.47
N SER D 385 -53.06 24.79 96.57
CA SER D 385 -54.36 24.13 96.42
C SER D 385 -54.70 23.32 97.67
N GLN D 386 -53.67 22.75 98.33
CA GLN D 386 -53.87 21.94 99.53
C GLN D 386 -54.28 22.75 100.77
N LEU D 387 -53.84 24.01 100.87
CA LEU D 387 -54.16 24.87 102.02
C LEU D 387 -55.66 25.18 102.19
N SER D 388 -56.06 25.41 103.44
CA SER D 388 -57.46 25.73 103.77
C SER D 388 -57.77 27.13 103.26
N GLU D 389 -59.07 27.44 103.13
CA GLU D 389 -59.51 28.72 102.63
C GLU D 389 -58.96 29.86 103.54
N GLU D 390 -58.84 29.57 104.85
CA GLU D 390 -58.33 30.54 105.85
C GLU D 390 -56.79 30.62 105.87
N GLU D 391 -56.10 29.48 105.71
CA GLU D 391 -54.62 29.48 105.68
C GLU D 391 -54.13 30.33 104.51
N LEU D 392 -54.93 30.37 103.45
CA LEU D 392 -54.61 31.15 102.26
C LEU D 392 -54.55 32.60 102.59
N GLN D 393 -55.50 33.03 103.41
CA GLN D 393 -55.61 34.42 103.81
C GLN D 393 -54.49 34.77 104.81
N LYS D 394 -54.02 33.80 105.57
CA LYS D 394 -52.95 34.05 106.55
C LYS D 394 -51.61 34.20 105.78
N ALA D 395 -51.51 33.58 104.61
CA ALA D 395 -50.34 33.63 103.73
C ALA D 395 -50.48 34.79 102.74
N GLY D 396 -51.69 35.35 102.70
CA GLY D 396 -52.03 36.47 101.82
C GLY D 396 -52.24 36.09 100.37
N ILE D 397 -53.09 35.10 100.07
CA ILE D 397 -53.37 34.70 98.68
C ILE D 397 -54.88 34.82 98.44
N THR D 398 -55.30 35.18 97.24
CA THR D 398 -56.71 35.29 96.92
C THR D 398 -57.02 34.56 95.63
N LYS D 399 -58.29 34.56 95.25
CA LYS D 399 -58.70 33.92 94.00
C LYS D 399 -58.24 34.72 92.77
N ALA D 400 -57.83 35.97 92.98
CA ALA D 400 -57.39 36.83 91.89
C ALA D 400 -55.86 36.85 91.78
N THR D 401 -55.19 36.19 92.72
CA THR D 401 -53.73 36.18 92.76
C THR D 401 -53.02 35.37 91.69
N ILE D 402 -52.02 35.99 91.11
CA ILE D 402 -51.19 35.37 90.07
C ILE D 402 -49.76 35.48 90.49
N ARG D 403 -49.01 34.40 90.28
CA ARG D 403 -47.61 34.38 90.64
C ARG D 403 -46.80 34.26 89.34
N LEU D 404 -45.74 35.04 89.23
CA LEU D 404 -44.90 35.01 88.08
C LEU D 404 -43.48 34.71 88.44
N SER D 405 -42.79 33.97 87.58
CA SER D 405 -41.39 33.67 87.76
C SER D 405 -40.77 34.41 86.55
N ILE D 406 -40.04 35.47 86.82
CA ILE D 406 -39.46 36.27 85.76
C ILE D 406 -38.18 35.66 85.24
N GLY D 407 -38.17 35.40 83.93
CA GLY D 407 -37.04 34.79 83.26
C GLY D 407 -35.97 35.72 82.76
N LEU D 408 -35.19 35.24 81.81
CA LEU D 408 -34.07 36.02 81.25
C LEU D 408 -34.39 36.63 79.90
N GLU D 409 -35.65 36.54 79.45
CA GLU D 409 -36.02 37.11 78.16
C GLU D 409 -35.90 38.65 78.17
N ASN D 410 -36.07 39.26 77.02
CA ASN D 410 -36.02 40.72 76.92
C ASN D 410 -37.26 41.31 77.64
N SER D 411 -37.04 42.26 78.54
CA SER D 411 -38.13 42.86 79.31
C SER D 411 -39.26 43.48 78.48
N ASP D 412 -38.94 44.11 77.38
CA ASP D 412 -39.98 44.69 76.55
C ASP D 412 -40.88 43.59 76.02
N ASP D 413 -40.27 42.48 75.60
CA ASP D 413 -41.04 41.32 75.11
C ASP D 413 -41.93 40.74 76.20
N LEU D 414 -41.39 40.67 77.41
CA LEU D 414 -42.16 40.15 78.53
C LEU D 414 -43.34 41.06 78.88
N ILE D 415 -43.06 42.37 78.94
CA ILE D 415 -44.08 43.36 79.28
C ILE D 415 -45.16 43.32 78.24
N ALA D 416 -44.78 43.25 76.96
CA ALA D 416 -45.75 43.19 75.89
C ALA D 416 -46.63 41.93 75.98
N ASP D 417 -46.05 40.80 76.35
CA ASP D 417 -46.81 39.56 76.46
C ASP D 417 -47.82 39.71 77.61
N LEU D 418 -47.39 40.25 78.74
CA LEU D 418 -48.31 40.45 79.89
C LEU D 418 -49.35 41.48 79.58
N LYS D 419 -48.95 42.49 78.82
CA LYS D 419 -49.87 43.52 78.49
C LYS D 419 -51.06 42.96 77.70
N GLN D 420 -50.76 42.23 76.65
CA GLN D 420 -51.86 41.69 75.81
C GLN D 420 -52.72 40.72 76.60
N ALA D 421 -52.12 39.96 77.51
CA ALA D 421 -52.89 38.99 78.29
C ALA D 421 -53.81 39.69 79.27
N ILE D 422 -53.27 40.67 79.95
CA ILE D 422 -54.04 41.47 80.90
C ILE D 422 -55.19 42.26 80.29
N GLU D 423 -54.93 42.87 79.14
CA GLU D 423 -55.93 43.70 78.44
C GLU D 423 -56.98 42.90 77.73
N SER D 424 -56.85 41.58 77.69
CA SER D 424 -57.89 40.70 77.10
C SER D 424 -58.47 39.91 78.24
N PHE E 4 10.95 9.74 -92.75
CA PHE E 4 11.65 9.98 -91.46
C PHE E 4 13.06 10.56 -91.58
N ASN E 5 13.55 11.15 -90.50
CA ASN E 5 14.90 11.72 -90.46
C ASN E 5 15.95 10.65 -90.26
N LYS E 6 17.19 11.00 -90.60
CA LYS E 6 18.32 10.07 -90.49
C LYS E 6 18.46 9.41 -89.14
N GLU E 7 18.33 10.19 -88.09
CA GLU E 7 18.44 9.65 -86.75
C GLU E 7 17.44 8.51 -86.56
N THR E 8 16.24 8.71 -87.07
CA THR E 8 15.18 7.72 -86.93
C THR E 8 15.45 6.47 -87.76
N LEU E 9 16.02 6.65 -88.96
CA LEU E 9 16.31 5.57 -89.85
C LEU E 9 17.43 4.68 -89.33
N ALA E 10 18.24 5.19 -88.42
CA ALA E 10 19.34 4.39 -87.88
C ALA E 10 18.82 3.46 -86.81
N LEU E 11 17.58 3.69 -86.42
CA LEU E 11 16.91 2.92 -85.37
C LEU E 11 15.73 2.02 -85.78
N HIS E 12 15.09 2.40 -86.88
CA HIS E 12 13.92 1.71 -87.42
C HIS E 12 14.08 1.50 -88.89
N GLY E 13 13.68 0.31 -89.34
CA GLY E 13 13.78 -0.02 -90.75
C GLY E 13 14.56 -1.29 -91.08
N ALA E 14 14.27 -1.84 -92.25
CA ALA E 14 14.90 -3.06 -92.74
C ALA E 14 14.86 -4.27 -91.79
N TYR E 15 13.93 -4.28 -90.83
CA TYR E 15 13.78 -5.36 -89.88
C TYR E 15 12.33 -5.32 -89.43
N ASN E 16 11.55 -6.33 -89.82
CA ASN E 16 10.12 -6.35 -89.45
C ASN E 16 9.72 -7.24 -88.25
N PHE E 17 10.67 -7.76 -87.49
CA PHE E 17 10.39 -8.62 -86.34
C PHE E 17 10.02 -10.02 -86.86
N ASP E 18 10.79 -11.04 -86.50
CA ASP E 18 10.43 -12.38 -86.95
C ASP E 18 9.26 -12.89 -86.10
N THR E 19 9.14 -14.19 -85.98
CA THR E 19 8.08 -14.79 -85.21
C THR E 19 8.13 -14.39 -83.71
N GLN E 20 9.33 -14.31 -83.15
CA GLN E 20 9.54 -13.97 -81.73
C GLN E 20 9.33 -12.51 -81.38
N ARG E 21 9.35 -11.67 -82.39
CA ARG E 21 9.15 -10.25 -82.22
C ARG E 21 10.10 -9.54 -81.24
N SER E 22 11.37 -9.91 -81.33
CA SER E 22 12.40 -9.31 -80.49
C SER E 22 12.64 -7.92 -81.05
N ILE E 23 12.72 -6.94 -80.16
CA ILE E 23 12.92 -5.53 -80.58
C ILE E 23 14.30 -5.38 -81.16
N SER E 24 15.25 -6.05 -80.52
CA SER E 24 16.63 -6.04 -81.00
C SER E 24 16.75 -7.06 -82.12
N VAL E 25 17.63 -6.80 -83.08
CA VAL E 25 17.82 -7.71 -84.18
C VAL E 25 18.55 -8.94 -83.66
N PRO E 26 18.06 -10.12 -83.98
CA PRO E 26 18.75 -11.28 -83.51
C PRO E 26 20.10 -11.48 -84.15
N ILE E 27 20.99 -12.15 -83.42
CA ILE E 27 22.34 -12.44 -83.92
C ILE E 27 22.31 -13.82 -84.54
N TYR E 28 22.34 -13.86 -85.86
CA TYR E 28 22.32 -15.14 -86.60
C TYR E 28 23.73 -15.71 -86.71
N GLN E 29 24.20 -16.29 -85.58
CA GLN E 29 25.53 -16.91 -85.49
C GLN E 29 25.28 -18.25 -86.18
N ASN E 30 25.29 -18.16 -87.52
CA ASN E 30 24.96 -19.26 -88.37
C ASN E 30 25.51 -19.14 -89.80
N THR E 31 25.86 -20.26 -90.41
CA THR E 31 26.38 -20.25 -91.75
C THR E 31 25.43 -20.74 -92.82
N ALA E 32 24.51 -21.65 -92.46
CA ALA E 32 23.58 -22.20 -93.47
C ALA E 32 22.12 -22.11 -93.12
N TYR E 33 21.30 -22.32 -94.13
CA TYR E 33 19.87 -22.21 -94.00
C TYR E 33 19.13 -23.42 -94.56
N ASN E 34 18.03 -23.77 -93.93
CA ASN E 34 17.26 -24.91 -94.34
C ASN E 34 16.30 -24.56 -95.46
N PHE E 35 16.61 -24.99 -96.69
CA PHE E 35 15.72 -24.71 -97.81
C PHE E 35 14.48 -25.56 -97.58
N GLU E 36 13.32 -25.02 -97.93
CA GLU E 36 12.04 -25.72 -97.75
C GLU E 36 11.83 -26.88 -98.73
N ASN E 37 12.49 -26.84 -99.86
CA ASN E 37 12.40 -27.89 -100.87
C ASN E 37 13.49 -27.70 -101.90
N LEU E 38 13.76 -28.71 -102.70
CA LEU E 38 14.83 -28.62 -103.71
C LEU E 38 14.65 -27.51 -104.75
N ASP E 39 13.43 -27.26 -105.19
CA ASP E 39 13.19 -26.19 -106.18
C ASP E 39 13.65 -24.84 -105.63
N GLN E 40 13.22 -24.54 -104.40
CA GLN E 40 13.56 -23.28 -103.74
C GLN E 40 15.06 -23.07 -103.72
N ALA E 41 15.77 -24.13 -103.34
CA ALA E 41 17.22 -24.10 -103.27
C ALA E 41 17.81 -23.77 -104.65
N ALA E 42 17.59 -24.65 -105.62
CA ALA E 42 18.08 -24.44 -107.00
C ALA E 42 17.68 -23.04 -107.53
N ALA E 43 16.43 -22.65 -107.29
CA ALA E 43 15.99 -21.34 -107.73
C ALA E 43 16.88 -20.23 -107.13
N ARG E 44 17.30 -20.37 -105.87
CA ARG E 44 18.16 -19.36 -105.25
C ARG E 44 19.55 -19.38 -105.84
N PHE E 45 20.07 -20.56 -106.13
CA PHE E 45 21.39 -20.66 -106.75
C PHE E 45 21.43 -20.09 -108.18
N ASN E 46 20.27 -19.91 -108.80
CA ASN E 46 20.16 -19.35 -110.18
C ASN E 46 19.72 -17.92 -110.22
N LEU E 47 19.64 -17.28 -109.08
CA LEU E 47 19.20 -15.89 -109.01
C LEU E 47 17.74 -15.69 -109.45
N GLN E 48 16.99 -16.78 -109.62
CA GLN E 48 15.59 -16.64 -110.00
C GLN E 48 14.85 -16.15 -108.76
N GLU E 49 15.11 -16.75 -107.61
CA GLU E 49 14.47 -16.29 -106.37
C GLU E 49 15.51 -15.73 -105.40
N LEU E 50 15.24 -14.58 -104.79
CA LEU E 50 16.17 -14.04 -103.80
C LEU E 50 15.92 -14.64 -102.42
N GLY E 51 16.97 -14.81 -101.64
CA GLY E 51 16.82 -15.39 -100.32
C GLY E 51 18.11 -15.94 -99.75
N ASN E 52 17.99 -16.46 -98.54
CA ASN E 52 19.14 -17.02 -97.82
C ASN E 52 19.67 -18.27 -98.44
N ILE E 53 21.00 -18.33 -98.49
CA ILE E 53 21.69 -19.46 -99.04
C ILE E 53 22.81 -19.93 -98.14
N TYR E 54 23.80 -19.06 -97.96
CA TYR E 54 24.99 -19.36 -97.15
C TYR E 54 25.56 -18.03 -96.71
N SER E 55 25.93 -17.96 -95.42
CA SER E 55 26.46 -16.72 -94.81
C SER E 55 27.67 -16.07 -95.43
N ARG E 56 28.43 -16.79 -96.22
CA ARG E 56 29.56 -16.14 -96.87
C ARG E 56 29.02 -15.10 -97.86
N LEU E 57 27.80 -15.32 -98.39
CA LEU E 57 27.18 -14.41 -99.34
C LEU E 57 26.35 -13.37 -98.62
N SER E 58 25.47 -13.82 -97.72
CA SER E 58 24.65 -12.91 -96.98
C SER E 58 24.14 -13.57 -95.73
N ASN E 59 23.81 -12.72 -94.78
CA ASN E 59 23.30 -13.10 -93.49
C ASN E 59 22.21 -12.06 -93.07
N PRO E 60 21.09 -12.52 -92.49
CA PRO E 60 20.03 -11.60 -92.09
C PRO E 60 20.47 -10.48 -91.13
N THR E 61 21.38 -10.77 -90.19
CA THR E 61 21.83 -9.72 -89.27
C THR E 61 22.52 -8.65 -90.09
N SER E 62 23.50 -9.06 -90.88
CA SER E 62 24.22 -8.11 -91.73
C SER E 62 23.35 -7.44 -92.80
N ASP E 63 22.24 -8.08 -93.21
CA ASP E 63 21.36 -7.48 -94.23
C ASP E 63 20.68 -6.24 -93.66
N VAL E 64 20.29 -6.33 -92.40
CA VAL E 64 19.63 -5.21 -91.74
C VAL E 64 20.62 -4.03 -91.74
N LEU E 65 21.86 -4.33 -91.39
CA LEU E 65 22.91 -3.33 -91.34
C LEU E 65 23.11 -2.66 -92.70
N GLY E 66 23.21 -3.48 -93.73
CA GLY E 66 23.40 -2.97 -95.08
C GLY E 66 22.32 -2.01 -95.52
N GLN E 67 21.07 -2.41 -95.34
CA GLN E 67 19.95 -1.59 -95.75
C GLN E 67 19.84 -0.29 -94.91
N ARG E 68 20.07 -0.38 -93.61
CA ARG E 68 20.00 0.82 -92.78
C ARG E 68 21.09 1.77 -93.16
N LEU E 69 22.30 1.25 -93.40
CA LEU E 69 23.38 2.14 -93.82
C LEU E 69 23.00 2.85 -95.12
N ALA E 70 22.33 2.13 -96.01
CA ALA E 70 21.90 2.72 -97.28
C ALA E 70 20.85 3.77 -97.03
N ASN E 71 19.92 3.47 -96.13
CA ASN E 71 18.88 4.37 -95.80
C ASN E 71 19.40 5.65 -95.20
N VAL E 72 20.36 5.57 -94.29
CA VAL E 72 20.90 6.83 -93.69
C VAL E 72 21.67 7.65 -94.71
N GLU E 73 22.33 7.00 -95.67
CA GLU E 73 23.06 7.74 -96.72
C GLU E 73 22.16 8.26 -97.83
N GLY E 74 20.93 7.77 -97.89
CA GLY E 74 19.99 8.19 -98.95
C GLY E 74 20.27 7.39 -100.23
N GLY E 75 20.91 6.24 -100.08
CA GLY E 75 21.22 5.38 -101.20
C GLY E 75 20.18 4.27 -101.36
N ALA E 76 20.47 3.31 -102.24
CA ALA E 76 19.53 2.21 -102.52
C ALA E 76 19.78 0.88 -101.84
N PHE E 77 21.03 0.43 -101.86
CA PHE E 77 21.36 -0.86 -101.28
C PHE E 77 22.79 -0.81 -100.70
N GLY E 78 23.00 -1.55 -99.63
CA GLY E 78 24.31 -1.58 -98.99
C GLY E 78 24.73 -2.99 -98.69
N ILE E 79 26.04 -3.21 -98.76
CA ILE E 79 26.62 -4.50 -98.51
C ILE E 79 27.80 -4.48 -97.55
N PRO E 80 27.63 -5.10 -96.36
CA PRO E 80 28.68 -5.15 -95.39
C PRO E 80 29.66 -6.24 -95.70
N VAL E 81 30.90 -5.96 -95.41
CA VAL E 81 31.99 -6.87 -95.65
C VAL E 81 32.89 -6.89 -94.45
N ALA E 82 33.91 -7.75 -94.49
CA ALA E 82 34.85 -7.90 -93.33
C ALA E 82 35.62 -6.71 -92.83
N SER E 83 35.88 -5.74 -93.68
CA SER E 83 36.61 -4.57 -93.26
C SER E 83 36.50 -3.48 -94.27
N GLY E 84 36.92 -2.30 -93.87
CA GLY E 84 36.91 -1.10 -94.71
C GLY E 84 37.79 -1.32 -95.92
N ALA E 86 38.54 -4.18 -97.26
CA ALA E 86 37.84 -5.10 -98.14
C ALA E 86 36.79 -4.34 -98.96
N ALA E 87 36.13 -3.38 -98.33
CA ALA E 87 35.11 -2.57 -99.00
C ALA E 87 35.74 -1.76 -100.15
N CYS E 88 36.90 -1.15 -99.87
CA CYS E 88 37.59 -0.36 -100.92
C CYS E 88 38.01 -1.28 -102.07
N PHE E 89 38.60 -2.43 -101.70
CA PHE E 89 39.05 -3.45 -102.67
C PHE E 89 37.89 -3.92 -103.55
N TYR E 90 36.83 -4.39 -102.93
CA TYR E 90 35.63 -4.86 -103.62
C TYR E 90 35.00 -3.82 -104.53
N ALA E 91 35.00 -2.56 -104.10
CA ALA E 91 34.41 -1.47 -104.91
C ALA E 91 35.20 -1.25 -106.21
N LEU E 92 36.52 -1.27 -106.08
CA LEU E 92 37.39 -1.09 -107.21
C LEU E 92 37.36 -2.26 -108.21
N ILE E 93 37.57 -3.47 -107.72
CA ILE E 93 37.54 -4.64 -108.59
C ILE E 93 36.19 -4.90 -109.19
N ASN E 94 35.13 -4.35 -108.60
CA ASN E 94 33.80 -4.60 -109.18
C ASN E 94 33.66 -3.74 -110.42
N LEU E 95 34.57 -2.77 -110.57
CA LEU E 95 34.58 -1.83 -111.68
C LEU E 95 35.74 -2.00 -112.64
N ALA E 96 36.90 -2.34 -112.11
CA ALA E 96 38.08 -2.52 -112.92
C ALA E 96 38.66 -3.93 -112.86
N SER E 97 39.22 -4.35 -113.98
CA SER E 97 39.83 -5.66 -114.12
C SER E 97 41.17 -5.48 -114.80
N SER E 98 41.92 -6.56 -114.95
CA SER E 98 43.24 -6.48 -115.56
C SER E 98 43.26 -5.64 -116.87
N GLY E 99 44.20 -4.72 -116.95
CA GLY E 99 44.34 -3.86 -118.11
C GLY E 99 43.66 -2.51 -117.94
N ASP E 100 42.83 -2.38 -116.91
CA ASP E 100 42.14 -1.13 -116.68
C ASP E 100 42.93 -0.26 -115.68
N ASN E 101 42.46 0.95 -115.46
CA ASN E 101 43.11 1.83 -114.52
C ASN E 101 42.05 2.52 -113.71
N VAL E 102 42.47 3.02 -112.56
CA VAL E 102 41.58 3.75 -111.67
C VAL E 102 42.29 5.02 -111.24
N ALA E 103 41.51 6.08 -111.09
CA ALA E 103 42.02 7.38 -110.68
C ALA E 103 41.77 7.53 -109.19
N TYR E 104 42.80 7.93 -108.45
CA TYR E 104 42.68 8.08 -107.03
C TYR E 104 43.30 9.35 -106.46
N SER E 105 42.67 9.86 -105.41
CA SER E 105 43.13 11.06 -104.74
C SER E 105 44.48 10.84 -104.05
N ASN E 106 45.31 11.88 -104.10
CA ASN E 106 46.64 11.85 -103.51
C ASN E 106 46.56 12.07 -101.99
N LYS E 107 45.35 12.36 -101.52
CA LYS E 107 45.13 12.57 -100.07
C LYS E 107 44.09 11.58 -99.52
N ILE E 108 44.59 10.39 -99.18
CA ILE E 108 43.77 9.32 -98.62
C ILE E 108 44.48 8.49 -97.58
N TYR E 109 43.71 7.57 -97.00
CA TYR E 109 44.19 6.67 -95.99
C TYR E 109 45.35 5.88 -96.56
N GLY E 110 46.45 5.84 -95.79
CA GLY E 110 47.68 5.14 -96.17
C GLY E 110 47.48 3.73 -96.66
N GLY E 111 46.65 2.97 -95.96
CA GLY E 111 46.37 1.61 -96.36
C GLY E 111 45.71 1.60 -97.73
N THR E 112 44.74 2.48 -97.94
CA THR E 112 44.05 2.50 -99.25
C THR E 112 45.02 2.94 -100.35
N GLN E 113 45.98 3.77 -99.99
CA GLN E 113 46.95 4.26 -100.96
C GLN E 113 47.85 3.11 -101.40
N THR E 114 48.27 2.30 -100.44
CA THR E 114 49.11 1.15 -100.75
C THR E 114 48.30 0.15 -101.61
N LEU E 115 47.07 -0.12 -101.19
CA LEU E 115 46.18 -1.03 -101.93
C LEU E 115 46.09 -0.65 -103.41
N ILE E 116 45.78 0.61 -103.62
CA ILE E 116 45.61 1.12 -104.97
C ILE E 116 46.89 1.28 -105.78
N SER E 117 47.89 1.94 -105.22
CA SER E 117 49.15 2.19 -105.97
C SER E 117 50.11 1.01 -106.04
N HIS E 118 50.02 0.04 -105.13
CA HIS E 118 50.95 -1.12 -105.20
C HIS E 118 50.29 -2.47 -105.34
N THR E 119 49.48 -2.84 -104.37
CA THR E 119 48.83 -4.13 -104.39
C THR E 119 47.98 -4.46 -105.61
N LEU E 120 47.19 -3.51 -106.11
CA LEU E 120 46.36 -3.80 -107.31
C LEU E 120 47.18 -4.09 -108.58
N LYS E 121 48.47 -3.71 -108.62
CA LYS E 121 49.31 -3.99 -109.79
C LYS E 121 49.35 -5.49 -110.02
N ASN E 122 49.47 -6.24 -108.91
CA ASN E 122 49.49 -7.71 -108.96
C ASN E 122 48.33 -8.28 -109.74
N PHE E 123 47.24 -7.53 -109.83
CA PHE E 123 46.09 -8.01 -110.57
C PHE E 123 45.94 -7.31 -111.92
N GLY E 124 47.02 -6.66 -112.36
CA GLY E 124 47.01 -5.93 -113.64
C GLY E 124 46.15 -4.69 -113.68
N ILE E 125 45.97 -4.07 -112.51
CA ILE E 125 45.15 -2.85 -112.39
C ILE E 125 46.06 -1.68 -112.09
N GLU E 126 46.10 -0.77 -113.04
CA GLU E 126 46.93 0.42 -112.96
C GLU E 126 46.28 1.51 -112.12
N ALA E 127 47.10 2.22 -111.36
CA ALA E 127 46.62 3.32 -110.53
C ALA E 127 47.21 4.64 -111.02
N ARG E 128 46.34 5.66 -111.12
CA ARG E 128 46.74 7.00 -111.55
C ARG E 128 46.31 8.05 -110.53
N GLU E 129 47.30 8.58 -109.80
CA GLU E 129 47.10 9.60 -108.78
C GLU E 129 46.62 10.95 -109.36
N PHE E 130 45.87 11.70 -108.56
CA PHE E 130 45.41 13.01 -109.00
C PHE E 130 45.34 13.84 -107.74
N ASP E 131 45.38 15.17 -107.92
CA ASP E 131 45.33 16.10 -106.80
C ASP E 131 43.91 16.63 -106.63
N ILE E 132 43.31 16.35 -105.47
CA ILE E 132 41.95 16.85 -105.22
C ILE E 132 41.90 18.37 -105.18
N ASP E 133 43.03 19.01 -104.90
CA ASP E 133 43.10 20.47 -104.85
C ASP E 133 43.26 21.12 -106.23
N ASP E 134 43.51 20.32 -107.26
CA ASP E 134 43.67 20.82 -108.63
C ASP E 134 43.06 19.78 -109.58
N LEU E 135 41.73 19.85 -109.73
CA LEU E 135 40.99 18.91 -110.55
C LEU E 135 41.37 18.77 -112.01
N ASP E 136 42.07 19.74 -112.59
N ASP E 136 42.07 19.74 -112.59
CA ASP E 136 42.45 19.60 -113.98
CA ASP E 136 42.45 19.58 -113.97
C ASP E 136 43.33 18.34 -114.04
C ASP E 136 43.33 18.34 -114.03
N SER E 137 44.05 18.05 -112.94
CA SER E 137 44.94 16.89 -112.87
C SER E 137 44.14 15.58 -113.02
N LEU E 138 42.86 15.63 -112.72
CA LEU E 138 42.01 14.45 -112.85
C LEU E 138 41.68 14.19 -114.32
N GLU E 139 41.27 15.24 -115.04
CA GLU E 139 40.97 15.14 -116.49
C GLU E 139 42.13 14.51 -117.22
N LYS E 140 43.32 15.01 -116.85
CA LYS E 140 44.62 14.57 -117.37
C LYS E 140 44.87 13.07 -117.38
N VAL E 141 44.56 12.41 -116.27
CA VAL E 141 44.81 10.98 -116.17
C VAL E 141 43.68 10.06 -116.67
N ILE E 142 42.56 10.64 -117.07
CA ILE E 142 41.44 9.86 -117.57
C ILE E 142 41.54 9.43 -119.03
N ASP E 143 41.18 8.15 -119.27
CA ASP E 143 41.16 7.59 -120.65
C ASP E 143 39.94 6.65 -120.72
N GLN E 144 39.76 5.91 -121.81
CA GLN E 144 38.61 5.02 -121.94
C GLN E 144 38.71 3.74 -121.08
N ASN E 145 39.88 3.52 -120.49
CA ASN E 145 40.13 2.38 -119.61
C ASN E 145 39.98 2.71 -118.10
N THR E 146 39.79 4.00 -117.79
CA THR E 146 39.62 4.46 -116.44
C THR E 146 38.23 4.01 -115.98
N LYS E 147 38.18 3.15 -114.97
CA LYS E 147 36.90 2.64 -114.49
C LYS E 147 36.35 3.23 -113.18
N ALA E 148 37.19 3.96 -112.45
CA ALA E 148 36.72 4.55 -111.21
C ALA E 148 37.55 5.75 -110.79
N ILE E 149 36.87 6.63 -110.06
CA ILE E 149 37.46 7.84 -109.51
C ILE E 149 37.24 7.72 -107.99
N PHE E 150 38.34 7.51 -107.27
CA PHE E 150 38.31 7.33 -105.85
C PHE E 150 38.88 8.46 -105.01
N PHE E 151 38.14 8.82 -103.97
CA PHE E 151 38.55 9.88 -103.07
C PHE E 151 37.82 9.80 -101.75
N GLU E 152 38.28 10.58 -100.79
CA GLU E 152 37.67 10.64 -99.47
C GLU E 152 36.96 11.98 -99.33
N SER E 153 35.84 11.97 -98.61
CA SER E 153 35.08 13.19 -98.39
C SER E 153 35.86 14.12 -97.46
N LEU E 154 36.44 13.54 -96.42
CA LEU E 154 37.20 14.25 -95.40
C LEU E 154 38.37 13.32 -95.21
N SER E 155 39.54 13.71 -95.71
CA SER E 155 40.73 12.84 -95.70
C SER E 155 41.43 12.58 -94.41
N ASN E 156 42.07 11.41 -94.40
CA ASN E 156 42.83 10.88 -93.29
C ASN E 156 44.31 10.79 -93.65
N PRO E 157 45.19 11.50 -92.92
CA PRO E 157 45.08 12.40 -91.78
C PRO E 157 45.13 13.89 -92.02
N GLN E 158 45.12 14.32 -93.30
CA GLN E 158 45.21 15.76 -93.66
C GLN E 158 43.90 16.50 -93.36
N ILE E 159 42.80 15.78 -93.27
CA ILE E 159 41.50 16.41 -93.00
C ILE E 159 41.25 17.32 -94.24
N ALA E 160 41.56 16.82 -95.42
CA ALA E 160 41.36 17.55 -96.65
C ALA E 160 39.95 17.27 -97.19
N ILE E 161 39.23 18.33 -97.50
CA ILE E 161 37.87 18.20 -98.02
C ILE E 161 37.82 18.30 -99.52
N ALA E 162 37.16 17.31 -100.12
CA ALA E 162 37.03 17.25 -101.57
C ALA E 162 35.85 18.08 -102.06
N ASP E 163 36.03 18.75 -103.20
CA ASP E 163 34.95 19.56 -103.78
C ASP E 163 34.19 18.55 -104.62
N ILE E 164 33.28 17.87 -103.95
CA ILE E 164 32.50 16.81 -104.57
C ILE E 164 31.80 17.17 -105.86
N GLU E 165 31.08 18.28 -105.89
CA GLU E 165 30.36 18.71 -107.12
C GLU E 165 31.22 18.74 -108.37
N LYS E 166 32.45 19.20 -108.21
CA LYS E 166 33.39 19.29 -109.32
C LYS E 166 33.90 17.95 -109.74
N ILE E 167 34.06 17.04 -108.79
CA ILE E 167 34.51 15.70 -109.13
C ILE E 167 33.37 15.02 -109.90
N ASN E 168 32.16 15.22 -109.41
CA ASN E 168 30.97 14.66 -110.02
C ASN E 168 30.83 15.12 -111.47
N GLN E 169 31.01 16.39 -111.72
CA GLN E 169 30.92 16.92 -113.10
C GLN E 169 31.79 16.14 -114.04
N ILE E 170 33.07 16.06 -113.70
CA ILE E 170 34.03 15.38 -114.50
C ILE E 170 33.67 13.92 -114.68
N ALA E 171 33.25 13.29 -113.58
CA ALA E 171 32.88 11.89 -113.60
C ALA E 171 31.65 11.65 -114.46
N LYS E 172 30.63 12.48 -114.31
CA LYS E 172 29.40 12.31 -115.09
C LYS E 172 29.65 12.55 -116.57
N LYS E 173 30.55 13.46 -116.87
CA LYS E 173 30.85 13.78 -118.25
C LYS E 173 31.40 12.53 -118.97
N HIS E 174 32.42 11.90 -118.38
CA HIS E 174 33.04 10.70 -118.98
C HIS E 174 32.29 9.40 -118.71
N LYS E 175 31.19 9.46 -117.98
CA LYS E 175 30.39 8.26 -117.67
C LYS E 175 31.20 7.28 -116.82
N ILE E 176 31.93 7.83 -115.85
CA ILE E 176 32.74 7.03 -114.94
C ILE E 176 32.12 6.98 -113.55
N VAL E 177 32.17 5.81 -112.93
CA VAL E 177 31.64 5.62 -111.57
C VAL E 177 32.55 6.27 -110.56
N SER E 178 31.96 7.11 -109.71
CA SER E 178 32.70 7.81 -108.65
C SER E 178 32.50 7.10 -107.33
N ILE E 179 33.61 6.90 -106.60
CA ILE E 179 33.62 6.24 -105.30
C ILE E 179 34.10 7.19 -104.21
N CYS E 180 33.25 7.43 -103.21
CA CYS E 180 33.60 8.27 -102.11
C CYS E 180 33.68 7.51 -100.79
N ASP E 181 34.82 7.59 -100.13
CA ASP E 181 35.04 6.97 -98.82
C ASP E 181 34.59 8.06 -97.82
N ASN E 182 33.43 7.84 -97.21
CA ASN E 182 32.83 8.82 -96.28
C ASN E 182 32.98 8.43 -94.82
N THR E 183 33.99 7.62 -94.55
CA THR E 183 34.27 7.12 -93.20
C THR E 183 34.36 8.15 -92.07
N VAL E 184 35.21 9.14 -92.24
CA VAL E 184 35.41 10.13 -91.22
C VAL E 184 34.23 11.09 -91.02
N ALA E 185 33.65 11.59 -92.10
CA ALA E 185 32.51 12.51 -91.97
C ALA E 185 31.28 11.86 -91.41
N THR E 186 31.07 10.62 -91.83
CA THR E 186 29.94 9.75 -91.46
C THR E 186 28.71 10.25 -92.25
N PRO E 187 27.67 9.41 -92.38
CA PRO E 187 26.50 9.83 -93.10
C PRO E 187 25.76 10.94 -92.42
N PHE E 188 26.03 11.16 -91.13
CA PHE E 188 25.34 12.22 -90.41
C PHE E 188 25.89 13.61 -90.58
N LEU E 189 27.11 13.75 -91.09
CA LEU E 189 27.66 15.08 -91.27
C LEU E 189 27.75 15.44 -92.72
N LEU E 190 27.74 14.43 -93.58
CA LEU E 190 27.84 14.65 -95.00
C LEU E 190 27.19 13.52 -95.78
N GLN E 191 26.45 13.88 -96.82
CA GLN E 191 25.77 12.90 -97.66
C GLN E 191 26.29 12.97 -99.09
N PRO E 192 27.40 12.27 -99.41
CA PRO E 192 27.91 12.35 -100.76
C PRO E 192 26.89 12.09 -101.86
N PHE E 193 25.89 11.24 -101.63
CA PHE E 193 24.91 10.97 -102.69
C PHE E 193 24.19 12.22 -103.16
N LYS E 194 23.94 13.14 -102.25
CA LYS E 194 23.30 14.38 -102.59
C LYS E 194 24.09 15.11 -103.64
N HIS E 195 25.40 14.86 -103.71
CA HIS E 195 26.20 15.59 -104.69
C HIS E 195 26.66 14.83 -105.89
N GLY E 196 25.90 13.78 -106.25
CA GLY E 196 26.21 12.99 -107.42
C GLY E 196 27.10 11.78 -107.31
N VAL E 197 27.53 11.46 -106.10
CA VAL E 197 28.41 10.29 -105.94
C VAL E 197 27.61 9.03 -106.30
N ASP E 198 28.28 8.09 -106.92
CA ASP E 198 27.68 6.82 -107.34
C ASP E 198 27.76 5.73 -106.26
N VAL E 199 28.97 5.56 -105.72
CA VAL E 199 29.23 4.58 -104.72
C VAL E 199 29.96 5.15 -103.50
N ILE E 200 29.47 4.78 -102.33
CA ILE E 200 30.07 5.19 -101.07
C ILE E 200 30.66 4.01 -100.31
N VAL E 201 31.88 4.15 -99.84
CA VAL E 201 32.51 3.10 -99.03
C VAL E 201 32.75 3.65 -97.63
N HIS E 202 32.65 2.77 -96.65
CA HIS E 202 32.86 3.13 -95.26
C HIS E 202 33.64 2.10 -94.54
N SER E 203 34.48 2.59 -93.64
CA SER E 203 35.20 1.68 -92.77
C SER E 203 34.30 1.77 -91.56
N LEU E 204 33.44 0.78 -91.37
CA LEU E 204 32.50 0.76 -90.23
C LEU E 204 33.25 0.59 -88.91
N SER E 205 34.46 0.09 -89.06
N SER E 205 34.46 0.10 -89.05
CA SER E 205 35.38 -0.16 -87.96
CA SER E 205 35.38 -0.14 -87.95
C SER E 205 35.67 1.11 -87.13
C SER E 205 35.66 1.12 -87.13
N TYR E 207 33.97 5.16 -86.88
CA TYR E 207 32.85 5.81 -86.19
C TYR E 207 31.56 5.04 -86.00
N VAL E 208 31.18 4.22 -86.98
CA VAL E 208 29.95 3.42 -86.85
C VAL E 208 30.05 2.54 -85.61
N SER E 209 31.21 1.91 -85.42
CA SER E 209 31.44 1.08 -84.24
C SER E 209 31.49 2.04 -83.11
N GLY E 210 32.39 3.03 -83.26
CA GLY E 210 32.57 4.10 -82.28
C GLY E 210 33.26 3.74 -80.97
N GLN E 211 33.62 2.47 -80.86
CA GLN E 211 34.24 1.97 -79.64
C GLN E 211 35.43 1.04 -79.78
N GLY E 212 36.01 0.99 -80.98
CA GLY E 212 37.16 0.15 -81.26
C GLY E 212 36.93 -1.34 -81.02
N THR E 213 35.71 -1.80 -81.25
CA THR E 213 35.40 -3.19 -81.00
C THR E 213 34.97 -4.05 -82.15
N ALA E 214 34.63 -3.48 -83.29
CA ALA E 214 34.21 -4.35 -84.39
C ALA E 214 34.73 -3.88 -85.72
N LEU E 215 35.59 -4.71 -86.29
CA LEU E 215 36.19 -4.43 -87.55
C LEU E 215 35.08 -4.70 -88.58
N GLY E 216 34.99 -3.86 -89.59
CA GLY E 216 33.97 -4.01 -90.63
C GLY E 216 33.96 -2.91 -91.68
N GLY E 217 33.36 -3.23 -92.81
CA GLY E 217 33.24 -2.28 -93.93
C GLY E 217 31.92 -2.40 -94.67
N ALA E 218 31.64 -1.43 -95.55
CA ALA E 218 30.41 -1.44 -96.32
C ALA E 218 30.52 -0.74 -97.64
N LEU E 219 29.80 -1.26 -98.63
CA LEU E 219 29.78 -0.65 -99.98
C LEU E 219 28.34 -0.30 -100.19
N ILE E 220 28.09 0.97 -100.49
CA ILE E 220 26.72 1.46 -100.66
C ILE E 220 26.54 2.07 -102.03
N GLU E 221 25.43 1.74 -102.70
CA GLU E 221 25.22 2.28 -104.03
C GLU E 221 24.03 3.23 -104.03
N ARG E 222 24.11 4.23 -104.88
CA ARG E 222 23.04 5.21 -104.98
C ARG E 222 21.86 4.66 -105.73
N LYS E 223 20.78 5.41 -105.66
CA LYS E 223 19.59 5.02 -106.36
C LYS E 223 19.85 5.24 -107.83
N ASP E 224 19.34 4.34 -108.66
CA ASP E 224 19.46 4.42 -110.13
C ASP E 224 20.83 4.27 -110.69
N LEU E 225 21.74 3.68 -109.94
CA LEU E 225 23.10 3.46 -110.47
C LEU E 225 23.10 2.60 -111.76
N ASN E 226 22.08 1.74 -111.92
CA ASN E 226 21.97 0.89 -113.12
C ASN E 226 22.04 1.75 -114.39
N ASP E 227 21.39 2.92 -114.33
CA ASP E 227 21.38 3.89 -115.46
C ASP E 227 22.78 4.15 -115.98
N LEU E 228 23.73 4.27 -115.09
CA LEU E 228 25.14 4.51 -115.44
C LEU E 228 25.92 3.26 -115.86
N LEU E 229 25.54 2.10 -115.31
CA LEU E 229 26.25 0.83 -115.64
C LEU E 229 25.69 0.11 -116.84
N LYS E 230 24.37 0.06 -116.94
CA LYS E 230 23.73 -0.60 -118.07
C LYS E 230 23.96 0.17 -119.37
N ASN E 231 24.28 -0.57 -120.44
CA ASN E 231 24.52 0.00 -121.78
C ASN E 231 25.60 1.06 -121.78
N ASN E 232 26.66 0.78 -121.05
CA ASN E 232 27.78 1.70 -120.96
C ASN E 232 28.99 0.88 -121.36
N ASP E 233 29.56 1.23 -122.49
CA ASP E 233 30.73 0.54 -123.06
C ASP E 233 31.94 0.50 -122.13
N ARG E 234 31.96 1.40 -121.17
CA ARG E 234 33.07 1.42 -120.24
C ARG E 234 33.00 0.24 -119.23
N TYR E 235 31.80 -0.31 -119.02
CA TYR E 235 31.63 -1.42 -118.09
C TYR E 235 31.02 -2.68 -118.72
N LYS E 236 31.87 -3.44 -119.38
CA LYS E 236 31.39 -4.67 -120.04
C LYS E 236 30.98 -5.79 -119.10
N ALA E 237 31.59 -5.86 -117.91
CA ALA E 237 31.24 -6.90 -116.96
C ALA E 237 29.75 -6.86 -116.62
N PHE E 238 29.15 -5.68 -116.69
CA PHE E 238 27.73 -5.53 -116.41
C PHE E 238 26.81 -5.58 -117.67
N ASN E 239 27.40 -5.90 -118.83
CA ASN E 239 26.66 -5.96 -120.10
C ASN E 239 27.02 -7.11 -121.02
N THR E 240 27.58 -8.19 -120.47
CA THR E 240 27.98 -9.31 -121.30
C THR E 240 27.64 -10.62 -120.59
N PRO E 241 27.22 -11.64 -121.35
CA PRO E 241 26.89 -12.92 -120.71
C PRO E 241 28.07 -13.37 -119.88
N ASP E 242 27.81 -13.80 -118.66
CA ASP E 242 28.88 -14.24 -117.78
C ASP E 242 28.91 -15.77 -117.69
N PRO E 243 30.07 -16.37 -118.03
CA PRO E 243 30.19 -17.84 -117.99
C PRO E 243 30.08 -18.42 -116.58
N SER E 244 30.48 -17.66 -115.55
CA SER E 244 30.38 -18.16 -114.17
C SER E 244 28.91 -18.40 -113.82
N TYR E 245 27.98 -17.70 -114.51
CA TYR E 245 26.53 -17.86 -114.29
C TYR E 245 25.71 -18.28 -115.49
N HIS E 246 26.24 -19.26 -116.22
CA HIS E 246 25.58 -19.79 -117.40
C HIS E 246 25.01 -18.74 -118.32
N GLY E 247 25.89 -17.84 -118.74
CA GLY E 247 25.52 -16.76 -119.67
C GLY E 247 24.70 -15.59 -119.16
N LEU E 248 24.35 -15.58 -117.89
CA LEU E 248 23.57 -14.47 -117.35
C LEU E 248 24.20 -13.13 -117.69
N ASN E 249 23.39 -12.19 -118.14
CA ASN E 249 23.87 -10.86 -118.47
C ASN E 249 23.20 -9.93 -117.45
N LEU E 250 24.03 -9.29 -116.62
CA LEU E 250 23.52 -8.41 -115.58
C LEU E 250 22.64 -7.27 -116.03
N ASN E 251 22.85 -6.74 -117.23
CA ASN E 251 22.02 -5.61 -117.68
C ASN E 251 20.56 -6.01 -117.88
N THR E 252 20.27 -7.29 -117.75
CA THR E 252 18.92 -7.83 -117.89
C THR E 252 18.15 -7.84 -116.57
N LEU E 253 18.84 -7.58 -115.45
CA LEU E 253 18.21 -7.61 -114.15
C LEU E 253 17.61 -6.31 -113.64
N ASP E 254 16.47 -6.43 -112.98
CA ASP E 254 15.81 -5.29 -112.40
C ASP E 254 16.17 -5.33 -110.89
N LEU E 255 17.45 -5.11 -110.63
CA LEU E 255 18.02 -5.13 -109.29
C LEU E 255 19.27 -4.27 -109.28
N PRO E 256 19.74 -3.85 -108.10
CA PRO E 256 20.97 -3.06 -108.07
C PRO E 256 22.08 -4.00 -108.49
N ILE E 257 22.42 -3.96 -109.75
CA ILE E 257 23.42 -4.85 -110.28
C ILE E 257 24.82 -4.71 -109.70
N PHE E 258 25.17 -3.50 -109.27
CA PHE E 258 26.52 -3.29 -108.71
C PHE E 258 26.63 -4.17 -107.44
N SER E 259 25.63 -4.04 -106.58
CA SER E 259 25.59 -4.79 -105.33
C SER E 259 25.46 -6.30 -105.61
N ILE E 260 24.65 -6.65 -106.60
CA ILE E 260 24.47 -8.06 -106.97
C ILE E 260 25.79 -8.67 -107.35
N ARG E 261 26.59 -7.96 -108.13
CA ARG E 261 27.87 -8.54 -108.53
C ARG E 261 28.78 -8.71 -107.30
N VAL E 262 28.77 -7.76 -106.39
CA VAL E 262 29.58 -7.86 -105.17
C VAL E 262 29.25 -9.15 -104.42
N ILE E 263 27.96 -9.49 -104.39
CA ILE E 263 27.55 -10.68 -103.72
C ILE E 263 27.84 -12.00 -104.45
N ILE E 264 27.29 -12.14 -105.66
CA ILE E 264 27.46 -13.37 -106.44
C ILE E 264 28.84 -13.63 -106.96
N THR E 265 29.67 -12.60 -106.96
CA THR E 265 31.04 -12.82 -107.43
C THR E 265 32.15 -12.57 -106.37
N TRP E 266 32.25 -11.35 -105.86
CA TRP E 266 33.31 -11.04 -104.89
C TRP E 266 33.17 -11.67 -103.51
N LEU E 267 31.98 -11.60 -102.92
CA LEU E 267 31.81 -12.25 -101.64
C LEU E 267 31.86 -13.75 -101.85
N ARG E 268 31.13 -14.23 -102.85
CA ARG E 268 31.09 -15.66 -103.08
C ARG E 268 32.41 -16.31 -103.35
N ASP E 269 33.23 -15.68 -104.15
CA ASP E 269 34.52 -16.27 -104.51
C ASP E 269 35.73 -15.78 -103.72
N LEU E 270 35.74 -14.53 -103.29
CA LEU E 270 36.89 -14.00 -102.54
C LEU E 270 36.66 -14.12 -101.04
N GLY E 271 35.40 -14.14 -100.65
CA GLY E 271 35.03 -14.32 -99.24
C GLY E 271 35.42 -13.45 -98.08
N ALA E 272 35.39 -12.14 -98.27
CA ALA E 272 35.70 -11.19 -97.21
C ALA E 272 34.38 -10.87 -96.51
N SER E 273 33.80 -11.91 -95.94
CA SER E 273 32.52 -11.84 -95.25
C SER E 273 32.55 -11.29 -93.82
N LEU E 274 31.53 -10.49 -93.51
CA LEU E 274 31.42 -9.87 -92.24
C LEU E 274 30.73 -10.83 -91.27
N ALA E 275 31.40 -11.16 -90.18
CA ALA E 275 30.84 -12.04 -89.17
C ALA E 275 29.60 -11.42 -88.50
N PRO E 276 28.60 -12.25 -88.18
CA PRO E 276 27.36 -11.84 -87.54
C PRO E 276 27.49 -11.04 -86.23
N GLN E 277 28.43 -11.41 -85.39
CA GLN E 277 28.61 -10.71 -84.16
C GLN E 277 29.08 -9.28 -84.47
N ASN E 278 30.02 -9.14 -85.40
CA ASN E 278 30.51 -7.83 -85.77
C ASN E 278 29.40 -7.01 -86.39
N ALA E 279 28.61 -7.64 -87.25
CA ALA E 279 27.51 -6.95 -87.91
C ALA E 279 26.53 -6.43 -86.89
N TRP E 280 26.20 -7.27 -85.93
CA TRP E 280 25.27 -6.90 -84.89
C TRP E 280 25.80 -5.73 -84.05
N LEU E 281 27.07 -5.82 -83.64
CA LEU E 281 27.68 -4.71 -82.88
C LEU E 281 27.65 -3.41 -83.68
N LEU E 282 27.94 -3.52 -84.98
CA LEU E 282 27.92 -2.35 -85.89
C LEU E 282 26.52 -1.78 -86.00
N LEU E 283 25.50 -2.64 -85.97
CA LEU E 283 24.14 -2.13 -85.99
C LEU E 283 23.90 -1.33 -84.75
N GLN E 284 24.39 -1.83 -83.63
CA GLN E 284 24.16 -1.13 -82.37
C GLN E 284 24.86 0.24 -82.42
N GLY E 285 26.05 0.27 -82.98
CA GLY E 285 26.79 1.50 -83.07
C GLY E 285 26.09 2.47 -83.97
N LEU E 286 25.53 1.96 -85.04
CA LEU E 286 24.81 2.84 -85.99
C LEU E 286 23.67 3.57 -85.28
N GLU E 287 22.96 2.85 -84.40
CA GLU E 287 21.86 3.43 -83.65
C GLU E 287 22.22 4.71 -82.88
N THR E 288 23.42 4.75 -82.33
CA THR E 288 23.87 5.88 -81.53
C THR E 288 24.85 6.82 -82.19
N LEU E 289 25.22 6.57 -83.42
CA LEU E 289 26.17 7.42 -84.09
C LEU E 289 25.76 8.89 -84.15
N ALA E 290 24.48 9.18 -84.36
CA ALA E 290 24.05 10.58 -84.47
C ALA E 290 24.37 11.37 -83.22
N VAL E 291 24.11 10.80 -82.05
CA VAL E 291 24.44 11.53 -80.85
C VAL E 291 25.95 11.56 -80.61
N ARG E 292 26.62 10.44 -80.85
CA ARG E 292 28.07 10.37 -80.65
C ARG E 292 28.90 11.30 -81.52
N ILE E 293 28.63 11.33 -82.80
CA ILE E 293 29.42 12.16 -83.70
C ILE E 293 29.37 13.63 -83.34
N GLU E 294 28.27 14.08 -82.75
CA GLU E 294 28.17 15.49 -82.35
C GLU E 294 29.13 15.77 -81.20
N LYS E 295 29.22 14.85 -80.25
CA LYS E 295 30.13 15.03 -79.10
C LYS E 295 31.56 14.97 -79.62
N HIS E 296 31.85 14.00 -80.48
CA HIS E 296 33.19 13.91 -81.04
C HIS E 296 33.56 15.25 -81.68
N SER E 297 32.61 15.80 -82.42
CA SER E 297 32.80 17.07 -83.11
C SER E 297 32.98 18.26 -82.18
N GLN E 298 32.11 18.37 -81.21
CA GLN E 298 32.19 19.47 -80.23
C GLN E 298 33.55 19.40 -79.52
N ASN E 299 33.92 18.20 -79.07
CA ASN E 299 35.21 18.07 -78.42
C ASN E 299 36.37 18.43 -79.34
N ALA E 300 36.33 17.96 -80.57
CA ALA E 300 37.42 18.21 -81.51
C ALA E 300 37.65 19.68 -81.73
N GLU E 301 36.54 20.42 -81.86
CA GLU E 301 36.63 21.83 -82.08
C GLU E 301 37.31 22.53 -80.92
N LYS E 302 36.93 22.18 -79.70
CA LYS E 302 37.55 22.81 -78.54
C LYS E 302 39.03 22.50 -78.44
N VAL E 303 39.40 21.25 -78.72
CA VAL E 303 40.79 20.83 -78.69
C VAL E 303 41.51 21.59 -79.80
N ALA E 304 40.90 21.71 -80.97
CA ALA E 304 41.52 22.43 -82.07
C ALA E 304 41.80 23.90 -81.69
N ASN E 305 40.82 24.57 -81.11
CA ASN E 305 40.97 25.95 -80.69
C ASN E 305 42.07 26.11 -79.67
N PHE E 306 42.13 25.19 -78.73
CA PHE E 306 43.17 25.18 -77.68
C PHE E 306 44.56 25.00 -78.30
N LEU E 307 44.71 24.02 -79.18
CA LEU E 307 45.99 23.82 -79.82
C LEU E 307 46.39 25.01 -80.68
N ASN E 308 45.41 25.57 -81.39
CA ASN E 308 45.64 26.69 -82.27
C ASN E 308 46.18 27.95 -81.59
N SER E 309 45.96 28.08 -80.27
CA SER E 309 46.42 29.24 -79.53
C SER E 309 47.59 28.98 -78.63
N HIS E 310 48.03 27.75 -78.54
CA HIS E 310 49.12 27.42 -77.66
C HIS E 310 50.45 27.73 -78.34
N PRO E 311 51.37 28.40 -77.64
CA PRO E 311 52.67 28.80 -78.22
C PRO E 311 53.60 27.68 -78.65
N ASP E 312 53.52 26.53 -78.01
CA ASP E 312 54.37 25.38 -78.38
C ASP E 312 53.85 24.56 -79.58
N ILE E 313 52.76 25.00 -80.21
CA ILE E 313 52.18 24.30 -81.36
C ILE E 313 52.37 25.15 -82.61
N LYS E 314 52.90 24.55 -83.66
CA LYS E 314 53.16 25.29 -84.91
C LYS E 314 52.15 25.25 -86.04
N GLY E 315 51.02 24.59 -85.87
CA GLY E 315 50.04 24.54 -86.95
C GLY E 315 48.99 23.52 -86.61
N VAL E 316 47.75 23.83 -86.92
CA VAL E 316 46.66 22.93 -86.64
C VAL E 316 45.80 22.73 -87.87
N ASN E 317 45.46 21.48 -88.15
N ASN E 317 45.45 21.49 -88.10
CA ASN E 317 44.59 21.14 -89.28
CA ASN E 317 44.67 21.12 -89.23
C ASN E 317 43.22 20.68 -88.87
C ASN E 317 43.24 20.67 -88.85
N TYR E 318 42.24 21.56 -88.96
CA TYR E 318 40.86 21.20 -88.62
C TYR E 318 39.98 22.19 -89.38
N PRO E 319 38.99 21.69 -90.12
CA PRO E 319 38.12 22.53 -90.94
C PRO E 319 37.32 23.67 -90.30
N THR E 320 37.02 23.59 -89.02
CA THR E 320 36.25 24.64 -88.38
C THR E 320 37.11 25.91 -88.20
N LEU E 321 38.42 25.77 -88.28
CA LEU E 321 39.31 26.93 -88.12
C LEU E 321 39.20 27.80 -89.36
N ALA E 322 38.77 29.04 -89.18
CA ALA E 322 38.58 30.03 -90.27
C ALA E 322 39.76 30.22 -91.21
N SER E 323 40.97 30.00 -90.72
CA SER E 323 42.19 30.15 -91.54
C SER E 323 42.55 28.89 -92.32
N ASN E 324 41.85 27.80 -92.04
CA ASN E 324 42.16 26.55 -92.70
C ASN E 324 41.79 26.65 -94.18
N ALA E 325 42.58 26.00 -95.03
CA ALA E 325 42.38 26.01 -96.48
C ALA E 325 41.10 25.29 -96.95
N TYR E 326 40.55 24.42 -96.12
CA TYR E 326 39.33 23.73 -96.47
C TYR E 326 38.09 24.29 -95.79
N HIS E 327 38.24 25.39 -95.10
CA HIS E 327 37.12 25.98 -94.36
C HIS E 327 35.91 26.31 -95.23
N ASN E 328 36.13 26.92 -96.40
CA ASN E 328 35.00 27.25 -97.30
C ASN E 328 34.28 25.98 -97.80
N LEU E 329 35.06 24.95 -98.14
CA LEU E 329 34.50 23.67 -98.59
C LEU E 329 33.73 23.04 -97.44
N PHE E 330 34.21 23.24 -96.22
CA PHE E 330 33.53 22.76 -95.02
C PHE E 330 32.16 23.40 -94.90
N LYS E 331 32.13 24.73 -94.94
CA LYS E 331 30.86 25.48 -94.86
C LYS E 331 29.93 25.12 -96.01
N LYS E 332 30.49 24.81 -97.16
CA LYS E 332 29.66 24.47 -98.31
C LYS E 332 28.99 23.09 -98.25
N TYR E 333 29.73 22.08 -97.80
CA TYR E 333 29.19 20.72 -97.73
C TYR E 333 28.68 20.16 -96.39
N PHE E 334 29.07 20.75 -95.28
CA PHE E 334 28.64 20.27 -93.95
C PHE E 334 27.53 21.10 -93.35
N ASP E 335 26.30 20.62 -93.51
CA ASP E 335 25.11 21.35 -93.03
C ASP E 335 24.96 21.58 -91.54
N LYS E 336 25.40 20.63 -90.72
CA LYS E 336 25.30 20.77 -89.24
C LYS E 336 26.45 21.45 -88.47
N ASN E 337 27.35 21.99 -89.25
CA ASN E 337 28.51 22.68 -88.73
C ASN E 337 29.37 21.89 -87.73
N PHE E 338 29.49 20.59 -87.98
CA PHE E 338 30.30 19.68 -87.17
C PHE E 338 31.27 19.08 -88.16
N ALA E 339 32.54 18.96 -87.77
CA ALA E 339 33.57 18.42 -88.69
C ALA E 339 34.23 17.09 -88.29
N SER E 340 33.55 16.34 -87.44
CA SER E 340 34.01 15.06 -86.97
C SER E 340 35.15 15.14 -85.94
N GLY E 341 35.69 14.00 -85.53
CA GLY E 341 36.72 13.95 -84.52
C GLY E 341 38.17 13.74 -84.85
N LEU E 342 38.52 13.88 -86.11
CA LEU E 342 39.90 13.70 -86.48
C LEU E 342 40.57 15.05 -86.72
N LEU E 343 41.79 15.22 -86.26
CA LEU E 343 42.51 16.44 -86.50
C LEU E 343 44.00 16.15 -86.43
N SER E 344 44.82 17.05 -86.93
CA SER E 344 46.27 16.84 -86.83
C SER E 344 46.90 18.17 -86.50
N PHE E 345 48.12 18.13 -85.98
CA PHE E 345 48.80 19.37 -85.64
C PHE E 345 50.30 19.16 -85.73
N GLU E 346 51.02 20.28 -85.80
CA GLU E 346 52.48 20.29 -85.89
C GLU E 346 53.10 20.63 -84.54
N ALA E 347 54.01 19.78 -84.09
CA ALA E 347 54.72 20.00 -82.84
C ALA E 347 55.90 20.85 -83.25
N LYS E 348 56.73 21.25 -82.29
CA LYS E 348 57.91 22.08 -82.58
C LYS E 348 58.82 21.37 -83.56
N ASP E 349 59.03 20.08 -83.31
CA ASP E 349 59.87 19.25 -84.13
C ASP E 349 59.66 17.76 -83.77
N TYR E 350 60.41 16.89 -84.44
CA TYR E 350 60.31 15.45 -84.22
C TYR E 350 60.42 15.05 -82.74
N GLU E 351 61.45 15.53 -82.05
CA GLU E 351 61.64 15.20 -80.63
C GLU E 351 60.47 15.64 -79.73
N HIS E 352 59.83 16.75 -80.07
CA HIS E 352 58.69 17.23 -79.30
C HIS E 352 57.47 16.35 -79.57
N ALA E 353 57.28 15.97 -80.83
CA ALA E 353 56.15 15.11 -81.24
C ALA E 353 56.18 13.76 -80.53
N ARG E 354 57.39 13.29 -80.29
CA ARG E 354 57.63 12.03 -79.66
C ARG E 354 57.39 12.19 -78.14
N ARG E 355 57.83 13.28 -77.51
CA ARG E 355 57.58 13.44 -76.07
C ARG E 355 56.09 13.48 -75.78
N ILE E 356 55.35 14.15 -76.66
CA ILE E 356 53.91 14.28 -76.53
C ILE E 356 53.28 12.91 -76.57
N CYS E 357 53.61 12.13 -77.60
CA CYS E 357 53.07 10.76 -77.68
C CYS E 357 53.40 9.88 -76.46
N ASP E 358 54.57 10.10 -75.88
CA ASP E 358 54.99 9.33 -74.72
C ASP E 358 54.46 9.85 -73.36
N LYS E 359 53.92 11.08 -73.34
CA LYS E 359 53.39 11.73 -72.12
C LYS E 359 51.88 11.78 -71.90
N THR E 360 51.08 11.65 -72.95
CA THR E 360 49.62 11.67 -72.77
C THR E 360 49.11 10.49 -71.94
N GLN E 361 48.09 10.76 -71.10
CA GLN E 361 47.50 9.74 -70.23
C GLN E 361 46.09 9.37 -70.63
N LEU E 362 45.37 10.28 -71.29
CA LEU E 362 43.99 10.00 -71.77
C LEU E 362 44.01 9.67 -73.24
N PHE E 363 44.81 10.41 -74.00
CA PHE E 363 44.97 10.09 -75.40
C PHE E 363 45.84 8.83 -75.37
N LEU E 364 45.31 7.74 -75.90
CA LEU E 364 46.03 6.49 -75.93
C LEU E 364 46.85 6.34 -77.21
N LEU E 365 48.14 6.06 -77.05
CA LEU E 365 49.03 5.87 -78.20
C LEU E 365 48.59 4.56 -78.87
N ALA E 366 47.97 4.70 -80.06
CA ALA E 366 47.46 3.58 -80.80
C ALA E 366 47.15 3.96 -82.24
N ALA E 367 46.87 2.94 -83.04
CA ALA E 367 46.59 3.14 -84.43
C ALA E 367 45.19 2.77 -84.82
N ASN E 368 44.31 3.73 -84.64
CA ASN E 368 42.91 3.56 -84.98
C ASN E 368 42.26 4.93 -84.88
N LEU E 369 40.99 5.06 -85.25
CA LEU E 369 40.37 6.35 -85.11
C LEU E 369 38.87 6.14 -84.96
N GLY E 370 38.21 7.09 -84.30
CA GLY E 370 36.77 6.98 -84.10
C GLY E 370 36.39 6.14 -82.89
N ASP E 371 37.33 5.87 -81.99
CA ASP E 371 37.04 5.12 -80.78
C ASP E 371 36.45 6.15 -79.79
N SER E 372 35.68 5.68 -78.83
CA SER E 372 35.10 6.54 -77.83
C SER E 372 36.21 7.08 -76.93
N LYS E 373 37.32 6.37 -76.90
CA LYS E 373 38.50 6.81 -76.12
C LYS E 373 39.39 7.56 -77.08
N SER E 374 39.92 8.69 -76.62
CA SER E 374 40.79 9.51 -77.45
C SER E 374 42.09 8.79 -77.76
N LEU E 375 42.56 8.97 -78.99
CA LEU E 375 43.80 8.31 -79.45
C LEU E 375 44.80 9.27 -80.06
N ILE E 376 46.06 8.85 -80.05
CA ILE E 376 47.14 9.64 -80.60
C ILE E 376 48.17 8.80 -81.32
N ILE E 377 48.78 9.38 -82.36
CA ILE E 377 49.79 8.73 -83.14
C ILE E 377 50.64 9.71 -83.95
N HIS E 378 51.83 9.26 -84.36
CA HIS E 378 52.79 10.01 -85.17
C HIS E 378 52.87 9.32 -86.56
N PRO E 379 52.05 9.76 -87.54
CA PRO E 379 51.95 9.19 -88.93
C PRO E 379 53.19 8.86 -89.75
N ALA E 380 54.15 9.76 -89.80
CA ALA E 380 55.35 9.47 -90.61
C ALA E 380 55.96 8.08 -90.33
N SER E 381 56.21 7.76 -89.06
CA SER E 381 56.81 6.47 -88.65
C SER E 381 55.78 5.37 -88.36
N THR E 382 54.55 5.58 -88.79
CA THR E 382 53.52 4.63 -88.47
C THR E 382 52.46 4.39 -89.57
N THR E 383 51.32 5.09 -89.52
CA THR E 383 50.21 4.91 -90.49
C THR E 383 50.58 5.20 -91.95
N HIS E 384 51.51 6.13 -92.14
CA HIS E 384 51.96 6.52 -93.48
C HIS E 384 53.45 6.24 -93.58
N SER E 385 53.87 5.23 -92.83
CA SER E 385 55.24 4.76 -92.78
C SER E 385 55.65 4.17 -94.15
N GLN E 386 54.69 3.56 -94.87
CA GLN E 386 54.96 2.96 -96.18
C GLN E 386 55.22 3.98 -97.30
N LEU E 387 54.61 5.16 -97.21
CA LEU E 387 54.78 6.22 -98.23
C LEU E 387 56.21 6.77 -98.36
N SER E 388 56.56 7.23 -99.57
CA SER E 388 57.89 7.79 -99.86
C SER E 388 58.00 9.14 -99.18
N GLU E 389 59.24 9.61 -99.00
CA GLU E 389 59.50 10.89 -98.33
C GLU E 389 58.77 12.04 -99.07
N GLU E 390 58.66 11.94 -100.40
CA GLU E 390 57.96 12.94 -101.25
C GLU E 390 56.42 12.78 -101.24
N GLU E 391 55.93 11.54 -101.24
CA GLU E 391 54.47 11.29 -101.18
C GLU E 391 53.89 11.89 -99.90
N LEU E 392 54.69 11.91 -98.84
CA LEU E 392 54.29 12.47 -97.58
C LEU E 392 54.01 13.92 -97.71
N GLN E 393 54.85 14.59 -98.48
CA GLN E 393 54.77 16.03 -98.70
C GLN E 393 53.59 16.35 -99.62
N LYS E 394 53.25 15.42 -100.51
CA LYS E 394 52.13 15.63 -101.42
C LYS E 394 50.79 15.49 -100.64
N ALA E 395 50.83 14.71 -99.55
CA ALA E 395 49.67 14.47 -98.65
C ALA E 395 49.69 15.49 -97.50
N GLY E 396 50.80 16.22 -97.37
CA GLY E 396 51.00 17.23 -96.36
C GLY E 396 51.32 16.71 -94.98
N ILE E 397 52.33 15.84 -94.81
CA ILE E 397 52.70 15.31 -93.49
C ILE E 397 54.17 15.61 -93.24
N THR E 398 54.59 15.85 -91.99
CA THR E 398 55.99 16.12 -91.67
C THR E 398 56.45 15.28 -90.48
N LYS E 399 57.71 15.40 -90.09
CA LYS E 399 58.25 14.67 -88.95
C LYS E 399 57.73 15.19 -87.61
N ALA E 400 57.15 16.39 -87.64
CA ALA E 400 56.59 16.99 -86.44
C ALA E 400 55.07 16.78 -86.33
N THR E 401 54.47 16.18 -87.35
CA THR E 401 53.04 15.95 -87.39
C THR E 401 52.49 14.90 -86.45
N ILE E 402 51.42 15.28 -85.76
CA ILE E 402 50.72 14.40 -84.83
C ILE E 402 49.29 14.34 -85.23
N ARG E 403 48.72 13.15 -85.18
CA ARG E 403 47.33 12.99 -85.52
C ARG E 403 46.58 12.61 -84.24
N LEU E 404 45.42 13.21 -84.02
CA LEU E 404 44.62 12.87 -82.87
C LEU E 404 43.23 12.39 -83.29
N SER E 405 42.69 11.44 -82.53
CA SER E 405 41.32 10.95 -82.75
C SER E 405 40.65 11.42 -81.47
N ILE E 406 39.76 12.39 -81.58
CA ILE E 406 39.09 12.95 -80.41
C ILE E 406 37.91 12.08 -79.98
N GLY E 407 37.96 11.65 -78.73
CA GLY E 407 36.94 10.80 -78.15
C GLY E 407 35.76 11.50 -77.53
N LEU E 408 35.06 10.79 -76.67
CA LEU E 408 33.90 11.30 -76.01
C LEU E 408 34.15 11.77 -74.58
N GLU E 409 35.40 11.79 -74.15
CA GLU E 409 35.71 12.22 -72.78
C GLU E 409 35.37 13.69 -72.56
N ASN E 410 35.47 14.15 -71.32
CA ASN E 410 35.22 15.54 -71.02
C ASN E 410 36.34 16.40 -71.65
N SER E 411 35.97 17.43 -72.40
CA SER E 411 36.93 18.30 -73.09
C SER E 411 37.98 18.95 -72.19
N ASP E 412 37.58 19.37 -71.01
CA ASP E 412 38.55 19.98 -70.11
C ASP E 412 39.62 18.97 -69.73
N ASP E 413 39.20 17.73 -69.50
CA ASP E 413 40.13 16.66 -69.16
C ASP E 413 41.07 16.39 -70.32
N LEU E 414 40.53 16.39 -71.54
CA LEU E 414 41.35 16.13 -72.73
C LEU E 414 42.36 17.23 -72.94
N ILE E 415 41.89 18.47 -72.81
CA ILE E 415 42.75 19.63 -72.99
C ILE E 415 43.86 19.59 -71.96
N ALA E 416 43.51 19.30 -70.72
CA ALA E 416 44.50 19.24 -69.65
C ALA E 416 45.56 18.17 -69.91
N ASP E 417 45.13 17.03 -70.42
CA ASP E 417 46.07 15.91 -70.73
C ASP E 417 47.02 16.37 -71.85
N LEU E 418 46.49 17.00 -72.88
CA LEU E 418 47.36 17.49 -73.97
C LEU E 418 48.25 18.60 -73.51
N LYS E 419 47.72 19.45 -72.65
CA LYS E 419 48.49 20.56 -72.17
C LYS E 419 49.75 20.08 -71.47
N GLN E 420 49.58 19.17 -70.53
CA GLN E 420 50.77 18.68 -69.79
C GLN E 420 51.75 17.94 -70.69
N ALA E 421 51.25 17.26 -71.70
CA ALA E 421 52.12 16.55 -72.63
C ALA E 421 52.91 17.53 -73.53
N ILE E 422 52.22 18.52 -74.10
CA ILE E 422 52.80 19.57 -75.03
C ILE E 422 53.82 20.43 -74.24
N GLU E 423 53.52 20.77 -72.98
CA GLU E 423 54.42 21.60 -72.15
C GLU E 423 55.61 20.87 -71.52
N SER E 424 55.68 19.56 -71.68
CA SER E 424 56.83 18.82 -71.11
C SER E 424 58.09 18.89 -71.98
N ASN F 3 57.33 -34.61 -77.07
CA ASN F 3 56.14 -33.78 -77.43
C ASN F 3 54.81 -34.51 -77.32
N PHE F 4 53.72 -33.76 -77.12
CA PHE F 4 52.36 -34.31 -76.99
C PHE F 4 51.61 -34.76 -78.27
N ASN F 5 50.51 -35.50 -78.08
CA ASN F 5 49.68 -35.97 -79.20
C ASN F 5 48.74 -34.87 -79.72
N LYS F 6 48.26 -35.05 -80.94
CA LYS F 6 47.36 -34.07 -81.58
C LYS F 6 46.17 -33.67 -80.74
N GLU F 7 45.53 -34.64 -80.11
CA GLU F 7 44.37 -34.35 -79.29
C GLU F 7 44.75 -33.35 -78.20
N THR F 8 45.93 -33.53 -77.63
CA THR F 8 46.42 -32.69 -76.56
C THR F 8 46.76 -31.28 -77.05
N LEU F 9 47.35 -31.19 -78.24
CA LEU F 9 47.75 -29.94 -78.83
C LEU F 9 46.55 -29.07 -79.21
N ALA F 10 45.39 -29.69 -79.40
CA ALA F 10 44.18 -28.92 -79.76
C ALA F 10 43.59 -28.26 -78.53
N LEU F 11 44.10 -28.65 -77.36
CA LEU F 11 43.65 -28.17 -76.05
C LEU F 11 44.62 -27.31 -75.23
N HIS F 12 45.91 -27.52 -75.49
CA HIS F 12 46.99 -26.82 -74.82
C HIS F 12 48.01 -26.32 -75.83
N GLY F 13 48.52 -25.11 -75.62
CA GLY F 13 49.53 -24.52 -76.50
C GLY F 13 49.17 -23.15 -77.05
N ALA F 14 50.21 -22.40 -77.46
CA ALA F 14 50.06 -21.09 -78.03
C ALA F 14 49.25 -20.11 -77.19
N TYR F 15 49.12 -20.35 -75.90
CA TYR F 15 48.36 -19.48 -74.97
C TYR F 15 48.94 -19.73 -73.58
N ASN F 16 49.63 -18.75 -73.02
CA ASN F 16 50.25 -18.89 -71.69
C ASN F 16 49.49 -18.26 -70.48
N PHE F 17 48.25 -17.84 -70.66
CA PHE F 17 47.46 -17.22 -69.58
C PHE F 17 47.94 -15.78 -69.36
N ASP F 18 47.09 -14.78 -69.56
CA ASP F 18 47.52 -13.42 -69.31
C ASP F 18 47.54 -13.17 -67.78
N THR F 19 47.39 -11.91 -67.39
CA THR F 19 47.41 -11.54 -65.99
C THR F 19 46.29 -12.22 -65.19
N GLN F 20 45.11 -12.32 -65.79
CA GLN F 20 43.91 -12.90 -65.14
C GLN F 20 43.92 -14.39 -65.03
N ARG F 21 44.77 -15.02 -65.80
CA ARG F 21 44.91 -16.48 -65.80
C ARG F 21 43.61 -17.26 -66.07
N SER F 22 42.83 -16.78 -67.04
CA SER F 22 41.62 -17.42 -67.43
C SER F 22 42.04 -18.69 -68.19
N ILE F 23 41.39 -19.81 -67.88
CA ILE F 23 41.71 -21.10 -68.55
C ILE F 23 41.30 -21.03 -70.01
N SER F 24 40.17 -20.40 -70.27
CA SER F 24 39.69 -20.22 -71.61
C SER F 24 40.38 -19.00 -72.20
N VAL F 25 40.57 -19.00 -73.51
CA VAL F 25 41.22 -17.88 -74.20
C VAL F 25 40.24 -16.72 -74.23
N PRO F 26 40.71 -15.52 -73.85
CA PRO F 26 39.78 -14.43 -73.84
C PRO F 26 39.40 -14.01 -75.22
N ILE F 27 38.21 -13.42 -75.33
CA ILE F 27 37.73 -12.93 -76.62
C ILE F 27 38.10 -11.46 -76.71
N TYR F 28 39.10 -11.18 -77.53
CA TYR F 28 39.56 -9.79 -77.75
C TYR F 28 38.70 -9.09 -78.82
N GLN F 29 37.49 -8.69 -78.40
CA GLN F 29 36.52 -7.98 -79.26
C GLN F 29 37.10 -6.56 -79.24
N ASN F 30 38.13 -6.41 -80.06
CA ASN F 30 38.90 -5.21 -80.13
C ASN F 30 39.68 -5.02 -81.44
N THR F 31 39.85 -3.77 -81.86
CA THR F 31 40.56 -3.49 -83.11
C THR F 31 41.92 -2.93 -82.96
N ALA F 32 42.15 -2.19 -81.87
CA ALA F 32 43.47 -1.56 -81.68
C ALA F 32 44.13 -1.85 -80.34
N TYR F 33 45.41 -1.52 -80.29
CA TYR F 33 46.21 -1.77 -79.11
C TYR F 33 47.01 -0.56 -78.68
N ASN F 34 47.20 -0.46 -77.37
CA ASN F 34 47.93 0.65 -76.79
C ASN F 34 49.43 0.37 -76.78
N PHE F 35 50.16 1.00 -77.70
CA PHE F 35 51.61 0.82 -77.75
C PHE F 35 52.16 1.46 -76.48
N GLU F 36 53.20 0.83 -75.91
CA GLU F 36 53.81 1.32 -74.66
C GLU F 36 54.61 2.60 -74.85
N ASN F 37 55.06 2.85 -76.08
CA ASN F 37 55.83 4.04 -76.41
C ASN F 37 55.95 4.17 -77.90
N LEU F 38 56.37 5.33 -78.37
CA LEU F 38 56.49 5.54 -79.81
C LEU F 38 57.49 4.60 -80.55
N ASP F 39 58.61 4.27 -79.93
CA ASP F 39 59.60 3.38 -80.57
C ASP F 39 58.98 2.04 -80.87
N GLN F 40 58.32 1.48 -79.86
CA GLN F 40 57.67 0.21 -79.98
C GLN F 40 56.73 0.19 -81.17
N ALA F 41 55.91 1.23 -81.26
CA ALA F 41 54.94 1.36 -82.34
C ALA F 41 55.66 1.33 -83.69
N ALA F 42 56.50 2.34 -83.94
CA ALA F 42 57.25 2.43 -85.19
C ALA F 42 58.01 1.14 -85.48
N ALA F 43 58.61 0.55 -84.46
CA ALA F 43 59.34 -0.69 -84.66
C ALA F 43 58.39 -1.78 -85.21
N ARG F 44 57.15 -1.82 -84.74
CA ARG F 44 56.18 -2.81 -85.24
C ARG F 44 55.76 -2.53 -86.69
N PHE F 45 55.57 -1.27 -87.01
CA PHE F 45 55.19 -0.91 -88.38
C PHE F 45 56.31 -1.20 -89.41
N ASN F 46 57.54 -1.39 -88.93
CA ASN F 46 58.71 -1.68 -89.76
C ASN F 46 59.14 -3.12 -89.75
N LEU F 47 58.35 -3.97 -89.15
CA LEU F 47 58.68 -5.39 -89.07
C LEU F 47 59.97 -5.67 -88.26
N GLN F 48 60.49 -4.67 -87.55
CA GLN F 48 61.66 -4.91 -86.73
C GLN F 48 61.21 -5.71 -85.51
N GLU F 49 60.12 -5.30 -84.89
CA GLU F 49 59.60 -6.03 -83.72
C GLU F 49 58.22 -6.64 -84.05
N LEU F 50 58.01 -7.91 -83.71
CA LEU F 50 56.69 -8.55 -83.95
C LEU F 50 55.75 -8.23 -82.77
N GLY F 51 54.47 -8.05 -83.07
CA GLY F 51 53.50 -7.73 -82.03
C GLY F 51 52.19 -7.15 -82.53
N ASN F 52 51.31 -6.85 -81.59
CA ASN F 52 50.00 -6.29 -81.90
C ASN F 52 50.06 -4.91 -82.46
N ILE F 53 49.28 -4.69 -83.52
CA ILE F 53 49.17 -3.42 -84.18
C ILE F 53 47.72 -2.99 -84.40
N TYR F 54 47.01 -3.80 -85.18
CA TYR F 54 45.62 -3.54 -85.54
C TYR F 54 45.02 -4.85 -85.95
N SER F 55 43.81 -5.11 -85.45
CA SER F 55 43.10 -6.38 -85.73
C SER F 55 42.88 -6.81 -87.17
N ARG F 56 42.96 -5.89 -88.11
CA ARG F 56 42.80 -6.33 -89.49
C ARG F 56 43.95 -7.22 -89.89
N LEU F 57 45.10 -7.03 -89.22
CA LEU F 57 46.31 -7.80 -89.49
C LEU F 57 46.38 -9.03 -88.61
N SER F 58 46.20 -8.83 -87.30
CA SER F 58 46.23 -9.91 -86.38
C SER F 58 45.54 -9.54 -85.08
N ASN F 59 45.09 -10.58 -84.39
CA ASN F 59 44.37 -10.49 -83.09
C ASN F 59 44.81 -11.64 -82.21
N PRO F 60 45.03 -11.40 -80.90
CA PRO F 60 45.49 -12.47 -80.01
C PRO F 60 44.59 -13.71 -79.96
N THR F 61 43.27 -13.52 -80.02
CA THR F 61 42.35 -14.65 -79.99
C THR F 61 42.66 -15.49 -81.23
N SER F 62 42.63 -14.85 -82.39
CA SER F 62 42.91 -15.57 -83.66
C SER F 62 44.33 -16.11 -83.76
N ASP F 63 45.29 -15.50 -83.05
CA ASP F 63 46.69 -15.99 -83.09
C ASP F 63 46.81 -17.35 -82.44
N VAL F 64 46.09 -17.53 -81.34
CA VAL F 64 46.10 -18.81 -80.64
C VAL F 64 45.58 -19.88 -81.59
N LEU F 65 44.50 -19.55 -82.31
CA LEU F 65 43.88 -20.45 -83.29
C LEU F 65 44.86 -20.83 -84.40
N GLY F 66 45.51 -19.82 -84.96
CA GLY F 66 46.47 -20.04 -86.03
C GLY F 66 47.59 -21.00 -85.64
N GLN F 67 48.19 -20.74 -84.49
CA GLN F 67 49.31 -21.56 -84.04
C GLN F 67 48.87 -22.98 -83.68
N ARG F 68 47.73 -23.11 -83.00
CA ARG F 68 47.26 -24.45 -82.68
C ARG F 68 46.95 -25.23 -83.96
N LEU F 69 46.31 -24.60 -84.92
CA LEU F 69 46.00 -25.30 -86.17
C LEU F 69 47.30 -25.77 -86.81
N ALA F 70 48.33 -24.94 -86.73
CA ALA F 70 49.64 -25.31 -87.29
C ALA F 70 50.22 -26.48 -86.50
N ASN F 71 50.07 -26.42 -85.18
CA ASN F 71 50.58 -27.47 -84.33
C ASN F 71 49.91 -28.81 -84.60
N VAL F 72 48.58 -28.82 -84.76
CA VAL F 72 47.91 -30.08 -85.01
C VAL F 72 48.28 -30.63 -86.36
N GLU F 73 48.55 -29.79 -87.35
CA GLU F 73 48.94 -30.27 -88.68
C GLU F 73 50.42 -30.65 -88.76
N GLY F 74 51.22 -30.26 -87.78
CA GLY F 74 52.65 -30.54 -87.80
C GLY F 74 53.36 -29.49 -88.67
N GLY F 75 52.73 -28.34 -88.87
CA GLY F 75 53.31 -27.25 -89.68
C GLY F 75 54.01 -26.23 -88.82
N ALA F 76 54.42 -25.12 -89.44
CA ALA F 76 55.14 -24.05 -88.70
C ALA F 76 54.33 -22.84 -88.22
N PHE F 77 53.49 -22.32 -89.08
CA PHE F 77 52.72 -21.16 -88.75
C PHE F 77 51.36 -21.20 -89.48
N GLY F 78 50.35 -20.67 -88.81
CA GLY F 78 49.03 -20.63 -89.40
C GLY F 78 48.38 -19.29 -89.29
N ILE F 79 47.58 -18.96 -90.28
CA ILE F 79 46.90 -17.69 -90.35
C ILE F 79 45.42 -17.79 -90.65
N PRO F 80 44.59 -17.42 -89.67
CA PRO F 80 43.16 -17.45 -89.87
C PRO F 80 42.67 -16.24 -90.61
N VAL F 81 41.69 -16.48 -91.46
CA VAL F 81 41.09 -15.45 -92.31
C VAL F 81 39.58 -15.57 -92.27
N ALA F 82 38.88 -14.62 -92.89
CA ALA F 82 37.41 -14.59 -92.85
C ALA F 82 36.63 -15.79 -93.33
N SER F 83 37.21 -16.56 -94.23
CA SER F 83 36.52 -17.73 -94.74
C SER F 83 37.47 -18.65 -95.48
N GLY F 84 36.99 -19.85 -95.75
CA GLY F 84 37.75 -20.87 -96.48
C GLY F 84 38.09 -20.34 -97.88
N ALA F 86 38.40 -17.24 -98.77
CA ALA F 86 39.42 -16.24 -98.60
C ALA F 86 40.77 -16.91 -98.44
N ALA F 87 40.80 -18.03 -97.74
CA ALA F 87 42.04 -18.76 -97.52
C ALA F 87 42.58 -19.30 -98.86
N CYS F 88 41.70 -19.85 -99.68
CA CYS F 88 42.10 -20.39 -100.99
C CYS F 88 42.62 -19.22 -101.86
N PHE F 89 41.85 -18.13 -101.91
CA PHE F 89 42.20 -16.92 -102.67
C PHE F 89 43.57 -16.38 -102.23
N TYR F 90 43.73 -16.14 -100.94
CA TYR F 90 44.99 -15.65 -100.37
C TYR F 90 46.17 -16.56 -100.66
N ALA F 91 45.96 -17.87 -100.63
CA ALA F 91 47.05 -18.81 -100.88
C ALA F 91 47.55 -18.73 -102.34
N LEU F 92 46.61 -18.62 -103.27
CA LEU F 92 46.92 -18.52 -104.67
C LEU F 92 47.60 -17.20 -105.07
N ILE F 93 46.97 -16.08 -104.70
CA ILE F 93 47.55 -14.76 -105.01
C ILE F 93 48.85 -14.52 -104.28
N ASN F 94 49.13 -15.24 -103.18
CA ASN F 94 50.38 -15.02 -102.48
C ASN F 94 51.51 -15.67 -103.31
N LEU F 95 51.12 -16.49 -104.28
CA LEU F 95 52.05 -17.21 -105.17
C LEU F 95 52.01 -16.78 -106.62
N ALA F 96 50.83 -16.45 -107.13
CA ALA F 96 50.67 -16.02 -108.53
C ALA F 96 50.11 -14.61 -108.67
N SER F 97 50.59 -13.92 -109.71
CA SER F 97 50.17 -12.58 -110.04
C SER F 97 49.84 -12.54 -111.54
N SER F 98 49.39 -11.40 -112.01
CA SER F 98 49.01 -11.26 -113.41
C SER F 98 50.06 -11.82 -114.40
N GLY F 99 49.59 -12.62 -115.34
CA GLY F 99 50.44 -13.25 -116.33
C GLY F 99 50.88 -14.66 -115.94
N ASP F 100 50.63 -15.07 -114.70
CA ASP F 100 51.02 -16.39 -114.24
C ASP F 100 49.86 -17.36 -114.38
N ASN F 101 50.11 -18.63 -114.09
CA ASN F 101 49.05 -19.63 -114.16
C ASN F 101 49.21 -20.53 -112.95
N VAL F 102 48.11 -21.20 -112.63
CA VAL F 102 48.06 -22.13 -111.49
C VAL F 102 47.40 -23.40 -111.97
N ALA F 103 47.87 -24.54 -111.47
CA ALA F 103 47.33 -25.85 -111.84
C ALA F 103 46.38 -26.28 -110.75
N TYR F 104 45.20 -26.74 -111.15
CA TYR F 104 44.22 -27.13 -110.17
C TYR F 104 43.48 -28.43 -110.52
N SER F 105 43.18 -29.19 -109.48
CA SER F 105 42.47 -30.46 -109.62
C SER F 105 41.06 -30.28 -110.17
N ASN F 106 40.68 -31.20 -111.04
CA ASN F 106 39.38 -31.19 -111.68
C ASN F 106 38.32 -31.71 -110.71
N LYS F 107 38.77 -32.17 -109.54
CA LYS F 107 37.85 -32.67 -108.51
C LYS F 107 37.97 -31.88 -107.21
N ILE F 108 37.29 -30.72 -107.17
CA ILE F 108 37.30 -29.84 -106.00
C ILE F 108 35.97 -29.16 -105.75
N TYR F 109 35.92 -28.43 -104.63
CA TYR F 109 34.76 -27.69 -104.21
C TYR F 109 34.39 -26.72 -105.34
N GLY F 110 33.11 -26.73 -105.68
CA GLY F 110 32.54 -25.88 -106.73
C GLY F 110 32.92 -24.42 -106.65
N GLY F 111 32.83 -23.87 -105.44
CA GLY F 111 33.19 -22.47 -105.21
C GLY F 111 34.66 -22.24 -105.54
N THR F 112 35.53 -23.14 -105.09
CA THR F 112 36.95 -23.00 -105.37
C THR F 112 37.20 -23.13 -106.89
N GLN F 113 36.39 -23.94 -107.55
CA GLN F 113 36.54 -24.16 -108.99
C GLN F 113 36.21 -22.87 -109.74
N THR F 114 35.12 -22.23 -109.33
CA THR F 114 34.69 -20.96 -109.94
C THR F 114 35.76 -19.88 -109.70
N LEU F 115 36.23 -19.81 -108.45
CA LEU F 115 37.28 -18.85 -108.08
C LEU F 115 38.49 -18.98 -108.97
N ILE F 116 38.97 -20.20 -109.08
CA ILE F 116 40.15 -20.48 -109.88
C ILE F 116 39.95 -20.38 -111.40
N SER F 117 38.93 -21.05 -111.93
CA SER F 117 38.72 -21.03 -113.41
C SER F 117 38.05 -19.78 -113.99
N HIS F 118 37.33 -19.02 -113.19
CA HIS F 118 36.67 -17.81 -113.73
C HIS F 118 37.07 -16.50 -113.07
N THR F 119 36.84 -16.40 -111.77
CA THR F 119 37.16 -15.17 -111.06
C THR F 119 38.60 -14.70 -111.13
N LEU F 120 39.56 -15.60 -111.00
CA LEU F 120 40.97 -15.17 -111.08
C LEU F 120 41.39 -14.58 -112.45
N LYS F 121 40.61 -14.83 -113.51
CA LYS F 121 40.93 -14.26 -114.83
C LYS F 121 40.95 -12.76 -114.74
N ASN F 122 39.98 -12.22 -114.00
CA ASN F 122 39.87 -10.79 -113.78
C ASN F 122 41.17 -10.18 -113.29
N PHE F 123 42.02 -11.00 -112.66
CA PHE F 123 43.26 -10.48 -112.15
C PHE F 123 44.44 -10.94 -113.00
N GLY F 124 44.14 -11.42 -114.20
CA GLY F 124 45.15 -11.89 -115.15
C GLY F 124 45.86 -13.17 -114.74
N ILE F 125 45.16 -14.00 -113.98
CA ILE F 125 45.71 -15.25 -113.50
C ILE F 125 44.99 -16.39 -114.21
N GLU F 126 45.75 -17.11 -115.02
CA GLU F 126 45.27 -18.22 -115.81
C GLU F 126 45.15 -19.49 -114.97
N ALA F 127 44.11 -20.26 -115.23
CA ALA F 127 43.90 -21.53 -114.52
C ALA F 127 43.99 -22.70 -115.49
N ARG F 128 44.69 -23.76 -115.09
CA ARG F 128 44.88 -24.95 -115.90
C ARG F 128 44.51 -26.20 -115.12
N GLU F 129 43.39 -26.78 -115.52
CA GLU F 129 42.86 -27.99 -114.91
C GLU F 129 43.73 -29.22 -115.12
N PHE F 130 43.69 -30.16 -114.19
CA PHE F 130 44.45 -31.44 -114.34
C PHE F 130 43.61 -32.49 -113.64
N ASP F 131 43.84 -33.75 -114.02
CA ASP F 131 43.10 -34.89 -113.46
C ASP F 131 43.92 -35.56 -112.39
N ILE F 132 43.42 -35.56 -111.17
CA ILE F 132 44.10 -36.16 -110.06
C ILE F 132 44.30 -37.65 -110.27
N ASP F 133 43.44 -38.26 -111.07
CA ASP F 133 43.51 -39.69 -111.34
C ASP F 133 44.50 -40.05 -112.43
N ASP F 134 45.04 -39.06 -113.13
CA ASP F 134 45.99 -39.28 -114.20
C ASP F 134 47.01 -38.15 -114.14
N LEU F 135 47.98 -38.29 -113.25
CA LEU F 135 49.00 -37.25 -113.03
C LEU F 135 49.87 -36.82 -114.20
N ASP F 136 49.93 -37.61 -115.26
CA ASP F 136 50.71 -37.17 -116.41
C ASP F 136 50.05 -35.86 -116.89
N SER F 137 48.74 -35.74 -116.70
CA SER F 137 47.99 -34.54 -117.11
C SER F 137 48.47 -33.30 -116.36
N LEU F 138 49.09 -33.49 -115.20
CA LEU F 138 49.63 -32.38 -114.44
C LEU F 138 50.94 -31.89 -115.09
N GLU F 139 51.85 -32.80 -115.41
CA GLU F 139 53.15 -32.46 -116.06
C GLU F 139 52.91 -31.64 -117.29
N LYS F 140 51.94 -32.09 -118.04
CA LYS F 140 51.51 -31.46 -119.27
C LYS F 140 51.16 -29.96 -119.19
N VAL F 141 50.44 -29.55 -118.15
CA VAL F 141 50.04 -28.15 -118.03
C VAL F 141 51.05 -27.24 -117.33
N ILE F 142 52.13 -27.82 -116.83
CA ILE F 142 53.15 -27.04 -116.15
C ILE F 142 54.14 -26.32 -117.07
N ASP F 143 54.45 -25.06 -116.75
CA ASP F 143 55.43 -24.26 -117.50
C ASP F 143 56.18 -23.41 -116.43
N GLN F 144 57.04 -22.50 -116.83
CA GLN F 144 57.82 -21.72 -115.85
C GLN F 144 57.01 -20.63 -115.15
N ASN F 145 55.79 -20.43 -115.65
CA ASN F 145 54.85 -19.45 -115.10
C ASN F 145 53.84 -20.06 -114.12
N THR F 146 53.84 -21.38 -113.99
CA THR F 146 52.96 -22.11 -113.08
C THR F 146 53.48 -21.86 -111.67
N LYS F 147 52.67 -21.22 -110.84
CA LYS F 147 53.09 -20.90 -109.48
C LYS F 147 52.51 -21.73 -108.37
N ALA F 148 51.47 -22.50 -108.67
CA ALA F 148 50.86 -23.35 -107.65
C ALA F 148 50.13 -24.55 -108.22
N ILE F 149 50.10 -25.60 -107.40
CA ILE F 149 49.44 -26.87 -107.72
C ILE F 149 48.43 -27.03 -106.59
N PHE F 150 47.14 -26.90 -106.94
CA PHE F 150 46.07 -26.97 -105.98
C PHE F 150 45.19 -28.19 -106.09
N PHE F 151 44.91 -28.81 -104.94
CA PHE F 151 44.07 -29.98 -104.88
C PHE F 151 43.51 -30.19 -103.48
N GLU F 152 42.55 -31.10 -103.38
CA GLU F 152 41.94 -31.45 -102.10
C GLU F 152 42.40 -32.86 -101.70
N SER F 153 42.59 -33.07 -100.40
CA SER F 153 43.05 -34.36 -99.89
C SER F 153 41.95 -35.40 -100.05
N LEU F 154 40.73 -34.97 -99.76
CA LEU F 154 39.54 -35.80 -99.85
C LEU F 154 38.57 -34.84 -100.48
N SER F 155 38.26 -35.05 -101.76
CA SER F 155 37.41 -34.09 -102.50
C SER F 155 35.94 -34.01 -102.21
N ASN F 156 35.42 -32.82 -102.48
CA ASN F 156 34.03 -32.44 -102.29
C ASN F 156 33.40 -32.19 -103.65
N PRO F 157 32.37 -32.94 -104.03
CA PRO F 157 31.62 -34.02 -103.38
C PRO F 157 31.91 -35.42 -103.80
N GLN F 158 32.91 -35.62 -104.66
CA GLN F 158 33.22 -37.00 -105.11
C GLN F 158 33.89 -37.88 -104.05
N ILE F 159 34.49 -37.27 -103.03
CA ILE F 159 35.20 -38.02 -102.01
C ILE F 159 36.38 -38.70 -102.74
N ALA F 160 37.03 -37.96 -103.62
CA ALA F 160 38.17 -38.49 -104.36
C ALA F 160 39.43 -38.21 -103.58
N ILE F 161 40.23 -39.25 -103.40
CA ILE F 161 41.48 -39.14 -102.67
C ILE F 161 42.67 -38.97 -103.58
N ALA F 162 43.43 -37.93 -103.28
CA ALA F 162 44.60 -37.61 -104.07
C ALA F 162 45.81 -38.39 -103.61
N ASP F 163 46.60 -38.88 -104.56
CA ASP F 163 47.81 -39.64 -104.24
C ASP F 163 48.85 -38.53 -104.02
N ILE F 164 48.86 -38.04 -102.80
CA ILE F 164 49.74 -36.95 -102.40
C ILE F 164 51.21 -37.10 -102.75
N GLU F 165 51.82 -38.24 -102.41
CA GLU F 165 53.25 -38.48 -102.71
C GLU F 165 53.62 -38.24 -104.16
N LYS F 166 52.75 -38.65 -105.08
CA LYS F 166 52.99 -38.45 -106.50
C LYS F 166 52.85 -37.01 -106.91
N ILE F 167 51.93 -36.27 -106.28
CA ILE F 167 51.77 -34.87 -106.61
C ILE F 167 53.02 -34.15 -106.12
N ASN F 168 53.47 -34.54 -104.94
CA ASN F 168 54.63 -33.98 -104.33
C ASN F 168 55.86 -34.14 -105.21
N GLN F 169 56.06 -35.34 -105.74
CA GLN F 169 57.21 -35.59 -106.60
C GLN F 169 57.30 -34.61 -107.71
N ILE F 170 56.21 -34.49 -108.44
CA ILE F 170 56.11 -33.58 -109.55
C ILE F 170 56.35 -32.14 -109.13
N ALA F 171 55.73 -31.75 -108.02
CA ALA F 171 55.85 -30.41 -107.51
C ALA F 171 57.28 -30.11 -107.08
N LYS F 172 57.90 -31.04 -106.35
CA LYS F 172 59.27 -30.82 -105.89
C LYS F 172 60.26 -30.75 -107.04
N LYS F 173 60.01 -31.53 -108.07
CA LYS F 173 60.88 -31.55 -109.22
C LYS F 173 60.96 -30.16 -109.89
N HIS F 174 59.80 -29.57 -110.21
CA HIS F 174 59.73 -28.26 -110.83
C HIS F 174 59.89 -27.09 -109.85
N LYS F 175 60.05 -27.36 -108.57
CA LYS F 175 60.20 -26.30 -107.57
C LYS F 175 58.94 -25.42 -107.49
N ILE F 176 57.79 -26.08 -107.51
CA ILE F 176 56.50 -25.40 -107.40
C ILE F 176 55.84 -25.68 -106.05
N VAL F 177 55.21 -24.65 -105.50
CA VAL F 177 54.54 -24.76 -104.21
C VAL F 177 53.25 -25.53 -104.38
N SER F 178 53.04 -26.54 -103.53
CA SER F 178 51.83 -27.35 -103.56
C SER F 178 50.89 -26.91 -102.44
N ILE F 179 49.62 -26.74 -102.80
CA ILE F 179 48.57 -26.33 -101.87
C ILE F 179 47.52 -27.43 -101.72
N CYS F 180 47.33 -27.91 -100.50
CA CYS F 180 46.34 -28.95 -100.21
C CYS F 180 45.22 -28.45 -99.31
N ASP F 181 43.98 -28.57 -99.79
CA ASP F 181 42.79 -28.18 -99.03
C ASP F 181 42.44 -29.46 -98.26
N ASN F 182 42.69 -29.44 -96.95
CA ASN F 182 42.46 -30.62 -96.10
C ASN F 182 41.20 -30.50 -95.23
N THR F 183 40.26 -29.68 -95.69
CA THR F 183 39.02 -29.41 -94.97
C THR F 183 38.21 -30.59 -94.54
N VAL F 184 37.92 -31.46 -95.48
CA VAL F 184 37.11 -32.62 -95.18
C VAL F 184 37.78 -33.70 -94.30
N ALA F 185 39.02 -34.03 -94.60
CA ALA F 185 39.72 -35.05 -93.83
C ALA F 185 40.02 -34.59 -92.42
N THR F 186 40.36 -33.32 -92.29
CA THR F 186 40.71 -32.65 -91.03
C THR F 186 42.12 -33.08 -90.67
N PRO F 187 42.80 -32.31 -89.82
CA PRO F 187 44.15 -32.69 -89.47
C PRO F 187 44.21 -33.96 -88.66
N PHE F 188 43.07 -34.40 -88.10
CA PHE F 188 43.04 -35.62 -87.29
C PHE F 188 42.94 -36.90 -88.06
N LEU F 189 42.56 -36.85 -89.33
CA LEU F 189 42.47 -38.07 -90.11
C LEU F 189 43.61 -38.14 -91.15
N LEU F 190 44.17 -37.00 -91.50
CA LEU F 190 45.21 -36.94 -92.49
C LEU F 190 46.13 -35.73 -92.27
N GLN F 191 47.43 -35.94 -92.42
CA GLN F 191 48.42 -34.88 -92.24
C GLN F 191 49.19 -34.63 -93.56
N PRO F 192 48.66 -33.83 -94.47
CA PRO F 192 49.36 -33.61 -95.74
C PRO F 192 50.82 -33.23 -95.61
N PHE F 193 51.19 -32.50 -94.59
CA PHE F 193 52.60 -32.13 -94.47
C PHE F 193 53.57 -33.30 -94.40
N LYS F 194 53.12 -34.39 -93.79
CA LYS F 194 53.90 -35.57 -93.66
C LYS F 194 54.24 -36.09 -95.09
N HIS F 195 53.44 -35.75 -96.09
CA HIS F 195 53.73 -36.22 -97.44
C HIS F 195 54.28 -35.19 -98.43
N GLY F 196 54.95 -34.17 -97.90
CA GLY F 196 55.57 -33.15 -98.76
C GLY F 196 54.77 -31.93 -99.16
N VAL F 197 53.55 -31.80 -98.67
CA VAL F 197 52.76 -30.61 -99.02
C VAL F 197 53.43 -29.37 -98.42
N ASP F 198 53.39 -28.29 -99.17
CA ASP F 198 53.99 -27.01 -98.76
C ASP F 198 53.02 -26.12 -97.96
N VAL F 199 51.81 -25.97 -98.50
CA VAL F 199 50.77 -25.17 -97.89
C VAL F 199 49.43 -25.89 -97.78
N ILE F 200 48.82 -25.81 -96.60
CA ILE F 200 47.50 -26.42 -96.33
C ILE F 200 46.45 -25.37 -96.09
N VAL F 201 45.31 -25.51 -96.76
CA VAL F 201 44.22 -24.57 -96.56
C VAL F 201 43.06 -25.32 -95.97
N HIS F 202 42.32 -24.63 -95.11
CA HIS F 202 41.15 -25.23 -94.47
C HIS F 202 39.99 -24.29 -94.44
N SER F 203 38.83 -24.87 -94.65
CA SER F 203 37.63 -24.08 -94.50
C SER F 203 37.29 -24.47 -93.06
N LEU F 204 37.60 -23.62 -92.09
CA LEU F 204 37.32 -23.87 -90.67
C LEU F 204 35.82 -23.89 -90.41
N SER F 205 35.10 -23.28 -91.33
N SER F 205 35.10 -23.28 -91.33
CA SER F 205 33.66 -23.15 -91.31
CA SER F 205 33.65 -23.18 -91.30
C SER F 205 32.96 -24.53 -91.25
C SER F 205 32.96 -24.53 -91.22
N TYR F 207 34.20 -28.68 -90.51
CA TYR F 207 34.45 -29.52 -89.33
C TYR F 207 35.04 -28.90 -88.09
N VAL F 208 35.95 -27.94 -88.25
CA VAL F 208 36.58 -27.29 -87.09
C VAL F 208 35.48 -26.65 -86.24
N SER F 209 34.53 -25.97 -86.90
CA SER F 209 33.41 -25.35 -86.21
C SER F 209 32.59 -26.51 -85.72
N GLY F 210 32.23 -27.38 -86.67
CA GLY F 210 31.48 -28.61 -86.40
C GLY F 210 30.03 -28.43 -86.04
N GLN F 211 29.58 -27.18 -86.05
CA GLN F 211 28.21 -26.86 -85.68
C GLN F 211 27.49 -25.81 -86.52
N GLY F 212 28.05 -25.46 -87.67
CA GLY F 212 27.45 -24.50 -88.58
C GLY F 212 27.22 -23.12 -88.01
N THR F 213 28.12 -22.71 -87.11
CA THR F 213 28.01 -21.43 -86.49
C THR F 213 29.11 -20.39 -86.75
N ALA F 214 30.25 -20.76 -87.29
CA ALA F 214 31.28 -19.76 -87.49
C ALA F 214 32.01 -19.95 -88.76
N LEU F 215 31.82 -18.97 -89.62
CA LEU F 215 32.44 -18.97 -90.92
C LEU F 215 33.90 -18.62 -90.67
N GLY F 216 34.80 -19.27 -91.36
CA GLY F 216 36.23 -19.02 -91.20
C GLY F 216 37.16 -19.89 -92.04
N GLY F 217 38.38 -19.42 -92.22
CA GLY F 217 39.37 -20.16 -92.98
C GLY F 217 40.77 -20.03 -92.40
N ALA F 218 41.69 -20.87 -92.90
CA ALA F 218 43.07 -20.78 -92.43
C ALA F 218 44.08 -21.21 -93.49
N LEU F 219 45.24 -20.55 -93.50
CA LEU F 219 46.34 -20.90 -94.41
C LEU F 219 47.45 -21.34 -93.48
N ILE F 220 47.96 -22.54 -93.69
CA ILE F 220 49.01 -23.09 -92.84
C ILE F 220 50.22 -23.46 -93.67
N GLU F 221 51.40 -23.10 -93.20
CA GLU F 221 52.59 -23.41 -93.97
C GLU F 221 53.46 -24.43 -93.24
N ARG F 222 54.15 -25.26 -94.02
CA ARG F 222 55.01 -26.26 -93.44
C ARG F 222 56.28 -25.66 -92.90
N LYS F 223 57.02 -26.49 -92.18
CA LYS F 223 58.29 -26.09 -91.64
C LYS F 223 59.27 -26.03 -92.80
N ASP F 224 60.15 -25.03 -92.78
CA ASP F 224 61.18 -24.85 -93.78
C ASP F 224 60.69 -24.47 -95.18
N LEU F 225 59.48 -23.95 -95.29
CA LEU F 225 58.99 -23.53 -96.61
C LEU F 225 59.89 -22.44 -97.27
N ASN F 226 60.59 -21.66 -96.44
CA ASN F 226 61.50 -20.63 -96.98
C ASN F 226 62.49 -21.23 -97.98
N ASP F 227 62.99 -22.43 -97.66
CA ASP F 227 63.94 -23.18 -98.52
C ASP F 227 63.45 -23.21 -99.96
N LEU F 228 62.16 -23.42 -100.14
CA LEU F 228 61.55 -23.47 -101.48
C LEU F 228 61.25 -22.10 -102.10
N LEU F 229 60.97 -21.09 -101.27
CA LEU F 229 60.65 -19.74 -101.79
C LEU F 229 61.85 -18.86 -101.99
N LYS F 230 62.78 -18.90 -101.05
CA LYS F 230 63.99 -18.09 -101.14
C LYS F 230 64.91 -18.57 -102.28
N ASN F 231 65.46 -17.62 -103.03
CA ASN F 231 66.36 -17.91 -104.17
C ASN F 231 65.75 -18.85 -105.18
N ASN F 232 64.48 -18.63 -105.50
CA ASN F 232 63.77 -19.45 -106.46
C ASN F 232 63.22 -18.47 -107.48
N ASP F 233 63.78 -18.54 -108.69
CA ASP F 233 63.47 -17.68 -109.87
C ASP F 233 61.95 -17.75 -110.20
N ARG F 234 61.26 -18.78 -109.71
CA ARG F 234 59.82 -18.89 -109.97
C ARG F 234 59.00 -17.93 -109.08
N TYR F 235 59.55 -17.53 -107.93
CA TYR F 235 58.84 -16.63 -106.99
C TYR F 235 59.59 -15.33 -106.69
N LYS F 236 59.50 -14.38 -107.62
CA LYS F 236 60.17 -13.08 -107.44
C LYS F 236 59.62 -12.18 -106.35
N ALA F 237 58.33 -12.29 -106.05
CA ALA F 237 57.74 -11.48 -104.99
C ALA F 237 58.45 -11.71 -103.64
N PHE F 238 59.00 -12.91 -103.47
CA PHE F 238 59.72 -13.26 -102.23
C PHE F 238 61.24 -13.06 -102.32
N ASN F 239 61.70 -12.47 -103.42
CA ASN F 239 63.13 -12.23 -103.64
C ASN F 239 63.48 -10.89 -104.28
N THR F 240 62.61 -9.90 -104.14
CA THR F 240 62.87 -8.62 -104.73
C THR F 240 62.46 -7.50 -103.78
N PRO F 241 63.22 -6.39 -103.76
CA PRO F 241 62.83 -5.29 -102.88
C PRO F 241 61.39 -4.89 -103.16
N ASP F 242 60.61 -4.71 -102.11
CA ASP F 242 59.21 -4.35 -102.26
C ASP F 242 59.00 -2.87 -101.94
N PRO F 243 58.45 -2.10 -102.91
CA PRO F 243 58.22 -0.66 -102.69
C PRO F 243 57.18 -0.37 -101.60
N SER F 244 56.21 -1.27 -101.41
CA SER F 244 55.20 -1.05 -100.37
C SER F 244 55.88 -1.03 -98.99
N TYR F 245 57.04 -1.66 -98.87
CA TYR F 245 57.81 -1.69 -97.61
C TYR F 245 59.23 -1.12 -97.67
N HIS F 246 59.35 0.02 -98.32
CA HIS F 246 60.63 0.70 -98.46
C HIS F 246 61.78 -0.23 -98.82
N GLY F 247 61.61 -0.93 -99.93
CA GLY F 247 62.63 -1.84 -100.44
C GLY F 247 62.87 -3.16 -99.75
N LEU F 248 62.13 -3.45 -98.68
CA LEU F 248 62.32 -4.69 -97.97
C LEU F 248 62.27 -5.87 -98.91
N ASN F 249 63.22 -6.78 -98.74
CA ASN F 249 63.29 -7.98 -99.57
C ASN F 249 63.03 -9.14 -98.61
N LEU F 250 61.93 -9.85 -98.83
CA LEU F 250 61.54 -10.95 -97.96
C LEU F 250 62.55 -12.06 -97.79
N ASN F 251 63.37 -12.33 -98.79
CA ASN F 251 64.35 -13.42 -98.65
C ASN F 251 65.39 -13.12 -97.59
N THR F 252 65.39 -11.91 -97.07
CA THR F 252 66.32 -11.48 -96.03
C THR F 252 65.83 -11.80 -94.62
N LEU F 253 64.56 -12.19 -94.49
CA LEU F 253 63.97 -12.47 -93.19
C LEU F 253 64.06 -13.88 -92.65
N ASP F 254 64.31 -13.97 -91.36
CA ASP F 254 64.39 -15.25 -90.72
C ASP F 254 63.01 -15.45 -90.04
N LEU F 255 61.99 -15.60 -90.88
CA LEU F 255 60.60 -15.78 -90.47
C LEU F 255 59.86 -16.51 -91.57
N PRO F 256 58.72 -17.12 -91.26
CA PRO F 256 57.97 -17.79 -92.30
C PRO F 256 57.50 -16.70 -93.24
N ILE F 257 58.23 -16.49 -94.31
CA ILE F 257 57.91 -15.42 -95.28
C ILE F 257 56.59 -15.56 -96.03
N PHE F 258 56.12 -16.78 -96.23
CA PHE F 258 54.83 -17.00 -96.92
C PHE F 258 53.74 -16.38 -96.04
N SER F 259 53.75 -16.73 -94.75
CA SER F 259 52.75 -16.22 -93.81
C SER F 259 52.91 -14.71 -93.62
N ILE F 260 54.16 -14.26 -93.57
CA ILE F 260 54.43 -12.84 -93.39
C ILE F 260 53.80 -12.04 -94.50
N ARG F 261 53.94 -12.51 -95.72
CA ARG F 261 53.37 -11.75 -96.81
C ARG F 261 51.85 -11.74 -96.69
N VAL F 262 51.25 -12.87 -96.31
CA VAL F 262 49.80 -12.94 -96.16
C VAL F 262 49.33 -11.84 -95.21
N ILE F 263 50.09 -11.63 -94.14
CA ILE F 263 49.74 -10.60 -93.17
C ILE F 263 50.01 -9.13 -93.61
N ILE F 264 51.27 -8.82 -93.91
CA ILE F 264 51.64 -7.48 -94.30
C ILE F 264 51.10 -6.99 -95.65
N THR F 265 50.66 -7.91 -96.49
CA THR F 265 50.13 -7.51 -97.76
C THR F 265 48.65 -7.87 -97.97
N TRP F 266 48.32 -9.16 -97.98
CA TRP F 266 46.93 -9.56 -98.26
C TRP F 266 45.91 -9.23 -97.17
N LEU F 267 46.24 -9.47 -95.90
CA LEU F 267 45.30 -9.08 -94.83
C LEU F 267 45.31 -7.57 -94.72
N ARG F 268 46.49 -6.97 -94.70
CA ARG F 268 46.58 -5.53 -94.58
C ARG F 268 45.88 -4.72 -95.64
N ASP F 269 46.03 -5.12 -96.88
CA ASP F 269 45.40 -4.38 -97.98
C ASP F 269 44.06 -4.90 -98.52
N LEU F 270 43.83 -6.22 -98.50
CA LEU F 270 42.58 -6.79 -99.01
C LEU F 270 41.56 -6.95 -97.88
N GLY F 271 42.08 -7.09 -96.66
CA GLY F 271 41.22 -7.19 -95.46
C GLY F 271 40.17 -8.23 -95.19
N ALA F 272 40.46 -9.49 -95.51
CA ALA F 272 39.52 -10.61 -95.27
C ALA F 272 39.85 -11.16 -93.89
N SER F 273 39.71 -10.29 -92.91
N SER F 273 39.67 -10.30 -92.90
CA SER F 273 40.02 -10.58 -91.53
CA SER F 273 39.95 -10.62 -91.51
C SER F 273 38.95 -11.41 -90.77
C SER F 273 38.94 -11.46 -90.80
N LEU F 274 39.44 -12.33 -89.96
CA LEU F 274 38.57 -13.21 -89.16
C LEU F 274 38.18 -12.49 -87.84
N ALA F 275 36.90 -12.28 -87.65
CA ALA F 275 36.39 -11.63 -86.46
C ALA F 275 36.72 -12.47 -85.20
N PRO F 276 36.97 -11.80 -84.09
CA PRO F 276 37.34 -12.42 -82.82
C PRO F 276 36.35 -13.42 -82.28
N GLN F 277 35.08 -13.13 -82.41
CA GLN F 277 34.07 -14.04 -81.91
C GLN F 277 34.16 -15.35 -82.71
N ASN F 278 34.29 -15.23 -84.05
CA ASN F 278 34.38 -16.42 -84.90
C ASN F 278 35.65 -17.22 -84.58
N ALA F 279 36.75 -16.50 -84.38
CA ALA F 279 38.02 -17.13 -84.06
C ALA F 279 37.91 -17.90 -82.77
N TRP F 280 37.31 -17.26 -81.77
CA TRP F 280 37.13 -17.91 -80.46
C TRP F 280 36.25 -19.17 -80.56
N LEU F 281 35.14 -19.06 -81.27
CA LEU F 281 34.26 -20.23 -81.46
C LEU F 281 35.03 -21.34 -82.15
N LEU F 282 35.81 -20.98 -83.17
CA LEU F 282 36.61 -21.96 -83.92
C LEU F 282 37.64 -22.62 -83.03
N LEU F 283 38.20 -21.87 -82.08
CA LEU F 283 39.13 -22.47 -81.13
C LEU F 283 38.40 -23.48 -80.31
N GLN F 284 37.17 -23.15 -79.90
CA GLN F 284 36.39 -24.11 -79.08
C GLN F 284 36.11 -25.40 -79.88
N GLY F 285 35.81 -25.24 -81.16
CA GLY F 285 35.51 -26.36 -82.01
C GLY F 285 36.75 -27.20 -82.18
N LEU F 286 37.89 -26.54 -82.32
CA LEU F 286 39.15 -27.26 -82.51
C LEU F 286 39.40 -28.20 -81.34
N GLU F 287 39.09 -27.73 -80.15
CA GLU F 287 39.28 -28.54 -78.95
C GLU F 287 38.58 -29.90 -78.99
N THR F 288 37.38 -29.95 -79.55
CA THR F 288 36.58 -31.18 -79.60
C THR F 288 36.55 -31.90 -80.93
N LEU F 289 37.23 -31.38 -81.92
CA LEU F 289 37.23 -32.00 -83.21
C LEU F 289 37.66 -33.46 -83.21
N ALA F 290 38.66 -33.79 -82.41
CA ALA F 290 39.14 -35.19 -82.39
C ALA F 290 38.05 -36.15 -82.01
N VAL F 291 37.26 -35.83 -80.98
CA VAL F 291 36.20 -36.75 -80.60
C VAL F 291 35.05 -36.72 -81.63
N ARG F 292 34.72 -35.52 -82.08
CA ARG F 292 33.64 -35.37 -83.06
C ARG F 292 33.88 -36.06 -84.40
N ILE F 293 35.05 -35.87 -85.01
CA ILE F 293 35.32 -36.46 -86.31
C ILE F 293 35.21 -37.99 -86.30
N GLU F 294 35.51 -38.63 -85.17
CA GLU F 294 35.37 -40.08 -85.08
C GLU F 294 33.89 -40.51 -85.15
N LYS F 295 33.00 -39.78 -84.47
CA LYS F 295 31.57 -40.07 -84.52
C LYS F 295 31.06 -39.82 -85.95
N HIS F 296 31.45 -38.68 -86.53
CA HIS F 296 31.04 -38.38 -87.89
C HIS F 296 31.40 -39.53 -88.79
N SER F 297 32.63 -40.03 -88.60
CA SER F 297 33.16 -41.12 -89.40
C SER F 297 32.43 -42.43 -89.19
N GLN F 298 32.24 -42.79 -87.94
CA GLN F 298 31.54 -44.05 -87.60
C GLN F 298 30.11 -44.00 -88.19
N ASN F 299 29.42 -42.89 -87.99
CA ASN F 299 28.08 -42.76 -88.56
C ASN F 299 28.08 -42.84 -90.08
N ALA F 300 29.02 -42.16 -90.72
CA ALA F 300 29.08 -42.16 -92.18
C ALA F 300 29.25 -43.53 -92.75
N GLU F 301 30.12 -44.31 -92.12
CA GLU F 301 30.37 -45.66 -92.54
C GLU F 301 29.10 -46.51 -92.48
N LYS F 302 28.35 -46.41 -91.39
CA LYS F 302 27.12 -47.18 -91.27
C LYS F 302 26.10 -46.79 -92.30
N VAL F 303 25.99 -45.48 -92.56
CA VAL F 303 25.05 -44.98 -93.54
C VAL F 303 25.51 -45.46 -94.90
N ALA F 304 26.80 -45.44 -95.13
CA ALA F 304 27.33 -45.87 -96.41
C ALA F 304 26.99 -47.35 -96.67
N ASN F 305 27.22 -48.19 -95.66
CA ASN F 305 26.93 -49.64 -95.79
C ASN F 305 25.47 -49.88 -96.06
N PHE F 306 24.61 -49.10 -95.40
CA PHE F 306 23.17 -49.21 -95.58
C PHE F 306 22.78 -48.82 -96.99
N LEU F 307 23.28 -47.70 -97.45
CA LEU F 307 22.95 -47.28 -98.80
C LEU F 307 23.45 -48.27 -99.82
N ASN F 308 24.65 -48.79 -99.57
CA ASN F 308 25.30 -49.71 -100.48
C ASN F 308 24.57 -51.04 -100.67
N SER F 309 23.73 -51.45 -99.72
CA SER F 309 22.98 -52.74 -99.80
C SER F 309 21.48 -52.46 -100.15
N HIS F 310 21.06 -51.20 -100.27
CA HIS F 310 19.64 -50.91 -100.56
C HIS F 310 19.37 -50.97 -102.08
N PRO F 311 18.33 -51.71 -102.49
CA PRO F 311 17.99 -51.87 -103.91
C PRO F 311 17.64 -50.60 -104.70
N ASP F 312 17.08 -49.58 -104.04
CA ASP F 312 16.72 -48.34 -104.72
C ASP F 312 17.90 -47.37 -104.89
N ILE F 313 19.12 -47.76 -104.50
CA ILE F 313 20.31 -46.92 -104.61
C ILE F 313 21.25 -47.51 -105.65
N LYS F 314 21.67 -46.68 -106.59
CA LYS F 314 22.53 -47.17 -107.69
C LYS F 314 24.02 -47.01 -107.61
N GLY F 315 24.54 -46.48 -106.53
CA GLY F 315 25.99 -46.32 -106.41
C GLY F 315 26.31 -45.46 -105.21
N VAL F 316 27.35 -45.83 -104.47
CA VAL F 316 27.74 -45.11 -103.29
C VAL F 316 29.19 -44.77 -103.32
N ASN F 317 29.51 -43.52 -103.01
CA ASN F 317 30.89 -43.06 -102.97
C ASN F 317 31.38 -42.79 -101.56
N TYR F 318 32.15 -43.71 -101.01
CA TYR F 318 32.70 -43.53 -99.68
C TYR F 318 33.93 -44.45 -99.63
N PRO F 319 35.08 -43.92 -99.20
CA PRO F 319 36.36 -44.66 -99.19
C PRO F 319 36.47 -45.93 -98.37
N THR F 320 35.65 -46.11 -97.35
CA THR F 320 35.74 -47.33 -96.56
C THR F 320 35.15 -48.54 -97.31
N LEU F 321 34.37 -48.31 -98.36
CA LEU F 321 33.79 -49.39 -99.11
C LEU F 321 34.91 -50.03 -99.94
N ALA F 322 35.17 -51.31 -99.68
CA ALA F 322 36.23 -52.09 -100.36
C ALA F 322 36.22 -52.04 -101.89
N SER F 323 35.06 -51.85 -102.50
CA SER F 323 34.93 -51.76 -103.96
C SER F 323 35.21 -50.37 -104.49
N ASN F 324 35.30 -49.41 -103.61
CA ASN F 324 35.51 -48.01 -104.04
C ASN F 324 36.90 -47.86 -104.68
N ALA F 325 36.98 -47.02 -105.70
CA ALA F 325 38.21 -46.78 -106.45
C ALA F 325 39.32 -46.10 -105.63
N TYR F 326 38.94 -45.45 -104.54
CA TYR F 326 39.92 -44.78 -103.74
C TYR F 326 40.23 -45.52 -102.46
N HIS F 327 39.73 -46.73 -102.34
CA HIS F 327 39.92 -47.55 -101.10
C HIS F 327 41.38 -47.82 -100.77
N ASN F 328 42.20 -48.16 -101.76
CA ASN F 328 43.63 -48.39 -101.50
C ASN F 328 44.35 -47.09 -101.07
N LEU F 329 44.02 -45.98 -101.71
CA LEU F 329 44.60 -44.69 -101.35
C LEU F 329 44.16 -44.36 -99.93
N PHE F 330 42.93 -44.74 -99.59
CA PHE F 330 42.41 -44.49 -98.26
C PHE F 330 43.24 -45.23 -97.23
N LYS F 331 43.45 -46.52 -97.47
CA LYS F 331 44.25 -47.34 -96.57
C LYS F 331 45.69 -46.85 -96.51
N LYS F 332 46.17 -46.30 -97.60
CA LYS F 332 47.55 -45.81 -97.63
C LYS F 332 47.79 -44.52 -96.84
N TYR F 333 46.87 -43.57 -96.94
CA TYR F 333 47.04 -42.29 -96.26
C TYR F 333 46.28 -42.02 -94.96
N PHE F 334 45.23 -42.78 -94.65
CA PHE F 334 44.44 -42.57 -93.41
C PHE F 334 44.77 -43.59 -92.31
N ASP F 335 45.65 -43.19 -91.40
CA ASP F 335 46.12 -44.05 -90.31
C ASP F 335 45.09 -44.54 -89.29
N LYS F 336 44.10 -43.71 -88.93
CA LYS F 336 43.06 -44.11 -87.94
C LYS F 336 41.80 -44.86 -88.53
N ASN F 337 41.87 -45.20 -89.80
CA ASN F 337 40.81 -45.90 -90.49
C ASN F 337 39.40 -45.23 -90.41
N PHE F 338 39.37 -43.92 -90.44
CA PHE F 338 38.15 -43.14 -90.42
C PHE F 338 38.24 -42.26 -91.66
N ALA F 339 37.12 -42.10 -92.38
CA ALA F 339 37.11 -41.34 -93.62
C ALA F 339 36.27 -40.06 -93.66
N SER F 340 35.96 -39.55 -92.48
CA SER F 340 35.17 -38.34 -92.32
C SER F 340 33.66 -38.52 -92.57
N GLY F 341 32.90 -37.43 -92.55
CA GLY F 341 31.47 -37.50 -92.71
C GLY F 341 30.80 -37.11 -93.98
N LEU F 342 31.56 -36.99 -95.06
CA LEU F 342 30.96 -36.63 -96.33
C LEU F 342 30.85 -37.85 -97.23
N LEU F 343 29.74 -37.99 -97.93
CA LEU F 343 29.59 -39.09 -98.85
C LEU F 343 28.58 -38.70 -99.90
N SER F 344 28.51 -39.45 -100.99
CA SER F 344 27.52 -39.15 -102.02
C SER F 344 27.00 -40.47 -102.54
N PHE F 345 25.84 -40.41 -103.18
CA PHE F 345 25.27 -41.61 -103.73
C PHE F 345 24.39 -41.26 -104.91
N GLU F 346 24.09 -42.29 -105.71
CA GLU F 346 23.25 -42.15 -106.87
C GLU F 346 21.85 -42.68 -106.61
N ALA F 347 20.85 -41.84 -106.90
CA ALA F 347 19.46 -42.22 -106.74
C ALA F 347 19.09 -42.89 -108.05
N LYS F 348 17.87 -43.40 -108.18
CA LYS F 348 17.43 -44.07 -109.42
C LYS F 348 17.55 -43.10 -110.59
N ASP F 349 17.11 -41.86 -110.36
CA ASP F 349 17.13 -40.80 -111.37
C ASP F 349 16.88 -39.43 -110.72
N TYR F 350 16.85 -38.39 -111.55
CA TYR F 350 16.61 -37.02 -111.09
C TYR F 350 15.34 -36.89 -110.21
N GLU F 351 14.22 -37.40 -110.67
CA GLU F 351 12.98 -37.32 -109.90
C GLU F 351 13.08 -37.99 -108.52
N HIS F 352 13.84 -39.08 -108.43
CA HIS F 352 14.00 -39.79 -107.17
C HIS F 352 14.88 -38.99 -106.24
N ALA F 353 15.94 -38.42 -106.77
CA ALA F 353 16.87 -37.60 -105.98
C ALA F 353 16.18 -36.40 -105.34
N ARG F 354 15.21 -35.88 -106.06
CA ARG F 354 14.46 -34.75 -105.64
C ARG F 354 13.46 -35.20 -104.55
N ARG F 355 12.78 -36.33 -104.71
CA ARG F 355 11.83 -36.75 -103.67
C ARG F 355 12.56 -36.96 -102.37
N ILE F 356 13.76 -37.52 -102.45
CA ILE F 356 14.58 -37.80 -101.26
C ILE F 356 14.88 -36.51 -100.57
N CYS F 357 15.41 -35.52 -101.29
CA CYS F 357 15.69 -34.22 -100.67
C CYS F 357 14.45 -33.55 -100.05
N ASP F 358 13.28 -33.78 -100.62
CA ASP F 358 12.02 -33.20 -100.12
C ASP F 358 11.36 -34.03 -98.97
N LYS F 359 11.79 -35.28 -98.77
CA LYS F 359 11.24 -36.20 -97.73
C LYS F 359 12.01 -36.42 -96.43
N THR F 360 13.32 -36.16 -96.41
CA THR F 360 14.09 -36.32 -95.19
C THR F 360 13.67 -35.38 -94.10
N GLN F 361 13.68 -35.86 -92.86
CA GLN F 361 13.29 -35.07 -91.67
C GLN F 361 14.46 -34.71 -90.75
N LEU F 362 15.51 -35.54 -90.75
CA LEU F 362 16.71 -35.29 -89.91
C LEU F 362 17.80 -34.69 -90.77
N PHE F 363 17.97 -35.23 -91.98
CA PHE F 363 18.91 -34.66 -92.90
C PHE F 363 18.23 -33.38 -93.33
N LEU F 364 18.87 -32.26 -93.02
CA LEU F 364 18.33 -30.95 -93.35
C LEU F 364 18.82 -30.50 -94.76
N LEU F 365 17.87 -30.14 -95.61
CA LEU F 365 18.16 -29.68 -96.94
C LEU F 365 18.81 -28.34 -96.78
N ALA F 366 20.11 -28.32 -97.02
CA ALA F 366 20.91 -27.12 -96.88
C ALA F 366 22.24 -27.24 -97.60
N ALA F 367 22.93 -26.11 -97.70
CA ALA F 367 24.20 -26.06 -98.38
C ALA F 367 25.33 -25.75 -97.44
N ASN F 368 25.84 -26.79 -96.83
CA ASN F 368 26.94 -26.70 -95.92
C ASN F 368 27.41 -28.12 -95.59
N LEU F 369 28.50 -28.28 -94.87
CA LEU F 369 28.93 -29.64 -94.53
C LEU F 369 29.75 -29.59 -93.24
N GLY F 370 29.77 -30.69 -92.50
CA GLY F 370 30.51 -30.75 -91.26
C GLY F 370 29.74 -30.20 -90.06
N ASP F 371 28.42 -30.02 -90.20
CA ASP F 371 27.60 -29.52 -89.10
C ASP F 371 27.31 -30.76 -88.25
N SER F 372 27.02 -30.52 -86.98
CA SER F 372 26.67 -31.59 -86.04
C SER F 372 25.31 -32.19 -86.47
N LYS F 373 24.51 -31.39 -87.18
CA LYS F 373 23.24 -31.86 -87.71
C LYS F 373 23.51 -32.35 -89.12
N SER F 374 22.91 -33.50 -89.47
CA SER F 374 23.08 -34.06 -90.78
C SER F 374 22.45 -33.19 -91.83
N LEU F 375 23.11 -33.11 -92.99
CA LEU F 375 22.62 -32.29 -94.09
C LEU F 375 22.56 -33.03 -95.43
N ILE F 376 21.72 -32.51 -96.33
CA ILE F 376 21.54 -33.10 -97.63
C ILE F 376 21.38 -32.05 -98.71
N ILE F 377 21.86 -32.37 -99.92
CA ILE F 377 21.76 -31.48 -101.04
C ILE F 377 21.94 -32.24 -102.36
N HIS F 378 21.45 -31.65 -103.46
CA HIS F 378 21.54 -32.17 -104.82
C HIS F 378 22.48 -31.22 -105.60
N PRO F 379 23.79 -31.54 -105.67
CA PRO F 379 24.85 -30.75 -106.34
C PRO F 379 24.68 -30.19 -107.75
N ALA F 380 24.20 -30.98 -108.69
CA ALA F 380 24.02 -30.45 -110.04
C ALA F 380 23.27 -29.08 -110.09
N SER F 381 22.12 -28.98 -109.45
CA SER F 381 21.32 -27.74 -109.44
C SER F 381 21.65 -26.79 -108.26
N THR F 382 22.76 -27.03 -107.59
CA THR F 382 23.07 -26.24 -106.44
C THR F 382 24.55 -25.89 -106.26
N THR F 383 25.30 -26.68 -105.50
CA THR F 383 26.75 -26.43 -105.22
C THR F 383 27.65 -26.44 -106.45
N HIS F 384 27.28 -27.23 -107.45
CA HIS F 384 28.03 -27.31 -108.69
C HIS F 384 27.14 -26.88 -109.87
N SER F 385 26.21 -26.00 -109.53
CA SER F 385 25.25 -25.43 -110.48
C SER F 385 25.96 -24.58 -111.56
N GLN F 386 27.06 -23.96 -111.17
CA GLN F 386 27.83 -23.12 -112.10
C GLN F 386 28.62 -23.91 -113.15
N LEU F 387 29.04 -25.13 -112.82
CA LEU F 387 29.81 -25.96 -113.75
C LEU F 387 29.06 -26.35 -115.05
N SER F 388 29.82 -26.57 -116.13
CA SER F 388 29.26 -26.95 -117.43
C SER F 388 28.79 -28.39 -117.32
N GLU F 389 27.93 -28.79 -118.26
CA GLU F 389 27.35 -30.15 -118.26
C GLU F 389 28.49 -31.21 -118.36
N GLU F 390 29.58 -30.85 -119.07
CA GLU F 390 30.74 -31.74 -119.24
C GLU F 390 31.70 -31.72 -118.03
N GLU F 391 31.91 -30.56 -117.42
CA GLU F 391 32.77 -30.44 -116.23
C GLU F 391 32.20 -31.31 -115.11
N LEU F 392 30.89 -31.45 -115.10
CA LEU F 392 30.22 -32.25 -114.11
C LEU F 392 30.61 -33.69 -114.22
N GLN F 393 30.71 -34.16 -115.48
CA GLN F 393 31.04 -35.55 -115.80
C GLN F 393 32.54 -35.78 -115.49
N LYS F 394 33.35 -34.74 -115.61
CA LYS F 394 34.77 -34.89 -115.32
C LYS F 394 35.01 -35.00 -113.78
N ALA F 395 34.11 -34.41 -113.01
CA ALA F 395 34.15 -34.44 -111.53
C ALA F 395 33.37 -35.64 -111.00
N GLY F 396 32.64 -36.29 -111.91
CA GLY F 396 31.82 -37.43 -111.61
C GLY F 396 30.52 -37.11 -110.90
N ILE F 397 29.70 -36.18 -111.43
CA ILE F 397 28.41 -35.82 -110.82
C ILE F 397 27.30 -36.02 -111.86
N THR F 398 26.12 -36.47 -111.45
CA THR F 398 25.05 -36.69 -112.38
C THR F 398 23.79 -36.03 -111.87
N LYS F 399 22.70 -36.11 -112.63
CA LYS F 399 21.43 -35.55 -112.21
C LYS F 399 20.80 -36.35 -111.07
N ALA F 400 21.30 -37.57 -110.85
CA ALA F 400 20.78 -38.44 -109.82
C ALA F 400 21.62 -38.39 -108.54
N THR F 401 22.73 -37.65 -108.59
CA THR F 401 23.65 -37.55 -107.46
C THR F 401 23.20 -36.73 -106.27
N ILE F 402 23.37 -37.32 -105.09
CA ILE F 402 22.99 -36.71 -103.81
C ILE F 402 24.17 -36.72 -102.93
N ARG F 403 24.39 -35.61 -102.26
CA ARG F 403 25.51 -35.51 -101.36
C ARG F 403 24.96 -35.41 -99.93
N LEU F 404 25.58 -36.13 -99.00
CA LEU F 404 25.17 -36.09 -97.62
C LEU F 404 26.30 -35.69 -96.71
N SER F 405 25.98 -34.94 -95.68
CA SER F 405 26.96 -34.54 -94.68
C SER F 405 26.43 -35.27 -93.45
N ILE F 406 27.18 -36.28 -92.98
CA ILE F 406 26.75 -37.07 -91.86
C ILE F 406 27.07 -36.41 -90.54
N GLY F 407 26.03 -36.18 -89.76
CA GLY F 407 26.12 -35.53 -88.47
C GLY F 407 26.44 -36.43 -87.30
N LEU F 408 26.14 -35.94 -86.10
CA LEU F 408 26.43 -36.68 -84.87
C LEU F 408 25.20 -37.34 -84.28
N GLU F 409 24.09 -37.35 -85.00
CA GLU F 409 22.87 -37.97 -84.52
C GLU F 409 23.05 -39.50 -84.40
N ASN F 410 22.07 -40.15 -83.79
CA ASN F 410 22.13 -41.64 -83.66
C ASN F 410 21.99 -42.25 -85.04
N SER F 411 22.90 -43.16 -85.39
CA SER F 411 22.90 -43.82 -86.73
C SER F 411 21.62 -44.52 -87.10
N ASP F 412 20.99 -45.18 -86.16
CA ASP F 412 19.74 -45.87 -86.48
C ASP F 412 18.69 -44.84 -86.90
N ASP F 413 18.65 -43.71 -86.20
CA ASP F 413 17.69 -42.64 -86.54
C ASP F 413 17.98 -42.08 -87.90
N LEU F 414 19.25 -41.91 -88.22
CA LEU F 414 19.63 -41.40 -89.52
C LEU F 414 19.25 -42.36 -90.63
N ILE F 415 19.59 -43.63 -90.43
CA ILE F 415 19.29 -44.66 -91.42
C ILE F 415 17.81 -44.71 -91.65
N ALA F 416 17.04 -44.68 -90.56
CA ALA F 416 15.58 -44.72 -90.69
C ALA F 416 15.04 -43.54 -91.48
N ASP F 417 15.59 -42.35 -91.24
CA ASP F 417 15.15 -41.15 -91.94
C ASP F 417 15.46 -41.31 -93.46
N LEU F 418 16.65 -41.78 -93.78
CA LEU F 418 17.01 -41.99 -95.21
C LEU F 418 16.21 -43.10 -95.81
N LYS F 419 15.94 -44.13 -95.02
CA LYS F 419 15.17 -45.24 -95.52
C LYS F 419 13.81 -44.79 -96.00
N GLN F 420 13.09 -44.07 -95.16
CA GLN F 420 11.73 -43.63 -95.53
C GLN F 420 11.75 -42.67 -96.74
N ALA F 421 12.78 -41.84 -96.83
CA ALA F 421 12.87 -40.88 -97.93
C ALA F 421 13.15 -41.61 -99.25
N ILE F 422 14.10 -42.53 -99.21
CA ILE F 422 14.44 -43.34 -100.37
C ILE F 422 13.33 -44.25 -100.90
N GLU F 423 12.61 -44.88 -99.97
CA GLU F 423 11.53 -45.79 -100.32
C GLU F 423 10.34 -45.05 -100.84
N SER F 424 10.66 -43.83 -101.25
CA SER F 424 9.81 -42.77 -101.87
C SER F 424 9.02 -41.88 -100.91
N ASN G 3 -37.19 -15.31 -18.58
CA ASN G 3 -36.21 -16.21 -17.90
C ASN G 3 -35.40 -15.50 -16.80
N PHE G 4 -34.75 -16.32 -15.99
CA PHE G 4 -33.97 -15.91 -14.83
C PHE G 4 -32.55 -15.31 -14.96
N ASN G 5 -32.08 -14.72 -13.86
CA ASN G 5 -30.73 -14.14 -13.81
C ASN G 5 -29.65 -15.20 -13.60
N LYS G 6 -28.42 -14.85 -13.94
CA LYS G 6 -27.29 -15.77 -13.81
C LYS G 6 -27.16 -16.41 -12.44
N GLU G 7 -27.32 -15.62 -11.38
CA GLU G 7 -27.19 -16.13 -10.04
C GLU G 7 -28.20 -17.26 -9.84
N THR G 8 -29.39 -17.08 -10.37
CA THR G 8 -30.44 -18.06 -10.25
C THR G 8 -30.16 -19.34 -11.05
N LEU G 9 -29.60 -19.16 -12.24
CA LEU G 9 -29.28 -20.27 -13.14
C LEU G 9 -28.16 -21.15 -12.60
N ALA G 10 -27.34 -20.62 -11.70
CA ALA G 10 -26.26 -21.41 -11.14
C ALA G 10 -26.81 -22.33 -10.03
N LEU G 11 -28.06 -22.10 -9.66
CA LEU G 11 -28.75 -22.83 -8.59
C LEU G 11 -29.93 -23.72 -9.00
N HIS G 12 -30.55 -23.35 -10.11
CA HIS G 12 -31.70 -24.07 -10.65
C HIS G 12 -31.52 -24.32 -12.13
N GLY G 13 -31.91 -25.49 -12.59
CA GLY G 13 -31.81 -25.84 -14.01
C GLY G 13 -31.04 -27.12 -14.31
N ALA G 14 -31.32 -27.69 -15.48
CA ALA G 14 -30.67 -28.90 -15.95
C ALA G 14 -30.71 -30.08 -14.98
N TYR G 15 -31.65 -30.07 -14.05
CA TYR G 15 -31.83 -31.15 -13.07
C TYR G 15 -33.30 -31.12 -12.63
N ASN G 16 -34.07 -32.14 -13.00
CA ASN G 16 -35.51 -32.19 -12.65
C ASN G 16 -35.93 -33.06 -11.46
N PHE G 17 -34.99 -33.56 -10.68
CA PHE G 17 -35.28 -34.41 -9.52
C PHE G 17 -35.63 -35.81 -10.02
N ASP G 18 -34.86 -36.81 -9.66
CA ASP G 18 -35.19 -38.14 -10.10
C ASP G 18 -36.35 -38.69 -9.22
N THR G 19 -36.45 -40.00 -9.09
CA THR G 19 -37.54 -40.60 -8.32
C THR G 19 -37.53 -40.17 -6.84
N GLN G 20 -36.33 -40.09 -6.26
CA GLN G 20 -36.15 -39.72 -4.86
C GLN G 20 -36.38 -38.25 -4.52
N ARG G 21 -36.35 -37.42 -5.55
CA ARG G 21 -36.57 -35.98 -5.40
C ARG G 21 -35.62 -35.27 -4.41
N SER G 22 -34.35 -35.66 -4.46
CA SER G 22 -33.34 -35.06 -3.64
C SER G 22 -33.10 -33.64 -4.21
N ILE G 23 -33.03 -32.64 -3.33
CA ILE G 23 -32.82 -31.25 -3.75
C ILE G 23 -31.42 -31.09 -4.33
N SER G 24 -30.47 -31.76 -3.70
CA SER G 24 -29.11 -31.75 -4.18
C SER G 24 -28.98 -32.79 -5.29
N VAL G 25 -28.08 -32.54 -6.23
CA VAL G 25 -27.85 -33.46 -7.34
C VAL G 25 -27.13 -34.69 -6.81
N PRO G 26 -27.64 -35.88 -7.09
CA PRO G 26 -26.94 -37.04 -6.59
C PRO G 26 -25.59 -37.23 -7.23
N ILE G 27 -24.70 -37.89 -6.49
CA ILE G 27 -23.37 -38.18 -6.97
C ILE G 27 -23.41 -39.59 -7.58
N TYR G 28 -23.35 -39.65 -8.91
CA TYR G 28 -23.37 -40.94 -9.63
C TYR G 28 -21.96 -41.52 -9.72
N GLN G 29 -21.50 -42.09 -8.60
CA GLN G 29 -20.15 -42.71 -8.49
C GLN G 29 -20.42 -44.04 -9.16
N ASN G 30 -20.40 -43.96 -10.50
CA ASN G 30 -20.74 -45.06 -11.34
C ASN G 30 -20.19 -44.96 -12.76
N THR G 31 -19.87 -46.10 -13.37
CA THR G 31 -19.34 -46.13 -14.73
C THR G 31 -20.28 -46.62 -15.80
N ALA G 32 -21.19 -47.52 -15.45
CA ALA G 32 -22.12 -48.08 -16.44
C ALA G 32 -23.58 -47.96 -16.09
N TYR G 33 -24.41 -48.17 -17.12
CA TYR G 33 -25.85 -48.04 -17.00
C TYR G 33 -26.59 -49.24 -17.54
N ASN G 34 -27.70 -49.56 -16.90
CA ASN G 34 -28.50 -50.69 -17.31
C ASN G 34 -29.47 -50.30 -18.42
N PHE G 35 -29.17 -50.73 -19.66
CA PHE G 35 -30.05 -50.44 -20.79
C PHE G 35 -31.31 -51.25 -20.56
N GLU G 36 -32.46 -50.69 -20.93
CA GLU G 36 -33.76 -51.33 -20.73
C GLU G 36 -34.00 -52.48 -21.69
N ASN G 37 -33.32 -52.46 -22.82
CA ASN G 37 -33.44 -53.53 -23.81
C ASN G 37 -32.34 -53.37 -24.83
N LEU G 38 -32.13 -54.40 -25.65
CA LEU G 38 -31.05 -54.34 -26.66
C LEU G 38 -31.19 -53.22 -27.70
N ASP G 39 -32.42 -52.91 -28.15
CA ASP G 39 -32.62 -51.85 -29.14
C ASP G 39 -32.10 -50.55 -28.61
N GLN G 40 -32.54 -50.22 -27.39
CA GLN G 40 -32.15 -48.98 -26.74
C GLN G 40 -30.65 -48.82 -26.73
N ALA G 41 -29.97 -49.90 -26.32
CA ALA G 41 -28.51 -49.90 -26.26
C ALA G 41 -27.91 -49.58 -27.63
N ALA G 42 -28.17 -50.46 -28.60
CA ALA G 42 -27.66 -50.27 -29.98
C ALA G 42 -28.03 -48.89 -30.51
N ALA G 43 -29.26 -48.46 -30.26
CA ALA G 43 -29.67 -47.14 -30.74
C ALA G 43 -28.75 -46.05 -30.15
N ARG G 44 -28.34 -46.18 -28.87
CA ARG G 44 -27.45 -45.18 -28.25
C ARG G 44 -26.04 -45.24 -28.83
N PHE G 45 -25.54 -46.44 -29.11
CA PHE G 45 -24.22 -46.58 -29.72
C PHE G 45 -24.16 -46.01 -31.15
N ASN G 46 -25.32 -45.82 -31.78
CA ASN G 46 -25.43 -45.28 -33.16
C ASN G 46 -25.85 -43.83 -33.24
N LEU G 47 -25.90 -43.17 -32.11
CA LEU G 47 -26.31 -41.77 -32.07
C LEU G 47 -27.76 -41.55 -32.51
N GLN G 48 -28.54 -42.62 -32.65
CA GLN G 48 -29.92 -42.43 -33.04
C GLN G 48 -30.66 -41.91 -31.81
N GLU G 49 -30.42 -42.52 -30.65
CA GLU G 49 -31.07 -42.04 -29.42
C GLU G 49 -30.03 -41.51 -28.45
N LEU G 50 -30.29 -40.35 -27.85
CA LEU G 50 -29.34 -39.82 -26.87
C LEU G 50 -29.59 -40.40 -25.49
N GLY G 51 -28.54 -40.60 -24.72
CA GLY G 51 -28.70 -41.16 -23.38
C GLY G 51 -27.43 -41.73 -22.77
N ASN G 52 -27.58 -42.26 -21.57
CA ASN G 52 -26.47 -42.82 -20.85
C ASN G 52 -25.95 -44.08 -21.46
N ILE G 53 -24.63 -44.16 -21.52
CA ILE G 53 -23.95 -45.32 -22.06
C ILE G 53 -22.84 -45.83 -21.14
N TYR G 54 -21.84 -44.96 -20.94
CA TYR G 54 -20.66 -45.25 -20.13
C TYR G 54 -20.08 -43.94 -19.69
N SER G 55 -19.71 -43.86 -18.41
CA SER G 55 -19.16 -42.63 -17.81
C SER G 55 -17.95 -42.01 -18.42
N ARG G 56 -17.19 -42.74 -19.21
CA ARG G 56 -16.05 -42.10 -19.86
C ARG G 56 -16.56 -41.05 -20.85
N LEU G 57 -17.78 -41.26 -21.36
CA LEU G 57 -18.40 -40.34 -22.33
C LEU G 57 -19.23 -39.28 -21.64
N SER G 58 -20.12 -39.72 -20.75
CA SER G 58 -20.95 -38.80 -20.04
C SER G 58 -21.48 -39.44 -18.77
N ASN G 59 -21.80 -38.57 -17.81
CA ASN G 59 -22.33 -38.93 -16.47
C ASN G 59 -23.38 -37.91 -16.08
N PRO G 60 -24.49 -38.36 -15.50
CA PRO G 60 -25.56 -37.41 -15.14
C PRO G 60 -25.14 -36.28 -14.21
N THR G 61 -24.24 -36.56 -13.26
CA THR G 61 -23.80 -35.53 -12.33
C THR G 61 -23.10 -34.48 -13.16
N SER G 62 -22.12 -34.90 -13.94
CA SER G 62 -21.40 -33.97 -14.80
C SER G 62 -22.26 -33.29 -15.88
N ASP G 63 -23.36 -33.92 -16.28
CA ASP G 63 -24.23 -33.32 -17.31
C ASP G 63 -24.90 -32.09 -16.78
N VAL G 64 -25.32 -32.16 -15.51
CA VAL G 64 -25.98 -31.03 -14.89
C VAL G 64 -24.99 -29.86 -14.89
N LEU G 65 -23.73 -30.14 -14.54
CA LEU G 65 -22.67 -29.14 -14.50
C LEU G 65 -22.47 -28.50 -15.85
N GLY G 66 -22.36 -29.34 -16.87
CA GLY G 66 -22.16 -28.86 -18.22
C GLY G 66 -23.25 -27.90 -18.69
N GLN G 67 -24.51 -28.30 -18.50
CA GLN G 67 -25.63 -27.48 -18.92
C GLN G 67 -25.75 -26.19 -18.11
N ARG G 68 -25.56 -26.26 -16.80
CA ARG G 68 -25.60 -25.05 -16.01
C ARG G 68 -24.47 -24.09 -16.39
N LEU G 69 -23.26 -24.60 -16.59
CA LEU G 69 -22.16 -23.72 -17.02
C LEU G 69 -22.53 -23.03 -18.34
N ALA G 70 -23.19 -23.77 -19.23
CA ALA G 70 -23.62 -23.21 -20.51
C ALA G 70 -24.68 -22.16 -20.30
N ASN G 71 -25.59 -22.44 -19.39
CA ASN G 71 -26.66 -21.51 -19.07
C ASN G 71 -26.13 -20.21 -18.49
N VAL G 72 -25.19 -20.29 -17.56
CA VAL G 72 -24.65 -19.04 -16.97
C VAL G 72 -23.88 -18.23 -17.99
N GLU G 73 -23.22 -18.89 -18.94
CA GLU G 73 -22.48 -18.17 -19.97
C GLU G 73 -23.38 -17.63 -21.11
N GLY G 74 -24.61 -18.11 -21.19
CA GLY G 74 -25.50 -17.71 -22.24
C GLY G 74 -25.21 -18.54 -23.51
N GLY G 75 -24.56 -19.70 -23.35
CA GLY G 75 -24.22 -20.57 -24.48
C GLY G 75 -25.25 -21.68 -24.67
N ALA G 76 -24.96 -22.63 -25.55
CA ALA G 76 -25.90 -23.73 -25.83
C ALA G 76 -25.65 -25.06 -25.12
N PHE G 77 -24.42 -25.52 -25.12
CA PHE G 77 -24.07 -26.80 -24.52
C PHE G 77 -22.65 -26.77 -23.93
N GLY G 78 -22.46 -27.48 -22.83
CA GLY G 78 -21.18 -27.50 -22.16
C GLY G 78 -20.77 -28.90 -21.82
N ILE G 79 -19.47 -29.12 -21.87
CA ILE G 79 -18.89 -30.41 -21.61
C ILE G 79 -17.75 -30.39 -20.62
N PRO G 80 -17.96 -31.01 -19.46
CA PRO G 80 -16.90 -31.03 -18.49
C PRO G 80 -15.91 -32.13 -18.77
N VAL G 81 -14.66 -31.85 -18.48
CA VAL G 81 -13.55 -32.76 -18.71
C VAL G 81 -12.65 -32.78 -17.47
N ALA G 82 -11.66 -33.66 -17.47
CA ALA G 82 -10.77 -33.81 -16.30
C ALA G 82 -10.00 -32.61 -15.80
N SER G 83 -9.72 -31.66 -16.67
CA SER G 83 -8.98 -30.47 -16.25
C SER G 83 -9.11 -29.39 -17.26
N GLY G 84 -8.69 -28.20 -16.85
CA GLY G 84 -8.69 -27.00 -17.71
C GLY G 84 -7.76 -27.25 -18.93
N ALA G 86 -7.01 -30.12 -20.23
CA ALA G 86 -7.71 -31.05 -21.11
C ALA G 86 -8.75 -30.31 -21.93
N ALA G 87 -9.41 -29.33 -21.32
CA ALA G 87 -10.41 -28.53 -22.02
C ALA G 87 -9.76 -27.73 -23.15
N CYS G 88 -8.61 -27.12 -22.87
CA CYS G 88 -7.90 -26.35 -23.91
C CYS G 88 -7.47 -27.32 -25.05
N PHE G 89 -6.86 -28.45 -24.68
CA PHE G 89 -6.40 -29.47 -25.61
C PHE G 89 -7.55 -29.95 -26.51
N TYR G 90 -8.63 -30.40 -25.89
CA TYR G 90 -9.82 -30.86 -26.60
C TYR G 90 -10.42 -29.82 -27.52
N ALA G 91 -10.42 -28.56 -27.11
CA ALA G 91 -10.98 -27.50 -27.94
C ALA G 91 -10.17 -27.29 -29.23
N LEU G 92 -8.85 -27.33 -29.09
CA LEU G 92 -7.94 -27.14 -30.23
C LEU G 92 -7.98 -28.31 -31.20
N ILE G 93 -7.78 -29.52 -30.69
CA ILE G 93 -7.80 -30.71 -31.54
C ILE G 93 -9.16 -30.98 -32.13
N ASN G 94 -10.24 -30.43 -31.58
CA ASN G 94 -11.55 -30.66 -32.16
C ASN G 94 -11.70 -29.80 -33.43
N LEU G 95 -10.77 -28.86 -33.58
CA LEU G 95 -10.74 -27.92 -34.71
C LEU G 95 -9.56 -28.11 -35.65
N ALA G 96 -8.39 -28.44 -35.10
CA ALA G 96 -7.17 -28.64 -35.91
C ALA G 96 -6.61 -30.04 -35.80
N SER G 97 -6.05 -30.49 -36.92
CA SER G 97 -5.45 -31.81 -37.02
C SER G 97 -4.09 -31.62 -37.69
N SER G 98 -3.35 -32.70 -37.82
CA SER G 98 -2.02 -32.64 -38.41
C SER G 98 -1.99 -31.83 -39.74
N GLY G 99 -1.02 -30.91 -39.82
CA GLY G 99 -0.85 -30.06 -40.99
C GLY G 99 -1.55 -28.71 -40.85
N ASP G 100 -2.37 -28.55 -39.83
CA ASP G 100 -3.06 -27.29 -39.62
C ASP G 100 -2.28 -26.42 -38.62
N ASN G 101 -2.76 -25.21 -38.43
CA ASN G 101 -2.12 -24.30 -37.49
C ASN G 101 -3.21 -23.60 -36.68
N VAL G 102 -2.79 -23.08 -35.54
CA VAL G 102 -3.70 -22.36 -34.69
C VAL G 102 -2.99 -21.08 -34.26
N ALA G 103 -3.78 -20.03 -34.11
CA ALA G 103 -3.26 -18.72 -33.69
C ALA G 103 -3.52 -18.57 -32.21
N TYR G 104 -2.49 -18.17 -31.46
CA TYR G 104 -2.66 -18.02 -30.02
C TYR G 104 -2.03 -16.74 -29.44
N SER G 105 -2.69 -16.20 -28.43
CA SER G 105 -2.24 -14.99 -27.75
C SER G 105 -0.91 -15.18 -27.05
N ASN G 106 -0.08 -14.15 -27.11
CA ASN G 106 1.25 -14.18 -26.50
C ASN G 106 1.12 -13.93 -25.00
N LYS G 107 -0.10 -13.62 -24.55
CA LYS G 107 -0.34 -13.40 -23.11
C LYS G 107 -1.37 -14.37 -22.53
N ILE G 108 -0.88 -15.56 -22.18
CA ILE G 108 -1.73 -16.62 -21.63
C ILE G 108 -1.02 -17.45 -20.56
N TYR G 109 -1.80 -18.38 -19.99
CA TYR G 109 -1.34 -19.29 -18.97
C TYR G 109 -0.16 -20.09 -19.52
N GLY G 110 0.91 -20.12 -18.74
CA GLY G 110 2.15 -20.82 -19.11
C GLY G 110 1.96 -22.23 -19.60
N GLY G 111 1.12 -22.97 -18.90
CA GLY G 111 0.84 -24.33 -19.28
C GLY G 111 0.19 -24.38 -20.65
N THR G 112 -0.79 -23.51 -20.89
CA THR G 112 -1.46 -23.49 -22.18
C THR G 112 -0.46 -23.08 -23.28
N GLN G 113 0.51 -22.24 -22.92
CA GLN G 113 1.50 -21.77 -23.87
C GLN G 113 2.38 -22.92 -24.29
N THR G 114 2.80 -23.72 -23.32
CA THR G 114 3.63 -24.89 -23.59
C THR G 114 2.85 -25.89 -24.44
N LEU G 115 1.60 -26.13 -24.06
CA LEU G 115 0.73 -27.05 -24.83
C LEU G 115 0.65 -26.69 -26.29
N ILE G 116 0.34 -25.42 -26.52
CA ILE G 116 0.18 -24.92 -27.86
C ILE G 116 1.48 -24.78 -28.65
N SER G 117 2.49 -24.12 -28.09
CA SER G 117 3.76 -23.91 -28.83
C SER G 117 4.72 -25.10 -28.89
N HIS G 118 4.63 -26.04 -27.98
CA HIS G 118 5.54 -27.19 -28.01
C HIS G 118 4.87 -28.54 -28.14
N THR G 119 4.03 -28.88 -27.18
CA THR G 119 3.39 -30.18 -27.19
C THR G 119 2.57 -30.52 -28.42
N LEU G 120 1.79 -29.58 -28.93
CA LEU G 120 0.99 -29.87 -30.12
C LEU G 120 1.84 -30.19 -31.40
N LYS G 121 3.12 -29.83 -31.41
CA LYS G 121 3.97 -30.12 -32.57
C LYS G 121 4.00 -31.62 -32.78
N ASN G 122 4.11 -32.36 -31.68
CA ASN G 122 4.13 -33.82 -31.71
C ASN G 122 2.96 -34.39 -32.50
N PHE G 123 1.89 -33.64 -32.62
CA PHE G 123 0.73 -34.12 -33.36
C PHE G 123 0.60 -33.43 -34.72
N GLY G 124 1.68 -32.78 -35.15
CA GLY G 124 1.70 -32.07 -36.43
C GLY G 124 0.84 -30.83 -36.50
N ILE G 125 0.65 -30.19 -35.35
CA ILE G 125 -0.16 -28.99 -35.26
C ILE G 125 0.74 -27.80 -34.95
N GLU G 126 0.81 -26.90 -35.91
CA GLU G 126 1.64 -25.71 -35.83
C GLU G 126 0.99 -24.61 -35.02
N ALA G 127 1.79 -23.90 -34.25
CA ALA G 127 1.30 -22.79 -33.43
C ALA G 127 1.91 -21.48 -33.90
N ARG G 128 1.06 -20.46 -34.02
CA ARG G 128 1.48 -19.13 -34.45
C ARG G 128 1.02 -18.06 -33.45
N GLU G 129 2.00 -17.52 -32.74
CA GLU G 129 1.78 -16.49 -31.74
C GLU G 129 1.31 -15.16 -32.35
N PHE G 130 0.54 -14.40 -31.57
CA PHE G 130 0.09 -13.07 -32.03
C PHE G 130 0.00 -12.22 -30.76
N ASP G 131 0.07 -10.91 -30.94
CA ASP G 131 0.02 -9.95 -29.84
C ASP G 131 -1.40 -9.41 -29.69
N ILE G 132 -2.03 -9.65 -28.54
CA ILE G 132 -3.40 -9.16 -28.33
C ILE G 132 -3.46 -7.64 -28.32
N ASP G 133 -2.32 -7.00 -28.04
CA ASP G 133 -2.25 -5.55 -28.01
C ASP G 133 -2.06 -4.92 -29.38
N ASP G 134 -1.79 -5.73 -30.40
CA ASP G 134 -1.60 -5.23 -31.76
C ASP G 134 -2.21 -6.28 -32.71
N LEU G 135 -3.52 -6.19 -32.89
CA LEU G 135 -4.26 -7.16 -33.72
C LEU G 135 -3.88 -7.32 -35.17
N ASP G 136 -3.15 -6.38 -35.73
CA ASP G 136 -2.73 -6.56 -37.11
C ASP G 136 -1.86 -7.81 -37.14
N SER G 137 -1.16 -8.08 -36.03
CA SER G 137 -0.27 -9.24 -35.94
C SER G 137 -1.07 -10.54 -36.08
N LEU G 138 -2.37 -10.48 -35.81
CA LEU G 138 -3.21 -11.65 -35.95
C LEU G 138 -3.50 -11.93 -37.42
N GLU G 139 -3.90 -10.89 -38.16
CA GLU G 139 -4.19 -11.02 -39.61
C GLU G 139 -3.02 -11.65 -40.30
N LYS G 140 -1.84 -11.16 -39.93
CA LYS G 140 -0.53 -11.61 -40.41
C LYS G 140 -0.28 -13.11 -40.42
N VAL G 141 -0.62 -13.76 -39.31
CA VAL G 141 -0.37 -15.19 -39.19
C VAL G 141 -1.49 -16.10 -39.70
N ILE G 142 -2.60 -15.53 -40.12
CA ILE G 142 -3.71 -16.32 -40.63
C ILE G 142 -3.59 -16.77 -42.07
N ASP G 143 -3.95 -18.04 -42.31
CA ASP G 143 -3.95 -18.61 -43.67
C ASP G 143 -5.18 -19.55 -43.74
N GLN G 144 -5.34 -20.32 -44.82
CA GLN G 144 -6.54 -21.18 -44.94
C GLN G 144 -6.45 -22.42 -44.06
N ASN G 145 -5.27 -22.66 -43.47
CA ASN G 145 -5.03 -23.80 -42.58
C ASN G 145 -5.19 -23.46 -41.07
N THR G 146 -5.38 -22.18 -40.78
CA THR G 146 -5.58 -21.70 -39.42
C THR G 146 -6.98 -22.12 -38.99
N LYS G 147 -7.05 -22.98 -37.97
CA LYS G 147 -8.34 -23.48 -37.52
C LYS G 147 -8.90 -22.90 -36.23
N ALA G 148 -8.08 -22.17 -35.48
CA ALA G 148 -8.55 -21.56 -34.24
C ALA G 148 -7.73 -20.36 -33.82
N ILE G 149 -8.41 -19.47 -33.12
CA ILE G 149 -7.83 -18.22 -32.59
C ILE G 149 -8.08 -18.32 -31.09
N PHE G 150 -6.99 -18.51 -30.35
CA PHE G 150 -7.06 -18.70 -28.91
C PHE G 150 -6.51 -17.56 -28.09
N PHE G 151 -7.26 -17.18 -27.05
CA PHE G 151 -6.86 -16.11 -26.17
C PHE G 151 -7.61 -16.18 -24.84
N GLU G 152 -7.15 -15.39 -23.90
CA GLU G 152 -7.78 -15.31 -22.59
C GLU G 152 -8.48 -13.96 -22.46
N SER G 153 -9.62 -13.96 -21.75
CA SER G 153 -10.39 -12.73 -21.57
C SER G 153 -9.65 -11.80 -20.64
N LEU G 154 -9.09 -12.37 -19.59
CA LEU G 154 -8.33 -11.65 -18.58
C LEU G 154 -7.16 -12.58 -18.39
N SER G 155 -6.00 -12.18 -18.90
CA SER G 155 -4.82 -13.06 -18.85
C SER G 155 -4.13 -13.32 -17.54
N ASN G 156 -3.46 -14.47 -17.50
CA ASN G 156 -2.72 -14.99 -16.37
C ASN G 156 -1.25 -15.11 -16.71
N PRO G 157 -0.37 -14.40 -16.01
CA PRO G 157 -0.48 -13.49 -14.88
C PRO G 157 -0.43 -12.00 -15.14
N GLN G 158 -0.40 -11.58 -16.40
CA GLN G 158 -0.37 -10.12 -16.67
C GLN G 158 -1.67 -9.38 -16.42
N ILE G 159 -2.78 -10.09 -16.36
CA ILE G 159 -4.07 -9.47 -16.15
C ILE G 159 -4.32 -8.58 -17.39
N ALA G 160 -3.99 -9.09 -18.55
CA ALA G 160 -4.18 -8.37 -19.80
C ALA G 160 -5.56 -8.66 -20.36
N ILE G 161 -6.29 -7.60 -20.69
CA ILE G 161 -7.64 -7.71 -21.22
C ILE G 161 -7.66 -7.62 -22.72
N ALA G 162 -8.28 -8.63 -23.33
CA ALA G 162 -8.39 -8.73 -24.78
C ALA G 162 -9.57 -7.91 -25.29
N ASP G 163 -9.37 -7.22 -26.41
CA ASP G 163 -10.43 -6.42 -27.01
C ASP G 163 -11.17 -7.45 -27.87
N ILE G 164 -12.09 -8.14 -27.20
CA ILE G 164 -12.86 -9.20 -27.82
C ILE G 164 -13.53 -8.84 -29.14
N GLU G 165 -14.27 -7.72 -29.19
CA GLU G 165 -14.98 -7.31 -30.43
C GLU G 165 -14.08 -7.28 -31.66
N LYS G 166 -12.86 -6.82 -31.48
CA LYS G 166 -11.89 -6.74 -32.58
C LYS G 166 -11.37 -8.10 -32.98
N ILE G 167 -11.25 -9.01 -32.01
CA ILE G 167 -10.78 -10.37 -32.33
C ILE G 167 -11.90 -11.05 -33.09
N ASN G 168 -13.12 -10.81 -32.64
CA ASN G 168 -14.30 -11.38 -33.28
C ASN G 168 -14.42 -10.94 -34.74
N GLN G 169 -14.21 -9.66 -35.02
CA GLN G 169 -14.28 -9.15 -36.39
C GLN G 169 -13.41 -9.92 -37.32
N ILE G 170 -12.15 -10.02 -36.93
CA ILE G 170 -11.17 -10.73 -37.71
C ILE G 170 -11.54 -12.20 -37.86
N ALA G 171 -11.97 -12.81 -36.76
CA ALA G 171 -12.35 -14.23 -36.76
C ALA G 171 -13.56 -14.48 -37.65
N LYS G 172 -14.57 -13.64 -37.56
CA LYS G 172 -15.75 -13.81 -38.38
C LYS G 172 -15.49 -13.62 -39.84
N LYS G 173 -14.60 -12.68 -40.14
CA LYS G 173 -14.28 -12.38 -41.51
C LYS G 173 -13.71 -13.62 -42.20
N HIS G 174 -12.71 -14.24 -41.60
CA HIS G 174 -12.09 -15.45 -42.16
C HIS G 174 -12.85 -16.75 -41.88
N LYS G 175 -13.96 -16.68 -41.16
CA LYS G 175 -14.76 -17.88 -40.84
C LYS G 175 -13.97 -18.86 -39.98
N ILE G 176 -13.27 -18.31 -39.00
CA ILE G 176 -12.47 -19.11 -38.07
C ILE G 176 -13.12 -19.11 -36.69
N VAL G 177 -13.08 -20.28 -36.06
CA VAL G 177 -13.64 -20.45 -34.72
C VAL G 177 -12.74 -19.78 -33.71
N SER G 178 -13.35 -18.93 -32.88
CA SER G 178 -12.61 -18.22 -31.81
C SER G 178 -12.84 -18.95 -30.47
N ILE G 179 -11.75 -19.17 -29.73
CA ILE G 179 -11.75 -19.81 -28.43
C ILE G 179 -11.29 -18.84 -27.34
N CYS G 180 -12.16 -18.58 -26.35
CA CYS G 180 -11.83 -17.69 -25.23
C CYS G 180 -11.79 -18.43 -23.88
N ASP G 181 -10.65 -18.33 -23.20
CA ASP G 181 -10.44 -18.95 -21.90
C ASP G 181 -10.90 -17.87 -20.94
N ASN G 182 -12.08 -18.08 -20.35
CA ASN G 182 -12.68 -17.09 -19.45
C ASN G 182 -12.54 -17.47 -17.98
N THR G 183 -11.53 -18.28 -17.68
CA THR G 183 -11.30 -18.77 -16.35
C THR G 183 -11.23 -17.73 -15.22
N VAL G 184 -10.37 -16.75 -15.41
CA VAL G 184 -10.19 -15.74 -14.39
C VAL G 184 -11.36 -14.76 -14.19
N ALA G 185 -11.94 -14.28 -15.27
CA ALA G 185 -13.06 -13.35 -15.16
C ALA G 185 -14.31 -14.01 -14.61
N THR G 186 -14.52 -15.25 -15.02
CA THR G 186 -15.66 -16.11 -14.64
C THR G 186 -16.86 -15.62 -15.45
N PRO G 187 -17.86 -16.47 -15.61
CA PRO G 187 -19.00 -16.03 -16.36
C PRO G 187 -19.76 -14.90 -15.69
N PHE G 188 -19.52 -14.67 -14.38
CA PHE G 188 -20.23 -13.62 -13.68
C PHE G 188 -19.69 -12.23 -13.86
N LEU G 189 -18.46 -12.10 -14.34
CA LEU G 189 -17.91 -10.78 -14.52
C LEU G 189 -17.81 -10.44 -16.01
N LEU G 190 -17.81 -11.46 -16.87
CA LEU G 190 -17.69 -11.26 -18.28
C LEU G 190 -18.34 -12.41 -19.05
N GLN G 191 -19.05 -12.06 -20.12
CA GLN G 191 -19.73 -13.05 -20.95
C GLN G 191 -19.20 -12.99 -22.39
N PRO G 192 -18.10 -13.69 -22.69
CA PRO G 192 -17.55 -13.63 -24.03
C PRO G 192 -18.53 -13.90 -25.15
N PHE G 193 -19.52 -14.76 -24.92
CA PHE G 193 -20.49 -15.02 -25.99
C PHE G 193 -21.22 -13.75 -26.48
N LYS G 194 -21.48 -12.82 -25.57
CA LYS G 194 -22.12 -11.55 -25.92
C LYS G 194 -21.30 -10.84 -26.98
N HIS G 195 -20.00 -11.09 -27.01
CA HIS G 195 -19.17 -10.41 -28.01
C HIS G 195 -18.69 -11.19 -29.21
N GLY G 196 -19.44 -12.23 -29.57
CA GLY G 196 -19.12 -13.04 -30.73
C GLY G 196 -18.23 -14.25 -30.57
N VAL G 197 -17.82 -14.57 -29.35
CA VAL G 197 -16.96 -15.75 -29.16
C VAL G 197 -17.75 -17.00 -29.51
N ASP G 198 -17.07 -17.95 -30.13
CA ASP G 198 -17.66 -19.21 -30.56
C ASP G 198 -17.59 -20.29 -29.48
N VAL G 199 -16.39 -20.46 -28.93
CA VAL G 199 -16.13 -21.45 -27.89
C VAL G 199 -15.42 -20.86 -26.67
N ILE G 200 -15.94 -21.19 -25.48
CA ILE G 200 -15.36 -20.75 -24.21
C ILE G 200 -14.80 -21.93 -23.44
N VAL G 201 -13.57 -21.78 -22.94
CA VAL G 201 -12.96 -22.84 -22.12
C VAL G 201 -12.75 -22.27 -20.71
N HIS G 202 -12.91 -23.13 -19.73
CA HIS G 202 -12.72 -22.77 -18.36
C HIS G 202 -11.95 -23.80 -17.60
N SER G 203 -11.10 -23.30 -16.71
CA SER G 203 -10.39 -24.20 -15.84
C SER G 203 -11.30 -24.10 -14.65
N LEU G 204 -12.17 -25.09 -14.44
CA LEU G 204 -13.12 -25.10 -13.31
C LEU G 204 -12.38 -25.24 -11.99
N SER G 205 -11.17 -25.75 -12.10
N SER G 205 -11.17 -25.75 -12.10
CA SER G 205 -10.26 -25.99 -11.00
CA SER G 205 -10.27 -25.96 -10.99
C SER G 205 -9.99 -24.70 -10.18
C SER G 205 -10.01 -24.71 -10.17
N TYR G 207 -11.66 -20.65 -10.01
CA TYR G 207 -12.80 -20.00 -9.34
C TYR G 207 -14.10 -20.76 -9.15
N VAL G 208 -14.47 -21.59 -10.12
CA VAL G 208 -15.70 -22.39 -9.98
C VAL G 208 -15.61 -23.26 -8.71
N SER G 209 -14.46 -23.91 -8.50
CA SER G 209 -14.25 -24.72 -7.32
C SER G 209 -14.19 -23.74 -6.20
N GLY G 210 -13.30 -22.76 -6.35
CA GLY G 210 -13.13 -21.65 -5.39
C GLY G 210 -12.49 -22.01 -4.07
N GLN G 211 -12.11 -23.28 -3.94
CA GLN G 211 -11.51 -23.78 -2.72
C GLN G 211 -10.34 -24.73 -2.84
N GLY G 212 -9.76 -24.80 -4.04
CA GLY G 212 -8.61 -25.64 -4.28
C GLY G 212 -8.81 -27.12 -4.00
N THR G 213 -10.03 -27.59 -4.23
CA THR G 213 -10.35 -28.95 -3.99
C THR G 213 -10.78 -29.84 -5.16
N ALA G 214 -11.09 -29.30 -6.31
CA ALA G 214 -11.49 -30.17 -7.40
C ALA G 214 -10.96 -29.70 -8.72
N LEU G 215 -10.09 -30.52 -9.28
CA LEU G 215 -9.46 -30.26 -10.54
C LEU G 215 -10.55 -30.54 -11.59
N GLY G 216 -10.64 -29.69 -12.59
CA GLY G 216 -11.65 -29.85 -13.64
C GLY G 216 -11.65 -28.76 -14.71
N GLY G 217 -12.24 -29.08 -15.84
CA GLY G 217 -12.33 -28.15 -16.96
C GLY G 217 -13.65 -28.27 -17.72
N ALA G 218 -13.92 -27.29 -18.57
CA ALA G 218 -15.13 -27.33 -19.38
C ALA G 218 -14.99 -26.66 -20.72
N LEU G 219 -15.68 -27.21 -21.73
CA LEU G 219 -15.70 -26.61 -23.07
C LEU G 219 -17.15 -26.26 -23.28
N ILE G 220 -17.40 -25.00 -23.58
CA ILE G 220 -18.75 -24.51 -23.79
C ILE G 220 -18.89 -23.91 -25.20
N GLU G 221 -19.97 -24.23 -25.88
CA GLU G 221 -20.16 -23.69 -27.22
C GLU G 221 -21.36 -22.73 -27.26
N ARG G 222 -21.27 -21.74 -28.12
CA ARG G 222 -22.33 -20.76 -28.25
C ARG G 222 -23.50 -21.32 -28.99
N LYS G 223 -24.59 -20.56 -28.96
CA LYS G 223 -25.79 -20.95 -29.68
C LYS G 223 -25.52 -20.73 -31.16
N ASP G 224 -26.01 -21.65 -31.98
CA ASP G 224 -25.86 -21.59 -33.44
C ASP G 224 -24.46 -21.77 -33.98
N LEU G 225 -23.57 -22.37 -33.21
CA LEU G 225 -22.20 -22.59 -33.70
C LEU G 225 -22.18 -23.47 -34.98
N ASN G 226 -23.20 -24.31 -35.16
CA ASN G 226 -23.30 -25.16 -36.37
C ASN G 226 -23.22 -24.31 -37.64
N ASP G 227 -23.87 -23.15 -37.61
CA ASP G 227 -23.86 -22.19 -38.74
C ASP G 227 -22.44 -21.94 -39.25
N LEU G 228 -21.49 -21.82 -38.33
CA LEU G 228 -20.08 -21.60 -38.68
C LEU G 228 -19.30 -22.85 -39.08
N LEU G 229 -19.67 -24.01 -38.52
CA LEU G 229 -18.97 -25.27 -38.82
C LEU G 229 -19.50 -26.01 -40.03
N LYS G 230 -20.82 -26.06 -40.15
CA LYS G 230 -21.44 -26.74 -41.28
C LYS G 230 -21.18 -25.98 -42.59
N ASN G 231 -20.87 -26.74 -43.64
CA ASN G 231 -20.61 -26.17 -44.98
C ASN G 231 -19.52 -25.12 -44.96
N ASN G 232 -18.46 -25.39 -44.21
CA ASN G 232 -17.34 -24.46 -44.11
C ASN G 232 -16.12 -25.28 -44.47
N ASP G 233 -15.55 -24.96 -45.62
CA ASP G 233 -14.37 -25.65 -46.17
C ASP G 233 -13.18 -25.70 -45.22
N ARG G 234 -13.18 -24.81 -44.24
CA ARG G 234 -12.08 -24.77 -43.31
C ARG G 234 -12.18 -25.94 -42.29
N TYR G 235 -13.37 -26.48 -42.11
CA TYR G 235 -13.56 -27.59 -41.16
C TYR G 235 -14.17 -28.86 -41.77
N LYS G 236 -13.32 -29.64 -42.43
CA LYS G 236 -13.79 -30.87 -43.07
C LYS G 236 -14.20 -31.98 -42.13
N ALA G 237 -13.62 -32.04 -40.94
CA ALA G 237 -13.99 -33.07 -39.98
C ALA G 237 -15.49 -32.99 -39.68
N PHE G 238 -16.07 -31.80 -39.76
CA PHE G 238 -17.52 -31.63 -39.50
C PHE G 238 -18.40 -31.69 -40.77
N ASN G 239 -17.79 -32.03 -41.90
CA ASN G 239 -18.50 -32.11 -43.18
C ASN G 239 -18.10 -33.28 -44.07
N THR G 240 -17.57 -34.35 -43.50
CA THR G 240 -17.17 -35.51 -44.27
C THR G 240 -17.56 -36.79 -43.58
N PRO G 241 -17.98 -37.82 -44.34
CA PRO G 241 -18.35 -39.08 -43.70
C PRO G 241 -17.19 -39.54 -42.84
N ASP G 242 -17.49 -39.98 -41.62
CA ASP G 242 -16.44 -40.42 -40.70
C ASP G 242 -16.44 -41.95 -40.61
N PRO G 243 -15.28 -42.58 -40.93
CA PRO G 243 -15.19 -44.03 -40.87
C PRO G 243 -15.33 -44.60 -39.45
N SER G 244 -14.94 -43.82 -38.43
CA SER G 244 -15.07 -44.32 -37.06
C SER G 244 -16.56 -44.54 -36.73
N TYR G 245 -17.46 -43.84 -37.43
CA TYR G 245 -18.92 -43.97 -37.23
C TYR G 245 -19.72 -44.40 -38.44
N HIS G 246 -19.20 -45.39 -39.15
CA HIS G 246 -19.85 -45.90 -40.35
C HIS G 246 -20.38 -44.84 -41.28
N GLY G 247 -19.48 -43.98 -41.72
CA GLY G 247 -19.81 -42.92 -42.65
C GLY G 247 -20.61 -41.72 -42.17
N LEU G 248 -20.98 -41.69 -40.90
CA LEU G 248 -21.75 -40.55 -40.39
C LEU G 248 -21.10 -39.23 -40.73
N ASN G 249 -21.90 -38.28 -41.20
CA ASN G 249 -21.41 -36.95 -41.53
C ASN G 249 -22.08 -36.02 -40.54
N LEU G 250 -21.26 -35.39 -39.70
CA LEU G 250 -21.78 -34.49 -38.66
C LEU G 250 -22.64 -33.35 -39.16
N ASN G 251 -22.40 -32.84 -40.37
CA ASN G 251 -23.22 -31.71 -40.85
C ASN G 251 -24.68 -32.09 -41.07
N THR G 252 -24.98 -33.38 -40.94
CA THR G 252 -26.33 -33.91 -41.08
C THR G 252 -27.13 -33.88 -39.78
N LEU G 253 -26.45 -33.62 -38.66
CA LEU G 253 -27.11 -33.63 -37.35
C LEU G 253 -27.70 -32.32 -36.86
N ASP G 254 -28.84 -32.43 -36.23
CA ASP G 254 -29.50 -31.27 -35.67
C ASP G 254 -29.16 -31.30 -34.16
N LEU G 255 -27.88 -31.10 -33.85
CA LEU G 255 -27.33 -31.10 -32.51
C LEU G 255 -26.07 -30.26 -32.50
N PRO G 256 -25.64 -29.80 -31.33
CA PRO G 256 -24.41 -29.03 -31.28
C PRO G 256 -23.30 -29.98 -31.68
N ILE G 257 -22.92 -29.95 -32.94
CA ILE G 257 -21.90 -30.86 -33.47
C ILE G 257 -20.50 -30.72 -32.88
N PHE G 258 -20.14 -29.53 -32.42
CA PHE G 258 -18.81 -29.32 -31.82
C PHE G 258 -18.73 -30.16 -30.55
N SER G 259 -19.76 -30.04 -29.70
CA SER G 259 -19.83 -30.78 -28.45
C SER G 259 -19.97 -32.28 -28.72
N ILE G 260 -20.75 -32.63 -29.72
CA ILE G 260 -20.94 -34.03 -30.08
C ILE G 260 -19.61 -34.67 -30.44
N ARG G 261 -18.79 -33.97 -31.21
CA ARG G 261 -17.52 -34.57 -31.59
C ARG G 261 -16.65 -34.72 -30.34
N VAL G 262 -16.67 -33.75 -29.44
CA VAL G 262 -15.88 -33.84 -28.20
C VAL G 262 -16.23 -35.13 -27.44
N ILE G 263 -17.51 -35.47 -27.43
CA ILE G 263 -17.93 -36.66 -26.75
C ILE G 263 -17.64 -37.99 -27.45
N ILE G 264 -18.19 -38.14 -28.66
CA ILE G 264 -18.02 -39.38 -29.43
C ILE G 264 -16.59 -39.67 -29.91
N THR G 265 -15.75 -38.65 -29.92
CA THR G 265 -14.40 -38.87 -30.37
C THR G 265 -13.34 -38.62 -29.30
N TRP G 266 -13.23 -37.39 -28.82
CA TRP G 266 -12.16 -37.05 -27.84
C TRP G 266 -12.33 -37.67 -26.44
N LEU G 267 -13.54 -37.62 -25.88
CA LEU G 267 -13.74 -38.24 -24.58
C LEU G 267 -13.71 -39.74 -24.77
N ARG G 268 -14.42 -40.22 -25.78
CA ARG G 268 -14.46 -41.66 -26.01
C ARG G 268 -13.13 -42.30 -26.27
N ASP G 269 -12.30 -41.69 -27.08
CA ASP G 269 -11.01 -42.29 -27.40
C ASP G 269 -9.79 -41.80 -26.59
N LEU G 270 -9.77 -40.55 -26.18
CA LEU G 270 -8.62 -40.03 -25.40
C LEU G 270 -8.86 -40.15 -23.91
N GLY G 271 -10.13 -40.16 -23.54
CA GLY G 271 -10.52 -40.32 -22.14
C GLY G 271 -10.16 -39.42 -20.98
N ALA G 272 -10.18 -38.11 -21.20
CA ALA G 272 -9.87 -37.14 -20.13
C ALA G 272 -11.20 -36.81 -19.45
N SER G 273 -11.80 -37.85 -18.90
N SER G 273 -11.78 -37.84 -18.87
CA SER G 273 -13.08 -37.77 -18.23
CA SER G 273 -13.05 -37.74 -18.17
C SER G 273 -13.06 -37.17 -16.80
C SER G 273 -13.02 -37.12 -16.80
N LEU G 274 -14.07 -36.36 -16.52
CA LEU G 274 -14.19 -35.72 -15.22
C LEU G 274 -14.90 -36.67 -14.25
N ALA G 275 -14.23 -37.00 -13.15
CA ALA G 275 -14.80 -37.88 -12.16
C ALA G 275 -16.04 -37.25 -11.50
N PRO G 276 -17.02 -38.08 -11.17
CA PRO G 276 -18.28 -37.67 -10.55
C PRO G 276 -18.17 -36.85 -9.26
N GLN G 277 -17.24 -37.23 -8.41
CA GLN G 277 -17.08 -36.51 -7.17
C GLN G 277 -16.62 -35.07 -7.49
N ASN G 278 -15.64 -34.95 -8.41
CA ASN G 278 -15.15 -33.63 -8.80
C ASN G 278 -16.25 -32.80 -9.45
N ALA G 279 -17.04 -33.45 -10.31
CA ALA G 279 -18.14 -32.78 -10.99
C ALA G 279 -19.11 -32.25 -9.98
N TRP G 280 -19.46 -33.09 -9.02
CA TRP G 280 -20.42 -32.69 -7.96
C TRP G 280 -19.90 -31.50 -7.15
N LEU G 281 -18.62 -31.58 -6.74
CA LEU G 281 -18.02 -30.47 -5.98
C LEU G 281 -18.05 -29.19 -6.78
N LEU G 282 -17.73 -29.31 -8.06
CA LEU G 282 -17.74 -28.16 -8.98
C LEU G 282 -19.14 -27.60 -9.11
N LEU G 283 -20.16 -28.45 -9.08
CA LEU G 283 -21.52 -27.95 -9.12
C LEU G 283 -21.78 -27.13 -7.90
N GLN G 284 -21.28 -27.61 -6.77
CA GLN G 284 -21.50 -26.88 -5.49
C GLN G 284 -20.82 -25.51 -5.52
N GLY G 285 -19.62 -25.48 -6.09
CA GLY G 285 -18.89 -24.27 -6.20
C GLY G 285 -19.59 -23.31 -7.12
N LEU G 286 -20.16 -23.84 -8.21
CA LEU G 286 -20.85 -23.00 -9.18
C LEU G 286 -21.99 -22.27 -8.49
N GLU G 287 -22.68 -22.95 -7.60
CA GLU G 287 -23.79 -22.34 -6.87
C GLU G 287 -23.44 -21.05 -6.12
N THR G 288 -22.25 -21.01 -5.55
CA THR G 288 -21.81 -19.84 -4.76
C THR G 288 -20.83 -18.90 -5.42
N LEU G 289 -20.47 -19.17 -6.65
CA LEU G 289 -19.50 -18.34 -7.33
C LEU G 289 -19.88 -16.87 -7.42
N ALA G 290 -21.12 -16.58 -7.67
CA ALA G 290 -21.56 -15.20 -7.76
C ALA G 290 -21.24 -14.41 -6.51
N VAL G 291 -21.52 -14.97 -5.33
CA VAL G 291 -21.22 -14.21 -4.12
C VAL G 291 -19.70 -14.18 -3.85
N ARG G 292 -19.05 -15.30 -4.06
CA ARG G 292 -17.62 -15.37 -3.84
C ARG G 292 -16.76 -14.46 -4.72
N ILE G 293 -17.02 -14.46 -6.04
CA ILE G 293 -16.21 -13.64 -6.94
C ILE G 293 -16.27 -12.14 -6.58
N GLU G 294 -17.38 -11.68 -6.01
CA GLU G 294 -17.47 -10.28 -5.62
C GLU G 294 -16.52 -9.98 -4.46
N LYS G 295 -16.44 -10.89 -3.48
CA LYS G 295 -15.53 -10.70 -2.34
C LYS G 295 -14.08 -10.76 -2.86
N HIS G 296 -13.80 -11.73 -3.72
CA HIS G 296 -12.46 -11.84 -4.27
C HIS G 296 -12.08 -10.53 -4.92
N SER G 297 -13.02 -9.98 -5.67
CA SER G 297 -12.83 -8.72 -6.37
C SER G 297 -12.65 -7.54 -5.46
N GLN G 298 -13.54 -7.41 -4.49
CA GLN G 298 -13.45 -6.30 -3.52
C GLN G 298 -12.09 -6.35 -2.77
N ASN G 299 -11.70 -7.54 -2.30
CA ASN G 299 -10.41 -7.67 -1.62
C ASN G 299 -9.26 -7.34 -2.54
N ALA G 300 -9.30 -7.83 -3.77
CA ALA G 300 -8.21 -7.58 -4.72
C ALA G 300 -7.97 -6.11 -4.97
N GLU G 301 -9.07 -5.38 -5.13
CA GLU G 301 -8.99 -3.97 -5.36
C GLU G 301 -8.32 -3.25 -4.18
N LYS G 302 -8.69 -3.58 -2.95
CA LYS G 302 -8.09 -2.95 -1.79
C LYS G 302 -6.61 -3.27 -1.68
N VAL G 303 -6.25 -4.51 -1.96
CA VAL G 303 -4.87 -4.91 -1.92
C VAL G 303 -4.12 -4.16 -3.03
N ALA G 304 -4.73 -4.06 -4.19
CA ALA G 304 -4.10 -3.37 -5.30
C ALA G 304 -3.81 -1.90 -4.94
N ASN G 305 -4.80 -1.22 -4.37
CA ASN G 305 -4.64 0.18 -3.97
C ASN G 305 -3.53 0.35 -2.94
N PHE G 306 -3.46 -0.59 -2.00
CA PHE G 306 -2.44 -0.57 -0.98
C PHE G 306 -1.07 -0.74 -1.59
N LEU G 307 -0.92 -1.74 -2.45
CA LEU G 307 0.37 -1.99 -3.08
C LEU G 307 0.78 -0.80 -3.94
N ASN G 308 -0.18 -0.24 -4.64
CA ASN G 308 0.06 0.89 -5.53
C ASN G 308 0.58 2.14 -4.85
N SER G 309 0.36 2.26 -3.55
CA SER G 309 0.80 3.44 -2.80
C SER G 309 1.99 3.17 -1.93
N HIS G 310 2.41 1.92 -1.82
CA HIS G 310 3.51 1.60 -0.93
C HIS G 310 4.84 1.91 -1.63
N PRO G 311 5.74 2.62 -0.93
CA PRO G 311 7.05 3.01 -1.51
C PRO G 311 8.00 1.86 -1.92
N ASP G 312 7.93 0.72 -1.26
CA ASP G 312 8.78 -0.42 -1.63
C ASP G 312 8.26 -1.25 -2.82
N ILE G 313 7.15 -0.83 -3.47
CA ILE G 313 6.56 -1.55 -4.61
C ILE G 313 6.74 -0.72 -5.86
N LYS G 314 7.28 -1.33 -6.91
CA LYS G 314 7.57 -0.59 -8.14
C LYS G 314 6.55 -0.62 -9.27
N GLY G 315 5.43 -1.28 -9.09
CA GLY G 315 4.45 -1.32 -10.17
C GLY G 315 3.40 -2.36 -9.85
N VAL G 316 2.15 -2.04 -10.16
CA VAL G 316 1.05 -2.92 -9.87
C VAL G 316 0.18 -3.13 -11.10
N ASN G 317 -0.15 -4.39 -11.38
CA ASN G 317 -1.00 -4.74 -12.50
C ASN G 317 -2.38 -5.20 -12.08
N TYR G 318 -3.37 -4.31 -12.19
CA TYR G 318 -4.73 -4.65 -11.84
C TYR G 318 -5.62 -3.67 -12.61
N PRO G 319 -6.59 -4.17 -13.35
CA PRO G 319 -7.45 -3.32 -14.17
C PRO G 319 -8.24 -2.19 -13.56
N THR G 320 -8.55 -2.25 -12.27
CA THR G 320 -9.33 -1.18 -11.67
C THR G 320 -8.48 0.09 -11.48
N LEU G 321 -7.16 -0.05 -11.54
CA LEU G 321 -6.28 1.10 -11.37
C LEU G 321 -6.37 1.96 -12.62
N ALA G 322 -6.84 3.20 -12.46
CA ALA G 322 -7.01 4.16 -13.55
C ALA G 322 -5.82 4.35 -14.49
N SER G 323 -4.62 4.16 -13.98
CA SER G 323 -3.40 4.31 -14.78
C SER G 323 -3.05 3.06 -15.55
N ASN G 324 -3.73 1.96 -15.25
N ASN G 324 -3.74 1.96 -15.26
CA ASN G 324 -3.43 0.71 -15.92
CA ASN G 324 -3.47 0.72 -15.95
C ASN G 324 -3.79 0.78 -17.42
C ASN G 324 -3.80 0.79 -17.44
N ALA G 325 -3.00 0.12 -18.25
CA ALA G 325 -3.19 0.10 -19.70
C ALA G 325 -4.45 -0.59 -20.18
N TYR G 326 -5.02 -1.46 -19.35
CA TYR G 326 -6.22 -2.16 -19.72
C TYR G 326 -7.44 -1.60 -19.07
N HIS G 327 -7.30 -0.45 -18.40
CA HIS G 327 -8.43 0.15 -17.65
C HIS G 327 -9.65 0.46 -18.51
N ASN G 328 -9.42 1.03 -19.69
CA ASN G 328 -10.54 1.34 -20.61
C ASN G 328 -11.22 0.08 -21.10
N LEU G 329 -10.44 -0.95 -21.43
CA LEU G 329 -11.00 -2.22 -21.89
C LEU G 329 -11.79 -2.83 -20.73
N PHE G 330 -11.31 -2.60 -19.51
CA PHE G 330 -11.99 -3.10 -18.32
C PHE G 330 -13.36 -2.47 -18.21
N LYS G 331 -13.40 -1.16 -18.28
CA LYS G 331 -14.67 -0.41 -18.22
C LYS G 331 -15.59 -0.78 -19.38
N LYS G 332 -15.01 -1.09 -20.53
CA LYS G 332 -15.83 -1.44 -21.68
C LYS G 332 -16.51 -2.82 -21.58
N TYR G 333 -15.77 -3.83 -21.11
CA TYR G 333 -16.31 -5.20 -21.05
C TYR G 333 -16.83 -5.74 -19.73
N PHE G 334 -16.46 -5.14 -18.61
CA PHE G 334 -16.90 -5.62 -17.27
C PHE G 334 -18.04 -4.79 -16.70
N ASP G 335 -19.26 -5.26 -16.90
CA ASP G 335 -20.46 -4.54 -16.46
C ASP G 335 -20.62 -4.30 -14.95
N LYS G 336 -20.19 -5.24 -14.12
CA LYS G 336 -20.32 -5.09 -12.64
C LYS G 336 -19.16 -4.40 -11.88
N ASN G 337 -18.27 -3.85 -12.64
CA ASN G 337 -17.12 -3.14 -12.12
C ASN G 337 -16.28 -3.94 -11.08
N PHE G 338 -16.13 -5.24 -11.32
CA PHE G 338 -15.32 -6.14 -10.49
C PHE G 338 -14.33 -6.78 -11.46
N ALA G 339 -13.08 -6.91 -11.06
CA ALA G 339 -12.04 -7.44 -11.94
C ALA G 339 -11.37 -8.76 -11.53
N SER G 340 -12.06 -9.49 -10.68
CA SER G 340 -11.60 -10.78 -10.19
C SER G 340 -10.48 -10.69 -9.15
N GLY G 341 -9.94 -11.83 -8.72
CA GLY G 341 -8.91 -11.86 -7.69
C GLY G 341 -7.48 -12.07 -8.01
N LEU G 342 -7.11 -11.95 -9.28
CA LEU G 342 -5.72 -12.15 -9.64
C LEU G 342 -5.05 -10.81 -9.89
N LEU G 343 -3.82 -10.65 -9.44
CA LEU G 343 -3.10 -9.43 -9.68
C LEU G 343 -1.62 -9.73 -9.60
N SER G 344 -0.79 -8.82 -10.11
CA SER G 344 0.64 -9.03 -10.01
C SER G 344 1.29 -7.68 -9.68
N PHE G 345 2.51 -7.71 -9.17
CA PHE G 345 3.19 -6.49 -8.84
C PHE G 345 4.68 -6.71 -8.93
N GLU G 346 5.41 -5.60 -9.02
CA GLU G 346 6.87 -5.61 -9.10
C GLU G 346 7.47 -5.27 -7.76
N ALA G 347 8.38 -6.12 -7.28
CA ALA G 347 9.08 -5.87 -6.02
C ALA G 347 10.30 -5.00 -6.42
N LYS G 348 11.13 -4.60 -5.47
CA LYS G 348 12.29 -3.79 -5.76
C LYS G 348 13.20 -4.53 -6.74
N ASP G 349 13.40 -5.81 -6.47
CA ASP G 349 14.25 -6.68 -7.29
C ASP G 349 14.03 -8.16 -6.93
N TYR G 350 14.77 -9.04 -7.59
CA TYR G 350 14.67 -10.47 -7.35
C TYR G 350 14.78 -10.86 -5.87
N GLU G 351 15.81 -10.38 -5.17
CA GLU G 351 15.98 -10.70 -3.76
C GLU G 351 14.81 -10.26 -2.89
N HIS G 352 14.17 -9.14 -3.24
CA HIS G 352 13.03 -8.64 -2.47
C HIS G 352 11.81 -9.51 -2.73
N ALA G 353 11.61 -9.90 -3.98
CA ALA G 353 10.49 -10.75 -4.38
C ALA G 353 10.52 -12.12 -3.68
N ARG G 354 11.73 -12.59 -3.44
CA ARG G 354 11.97 -13.84 -2.80
C ARG G 354 11.71 -13.68 -1.26
N ARG G 355 12.15 -12.59 -0.65
CA ARG G 355 11.91 -12.42 0.78
C ARG G 355 10.42 -12.38 1.07
N ILE G 356 9.71 -11.71 0.18
CA ILE G 356 8.26 -11.58 0.32
C ILE G 356 7.63 -12.94 0.30
N CYS G 357 7.95 -13.74 -0.71
CA CYS G 357 7.40 -15.09 -0.79
C CYS G 357 7.71 -15.95 0.43
N ASP G 358 8.88 -15.74 1.03
CA ASP G 358 9.32 -16.51 2.19
C ASP G 358 8.78 -15.96 3.54
N LYS G 359 8.24 -14.73 3.55
CA LYS G 359 7.71 -14.05 4.77
C LYS G 359 6.19 -13.99 4.99
N THR G 360 5.39 -14.15 3.94
CA THR G 360 3.93 -14.11 4.11
C THR G 360 3.43 -15.26 4.94
N GLN G 361 2.42 -14.98 5.77
CA GLN G 361 1.80 -15.98 6.67
C GLN G 361 0.38 -16.38 6.24
N LEU G 362 -0.35 -15.48 5.56
CA LEU G 362 -1.72 -15.76 5.09
C LEU G 362 -1.68 -16.11 3.63
N PHE G 363 -0.89 -15.37 2.86
CA PHE G 363 -0.73 -15.69 1.46
C PHE G 363 0.13 -16.95 1.52
N LEU G 364 -0.39 -18.04 0.99
CA LEU G 364 0.32 -19.29 0.98
C LEU G 364 1.12 -19.46 -0.30
N LEU G 365 2.41 -19.76 -0.14
CA LEU G 365 3.29 -19.96 -1.26
C LEU G 365 2.86 -21.25 -1.90
N ALA G 366 2.24 -21.12 -3.06
CA ALA G 366 1.73 -22.24 -3.81
C ALA G 366 1.44 -21.88 -5.27
N ALA G 367 1.20 -22.92 -6.07
CA ALA G 367 0.93 -22.73 -7.47
C ALA G 367 -0.49 -23.10 -7.84
N ASN G 368 -1.36 -22.14 -7.68
CA ASN G 368 -2.77 -22.29 -8.01
C ASN G 368 -3.41 -20.91 -7.94
N LEU G 369 -4.67 -20.78 -8.30
CA LEU G 369 -5.32 -19.47 -8.20
C LEU G 369 -6.83 -19.67 -8.06
N GLY G 370 -7.49 -18.72 -7.44
CA GLY G 370 -8.92 -18.82 -7.24
C GLY G 370 -9.30 -19.64 -6.03
N ASP G 371 -8.36 -19.90 -5.13
CA ASP G 371 -8.67 -20.65 -3.89
C ASP G 371 -9.25 -19.60 -2.91
N SER G 372 -10.03 -20.08 -1.95
CA SER G 372 -10.61 -19.18 -0.96
C SER G 372 -9.49 -18.64 -0.06
N LYS G 373 -8.36 -19.36 -0.01
CA LYS G 373 -7.19 -18.93 0.76
C LYS G 373 -6.31 -18.18 -0.21
N SER G 374 -5.76 -17.06 0.25
CA SER G 374 -4.90 -16.26 -0.59
C SER G 374 -3.62 -17.00 -0.90
N LEU G 375 -3.13 -16.84 -2.13
CA LEU G 375 -1.91 -17.51 -2.57
C LEU G 375 -0.88 -16.57 -3.20
N ILE G 376 0.37 -16.99 -3.18
CA ILE G 376 1.46 -16.21 -3.73
C ILE G 376 2.46 -17.06 -4.45
N ILE G 377 3.09 -16.50 -5.47
CA ILE G 377 4.10 -17.20 -6.25
C ILE G 377 4.95 -16.20 -7.07
N HIS G 378 6.15 -16.64 -7.46
CA HIS G 378 7.12 -15.88 -8.26
C HIS G 378 7.20 -16.60 -9.62
N PRO G 379 6.39 -16.19 -10.60
CA PRO G 379 6.30 -16.76 -11.98
C PRO G 379 7.55 -17.08 -12.79
N ALA G 380 8.52 -16.19 -12.84
CA ALA G 380 9.71 -16.49 -13.62
C ALA G 380 10.32 -17.89 -13.33
N SER G 381 10.56 -18.21 -12.05
CA SER G 381 11.14 -19.48 -11.64
C SER G 381 10.11 -20.58 -11.33
N THR G 382 8.88 -20.36 -11.76
CA THR G 382 7.86 -21.31 -11.44
C THR G 382 6.81 -21.56 -12.55
N THR G 383 5.68 -20.85 -12.52
CA THR G 383 4.60 -21.02 -13.52
C THR G 383 4.98 -20.73 -14.98
N HIS G 384 5.92 -19.82 -15.16
CA HIS G 384 6.40 -19.45 -16.49
C HIS G 384 7.90 -19.73 -16.59
N SER G 385 8.30 -20.74 -15.82
CA SER G 385 9.66 -21.22 -15.76
C SER G 385 10.11 -21.81 -17.10
N GLN G 386 9.17 -22.41 -17.82
CA GLN G 386 9.47 -23.01 -19.12
C GLN G 386 9.75 -21.98 -20.24
N LEU G 387 9.12 -20.81 -20.17
CA LEU G 387 9.29 -19.76 -21.19
C LEU G 387 10.72 -19.19 -21.32
N SER G 388 11.04 -18.73 -22.53
CA SER G 388 12.34 -18.15 -22.85
C SER G 388 12.48 -16.83 -22.14
N GLU G 389 13.72 -16.36 -22.00
CA GLU G 389 13.99 -15.10 -21.32
C GLU G 389 13.28 -13.95 -22.08
N GLU G 390 13.16 -14.09 -23.42
CA GLU G 390 12.50 -13.08 -24.28
C GLU G 390 10.97 -13.25 -24.29
N GLU G 391 10.46 -14.48 -24.27
CA GLU G 391 9.00 -14.73 -24.23
C GLU G 391 8.40 -14.12 -22.96
N LEU G 392 9.21 -14.12 -21.91
CA LEU G 392 8.91 -13.60 -20.62
C LEU G 392 8.61 -12.07 -20.72
N GLN G 393 9.43 -11.39 -21.53
CA GLN G 393 9.32 -9.96 -21.75
C GLN G 393 8.11 -9.66 -22.66
N LYS G 394 7.78 -10.60 -23.55
CA LYS G 394 6.62 -10.48 -24.43
C LYS G 394 5.30 -10.51 -23.66
N ALA G 395 5.32 -11.30 -22.60
CA ALA G 395 4.19 -11.51 -21.71
C ALA G 395 4.20 -10.49 -20.58
N GLY G 396 5.32 -9.77 -20.48
CA GLY G 396 5.51 -8.74 -19.47
C GLY G 396 5.81 -9.27 -18.08
N ILE G 397 6.81 -10.15 -17.92
CA ILE G 397 7.17 -10.69 -16.59
C ILE G 397 8.64 -10.40 -16.34
N THR G 398 9.02 -10.16 -15.08
CA THR G 398 10.42 -9.87 -14.77
C THR G 398 10.86 -10.70 -13.59
N LYS G 399 12.13 -10.58 -13.21
CA LYS G 399 12.65 -11.31 -12.05
C LYS G 399 12.12 -10.77 -10.72
N ALA G 400 11.53 -9.56 -10.77
CA ALA G 400 10.98 -8.92 -9.58
C ALA G 400 9.46 -9.13 -9.49
N THR G 401 8.87 -9.75 -10.50
CA THR G 401 7.43 -9.98 -10.55
C THR G 401 6.85 -11.04 -9.60
N ILE G 402 5.78 -10.64 -8.92
CA ILE G 402 5.07 -11.48 -7.98
C ILE G 402 3.65 -11.52 -8.40
N ARG G 403 3.07 -12.71 -8.34
CA ARG G 403 1.66 -12.88 -8.69
C ARG G 403 0.90 -13.26 -7.41
N LEU G 404 -0.26 -12.65 -7.20
CA LEU G 404 -1.07 -12.95 -6.03
C LEU G 404 -2.45 -13.40 -6.43
N SER G 405 -3.01 -14.33 -5.66
CA SER G 405 -4.35 -14.81 -5.89
C SER G 405 -5.03 -14.35 -4.61
N ILE G 406 -5.92 -13.37 -4.74
CA ILE G 406 -6.59 -12.83 -3.58
C ILE G 406 -7.76 -13.67 -3.14
N GLY G 407 -7.70 -14.10 -1.88
CA GLY G 407 -8.73 -14.96 -1.29
C GLY G 407 -9.90 -14.25 -0.69
N LEU G 408 -10.60 -14.95 0.19
CA LEU G 408 -11.79 -14.41 0.85
C LEU G 408 -11.54 -13.97 2.25
N GLU G 409 -10.27 -13.93 2.67
CA GLU G 409 -9.96 -13.50 4.04
C GLU G 409 -10.30 -12.01 4.22
N ASN G 410 -10.22 -11.55 5.47
CA ASN G 410 -10.46 -10.15 5.74
C ASN G 410 -9.35 -9.31 5.11
N SER G 411 -9.71 -8.28 4.36
CA SER G 411 -8.73 -7.41 3.68
C SER G 411 -7.67 -6.76 4.58
N ASP G 412 -8.07 -6.32 5.77
CA ASP G 412 -7.10 -5.71 6.69
C ASP G 412 -6.05 -6.72 7.07
N ASP G 413 -6.47 -7.96 7.34
CA ASP G 413 -5.54 -9.04 7.66
C ASP G 413 -4.61 -9.33 6.50
N LEU G 414 -5.15 -9.34 5.28
CA LEU G 414 -4.33 -9.58 4.09
C LEU G 414 -3.30 -8.47 3.86
N ILE G 415 -3.76 -7.23 3.94
CA ILE G 415 -2.90 -6.09 3.77
C ILE G 415 -1.80 -6.12 4.80
N ALA G 416 -2.16 -6.39 6.06
CA ALA G 416 -1.15 -6.47 7.13
C ALA G 416 -0.10 -7.55 6.88
N ASP G 417 -0.53 -8.70 6.36
CA ASP G 417 0.39 -9.79 6.08
C ASP G 417 1.35 -9.35 4.94
N LEU G 418 0.83 -8.73 3.89
CA LEU G 418 1.69 -8.28 2.79
C LEU G 418 2.58 -7.14 3.25
N LYS G 419 2.06 -6.28 4.10
CA LYS G 419 2.83 -5.18 4.59
C LYS G 419 4.10 -5.68 5.30
N GLN G 420 3.94 -6.58 6.27
CA GLN G 420 5.10 -7.08 7.01
C GLN G 420 6.09 -7.82 6.11
N ALA G 421 5.59 -8.53 5.11
CA ALA G 421 6.47 -9.27 4.20
C ALA G 421 7.27 -8.31 3.32
N ILE G 422 6.58 -7.34 2.76
CA ILE G 422 7.21 -6.32 1.94
C ILE G 422 8.23 -5.45 2.66
N GLU G 423 7.92 -5.06 3.88
CA GLU G 423 8.79 -4.19 4.68
C GLU G 423 9.95 -4.91 5.31
N SER G 424 10.02 -6.22 5.16
CA SER G 424 11.14 -6.97 5.72
C SER G 424 12.34 -6.90 4.79
N ASN H 3 10.71 -59.69 -1.04
CA ASN H 3 10.23 -59.66 0.36
C ASN H 3 8.86 -60.41 0.31
N PHE H 4 7.76 -59.67 0.38
CA PHE H 4 6.38 -60.18 0.40
C PHE H 4 5.64 -60.65 -0.88
N ASN H 5 4.53 -61.38 -0.70
CA ASN H 5 3.72 -61.85 -1.82
C ASN H 5 2.80 -60.76 -2.34
N LYS H 6 2.33 -60.95 -3.57
CA LYS H 6 1.44 -59.98 -4.22
C LYS H 6 0.26 -59.54 -3.39
N GLU H 7 -0.41 -60.50 -2.79
CA GLU H 7 -1.57 -60.19 -1.99
C GLU H 7 -1.19 -59.18 -0.91
N THR H 8 -0.01 -59.37 -0.32
CA THR H 8 0.46 -58.53 0.75
C THR H 8 0.82 -57.13 0.27
N LEU H 9 1.42 -57.06 -0.91
CA LEU H 9 1.82 -55.82 -1.53
C LEU H 9 0.64 -54.94 -1.93
N ALA H 10 -0.53 -55.54 -2.12
CA ALA H 10 -1.72 -54.77 -2.50
C ALA H 10 -2.30 -54.09 -1.29
N LEU H 11 -1.81 -54.49 -0.12
CA LEU H 11 -2.27 -53.97 1.18
C LEU H 11 -1.29 -53.12 1.98
N HIS H 12 0.00 -53.35 1.75
CA HIS H 12 1.09 -52.66 2.46
C HIS H 12 2.14 -52.18 1.49
N GLY H 13 2.63 -50.98 1.70
CA GLY H 13 3.65 -50.41 0.82
C GLY H 13 3.30 -49.03 0.24
N ALA H 14 4.35 -48.30 -0.16
CA ALA H 14 4.22 -46.98 -0.76
C ALA H 14 3.41 -45.97 0.07
N TYR H 15 3.26 -46.19 1.37
CA TYR H 15 2.51 -45.31 2.25
C TYR H 15 3.07 -45.54 3.64
N ASN H 16 3.74 -44.54 4.19
CA ASN H 16 4.35 -44.67 5.54
C ASN H 16 3.60 -44.06 6.73
N PHE H 17 2.36 -43.62 6.55
CA PHE H 17 1.57 -43.00 7.61
C PHE H 17 2.08 -41.57 7.81
N ASP H 18 1.25 -40.57 7.58
CA ASP H 18 1.71 -39.22 7.79
C ASP H 18 1.69 -38.92 9.32
N THR H 19 1.55 -37.66 9.70
CA THR H 19 1.55 -37.28 11.10
C THR H 19 0.42 -37.94 11.89
N GLN H 20 -0.75 -38.04 11.27
CA GLN H 20 -1.96 -38.59 11.91
C GLN H 20 -1.98 -40.10 12.05
N ARG H 21 -1.12 -40.76 11.27
CA ARG H 21 -1.00 -42.19 11.31
C ARG H 21 -2.29 -42.97 11.05
N SER H 22 -3.05 -42.49 10.06
CA SER H 22 -4.29 -43.15 9.67
C SER H 22 -3.89 -44.43 8.94
N ILE H 23 -4.52 -45.55 9.25
CA ILE H 23 -4.21 -46.80 8.61
C ILE H 23 -4.60 -46.74 7.15
N SER H 24 -5.73 -46.11 6.89
CA SER H 24 -6.21 -45.95 5.52
C SER H 24 -5.51 -44.74 4.93
N VAL H 25 -5.29 -44.77 3.63
CA VAL H 25 -4.63 -43.67 2.96
C VAL H 25 -5.61 -42.49 2.91
N PRO H 26 -5.15 -41.30 3.32
CA PRO H 26 -6.05 -40.19 3.27
C PRO H 26 -6.40 -39.78 1.87
N ILE H 27 -7.60 -39.17 1.74
CA ILE H 27 -8.06 -38.71 0.44
C ILE H 27 -7.68 -37.23 0.33
N TYR H 28 -6.68 -36.96 -0.51
CA TYR H 28 -6.20 -35.59 -0.72
C TYR H 28 -7.05 -34.89 -1.78
N GLN H 29 -8.27 -34.48 -1.38
CA GLN H 29 -9.21 -33.80 -2.26
C GLN H 29 -8.62 -32.38 -2.23
N ASN H 30 -7.57 -32.22 -3.05
CA ASN H 30 -6.80 -31.02 -3.12
C ASN H 30 -6.02 -30.85 -4.41
N THR H 31 -5.86 -29.61 -4.84
CA THR H 31 -5.15 -29.33 -6.09
C THR H 31 -3.77 -28.77 -5.91
N ALA H 32 -3.54 -28.03 -4.82
CA ALA H 32 -2.23 -27.41 -4.63
C ALA H 32 -1.58 -27.70 -3.29
N TYR H 33 -0.30 -27.39 -3.23
CA TYR H 33 0.53 -27.64 -2.06
C TYR H 33 1.33 -26.40 -1.63
N ASN H 34 1.51 -26.28 -0.32
CA ASN H 34 2.23 -25.16 0.22
C ASN H 34 3.72 -25.42 0.23
N PHE H 35 4.45 -24.76 -0.67
CA PHE H 35 5.88 -24.92 -0.72
C PHE H 35 6.41 -24.24 0.53
N GLU H 36 7.45 -24.82 1.12
CA GLU H 36 8.07 -24.29 2.36
C GLU H 36 8.88 -23.01 2.14
N ASN H 37 9.33 -22.80 0.92
CA ASN H 37 10.10 -21.61 0.56
C ASN H 37 10.24 -21.52 -0.94
N LEU H 38 10.64 -20.37 -1.44
CA LEU H 38 10.76 -20.19 -2.90
C LEU H 38 11.76 -21.12 -3.60
N ASP H 39 12.89 -21.42 -2.96
CA ASP H 39 13.87 -22.33 -3.57
C ASP H 39 13.26 -23.68 -3.84
N GLN H 40 12.60 -24.22 -2.82
CA GLN H 40 11.95 -25.53 -2.90
C GLN H 40 11.01 -25.59 -4.09
N ALA H 41 10.20 -24.55 -4.23
CA ALA H 41 9.25 -24.46 -5.32
C ALA H 41 9.96 -24.51 -6.66
N ALA H 42 10.80 -23.52 -6.92
CA ALA H 42 11.56 -23.44 -8.17
C ALA H 42 12.32 -24.74 -8.43
N ALA H 43 12.93 -25.30 -7.40
CA ALA H 43 13.65 -26.54 -7.55
C ALA H 43 12.74 -27.63 -8.08
N ARG H 44 11.49 -27.67 -7.62
CA ARG H 44 10.53 -28.69 -8.09
C ARG H 44 10.12 -28.44 -9.53
N PHE H 45 9.92 -27.18 -9.89
CA PHE H 45 9.56 -26.85 -11.28
C PHE H 45 10.68 -27.17 -12.28
N ASN H 46 11.91 -27.35 -11.79
CA ASN H 46 13.10 -27.66 -12.61
C ASN H 46 13.52 -29.10 -12.57
N LEU H 47 12.74 -29.93 -11.93
CA LEU H 47 13.07 -31.36 -11.80
C LEU H 47 14.33 -31.60 -10.98
N GLN H 48 14.85 -30.58 -10.30
CA GLN H 48 16.03 -30.79 -9.47
C GLN H 48 15.57 -31.56 -8.23
N GLU H 49 14.46 -31.13 -7.63
CA GLU H 49 13.95 -31.85 -6.46
C GLU H 49 12.57 -32.46 -6.77
N LEU H 50 12.35 -33.71 -6.38
CA LEU H 50 11.04 -34.32 -6.61
C LEU H 50 10.09 -33.98 -5.49
N GLY H 51 8.82 -33.83 -5.80
CA GLY H 51 7.85 -33.51 -4.78
C GLY H 51 6.55 -32.94 -5.32
N ASN H 52 5.65 -32.65 -4.39
CA ASN H 52 4.32 -32.12 -4.73
C ASN H 52 4.35 -30.74 -5.28
N ILE H 53 3.57 -30.56 -6.34
CA ILE H 53 3.47 -29.31 -7.04
C ILE H 53 2.04 -28.89 -7.28
N TYR H 54 1.35 -29.71 -8.06
CA TYR H 54 -0.03 -29.44 -8.46
C TYR H 54 -0.62 -30.75 -8.87
N SER H 55 -1.84 -31.01 -8.39
CA SER H 55 -2.55 -32.28 -8.65
C SER H 55 -2.76 -32.72 -10.08
N ARG H 56 -2.69 -31.80 -11.03
CA ARG H 56 -2.83 -32.23 -12.41
C ARG H 56 -1.65 -33.14 -12.79
N LEU H 57 -0.51 -32.94 -12.12
CA LEU H 57 0.69 -33.74 -12.37
C LEU H 57 0.75 -34.95 -11.47
N SER H 58 0.58 -34.73 -10.15
CA SER H 58 0.61 -35.83 -9.22
C SER H 58 -0.09 -35.43 -7.92
N ASN H 59 -0.57 -36.45 -7.23
CA ASN H 59 -1.29 -36.34 -5.97
C ASN H 59 -0.86 -37.51 -5.07
N PRO H 60 -0.65 -37.24 -3.78
CA PRO H 60 -0.23 -38.33 -2.88
C PRO H 60 -1.14 -39.56 -2.83
N THR H 61 -2.45 -39.36 -2.91
CA THR H 61 -3.37 -40.51 -2.86
C THR H 61 -3.07 -41.34 -4.08
N SER H 62 -3.12 -40.71 -5.24
CA SER H 62 -2.82 -41.46 -6.50
C SER H 62 -1.40 -42.01 -6.58
N ASP H 63 -0.45 -41.40 -5.88
CA ASP H 63 0.93 -41.89 -5.90
C ASP H 63 1.03 -43.26 -5.26
N VAL H 64 0.30 -43.42 -4.16
CA VAL H 64 0.31 -44.68 -3.45
C VAL H 64 -0.21 -45.75 -4.41
N LEU H 65 -1.27 -45.42 -5.13
CA LEU H 65 -1.87 -46.32 -6.08
C LEU H 65 -0.89 -46.74 -7.16
N GLY H 66 -0.23 -45.75 -7.73
CA GLY H 66 0.73 -46.00 -8.79
C GLY H 66 1.83 -46.95 -8.37
N GLN H 67 2.44 -46.67 -7.23
CA GLN H 67 3.52 -47.50 -6.75
C GLN H 67 3.04 -48.91 -6.40
N ARG H 68 1.89 -49.03 -5.74
CA ARG H 68 1.41 -50.36 -5.41
C ARG H 68 1.10 -51.15 -6.66
N LEU H 69 0.48 -50.51 -7.65
CA LEU H 69 0.19 -51.24 -8.90
C LEU H 69 1.50 -51.73 -9.51
N ALA H 70 2.54 -50.91 -9.41
CA ALA H 70 3.86 -51.29 -9.94
C ALA H 70 4.42 -52.45 -9.15
N ASN H 71 4.25 -52.38 -7.83
CA ASN H 71 4.73 -53.43 -6.94
C ASN H 71 4.05 -54.77 -7.21
N VAL H 72 2.74 -54.77 -7.37
CA VAL H 72 2.04 -56.05 -7.64
C VAL H 72 2.42 -56.62 -8.99
N GLU H 73 2.69 -55.78 -9.97
CA GLU H 73 3.12 -56.26 -11.31
C GLU H 73 4.58 -56.65 -11.38
N GLY H 74 5.37 -56.23 -10.40
CA GLY H 74 6.80 -56.54 -10.39
C GLY H 74 7.55 -55.52 -11.25
N GLY H 75 6.94 -54.36 -11.45
CA GLY H 75 7.54 -53.30 -12.25
C GLY H 75 8.24 -52.27 -11.38
N ALA H 76 8.65 -51.17 -11.98
CA ALA H 76 9.37 -50.10 -11.24
C ALA H 76 8.56 -48.88 -10.79
N PHE H 77 7.76 -48.34 -11.70
CA PHE H 77 6.99 -47.16 -11.38
C PHE H 77 5.65 -47.18 -12.14
N GLY H 78 4.62 -46.62 -11.51
CA GLY H 78 3.30 -46.61 -12.12
C GLY H 78 2.67 -45.24 -12.03
N ILE H 79 1.89 -44.91 -13.05
CA ILE H 79 1.22 -43.63 -13.13
C ILE H 79 -0.25 -43.71 -13.44
N PRO H 80 -1.09 -43.29 -12.50
CA PRO H 80 -2.51 -43.36 -12.73
C PRO H 80 -2.98 -42.17 -13.48
N VAL H 81 -3.96 -42.42 -14.33
CA VAL H 81 -4.54 -41.41 -15.17
C VAL H 81 -6.06 -41.52 -15.14
N ALA H 82 -6.73 -40.57 -15.79
CA ALA H 82 -8.21 -40.53 -15.77
C ALA H 82 -8.99 -41.73 -16.24
N SER H 83 -8.40 -42.52 -17.12
CA SER H 83 -9.10 -43.67 -17.65
C SER H 83 -8.15 -44.59 -18.36
N GLY H 84 -8.64 -45.80 -18.63
CA GLY H 84 -7.87 -46.84 -19.34
C GLY H 84 -7.51 -46.34 -20.73
N ALA H 86 -7.17 -43.22 -21.65
CA ALA H 86 -6.12 -42.23 -21.49
C ALA H 86 -4.79 -42.90 -21.30
N ALA H 87 -4.78 -43.99 -20.57
CA ALA H 87 -3.55 -44.75 -20.33
C ALA H 87 -2.99 -45.31 -21.67
N CYS H 88 -3.87 -45.88 -22.50
CA CYS H 88 -3.45 -46.42 -23.79
C CYS H 88 -2.91 -45.27 -24.66
N PHE H 89 -3.65 -44.17 -24.71
CA PHE H 89 -3.27 -42.98 -25.47
C PHE H 89 -1.88 -42.46 -25.03
N TYR H 90 -1.75 -42.19 -23.74
CA TYR H 90 -0.50 -41.70 -23.15
C TYR H 90 0.67 -42.62 -23.39
N ALA H 91 0.45 -43.93 -23.35
CA ALA H 91 1.54 -44.89 -23.58
C ALA H 91 2.05 -44.82 -25.02
N LEU H 92 1.13 -44.73 -25.97
CA LEU H 92 1.47 -44.66 -27.37
C LEU H 92 2.15 -43.33 -27.76
N ILE H 93 1.53 -42.20 -27.40
CA ILE H 93 2.13 -40.90 -27.73
C ILE H 93 3.44 -40.66 -27.00
N ASN H 94 3.70 -41.37 -25.90
CA ASN H 94 4.94 -41.13 -25.20
C ASN H 94 6.08 -41.78 -25.99
N LEU H 95 5.69 -42.60 -26.96
CA LEU H 95 6.64 -43.35 -27.81
C LEU H 95 6.63 -42.93 -29.25
N ALA H 96 5.46 -42.61 -29.77
CA ALA H 96 5.32 -42.20 -31.17
C ALA H 96 4.78 -40.78 -31.33
N SER H 97 5.28 -40.12 -32.37
CA SER H 97 4.87 -38.78 -32.70
C SER H 97 4.56 -38.75 -34.20
N SER H 98 4.09 -37.61 -34.69
CA SER H 98 3.75 -37.49 -36.10
C SER H 98 4.83 -38.08 -37.05
N GLY H 99 4.39 -38.89 -37.99
CA GLY H 99 5.28 -39.52 -38.96
C GLY H 99 5.70 -40.93 -38.57
N ASP H 100 5.42 -41.31 -37.33
CA ASP H 100 5.79 -42.63 -36.88
C ASP H 100 4.60 -43.59 -37.03
N ASN H 101 4.84 -44.85 -36.74
CA ASN H 101 3.79 -45.83 -36.81
C ASN H 101 3.88 -46.72 -35.58
N VAL H 102 2.77 -47.40 -35.29
CA VAL H 102 2.71 -48.31 -34.17
C VAL H 102 2.05 -49.58 -34.66
N ALA H 103 2.49 -50.71 -34.13
CA ALA H 103 1.95 -52.01 -34.49
C ALA H 103 0.97 -52.43 -33.40
N TYR H 104 -0.21 -52.88 -33.82
CA TYR H 104 -1.21 -53.28 -32.87
C TYR H 104 -1.94 -54.57 -33.22
N SER H 105 -2.30 -55.31 -32.19
CA SER H 105 -3.00 -56.55 -32.34
C SER H 105 -4.39 -56.36 -32.93
N ASN H 106 -4.79 -57.31 -33.77
CA ASN H 106 -6.09 -57.29 -34.43
C ASN H 106 -7.17 -57.77 -33.47
N LYS H 107 -6.75 -58.20 -32.28
CA LYS H 107 -7.73 -58.68 -31.26
C LYS H 107 -7.60 -57.90 -29.96
N ILE H 108 -8.27 -56.74 -29.94
CA ILE H 108 -8.26 -55.86 -28.79
C ILE H 108 -9.60 -55.18 -28.55
N TYR H 109 -9.64 -54.42 -27.45
CA TYR H 109 -10.80 -53.66 -27.05
C TYR H 109 -11.16 -52.69 -28.16
N GLY H 110 -12.45 -52.70 -28.53
CA GLY H 110 -13.00 -51.85 -29.60
C GLY H 110 -12.60 -50.40 -29.53
N GLY H 111 -12.69 -49.83 -28.34
CA GLY H 111 -12.31 -48.46 -28.14
C GLY H 111 -10.84 -48.25 -28.46
N THR H 112 -9.98 -49.14 -27.99
CA THR H 112 -8.55 -49.01 -28.24
C THR H 112 -8.26 -49.17 -29.74
N GLN H 113 -9.08 -49.97 -30.40
CA GLN H 113 -8.91 -50.22 -31.82
C GLN H 113 -9.23 -48.95 -32.59
N THR H 114 -10.30 -48.27 -32.19
CA THR H 114 -10.70 -47.02 -32.81
C THR H 114 -9.62 -45.96 -32.56
N LEU H 115 -9.16 -45.88 -31.33
CA LEU H 115 -8.10 -44.93 -30.95
C LEU H 115 -6.89 -45.06 -31.82
N ILE H 116 -6.42 -46.28 -31.92
CA ILE H 116 -5.23 -46.56 -32.70
C ILE H 116 -5.40 -46.48 -34.22
N SER H 117 -6.41 -47.16 -34.78
CA SER H 117 -6.60 -47.16 -36.24
C SER H 117 -7.26 -45.92 -36.84
N HIS H 118 -8.00 -45.15 -36.05
CA HIS H 118 -8.63 -43.94 -36.61
C HIS H 118 -8.23 -42.61 -35.96
N THR H 119 -8.49 -42.48 -34.67
CA THR H 119 -8.17 -41.25 -33.96
C THR H 119 -6.70 -40.79 -34.01
N LEU H 120 -5.74 -41.69 -33.86
CA LEU H 120 -4.33 -41.29 -33.91
C LEU H 120 -3.90 -40.72 -35.28
N LYS H 121 -4.65 -40.99 -36.35
CA LYS H 121 -4.31 -40.44 -37.67
C LYS H 121 -4.27 -38.93 -37.58
N ASN H 122 -5.26 -38.36 -36.89
CA ASN H 122 -5.34 -36.91 -36.70
C ASN H 122 -4.05 -36.32 -36.19
N PHE H 123 -3.22 -37.12 -35.55
CA PHE H 123 -1.98 -36.64 -35.02
C PHE H 123 -0.79 -37.11 -35.83
N GLY H 124 -1.08 -37.60 -37.03
CA GLY H 124 -0.04 -38.09 -37.93
C GLY H 124 0.65 -39.35 -37.49
N ILE H 125 -0.08 -40.17 -36.75
CA ILE H 125 0.44 -41.44 -36.24
C ILE H 125 -0.27 -42.58 -36.95
N GLU H 126 0.51 -43.30 -37.73
CA GLU H 126 0.03 -44.41 -38.51
C GLU H 126 -0.12 -45.66 -37.67
N ALA H 127 -1.17 -46.42 -37.95
CA ALA H 127 -1.41 -47.69 -37.25
C ALA H 127 -1.30 -48.86 -38.23
N ARG H 128 -0.59 -49.92 -37.81
CA ARG H 128 -0.40 -51.13 -38.60
C ARG H 128 -0.80 -52.38 -37.81
N GLU H 129 -1.93 -52.95 -38.22
CA GLU H 129 -2.49 -54.13 -37.61
C GLU H 129 -1.63 -55.38 -37.80
N PHE H 130 -1.70 -56.32 -36.86
CA PHE H 130 -0.96 -57.58 -37.00
C PHE H 130 -1.82 -58.62 -36.30
N ASP H 131 -1.61 -59.87 -36.67
CA ASP H 131 -2.36 -60.98 -36.12
C ASP H 131 -1.56 -61.66 -35.00
N ILE H 132 -2.09 -61.63 -33.77
CA ILE H 132 -1.39 -62.26 -32.66
C ILE H 132 -1.26 -63.76 -32.85
N ASP H 133 -2.13 -64.36 -33.67
CA ASP H 133 -2.08 -65.80 -33.93
C ASP H 133 -1.06 -66.19 -35.00
N ASP H 134 -0.49 -65.21 -35.69
CA ASP H 134 0.50 -65.46 -36.75
C ASP H 134 1.53 -64.33 -36.67
N LEU H 135 2.48 -64.48 -35.76
CA LEU H 135 3.49 -63.46 -35.55
C LEU H 135 4.39 -63.04 -36.70
N ASP H 136 4.46 -63.84 -37.75
CA ASP H 136 5.29 -63.42 -38.88
C ASP H 136 4.66 -62.11 -39.39
N SER H 137 3.33 -61.97 -39.22
CA SER H 137 2.62 -60.76 -39.66
C SER H 137 3.12 -59.51 -38.92
N LEU H 138 3.71 -59.71 -37.75
CA LEU H 138 4.25 -58.59 -36.99
C LEU H 138 5.56 -58.12 -37.60
N GLU H 139 6.46 -59.05 -37.87
CA GLU H 139 7.76 -58.73 -38.51
C GLU H 139 7.55 -57.90 -39.75
N LYS H 140 6.58 -58.36 -40.54
CA LYS H 140 6.18 -57.74 -41.78
C LYS H 140 5.86 -56.26 -41.74
N VAL H 141 5.11 -55.82 -40.72
CA VAL H 141 4.75 -54.40 -40.62
C VAL H 141 5.77 -53.50 -39.91
N ILE H 142 6.83 -54.09 -39.39
CA ILE H 142 7.85 -53.32 -38.69
C ILE H 142 8.88 -52.62 -39.59
N ASP H 143 9.19 -51.37 -39.25
CA ASP H 143 10.19 -50.58 -39.97
C ASP H 143 10.94 -49.74 -38.90
N GLN H 144 11.81 -48.81 -39.30
CA GLN H 144 12.57 -48.03 -38.31
C GLN H 144 11.74 -46.94 -37.65
N ASN H 145 10.53 -46.72 -38.17
CA ASN H 145 9.61 -45.72 -37.65
C ASN H 145 8.58 -46.31 -36.67
N THR H 146 8.57 -47.63 -36.55
CA THR H 146 7.67 -48.34 -35.66
C THR H 146 8.16 -48.08 -34.23
N LYS H 147 7.32 -47.42 -33.43
CA LYS H 147 7.72 -47.09 -32.06
C LYS H 147 7.10 -47.93 -30.93
N ALA H 148 6.07 -48.70 -31.25
CA ALA H 148 5.45 -49.53 -30.24
C ALA H 148 4.70 -50.73 -30.82
N ILE H 149 4.66 -51.78 -30.02
CA ILE H 149 3.98 -53.04 -30.33
C ILE H 149 2.93 -53.18 -29.22
N PHE H 150 1.66 -53.01 -29.60
CA PHE H 150 0.57 -53.08 -28.65
C PHE H 150 -0.32 -54.30 -28.78
N PHE H 151 -0.62 -54.90 -27.63
CA PHE H 151 -1.50 -56.07 -27.57
C PHE H 151 -2.06 -56.26 -26.17
N GLU H 152 -3.02 -57.16 -26.09
CA GLU H 152 -3.68 -57.49 -24.81
C GLU H 152 -3.23 -58.89 -24.40
N SER H 153 -3.07 -59.09 -23.11
CA SER H 153 -2.66 -60.38 -22.57
C SER H 153 -3.78 -61.41 -22.74
N LEU H 154 -4.99 -60.98 -22.46
CA LEU H 154 -6.20 -61.78 -22.55
C LEU H 154 -7.17 -60.78 -23.20
N SER H 155 -7.48 -61.00 -24.47
CA SER H 155 -8.30 -60.05 -25.23
C SER H 155 -9.76 -59.95 -24.93
N ASN H 156 -10.28 -58.77 -25.24
CA ASN H 156 -11.66 -58.37 -25.07
C ASN H 156 -12.32 -58.09 -26.42
N PRO H 157 -13.36 -58.85 -26.79
CA PRO H 157 -14.09 -59.93 -26.17
C PRO H 157 -13.79 -61.35 -26.60
N GLN H 158 -12.78 -61.55 -27.44
CA GLN H 158 -12.48 -62.95 -27.89
C GLN H 158 -11.82 -63.83 -26.83
N ILE H 159 -11.23 -63.22 -25.80
CA ILE H 159 -10.55 -63.98 -24.77
C ILE H 159 -9.37 -64.67 -25.47
N ALA H 160 -8.70 -63.94 -26.35
CA ALA H 160 -7.56 -64.47 -27.07
C ALA H 160 -6.30 -64.20 -26.26
N ILE H 161 -5.52 -65.26 -26.05
CA ILE H 161 -4.27 -65.17 -25.32
C ILE H 161 -3.05 -65.01 -26.22
N ALA H 162 -2.27 -63.98 -25.94
CA ALA H 162 -1.06 -63.66 -26.70
C ALA H 162 0.13 -64.46 -26.23
N ASP H 163 0.94 -64.94 -27.16
CA ASP H 163 2.14 -65.72 -26.82
C ASP H 163 3.19 -64.64 -26.58
N ILE H 164 3.18 -64.14 -25.36
CA ILE H 164 4.04 -63.06 -24.96
C ILE H 164 5.51 -63.24 -25.27
N GLU H 165 6.09 -64.39 -24.92
CA GLU H 165 7.52 -64.65 -25.17
C GLU H 165 7.94 -64.39 -26.61
N LYS H 166 7.07 -64.79 -27.53
CA LYS H 166 7.35 -64.61 -28.95
C LYS H 166 7.25 -63.17 -29.38
N ILE H 167 6.34 -62.42 -28.76
CA ILE H 167 6.20 -61.01 -29.09
C ILE H 167 7.43 -60.29 -28.58
N ASN H 168 7.85 -60.69 -27.38
CA ASN H 168 9.02 -60.13 -26.75
C ASN H 168 10.28 -60.33 -27.61
N GLN H 169 10.48 -61.55 -28.11
CA GLN H 169 11.64 -61.83 -28.97
C GLN H 169 11.77 -60.84 -30.10
N ILE H 170 10.68 -60.71 -30.85
CA ILE H 170 10.62 -59.82 -31.97
C ILE H 170 10.86 -58.39 -31.55
N ALA H 171 10.21 -57.99 -30.45
CA ALA H 171 10.34 -56.63 -29.94
C ALA H 171 11.75 -56.34 -29.48
N LYS H 172 12.36 -57.26 -28.74
CA LYS H 172 13.72 -57.05 -28.26
C LYS H 172 14.74 -57.01 -29.41
N LYS H 173 14.49 -57.79 -30.44
CA LYS H 173 15.39 -57.84 -31.56
C LYS H 173 15.48 -56.46 -32.22
N HIS H 174 14.34 -55.87 -32.55
CA HIS H 174 14.29 -54.56 -33.19
C HIS H 174 14.44 -53.37 -32.22
N LYS H 175 14.58 -53.64 -30.93
CA LYS H 175 14.74 -52.58 -29.93
C LYS H 175 13.49 -51.69 -29.88
N ILE H 176 12.35 -52.34 -29.95
CA ILE H 176 11.06 -51.65 -29.88
C ILE H 176 10.37 -51.89 -28.52
N VAL H 177 9.75 -50.84 -27.99
CA VAL H 177 9.03 -50.92 -26.72
C VAL H 177 7.73 -51.69 -26.92
N SER H 178 7.53 -52.72 -26.09
CA SER H 178 6.30 -53.52 -26.14
C SER H 178 5.33 -53.05 -25.02
N ILE H 179 4.06 -52.88 -25.40
CA ILE H 179 2.99 -52.44 -24.51
C ILE H 179 1.94 -53.54 -24.36
N CYS H 180 1.74 -54.03 -23.14
CA CYS H 180 0.73 -55.04 -22.87
C CYS H 180 -0.42 -54.51 -21.99
N ASP H 181 -1.65 -54.62 -22.48
CA ASP H 181 -2.85 -54.20 -21.76
C ASP H 181 -3.24 -55.46 -20.99
N ASN H 182 -3.00 -55.43 -19.67
CA ASN H 182 -3.25 -56.60 -18.81
C ASN H 182 -4.52 -56.45 -17.98
N THR H 183 -5.44 -55.63 -18.47
CA THR H 183 -6.70 -55.36 -17.75
C THR H 183 -7.53 -56.54 -17.31
N VAL H 184 -7.83 -57.42 -18.25
CA VAL H 184 -8.65 -58.56 -17.96
C VAL H 184 -8.01 -59.63 -17.07
N ALA H 185 -6.78 -59.99 -17.37
CA ALA H 185 -6.10 -61.02 -16.57
C ALA H 185 -5.83 -60.55 -15.13
N THR H 186 -5.48 -59.27 -15.01
CA THR H 186 -5.13 -58.58 -13.75
C THR H 186 -3.70 -59.03 -13.36
N PRO H 187 -3.01 -58.26 -12.54
CA PRO H 187 -1.67 -58.65 -12.14
C PRO H 187 -1.65 -59.90 -11.32
N PHE H 188 -2.80 -60.32 -10.78
CA PHE H 188 -2.84 -61.54 -9.98
C PHE H 188 -2.93 -62.83 -10.75
N LEU H 189 -3.28 -62.79 -12.02
CA LEU H 189 -3.37 -64.02 -12.79
C LEU H 189 -2.25 -64.13 -13.81
N LEU H 190 -1.66 -62.99 -14.14
CA LEU H 190 -0.61 -62.94 -15.11
C LEU H 190 0.29 -61.75 -14.91
N GLN H 191 1.59 -61.99 -15.05
CA GLN H 191 2.58 -60.94 -14.87
C GLN H 191 3.38 -60.73 -16.15
N PRO H 192 2.85 -59.90 -17.07
CA PRO H 192 3.59 -59.69 -18.31
C PRO H 192 5.07 -59.32 -18.15
N PHE H 193 5.43 -58.60 -17.09
CA PHE H 193 6.84 -58.24 -16.94
C PHE H 193 7.77 -59.45 -16.87
N LYS H 194 7.28 -60.53 -16.28
CA LYS H 194 8.05 -61.76 -16.19
C LYS H 194 8.44 -62.24 -17.57
N HIS H 195 7.66 -61.87 -18.58
CA HIS H 195 7.99 -62.34 -19.92
C HIS H 195 8.56 -61.33 -20.89
N GLY H 196 9.24 -60.32 -20.36
CA GLY H 196 9.88 -59.31 -21.20
C GLY H 196 9.11 -58.08 -21.62
N VAL H 197 7.88 -57.93 -21.16
CA VAL H 197 7.11 -56.74 -21.53
C VAL H 197 7.79 -55.51 -20.92
N ASP H 198 7.77 -54.41 -21.68
CA ASP H 198 8.36 -53.14 -21.27
C ASP H 198 7.40 -52.25 -20.51
N VAL H 199 6.20 -52.08 -21.08
CA VAL H 199 5.16 -51.26 -20.50
C VAL H 199 3.81 -51.95 -20.41
N ILE H 200 3.18 -51.86 -19.24
CA ILE H 200 1.87 -52.42 -19.00
C ILE H 200 0.81 -51.35 -18.78
N VAL H 201 -0.31 -51.48 -19.47
CA VAL H 201 -1.42 -50.54 -19.29
C VAL H 201 -2.62 -51.30 -18.71
N HIS H 202 -3.37 -50.62 -17.87
CA HIS H 202 -4.53 -51.19 -17.26
C HIS H 202 -5.69 -50.24 -17.24
N SER H 203 -6.86 -50.80 -17.47
CA SER H 203 -8.04 -50.00 -17.32
C SER H 203 -8.41 -50.39 -15.90
N LEU H 204 -8.11 -49.52 -14.95
CA LEU H 204 -8.41 -49.76 -13.52
C LEU H 204 -9.92 -49.76 -13.27
N SER H 205 -10.62 -49.15 -14.20
N SER H 205 -10.62 -49.15 -14.20
CA SER H 205 -12.06 -49.02 -14.21
CA SER H 205 -12.06 -49.04 -14.20
C SER H 205 -12.77 -50.39 -14.15
C SER H 205 -12.76 -50.40 -14.13
N TYR H 207 -11.56 -54.55 -13.38
CA TYR H 207 -11.33 -55.39 -12.18
C TYR H 207 -10.74 -54.77 -10.94
N VAL H 208 -9.83 -53.81 -11.10
CA VAL H 208 -9.23 -53.15 -9.94
C VAL H 208 -10.33 -52.49 -9.11
N SER H 209 -11.24 -51.80 -9.78
CA SER H 209 -12.39 -51.17 -9.11
C SER H 209 -13.21 -52.31 -8.62
N GLY H 210 -13.57 -53.19 -9.56
CA GLY H 210 -14.35 -54.38 -9.27
C GLY H 210 -15.80 -54.20 -8.92
N GLN H 211 -16.23 -52.96 -8.96
CA GLN H 211 -17.60 -52.62 -8.62
C GLN H 211 -18.33 -51.59 -9.48
N GLY H 212 -17.77 -51.30 -10.65
CA GLY H 212 -18.35 -50.33 -11.58
C GLY H 212 -18.52 -48.94 -11.02
N THR H 213 -17.63 -48.54 -10.11
CA THR H 213 -17.73 -47.23 -9.48
C THR H 213 -16.64 -46.21 -9.72
N ALA H 214 -15.49 -46.59 -10.24
CA ALA H 214 -14.47 -45.61 -10.44
C ALA H 214 -13.71 -45.80 -11.73
N LEU H 215 -13.90 -44.83 -12.61
CA LEU H 215 -13.25 -44.81 -13.90
C LEU H 215 -11.77 -44.44 -13.63
N GLY H 216 -10.86 -45.12 -14.30
CA GLY H 216 -9.43 -44.87 -14.12
C GLY H 216 -8.53 -45.77 -14.93
N GLY H 217 -7.29 -45.34 -15.08
CA GLY H 217 -6.28 -46.09 -15.84
C GLY H 217 -4.88 -45.96 -15.25
N ALA H 218 -3.96 -46.81 -15.71
CA ALA H 218 -2.59 -46.74 -15.23
C ALA H 218 -1.57 -47.19 -16.24
N LEU H 219 -0.40 -46.56 -16.20
CA LEU H 219 0.70 -46.92 -17.10
C LEU H 219 1.79 -47.34 -16.16
N ILE H 220 2.28 -48.55 -16.36
CA ILE H 220 3.31 -49.09 -15.51
C ILE H 220 4.55 -49.48 -16.33
N GLU H 221 5.74 -49.12 -15.84
CA GLU H 221 6.96 -49.44 -16.57
C GLU H 221 7.80 -50.47 -15.81
N ARG H 222 8.48 -51.33 -16.57
CA ARG H 222 9.30 -52.35 -15.96
C ARG H 222 10.57 -51.77 -15.40
N LYS H 223 11.27 -52.60 -14.65
CA LYS H 223 12.53 -52.19 -14.10
C LYS H 223 13.54 -52.15 -15.25
N ASP H 224 14.42 -51.16 -15.21
CA ASP H 224 15.49 -50.97 -16.20
C ASP H 224 15.02 -50.61 -17.59
N LEU H 225 13.83 -50.06 -17.73
CA LEU H 225 13.36 -49.66 -19.06
C LEU H 225 14.28 -48.59 -19.72
N ASN H 226 14.98 -47.80 -18.90
CA ASN H 226 15.91 -46.78 -19.40
C ASN H 226 16.92 -47.40 -20.36
N ASP H 227 17.39 -48.60 -20.03
CA ASP H 227 18.34 -49.36 -20.86
C ASP H 227 17.88 -49.40 -22.30
N LEU H 228 16.59 -49.60 -22.51
CA LEU H 228 16.00 -49.66 -23.88
C LEU H 228 15.72 -48.31 -24.52
N LEU H 229 15.42 -47.29 -23.71
CA LEU H 229 15.12 -45.94 -24.22
C LEU H 229 16.34 -45.06 -24.41
N LYS H 230 17.26 -45.10 -23.44
CA LYS H 230 18.49 -44.31 -23.53
C LYS H 230 19.42 -44.81 -24.65
N ASN H 231 19.98 -43.88 -25.40
CA ASN H 231 20.91 -44.18 -26.51
C ASN H 231 20.31 -45.13 -27.52
N ASN H 232 19.05 -44.90 -27.87
CA ASN H 232 18.35 -45.73 -28.83
C ASN H 232 17.82 -44.76 -29.85
N ASP H 233 18.38 -44.88 -31.04
CA ASP H 233 18.03 -44.03 -32.19
C ASP H 233 16.54 -44.07 -32.55
N ARG H 234 15.85 -45.08 -32.10
CA ARG H 234 14.44 -45.19 -32.40
C ARG H 234 13.61 -44.20 -31.55
N TYR H 235 14.17 -43.77 -30.41
CA TYR H 235 13.45 -42.86 -29.51
C TYR H 235 14.20 -41.55 -29.20
N LYS H 236 14.15 -40.61 -30.14
CA LYS H 236 14.83 -39.33 -29.95
C LYS H 236 14.27 -38.42 -28.87
N ALA H 237 12.97 -38.52 -28.63
CA ALA H 237 12.36 -37.69 -27.58
C ALA H 237 13.05 -37.92 -26.23
N PHE H 238 13.59 -39.11 -26.03
CA PHE H 238 14.28 -39.43 -24.77
C PHE H 238 15.80 -39.24 -24.81
N ASN H 239 16.29 -38.68 -25.92
CA ASN H 239 17.73 -38.47 -26.12
C ASN H 239 18.11 -37.14 -26.76
N THR H 240 17.25 -36.14 -26.65
CA THR H 240 17.52 -34.85 -27.25
C THR H 240 17.10 -33.73 -26.33
N PRO H 241 17.86 -32.62 -26.30
CA PRO H 241 17.48 -31.51 -25.45
C PRO H 241 16.06 -31.11 -25.77
N ASP H 242 15.25 -30.90 -24.75
CA ASP H 242 13.86 -30.52 -24.95
C ASP H 242 13.65 -29.04 -24.65
N PRO H 243 13.13 -28.29 -25.63
CA PRO H 243 12.91 -26.85 -25.44
C PRO H 243 11.84 -26.55 -24.39
N SER H 244 10.85 -27.44 -24.21
CA SER H 244 9.82 -27.20 -23.19
C SER H 244 10.46 -27.16 -21.80
N TYR H 245 11.62 -27.80 -21.63
CA TYR H 245 12.36 -27.81 -20.36
C TYR H 245 13.78 -27.25 -20.38
N HIS H 246 13.92 -26.12 -21.05
CA HIS H 246 15.20 -25.46 -21.17
C HIS H 246 16.34 -26.38 -21.48
N GLY H 247 16.19 -27.11 -22.58
CA GLY H 247 17.21 -28.04 -23.07
C GLY H 247 17.45 -29.34 -22.34
N LEU H 248 16.68 -29.61 -21.29
CA LEU H 248 16.86 -30.85 -20.55
C LEU H 248 16.83 -32.04 -21.49
N ASN H 249 17.76 -32.97 -21.28
CA ASN H 249 17.81 -34.18 -22.10
C ASN H 249 17.53 -35.33 -21.12
N LEU H 250 16.42 -36.02 -21.35
CA LEU H 250 16.02 -37.11 -20.48
C LEU H 250 17.01 -38.24 -20.28
N ASN H 251 17.85 -38.53 -21.28
CA ASN H 251 18.81 -39.61 -21.11
C ASN H 251 19.86 -39.30 -20.03
N THR H 252 19.84 -38.07 -19.51
CA THR H 252 20.77 -37.64 -18.45
C THR H 252 20.23 -37.96 -17.05
N LEU H 253 18.97 -38.34 -16.95
CA LEU H 253 18.35 -38.59 -15.65
C LEU H 253 18.42 -39.98 -15.10
N ASP H 254 18.63 -40.07 -13.80
CA ASP H 254 18.70 -41.35 -13.13
C ASP H 254 17.31 -41.55 -12.49
N LEU H 255 16.32 -41.70 -13.35
CA LEU H 255 14.92 -41.87 -12.98
C LEU H 255 14.20 -42.61 -14.08
N PRO H 256 13.03 -43.19 -13.79
CA PRO H 256 12.29 -43.88 -14.85
C PRO H 256 11.84 -42.79 -15.82
N ILE H 257 12.61 -42.58 -16.87
CA ILE H 257 12.30 -41.54 -17.82
C ILE H 257 11.00 -41.66 -18.58
N PHE H 258 10.53 -42.88 -18.77
CA PHE H 258 9.27 -43.08 -19.50
C PHE H 258 8.15 -42.44 -18.66
N SER H 259 8.14 -42.77 -17.38
CA SER H 259 7.12 -42.25 -16.44
C SER H 259 7.30 -40.75 -16.25
N ILE H 260 8.55 -40.31 -16.19
CA ILE H 260 8.82 -38.89 -16.04
C ILE H 260 8.23 -38.11 -17.19
N ARG H 261 8.38 -38.61 -18.40
CA ARG H 261 7.84 -37.87 -19.52
C ARG H 261 6.32 -37.83 -19.44
N VAL H 262 5.71 -38.93 -19.05
CA VAL H 262 4.25 -38.97 -18.92
C VAL H 262 3.77 -37.84 -17.99
N ILE H 263 4.52 -37.60 -16.92
CA ILE H 263 4.17 -36.59 -15.97
C ILE H 263 4.43 -35.16 -16.40
N ILE H 264 5.69 -34.86 -16.69
CA ILE H 264 6.08 -33.49 -17.08
C ILE H 264 5.58 -33.04 -18.42
N THR H 265 5.15 -33.98 -19.24
CA THR H 265 4.64 -33.59 -20.56
C THR H 265 3.15 -33.94 -20.79
N TRP H 266 2.79 -35.22 -20.77
CA TRP H 266 1.40 -35.62 -21.07
C TRP H 266 0.36 -35.26 -20.02
N LEU H 267 0.67 -35.50 -18.75
CA LEU H 267 -0.26 -35.09 -17.71
C LEU H 267 -0.26 -33.57 -17.61
N ARG H 268 0.93 -32.98 -17.60
CA ARG H 268 1.03 -31.54 -17.46
C ARG H 268 0.35 -30.75 -18.53
N ASP H 269 0.53 -31.17 -19.78
CA ASP H 269 -0.06 -30.42 -20.89
C ASP H 269 -1.41 -30.94 -21.43
N LEU H 270 -1.65 -32.26 -21.43
CA LEU H 270 -2.91 -32.81 -21.95
C LEU H 270 -3.94 -32.96 -20.80
N GLY H 271 -3.46 -33.12 -19.58
CA GLY H 271 -4.32 -33.18 -18.41
C GLY H 271 -5.39 -34.22 -18.18
N ALA H 272 -5.11 -35.48 -18.49
CA ALA H 272 -6.05 -36.57 -18.24
C ALA H 272 -5.74 -37.12 -16.82
N SER H 273 -5.89 -36.23 -15.86
N SER H 273 -5.94 -36.25 -15.85
CA SER H 273 -5.61 -36.52 -14.47
CA SER H 273 -5.68 -36.56 -14.45
C SER H 273 -6.69 -37.32 -13.72
C SER H 273 -6.71 -37.37 -13.74
N LEU H 274 -6.23 -38.24 -12.87
CA LEU H 274 -7.10 -39.08 -12.09
C LEU H 274 -7.48 -38.35 -10.81
N ALA H 275 -8.77 -38.15 -10.63
CA ALA H 275 -9.28 -37.49 -9.42
C ALA H 275 -8.96 -38.32 -8.16
N PRO H 276 -8.69 -37.64 -7.03
CA PRO H 276 -8.35 -38.24 -5.73
C PRO H 276 -9.37 -39.24 -5.18
N GLN H 277 -10.63 -38.95 -5.35
CA GLN H 277 -11.66 -39.85 -4.85
C GLN H 277 -11.59 -41.15 -5.65
N ASN H 278 -11.43 -41.04 -6.98
CA ASN H 278 -11.34 -42.24 -7.83
C ASN H 278 -10.10 -43.02 -7.50
N ALA H 279 -8.99 -42.31 -7.32
CA ALA H 279 -7.71 -42.97 -6.98
C ALA H 279 -7.86 -43.74 -5.66
N TRP H 280 -8.47 -43.10 -4.67
CA TRP H 280 -8.67 -43.74 -3.36
C TRP H 280 -9.54 -44.98 -3.48
N LEU H 281 -10.65 -44.86 -4.21
CA LEU H 281 -11.55 -46.02 -4.42
C LEU H 281 -10.81 -47.17 -5.08
N LEU H 282 -9.99 -46.81 -6.08
CA LEU H 282 -9.16 -47.80 -6.83
C LEU H 282 -8.15 -48.45 -5.89
N LEU H 283 -7.60 -47.69 -4.94
CA LEU H 283 -6.70 -48.30 -3.97
C LEU H 283 -7.46 -49.31 -3.17
N GLN H 284 -8.69 -48.97 -2.79
CA GLN H 284 -9.47 -49.90 -1.98
C GLN H 284 -9.74 -51.18 -2.76
N GLY H 285 -10.03 -51.03 -4.04
CA GLY H 285 -10.32 -52.18 -4.88
C GLY H 285 -9.11 -53.04 -5.04
N LEU H 286 -7.96 -52.39 -5.16
CA LEU H 286 -6.72 -53.13 -5.33
C LEU H 286 -6.49 -54.04 -4.15
N GLU H 287 -6.80 -53.55 -2.96
CA GLU H 287 -6.62 -54.35 -1.73
C GLU H 287 -7.34 -55.71 -1.77
N THR H 288 -8.52 -55.75 -2.36
CA THR H 288 -9.33 -56.96 -2.42
C THR H 288 -9.37 -57.71 -3.72
N LEU H 289 -8.66 -57.22 -4.71
CA LEU H 289 -8.66 -57.86 -6.02
C LEU H 289 -8.22 -59.30 -6.00
N ALA H 290 -7.23 -59.65 -5.19
CA ALA H 290 -6.78 -61.05 -5.13
C ALA H 290 -7.88 -62.02 -4.75
N VAL H 291 -8.67 -61.68 -3.75
CA VAL H 291 -9.76 -62.58 -3.37
C VAL H 291 -10.89 -62.54 -4.41
N ARG H 292 -11.23 -61.35 -4.87
CA ARG H 292 -12.29 -61.20 -5.87
C ARG H 292 -12.05 -61.90 -7.19
N ILE H 293 -10.86 -61.75 -7.76
CA ILE H 293 -10.59 -62.34 -9.06
C ILE H 293 -10.72 -63.84 -9.06
N GLU H 294 -10.45 -64.46 -7.93
CA GLU H 294 -10.59 -65.91 -7.83
C GLU H 294 -12.06 -66.31 -7.92
N LYS H 295 -12.96 -65.57 -7.25
CA LYS H 295 -14.39 -65.87 -7.32
C LYS H 295 -14.88 -65.62 -8.73
N HIS H 296 -14.46 -64.48 -9.31
CA HIS H 296 -14.87 -64.20 -10.67
C HIS H 296 -14.48 -65.38 -11.58
N SER H 297 -13.27 -65.89 -11.39
CA SER H 297 -12.73 -67.00 -12.17
C SER H 297 -13.46 -68.30 -11.94
N GLN H 298 -13.68 -68.65 -10.70
CA GLN H 298 -14.40 -69.87 -10.35
C GLN H 298 -15.83 -69.83 -10.95
N ASN H 299 -16.52 -68.70 -10.78
CA ASN H 299 -17.85 -68.57 -11.35
C ASN H 299 -17.82 -68.65 -12.86
N ALA H 300 -16.88 -67.97 -13.50
CA ALA H 300 -16.81 -68.00 -14.95
C ALA H 300 -16.65 -69.39 -15.52
N GLU H 301 -15.81 -70.18 -14.85
CA GLU H 301 -15.55 -71.54 -15.29
C GLU H 301 -16.81 -72.38 -15.23
N LYS H 302 -17.56 -72.27 -14.15
CA LYS H 302 -18.80 -73.04 -14.02
C LYS H 302 -19.83 -72.62 -15.07
N VAL H 303 -19.94 -71.30 -15.31
CA VAL H 303 -20.86 -70.80 -16.31
C VAL H 303 -20.39 -71.30 -17.70
N ALA H 304 -19.08 -71.28 -17.93
CA ALA H 304 -18.56 -71.75 -19.20
C ALA H 304 -18.88 -73.24 -19.44
N ASN H 305 -18.68 -74.06 -18.43
CA ASN H 305 -18.97 -75.49 -18.54
C ASN H 305 -20.44 -75.72 -18.82
N PHE H 306 -21.28 -74.95 -18.15
CA PHE H 306 -22.74 -75.04 -18.32
C PHE H 306 -23.14 -74.65 -19.74
N LEU H 307 -22.67 -73.51 -20.20
CA LEU H 307 -22.97 -73.11 -21.55
C LEU H 307 -22.44 -74.14 -22.59
N ASN H 308 -21.24 -74.67 -22.35
CA ASN H 308 -20.60 -75.58 -23.25
C ASN H 308 -21.36 -76.88 -23.47
N SER H 309 -22.22 -77.23 -22.53
CA SER H 309 -22.98 -78.47 -22.62
C SER H 309 -24.43 -78.28 -22.98
N HIS H 310 -24.88 -77.03 -23.05
CA HIS H 310 -26.28 -76.79 -23.34
C HIS H 310 -26.52 -76.87 -24.83
N PRO H 311 -27.55 -77.61 -25.26
CA PRO H 311 -27.87 -77.79 -26.67
C PRO H 311 -28.24 -76.54 -27.46
N ASP H 312 -28.80 -75.52 -26.81
CA ASP H 312 -29.15 -74.27 -27.50
C ASP H 312 -27.95 -73.29 -27.68
N ILE H 313 -26.74 -73.70 -27.29
CA ILE H 313 -25.56 -72.85 -27.41
C ILE H 313 -24.63 -73.44 -28.45
N LYS H 314 -24.18 -72.63 -29.40
CA LYS H 314 -23.33 -73.13 -30.48
C LYS H 314 -21.82 -73.00 -30.36
N GLY H 315 -21.31 -72.45 -29.27
CA GLY H 315 -19.87 -72.32 -29.14
C GLY H 315 -19.57 -71.44 -27.95
N VAL H 316 -18.53 -71.79 -27.22
CA VAL H 316 -18.12 -71.06 -26.05
C VAL H 316 -16.65 -70.70 -26.08
N ASN H 317 -16.33 -69.46 -25.77
CA ASN H 317 -14.94 -68.99 -25.73
C ASN H 317 -14.45 -68.72 -24.33
N TYR H 318 -13.70 -69.65 -23.76
CA TYR H 318 -13.15 -69.46 -22.42
C TYR H 318 -11.93 -70.38 -22.37
N PRO H 319 -10.77 -69.83 -21.98
CA PRO H 319 -9.52 -70.60 -21.95
C PRO H 319 -9.42 -71.88 -21.11
N THR H 320 -10.27 -72.06 -20.08
CA THR H 320 -10.20 -73.26 -19.27
C THR H 320 -10.77 -74.45 -20.02
N LEU H 321 -11.55 -74.21 -21.06
CA LEU H 321 -12.11 -75.31 -21.83
C LEU H 321 -10.99 -75.96 -22.66
N ALA H 322 -10.74 -77.24 -22.42
CA ALA H 322 -9.70 -78.03 -23.09
C ALA H 322 -9.68 -77.97 -24.61
N SER H 323 -10.85 -77.78 -25.22
CA SER H 323 -10.96 -77.69 -26.68
C SER H 323 -10.68 -76.29 -27.21
N ASN H 324 -10.55 -75.33 -26.32
CA ASN H 324 -10.33 -73.98 -26.78
C ASN H 324 -8.95 -73.83 -27.42
N ALA H 325 -8.85 -72.98 -28.42
CA ALA H 325 -7.61 -72.75 -29.14
C ALA H 325 -6.50 -72.07 -28.33
N TYR H 326 -6.86 -71.41 -27.25
CA TYR H 326 -5.88 -70.75 -26.43
C TYR H 326 -5.60 -71.50 -25.13
N HIS H 327 -6.12 -72.70 -25.00
CA HIS H 327 -5.95 -73.51 -23.78
C HIS H 327 -4.48 -73.77 -23.43
N ASN H 328 -3.65 -74.14 -24.40
CA ASN H 328 -2.22 -74.38 -24.15
C ASN H 328 -1.49 -73.12 -23.71
N LEU H 329 -1.80 -71.99 -24.34
CA LEU H 329 -1.22 -70.72 -23.98
C LEU H 329 -1.68 -70.35 -22.55
N PHE H 330 -2.91 -70.71 -22.23
CA PHE H 330 -3.44 -70.46 -20.91
C PHE H 330 -2.61 -71.21 -19.89
N LYS H 331 -2.45 -72.52 -20.10
CA LYS H 331 -1.67 -73.35 -19.17
C LYS H 331 -0.24 -72.87 -19.07
N LYS H 332 0.28 -72.33 -20.16
CA LYS H 332 1.66 -71.86 -20.16
C LYS H 332 1.91 -70.59 -19.38
N TYR H 333 1.01 -69.62 -19.53
CA TYR H 333 1.18 -68.35 -18.84
C TYR H 333 0.41 -68.06 -17.53
N PHE H 334 -0.65 -68.80 -17.26
CA PHE H 334 -1.47 -68.56 -16.04
C PHE H 334 -1.16 -69.58 -14.94
N ASP H 335 -0.29 -69.19 -14.01
CA ASP H 335 0.14 -70.09 -12.92
C ASP H 335 -0.92 -70.59 -11.93
N LYS H 336 -1.90 -69.74 -11.60
CA LYS H 336 -2.97 -70.13 -10.65
C LYS H 336 -4.23 -70.83 -11.22
N ASN H 337 -4.13 -71.17 -12.48
CA ASN H 337 -5.18 -71.85 -13.19
C ASN H 337 -6.57 -71.18 -13.12
N PHE H 338 -6.58 -69.85 -13.17
CA PHE H 338 -7.79 -69.04 -13.15
C PHE H 338 -7.69 -68.23 -14.37
N ALA H 339 -8.79 -68.07 -15.10
CA ALA H 339 -8.79 -67.30 -16.36
C ALA H 339 -9.62 -66.02 -16.40
N SER H 340 -9.91 -65.48 -15.24
CA SER H 340 -10.68 -64.25 -15.09
C SER H 340 -12.18 -64.42 -15.37
N GLY H 341 -12.93 -63.32 -15.35
CA GLY H 341 -14.39 -63.37 -15.53
C GLY H 341 -15.05 -62.97 -16.82
N LEU H 342 -14.28 -62.86 -17.87
CA LEU H 342 -14.85 -62.51 -19.16
C LEU H 342 -14.96 -63.74 -20.05
N LEU H 343 -16.08 -63.90 -20.73
CA LEU H 343 -16.22 -65.01 -21.65
C LEU H 343 -17.22 -64.61 -22.72
N SER H 344 -17.27 -65.35 -23.82
CA SER H 344 -18.25 -65.05 -24.84
C SER H 344 -18.80 -66.37 -25.37
N PHE H 345 -19.96 -66.32 -26.01
CA PHE H 345 -20.55 -67.53 -26.55
C PHE H 345 -21.42 -67.19 -27.74
N GLU H 346 -21.71 -68.21 -28.54
CA GLU H 346 -22.55 -68.09 -29.73
C GLU H 346 -23.95 -68.62 -29.46
N ALA H 347 -24.94 -67.78 -29.75
CA ALA H 347 -26.35 -68.16 -29.57
C ALA H 347 -26.71 -68.83 -30.89
N LYS H 348 -27.94 -69.33 -31.01
CA LYS H 348 -28.38 -70.00 -32.24
C LYS H 348 -28.25 -69.05 -33.42
N ASP H 349 -28.68 -67.81 -33.21
CA ASP H 349 -28.64 -66.77 -34.21
C ASP H 349 -28.91 -65.40 -33.59
N TYR H 350 -28.91 -64.37 -34.42
CA TYR H 350 -29.14 -63.02 -33.98
C TYR H 350 -30.40 -62.87 -33.10
N GLU H 351 -31.53 -63.38 -33.56
CA GLU H 351 -32.78 -63.29 -32.80
C GLU H 351 -32.71 -63.95 -31.43
N HIS H 352 -31.95 -65.03 -31.33
CA HIS H 352 -31.80 -65.75 -30.04
C HIS H 352 -30.89 -64.94 -29.11
N ALA H 353 -29.82 -64.37 -29.65
CA ALA H 353 -28.90 -63.54 -28.88
C ALA H 353 -29.59 -62.32 -28.25
N ARG H 354 -30.57 -61.81 -28.97
CA ARG H 354 -31.32 -60.65 -28.57
C ARG H 354 -32.33 -61.07 -27.49
N ARG H 355 -32.99 -62.21 -27.63
CA ARG H 355 -33.96 -62.63 -26.59
C ARG H 355 -33.25 -62.83 -25.27
N ILE H 356 -32.05 -63.42 -25.33
CA ILE H 356 -31.24 -63.68 -24.15
C ILE H 356 -30.95 -62.36 -23.46
N CYS H 357 -30.43 -61.39 -24.18
CA CYS H 357 -30.13 -60.08 -23.59
C CYS H 357 -31.36 -59.40 -22.97
N ASP H 358 -32.52 -59.62 -23.58
CA ASP H 358 -33.76 -59.03 -23.08
C ASP H 358 -34.43 -59.81 -21.94
N LYS H 359 -34.01 -61.07 -21.72
CA LYS H 359 -34.59 -61.97 -20.67
C LYS H 359 -33.82 -62.18 -19.35
N THR H 360 -32.51 -61.92 -19.33
CA THR H 360 -31.73 -62.09 -18.09
C THR H 360 -32.17 -61.15 -17.01
N GLN H 361 -32.18 -61.63 -15.76
CA GLN H 361 -32.58 -60.84 -14.58
C GLN H 361 -31.40 -60.50 -13.68
N LEU H 362 -30.36 -61.32 -13.67
CA LEU H 362 -29.16 -61.07 -12.84
C LEU H 362 -28.07 -60.47 -13.72
N PHE H 363 -27.88 -61.02 -14.91
CA PHE H 363 -26.92 -60.46 -15.82
C PHE H 363 -27.60 -59.16 -16.27
N LEU H 364 -26.94 -58.04 -15.98
CA LEU H 364 -27.47 -56.74 -16.33
C LEU H 364 -27.00 -56.31 -17.71
N LEU H 365 -27.94 -55.97 -18.58
CA LEU H 365 -27.63 -55.52 -19.92
C LEU H 365 -26.95 -54.16 -19.77
N ALA H 366 -25.64 -54.15 -20.01
CA ALA H 366 -24.84 -52.95 -19.87
C ALA H 366 -23.50 -53.09 -20.57
N ALA H 367 -22.79 -51.98 -20.69
CA ALA H 367 -21.51 -51.98 -21.36
C ALA H 367 -20.36 -51.66 -20.44
N ASN H 368 -19.87 -52.70 -19.80
CA ASN H 368 -18.76 -52.58 -18.86
C ASN H 368 -18.31 -54.01 -18.52
N LEU H 369 -17.22 -54.18 -17.81
CA LEU H 369 -16.81 -55.52 -17.44
C LEU H 369 -16.01 -55.45 -16.16
N GLY H 370 -16.03 -56.53 -15.42
CA GLY H 370 -15.30 -56.58 -14.16
C GLY H 370 -16.09 -55.99 -12.97
N ASP H 371 -17.40 -55.80 -13.11
CA ASP H 371 -18.23 -55.29 -12.03
C ASP H 371 -18.54 -56.52 -11.15
N SER H 372 -18.84 -56.28 -9.90
CA SER H 372 -19.18 -57.35 -8.97
C SER H 372 -20.53 -57.94 -9.39
N LYS H 373 -21.31 -57.15 -10.14
CA LYS H 373 -22.61 -57.63 -10.66
C LYS H 373 -22.35 -58.14 -12.04
N SER H 374 -22.95 -59.28 -12.37
CA SER H 374 -22.77 -59.88 -13.67
C SER H 374 -23.38 -59.01 -14.75
N LEU H 375 -22.71 -58.94 -15.89
CA LEU H 375 -23.19 -58.12 -17.02
C LEU H 375 -23.26 -58.87 -18.33
N ILE H 376 -24.10 -58.37 -19.21
CA ILE H 376 -24.29 -58.97 -20.54
C ILE H 376 -24.43 -57.92 -21.64
N ILE H 377 -23.95 -58.27 -22.83
CA ILE H 377 -24.01 -57.39 -23.98
C ILE H 377 -23.82 -58.16 -25.29
N HIS H 378 -24.30 -57.57 -26.39
CA HIS H 378 -24.21 -58.11 -27.75
C HIS H 378 -23.23 -57.18 -28.54
N PRO H 379 -21.92 -57.52 -28.58
CA PRO H 379 -20.82 -56.74 -29.25
C PRO H 379 -20.98 -56.18 -30.66
N ALA H 380 -21.47 -56.97 -31.59
CA ALA H 380 -21.63 -56.46 -32.95
C ALA H 380 -22.35 -55.07 -33.02
N SER H 381 -23.52 -54.95 -32.37
CA SER H 381 -24.32 -53.69 -32.37
C SER H 381 -24.01 -52.75 -31.20
N THR H 382 -22.89 -52.98 -30.54
CA THR H 382 -22.58 -52.20 -29.40
C THR H 382 -21.08 -51.85 -29.21
N THR H 383 -20.34 -52.64 -28.43
CA THR H 383 -18.92 -52.38 -28.15
C THR H 383 -18.00 -52.40 -29.36
N HIS H 384 -18.36 -53.20 -30.36
CA HIS H 384 -17.58 -53.32 -31.57
C HIS H 384 -18.45 -52.93 -32.75
N SER H 385 -19.40 -52.05 -32.44
CA SER H 385 -20.33 -51.50 -33.42
C SER H 385 -19.58 -50.62 -34.46
N GLN H 386 -18.47 -49.98 -34.06
CA GLN H 386 -17.68 -49.14 -34.96
C GLN H 386 -16.88 -49.92 -36.01
N LEU H 387 -16.46 -51.15 -35.68
CA LEU H 387 -15.68 -51.99 -36.60
C LEU H 387 -16.42 -52.39 -37.89
N SER H 388 -15.64 -52.60 -38.96
CA SER H 388 -16.22 -53.00 -40.26
C SER H 388 -16.71 -54.43 -40.16
N GLU H 389 -17.57 -54.82 -41.10
CA GLU H 389 -18.15 -56.16 -41.11
C GLU H 389 -17.02 -57.22 -41.19
N GLU H 390 -15.91 -56.89 -41.89
CA GLU H 390 -14.73 -57.80 -42.06
C GLU H 390 -13.80 -57.77 -40.83
N GLU H 391 -13.60 -56.59 -40.22
CA GLU H 391 -12.75 -56.49 -39.01
C GLU H 391 -13.34 -57.35 -37.88
N LEU H 392 -14.67 -57.48 -37.89
CA LEU H 392 -15.35 -58.29 -36.89
C LEU H 392 -14.97 -59.71 -37.00
N GLN H 393 -14.84 -60.16 -38.25
CA GLN H 393 -14.50 -61.55 -38.54
C GLN H 393 -13.03 -61.80 -38.24
N LYS H 394 -12.20 -60.76 -38.36
CA LYS H 394 -10.77 -60.91 -38.06
C LYS H 394 -10.56 -61.01 -36.53
N ALA H 395 -11.49 -60.43 -35.77
CA ALA H 395 -11.47 -60.44 -34.29
C ALA H 395 -12.30 -61.64 -33.77
N GLY H 396 -13.02 -62.28 -34.68
CA GLY H 396 -13.84 -63.45 -34.40
C GLY H 396 -15.15 -63.13 -33.73
N ILE H 397 -15.97 -62.21 -34.25
CA ILE H 397 -17.26 -61.88 -33.64
C ILE H 397 -18.35 -62.11 -34.68
N THR H 398 -19.55 -62.52 -34.27
CA THR H 398 -20.64 -62.75 -35.23
C THR H 398 -21.92 -62.07 -34.73
N LYS H 399 -23.00 -62.17 -35.50
CA LYS H 399 -24.28 -61.59 -35.10
C LYS H 399 -24.95 -62.38 -33.95
N ALA H 400 -24.46 -63.58 -33.71
CA ALA H 400 -24.99 -64.45 -32.66
C ALA H 400 -24.15 -64.40 -31.39
N THR H 401 -23.03 -63.67 -31.45
CA THR H 401 -22.12 -63.56 -30.31
C THR H 401 -22.60 -62.73 -29.12
N ILE H 402 -22.43 -63.28 -27.94
CA ILE H 402 -22.79 -62.64 -26.70
C ILE H 402 -21.59 -62.65 -25.80
N ARG H 403 -21.38 -61.53 -25.12
CA ARG H 403 -20.27 -61.42 -24.22
C ARG H 403 -20.83 -61.31 -22.81
N LEU H 404 -20.23 -62.04 -21.88
CA LEU H 404 -20.65 -61.96 -20.50
C LEU H 404 -19.51 -61.53 -19.59
N SER H 405 -19.83 -60.75 -18.57
CA SER H 405 -18.86 -60.35 -17.54
C SER H 405 -19.39 -61.08 -16.31
N ILE H 406 -18.67 -62.08 -15.85
CA ILE H 406 -19.12 -62.89 -14.70
C ILE H 406 -18.79 -62.24 -13.40
N GLY H 407 -19.84 -62.00 -12.62
CA GLY H 407 -19.74 -61.34 -11.33
C GLY H 407 -19.43 -62.22 -10.15
N LEU H 408 -19.74 -61.71 -8.95
CA LEU H 408 -19.48 -62.43 -7.72
C LEU H 408 -20.69 -63.10 -7.14
N GLU H 409 -21.81 -63.11 -7.88
CA GLU H 409 -23.05 -63.75 -7.38
C GLU H 409 -22.86 -65.26 -7.22
N ASN H 410 -23.85 -65.92 -6.62
CA ASN H 410 -23.81 -67.38 -6.48
C ASN H 410 -23.95 -68.01 -7.87
N SER H 411 -23.06 -68.93 -8.21
CA SER H 411 -23.04 -69.58 -9.53
C SER H 411 -24.34 -70.28 -9.91
N ASP H 412 -24.98 -70.93 -8.98
CA ASP H 412 -26.24 -71.61 -9.28
C ASP H 412 -27.27 -70.59 -9.70
N ASP H 413 -27.28 -69.46 -9.02
CA ASP H 413 -28.23 -68.39 -9.38
C ASP H 413 -27.93 -67.82 -10.77
N LEU H 414 -26.64 -67.66 -11.08
CA LEU H 414 -26.26 -67.15 -12.38
C LEU H 414 -26.62 -68.12 -13.48
N ILE H 415 -26.33 -69.40 -13.24
CA ILE H 415 -26.61 -70.46 -14.22
C ILE H 415 -28.11 -70.53 -14.44
N ALA H 416 -28.89 -70.46 -13.38
CA ALA H 416 -30.35 -70.49 -13.50
C ALA H 416 -30.89 -69.29 -14.31
N ASP H 417 -30.31 -68.11 -14.10
CA ASP H 417 -30.75 -66.91 -14.82
C ASP H 417 -30.43 -67.08 -16.32
N LEU H 418 -29.23 -67.56 -16.65
CA LEU H 418 -28.87 -67.79 -18.06
C LEU H 418 -29.68 -68.91 -18.66
N LYS H 419 -29.96 -69.92 -17.86
CA LYS H 419 -30.73 -71.04 -18.36
C LYS H 419 -32.11 -70.59 -18.84
N GLN H 420 -32.83 -69.87 -18.00
CA GLN H 420 -34.18 -69.43 -18.39
C GLN H 420 -34.13 -68.48 -19.58
N ALA H 421 -33.09 -67.66 -19.67
CA ALA H 421 -33.01 -66.72 -20.79
C ALA H 421 -32.73 -67.48 -22.11
N ILE H 422 -31.79 -68.39 -22.06
N ILE H 422 -31.76 -68.40 -22.06
CA ILE H 422 -31.43 -69.19 -23.21
CA ILE H 422 -31.39 -69.18 -23.26
C ILE H 422 -32.54 -70.07 -23.72
C ILE H 422 -32.52 -70.09 -23.73
N GLU H 423 -33.26 -70.68 -22.80
CA GLU H 423 -34.37 -71.58 -23.14
C GLU H 423 -35.62 -70.87 -23.68
N SER H 424 -35.57 -69.52 -23.70
CA SER H 424 -36.52 -68.53 -24.25
C SER H 424 -37.64 -67.96 -23.36
N ASN I 3 -35.86 -67.33 -2.77
CA ASN I 3 -35.43 -67.10 -4.18
C ASN I 3 -33.90 -67.35 -4.15
N PHE I 4 -33.11 -66.28 -4.20
CA PHE I 4 -31.64 -66.33 -4.25
C PHE I 4 -30.80 -66.60 -2.98
N ASN I 5 -29.53 -66.93 -3.19
CA ASN I 5 -28.60 -67.15 -2.09
C ASN I 5 -28.08 -65.83 -1.51
N LYS I 6 -27.56 -65.91 -0.30
CA LYS I 6 -27.01 -64.74 0.40
C LYS I 6 -26.01 -63.92 -0.40
N GLU I 7 -25.10 -64.60 -1.07
CA GLU I 7 -24.09 -63.90 -1.87
C GLU I 7 -24.77 -63.02 -2.92
N THR I 8 -25.83 -63.55 -3.51
CA THR I 8 -26.56 -62.84 -4.54
C THR I 8 -27.33 -61.66 -3.98
N LEU I 9 -27.90 -61.85 -2.80
CA LEU I 9 -28.69 -60.80 -2.13
C LEU I 9 -27.85 -59.61 -1.69
N ALA I 10 -26.55 -59.83 -1.51
CA ALA I 10 -25.68 -58.74 -1.11
C ALA I 10 -25.34 -57.84 -2.32
N LEU I 11 -25.67 -58.34 -3.50
CA LEU I 11 -25.42 -57.65 -4.78
C LEU I 11 -26.64 -57.12 -5.55
N HIS I 12 -27.78 -57.74 -5.33
CA HIS I 12 -29.03 -57.40 -5.98
C HIS I 12 -30.15 -57.30 -4.98
N GLY I 13 -31.01 -56.31 -5.16
CA GLY I 13 -32.13 -56.11 -4.27
C GLY I 13 -32.23 -54.72 -3.67
N ALA I 14 -33.45 -54.38 -3.24
CA ALA I 14 -33.74 -53.10 -2.58
C ALA I 14 -33.29 -51.86 -3.33
N TYR I 15 -33.11 -51.96 -4.64
CA TYR I 15 -32.71 -50.86 -5.47
C TYR I 15 -33.18 -51.14 -6.84
N ASN I 16 -34.19 -50.37 -7.24
CA ASN I 16 -34.72 -50.48 -8.56
C ASN I 16 -34.34 -49.10 -9.15
N PHE I 17 -33.28 -49.12 -9.98
CA PHE I 17 -32.64 -48.10 -10.80
C PHE I 17 -33.55 -46.90 -10.93
N ASP I 18 -33.06 -45.70 -10.63
CA ASP I 18 -33.93 -44.55 -10.78
C ASP I 18 -34.02 -44.20 -12.29
N THR I 19 -34.28 -42.94 -12.62
CA THR I 19 -34.42 -42.53 -14.00
C THR I 19 -33.18 -42.76 -14.84
N GLN I 20 -32.02 -42.49 -14.23
CA GLN I 20 -30.73 -42.63 -14.91
C GLN I 20 -30.25 -44.05 -15.12
N ARG I 21 -30.83 -44.96 -14.38
CA ARG I 21 -30.48 -46.37 -14.46
C ARG I 21 -29.00 -46.70 -14.23
N SER I 22 -28.43 -46.06 -13.22
CA SER I 22 -27.04 -46.30 -12.85
C SER I 22 -27.02 -47.66 -12.16
N ILE I 23 -26.05 -48.49 -12.52
CA ILE I 23 -25.95 -49.84 -11.92
C ILE I 23 -25.57 -49.73 -10.47
N SER I 24 -24.70 -48.76 -10.19
CA SER I 24 -24.26 -48.52 -8.82
C SER I 24 -25.28 -47.64 -8.15
N VAL I 25 -25.46 -47.81 -6.85
CA VAL I 25 -26.43 -47.02 -6.11
C VAL I 25 -25.88 -45.59 -6.00
N PRO I 26 -26.70 -44.60 -6.35
CA PRO I 26 -26.17 -43.25 -6.26
C PRO I 26 -25.97 -42.81 -4.83
N ILE I 27 -25.04 -41.87 -4.64
CA ILE I 27 -24.73 -41.33 -3.32
C ILE I 27 -25.53 -40.05 -3.15
N TYR I 28 -26.56 -40.12 -2.32
CA TYR I 28 -27.41 -38.98 -2.07
C TYR I 28 -26.84 -38.10 -0.97
N GLN I 29 -25.81 -37.33 -1.34
CA GLN I 29 -25.14 -36.42 -0.43
C GLN I 29 -26.14 -35.26 -0.38
N ASN I 30 -27.16 -35.49 0.44
CA ASN I 30 -28.27 -34.61 0.54
C ASN I 30 -29.04 -34.73 1.82
N THR I 31 -29.60 -33.60 2.30
CA THR I 31 -30.37 -33.63 3.53
C THR I 31 -31.87 -33.52 3.38
N ALA I 32 -32.32 -32.83 2.34
CA ALA I 32 -33.77 -32.64 2.14
C ALA I 32 -34.30 -33.03 0.80
N TYR I 33 -35.62 -33.15 0.76
CA TYR I 33 -36.31 -33.60 -0.46
C TYR I 33 -37.46 -32.67 -0.87
N ASN I 34 -37.66 -32.54 -2.16
CA ASN I 34 -38.71 -31.70 -2.69
C ASN I 34 -40.03 -32.46 -2.73
N PHE I 35 -40.95 -32.14 -1.83
CA PHE I 35 -42.24 -32.80 -1.82
C PHE I 35 -42.96 -32.31 -3.05
N GLU I 36 -43.73 -33.20 -3.67
CA GLU I 36 -44.47 -32.87 -4.91
C GLU I 36 -45.65 -31.94 -4.68
N ASN I 37 -46.16 -31.91 -3.46
CA ASN I 37 -47.29 -31.06 -3.11
C ASN I 37 -47.46 -31.06 -1.61
N LEU I 38 -48.25 -30.13 -1.09
CA LEU I 38 -48.46 -30.05 0.36
C LEU I 38 -49.09 -31.30 1.03
N ASP I 39 -50.04 -31.95 0.36
CA ASP I 39 -50.66 -33.15 0.93
C ASP I 39 -49.64 -34.22 1.19
N GLN I 40 -48.83 -34.48 0.17
CA GLN I 40 -47.79 -35.49 0.24
C GLN I 40 -46.89 -35.25 1.46
N ALA I 41 -46.48 -34.01 1.62
CA ALA I 41 -45.61 -33.63 2.73
C ALA I 41 -46.28 -33.95 4.06
N ALA I 42 -47.41 -33.30 4.32
CA ALA I 42 -48.15 -33.52 5.56
C ALA I 42 -48.44 -35.01 5.77
N ALA I 43 -48.81 -35.70 4.71
CA ALA I 43 -49.08 -37.12 4.83
C ALA I 43 -47.84 -37.87 5.34
N ARG I 44 -46.65 -37.49 4.89
CA ARG I 44 -45.41 -38.13 5.36
C ARG I 44 -45.11 -37.79 6.83
N PHE I 45 -45.33 -36.54 7.23
CA PHE I 45 -45.11 -36.14 8.63
C PHE I 45 -46.08 -36.83 9.60
N ASN I 46 -47.18 -37.38 9.08
CA ASN I 46 -48.20 -38.12 9.90
C ASN I 46 -48.11 -39.64 9.83
N LEU I 47 -47.09 -40.16 9.17
CA LEU I 47 -46.92 -41.61 8.99
C LEU I 47 -48.02 -42.22 8.15
N GLN I 48 -48.81 -41.40 7.47
CA GLN I 48 -49.87 -41.94 6.66
C GLN I 48 -49.18 -42.52 5.42
N GLU I 49 -48.29 -41.74 4.83
CA GLU I 49 -47.54 -42.15 3.65
C GLU I 49 -46.08 -42.31 3.95
N LEU I 50 -45.48 -43.41 3.52
CA LEU I 50 -44.04 -43.58 3.73
C LEU I 50 -43.23 -42.91 2.62
N GLY I 51 -42.09 -42.37 2.97
CA GLY I 51 -41.28 -41.72 1.98
C GLY I 51 -40.26 -40.78 2.55
N ASN I 52 -39.53 -40.15 1.64
CA ASN I 52 -38.47 -39.22 2.01
C ASN I 52 -38.95 -37.97 2.63
N ILE I 53 -38.26 -37.57 3.70
CA ILE I 53 -38.57 -36.36 4.43
C ILE I 53 -37.35 -35.51 4.70
N TYR I 54 -36.42 -36.07 5.48
CA TYR I 54 -35.18 -35.42 5.88
C TYR I 54 -34.18 -36.50 6.24
N SER I 55 -32.95 -36.35 5.75
CA SER I 55 -31.89 -37.35 5.96
C SER I 55 -31.53 -37.76 7.37
N ARG I 56 -31.91 -36.97 8.37
CA ARG I 56 -31.63 -37.37 9.72
C ARG I 56 -32.45 -38.61 10.04
N LEU I 57 -33.59 -38.77 9.35
CA LEU I 57 -34.49 -39.92 9.57
C LEU I 57 -34.17 -41.04 8.63
N SER I 58 -34.09 -40.72 7.34
CA SER I 58 -33.77 -41.73 6.36
C SER I 58 -33.21 -41.09 5.09
N ASN I 59 -32.44 -41.89 4.36
CA ASN I 59 -31.78 -41.52 3.10
C ASN I 59 -31.82 -42.71 2.17
N PRO I 60 -32.13 -42.48 0.88
CA PRO I 60 -32.20 -43.58 -0.07
C PRO I 60 -30.96 -44.46 -0.16
N THR I 61 -29.77 -43.86 -0.08
CA THR I 61 -28.52 -44.66 -0.17
C THR I 61 -28.53 -45.63 1.03
N SER I 62 -28.69 -45.07 2.23
CA SER I 62 -28.73 -45.88 3.45
C SER I 62 -29.94 -46.84 3.50
N ASP I 63 -31.02 -46.54 2.80
CA ASP I 63 -32.19 -47.45 2.79
C ASP I 63 -31.86 -48.75 2.08
N VAL I 64 -31.10 -48.64 1.00
CA VAL I 64 -30.71 -49.83 0.24
C VAL I 64 -29.88 -50.72 1.14
N LEU I 65 -28.96 -50.10 1.88
CA LEU I 65 -28.11 -50.80 2.80
C LEU I 65 -28.90 -51.52 3.87
N GLY I 66 -29.86 -50.82 4.45
CA GLY I 66 -30.68 -51.41 5.50
C GLY I 66 -31.44 -52.66 5.06
N GLN I 67 -32.10 -52.54 3.90
CA GLN I 67 -32.88 -53.65 3.38
C GLN I 67 -31.99 -54.83 2.96
N ARG I 68 -30.86 -54.56 2.28
CA ARG I 68 -29.98 -55.65 1.92
C ARG I 68 -29.42 -56.35 3.15
N LEU I 69 -29.00 -55.58 4.16
CA LEU I 69 -28.51 -56.22 5.40
C LEU I 69 -29.59 -57.11 6.00
N ALA I 70 -30.83 -56.66 5.92
CA ALA I 70 -31.95 -57.46 6.44
C ALA I 70 -32.13 -58.72 5.58
N ASN I 71 -32.00 -58.56 4.27
CA ASN I 71 -32.14 -59.66 3.37
C ASN I 71 -31.08 -60.73 3.60
N VAL I 72 -29.82 -60.32 3.79
CA VAL I 72 -28.78 -61.33 3.99
C VAL I 72 -28.93 -62.04 5.30
N GLU I 73 -29.47 -61.37 6.31
CA GLU I 73 -29.68 -62.01 7.63
C GLU I 73 -30.95 -62.85 7.66
N GLY I 74 -31.84 -62.67 6.69
CA GLY I 74 -33.11 -63.39 6.66
C GLY I 74 -34.12 -62.70 7.54
N GLY I 75 -33.91 -61.42 7.80
CA GLY I 75 -34.81 -60.62 8.65
C GLY I 75 -35.80 -59.84 7.82
N ALA I 76 -36.57 -58.95 8.47
CA ALA I 76 -37.59 -58.13 7.78
C ALA I 76 -37.21 -56.70 7.39
N PHE I 77 -36.60 -55.99 8.30
CA PHE I 77 -36.22 -54.60 8.03
C PHE I 77 -34.93 -54.23 8.79
N GLY I 78 -34.14 -53.35 8.20
CA GLY I 78 -32.89 -52.94 8.81
C GLY I 78 -32.74 -51.45 8.77
N ILE I 79 -32.10 -50.93 9.80
CA ILE I 79 -31.86 -49.52 9.94
C ILE I 79 -30.42 -49.15 10.26
N PRO I 80 -29.75 -48.49 9.32
CA PRO I 80 -28.38 -48.11 9.55
C PRO I 80 -28.30 -46.84 10.36
N VAL I 81 -27.30 -46.79 11.23
CA VAL I 81 -27.07 -45.66 12.11
C VAL I 81 -25.60 -45.30 12.09
N ALA I 82 -25.24 -44.21 12.76
CA ALA I 82 -23.84 -43.71 12.75
C ALA I 82 -22.72 -44.62 13.19
N SER I 83 -23.02 -45.59 14.03
CA SER I 83 -21.99 -46.48 14.49
C SER I 83 -22.60 -47.70 15.17
N GLY I 84 -21.76 -48.70 15.37
CA GLY I 84 -22.15 -49.95 16.04
C GLY I 84 -22.64 -49.63 17.45
N ALA I 86 -23.96 -46.81 18.51
CA ALA I 86 -25.25 -46.17 18.37
C ALA I 86 -26.30 -47.24 18.14
N ALA I 87 -25.97 -48.27 17.36
CA ALA I 87 -26.89 -49.37 17.11
C ALA I 87 -27.25 -50.12 18.43
N CYS I 88 -26.23 -50.42 19.24
CA CYS I 88 -26.45 -51.10 20.49
C CYS I 88 -27.32 -50.22 21.40
N PHE I 89 -26.95 -48.94 21.52
CA PHE I 89 -27.68 -47.96 22.33
C PHE I 89 -29.14 -47.85 21.90
N TYR I 90 -29.37 -47.61 20.62
CA TYR I 90 -30.72 -47.53 20.05
C TYR I 90 -31.54 -48.78 20.26
N ALA I 91 -30.91 -49.94 20.16
CA ALA I 91 -31.66 -51.19 20.34
C ALA I 91 -32.15 -51.34 21.78
N LEU I 92 -31.29 -50.99 22.73
CA LEU I 92 -31.64 -51.09 24.15
C LEU I 92 -32.71 -50.08 24.59
N ILE I 93 -32.49 -48.81 24.29
CA ILE I 93 -33.44 -47.79 24.66
C ILE I 93 -34.76 -47.93 23.92
N ASN I 94 -34.80 -48.65 22.80
CA ASN I 94 -36.07 -48.78 22.09
C ASN I 94 -36.94 -49.78 22.84
N LEU I 95 -36.30 -50.48 23.78
CA LEU I 95 -36.95 -51.50 24.59
C LEU I 95 -37.08 -51.15 26.07
N ALA I 96 -36.06 -50.50 26.62
CA ALA I 96 -36.04 -50.15 28.03
C ALA I 96 -35.98 -48.65 28.24
N SER I 97 -36.66 -48.22 29.30
CA SER I 97 -36.70 -46.80 29.69
C SER I 97 -36.40 -46.73 31.19
N SER I 98 -36.34 -45.53 31.73
CA SER I 98 -36.03 -45.36 33.15
C SER I 98 -36.85 -46.27 34.07
N GLY I 99 -36.15 -46.95 34.97
CA GLY I 99 -36.79 -47.88 35.91
C GLY I 99 -36.75 -49.33 35.45
N ASP I 100 -36.39 -49.56 34.21
CA ASP I 100 -36.32 -50.90 33.69
C ASP I 100 -34.90 -51.44 33.81
N ASN I 101 -34.74 -52.71 33.46
CA ASN I 101 -33.41 -53.31 33.49
C ASN I 101 -33.22 -54.14 32.23
N VAL I 102 -31.96 -54.41 31.91
CA VAL I 102 -31.60 -55.22 30.75
C VAL I 102 -30.56 -56.24 31.21
N ALA I 103 -30.63 -57.43 30.63
CA ALA I 103 -29.71 -58.50 30.96
C ALA I 103 -28.66 -58.54 29.87
N TYR I 104 -27.39 -58.63 30.27
CA TYR I 104 -26.33 -58.64 29.30
C TYR I 104 -25.22 -59.64 29.58
N SER I 105 -24.65 -60.18 28.51
CA SER I 105 -23.58 -61.16 28.60
C SER I 105 -22.32 -60.58 29.21
N ASN I 106 -21.65 -61.39 30.02
CA ASN I 106 -20.41 -60.99 30.69
C ASN I 106 -19.25 -61.08 29.72
N LYS I 107 -19.50 -61.60 28.52
CA LYS I 107 -18.46 -61.71 27.51
C LYS I 107 -18.85 -60.93 26.24
N ILE I 108 -18.58 -59.63 26.27
CA ILE I 108 -18.86 -58.74 25.14
C ILE I 108 -17.82 -57.65 24.95
N TYR I 109 -18.02 -56.89 23.88
CA TYR I 109 -17.15 -55.79 23.51
C TYR I 109 -17.10 -54.80 24.66
N GLY I 110 -15.89 -54.43 25.02
CA GLY I 110 -15.63 -53.50 26.13
C GLY I 110 -16.46 -52.23 26.11
N GLY I 111 -16.56 -51.61 24.93
CA GLY I 111 -17.34 -50.43 24.79
C GLY I 111 -18.81 -50.70 25.11
N THR I 112 -19.35 -51.80 24.60
CA THR I 112 -20.74 -52.13 24.87
C THR I 112 -20.96 -52.42 26.37
N GLN I 113 -19.92 -52.97 27.01
CA GLN I 113 -19.99 -53.31 28.41
C GLN I 113 -20.08 -52.03 29.23
N THR I 114 -19.28 -51.04 28.87
CA THR I 114 -19.30 -49.75 29.54
C THR I 114 -20.67 -49.06 29.32
N LEU I 115 -21.14 -49.08 28.08
CA LEU I 115 -22.43 -48.49 27.73
C LEU I 115 -23.54 -49.04 28.62
N ILE I 116 -23.60 -50.36 28.66
CA ILE I 116 -24.64 -51.03 29.41
C ILE I 116 -24.50 -50.97 30.94
N SER I 117 -23.31 -51.30 31.46
CA SER I 117 -23.12 -51.31 32.92
C SER I 117 -22.87 -49.95 33.56
N HIS I 118 -22.41 -48.94 32.82
CA HIS I 118 -22.20 -47.61 33.43
C HIS I 118 -23.01 -46.47 32.82
N THR I 119 -22.83 -46.21 31.55
CA THR I 119 -23.53 -45.11 30.91
C THR I 119 -25.04 -45.13 30.97
N LEU I 120 -25.67 -46.28 30.77
CA LEU I 120 -27.15 -46.33 30.83
C LEU I 120 -27.73 -45.99 32.20
N LYS I 121 -26.92 -46.03 33.27
CA LYS I 121 -27.41 -45.68 34.61
C LYS I 121 -27.92 -44.27 34.58
N ASN I 122 -27.17 -43.39 33.90
CA ASN I 122 -27.53 -41.97 33.76
C ASN I 122 -28.94 -41.80 33.26
N PHE I 123 -29.48 -42.81 32.57
CA PHE I 123 -30.82 -42.70 32.07
C PHE I 123 -31.80 -43.56 32.88
N GLY I 124 -31.37 -43.99 34.06
CA GLY I 124 -32.20 -44.80 34.94
C GLY I 124 -32.47 -46.19 34.44
N ILE I 125 -31.52 -46.72 33.67
CA ILE I 125 -31.62 -48.06 33.13
C ILE I 125 -30.58 -48.94 33.81
N GLU I 126 -31.08 -49.90 34.56
CA GLU I 126 -30.26 -50.85 35.29
C GLU I 126 -29.74 -51.97 34.40
N ALA I 127 -28.51 -52.39 34.66
CA ALA I 127 -27.90 -53.47 33.92
C ALA I 127 -27.62 -54.64 34.85
N ARG I 128 -27.96 -55.85 34.38
CA ARG I 128 -27.74 -57.09 35.13
C ARG I 128 -26.97 -58.10 34.30
N GLU I 129 -25.72 -58.31 34.69
CA GLU I 129 -24.81 -59.24 34.02
C GLU I 129 -25.23 -60.71 34.17
N PHE I 130 -24.87 -61.54 33.21
CA PHE I 130 -25.17 -62.96 33.29
C PHE I 130 -24.02 -63.65 32.55
N ASP I 131 -23.82 -64.93 32.87
CA ASP I 131 -22.77 -65.73 32.28
C ASP I 131 -23.33 -66.58 31.15
N ILE I 132 -22.83 -66.36 29.95
CA ILE I 132 -23.24 -67.06 28.74
C ILE I 132 -22.93 -68.55 28.84
N ASP I 133 -21.95 -68.88 29.67
CA ASP I 133 -21.55 -70.27 29.88
C ASP I 133 -22.39 -71.01 30.94
N ASP I 134 -23.23 -70.28 31.68
CA ASP I 134 -24.07 -70.87 32.73
C ASP I 134 -25.40 -70.14 32.71
N LEU I 135 -26.25 -70.52 31.77
CA LEU I 135 -27.55 -69.86 31.58
C LEU I 135 -28.52 -69.79 32.77
N ASP I 136 -28.33 -70.60 33.80
CA ASP I 136 -29.23 -70.51 34.95
C ASP I 136 -29.06 -69.09 35.50
N SER I 137 -27.85 -68.53 35.33
CA SER I 137 -27.54 -67.19 35.83
C SER I 137 -28.42 -66.14 35.14
N LEU I 138 -28.92 -66.47 33.95
CA LEU I 138 -29.80 -65.55 33.23
C LEU I 138 -31.18 -65.52 33.87
N GLU I 139 -31.75 -66.71 34.12
CA GLU I 139 -33.08 -66.83 34.73
C GLU I 139 -33.13 -66.02 36.00
N LYS I 140 -32.07 -66.17 36.77
CA LYS I 140 -31.89 -65.51 38.04
C LYS I 140 -32.06 -64.01 38.04
N VAL I 141 -31.50 -63.33 37.04
CA VAL I 141 -31.60 -61.87 37.01
C VAL I 141 -32.86 -61.32 36.35
N ILE I 142 -33.68 -62.19 35.80
CA ILE I 142 -34.89 -61.74 35.12
C ILE I 142 -36.07 -61.43 36.02
N ASP I 143 -36.76 -60.34 35.72
CA ASP I 143 -37.98 -59.96 36.46
C ASP I 143 -38.95 -59.37 35.43
N GLN I 144 -40.08 -58.79 35.85
CA GLN I 144 -41.02 -58.27 34.86
C GLN I 144 -40.57 -56.94 34.24
N ASN I 145 -39.50 -56.38 34.78
CA ASN I 145 -38.94 -55.09 34.29
C ASN I 145 -37.78 -55.28 33.32
N THR I 146 -37.35 -56.53 33.15
CA THR I 146 -36.26 -56.88 32.24
C THR I 146 -36.81 -56.75 30.81
N LYS I 147 -36.25 -55.81 30.05
CA LYS I 147 -36.74 -55.57 28.69
C LYS I 147 -35.91 -56.12 27.55
N ALA I 148 -34.68 -56.55 27.83
CA ALA I 148 -33.85 -57.09 26.80
C ALA I 148 -32.78 -58.02 27.32
N ILE I 149 -32.39 -58.96 26.47
CA ILE I 149 -31.36 -59.93 26.75
C ILE I 149 -30.34 -59.71 25.64
N PHE I 150 -29.18 -59.19 26.03
CA PHE I 150 -28.12 -58.89 25.10
C PHE I 150 -26.89 -59.77 25.17
N PHE I 151 -26.42 -60.18 23.99
CA PHE I 151 -25.21 -61.01 23.88
C PHE I 151 -24.62 -60.96 22.49
N GLU I 152 -23.41 -61.48 22.37
CA GLU I 152 -22.70 -61.55 21.08
C GLU I 152 -22.69 -63.01 20.62
N SER I 153 -22.80 -63.20 19.31
CA SER I 153 -22.80 -64.55 18.73
C SER I 153 -21.40 -65.18 18.86
N LEU I 154 -20.38 -64.37 18.60
CA LEU I 154 -18.98 -64.76 18.66
C LEU I 154 -18.39 -63.55 19.36
N SER I 155 -18.02 -63.71 20.61
CA SER I 155 -17.51 -62.55 21.38
C SER I 155 -16.15 -61.99 21.08
N ASN I 156 -16.01 -60.72 21.44
CA ASN I 156 -14.81 -59.92 21.30
C ASN I 156 -14.23 -59.49 22.68
N PRO I 157 -12.98 -59.91 23.03
CA PRO I 157 -11.94 -60.70 22.36
C PRO I 157 -11.78 -62.15 22.69
N GLN I 158 -12.69 -62.66 23.50
CA GLN I 158 -12.69 -64.05 23.93
C GLN I 158 -12.95 -65.09 22.84
N ILE I 159 -13.72 -64.69 21.85
CA ILE I 159 -14.11 -65.55 20.77
C ILE I 159 -15.02 -66.61 21.44
N ALA I 160 -15.88 -66.16 22.36
CA ALA I 160 -16.79 -67.07 23.04
C ALA I 160 -18.07 -67.19 22.26
N ILE I 161 -18.48 -68.42 21.99
CA ILE I 161 -19.71 -68.70 21.25
C ILE I 161 -20.92 -68.97 22.17
N ALA I 162 -22.00 -68.23 21.92
CA ALA I 162 -23.21 -68.34 22.70
C ALA I 162 -24.09 -69.45 22.19
N ASP I 163 -24.71 -70.18 23.11
CA ASP I 163 -25.59 -71.27 22.75
C ASP I 163 -26.93 -70.57 22.56
N ILE I 164 -27.10 -70.07 21.37
CA ILE I 164 -28.28 -69.31 21.01
C ILE I 164 -29.62 -69.95 21.31
N GLU I 165 -29.81 -71.21 20.92
CA GLU I 165 -31.09 -71.92 21.16
C GLU I 165 -31.53 -71.89 22.61
N LYS I 166 -30.58 -72.02 23.52
CA LYS I 166 -30.88 -71.99 24.96
C LYS I 166 -31.23 -70.60 25.44
N ILE I 167 -30.62 -69.58 24.85
CA ILE I 167 -30.93 -68.22 25.24
C ILE I 167 -32.35 -67.92 24.75
N ASN I 168 -32.63 -68.37 23.54
CA ASN I 168 -33.92 -68.17 22.94
C ASN I 168 -35.02 -68.76 23.78
N GLN I 169 -34.81 -69.99 24.24
CA GLN I 169 -35.81 -70.66 25.07
C GLN I 169 -36.25 -69.81 26.24
N ILE I 170 -35.27 -69.37 27.00
CA ILE I 170 -35.49 -68.55 28.15
C ILE I 170 -36.16 -67.25 27.77
N ALA I 171 -35.70 -66.64 26.68
CA ALA I 171 -36.25 -65.38 26.23
C ALA I 171 -37.68 -65.54 25.78
N LYS I 172 -37.96 -66.57 25.00
CA LYS I 172 -39.33 -66.79 24.51
C LYS I 172 -40.32 -67.12 25.65
N LYS I 173 -39.82 -67.80 26.66
CA LYS I 173 -40.64 -68.17 27.77
C LYS I 173 -41.17 -66.92 28.48
N HIS I 174 -40.26 -65.99 28.81
CA HIS I 174 -40.64 -64.75 29.50
C HIS I 174 -41.18 -63.67 28.60
N LYS I 175 -41.25 -63.93 27.29
CA LYS I 175 -41.74 -62.94 26.35
C LYS I 175 -40.82 -61.68 26.32
N ILE I 176 -39.51 -61.93 26.37
CA ILE I 176 -38.51 -60.85 26.33
C ILE I 176 -37.77 -60.82 24.97
N VAL I 177 -37.53 -59.62 24.47
CA VAL I 177 -36.83 -59.42 23.20
C VAL I 177 -35.35 -59.75 23.37
N SER I 178 -34.83 -60.60 22.48
CA SER I 178 -33.44 -60.97 22.51
C SER I 178 -32.68 -60.19 21.44
N ILE I 179 -31.53 -59.66 21.84
CA ILE I 179 -30.65 -58.89 20.96
C ILE I 179 -29.30 -59.58 20.78
N CYS I 180 -28.95 -59.92 19.53
CA CYS I 180 -27.68 -60.56 19.21
C CYS I 180 -26.77 -59.69 18.33
N ASP I 181 -25.57 -59.41 18.84
CA ASP I 181 -24.59 -58.63 18.15
C ASP I 181 -23.83 -59.68 17.34
N ASN I 182 -24.09 -59.69 16.03
CA ASN I 182 -23.48 -60.67 15.12
C ASN I 182 -22.33 -60.08 14.29
N THR I 183 -21.71 -59.02 14.82
CA THR I 183 -20.63 -58.36 14.13
C THR I 183 -19.48 -59.24 13.64
N VAL I 184 -18.90 -60.01 14.55
CA VAL I 184 -17.72 -60.82 14.20
C VAL I 184 -17.99 -61.98 13.28
N ALA I 185 -19.05 -62.70 13.54
CA ALA I 185 -19.39 -63.83 12.69
C ALA I 185 -19.83 -63.41 11.29
N THR I 186 -20.58 -62.32 11.23
CA THR I 186 -21.14 -61.74 10.01
C THR I 186 -22.34 -62.59 9.61
N PRO I 187 -23.25 -62.04 8.78
CA PRO I 187 -24.39 -62.80 8.38
C PRO I 187 -24.02 -63.98 7.51
N PHE I 188 -22.80 -63.98 6.94
CA PHE I 188 -22.39 -65.09 6.10
C PHE I 188 -21.87 -66.33 6.81
N LEU I 189 -21.55 -66.23 8.10
CA LEU I 189 -21.07 -67.40 8.80
C LEU I 189 -22.08 -67.89 9.82
N LEU I 190 -22.97 -67.00 10.24
CA LEU I 190 -23.99 -67.33 11.24
C LEU I 190 -25.24 -66.46 11.06
N GLN I 191 -26.42 -67.09 11.16
CA GLN I 191 -27.71 -66.41 11.01
C GLN I 191 -28.51 -66.51 12.30
N PRO I 192 -28.24 -65.63 13.27
CA PRO I 192 -28.99 -65.70 14.51
C PRO I 192 -30.51 -65.79 14.37
N PHE I 193 -31.10 -65.17 13.35
CA PHE I 193 -32.55 -65.27 13.20
C PHE I 193 -33.04 -66.72 13.08
N LYS I 194 -32.25 -67.59 12.47
CA LYS I 194 -32.60 -68.98 12.34
C LYS I 194 -32.79 -69.60 13.68
N HIS I 195 -32.14 -69.06 14.70
CA HIS I 195 -32.28 -69.66 16.02
C HIS I 195 -33.15 -68.94 17.01
N GLY I 196 -34.12 -68.16 16.52
CA GLY I 196 -35.03 -67.43 17.39
C GLY I 196 -34.70 -66.02 17.85
N VAL I 197 -33.59 -65.46 17.39
CA VAL I 197 -33.25 -64.13 17.80
C VAL I 197 -34.27 -63.16 17.25
N ASP I 198 -34.58 -62.14 18.03
CA ASP I 198 -35.55 -61.10 17.68
C ASP I 198 -34.92 -59.90 16.94
N VAL I 199 -33.84 -59.39 17.51
CA VAL I 199 -33.12 -58.27 16.97
C VAL I 199 -31.62 -58.50 16.85
N ILE I 200 -31.06 -58.16 15.70
CA ILE I 200 -29.63 -58.28 15.47
C ILE I 200 -28.97 -56.92 15.30
N VAL I 201 -27.85 -56.72 16.00
CA VAL I 201 -27.10 -55.48 15.83
C VAL I 201 -25.73 -55.83 15.21
N HIS I 202 -25.24 -54.91 14.42
CA HIS I 202 -23.96 -55.06 13.78
C HIS I 202 -23.17 -53.78 13.84
N SER I 203 -21.87 -53.95 14.03
CA SER I 203 -20.99 -52.81 13.95
C SER I 203 -20.53 -52.99 12.48
N LEU I 204 -21.11 -52.25 11.56
CA LEU I 204 -20.76 -52.32 10.13
C LEU I 204 -19.32 -51.85 9.89
N SER I 205 -18.85 -51.08 10.84
N SER I 205 -18.84 -51.09 10.84
CA SER I 205 -17.52 -50.50 10.86
CA SER I 205 -17.51 -50.51 10.85
C SER I 205 -16.42 -51.57 10.75
C SER I 205 -16.42 -51.58 10.72
N TYR I 207 -16.27 -55.84 9.81
CA TYR I 207 -16.24 -56.66 8.57
C TYR I 207 -17.01 -56.19 7.35
N VAL I 208 -18.18 -55.60 7.54
CA VAL I 208 -18.97 -55.12 6.39
C VAL I 208 -18.15 -54.12 5.61
N SER I 209 -17.48 -53.22 6.31
CA SER I 209 -16.61 -52.24 5.67
C SER I 209 -15.46 -53.05 5.13
N GLY I 210 -14.83 -53.79 6.04
CA GLY I 210 -13.72 -54.67 5.73
C GLY I 210 -12.40 -54.01 5.41
N GLN I 211 -12.38 -52.69 5.48
CA GLN I 211 -11.18 -51.91 5.15
C GLN I 211 -10.83 -50.74 6.06
N GLY I 212 -11.45 -50.68 7.23
CA GLY I 212 -11.18 -49.63 8.19
C GLY I 212 -11.44 -48.24 7.68
N THR I 213 -12.44 -48.11 6.82
CA THR I 213 -12.76 -46.82 6.25
C THR I 213 -14.12 -46.21 6.53
N ALA I 214 -15.08 -46.96 7.04
CA ALA I 214 -16.38 -46.36 7.26
C ALA I 214 -17.02 -46.83 8.53
N LEU I 215 -17.14 -45.89 9.44
CA LEU I 215 -17.73 -46.14 10.71
C LEU I 215 -19.24 -46.25 10.44
N GLY I 216 -19.89 -47.22 11.07
CA GLY I 216 -21.31 -47.42 10.88
C GLY I 216 -21.89 -48.58 11.65
N GLY I 217 -23.21 -48.55 11.85
CA GLY I 217 -23.91 -49.60 12.57
C GLY I 217 -25.28 -49.90 11.98
N ALA I 218 -25.89 -50.99 12.41
CA ALA I 218 -27.22 -51.33 11.92
C ALA I 218 -28.04 -52.14 12.92
N LEU I 219 -29.35 -51.90 12.91
CA LEU I 219 -30.28 -52.63 13.79
C LEU I 219 -31.18 -53.35 12.82
N ILE I 220 -31.26 -54.66 12.96
CA ILE I 220 -32.08 -55.46 12.07
C ILE I 220 -33.12 -56.24 12.87
N GLU I 221 -34.35 -56.26 12.38
CA GLU I 221 -35.42 -56.97 13.13
C GLU I 221 -35.89 -58.18 12.32
N ARG I 222 -36.27 -59.21 13.04
CA ARG I 222 -36.74 -60.43 12.39
C ARG I 222 -38.12 -60.25 11.84
N LYS I 223 -38.53 -61.23 11.05
CA LYS I 223 -39.88 -61.23 10.51
C LYS I 223 -40.84 -61.55 11.67
N ASP I 224 -42.00 -60.89 11.67
CA ASP I 224 -43.06 -61.08 12.66
C ASP I 224 -42.72 -60.64 14.09
N LEU I 225 -41.74 -59.74 14.25
CA LEU I 225 -41.41 -59.27 15.61
C LEU I 225 -42.62 -58.57 16.28
N ASN I 226 -43.54 -58.01 15.48
CA ASN I 226 -44.72 -57.36 16.02
C ASN I 226 -45.48 -58.30 16.97
N ASP I 227 -45.55 -59.58 16.58
CA ASP I 227 -46.23 -60.62 17.38
C ASP I 227 -45.75 -60.57 18.83
N LEU I 228 -44.46 -60.35 19.03
CA LEU I 228 -43.87 -60.29 20.37
C LEU I 228 -44.02 -58.94 21.08
N LEU I 229 -44.07 -57.85 20.30
CA LEU I 229 -44.21 -56.50 20.88
C LEU I 229 -45.66 -56.05 21.09
N LYS I 230 -46.52 -56.33 20.13
CA LYS I 230 -47.92 -55.97 20.24
C LYS I 230 -48.64 -56.78 21.32
N ASN I 231 -49.47 -56.10 22.12
CA ASN I 231 -50.24 -56.71 23.21
C ASN I 231 -49.36 -57.47 24.20
N ASN I 232 -48.24 -56.88 24.55
CA ASN I 232 -47.32 -57.49 25.47
C ASN I 232 -47.11 -56.44 26.55
N ASP I 233 -47.59 -56.76 27.74
CA ASP I 233 -47.51 -55.90 28.91
C ASP I 233 -46.11 -55.48 29.27
N ARG I 234 -45.14 -56.22 28.79
CA ARG I 234 -43.76 -55.89 29.09
C ARG I 234 -43.29 -54.67 28.27
N TYR I 235 -43.96 -54.40 27.16
CA TYR I 235 -43.57 -53.28 26.29
C TYR I 235 -44.70 -52.28 26.05
N LYS I 236 -44.94 -51.40 27.02
CA LYS I 236 -45.98 -50.38 26.89
C LYS I 236 -45.73 -49.30 25.85
N ALA I 237 -44.47 -48.96 25.59
CA ALA I 237 -44.16 -47.94 24.57
C ALA I 237 -44.76 -48.32 23.20
N PHE I 238 -44.89 -49.61 22.94
CA PHE I 238 -45.46 -50.08 21.67
C PHE I 238 -46.97 -50.37 21.73
N ASN I 239 -47.60 -50.05 22.85
CA ASN I 239 -49.03 -50.30 23.04
C ASN I 239 -49.79 -49.19 23.75
N THR I 240 -49.29 -47.96 23.70
CA THR I 240 -49.96 -46.84 24.38
C THR I 240 -49.90 -45.59 23.50
N PRO I 241 -50.98 -44.79 23.49
CA PRO I 241 -50.98 -43.59 22.66
C PRO I 241 -49.76 -42.76 22.99
N ASP I 242 -49.05 -42.28 21.96
CA ASP I 242 -47.85 -41.50 22.17
C ASP I 242 -48.13 -40.00 21.91
N PRO I 243 -47.90 -39.15 22.93
CA PRO I 243 -48.14 -37.71 22.79
C PRO I 243 -47.25 -37.05 21.75
N SER I 244 -46.03 -37.57 21.54
CA SER I 244 -45.12 -36.97 20.54
C SER I 244 -45.76 -37.09 19.15
N TYR I 245 -46.66 -38.06 18.96
CA TYR I 245 -47.37 -38.28 17.67
C TYR I 245 -48.88 -38.20 17.72
N HIS I 246 -49.39 -37.20 18.43
CA HIS I 246 -50.83 -36.98 18.57
C HIS I 246 -51.62 -38.24 18.86
N GLY I 247 -51.24 -38.91 19.94
CA GLY I 247 -51.92 -40.12 20.38
C GLY I 247 -51.72 -41.41 19.60
N LEU I 248 -50.91 -41.39 18.55
CA LEU I 248 -50.66 -42.60 17.78
C LEU I 248 -50.24 -43.76 18.67
N ASN I 249 -50.84 -44.92 18.44
CA ASN I 249 -50.52 -46.11 19.20
C ASN I 249 -49.89 -47.07 18.20
N LEU I 250 -48.61 -47.38 18.41
CA LEU I 250 -47.88 -48.26 17.48
C LEU I 250 -48.49 -49.63 17.22
N ASN I 251 -49.16 -50.21 18.21
CA ASN I 251 -49.74 -51.53 17.98
C ASN I 251 -50.84 -51.53 16.92
N THR I 252 -51.22 -50.34 16.45
CA THR I 252 -52.24 -50.19 15.39
C THR I 252 -51.65 -50.26 13.99
N LEU I 253 -50.33 -50.21 13.89
CA LEU I 253 -49.67 -50.21 12.58
C LEU I 253 -49.30 -51.54 11.99
N ASP I 254 -49.50 -51.64 10.68
CA ASP I 254 -49.16 -52.85 9.96
C ASP I 254 -47.78 -52.55 9.30
N LEU I 255 -46.77 -52.41 10.17
CA LEU I 255 -45.40 -52.12 9.79
C LEU I 255 -44.48 -52.61 10.87
N PRO I 256 -43.18 -52.81 10.55
CA PRO I 256 -42.26 -53.27 11.60
C PRO I 256 -42.16 -52.15 12.61
N ILE I 257 -42.95 -52.24 13.66
CA ILE I 257 -42.99 -51.19 14.68
C ILE I 257 -41.70 -50.95 15.47
N PHE I 258 -40.85 -51.96 15.59
CA PHE I 258 -39.57 -51.79 16.30
C PHE I 258 -38.73 -50.79 15.50
N SER I 259 -38.63 -51.04 14.19
CA SER I 259 -37.86 -50.19 13.29
C SER I 259 -38.49 -48.82 13.17
N ILE I 260 -39.80 -48.78 13.10
CA ILE I 260 -40.51 -47.51 12.99
C ILE I 260 -40.20 -46.62 14.17
N ARG I 261 -40.17 -47.18 15.37
CA ARG I 261 -39.90 -46.36 16.51
C ARG I 261 -38.46 -45.85 16.43
N VAL I 262 -37.55 -46.69 15.98
CA VAL I 262 -36.15 -46.26 15.87
C VAL I 262 -36.05 -45.03 15.01
N ILE I 263 -36.85 -45.01 13.96
CA ILE I 263 -36.83 -43.87 13.05
C ILE I 263 -37.54 -42.61 13.55
N ILE I 264 -38.82 -42.74 13.84
CA ILE I 264 -39.62 -41.57 14.27
C ILE I 264 -39.27 -41.01 15.64
N THR I 265 -38.56 -41.80 16.44
CA THR I 265 -38.18 -41.32 17.74
C THR I 265 -36.67 -41.19 17.97
N TRP I 266 -35.94 -42.30 17.92
CA TRP I 266 -34.49 -42.26 18.21
C TRP I 266 -33.64 -41.55 17.16
N LEU I 267 -33.86 -41.82 15.88
CA LEU I 267 -33.09 -41.11 14.85
C LEU I 267 -33.59 -39.68 14.82
N ARG I 268 -34.91 -39.49 14.81
CA ARG I 268 -35.47 -38.14 14.74
C ARG I 268 -35.07 -37.21 15.87
N ASP I 269 -35.07 -37.70 17.10
CA ASP I 269 -34.74 -36.88 18.23
C ASP I 269 -33.31 -36.99 18.77
N LEU I 270 -32.67 -38.15 18.69
CA LEU I 270 -31.29 -38.29 19.19
C LEU I 270 -30.25 -38.06 18.06
N GLY I 271 -30.68 -38.31 16.83
CA GLY I 271 -29.83 -38.06 15.65
C GLY I 271 -28.50 -38.69 15.35
N ALA I 272 -28.38 -40.00 15.60
CA ALA I 272 -27.15 -40.72 15.31
C ALA I 272 -27.27 -41.28 13.89
N SER I 273 -27.38 -40.36 12.93
CA SER I 273 -27.54 -40.65 11.54
C SER I 273 -26.30 -41.08 10.82
N LEU I 274 -26.48 -42.04 9.94
CA LEU I 274 -25.38 -42.56 9.14
C LEU I 274 -25.25 -41.68 7.87
N ALA I 275 -24.07 -41.06 7.70
CA ALA I 275 -23.81 -40.23 6.56
C ALA I 275 -23.86 -41.05 5.26
N PRO I 276 -24.33 -40.44 4.15
CA PRO I 276 -24.49 -41.07 2.83
C PRO I 276 -23.22 -41.70 2.23
N GLN I 277 -22.11 -41.03 2.42
CA GLN I 277 -20.87 -41.53 1.89
C GLN I 277 -20.54 -42.83 2.64
N ASN I 278 -20.69 -42.83 3.97
CA ASN I 278 -20.39 -44.04 4.75
C ASN I 278 -21.33 -45.17 4.37
N ALA I 279 -22.60 -44.84 4.23
CA ALA I 279 -23.60 -45.82 3.87
C ALA I 279 -23.24 -46.44 2.51
N TRP I 280 -22.89 -45.59 1.56
CA TRP I 280 -22.52 -46.06 0.22
C TRP I 280 -21.28 -47.01 0.29
N LEU I 281 -20.24 -46.59 1.03
CA LEU I 281 -19.06 -47.42 1.16
C LEU I 281 -19.41 -48.75 1.78
N LEU I 282 -20.26 -48.71 2.80
CA LEU I 282 -20.71 -49.91 3.48
C LEU I 282 -21.49 -50.83 2.51
N LEU I 283 -22.27 -50.25 1.60
CA LEU I 283 -22.95 -51.06 0.62
C LEU I 283 -21.93 -51.75 -0.23
N GLN I 284 -20.87 -51.05 -0.59
CA GLN I 284 -19.82 -51.66 -1.44
C GLN I 284 -19.17 -52.80 -0.71
N GLY I 285 -18.90 -52.61 0.57
CA GLY I 285 -18.27 -53.65 1.35
C GLY I 285 -19.15 -54.84 1.50
N LEU I 286 -20.43 -54.61 1.65
CA LEU I 286 -21.39 -55.71 1.80
C LEU I 286 -21.32 -56.59 0.57
N GLU I 287 -21.19 -55.98 -0.60
CA GLU I 287 -21.13 -56.75 -1.85
C GLU I 287 -20.05 -57.80 -1.87
N THR I 288 -18.90 -57.48 -1.28
CA THR I 288 -17.76 -58.39 -1.26
C THR I 288 -17.48 -59.14 0.03
N LEU I 289 -18.31 -58.95 1.05
CA LEU I 289 -18.09 -59.61 2.31
C LEU I 289 -18.04 -61.12 2.23
N ALA I 290 -18.88 -61.71 1.40
CA ALA I 290 -18.87 -63.17 1.27
C ALA I 290 -17.50 -63.72 0.86
N VAL I 291 -16.87 -63.11 -0.11
CA VAL I 291 -15.56 -63.61 -0.54
C VAL I 291 -14.50 -63.26 0.49
N ARG I 292 -14.55 -62.05 1.01
CA ARG I 292 -13.59 -61.62 2.01
C ARG I 292 -13.57 -62.39 3.30
N ILE I 293 -14.75 -62.65 3.87
CA ILE I 293 -14.80 -63.35 5.16
C ILE I 293 -14.20 -64.74 5.07
N GLU I 294 -14.29 -65.38 3.92
CA GLU I 294 -13.71 -66.71 3.76
C GLU I 294 -12.19 -66.62 3.84
N LYS I 295 -11.59 -65.59 3.24
CA LYS I 295 -10.14 -65.44 3.27
C LYS I 295 -9.73 -65.09 4.69
N HIS I 296 -10.45 -64.17 5.32
CA HIS I 296 -10.14 -63.83 6.68
C HIS I 296 -10.12 -65.09 7.51
N SER I 297 -11.14 -65.93 7.33
CA SER I 297 -11.27 -67.18 8.07
C SER I 297 -10.15 -68.22 7.76
N GLN I 298 -9.89 -68.45 6.49
CA GLN I 298 -8.84 -69.38 6.10
C GLN I 298 -7.51 -68.89 6.69
N ASN I 299 -7.19 -67.60 6.54
CA ASN I 299 -5.96 -67.06 7.11
C ASN I 299 -5.91 -67.22 8.63
N ALA I 300 -7.02 -66.92 9.30
CA ALA I 300 -7.05 -67.04 10.76
C ALA I 300 -6.77 -68.44 11.25
N GLU I 301 -7.35 -69.43 10.57
CA GLU I 301 -7.15 -70.81 10.95
C GLU I 301 -5.69 -71.21 10.84
N LYS I 302 -5.03 -70.84 9.76
CA LYS I 302 -3.62 -71.17 9.59
C LYS I 302 -2.76 -70.51 10.64
N VAL I 303 -3.05 -69.25 10.94
CA VAL I 303 -2.31 -68.52 11.96
C VAL I 303 -2.56 -69.19 13.29
N ALA I 304 -3.80 -69.61 13.54
CA ALA I 304 -4.13 -70.24 14.77
C ALA I 304 -3.34 -71.55 14.94
N ASN I 305 -3.31 -72.37 13.89
CA ASN I 305 -2.58 -73.63 13.93
C ASN I 305 -1.11 -73.44 14.18
N PHE I 306 -0.55 -72.42 13.53
CA PHE I 306 0.86 -72.07 13.70
C PHE I 306 1.12 -71.64 15.14
N LEU I 307 0.31 -70.74 15.68
CA LEU I 307 0.49 -70.30 17.07
C LEU I 307 0.35 -71.45 18.05
N ASN I 308 -0.64 -72.29 17.79
CA ASN I 308 -0.94 -73.41 18.64
C ASN I 308 0.20 -74.45 18.75
N SER I 309 1.10 -74.47 17.78
CA SER I 309 2.20 -75.43 17.80
C SER I 309 3.53 -74.81 18.14
N HIS I 310 3.56 -73.50 18.31
CA HIS I 310 4.82 -72.86 18.59
C HIS I 310 5.12 -72.93 20.10
N PRO I 311 6.34 -73.35 20.46
CA PRO I 311 6.74 -73.48 21.86
C PRO I 311 6.72 -72.21 22.72
N ASP I 312 6.93 -71.04 22.14
CA ASP I 312 6.89 -69.79 22.90
C ASP I 312 5.48 -69.25 23.14
N ILE I 313 4.44 -69.98 22.73
CA ILE I 313 3.04 -69.54 22.88
C ILE I 313 2.36 -70.44 23.89
N LYS I 314 1.71 -69.85 24.87
CA LYS I 314 1.07 -70.65 25.92
C LYS I 314 -0.41 -70.97 25.82
N GLY I 315 -1.09 -70.56 24.76
CA GLY I 315 -2.51 -70.86 24.66
C GLY I 315 -3.09 -70.06 23.53
N VAL I 316 -3.99 -70.68 22.77
CA VAL I 316 -4.61 -70.03 21.63
C VAL I 316 -6.11 -70.14 21.70
N ASN I 317 -6.78 -69.03 21.42
CA ASN I 317 -8.20 -68.97 21.48
C ASN I 317 -8.83 -68.84 20.09
N TYR I 318 -9.28 -69.95 19.48
CA TYR I 318 -9.91 -69.88 18.15
C TYR I 318 -10.79 -71.12 18.04
N PRO I 319 -12.06 -70.95 17.63
CA PRO I 319 -13.02 -72.07 17.59
C PRO I 319 -12.74 -73.27 16.74
N THR I 320 -11.92 -73.15 15.70
CA THR I 320 -11.64 -74.28 14.85
C THR I 320 -10.70 -75.29 15.55
N LEU I 321 -10.02 -74.85 16.59
CA LEU I 321 -9.12 -75.75 17.33
C LEU I 321 -9.95 -76.73 18.14
N ALA I 322 -9.76 -78.02 17.85
CA ALA I 322 -10.51 -79.13 18.51
C ALA I 322 -10.51 -79.13 20.03
N SER I 323 -9.46 -78.57 20.63
CA SER I 323 -9.34 -78.48 22.09
C SER I 323 -10.02 -77.25 22.67
N ASN I 324 -10.46 -76.35 21.82
CA ASN I 324 -11.10 -75.15 22.30
C ASN I 324 -12.47 -75.48 22.95
N ALA I 325 -12.80 -74.74 23.99
CA ALA I 325 -14.05 -74.95 24.75
C ALA I 325 -15.31 -74.64 23.98
N TYR I 326 -15.19 -73.85 22.93
CA TYR I 326 -16.35 -73.52 22.13
C TYR I 326 -16.40 -74.26 20.82
N HIS I 327 -15.52 -75.24 20.65
CA HIS I 327 -15.47 -76.01 19.39
C HIS I 327 -16.78 -76.71 19.03
N ASN I 328 -17.44 -77.33 20.01
CA ASN I 328 -18.72 -78.02 19.75
C ASN I 328 -19.82 -77.05 19.35
N LEU I 329 -19.86 -75.91 20.03
CA LEU I 329 -20.85 -74.88 19.72
C LEU I 329 -20.55 -74.34 18.31
N PHE I 330 -19.26 -74.29 17.97
CA PHE I 330 -18.85 -73.83 16.66
C PHE I 330 -19.42 -74.77 15.59
N LYS I 331 -19.17 -76.07 15.77
CA LYS I 331 -19.68 -77.08 14.83
C LYS I 331 -21.20 -77.09 14.77
N LYS I 332 -21.84 -76.78 15.86
CA LYS I 332 -23.28 -76.77 15.89
C LYS I 332 -23.93 -75.58 15.16
N TYR I 333 -23.39 -74.38 15.33
CA TYR I 333 -23.97 -73.20 14.68
C TYR I 333 -23.35 -72.64 13.40
N PHE I 334 -22.12 -72.99 13.10
CA PHE I 334 -21.45 -72.48 11.90
C PHE I 334 -21.46 -73.52 10.77
N ASP I 335 -22.39 -73.35 9.85
CA ASP I 335 -22.54 -74.29 8.70
C ASP I 335 -21.38 -74.38 7.69
N LYS I 336 -20.72 -73.27 7.40
CA LYS I 336 -19.58 -73.27 6.42
C LYS I 336 -18.17 -73.56 6.93
N ASN I 337 -18.13 -73.94 8.16
CA ASN I 337 -16.88 -74.25 8.80
C ASN I 337 -15.78 -73.16 8.74
N PHE I 338 -16.19 -71.90 8.86
CA PHE I 338 -15.29 -70.75 8.89
C PHE I 338 -15.64 -70.04 10.19
N ALA I 339 -14.63 -69.56 10.91
CA ALA I 339 -14.85 -68.93 12.21
C ALA I 339 -14.46 -67.45 12.33
N SER I 340 -14.37 -66.80 11.18
CA SER I 340 -14.03 -65.39 11.10
C SER I 340 -12.54 -65.11 11.35
N GLY I 341 -12.19 -63.83 11.39
CA GLY I 341 -10.79 -63.42 11.56
C GLY I 341 -10.26 -62.91 12.87
N LEU I 342 -11.01 -63.09 13.94
CA LEU I 342 -10.54 -62.63 15.23
C LEU I 342 -10.04 -63.78 16.06
N LEU I 343 -8.93 -63.60 16.75
CA LEU I 343 -8.41 -64.67 17.60
C LEU I 343 -7.54 -64.04 18.65
N SER I 344 -7.22 -64.78 19.69
CA SER I 344 -6.35 -64.24 20.74
C SER I 344 -5.41 -65.36 21.18
N PHE I 345 -4.30 -65.00 21.82
CA PHE I 345 -3.37 -65.98 22.29
C PHE I 345 -2.61 -65.43 23.49
N GLU I 346 -2.01 -66.36 24.25
CA GLU I 346 -1.23 -66.05 25.44
C GLU I 346 0.26 -66.11 25.12
N ALA I 347 0.97 -65.03 25.44
CA ALA I 347 2.41 -64.96 25.23
C ALA I 347 2.99 -65.56 26.50
N LYS I 348 4.30 -65.64 26.60
CA LYS I 348 4.97 -66.21 27.79
C LYS I 348 4.58 -65.40 29.02
N ASP I 349 4.60 -64.09 28.87
CA ASP I 349 4.28 -63.15 29.95
C ASP I 349 4.08 -61.73 29.39
N TYR I 350 3.78 -60.79 30.28
CA TYR I 350 3.58 -59.41 29.90
C TYR I 350 4.71 -58.84 29.05
N GLU I 351 5.95 -59.01 29.49
CA GLU I 351 7.08 -58.49 28.71
C GLU I 351 7.18 -59.06 27.29
N HIS I 352 6.80 -60.32 27.12
CA HIS I 352 6.85 -60.98 25.81
C HIS I 352 5.74 -60.43 24.93
N ALA I 353 4.56 -60.25 25.52
CA ALA I 353 3.39 -59.72 24.80
C ALA I 353 3.70 -58.32 24.24
N ARG I 354 4.49 -57.54 24.99
CA ARG I 354 4.88 -56.21 24.56
C ARG I 354 5.88 -56.27 23.47
N ARG I 355 6.87 -57.15 23.58
CA ARG I 355 7.89 -57.21 22.51
C ARG I 355 7.25 -57.55 21.18
N ILE I 356 6.30 -58.46 21.25
CA ILE I 356 5.59 -58.88 20.06
C ILE I 356 4.89 -57.68 19.43
N CYS I 357 4.09 -56.96 20.21
CA CYS I 357 3.38 -55.78 19.68
C CYS I 357 4.32 -54.76 19.10
N ASP I 358 5.52 -54.64 19.67
CA ASP I 358 6.52 -53.67 19.22
C ASP I 358 7.38 -54.15 18.05
N LYS I 359 7.36 -55.45 17.77
CA LYS I 359 8.15 -56.06 16.67
C LYS I 359 7.44 -56.40 15.35
N THR I 360 6.11 -56.55 15.36
CA THR I 360 5.40 -56.91 14.11
C THR I 360 5.51 -55.82 13.08
N GLN I 361 5.63 -56.23 11.80
CA GLN I 361 5.74 -55.29 10.67
C GLN I 361 4.46 -55.29 9.77
N LEU I 362 3.72 -56.40 9.72
CA LEU I 362 2.49 -56.47 8.93
C LEU I 362 1.29 -56.28 9.84
N PHE I 363 1.32 -56.90 11.00
CA PHE I 363 0.24 -56.73 11.95
C PHE I 363 0.47 -55.32 12.46
N LEU I 364 -0.52 -54.45 12.27
CA LEU I 364 -0.42 -53.08 12.68
C LEU I 364 -0.98 -52.89 14.07
N LEU I 365 -0.16 -52.30 14.97
CA LEU I 365 -0.56 -52.04 16.32
C LEU I 365 -1.63 -50.96 16.27
N ALA I 366 -2.86 -51.37 16.53
CA ALA I 366 -3.99 -50.50 16.45
C ALA I 366 -5.21 -51.09 17.15
N ALA I 367 -6.23 -50.26 17.32
CA ALA I 367 -7.46 -50.69 17.98
C ALA I 367 -8.67 -50.71 17.07
N ASN I 368 -8.83 -51.80 16.37
CA ASN I 368 -9.95 -51.99 15.45
C ASN I 368 -9.96 -53.47 15.07
N LEU I 369 -10.95 -53.91 14.30
CA LEU I 369 -10.98 -55.26 13.84
C LEU I 369 -11.72 -55.40 12.54
N GLY I 370 -11.39 -56.42 11.77
CA GLY I 370 -12.07 -56.63 10.50
C GLY I 370 -11.53 -55.78 9.36
N ASP I 371 -10.34 -55.20 9.53
CA ASP I 371 -9.72 -54.42 8.46
C ASP I 371 -9.04 -55.43 7.53
N SER I 372 -8.86 -55.05 6.28
CA SER I 372 -8.21 -55.91 5.30
C SER I 372 -6.73 -56.06 5.68
N LYS I 373 -6.21 -55.10 6.44
CA LYS I 373 -4.84 -55.17 6.94
C LYS I 373 -4.92 -55.81 8.33
N SER I 374 -3.98 -56.70 8.63
CA SER I 374 -3.94 -57.40 9.90
C SER I 374 -3.59 -56.44 11.02
N LEU I 375 -4.24 -56.61 12.17
CA LEU I 375 -4.02 -55.73 13.31
C LEU I 375 -3.68 -56.50 14.59
N ILE I 376 -3.00 -55.81 15.49
CA ILE I 376 -2.63 -56.41 16.75
C ILE I 376 -2.80 -55.43 17.91
N ILE I 377 -3.12 -55.96 19.10
CA ILE I 377 -3.31 -55.16 20.31
C ILE I 377 -3.21 -56.00 21.60
N GLY I 396 -12.42 -63.36 30.35
CA GLY I 396 -11.23 -64.22 30.08
C GLY I 396 -9.91 -63.65 29.55
N ILE I 397 -9.31 -62.66 30.20
CA ILE I 397 -8.09 -62.01 29.71
C ILE I 397 -6.98 -61.94 30.73
N THR I 398 -5.72 -61.93 30.30
CA THR I 398 -4.58 -61.84 31.23
C THR I 398 -3.56 -60.80 30.75
N LYS I 399 -2.48 -60.59 31.51
CA LYS I 399 -1.45 -59.62 31.13
C LYS I 399 -0.60 -60.09 29.97
N ALA I 400 -0.71 -61.37 29.67
CA ALA I 400 0.03 -61.96 28.57
C ALA I 400 -0.82 -62.10 27.30
N THR I 401 -2.11 -61.79 27.41
CA THR I 401 -3.03 -61.90 26.30
C THR I 401 -2.85 -60.90 25.15
N ILE I 402 -2.85 -61.44 23.93
CA ILE I 402 -2.73 -60.66 22.68
C ILE I 402 -3.90 -60.98 21.80
N ARG I 403 -4.50 -59.94 21.21
CA ARG I 403 -5.64 -60.14 20.33
C ARG I 403 -5.17 -59.78 18.92
N LEU I 404 -5.54 -60.62 17.95
CA LEU I 404 -5.18 -60.35 16.57
C LEU I 404 -6.41 -60.27 15.69
N SER I 405 -6.34 -59.41 14.67
CA SER I 405 -7.42 -59.27 13.70
C SER I 405 -6.72 -59.74 12.46
N ILE I 406 -7.11 -60.90 11.96
CA ILE I 406 -6.46 -61.45 10.79
C ILE I 406 -7.01 -60.83 9.50
N GLY I 407 -6.08 -60.24 8.72
CA GLY I 407 -6.40 -59.59 7.47
C GLY I 407 -6.45 -60.50 6.24
N LEU I 408 -6.34 -59.88 5.07
CA LEU I 408 -6.38 -60.57 3.80
C LEU I 408 -5.01 -60.79 3.18
N GLU I 409 -3.95 -60.50 3.93
CA GLU I 409 -2.61 -60.69 3.39
C GLU I 409 -2.30 -62.18 3.17
N ASN I 410 -1.17 -62.45 2.52
CA ASN I 410 -0.76 -63.82 2.28
C ASN I 410 -0.42 -64.47 3.66
N SER I 411 -0.99 -65.64 3.95
CA SER I 411 -0.77 -66.32 5.22
C SER I 411 0.68 -66.61 5.57
N ASP I 412 1.47 -67.02 4.58
CA ASP I 412 2.88 -67.27 4.88
C ASP I 412 3.56 -65.99 5.37
N ASP I 413 3.23 -64.86 4.71
CA ASP I 413 3.80 -63.56 5.12
C ASP I 413 3.37 -63.21 6.54
N LEU I 414 2.10 -63.47 6.86
CA LEU I 414 1.57 -63.17 8.18
C LEU I 414 2.24 -64.03 9.25
N ILE I 415 2.32 -65.31 8.98
CA ILE I 415 2.96 -66.23 9.86
C ILE I 415 4.42 -65.81 10.06
N ALA I 416 5.12 -65.51 9.00
CA ALA I 416 6.53 -65.10 9.10
C ALA I 416 6.70 -63.85 9.97
N ASP I 417 5.77 -62.90 9.83
CA ASP I 417 5.84 -61.67 10.60
C ASP I 417 5.64 -62.02 12.07
N LEU I 418 4.65 -62.84 12.37
CA LEU I 418 4.43 -63.23 13.77
C LEU I 418 5.57 -64.07 14.33
N LYS I 419 6.14 -64.92 13.47
CA LYS I 419 7.23 -65.79 13.90
C LYS I 419 8.40 -64.97 14.38
N GLN I 420 8.85 -64.02 13.56
CA GLN I 420 9.99 -63.18 13.95
C GLN I 420 9.68 -62.33 15.20
N ALA I 421 8.45 -61.87 15.35
CA ALA I 421 8.09 -61.06 16.52
C ALA I 421 8.11 -61.92 17.78
N ILE I 422 7.49 -63.08 17.70
CA ILE I 422 7.44 -64.01 18.83
C ILE I 422 8.79 -64.53 19.29
N GLU I 423 9.66 -64.81 18.34
CA GLU I 423 11.02 -65.36 18.62
C GLU I 423 12.16 -64.37 19.00
N ASN J 3 -4.70 -10.59 17.14
CA ASN J 3 -5.44 -11.74 16.51
C ASN J 3 -6.28 -11.37 15.27
N PHE J 4 -6.53 -12.34 14.37
CA PHE J 4 -7.31 -12.14 13.13
C PHE J 4 -8.83 -12.03 13.26
N ASN J 5 -9.47 -11.55 12.19
CA ASN J 5 -10.93 -11.45 12.17
C ASN J 5 -11.61 -12.82 11.90
N LYS J 6 -12.89 -12.91 12.23
CA LYS J 6 -13.65 -14.12 12.03
C LYS J 6 -13.58 -14.70 10.63
N GLU J 7 -13.70 -13.85 9.62
CA GLU J 7 -13.65 -14.33 8.26
C GLU J 7 -12.34 -15.07 8.03
N THR J 8 -11.26 -14.53 8.58
CA THR J 8 -9.95 -15.11 8.41
C THR J 8 -9.80 -16.44 9.16
N LEU J 9 -10.38 -16.49 10.35
CA LEU J 9 -10.34 -17.70 11.18
C LEU J 9 -11.12 -18.88 10.60
N ALA J 10 -12.07 -18.59 9.72
CA ALA J 10 -12.84 -19.64 9.09
C ALA J 10 -12.05 -20.29 7.95
N LEU J 11 -10.95 -19.66 7.58
CA LEU J 11 -10.05 -20.08 6.51
C LEU J 11 -8.64 -20.56 6.89
N HIS J 12 -8.15 -20.07 8.02
CA HIS J 12 -6.85 -20.42 8.54
C HIS J 12 -6.93 -20.78 10.02
N GLY J 13 -6.17 -21.79 10.42
CA GLY J 13 -6.14 -22.22 11.81
C GLY J 13 -6.47 -23.68 12.04
N ALA J 14 -6.03 -24.17 13.19
CA ALA J 14 -6.24 -25.56 13.61
C ALA J 14 -5.82 -26.65 12.60
N TYR J 15 -4.94 -26.33 11.68
CA TYR J 15 -4.45 -27.24 10.65
C TYR J 15 -3.08 -26.72 10.24
N ASN J 16 -2.03 -27.45 10.59
CA ASN J 16 -0.65 -27.03 10.27
C ASN J 16 0.01 -27.69 9.03
N PHE J 17 -0.73 -28.42 8.20
CA PHE J 17 -0.20 -29.08 7.00
C PHE J 17 0.60 -30.32 7.42
N ASP J 18 0.20 -31.50 7.00
CA ASP J 18 0.96 -32.69 7.38
C ASP J 18 2.22 -32.77 6.51
N THR J 19 2.74 -33.97 6.30
CA THR J 19 3.93 -34.16 5.51
C THR J 19 3.76 -33.69 4.06
N GLN J 20 2.59 -33.97 3.50
CA GLN J 20 2.28 -33.61 2.12
C GLN J 20 2.03 -32.14 1.84
N ARG J 21 1.75 -31.40 2.90
CA ARG J 21 1.49 -29.98 2.82
C ARG J 21 0.35 -29.56 1.87
N SER J 22 -0.73 -30.31 1.90
CA SER J 22 -1.90 -30.03 1.08
C SER J 22 -2.55 -28.79 1.69
N ILE J 23 -2.93 -27.83 0.86
CA ILE J 23 -3.56 -26.61 1.35
C ILE J 23 -4.93 -26.94 1.92
N SER J 24 -5.61 -27.86 1.26
CA SER J 24 -6.94 -28.28 1.71
C SER J 24 -6.74 -29.35 2.77
N VAL J 25 -7.66 -29.42 3.73
CA VAL J 25 -7.56 -30.42 4.80
C VAL J 25 -7.86 -31.80 4.20
N PRO J 26 -7.00 -32.77 4.46
CA PRO J 26 -7.28 -34.05 3.89
C PRO J 26 -8.49 -34.72 4.51
N ILE J 27 -9.13 -35.59 3.73
CA ILE J 27 -10.32 -36.32 4.20
C ILE J 27 -9.85 -37.68 4.72
N TYR J 28 -9.85 -37.81 6.04
CA TYR J 28 -9.43 -39.06 6.69
C TYR J 28 -10.57 -40.06 6.75
N GLN J 29 -10.85 -40.66 5.60
CA GLN J 29 -11.92 -41.66 5.47
C GLN J 29 -11.24 -42.87 6.09
N ASN J 30 -11.26 -42.86 7.42
CA ASN J 30 -10.60 -43.84 8.19
C ASN J 30 -11.14 -43.99 9.60
N THR J 31 -11.11 -45.22 10.13
CA THR J 31 -11.61 -45.47 11.49
C THR J 31 -10.53 -45.68 12.59
N ALA J 32 -9.37 -46.22 12.20
CA ALA J 32 -8.31 -46.50 13.19
C ALA J 32 -6.97 -45.90 12.85
N TYR J 33 -6.12 -45.88 13.87
CA TYR J 33 -4.78 -45.31 13.76
C TYR J 33 -3.68 -46.26 14.25
N ASN J 34 -2.51 -46.19 13.61
CA ASN J 34 -1.40 -47.04 13.97
C ASN J 34 -0.59 -46.41 15.08
N PHE J 35 -0.72 -46.93 16.29
CA PHE J 35 0.02 -46.38 17.44
C PHE J 35 1.47 -46.71 17.17
N GLU J 36 2.38 -45.81 17.55
CA GLU J 36 3.82 -45.99 17.32
C GLU J 36 4.43 -47.04 18.23
N ASN J 37 3.80 -47.30 19.35
CA ASN J 37 4.28 -48.29 20.31
C ASN J 37 3.22 -48.52 21.36
N LEU J 38 3.37 -49.59 22.13
CA LEU J 38 2.44 -49.90 23.21
C LEU J 38 2.15 -48.82 24.26
N ASP J 39 3.20 -48.15 24.72
CA ASP J 39 3.04 -47.11 25.74
C ASP J 39 2.12 -46.01 25.26
N GLN J 40 2.41 -45.53 24.05
CA GLN J 40 1.63 -44.49 23.45
C GLN J 40 0.15 -44.85 23.43
N ALA J 41 -0.13 -46.06 23.01
CA ALA J 41 -1.51 -46.54 22.94
C ALA J 41 -2.16 -46.49 24.32
N ALA J 42 -1.63 -47.27 25.25
CA ALA J 42 -2.16 -47.30 26.61
C ALA J 42 -2.27 -45.89 27.20
N ALA J 43 -1.27 -45.07 26.96
CA ALA J 43 -1.31 -43.74 27.48
C ALA J 43 -2.54 -42.98 26.94
N ARG J 44 -2.89 -43.21 25.67
CA ARG J 44 -4.07 -42.53 25.10
C ARG J 44 -5.35 -43.07 25.69
N PHE J 45 -5.42 -44.37 25.91
CA PHE J 45 -6.63 -44.96 26.51
C PHE J 45 -6.87 -44.50 27.97
N ASN J 46 -5.82 -43.96 28.61
CA ASN J 46 -5.89 -43.47 30.01
C ASN J 46 -5.98 -41.96 30.13
N LEU J 47 -6.15 -41.27 29.01
CA LEU J 47 -6.23 -39.81 29.03
C LEU J 47 -4.94 -39.15 29.49
N GLN J 48 -3.85 -39.91 29.60
CA GLN J 48 -2.59 -39.29 29.99
C GLN J 48 -2.09 -38.50 28.77
N GLU J 49 -2.12 -39.11 27.60
CA GLU J 49 -1.69 -38.41 26.39
C GLU J 49 -2.86 -38.21 25.45
N LEU J 50 -3.01 -37.00 24.90
CA LEU J 50 -4.10 -36.73 23.94
C LEU J 50 -3.65 -37.16 22.52
N GLY J 51 -4.58 -37.69 21.74
CA GLY J 51 -4.24 -38.13 20.40
C GLY J 51 -5.25 -39.07 19.77
N ASN J 52 -4.94 -39.47 18.54
CA ASN J 52 -5.81 -40.36 17.79
C ASN J 52 -5.89 -41.76 18.34
N ILE J 53 -7.11 -42.26 18.39
CA ILE J 53 -7.39 -43.58 18.88
C ILE J 53 -8.31 -44.36 17.95
N TYR J 54 -9.53 -43.83 17.79
CA TYR J 54 -10.56 -44.46 16.97
C TYR J 54 -11.55 -43.37 16.59
N SER J 55 -11.91 -43.34 15.30
CA SER J 55 -12.81 -42.31 14.76
C SER J 55 -14.14 -42.10 15.39
N ARG J 56 -14.63 -43.08 16.15
CA ARG J 56 -15.90 -42.86 16.80
C ARG J 56 -15.75 -41.76 17.84
N LEU J 57 -14.53 -41.59 18.35
CA LEU J 57 -14.23 -40.58 19.38
C LEU J 57 -13.78 -39.29 18.74
N SER J 58 -12.77 -39.40 17.85
CA SER J 58 -12.29 -38.22 17.16
C SER J 58 -11.61 -38.61 15.86
N ASN J 59 -11.59 -37.64 14.94
CA ASN J 59 -11.00 -37.76 13.61
C ASN J 59 -10.33 -36.41 13.25
N PRO J 60 -9.10 -36.44 12.72
CA PRO J 60 -8.39 -35.21 12.38
C PRO J 60 -9.15 -34.23 11.49
N THR J 61 -9.89 -34.74 10.50
CA THR J 61 -10.67 -33.87 9.62
C THR J 61 -11.69 -33.13 10.49
N SER J 62 -12.49 -33.88 11.25
CA SER J 62 -13.48 -33.26 12.17
C SER J 62 -12.87 -32.40 13.28
N ASP J 63 -11.63 -32.68 13.67
CA ASP J 63 -10.98 -31.88 14.71
C ASP J 63 -10.74 -30.46 14.23
N VAL J 64 -10.35 -30.35 12.98
CA VAL J 64 -10.07 -29.02 12.41
C VAL J 64 -11.38 -28.22 12.46
N LEU J 65 -12.45 -28.87 12.07
CA LEU J 65 -13.76 -28.27 12.07
C LEU J 65 -14.15 -27.79 13.46
N GLY J 66 -13.96 -28.66 14.43
CA GLY J 66 -14.32 -28.33 15.82
C GLY J 66 -13.61 -27.10 16.34
N GLN J 67 -12.29 -27.08 16.16
CA GLN J 67 -11.50 -25.96 16.62
C GLN J 67 -11.84 -24.66 15.86
N ARG J 68 -12.01 -24.73 14.56
CA ARG J 68 -12.35 -23.52 13.82
C ARG J 68 -13.68 -22.98 14.23
N LEU J 69 -14.67 -23.87 14.41
CA LEU J 69 -15.98 -23.41 14.83
C LEU J 69 -15.83 -22.70 16.18
N ALA J 70 -14.98 -23.24 17.03
CA ALA J 70 -14.76 -22.62 18.35
C ALA J 70 -14.09 -21.26 18.17
N ASN J 71 -13.13 -21.21 17.26
CA ASN J 71 -12.43 -19.98 17.01
C ASN J 71 -13.35 -18.90 16.49
N VAL J 72 -14.23 -19.22 15.56
CA VAL J 72 -15.11 -18.19 15.02
C VAL J 72 -16.09 -17.71 16.06
N GLU J 73 -16.48 -18.57 16.97
CA GLU J 73 -17.42 -18.16 18.03
C GLU J 73 -16.74 -17.45 19.19
N GLY J 74 -15.42 -17.54 19.27
CA GLY J 74 -14.69 -16.91 20.35
C GLY J 74 -14.71 -17.81 21.57
N GLY J 75 -14.94 -19.09 21.34
CA GLY J 75 -14.98 -20.08 22.43
C GLY J 75 -13.65 -20.79 22.58
N ALA J 76 -13.62 -21.83 23.41
CA ALA J 76 -12.37 -22.61 23.64
C ALA J 76 -12.18 -23.91 22.86
N PHE J 77 -13.23 -24.72 22.82
CA PHE J 77 -13.13 -26.00 22.16
C PHE J 77 -14.49 -26.38 21.57
N GLY J 78 -14.44 -27.10 20.44
CA GLY J 78 -15.67 -27.51 19.78
C GLY J 78 -15.62 -28.97 19.40
N ILE J 79 -16.77 -29.60 19.44
CA ILE J 79 -16.91 -30.97 19.10
C ILE J 79 -18.01 -31.27 18.11
N PRO J 80 -17.65 -31.71 16.91
CA PRO J 80 -18.65 -32.03 15.95
C PRO J 80 -19.25 -33.41 16.20
N VAL J 81 -20.52 -33.52 15.89
CA VAL J 81 -21.29 -34.75 16.05
C VAL J 81 -22.15 -34.99 14.82
N ALA J 82 -22.82 -36.14 14.77
CA ALA J 82 -23.62 -36.53 13.60
C ALA J 82 -24.72 -35.61 13.13
N SER J 83 -25.28 -34.83 14.04
CA SER J 83 -26.35 -33.94 13.66
C SER J 83 -26.61 -32.92 14.74
N GLY J 84 -27.39 -31.91 14.37
CA GLY J 84 -27.75 -30.81 15.27
C GLY J 84 -28.51 -31.37 16.47
N ALA J 86 -28.29 -34.40 17.66
CA ALA J 86 -27.35 -35.11 18.48
C ALA J 86 -26.61 -34.10 19.34
N ALA J 87 -26.30 -32.93 18.78
CA ALA J 87 -25.60 -31.87 19.52
C ALA J 87 -26.45 -31.35 20.69
N CYS J 88 -27.74 -31.12 20.44
CA CYS J 88 -28.64 -30.68 21.50
C CYS J 88 -28.75 -31.78 22.58
N PHE J 89 -28.95 -33.02 22.15
CA PHE J 89 -29.05 -34.18 23.05
C PHE J 89 -27.79 -34.33 23.93
N TYR J 90 -26.64 -34.40 23.30
CA TYR J 90 -25.35 -34.50 24.00
C TYR J 90 -25.10 -33.35 24.96
N ALA J 91 -25.51 -32.15 24.60
CA ALA J 91 -25.29 -30.99 25.49
C ALA J 91 -26.12 -31.11 26.77
N LEU J 92 -27.37 -31.55 26.62
CA LEU J 92 -28.28 -31.71 27.75
C LEU J 92 -27.88 -32.86 28.69
N ILE J 93 -27.68 -34.04 28.12
CA ILE J 93 -27.30 -35.19 28.93
C ILE J 93 -25.90 -35.03 29.53
N ASN J 94 -25.07 -34.14 29.00
CA ASN J 94 -23.75 -33.99 29.59
C ASN J 94 -23.89 -33.20 30.88
N LEU J 95 -25.06 -32.62 31.06
CA LEU J 95 -25.37 -31.79 32.24
C LEU J 95 -26.41 -32.37 33.16
N ALA J 96 -27.42 -33.02 32.59
CA ALA J 96 -28.49 -33.60 33.36
C ALA J 96 -28.59 -35.12 33.21
N SER J 97 -28.97 -35.78 34.31
CA SER J 97 -29.14 -37.22 34.35
C SER J 97 -30.49 -37.50 35.01
N SER J 98 -30.86 -38.77 35.10
CA SER J 98 -32.14 -39.16 35.68
C SER J 98 -32.42 -38.48 37.04
N GLY J 99 -33.61 -37.90 37.14
CA GLY J 99 -34.02 -37.19 38.36
C GLY J 99 -33.78 -35.68 38.29
N ASP J 100 -33.06 -35.21 37.29
CA ASP J 100 -32.80 -33.80 37.13
C ASP J 100 -33.82 -33.16 36.16
N ASN J 101 -33.76 -31.85 36.01
CA ASN J 101 -34.66 -31.16 35.11
C ASN J 101 -33.86 -30.11 34.36
N VAL J 102 -34.43 -29.67 33.24
CA VAL J 102 -33.79 -28.67 32.40
C VAL J 102 -34.85 -27.69 32.03
N ALA J 103 -34.46 -26.44 31.93
CA ALA J 103 -35.35 -25.35 31.56
C ALA J 103 -35.17 -25.06 30.08
N TYR J 104 -36.27 -24.95 29.35
CA TYR J 104 -36.19 -24.70 27.93
C TYR J 104 -37.18 -23.66 27.40
N SER J 105 -36.73 -22.89 26.41
CA SER J 105 -37.55 -21.87 25.79
C SER J 105 -38.76 -22.46 25.08
N ASN J 106 -39.86 -21.73 25.17
CA ASN J 106 -41.12 -22.13 24.54
C ASN J 106 -41.10 -21.79 23.04
N LYS J 107 -40.04 -21.12 22.60
CA LYS J 107 -39.91 -20.78 21.19
C LYS J 107 -38.63 -21.36 20.59
N ILE J 108 -38.72 -22.62 20.20
CA ILE J 108 -37.58 -23.34 19.59
C ILE J 108 -37.99 -24.29 18.49
N TYR J 109 -36.96 -24.88 17.88
CA TYR J 109 -37.12 -25.85 16.79
C TYR J 109 -37.97 -27.01 17.29
N GLY J 110 -38.99 -27.35 16.49
CA GLY J 110 -39.93 -28.42 16.83
C GLY J 110 -39.30 -29.70 17.28
N GLY J 111 -38.28 -30.12 16.55
CA GLY J 111 -37.59 -31.34 16.88
C GLY J 111 -36.97 -31.22 18.28
N THR J 112 -36.32 -30.10 18.56
CA THR J 112 -35.68 -29.93 19.86
C THR J 112 -36.73 -29.91 20.98
N GLN J 113 -37.91 -29.41 20.63
CA GLN J 113 -39.01 -29.31 21.60
C GLN J 113 -39.49 -30.70 21.96
N THR J 114 -39.62 -31.55 20.94
CA THR J 114 -40.03 -32.93 21.15
C THR J 114 -38.96 -33.68 21.97
N LEU J 115 -37.71 -33.50 21.59
CA LEU J 115 -36.59 -34.13 22.30
C LEU J 115 -36.61 -33.82 23.79
N ILE J 116 -36.71 -32.53 24.09
CA ILE J 116 -36.71 -32.06 25.47
C ILE J 116 -37.98 -32.34 26.26
N SER J 117 -39.14 -32.00 25.72
CA SER J 117 -40.41 -32.22 26.45
C SER J 117 -40.96 -33.67 26.43
N HIS J 118 -40.58 -34.49 25.45
CA HIS J 118 -41.09 -35.88 25.44
C HIS J 118 -40.03 -36.99 25.53
N THR J 119 -39.13 -37.01 24.57
CA THR J 119 -38.09 -38.04 24.53
C THR J 119 -37.21 -38.15 25.76
N LEU J 120 -36.77 -37.04 26.31
CA LEU J 120 -35.91 -37.11 27.52
C LEU J 120 -36.60 -37.72 28.75
N LYS J 121 -37.94 -37.77 28.78
CA LYS J 121 -38.65 -38.37 29.91
C LYS J 121 -38.21 -39.81 30.05
N ASN J 122 -38.08 -40.50 28.92
CA ASN J 122 -37.62 -41.90 28.90
C ASN J 122 -36.33 -42.11 29.67
N PHE J 123 -35.54 -41.05 29.83
CA PHE J 123 -34.30 -41.18 30.55
C PHE J 123 -34.40 -40.55 31.94
N GLY J 124 -35.63 -40.29 32.39
CA GLY J 124 -35.87 -39.69 33.71
C GLY J 124 -35.44 -38.25 33.83
N ILE J 125 -35.47 -37.53 32.70
CA ILE J 125 -35.08 -36.13 32.66
C ILE J 125 -36.31 -35.28 32.40
N GLU J 126 -36.64 -34.49 33.41
CA GLU J 126 -37.81 -33.61 33.37
C GLU J 126 -37.53 -32.32 32.62
N ALA J 127 -38.52 -31.86 31.88
CA ALA J 127 -38.40 -30.63 31.12
C ALA J 127 -39.39 -29.60 31.66
N ARG J 128 -38.91 -28.36 31.82
CA ARG J 128 -39.73 -27.25 32.31
C ARG J 128 -39.65 -26.05 31.37
N GLU J 129 -40.74 -25.80 30.67
CA GLU J 129 -40.86 -24.72 29.70
C GLU J 129 -40.83 -23.33 30.35
N PHE J 130 -40.35 -22.34 29.60
CA PHE J 130 -40.34 -20.97 30.11
C PHE J 130 -40.53 -20.09 28.89
N ASP J 131 -41.00 -18.88 29.14
CA ASP J 131 -41.25 -17.92 28.06
C ASP J 131 -40.09 -16.95 27.93
N ILE J 132 -39.42 -16.95 26.77
CA ILE J 132 -38.29 -16.02 26.57
C ILE J 132 -38.71 -14.56 26.63
N ASP J 133 -39.99 -14.29 26.36
CA ASP J 133 -40.52 -12.94 26.39
C ASP J 133 -40.89 -12.46 27.80
N ASP J 134 -40.87 -13.36 28.78
CA ASP J 134 -41.21 -13.01 30.18
C ASP J 134 -40.30 -13.84 31.08
N LEU J 135 -39.07 -13.36 31.25
CA LEU J 135 -38.08 -14.08 32.06
C LEU J 135 -38.38 -14.40 33.51
N ASP J 136 -39.37 -13.74 34.11
CA ASP J 136 -39.68 -14.08 35.49
C ASP J 136 -40.14 -15.56 35.45
N SER J 137 -40.72 -15.98 34.33
CA SER J 137 -41.18 -17.38 34.17
C SER J 137 -40.01 -18.38 34.26
N LEU J 138 -38.79 -17.92 33.98
CA LEU J 138 -37.61 -18.76 34.08
C LEU J 138 -37.23 -18.99 35.55
N GLU J 139 -37.18 -17.90 36.34
CA GLU J 139 -36.85 -17.99 37.79
C GLU J 139 -37.76 -19.00 38.45
N LYS J 140 -39.05 -18.89 38.11
CA LYS J 140 -40.14 -19.75 38.56
C LYS J 140 -39.92 -21.24 38.49
N VAL J 141 -39.40 -21.71 37.36
CA VAL J 141 -39.18 -23.15 37.18
C VAL J 141 -37.83 -23.67 37.67
N ILE J 142 -36.96 -22.80 38.12
CA ILE J 142 -35.64 -23.21 38.60
C ILE J 142 -35.59 -23.74 40.02
N ASP J 143 -34.85 -24.84 40.20
CA ASP J 143 -34.66 -25.44 41.55
C ASP J 143 -33.19 -25.95 41.59
N GLN J 144 -32.78 -26.67 42.63
CA GLN J 144 -31.39 -27.11 42.71
C GLN J 144 -31.08 -28.29 41.77
N ASN J 145 -32.13 -28.85 41.16
CA ASN J 145 -31.99 -29.98 40.23
C ASN J 145 -31.96 -29.55 38.76
N THR J 146 -32.18 -28.25 38.53
CA THR J 146 -32.17 -27.68 37.19
C THR J 146 -30.70 -27.63 36.76
N LYS J 147 -30.38 -28.38 35.69
CA LYS J 147 -29.00 -28.43 35.21
C LYS J 147 -28.67 -27.65 33.95
N ALA J 148 -29.69 -27.19 33.23
CA ALA J 148 -29.43 -26.40 32.02
C ALA J 148 -30.58 -25.50 31.64
N ILE J 149 -30.22 -24.40 30.99
CA ILE J 149 -31.16 -23.40 30.52
C ILE J 149 -30.92 -23.35 29.01
N PHE J 150 -31.91 -23.85 28.25
CA PHE J 150 -31.81 -23.93 26.81
C PHE J 150 -32.70 -22.99 26.02
N PHE J 151 -32.10 -22.34 25.02
CA PHE J 151 -32.82 -21.41 24.17
C PHE J 151 -32.10 -21.18 22.85
N GLU J 152 -32.79 -20.53 21.92
CA GLU J 152 -32.25 -20.21 20.61
C GLU J 152 -32.00 -18.70 20.56
N SER J 153 -30.92 -18.29 19.88
CA SER J 153 -30.58 -16.89 19.75
C SER J 153 -31.59 -16.21 18.83
N LEU J 154 -31.96 -16.88 17.75
CA LEU J 154 -32.91 -16.40 16.75
C LEU J 154 -33.74 -17.65 16.51
N SER J 155 -34.97 -17.68 16.99
CA SER J 155 -35.81 -18.89 16.89
C SER J 155 -36.38 -19.29 15.55
N ASN J 156 -36.63 -20.59 15.47
CA ASN J 156 -37.20 -21.26 14.31
C ASN J 156 -38.59 -21.86 14.63
N PRO J 157 -39.67 -21.42 13.92
CA PRO J 157 -39.85 -20.44 12.83
C PRO J 157 -40.32 -19.05 13.15
N GLN J 158 -40.44 -18.75 14.43
CA GLN J 158 -40.89 -17.45 14.91
C GLN J 158 -39.96 -16.27 14.62
N ILE J 159 -38.69 -16.57 14.55
CA ILE J 159 -37.68 -15.57 14.34
C ILE J 159 -37.73 -14.71 15.62
N ALA J 160 -37.85 -15.37 16.77
CA ALA J 160 -37.88 -14.67 18.04
C ALA J 160 -36.49 -14.52 18.59
N ILE J 161 -36.14 -13.30 18.97
CA ILE J 161 -34.82 -13.02 19.52
C ILE J 161 -34.81 -13.00 21.04
N ALA J 162 -33.88 -13.76 21.61
CA ALA J 162 -33.73 -13.88 23.05
C ALA J 162 -32.87 -12.76 23.61
N ASP J 163 -33.27 -12.22 24.77
CA ASP J 163 -32.52 -11.16 25.43
C ASP J 163 -31.49 -11.92 26.24
N ILE J 164 -30.40 -12.25 25.56
CA ILE J 164 -29.32 -13.03 26.14
C ILE J 164 -28.76 -12.54 27.48
N GLU J 165 -28.45 -11.25 27.59
CA GLU J 165 -27.90 -10.70 28.85
C GLU J 165 -28.74 -11.01 30.06
N LYS J 166 -30.06 -10.95 29.90
CA LYS J 166 -30.98 -11.23 31.00
C LYS J 166 -31.04 -12.70 31.35
N ILE J 167 -30.88 -13.57 30.36
CA ILE J 167 -30.90 -14.99 30.61
C ILE J 167 -29.61 -15.32 31.36
N ASN J 168 -28.53 -14.71 30.91
CA ASN J 168 -27.23 -14.88 31.52
C ASN J 168 -27.23 -14.50 32.99
N GLN J 169 -27.82 -13.35 33.32
CA GLN J 169 -27.90 -12.91 34.71
C GLN J 169 -28.48 -13.96 35.59
N ILE J 170 -29.66 -14.42 35.21
CA ILE J 170 -30.37 -15.46 35.95
C ILE J 170 -29.56 -16.74 36.05
N ALA J 171 -28.96 -17.14 34.94
CA ALA J 171 -28.16 -18.35 34.89
C ALA J 171 -26.93 -18.24 35.77
N LYS J 172 -26.23 -17.11 35.70
CA LYS J 172 -25.02 -16.94 36.52
C LYS J 172 -25.33 -16.91 37.98
N LYS J 173 -26.46 -16.31 38.33
CA LYS J 173 -26.86 -16.19 39.72
C LYS J 173 -26.99 -17.58 40.35
N HIS J 174 -27.75 -18.46 39.71
CA HIS J 174 -27.94 -19.82 40.22
C HIS J 174 -26.81 -20.79 39.91
N LYS J 175 -25.77 -20.34 39.21
CA LYS J 175 -24.66 -21.21 38.85
C LYS J 175 -25.10 -22.35 37.93
N ILE J 176 -25.97 -22.02 36.98
CA ILE J 176 -26.48 -22.99 36.00
C ILE J 176 -25.87 -22.74 34.60
N VAL J 177 -25.54 -23.83 33.92
CA VAL J 177 -24.97 -23.77 32.58
C VAL J 177 -26.04 -23.35 31.58
N SER J 178 -25.74 -22.32 30.78
CA SER J 178 -26.67 -21.85 29.76
C SER J 178 -26.23 -22.40 28.39
N ILE J 179 -27.21 -22.90 27.63
CA ILE J 179 -27.01 -23.46 26.30
C ILE J 179 -27.76 -22.65 25.25
N CYS J 180 -27.04 -22.08 24.30
CA CYS J 180 -27.63 -21.30 23.22
C CYS J 180 -27.46 -21.96 21.84
N ASP J 181 -28.58 -22.21 21.16
CA ASP J 181 -28.57 -22.79 19.84
C ASP J 181 -28.48 -21.56 18.94
N ASN J 182 -27.30 -21.37 18.35
CA ASN J 182 -27.04 -20.22 17.48
C ASN J 182 -27.05 -20.56 15.96
N THR J 183 -27.76 -21.64 15.62
CA THR J 183 -27.87 -22.09 14.26
C THR J 183 -28.28 -21.08 13.20
N VAL J 184 -29.40 -20.43 13.42
CA VAL J 184 -29.92 -19.48 12.43
C VAL J 184 -29.11 -18.21 12.28
N ALA J 185 -28.74 -17.60 13.41
CA ALA J 185 -27.96 -16.37 13.35
C ALA J 185 -26.54 -16.59 12.76
N THR J 186 -25.93 -17.72 13.13
CA THR J 186 -24.59 -18.14 12.73
C THR J 186 -23.60 -17.34 13.55
N PRO J 187 -22.37 -17.83 13.68
CA PRO J 187 -21.42 -17.07 14.46
C PRO J 187 -21.05 -15.75 13.85
N PHE J 188 -21.34 -15.56 12.56
CA PHE J 188 -21.01 -14.30 11.89
C PHE J 188 -21.99 -13.16 12.12
N LEU J 189 -23.19 -13.44 12.63
CA LEU J 189 -24.13 -12.36 12.87
C LEU J 189 -24.33 -12.12 14.34
N LEU J 190 -24.03 -13.14 15.14
CA LEU J 190 -24.20 -13.04 16.57
C LEU J 190 -23.22 -13.96 17.31
N GLN J 191 -22.63 -13.45 18.39
CA GLN J 191 -21.68 -14.20 19.19
C GLN J 191 -22.20 -14.37 20.61
N PRO J 192 -23.02 -15.39 20.86
CA PRO J 192 -23.53 -15.58 22.22
C PRO J 192 -22.48 -15.58 23.33
N PHE J 193 -21.27 -16.08 23.08
CA PHE J 193 -20.25 -16.07 24.15
C PHE J 193 -19.98 -14.66 24.69
N LYS J 194 -20.05 -13.65 23.82
CA LYS J 194 -19.86 -12.28 24.24
C LYS J 194 -20.84 -11.89 25.30
N HIS J 195 -21.99 -12.55 25.33
CA HIS J 195 -22.98 -12.19 26.32
C HIS J 195 -23.16 -13.13 27.47
N GLY J 196 -22.11 -13.88 27.80
CA GLY J 196 -22.15 -14.82 28.94
C GLY J 196 -22.61 -16.23 28.74
N VAL J 197 -22.90 -16.62 27.51
CA VAL J 197 -23.34 -17.99 27.27
C VAL J 197 -22.21 -18.95 27.58
N ASP J 198 -22.55 -20.10 28.14
CA ASP J 198 -21.58 -21.13 28.51
C ASP J 198 -21.31 -22.12 27.37
N VAL J 199 -22.39 -22.64 26.80
CA VAL J 199 -22.33 -23.62 25.72
C VAL J 199 -23.19 -23.26 24.53
N ILE J 200 -22.61 -23.35 23.36
CA ILE J 200 -23.30 -23.07 22.09
C ILE J 200 -23.48 -24.31 21.25
N VAL J 201 -24.70 -24.52 20.77
CA VAL J 201 -24.94 -25.67 19.89
C VAL J 201 -25.33 -25.15 18.51
N HIS J 202 -24.96 -25.90 17.49
CA HIS J 202 -25.27 -25.57 16.14
C HIS J 202 -25.69 -26.74 15.35
N SER J 203 -26.65 -26.50 14.47
CA SER J 203 -27.02 -27.54 13.54
C SER J 203 -26.19 -27.07 12.34
N LEU J 204 -25.05 -27.72 12.10
CA LEU J 204 -24.16 -27.38 10.99
C LEU J 204 -24.81 -27.70 9.66
N SER J 205 -25.80 -28.58 9.74
N SER J 205 -25.80 -28.57 9.74
CA SER J 205 -26.59 -29.04 8.62
CA SER J 205 -26.59 -29.02 8.61
C SER J 205 -27.27 -27.89 7.85
C SER J 205 -27.26 -27.88 7.84
N TYR J 207 -26.98 -23.51 7.86
CA TYR J 207 -26.10 -22.50 7.24
C TYR J 207 -24.63 -22.84 7.02
N VAL J 208 -24.00 -23.53 7.95
CA VAL J 208 -22.56 -23.90 7.80
C VAL J 208 -22.39 -24.71 6.53
N SER J 209 -23.28 -25.66 6.28
CA SER J 209 -23.24 -26.45 5.04
C SER J 209 -23.60 -25.47 3.97
N GLY J 210 -24.75 -24.83 4.15
CA GLY J 210 -25.27 -23.83 3.23
C GLY J 210 -25.77 -24.31 1.89
N GLN J 211 -25.75 -25.63 1.70
CA GLN J 211 -26.17 -26.23 0.45
C GLN J 211 -26.99 -27.51 0.53
N GLY J 212 -27.51 -27.81 1.70
CA GLY J 212 -28.34 -28.99 1.91
C GLY J 212 -27.68 -30.30 1.61
N THR J 213 -26.38 -30.37 1.85
CA THR J 213 -25.64 -31.58 1.56
C THR J 213 -24.98 -32.32 2.66
N ALA J 214 -24.83 -31.74 3.82
CA ALA J 214 -24.16 -32.46 4.88
C ALA J 214 -24.79 -32.26 6.21
N LEU J 215 -25.36 -33.34 6.70
CA LEU J 215 -26.01 -33.34 7.96
C LEU J 215 -24.88 -33.28 8.99
N GLY J 216 -25.05 -32.49 10.02
CA GLY J 216 -24.02 -32.37 11.09
C GLY J 216 -24.36 -31.40 12.21
N GLY J 217 -23.68 -31.56 13.33
CA GLY J 217 -23.89 -30.69 14.49
C GLY J 217 -22.61 -30.40 15.25
N ALA J 218 -22.65 -29.46 16.19
CA ALA J 218 -21.48 -29.16 16.98
C ALA J 218 -21.82 -28.58 18.34
N LEU J 219 -20.98 -28.92 19.32
CA LEU J 219 -21.15 -28.42 20.67
C LEU J 219 -19.89 -27.63 20.91
N ILE J 220 -20.05 -26.38 21.30
CA ILE J 220 -18.91 -25.50 21.54
C ILE J 220 -18.96 -24.93 22.94
N GLU J 221 -17.82 -24.94 23.62
CA GLU J 221 -17.79 -24.44 25.00
C GLU J 221 -16.95 -23.17 25.08
N ARG J 222 -17.37 -22.27 25.97
CA ARG J 222 -16.66 -21.03 26.15
C ARG J 222 -15.37 -21.22 26.89
N LYS J 223 -14.57 -20.17 26.90
CA LYS J 223 -13.31 -20.20 27.63
C LYS J 223 -13.63 -20.14 29.10
N ASP J 224 -12.85 -20.89 29.88
CA ASP J 224 -13.00 -20.94 31.34
C ASP J 224 -14.28 -21.58 31.87
N LEU J 225 -14.94 -22.40 31.07
CA LEU J 225 -16.17 -23.06 31.55
C LEU J 225 -15.90 -23.95 32.79
N ASN J 226 -14.66 -24.44 32.94
CA ASN J 226 -14.29 -25.26 34.09
C ASN J 226 -14.65 -24.54 35.41
N ASP J 227 -14.40 -23.23 35.44
CA ASP J 227 -14.69 -22.41 36.61
C ASP J 227 -16.11 -22.66 37.11
N LEU J 228 -17.05 -22.80 36.18
CA LEU J 228 -18.47 -23.03 36.51
C LEU J 228 -18.82 -24.48 36.84
N LEU J 229 -18.11 -25.43 36.24
CA LEU J 229 -18.37 -26.86 36.48
C LEU J 229 -17.60 -27.44 37.65
N LYS J 230 -16.32 -27.09 37.78
CA LYS J 230 -15.52 -27.57 38.90
C LYS J 230 -15.99 -26.99 40.25
N ASN J 231 -16.04 -27.86 41.27
CA ASN J 231 -16.47 -27.49 42.64
C ASN J 231 -17.83 -26.84 42.67
N ASN J 232 -18.75 -27.39 41.90
CA ASN J 232 -20.10 -26.86 41.84
C ASN J 232 -20.99 -28.04 42.15
N ASP J 233 -21.64 -27.96 43.30
CA ASP J 233 -22.54 -29.00 43.82
C ASP J 233 -23.67 -29.36 42.86
N ARG J 234 -23.96 -28.47 41.92
CA ARG J 234 -25.02 -28.73 40.98
C ARG J 234 -24.56 -29.77 39.92
N TYR J 235 -23.26 -29.91 39.71
CA TYR J 235 -22.73 -30.85 38.71
C TYR J 235 -21.76 -31.90 39.28
N LYS J 236 -22.31 -32.93 39.90
CA LYS J 236 -21.48 -33.98 40.48
C LYS J 236 -20.74 -34.86 39.48
N ALA J 237 -21.29 -35.05 38.29
CA ALA J 237 -20.62 -35.87 37.26
C ALA J 237 -19.21 -35.33 36.96
N PHE J 238 -19.01 -34.03 37.14
CA PHE J 238 -17.70 -33.41 36.89
C PHE J 238 -16.83 -33.26 38.14
N ASN J 239 -17.29 -33.82 39.25
CA ASN J 239 -16.59 -33.70 40.54
C ASN J 239 -16.58 -34.97 41.38
N THR J 240 -16.76 -36.13 40.77
CA THR J 240 -16.79 -37.37 41.52
C THR J 240 -16.03 -38.44 40.75
N PRO J 241 -15.30 -39.32 41.46
CA PRO J 241 -14.57 -40.37 40.76
C PRO J 241 -15.52 -41.13 39.86
N ASP J 242 -15.11 -41.39 38.63
CA ASP J 242 -15.97 -42.09 37.68
C ASP J 242 -15.49 -43.54 37.50
N PRO J 243 -16.37 -44.52 37.79
CA PRO J 243 -16.01 -45.93 37.66
C PRO J 243 -15.71 -46.35 36.23
N SER J 244 -16.33 -45.71 35.24
CA SER J 244 -16.05 -46.07 33.84
C SER J 244 -14.57 -45.79 33.51
N TYR J 245 -13.94 -44.87 34.25
CA TYR J 245 -12.51 -44.52 34.06
C TYR J 245 -11.61 -44.73 35.27
N HIS J 246 -11.79 -45.87 35.93
CA HIS J 246 -11.00 -46.22 37.09
C HIS J 246 -10.82 -45.09 38.08
N GLY J 247 -11.95 -44.58 38.56
CA GLY J 247 -11.97 -43.51 39.54
C GLY J 247 -11.58 -42.11 39.12
N LEU J 248 -11.25 -41.89 37.86
CA LEU J 248 -10.88 -40.56 37.40
C LEU J 248 -11.92 -39.53 37.80
N ASN J 249 -11.45 -38.39 38.32
CA ASN J 249 -12.34 -37.32 38.71
C ASN J 249 -12.00 -36.17 37.74
N LEU J 250 -12.98 -35.79 36.95
CA LEU J 250 -12.78 -34.72 35.96
C LEU J 250 -12.32 -33.37 36.51
N ASN J 251 -12.70 -33.02 37.74
CA ASN J 251 -12.28 -31.72 38.28
C ASN J 251 -10.77 -31.64 38.50
N THR J 252 -10.08 -32.77 38.30
CA THR J 252 -8.62 -32.84 38.44
C THR J 252 -7.88 -32.50 37.13
N LEU J 253 -8.62 -32.42 36.03
CA LEU J 253 -8.00 -32.14 34.73
C LEU J 253 -7.84 -30.68 34.30
N ASP J 254 -6.69 -30.37 33.70
CA ASP J 254 -6.43 -29.02 33.14
C ASP J 254 -6.80 -29.14 31.65
N LEU J 255 -8.09 -29.35 31.38
CA LEU J 255 -8.62 -29.48 30.03
C LEU J 255 -10.08 -29.08 30.03
N PRO J 256 -10.64 -28.73 28.87
CA PRO J 256 -12.07 -28.37 28.84
C PRO J 256 -12.83 -29.64 29.19
N ILE J 257 -13.17 -29.78 30.47
CA ILE J 257 -13.85 -30.99 30.95
C ILE J 257 -15.23 -31.26 30.36
N PHE J 258 -15.94 -30.22 29.96
CA PHE J 258 -17.28 -30.40 29.35
C PHE J 258 -17.10 -31.17 28.05
N SER J 259 -16.17 -30.69 27.21
CA SER J 259 -15.88 -31.33 25.93
C SER J 259 -15.27 -32.72 26.14
N ILE J 260 -14.41 -32.85 27.13
CA ILE J 260 -13.78 -34.15 27.40
C ILE J 260 -14.83 -35.19 27.71
N ARG J 261 -15.81 -34.83 28.52
CA ARG J 261 -16.83 -35.81 28.86
C ARG J 261 -17.62 -36.18 27.59
N VAL J 262 -17.91 -35.21 26.74
CA VAL J 262 -18.65 -35.49 25.50
C VAL J 262 -17.92 -36.56 24.72
N ILE J 263 -16.62 -36.47 24.71
CA ILE J 263 -15.83 -37.44 23.96
C ILE J 263 -15.68 -38.81 24.59
N ILE J 264 -15.12 -38.83 25.79
CA ILE J 264 -14.87 -40.11 26.50
C ILE J 264 -16.11 -40.85 26.96
N THR J 265 -17.23 -40.14 27.01
CA THR J 265 -18.45 -40.79 27.43
C THR J 265 -19.55 -40.84 26.36
N TRP J 266 -20.05 -39.69 25.92
CA TRP J 266 -21.14 -39.68 24.95
C TRP J 266 -20.81 -40.14 23.55
N LEU J 267 -19.70 -39.69 22.98
CA LEU J 267 -19.33 -40.15 21.68
C LEU J 267 -18.87 -41.59 21.80
N ARG J 268 -18.04 -41.86 22.80
CA ARG J 268 -17.54 -43.21 22.96
C ARG J 268 -18.59 -44.28 23.17
N ASP J 269 -19.59 -43.99 24.00
CA ASP J 269 -20.62 -44.99 24.30
C ASP J 269 -21.93 -44.86 23.50
N LEU J 270 -22.36 -43.65 23.16
CA LEU J 270 -23.60 -43.46 22.38
C LEU J 270 -23.35 -43.44 20.86
N GLY J 271 -22.14 -43.01 20.49
CA GLY J 271 -21.72 -43.01 19.10
C GLY J 271 -22.36 -42.23 17.98
N ALA J 272 -22.77 -40.99 18.25
CA ALA J 272 -23.37 -40.14 17.23
C ALA J 272 -22.22 -39.36 16.54
N SER J 273 -21.33 -40.13 15.92
CA SER J 273 -20.16 -39.61 15.25
C SER J 273 -20.38 -38.97 13.92
N LEU J 274 -19.65 -37.91 13.69
CA LEU J 274 -19.72 -37.19 12.43
C LEU J 274 -18.74 -37.82 11.42
N ALA J 275 -19.28 -38.30 10.31
CA ALA J 275 -18.49 -38.93 9.26
C ALA J 275 -17.52 -37.91 8.64
N PRO J 276 -16.32 -38.36 8.26
CA PRO J 276 -15.26 -37.56 7.69
C PRO J 276 -15.63 -36.77 6.44
N GLN J 277 -16.41 -37.36 5.56
CA GLN J 277 -16.80 -36.70 4.36
C GLN J 277 -17.70 -35.52 4.75
N ASN J 278 -18.64 -35.74 5.69
CA ASN J 278 -19.51 -34.66 6.13
C ASN J 278 -18.72 -33.55 6.81
N ALA J 279 -17.80 -33.95 7.67
CA ALA J 279 -16.98 -32.99 8.40
C ALA J 279 -16.21 -32.13 7.40
N TRP J 280 -15.63 -32.78 6.40
CA TRP J 280 -14.85 -32.05 5.38
C TRP J 280 -15.73 -31.07 4.61
N LEU J 281 -16.89 -31.52 4.18
CA LEU J 281 -17.83 -30.66 3.45
C LEU J 281 -18.22 -29.46 4.34
N LEU J 282 -18.47 -29.74 5.62
CA LEU J 282 -18.81 -28.68 6.57
C LEU J 282 -17.66 -27.69 6.73
N LEU J 283 -16.42 -28.18 6.71
CA LEU J 283 -15.27 -27.27 6.78
C LEU J 283 -15.29 -26.36 5.57
N GLN J 284 -15.59 -26.93 4.40
CA GLN J 284 -15.62 -26.10 3.18
C GLN J 284 -16.71 -25.03 3.29
N GLY J 285 -17.87 -25.41 3.85
CA GLY J 285 -18.96 -24.48 3.98
C GLY J 285 -18.63 -23.37 4.96
N LEU J 286 -17.92 -23.74 6.00
CA LEU J 286 -17.53 -22.77 7.01
C LEU J 286 -16.66 -21.69 6.38
N GLU J 287 -15.79 -22.09 5.45
CA GLU J 287 -14.92 -21.13 4.79
C GLU J 287 -15.65 -20.00 4.09
N THR J 288 -16.81 -20.30 3.49
CA THR J 288 -17.60 -19.33 2.75
C THR J 288 -18.82 -18.80 3.42
N LEU J 289 -19.08 -19.21 4.65
CA LEU J 289 -20.26 -18.76 5.35
C LEU J 289 -20.36 -17.25 5.50
N ALA J 290 -19.24 -16.59 5.77
CA ALA J 290 -19.29 -15.15 5.92
C ALA J 290 -19.84 -14.44 4.71
N VAL J 291 -19.41 -14.83 3.51
CA VAL J 291 -19.94 -14.15 2.33
C VAL J 291 -21.38 -14.58 2.07
N ARG J 292 -21.66 -15.86 2.24
CA ARG J 292 -22.99 -16.36 2.01
C ARG J 292 -24.07 -15.81 2.89
N ILE J 293 -23.84 -15.79 4.21
CA ILE J 293 -24.86 -15.30 5.12
C ILE J 293 -25.29 -13.87 4.82
N GLU J 294 -24.37 -13.06 4.29
CA GLU J 294 -24.71 -11.68 3.95
C GLU J 294 -25.70 -11.65 2.79
N LYS J 295 -25.50 -12.49 1.79
CA LYS J 295 -26.42 -12.54 0.66
C LYS J 295 -27.77 -13.07 1.16
N HIS J 296 -27.72 -14.14 1.95
CA HIS J 296 -28.96 -14.68 2.47
C HIS J 296 -29.75 -13.55 3.16
N SER J 297 -29.03 -12.76 3.97
CA SER J 297 -29.62 -11.67 4.72
C SER J 297 -30.16 -10.55 3.85
N GLN J 298 -29.35 -10.12 2.89
CA GLN J 298 -29.78 -9.07 1.98
C GLN J 298 -31.03 -9.53 1.22
N ASN J 299 -31.01 -10.75 0.70
CA ASN J 299 -32.18 -11.25 -0.01
C ASN J 299 -33.39 -11.32 0.89
N ALA J 300 -33.22 -11.81 2.10
CA ALA J 300 -34.35 -11.94 3.02
C ALA J 300 -35.02 -10.64 3.30
N GLU J 301 -34.20 -9.62 3.52
CA GLU J 301 -34.72 -8.34 3.83
C GLU J 301 -35.58 -7.81 2.68
N LYS J 302 -35.11 -7.96 1.46
CA LYS J 302 -35.89 -7.48 0.31
C LYS J 302 -37.21 -8.23 0.18
N VAL J 303 -37.17 -9.54 0.38
CA VAL J 303 -38.35 -10.35 0.29
C VAL J 303 -39.27 -9.92 1.38
N ALA J 304 -38.73 -9.66 2.56
CA ALA J 304 -39.54 -9.26 3.68
C ALA J 304 -40.26 -7.94 3.37
N ASN J 305 -39.52 -6.97 2.85
CA ASN J 305 -40.11 -5.67 2.52
C ASN J 305 -41.20 -5.80 1.48
N PHE J 306 -40.96 -6.66 0.49
CA PHE J 306 -41.94 -6.91 -0.57
C PHE J 306 -43.20 -7.52 0.00
N LEU J 307 -43.05 -8.57 0.82
CA LEU J 307 -44.21 -9.21 1.43
C LEU J 307 -44.96 -8.23 2.33
N ASN J 308 -44.21 -7.43 3.08
CA ASN J 308 -44.78 -6.49 4.02
C ASN J 308 -45.65 -5.41 3.35
N SER J 309 -45.46 -5.16 2.05
CA SER J 309 -46.23 -4.15 1.33
C SER J 309 -47.27 -4.71 0.40
N HIS J 310 -47.31 -6.03 0.26
CA HIS J 310 -48.27 -6.62 -0.66
C HIS J 310 -49.63 -6.77 0.03
N PRO J 311 -50.70 -6.30 -0.62
CA PRO J 311 -52.06 -6.38 -0.07
C PRO J 311 -52.61 -7.76 0.27
N ASP J 312 -52.18 -8.82 -0.43
CA ASP J 312 -52.66 -10.17 -0.13
C ASP J 312 -51.93 -10.87 1.04
N ILE J 313 -51.03 -10.16 1.73
CA ILE J 313 -50.25 -10.71 2.84
C ILE J 313 -50.69 -10.04 4.13
N LYS J 314 -51.00 -10.82 5.14
CA LYS J 314 -51.50 -10.25 6.39
C LYS J 314 -50.55 -10.03 7.54
N GLY J 315 -49.27 -10.31 7.38
CA GLY J 315 -48.34 -10.11 8.47
C GLY J 315 -47.02 -10.75 8.11
N VAL J 316 -45.92 -10.09 8.45
CA VAL J 316 -44.59 -10.59 8.15
C VAL J 316 -43.73 -10.61 9.39
N ASN J 317 -43.01 -11.70 9.56
CA ASN J 317 -42.17 -11.87 10.70
C ASN J 317 -40.68 -11.82 10.32
N TYR J 318 -40.01 -10.68 10.48
CA TYR J 318 -38.56 -10.58 10.17
C TYR J 318 -38.03 -9.39 11.01
N PRO J 319 -36.91 -9.58 11.72
CA PRO J 319 -36.38 -8.57 12.62
C PRO J 319 -35.98 -7.22 12.06
N THR J 320 -35.68 -7.13 10.78
CA THR J 320 -35.29 -5.84 10.24
C THR J 320 -36.49 -4.90 10.09
N LEU J 321 -37.69 -5.45 10.10
CA LEU J 321 -38.89 -4.63 9.97
C LEU J 321 -39.09 -3.85 11.28
N ALA J 322 -39.07 -2.52 11.18
CA ALA J 322 -39.21 -1.60 12.34
C ALA J 322 -40.40 -1.85 13.26
N SER J 323 -41.48 -2.42 12.71
CA SER J 323 -42.68 -2.72 13.49
C SER J 323 -42.62 -4.07 14.17
N ASN J 324 -41.60 -4.85 13.86
CA ASN J 324 -41.48 -6.17 14.46
C ASN J 324 -41.17 -6.06 15.96
N ALA J 325 -41.71 -6.98 16.76
CA ALA J 325 -41.54 -6.99 18.21
C ALA J 325 -40.14 -7.25 18.68
N TYR J 326 -39.32 -7.83 17.82
CA TYR J 326 -37.96 -8.14 18.20
C TYR J 326 -36.96 -7.21 17.56
N HIS J 327 -37.46 -6.16 16.93
CA HIS J 327 -36.57 -5.19 16.25
C HIS J 327 -35.54 -4.53 17.18
N ASN J 328 -35.95 -4.11 18.38
CA ASN J 328 -35.01 -3.50 19.32
C ASN J 328 -33.93 -4.49 19.79
N LEU J 329 -34.34 -5.71 20.05
CA LEU J 329 -33.40 -6.75 20.45
C LEU J 329 -32.44 -7.02 19.29
N PHE J 330 -32.97 -6.94 18.07
CA PHE J 330 -32.16 -7.14 16.88
C PHE J 330 -31.06 -6.09 16.84
N LYS J 331 -31.47 -4.83 16.96
CA LYS J 331 -30.50 -3.71 16.94
C LYS J 331 -29.50 -3.81 18.10
N LYS J 332 -29.95 -4.33 19.23
CA LYS J 332 -29.07 -4.47 20.36
C LYS J 332 -27.99 -5.56 20.24
N TYR J 333 -28.36 -6.74 19.74
CA TYR J 333 -27.42 -7.85 19.60
C TYR J 333 -26.76 -8.14 18.25
N PHE J 334 -27.31 -7.64 17.16
CA PHE J 334 -26.75 -7.88 15.81
C PHE J 334 -25.92 -6.67 15.31
N ASP J 335 -24.60 -6.75 15.47
CA ASP J 335 -23.67 -5.68 15.07
C ASP J 335 -23.57 -5.34 13.59
N LYS J 336 -23.61 -6.34 12.71
CA LYS J 336 -23.56 -6.09 11.25
C LYS J 336 -25.06 -5.83 11.33
N ASN J 337 -25.84 -5.52 10.32
CA ASN J 337 -27.27 -5.29 10.51
C ASN J 337 -27.87 -6.28 9.53
N PHE J 338 -27.58 -7.56 9.75
CA PHE J 338 -28.09 -8.63 8.93
C PHE J 338 -28.82 -9.55 9.88
N ALA J 339 -29.98 -10.05 9.45
CA ALA J 339 -30.80 -10.92 10.30
C ALA J 339 -31.00 -12.37 9.82
N SER J 340 -30.11 -12.82 8.94
CA SER J 340 -30.13 -14.16 8.41
C SER J 340 -31.23 -14.38 7.37
N GLY J 341 -31.39 -15.62 6.91
CA GLY J 341 -32.36 -15.95 5.86
C GLY J 341 -33.65 -16.61 6.15
N LEU J 342 -34.04 -16.66 7.41
CA LEU J 342 -35.30 -17.28 7.74
C LEU J 342 -36.35 -16.23 8.03
N LEU J 343 -37.57 -16.44 7.55
CA LEU J 343 -38.65 -15.51 7.83
C LEU J 343 -39.96 -16.24 7.67
N SER J 344 -41.05 -15.64 8.18
CA SER J 344 -42.33 -16.27 8.04
C SER J 344 -43.33 -15.17 7.75
N PHE J 345 -44.50 -15.54 7.22
CA PHE J 345 -45.53 -14.57 6.93
C PHE J 345 -46.90 -15.25 6.97
N GLU J 346 -47.92 -14.42 7.11
CA GLU J 346 -49.31 -14.87 7.15
C GLU J 346 -50.00 -14.66 5.81
N ALA J 347 -50.60 -15.72 5.29
CA ALA J 347 -51.34 -15.65 4.04
C ALA J 347 -52.73 -15.22 4.44
N LYS J 348 -53.64 -15.05 3.47
CA LYS J 348 -55.02 -14.63 3.77
C LYS J 348 -55.69 -15.63 4.68
N ASP J 349 -55.47 -16.91 4.37
CA ASP J 349 -56.03 -18.02 5.14
C ASP J 349 -55.36 -19.35 4.73
N TYR J 350 -55.80 -20.44 5.36
CA TYR J 350 -55.26 -21.76 5.07
C TYR J 350 -55.25 -22.09 3.57
N GLU J 351 -56.37 -21.92 2.88
CA GLU J 351 -56.42 -22.21 1.46
C GLU J 351 -55.43 -21.41 0.61
N HIS J 352 -55.15 -20.18 1.01
CA HIS J 352 -54.22 -19.31 0.28
C HIS J 352 -52.79 -19.79 0.54
N ALA J 353 -52.51 -20.14 1.80
CA ALA J 353 -51.17 -20.65 2.19
C ALA J 353 -50.81 -21.92 1.38
N ARG J 354 -51.83 -22.74 1.10
CA ARG J 354 -51.62 -23.97 0.32
C ARG J 354 -51.41 -23.65 -1.13
N ARG J 355 -52.19 -22.73 -1.71
CA ARG J 355 -51.98 -22.41 -3.12
C ARG J 355 -50.58 -21.91 -3.36
N ILE J 356 -50.11 -21.09 -2.43
CA ILE J 356 -48.77 -20.54 -2.52
C ILE J 356 -47.74 -21.68 -2.54
N CYS J 357 -47.81 -22.57 -1.57
CA CYS J 357 -46.86 -23.69 -1.53
C CYS J 357 -46.90 -24.53 -2.78
N ASP J 358 -48.07 -24.67 -3.38
CA ASP J 358 -48.24 -25.48 -4.58
C ASP J 358 -47.89 -24.76 -5.90
N LYS J 359 -47.76 -23.43 -5.85
CA LYS J 359 -47.45 -22.59 -7.03
C LYS J 359 -46.00 -22.08 -7.23
N THR J 360 -45.20 -22.03 -6.16
CA THR J 360 -43.82 -21.53 -6.30
C THR J 360 -43.00 -22.43 -7.19
N GLN J 361 -42.12 -21.83 -7.98
CA GLN J 361 -41.22 -22.55 -8.90
C GLN J 361 -39.74 -22.49 -8.46
N LEU J 362 -39.32 -21.45 -7.74
CA LEU J 362 -37.93 -21.34 -7.23
C LEU J 362 -37.89 -21.75 -5.77
N PHE J 363 -38.87 -21.33 -4.99
CA PHE J 363 -38.94 -21.73 -3.60
C PHE J 363 -39.39 -23.20 -3.69
N LEU J 364 -38.54 -24.09 -3.18
CA LEU J 364 -38.83 -25.52 -3.24
C LEU J 364 -39.54 -25.96 -1.98
N LEU J 365 -40.68 -26.62 -2.17
CA LEU J 365 -41.48 -27.12 -1.08
C LEU J 365 -40.67 -28.24 -0.46
N ALA J 366 -40.15 -27.98 0.74
CA ALA J 366 -39.32 -28.92 1.44
C ALA J 366 -39.19 -28.55 2.91
N ALA J 367 -38.62 -29.47 3.68
CA ALA J 367 -38.43 -29.25 5.11
C ALA J 367 -36.95 -29.16 5.52
N ASN J 368 -36.38 -27.98 5.38
CA ASN J 368 -34.98 -27.73 5.72
C ASN J 368 -34.79 -26.23 5.72
N LEU J 369 -33.63 -25.73 6.13
CA LEU J 369 -33.40 -24.29 6.06
C LEU J 369 -31.92 -24.01 5.93
N GLY J 370 -31.60 -22.90 5.31
CA GLY J 370 -30.20 -22.54 5.13
C GLY J 370 -29.57 -23.15 3.88
N ASP J 371 -30.37 -23.64 2.95
CA ASP J 371 -29.85 -24.21 1.71
C ASP J 371 -29.62 -23.00 0.79
N SER J 372 -28.74 -23.16 -0.16
CA SER J 372 -28.46 -22.09 -1.12
C SER J 372 -29.71 -21.88 -2.02
N LYS J 373 -30.55 -22.93 -2.13
CA LYS J 373 -31.80 -22.88 -2.91
C LYS J 373 -32.88 -22.48 -1.94
N SER J 374 -33.74 -21.55 -2.34
CA SER J 374 -34.83 -21.08 -1.48
C SER J 374 -35.83 -22.17 -1.23
N LEU J 375 -36.34 -22.22 -0.01
CA LEU J 375 -37.29 -23.24 0.37
C LEU J 375 -38.53 -22.68 1.01
N ILE J 376 -39.60 -23.45 0.94
CA ILE J 376 -40.89 -23.05 1.50
C ILE J 376 -41.60 -24.23 2.18
N ILE J 377 -42.38 -23.91 3.22
CA ILE J 377 -43.13 -24.92 3.96
C ILE J 377 -44.26 -24.26 4.77
N HIS J 378 -45.26 -25.07 5.13
CA HIS J 378 -46.44 -24.67 5.94
C HIS J 378 -46.32 -25.41 7.28
N PRO J 379 -45.68 -24.79 8.28
CA PRO J 379 -45.47 -25.40 9.60
C PRO J 379 -46.74 -26.09 10.10
N ALA J 395 -48.72 -21.49 20.59
CA ALA J 395 -47.91 -22.13 19.57
C ALA J 395 -47.22 -21.13 18.59
N GLY J 396 -47.61 -19.87 18.64
CA GLY J 396 -47.05 -18.74 17.79
C GLY J 396 -47.06 -18.70 16.27
N ILE J 397 -47.84 -19.66 15.83
CA ILE J 397 -48.09 -20.05 14.47
C ILE J 397 -49.58 -20.20 14.20
N THR J 398 -50.02 -20.04 12.96
CA THR J 398 -51.44 -20.18 12.62
C THR J 398 -51.60 -21.06 11.37
N LYS J 399 -52.85 -21.31 10.96
CA LYS J 399 -53.10 -22.11 9.77
C LYS J 399 -52.76 -21.41 8.48
N ALA J 400 -52.56 -20.10 8.58
CA ALA J 400 -52.22 -19.28 7.42
C ALA J 400 -50.72 -19.01 7.36
N THR J 401 -49.98 -19.42 8.38
CA THR J 401 -48.54 -19.20 8.44
C THR J 401 -47.68 -20.00 7.45
N ILE J 402 -46.75 -19.28 6.80
CA ILE J 402 -45.81 -19.84 5.83
C ILE J 402 -44.42 -19.46 6.26
N ARG J 403 -43.49 -20.43 6.19
CA ARG J 403 -42.13 -20.18 6.58
C ARG J 403 -41.30 -20.26 5.30
N LEU J 404 -40.37 -19.32 5.14
CA LEU J 404 -39.50 -19.33 3.99
C LEU J 404 -38.03 -19.38 4.41
N SER J 405 -37.21 -20.07 3.64
CA SER J 405 -35.78 -20.13 3.88
C SER J 405 -35.28 -19.42 2.64
N ILE J 406 -34.73 -18.23 2.82
CA ILE J 406 -34.25 -17.44 1.67
C ILE J 406 -32.89 -17.88 1.23
N GLY J 407 -32.81 -18.26 -0.06
CA GLY J 407 -31.57 -18.71 -0.66
C GLY J 407 -30.67 -17.62 -1.21
N LEU J 408 -29.77 -18.04 -2.09
CA LEU J 408 -28.81 -17.13 -2.71
C LEU J 408 -29.19 -16.71 -4.12
N GLU J 409 -30.40 -17.04 -4.56
CA GLU J 409 -30.82 -16.66 -5.91
C GLU J 409 -30.96 -15.15 -6.06
N ASN J 410 -31.17 -14.69 -7.28
CA ASN J 410 -31.37 -13.26 -7.51
C ASN J 410 -32.69 -12.84 -6.87
N SER J 411 -32.66 -11.77 -6.07
CA SER J 411 -33.86 -11.29 -5.35
C SER J 411 -35.05 -10.95 -6.24
N ASP J 412 -34.80 -10.37 -7.40
CA ASP J 412 -35.91 -10.05 -8.28
C ASP J 412 -36.59 -11.33 -8.71
N ASP J 413 -35.81 -12.33 -9.03
CA ASP J 413 -36.37 -13.64 -9.43
C ASP J 413 -37.18 -14.24 -8.30
N LEU J 414 -36.68 -14.13 -7.07
CA LEU J 414 -37.38 -14.69 -5.92
C LEU J 414 -38.68 -13.98 -5.67
N ILE J 415 -38.61 -12.65 -5.69
CA ILE J 415 -39.78 -11.83 -5.50
C ILE J 415 -40.81 -12.17 -6.58
N ALA J 416 -40.39 -12.28 -7.82
CA ALA J 416 -41.31 -12.60 -8.90
C ALA J 416 -41.99 -13.95 -8.71
N ASP J 417 -41.25 -14.93 -8.23
CA ASP J 417 -41.78 -16.27 -8.00
C ASP J 417 -42.83 -16.18 -6.91
N LEU J 418 -42.52 -15.50 -5.81
CA LEU J 418 -43.49 -15.35 -4.75
C LEU J 418 -44.69 -14.52 -5.18
N LYS J 419 -44.45 -13.50 -5.99
CA LYS J 419 -45.53 -12.64 -6.46
C LYS J 419 -46.56 -13.44 -7.23
N GLN J 420 -46.13 -14.20 -8.21
CA GLN J 420 -47.08 -15.00 -8.99
C GLN J 420 -47.80 -16.06 -8.13
N ALA J 421 -47.12 -16.63 -7.15
CA ALA J 421 -47.75 -17.64 -6.29
C ALA J 421 -48.81 -16.99 -5.42
N ILE J 422 -48.45 -15.88 -4.81
CA ILE J 422 -49.35 -15.15 -3.94
C ILE J 422 -50.60 -14.62 -4.62
N GLU J 423 -50.41 -14.09 -5.82
CA GLU J 423 -51.48 -13.49 -6.61
C GLU J 423 -52.36 -14.51 -7.31
N SER J 424 -52.02 -15.77 -7.17
CA SER J 424 -52.81 -16.83 -7.71
C SER J 424 -53.25 -17.73 -6.51
N ASN K 3 39.81 14.03 -59.46
CA ASN K 3 40.60 14.10 -60.69
C ASN K 3 39.61 14.43 -61.80
N PHE K 4 39.28 13.42 -62.63
CA PHE K 4 38.41 13.57 -63.79
C PHE K 4 36.89 13.67 -63.64
N ASN K 5 36.24 14.13 -64.71
CA ASN K 5 34.78 14.26 -64.72
C ASN K 5 34.12 12.91 -64.98
N LYS K 6 32.84 12.82 -64.65
CA LYS K 6 32.06 11.60 -64.83
C LYS K 6 32.14 11.00 -66.23
N GLU K 7 32.02 11.86 -67.24
CA GLU K 7 32.06 11.39 -68.62
C GLU K 7 33.35 10.65 -68.86
N THR K 8 34.42 11.18 -68.29
CA THR K 8 35.75 10.59 -68.47
C THR K 8 35.92 9.27 -67.75
N LEU K 9 35.34 9.19 -66.56
CA LEU K 9 35.39 8.01 -65.73
C LEU K 9 34.63 6.84 -66.30
N ALA K 10 33.67 7.13 -67.16
CA ALA K 10 32.88 6.06 -67.79
C ALA K 10 33.66 5.42 -68.94
N LEU K 11 34.76 6.05 -69.30
CA LEU K 11 35.65 5.63 -70.40
C LEU K 11 37.07 5.15 -70.03
N HIS K 12 37.56 5.64 -68.90
CA HIS K 12 38.87 5.32 -68.39
C HIS K 12 38.81 4.96 -66.93
N GLY K 13 39.56 3.92 -66.54
CA GLY K 13 39.60 3.50 -65.15
C GLY K 13 39.29 2.03 -64.93
N ALA K 14 39.76 1.53 -63.80
CA ALA K 14 39.53 0.12 -63.39
C ALA K 14 39.94 -0.94 -64.41
N TYR K 15 40.83 -0.60 -65.33
CA TYR K 15 41.32 -1.50 -66.37
C TYR K 15 42.67 -0.94 -66.80
N ASN K 16 43.74 -1.66 -66.48
CA ASN K 16 45.10 -1.19 -66.84
C ASN K 16 45.75 -1.83 -68.08
N PHE K 17 45.01 -2.58 -68.89
CA PHE K 17 45.55 -3.25 -70.08
C PHE K 17 46.36 -4.49 -69.64
N ASP K 18 45.94 -5.68 -70.04
CA ASP K 18 46.71 -6.85 -69.65
C ASP K 18 47.99 -6.95 -70.55
N THR K 19 48.51 -8.14 -70.75
CA THR K 19 49.71 -8.32 -71.55
C THR K 19 49.54 -7.87 -73.01
N GLN K 20 48.37 -8.13 -73.56
CA GLN K 20 48.05 -7.79 -74.97
C GLN K 20 47.79 -6.33 -75.23
N ARG K 21 47.51 -5.60 -74.16
CA ARG K 21 47.24 -4.16 -74.25
C ARG K 21 46.10 -3.76 -75.20
N SER K 22 45.02 -4.52 -75.15
CA SER K 22 43.86 -4.24 -75.97
C SER K 22 43.20 -3.01 -75.34
N ILE K 23 42.81 -2.05 -76.17
CA ILE K 23 42.16 -0.84 -75.68
C ILE K 23 40.80 -1.18 -75.10
N SER K 24 40.09 -2.09 -75.77
CA SER K 24 38.79 -2.52 -75.31
C SER K 24 39.00 -3.61 -74.24
N VAL K 25 38.09 -3.67 -73.28
CA VAL K 25 38.19 -4.65 -72.22
C VAL K 25 37.90 -6.03 -72.82
N PRO K 26 38.75 -7.00 -72.57
CA PRO K 26 38.45 -8.29 -73.15
C PRO K 26 37.24 -8.95 -72.52
N ILE K 27 36.59 -9.83 -73.29
CA ILE K 27 35.43 -10.56 -72.83
C ILE K 27 35.91 -11.94 -72.30
N TYR K 28 35.88 -12.08 -70.98
CA TYR K 28 36.33 -13.31 -70.33
C TYR K 28 35.20 -14.32 -70.27
N GLN K 29 34.91 -14.94 -71.42
CA GLN K 29 33.85 -15.92 -71.57
C GLN K 29 34.55 -17.15 -70.96
N ASN K 30 34.54 -17.14 -69.63
CA ASN K 30 35.23 -18.12 -68.86
C ASN K 30 34.70 -18.27 -67.45
N THR K 31 34.77 -19.49 -66.91
CA THR K 31 34.26 -19.74 -65.56
C THR K 31 35.33 -19.95 -64.51
N ALA K 32 36.48 -20.46 -64.90
CA ALA K 32 37.55 -20.75 -63.93
C ALA K 32 38.89 -20.16 -64.26
N TYR K 33 39.75 -20.15 -63.24
CA TYR K 33 41.07 -19.57 -63.35
C TYR K 33 42.18 -20.52 -62.87
N ASN K 34 43.32 -20.44 -63.53
CA ASN K 34 44.43 -21.25 -63.19
C ASN K 34 45.23 -20.61 -62.06
N PHE K 35 45.11 -21.14 -60.85
CA PHE K 35 45.87 -20.60 -59.73
C PHE K 35 47.33 -20.93 -60.01
N GLU K 36 48.22 -20.02 -59.65
CA GLU K 36 49.67 -20.19 -59.88
C GLU K 36 50.31 -21.23 -58.98
N ASN K 37 49.67 -21.50 -57.84
CA ASN K 37 50.19 -22.49 -56.88
C ASN K 37 49.13 -22.75 -55.83
N LEU K 38 49.29 -23.83 -55.06
CA LEU K 38 48.30 -24.17 -54.05
C LEU K 38 48.09 -23.13 -52.94
N ASP K 39 49.15 -22.44 -52.50
CA ASP K 39 48.99 -21.42 -51.45
C ASP K 39 48.05 -20.33 -51.92
N GLN K 40 48.32 -19.82 -53.12
CA GLN K 40 47.52 -18.76 -53.71
C GLN K 40 46.05 -19.12 -53.71
N ALA K 41 45.77 -20.34 -54.14
CA ALA K 41 44.41 -20.83 -54.20
C ALA K 41 43.77 -20.78 -52.81
N ALA K 42 44.32 -21.57 -51.90
CA ALA K 42 43.81 -21.63 -50.53
C ALA K 42 43.69 -20.23 -49.93
N ALA K 43 44.69 -19.39 -50.18
CA ALA K 43 44.65 -18.04 -49.65
C ALA K 43 43.41 -17.30 -50.17
N ARG K 44 43.04 -17.53 -51.43
CA ARG K 44 41.84 -16.86 -51.99
C ARG K 44 40.55 -17.41 -51.39
N PHE K 45 40.50 -18.72 -51.18
CA PHE K 45 39.30 -19.32 -50.56
C PHE K 45 39.09 -18.88 -49.11
N ASN K 46 40.13 -18.33 -48.48
CA ASN K 46 40.09 -17.84 -47.08
C ASN K 46 39.98 -16.34 -46.94
N LEU K 47 39.79 -15.64 -48.04
CA LEU K 47 39.70 -14.18 -48.02
C LEU K 47 41.00 -13.52 -47.56
N GLN K 48 42.10 -14.27 -47.46
CA GLN K 48 43.36 -13.64 -47.08
C GLN K 48 43.84 -12.84 -48.29
N GLU K 49 43.79 -13.45 -49.47
CA GLU K 49 44.19 -12.78 -50.71
C GLU K 49 43.01 -12.54 -51.61
N LEU K 50 42.88 -11.34 -52.16
CA LEU K 50 41.76 -11.07 -53.06
C LEU K 50 42.20 -11.46 -54.51
N GLY K 51 41.28 -11.98 -55.30
CA GLY K 51 41.60 -12.40 -56.65
C GLY K 51 40.60 -13.35 -57.28
N ASN K 52 40.90 -13.73 -58.50
CA ASN K 52 40.03 -14.62 -59.26
C ASN K 52 39.96 -16.02 -58.72
N ILE K 53 38.73 -16.52 -58.67
CA ILE K 53 38.47 -17.85 -58.18
C ILE K 53 37.56 -18.62 -59.13
N TYR K 54 36.34 -18.12 -59.27
CA TYR K 54 35.31 -18.75 -60.10
C TYR K 54 34.32 -17.67 -60.46
N SER K 55 33.93 -17.64 -61.73
CA SER K 55 33.02 -16.61 -62.27
C SER K 55 31.67 -16.41 -61.62
N ARG K 56 31.20 -17.40 -60.87
CA ARG K 56 29.93 -17.21 -60.20
C ARG K 56 30.11 -16.12 -59.13
N LEU K 57 31.33 -15.95 -58.61
CA LEU K 57 31.63 -14.95 -57.61
C LEU K 57 32.07 -13.64 -58.24
N SER K 58 33.05 -13.73 -59.13
CA SER K 58 33.54 -12.55 -59.83
C SER K 58 34.22 -12.92 -61.14
N ASN K 59 34.23 -11.95 -62.05
CA ASN K 59 34.83 -12.06 -63.38
C ASN K 59 35.50 -10.71 -63.72
N PRO K 60 36.70 -10.76 -64.32
CA PRO K 60 37.41 -9.50 -64.64
C PRO K 60 36.63 -8.53 -65.52
N THR K 61 35.85 -9.03 -66.48
CA THR K 61 35.08 -8.14 -67.35
C THR K 61 34.08 -7.42 -66.47
N SER K 62 33.31 -8.17 -65.70
CA SER K 62 32.33 -7.56 -64.81
C SER K 62 32.94 -6.70 -63.68
N ASP K 63 34.19 -6.98 -63.30
CA ASP K 63 34.84 -6.19 -62.26
C ASP K 63 35.09 -4.78 -62.73
N VAL K 64 35.47 -4.64 -63.99
CA VAL K 64 35.72 -3.32 -64.55
C VAL K 64 34.42 -2.52 -64.49
N LEU K 65 33.33 -3.19 -64.87
CA LEU K 65 32.00 -2.59 -64.87
C LEU K 65 31.62 -2.11 -63.48
N GLY K 66 31.80 -2.98 -62.52
CA GLY K 66 31.47 -2.66 -61.12
C GLY K 66 32.18 -1.42 -60.60
N GLN K 67 33.50 -1.39 -60.81
CA GLN K 67 34.30 -0.29 -60.33
C GLN K 67 33.96 1.01 -61.06
N ARG K 68 33.78 0.94 -62.38
CA ARG K 68 33.44 2.17 -63.12
C ARG K 68 32.10 2.70 -62.69
N LEU K 69 31.13 1.81 -62.52
CA LEU K 69 29.81 2.26 -62.07
C LEU K 69 29.95 2.96 -60.71
N ALA K 70 30.83 2.42 -59.86
CA ALA K 70 31.03 3.03 -58.54
C ALA K 70 31.69 4.41 -58.72
N ASN K 71 32.65 4.47 -59.63
CA ASN K 71 33.36 5.70 -59.89
C ASN K 71 32.44 6.79 -60.40
N VAL K 72 31.55 6.47 -61.34
CA VAL K 72 30.65 7.51 -61.86
C VAL K 72 29.67 7.97 -60.80
N GLU K 73 29.27 7.09 -59.89
CA GLU K 73 28.34 7.49 -58.81
C GLU K 73 29.04 8.20 -57.66
N GLY K 74 30.36 8.11 -57.59
CA GLY K 74 31.12 8.73 -56.50
C GLY K 74 31.13 7.81 -55.30
N GLY K 75 30.90 6.54 -55.53
CA GLY K 75 30.86 5.53 -54.45
C GLY K 75 32.19 4.82 -54.32
N ALA K 76 32.21 3.77 -53.50
CA ALA K 76 33.46 3.00 -53.27
C ALA K 76 33.65 1.72 -54.04
N PHE K 77 32.61 0.90 -54.08
CA PHE K 77 32.71 -0.38 -54.76
C PHE K 77 31.35 -0.77 -55.36
N GLY K 78 31.38 -1.45 -56.48
CA GLY K 78 30.17 -1.87 -57.14
C GLY K 78 30.21 -3.33 -57.54
N ILE K 79 29.05 -3.97 -57.49
CA ILE K 79 28.91 -5.36 -57.83
C ILE K 79 27.79 -5.67 -58.83
N PRO K 80 28.15 -6.14 -60.02
CA PRO K 80 27.15 -6.43 -61.00
C PRO K 80 26.59 -7.78 -60.79
N VAL K 81 25.30 -7.89 -61.07
CA VAL K 81 24.55 -9.12 -60.90
C VAL K 81 23.68 -9.36 -62.11
N ALA K 82 23.02 -10.50 -62.16
CA ALA K 82 22.20 -10.88 -63.33
C ALA K 82 21.08 -9.97 -63.77
N SER K 83 20.53 -9.19 -62.85
CA SER K 83 19.45 -8.30 -63.22
C SER K 83 19.22 -7.29 -62.15
N GLY K 84 18.43 -6.27 -62.50
CA GLY K 84 18.07 -5.17 -61.58
C GLY K 84 17.31 -5.75 -60.39
N ALA K 86 17.55 -8.82 -59.23
CA ALA K 86 18.51 -9.52 -58.41
C ALA K 86 19.26 -8.53 -57.54
N ALA K 87 19.57 -7.37 -58.09
CA ALA K 87 20.25 -6.32 -57.33
C ALA K 87 19.39 -5.84 -56.15
N CYS K 88 18.11 -5.61 -56.39
CA CYS K 88 17.22 -5.14 -55.34
C CYS K 88 17.14 -6.23 -54.25
N PHE K 89 16.95 -7.46 -54.69
CA PHE K 89 16.85 -8.62 -53.80
C PHE K 89 18.09 -8.75 -52.92
N TYR K 90 19.24 -8.82 -53.58
CA TYR K 90 20.53 -8.92 -52.89
C TYR K 90 20.77 -7.78 -51.92
N ALA K 91 20.35 -6.57 -52.27
CA ALA K 91 20.57 -5.43 -51.39
C ALA K 91 19.75 -5.55 -50.09
N LEU K 92 18.51 -6.00 -50.23
CA LEU K 92 17.61 -6.16 -49.10
C LEU K 92 18.04 -7.32 -48.17
N ILE K 93 18.24 -8.50 -48.74
CA ILE K 93 18.63 -9.66 -47.94
C ILE K 93 20.02 -9.50 -47.36
N ASN K 94 20.85 -8.60 -47.88
CA ASN K 94 22.19 -8.44 -47.31
C ASN K 94 22.06 -7.65 -46.00
N LEU K 95 20.88 -7.07 -45.81
CA LEU K 95 20.57 -6.26 -44.64
C LEU K 95 19.52 -6.84 -43.71
N ALA K 96 18.52 -7.50 -44.27
CA ALA K 96 17.44 -8.09 -43.48
C ALA K 96 17.36 -9.60 -43.65
N SER K 97 16.99 -10.26 -42.55
CA SER K 97 16.83 -11.70 -42.51
C SER K 97 15.49 -12.00 -41.86
N SER K 98 15.13 -13.26 -41.79
CA SER K 98 13.86 -13.66 -41.19
C SER K 98 13.58 -12.98 -39.82
N GLY K 99 12.39 -12.41 -39.69
CA GLY K 99 11.99 -11.71 -38.48
C GLY K 99 12.21 -10.21 -38.54
N ASP K 100 12.92 -9.74 -39.55
CA ASP K 100 13.16 -8.31 -39.68
C ASP K 100 12.13 -7.69 -40.63
N ASN K 101 12.18 -6.37 -40.76
CA ASN K 101 11.28 -5.67 -41.66
C ASN K 101 12.08 -4.60 -42.43
N VAL K 102 11.52 -4.18 -43.54
CA VAL K 102 12.13 -3.18 -44.40
C VAL K 102 11.06 -2.20 -44.76
N ALA K 103 11.45 -0.94 -44.85
CA ALA K 103 10.55 0.13 -45.20
C ALA K 103 10.73 0.44 -46.68
N TYR K 104 9.62 0.56 -47.42
CA TYR K 104 9.69 0.83 -48.81
C TYR K 104 8.70 1.85 -49.33
N SER K 105 9.14 2.62 -50.32
CA SER K 105 8.31 3.64 -50.93
C SER K 105 7.09 3.04 -51.65
N ASN K 106 5.97 3.77 -51.55
CA ASN K 106 4.71 3.37 -52.17
C ASN K 106 4.71 3.71 -53.66
N LYS K 107 5.75 4.39 -54.11
CA LYS K 107 5.89 4.73 -55.51
C LYS K 107 7.19 4.16 -56.12
N ILE K 108 7.11 2.89 -56.53
CA ILE K 108 8.25 2.18 -57.15
C ILE K 108 7.83 1.23 -58.25
N TYR K 109 8.84 0.65 -58.88
CA TYR K 109 8.67 -0.30 -59.98
C TYR K 109 7.86 -1.47 -59.47
N GLY K 110 6.83 -1.80 -60.25
CA GLY K 110 5.88 -2.88 -59.91
C GLY K 110 6.52 -4.18 -59.48
N GLY K 111 7.54 -4.57 -60.21
CA GLY K 111 8.25 -5.80 -59.90
C GLY K 111 8.88 -5.69 -58.51
N THR K 112 9.51 -4.57 -58.22
CA THR K 112 10.17 -4.39 -56.92
C THR K 112 9.13 -4.36 -55.80
N GLN K 113 7.94 -3.86 -56.14
CA GLN K 113 6.87 -3.77 -55.17
C GLN K 113 6.40 -5.18 -54.81
N THR K 114 6.25 -6.03 -55.82
CA THR K 114 5.84 -7.43 -55.60
C THR K 114 6.91 -8.16 -54.80
N LEU K 115 8.16 -7.99 -55.19
CA LEU K 115 9.29 -8.60 -54.51
C LEU K 115 9.25 -8.30 -53.01
N ILE K 116 9.15 -7.02 -52.71
CA ILE K 116 9.17 -6.57 -51.34
C ILE K 116 7.91 -6.88 -50.55
N SER K 117 6.73 -6.55 -51.09
CA SER K 117 5.48 -6.77 -50.33
C SER K 117 4.94 -8.19 -50.35
N HIS K 118 5.33 -9.01 -51.32
CA HIS K 118 4.82 -10.40 -51.34
C HIS K 118 5.89 -11.50 -51.26
N THR K 119 6.77 -11.51 -52.24
CA THR K 119 7.82 -12.54 -52.28
C THR K 119 8.73 -12.65 -51.06
N LEU K 120 9.17 -11.54 -50.50
CA LEU K 120 10.03 -11.61 -49.32
C LEU K 120 9.36 -12.23 -48.08
N LYS K 121 8.02 -12.29 -48.05
CA LYS K 121 7.31 -12.90 -46.91
C LYS K 121 7.77 -14.34 -46.77
N ASN K 122 7.92 -15.01 -47.92
CA ASN K 122 8.38 -16.41 -47.95
C ASN K 122 9.65 -16.61 -47.19
N PHE K 123 10.42 -15.55 -47.03
CA PHE K 123 11.67 -15.68 -46.30
C PHE K 123 11.59 -15.06 -44.90
N GLY K 124 10.37 -14.81 -44.44
CA GLY K 124 10.14 -14.23 -43.13
C GLY K 124 10.57 -12.78 -43.00
N ILE K 125 10.54 -12.05 -44.12
CA ILE K 125 10.92 -10.65 -44.16
C ILE K 125 9.66 -9.80 -44.40
N GLU K 126 9.32 -9.02 -43.38
CA GLU K 126 8.14 -8.14 -43.41
C GLU K 126 8.41 -6.84 -44.16
N ALA K 127 7.42 -6.38 -44.90
CA ALA K 127 7.53 -5.15 -45.66
C ALA K 127 6.55 -4.12 -45.12
N ARG K 128 7.01 -2.88 -44.97
CA ARG K 128 6.19 -1.78 -44.47
C ARG K 128 6.27 -0.59 -45.39
N GLU K 129 5.16 -0.36 -46.07
CA GLU K 129 5.03 0.74 -47.03
C GLU K 129 5.07 2.13 -46.38
N PHE K 130 5.50 3.13 -47.12
CA PHE K 130 5.52 4.48 -46.60
C PHE K 130 5.30 5.37 -47.82
N ASP K 131 4.83 6.58 -47.57
CA ASP K 131 4.56 7.56 -48.62
C ASP K 131 5.73 8.54 -48.75
N ILE K 132 6.38 8.56 -49.91
CA ILE K 132 7.52 9.47 -50.12
C ILE K 132 7.09 10.92 -50.07
N ASP K 133 5.81 11.18 -50.32
CA ASP K 133 5.28 12.52 -50.28
C ASP K 133 4.92 13.00 -48.85
N ASP K 134 4.95 12.11 -47.87
CA ASP K 134 4.62 12.45 -46.47
C ASP K 134 5.54 11.63 -45.57
N LEU K 135 6.76 12.10 -45.43
CA LEU K 135 7.78 11.38 -44.63
C LEU K 135 7.48 11.04 -43.18
N ASP K 136 6.52 11.70 -42.57
CA ASP K 136 6.21 11.34 -41.19
C ASP K 136 5.78 9.86 -41.22
N SER K 137 5.18 9.44 -42.34
CA SER K 137 4.73 8.05 -42.50
C SER K 137 5.89 7.07 -42.41
N LEU K 138 7.10 7.54 -42.69
CA LEU K 138 8.28 6.69 -42.62
C LEU K 138 8.67 6.47 -41.15
N GLU K 139 8.73 7.54 -40.37
CA GLU K 139 9.06 7.45 -38.92
C GLU K 139 8.17 6.45 -38.24
N LYS K 140 6.90 6.56 -38.57
CA LYS K 140 5.85 5.71 -38.06
C LYS K 140 6.08 4.20 -38.19
N VAL K 141 6.56 3.75 -39.33
CA VAL K 141 6.77 2.30 -39.53
C VAL K 141 8.11 1.76 -39.06
N ILE K 142 8.98 2.64 -38.61
CA ILE K 142 10.30 2.22 -38.14
C ILE K 142 10.36 1.69 -36.71
N ASP K 143 11.11 0.59 -36.54
CA ASP K 143 11.32 -0.02 -35.20
C ASP K 143 12.78 -0.50 -35.17
N GLN K 144 13.19 -1.24 -34.14
CA GLN K 144 14.61 -1.66 -34.08
C GLN K 144 14.90 -2.83 -35.03
N ASN K 145 13.85 -3.40 -35.61
CA ASN K 145 13.97 -4.52 -36.57
C ASN K 145 13.99 -4.07 -38.03
N THR K 146 13.76 -2.77 -38.26
CA THR K 146 13.77 -2.18 -39.60
C THR K 146 15.23 -2.13 -40.07
N LYS K 147 15.56 -2.88 -41.12
CA LYS K 147 16.94 -2.92 -41.61
C LYS K 147 17.27 -2.11 -42.85
N ALA K 148 16.24 -1.65 -43.55
CA ALA K 148 16.48 -0.87 -44.75
C ALA K 148 15.32 0.03 -45.11
N ILE K 149 15.67 1.14 -45.77
CA ILE K 149 14.73 2.13 -46.25
C ILE K 149 14.96 2.17 -47.77
N PHE K 150 13.98 1.67 -48.51
CA PHE K 150 14.07 1.59 -49.96
C PHE K 150 13.17 2.54 -50.74
N PHE K 151 13.76 3.20 -51.75
CA PHE K 151 13.03 4.14 -52.59
C PHE K 151 13.74 4.37 -53.91
N GLU K 152 13.03 5.00 -54.82
CA GLU K 152 13.57 5.34 -56.15
C GLU K 152 13.80 6.85 -56.20
N SER K 153 14.86 7.26 -56.88
CA SER K 153 15.19 8.67 -57.02
C SER K 153 14.17 9.37 -57.92
N LEU K 154 13.80 8.69 -58.99
CA LEU K 154 12.84 9.18 -59.97
C LEU K 154 12.03 7.93 -60.23
N SER K 155 10.82 7.90 -59.73
CA SER K 155 10.00 6.67 -59.85
C SER K 155 9.42 6.28 -61.20
N ASN K 156 9.16 4.97 -61.29
CA ASN K 156 8.58 4.32 -62.45
C ASN K 156 7.17 3.71 -62.15
N PRO K 157 6.08 4.16 -62.85
CA PRO K 157 5.90 5.14 -63.92
C PRO K 157 5.42 6.53 -63.58
N GLN K 158 5.31 6.82 -62.29
CA GLN K 158 4.87 8.09 -61.78
C GLN K 158 5.80 9.27 -62.04
N ILE K 159 7.08 8.95 -62.11
CA ILE K 159 8.10 9.95 -62.32
C ILE K 159 8.05 10.84 -61.06
N ALA K 160 7.93 10.17 -59.92
CA ALA K 160 7.89 10.85 -58.65
C ALA K 160 9.30 11.01 -58.10
N ILE K 161 9.64 12.24 -57.75
CA ILE K 161 10.97 12.54 -57.20
C ILE K 161 10.98 12.55 -55.66
N ALA K 162 11.91 11.79 -55.10
CA ALA K 162 12.06 11.67 -53.65
C ALA K 162 12.91 12.77 -53.09
N ASP K 163 12.51 13.28 -51.92
CA ASP K 163 13.26 14.34 -51.28
C ASP K 163 14.30 13.57 -50.48
N ILE K 164 15.39 13.28 -51.16
CA ILE K 164 16.48 12.49 -50.58
C ILE K 164 17.04 12.98 -49.25
N GLU K 165 17.36 14.27 -49.15
CA GLU K 165 17.90 14.81 -47.88
C GLU K 165 17.08 14.50 -46.67
N LYS K 166 15.75 14.57 -46.82
CA LYS K 166 14.83 14.28 -45.71
C LYS K 166 14.79 12.82 -45.37
N ILE K 167 14.95 11.95 -46.37
CA ILE K 167 14.95 10.52 -46.12
C ILE K 167 16.24 10.20 -45.38
N ASN K 168 17.32 10.83 -45.82
CA ASN K 168 18.61 10.64 -45.22
C ASN K 168 18.61 10.99 -43.75
N GLN K 169 18.01 12.12 -43.42
CA GLN K 169 17.93 12.63 -42.06
C GLN K 169 17.38 11.56 -41.15
N ILE K 170 16.22 11.06 -41.52
CA ILE K 170 15.53 10.02 -40.77
C ILE K 170 16.35 8.74 -40.69
N ALA K 171 16.94 8.35 -41.82
CA ALA K 171 17.75 7.15 -41.88
C ALA K 171 18.99 7.26 -41.02
N LYS K 172 19.69 8.39 -41.10
CA LYS K 172 20.91 8.58 -40.28
C LYS K 172 20.62 8.64 -38.77
N LYS K 173 19.46 9.20 -38.42
CA LYS K 173 19.07 9.31 -37.04
C LYS K 173 18.94 7.92 -36.42
N HIS K 174 18.20 7.03 -37.08
CA HIS K 174 18.00 5.66 -36.56
C HIS K 174 19.12 4.67 -36.89
N LYS K 175 20.14 5.13 -37.62
CA LYS K 175 21.27 4.27 -38.00
C LYS K 175 20.85 3.12 -38.91
N ILE K 176 19.98 3.47 -39.86
CA ILE K 176 19.46 2.50 -40.82
C ILE K 176 20.06 2.77 -42.21
N VAL K 177 20.38 1.69 -42.90
CA VAL K 177 20.94 1.77 -44.24
C VAL K 177 19.86 2.17 -45.23
N SER K 178 20.14 3.20 -46.02
CA SER K 178 19.22 3.67 -47.04
C SER K 178 19.64 3.15 -48.41
N ILE K 179 18.66 2.65 -49.17
CA ILE K 179 18.85 2.10 -50.51
C ILE K 179 18.08 2.93 -51.55
N CYS K 180 18.80 3.50 -52.52
CA CYS K 180 18.20 4.29 -53.59
C CYS K 180 18.37 3.65 -54.98
N ASP K 181 17.26 3.38 -55.65
CA ASP K 181 17.25 2.81 -56.96
C ASP K 181 17.31 4.03 -57.86
N ASN K 182 18.48 4.24 -58.46
CA ASN K 182 18.74 5.40 -59.33
C ASN K 182 18.71 5.06 -60.83
N THR K 183 17.98 3.99 -61.17
CA THR K 183 17.90 3.54 -62.55
C THR K 183 17.49 4.55 -63.58
N VAL K 184 16.37 5.19 -63.36
CA VAL K 184 15.85 6.15 -64.34
C VAL K 184 16.64 7.44 -64.49
N ALA K 185 17.04 8.03 -63.38
CA ALA K 185 17.80 9.27 -63.43
C ALA K 185 19.20 9.07 -64.01
N THR K 186 19.80 7.93 -63.65
CA THR K 186 21.16 7.52 -64.06
C THR K 186 22.16 8.33 -63.24
N PRO K 187 23.39 7.85 -63.13
CA PRO K 187 24.34 8.59 -62.35
C PRO K 187 24.70 9.93 -62.96
N PHE K 188 24.39 10.11 -64.24
CA PHE K 188 24.71 11.37 -64.89
C PHE K 188 23.73 12.49 -64.65
N LEU K 189 22.54 12.21 -64.14
CA LEU K 189 21.59 13.30 -63.88
C LEU K 189 21.37 13.52 -62.40
N LEU K 190 21.69 12.49 -61.60
CA LEU K 190 21.52 12.56 -60.16
C LEU K 190 22.50 11.64 -59.44
N GLN K 191 23.09 12.17 -58.35
CA GLN K 191 24.08 11.43 -57.60
C GLN K 191 23.58 11.23 -56.17
N PRO K 192 22.78 10.20 -55.93
CA PRO K 192 22.27 10.00 -54.57
C PRO K 192 23.32 9.99 -53.46
N PHE K 193 24.53 9.51 -53.72
CA PHE K 193 25.54 9.52 -52.67
C PHE K 193 25.82 10.94 -52.12
N LYS K 194 25.73 11.93 -52.97
CA LYS K 194 25.93 13.31 -52.53
C LYS K 194 24.96 13.68 -51.47
N HIS K 195 23.81 13.02 -51.43
CA HIS K 195 22.82 13.38 -50.43
C HIS K 195 22.65 12.42 -49.28
N GLY K 196 23.70 11.66 -48.97
CA GLY K 196 23.68 10.74 -47.85
C GLY K 196 23.23 9.31 -48.06
N VAL K 197 22.93 8.93 -49.29
CA VAL K 197 22.48 7.56 -49.52
C VAL K 197 23.64 6.62 -49.22
N ASP K 198 23.30 5.47 -48.68
CA ASP K 198 24.28 4.43 -48.32
C ASP K 198 24.57 3.44 -49.45
N VAL K 199 23.49 2.93 -50.04
CA VAL K 199 23.54 1.95 -51.11
C VAL K 199 22.65 2.32 -52.31
N ILE K 200 23.23 2.23 -53.50
CA ILE K 200 22.53 2.51 -54.74
C ILE K 200 22.35 1.26 -55.57
N VAL K 201 21.13 1.04 -56.05
CA VAL K 201 20.89 -0.09 -56.93
C VAL K 201 20.49 0.44 -58.31
N HIS K 202 20.87 -0.29 -59.34
CA HIS K 202 20.55 0.07 -60.70
C HIS K 202 20.12 -1.10 -61.50
N SER K 203 19.14 -0.87 -62.35
CA SER K 203 18.73 -1.90 -63.28
C SER K 203 19.57 -1.43 -64.50
N LEU K 204 20.70 -2.08 -64.74
CA LEU K 204 21.61 -1.73 -65.87
C LEU K 204 20.94 -2.04 -67.20
N SER K 205 19.95 -2.91 -67.12
CA SER K 205 19.15 -3.36 -68.25
C SER K 205 18.47 -2.21 -69.00
N TYR K 207 18.75 2.14 -68.95
CA TYR K 207 19.63 3.17 -69.57
C TYR K 207 21.09 2.84 -69.81
N VAL K 208 21.72 2.15 -68.88
CA VAL K 208 23.15 1.80 -69.04
C VAL K 208 23.33 1.01 -70.32
N SER K 209 22.44 0.07 -70.56
CA SER K 209 22.48 -0.71 -71.79
C SER K 209 22.13 0.28 -72.86
N GLY K 210 20.97 0.90 -72.67
CA GLY K 210 20.44 1.90 -73.60
C GLY K 210 19.92 1.41 -74.93
N GLN K 211 19.95 0.10 -75.12
CA GLN K 211 19.53 -0.51 -76.38
C GLN K 211 18.70 -1.79 -76.32
N GLY K 212 18.18 -2.09 -75.15
CA GLY K 212 17.35 -3.26 -74.95
C GLY K 212 18.02 -4.56 -75.27
N THR K 213 19.32 -4.63 -75.05
CA THR K 213 20.06 -5.83 -75.36
C THR K 213 20.75 -6.60 -74.23
N ALA K 214 20.90 -6.02 -73.05
CA ALA K 214 21.58 -6.77 -72.01
C ALA K 214 20.95 -6.57 -70.66
N LEU K 215 20.40 -7.66 -70.16
CA LEU K 215 19.75 -7.69 -68.89
C LEU K 215 20.89 -7.66 -67.87
N GLY K 216 20.72 -6.86 -66.82
CA GLY K 216 21.75 -6.73 -65.78
C GLY K 216 21.41 -5.77 -64.66
N GLY K 217 22.09 -5.93 -63.54
CA GLY K 217 21.89 -5.07 -62.37
C GLY K 217 23.18 -4.80 -61.63
N ALA K 218 23.14 -3.85 -60.70
CA ALA K 218 24.32 -3.53 -59.91
C ALA K 218 24.00 -2.97 -58.53
N LEU K 219 24.85 -3.32 -57.56
CA LEU K 219 24.69 -2.83 -56.19
C LEU K 219 25.95 -2.02 -55.96
N ILE K 220 25.79 -0.77 -55.58
CA ILE K 220 26.92 0.11 -55.35
C ILE K 220 26.89 0.66 -53.93
N GLU K 221 28.03 0.65 -53.25
CA GLU K 221 28.06 1.15 -51.90
C GLU K 221 28.89 2.44 -51.82
N ARG K 222 28.49 3.32 -50.91
CA ARG K 222 29.18 4.57 -50.73
C ARG K 222 30.49 4.37 -49.99
N LYS K 223 31.27 5.43 -49.98
CA LYS K 223 32.53 5.40 -49.28
C LYS K 223 32.21 5.44 -47.78
N ASP K 224 32.99 4.71 -47.00
CA ASP K 224 32.87 4.66 -45.55
C ASP K 224 31.60 4.01 -45.03
N LEU K 225 30.94 3.17 -45.82
CA LEU K 225 29.72 2.51 -45.34
C LEU K 225 30.00 1.59 -44.11
N ASN K 226 31.25 1.11 -43.98
CA ASN K 226 31.63 0.28 -42.83
C ASN K 226 31.29 1.01 -41.50
N ASP K 227 31.52 2.32 -41.46
CA ASP K 227 31.24 3.13 -40.28
C ASP K 227 29.81 2.88 -39.77
N LEU K 228 28.86 2.75 -40.68
CA LEU K 228 27.46 2.51 -40.34
C LEU K 228 27.13 1.07 -40.02
N LEU K 229 27.85 0.13 -40.63
CA LEU K 229 27.59 -1.31 -40.40
C LEU K 229 28.36 -1.90 -39.23
N LYS K 230 29.63 -1.53 -39.10
CA LYS K 230 30.44 -2.03 -37.99
C LYS K 230 29.98 -1.47 -36.65
N ASN K 231 29.94 -2.33 -35.64
CA ASN K 231 29.53 -1.97 -34.28
C ASN K 231 28.17 -1.32 -34.24
N ASN K 232 27.24 -1.87 -35.00
CA ASN K 232 25.89 -1.35 -35.05
C ASN K 232 25.02 -2.54 -34.72
N ASP K 233 24.37 -2.45 -33.56
CA ASP K 233 23.50 -3.46 -32.98
C ASP K 233 22.31 -3.81 -33.94
N ARG K 234 22.03 -2.93 -34.90
CA ARG K 234 20.96 -3.22 -35.85
C ARG K 234 21.41 -4.24 -36.93
N TYR K 235 22.72 -4.39 -37.12
CA TYR K 235 23.24 -5.33 -38.14
C TYR K 235 24.23 -6.38 -37.59
N LYS K 236 23.68 -7.42 -36.97
CA LYS K 236 24.52 -8.47 -36.39
C LYS K 236 25.25 -9.35 -37.41
N ALA K 237 24.69 -9.53 -38.61
CA ALA K 237 25.36 -10.34 -39.64
C ALA K 237 26.76 -9.79 -39.94
N PHE K 238 26.95 -8.50 -39.77
CA PHE K 238 28.27 -7.87 -40.03
C PHE K 238 29.14 -7.72 -38.78
N ASN K 239 28.68 -8.27 -37.67
CA ASN K 239 29.40 -8.17 -36.38
C ASN K 239 29.43 -9.44 -35.55
N THR K 240 29.25 -10.59 -36.19
CA THR K 240 29.25 -11.86 -35.44
C THR K 240 30.00 -12.93 -36.23
N PRO K 241 30.74 -13.81 -35.52
CA PRO K 241 31.49 -14.85 -36.23
C PRO K 241 30.52 -15.62 -37.11
N ASP K 242 30.92 -15.87 -38.34
CA ASP K 242 30.06 -16.58 -39.27
C ASP K 242 30.54 -18.02 -39.46
N PRO K 243 29.66 -19.00 -39.18
CA PRO K 243 30.03 -20.40 -39.33
C PRO K 243 30.32 -20.81 -40.77
N SER K 244 29.69 -20.16 -41.75
CA SER K 244 29.95 -20.52 -43.16
C SER K 244 31.42 -20.22 -43.49
N TYR K 245 32.06 -19.30 -42.76
CA TYR K 245 33.48 -18.94 -42.96
C TYR K 245 34.40 -19.17 -41.77
N HIS K 246 34.23 -20.31 -41.12
CA HIS K 246 35.04 -20.67 -39.95
C HIS K 246 35.21 -19.56 -38.94
N GLY K 247 34.10 -19.04 -38.47
CA GLY K 247 34.08 -17.96 -37.48
C GLY K 247 34.46 -16.55 -37.88
N LEU K 248 34.77 -16.32 -39.15
CA LEU K 248 35.12 -14.99 -39.60
C LEU K 248 34.08 -13.97 -39.19
N ASN K 249 34.53 -12.83 -38.66
CA ASN K 249 33.65 -11.76 -38.27
C ASN K 249 33.96 -10.60 -39.23
N LEU K 250 32.98 -10.22 -40.04
CA LEU K 250 33.17 -9.15 -41.01
C LEU K 250 33.62 -7.82 -40.48
N ASN K 251 33.27 -7.47 -39.25
CA ASN K 251 33.70 -6.17 -38.73
C ASN K 251 35.20 -6.09 -38.50
N THR K 252 35.87 -7.20 -38.69
CA THR K 252 37.31 -7.30 -38.51
C THR K 252 38.05 -6.96 -39.84
N LEU K 253 37.32 -6.85 -40.95
CA LEU K 253 37.94 -6.58 -42.26
C LEU K 253 38.08 -5.13 -42.68
N ASP K 254 39.19 -4.82 -43.29
CA ASP K 254 39.45 -3.49 -43.80
C ASP K 254 39.11 -3.57 -45.33
N LEU K 255 37.83 -3.78 -45.60
CA LEU K 255 37.29 -3.88 -46.96
C LEU K 255 35.83 -3.50 -46.93
N PRO K 256 35.25 -3.14 -48.09
CA PRO K 256 33.82 -2.77 -48.10
C PRO K 256 33.08 -4.04 -47.76
N ILE K 257 32.74 -4.18 -46.48
CA ILE K 257 32.07 -5.40 -46.00
C ILE K 257 30.68 -5.68 -46.59
N PHE K 258 29.96 -4.64 -47.00
CA PHE K 258 28.62 -4.83 -47.58
C PHE K 258 28.80 -5.60 -48.88
N SER K 259 29.72 -5.11 -49.72
CA SER K 259 30.01 -5.74 -51.01
C SER K 259 30.62 -7.13 -50.82
N ILE K 260 31.50 -7.27 -49.84
CA ILE K 260 32.13 -8.57 -49.59
C ILE K 260 31.08 -9.60 -49.26
N ARG K 261 30.09 -9.24 -48.46
CA ARG K 261 29.09 -10.22 -48.11
C ARG K 261 28.29 -10.58 -49.36
N VAL K 262 28.00 -9.60 -50.20
CA VAL K 262 27.25 -9.87 -51.44
C VAL K 262 27.98 -10.94 -52.26
N ILE K 263 29.30 -10.84 -52.29
CA ILE K 263 30.09 -11.80 -53.03
C ILE K 263 30.24 -13.19 -52.41
N ILE K 264 30.82 -13.22 -51.21
CA ILE K 264 31.05 -14.50 -50.50
C ILE K 264 29.81 -15.25 -50.03
N THR K 265 28.69 -14.56 -49.97
CA THR K 265 27.48 -15.23 -49.55
C THR K 265 26.38 -15.27 -50.61
N TRP K 266 25.85 -14.11 -51.00
CA TRP K 266 24.74 -14.09 -51.98
C TRP K 266 25.07 -14.54 -53.40
N LEU K 267 26.19 -14.09 -53.94
CA LEU K 267 26.57 -14.56 -55.28
C LEU K 267 27.02 -16.00 -55.17
N ARG K 268 27.86 -16.29 -54.19
CA ARG K 268 28.38 -17.64 -54.02
C ARG K 268 27.33 -18.72 -53.81
N ASP K 269 26.34 -18.44 -52.97
CA ASP K 269 25.32 -19.42 -52.68
C ASP K 269 23.99 -19.28 -53.46
N LEU K 270 23.55 -18.07 -53.79
CA LEU K 270 22.30 -17.89 -54.56
C LEU K 270 22.55 -17.84 -56.09
N GLY K 271 23.76 -17.44 -56.46
CA GLY K 271 24.17 -17.41 -57.86
C GLY K 271 23.52 -16.62 -58.97
N ALA K 272 23.14 -15.36 -58.69
CA ALA K 272 22.52 -14.51 -59.69
C ALA K 272 23.64 -13.74 -60.38
N SER K 273 24.53 -14.50 -61.01
CA SER K 273 25.69 -13.98 -61.71
C SER K 273 25.46 -13.34 -63.07
N LEU K 274 26.18 -12.25 -63.31
CA LEU K 274 26.08 -11.51 -64.54
C LEU K 274 27.03 -12.15 -65.54
N ALA K 275 26.48 -12.64 -66.64
CA ALA K 275 27.29 -13.26 -67.68
C ALA K 275 28.27 -12.23 -68.30
N PRO K 276 29.45 -12.70 -68.71
CA PRO K 276 30.51 -11.86 -69.30
C PRO K 276 30.14 -11.04 -70.52
N GLN K 277 29.36 -11.65 -71.40
CA GLN K 277 28.94 -10.96 -72.61
C GLN K 277 28.05 -9.79 -72.21
N ASN K 278 27.12 -10.03 -71.28
CA ASN K 278 26.22 -8.94 -70.81
C ASN K 278 27.01 -7.85 -70.12
N ALA K 279 27.95 -8.25 -69.28
CA ALA K 279 28.78 -7.29 -68.57
C ALA K 279 29.53 -6.41 -69.56
N TRP K 280 30.14 -7.05 -70.55
CA TRP K 280 30.90 -6.31 -71.56
C TRP K 280 29.99 -5.33 -72.31
N LEU K 281 28.81 -5.78 -72.74
CA LEU K 281 27.89 -4.90 -73.44
C LEU K 281 27.52 -3.74 -72.57
N LEU K 282 27.28 -4.01 -71.30
CA LEU K 282 26.93 -2.96 -70.33
C LEU K 282 28.08 -1.97 -70.17
N LEU K 283 29.31 -2.45 -70.22
CA LEU K 283 30.45 -1.55 -70.15
C LEU K 283 30.41 -0.63 -71.35
N GLN K 284 30.10 -1.18 -72.52
CA GLN K 284 30.07 -0.38 -73.75
C GLN K 284 28.97 0.68 -73.63
N GLY K 285 27.82 0.30 -73.08
CA GLY K 285 26.75 1.24 -72.91
C GLY K 285 27.11 2.32 -71.93
N LEU K 286 27.82 1.95 -70.88
CA LEU K 286 28.22 2.93 -69.87
C LEU K 286 29.07 4.03 -70.50
N GLU K 287 29.96 3.64 -71.40
CA GLU K 287 30.80 4.59 -72.08
C GLU K 287 30.04 5.73 -72.78
N THR K 288 28.90 5.41 -73.39
CA THR K 288 28.11 6.40 -74.12
C THR K 288 26.87 6.95 -73.41
N LEU K 289 26.60 6.52 -72.18
CA LEU K 289 25.43 6.97 -71.47
C LEU K 289 25.33 8.48 -71.31
N ALA K 290 26.44 9.14 -71.04
CA ALA K 290 26.42 10.58 -70.88
C ALA K 290 25.86 11.31 -72.08
N VAL K 291 26.27 10.92 -73.27
CA VAL K 291 25.75 11.59 -74.45
C VAL K 291 24.30 11.15 -74.70
N ARG K 292 24.03 9.87 -74.56
CA ARG K 292 22.68 9.34 -74.79
C ARG K 292 21.60 9.89 -73.88
N ILE K 293 21.86 9.95 -72.58
CA ILE K 293 20.84 10.42 -71.65
C ILE K 293 20.43 11.88 -71.93
N GLU K 294 21.34 12.68 -72.44
CA GLU K 294 20.99 14.06 -72.77
C GLU K 294 19.98 14.09 -73.93
N LYS K 295 20.18 13.24 -74.94
CA LYS K 295 19.26 13.20 -76.09
C LYS K 295 17.92 12.64 -75.60
N HIS K 296 17.96 11.55 -74.82
CA HIS K 296 16.73 11.01 -74.28
C HIS K 296 15.95 12.13 -73.58
N SER K 297 16.66 12.90 -72.74
CA SER K 297 16.05 14.00 -71.99
C SER K 297 15.52 15.13 -72.86
N GLN K 298 16.32 15.60 -73.80
CA GLN K 298 15.90 16.67 -74.69
C GLN K 298 14.66 16.21 -75.45
N ASN K 299 14.68 14.99 -76.00
CA ASN K 299 13.52 14.49 -76.71
C ASN K 299 12.31 14.40 -75.81
N ALA K 300 12.49 13.90 -74.60
CA ALA K 300 11.36 13.75 -73.67
C ALA K 300 10.70 15.07 -73.38
N GLU K 301 11.50 16.10 -73.18
CA GLU K 301 10.98 17.39 -72.88
C GLU K 301 10.13 17.92 -74.00
N LYS K 302 10.59 17.76 -75.23
CA LYS K 302 9.82 18.24 -76.38
C LYS K 302 8.51 17.50 -76.54
N VAL K 303 8.55 16.19 -76.31
CA VAL K 303 7.37 15.35 -76.41
C VAL K 303 6.43 15.76 -75.30
N ALA K 304 6.98 16.00 -74.11
CA ALA K 304 6.15 16.42 -73.00
C ALA K 304 5.44 17.74 -73.32
N ASN K 305 6.18 18.74 -73.81
CA ASN K 305 5.59 20.05 -74.13
C ASN K 305 4.51 19.93 -75.18
N PHE K 306 4.75 19.08 -76.17
CA PHE K 306 3.78 18.82 -77.22
C PHE K 306 2.51 18.21 -76.64
N LEU K 307 2.66 17.17 -75.84
CA LEU K 307 1.50 16.53 -75.25
C LEU K 307 0.74 17.49 -74.36
N ASN K 308 1.48 18.26 -73.60
CA ASN K 308 0.90 19.19 -72.65
C ASN K 308 0.04 20.29 -73.30
N SER K 309 0.24 20.55 -74.60
CA SER K 309 -0.52 21.57 -75.30
C SER K 309 -1.56 21.03 -76.24
N HIS K 310 -1.62 19.72 -76.39
CA HIS K 310 -2.58 19.13 -77.31
C HIS K 310 -3.94 18.97 -76.63
N PRO K 311 -5.02 19.41 -77.30
CA PRO K 311 -6.37 19.35 -76.75
C PRO K 311 -6.92 17.96 -76.42
N ASP K 312 -6.49 16.92 -77.12
CA ASP K 312 -6.97 15.57 -76.84
C ASP K 312 -6.22 14.87 -75.67
N ILE K 313 -5.33 15.57 -74.98
CA ILE K 313 -4.55 15.00 -73.87
C ILE K 313 -4.98 15.66 -72.59
N LYS K 314 -5.30 14.86 -71.59
CA LYS K 314 -5.79 15.42 -70.32
C LYS K 314 -4.83 15.64 -69.17
N GLY K 315 -3.56 15.36 -69.35
CA GLY K 315 -2.62 15.54 -68.25
C GLY K 315 -1.30 14.91 -68.61
N VAL K 316 -0.20 15.56 -68.25
CA VAL K 316 1.13 15.07 -68.54
C VAL K 316 1.99 15.03 -67.32
N ASN K 317 2.71 13.94 -67.16
CA ASN K 317 3.55 13.74 -66.02
C ASN K 317 5.03 13.80 -66.39
N TYR K 318 5.69 14.94 -66.22
CA TYR K 318 7.13 15.06 -66.53
C TYR K 318 7.69 16.22 -65.69
N PRO K 319 8.80 16.01 -64.97
CA PRO K 319 9.34 17.03 -64.06
C PRO K 319 9.73 18.38 -64.59
N THR K 320 10.02 18.50 -65.88
CA THR K 320 10.40 19.79 -66.41
C THR K 320 9.21 20.73 -66.56
N LEU K 321 8.01 20.17 -66.55
CA LEU K 321 6.81 21.00 -66.65
C LEU K 321 6.61 21.76 -65.32
N ALA K 322 6.62 23.10 -65.41
CA ALA K 322 6.47 24.00 -64.25
C ALA K 322 5.29 23.72 -63.31
N SER K 323 4.21 23.17 -63.85
CA SER K 323 3.01 22.84 -63.08
C SER K 323 3.08 21.48 -62.43
N ASN K 324 4.10 20.71 -62.75
CA ASN K 324 4.21 19.38 -62.18
C ASN K 324 4.54 19.47 -60.68
N ALA K 325 4.00 18.55 -59.90
CA ALA K 325 4.17 18.52 -58.44
C ALA K 325 5.58 18.24 -57.97
N TYR K 326 6.41 17.64 -58.84
CA TYR K 326 7.77 17.35 -58.47
C TYR K 326 8.76 18.32 -59.11
N HIS K 327 8.25 19.38 -59.74
CA HIS K 327 9.13 20.38 -60.40
C HIS K 327 10.16 21.02 -59.46
N ASN K 328 9.76 21.44 -58.26
CA ASN K 328 10.71 22.05 -57.31
C ASN K 328 11.79 21.06 -56.86
N LEU K 329 11.39 19.82 -56.61
CA LEU K 329 12.34 18.77 -56.21
C LEU K 329 13.28 18.51 -57.37
N PHE K 330 12.76 18.62 -58.59
CA PHE K 330 13.57 18.43 -59.78
C PHE K 330 14.65 19.49 -59.81
N LYS K 331 14.26 20.75 -59.69
CA LYS K 331 15.22 21.86 -59.70
C LYS K 331 16.22 21.75 -58.55
N LYS K 332 15.79 21.21 -57.44
CA LYS K 332 16.66 21.07 -56.30
C LYS K 332 17.73 19.98 -56.43
N TYR K 333 17.35 18.82 -56.93
CA TYR K 333 18.32 17.71 -57.08
C TYR K 333 18.96 17.44 -58.44
N PHE K 334 18.40 17.95 -59.52
CA PHE K 334 18.98 17.73 -60.87
C PHE K 334 19.76 18.96 -61.36
N ASP K 335 21.08 18.90 -61.21
CA ASP K 335 22.00 20.00 -61.62
C ASP K 335 22.09 20.35 -63.11
N LYS K 336 22.07 19.34 -63.98
CA LYS K 336 22.11 19.59 -65.42
C LYS K 336 20.63 19.85 -65.35
N ASN K 337 19.85 20.19 -66.36
CA ASN K 337 18.43 20.41 -66.16
C ASN K 337 17.83 19.41 -67.15
N PHE K 338 18.12 18.12 -66.95
CA PHE K 338 17.61 17.05 -67.77
C PHE K 338 16.88 16.11 -66.82
N ALA K 339 15.72 15.62 -67.24
CA ALA K 339 14.91 14.73 -66.39
C ALA K 339 14.71 13.29 -66.88
N SER K 340 15.60 12.85 -67.76
CA SER K 340 15.56 11.49 -68.31
C SER K 340 14.46 11.27 -69.34
N GLY K 341 14.31 10.03 -69.82
CA GLY K 341 13.34 9.75 -70.87
C GLY K 341 12.04 9.08 -70.58
N LEU K 342 11.65 9.02 -69.34
CA LEU K 342 10.40 8.38 -69.01
C LEU K 342 9.34 9.43 -68.71
N LEU K 343 8.12 9.21 -69.19
CA LEU K 343 7.06 10.15 -68.90
C LEU K 343 5.74 9.41 -69.05
N SER K 344 4.67 10.00 -68.55
CA SER K 344 3.37 9.37 -68.69
C SER K 344 2.36 10.46 -68.99
N PHE K 345 1.22 10.10 -69.55
CA PHE K 345 0.18 11.08 -69.83
C PHE K 345 -1.19 10.41 -69.79
N GLU K 346 -2.23 11.24 -69.66
CA GLU K 346 -3.61 10.79 -69.61
C GLU K 346 -4.30 11.01 -70.94
N ALA K 347 -4.90 9.96 -71.48
CA ALA K 347 -5.63 10.04 -72.74
C ALA K 347 -7.02 10.48 -72.33
N LYS K 348 -7.91 10.67 -73.30
CA LYS K 348 -9.30 11.07 -72.99
C LYS K 348 -9.96 10.05 -72.08
N ASP K 349 -9.75 8.77 -72.42
CA ASP K 349 -10.31 7.65 -71.66
C ASP K 349 -9.65 6.33 -72.08
N TYR K 350 -10.09 5.23 -71.49
CA TYR K 350 -9.55 3.93 -71.77
C TYR K 350 -9.53 3.61 -73.28
N GLU K 351 -10.65 3.79 -73.96
CA GLU K 351 -10.70 3.50 -75.39
C GLU K 351 -9.71 4.31 -76.23
N HIS K 352 -9.44 5.53 -75.81
CA HIS K 352 -8.51 6.41 -76.54
C HIS K 352 -7.09 5.92 -76.27
N ALA K 353 -6.80 5.55 -75.02
CA ALA K 353 -5.47 5.06 -74.64
C ALA K 353 -5.09 3.80 -75.47
N ARG K 354 -6.10 2.99 -75.78
CA ARG K 354 -5.90 1.78 -76.56
C ARG K 354 -5.68 2.08 -77.98
N ARG K 355 -6.45 3.01 -78.55
CA ARG K 355 -6.30 3.33 -79.97
C ARG K 355 -4.89 3.88 -80.21
N ILE K 356 -4.41 4.68 -79.27
CA ILE K 356 -3.07 5.23 -79.35
C ILE K 356 -2.05 4.09 -79.37
N CYS K 357 -2.10 3.18 -78.40
CA CYS K 357 -1.14 2.06 -78.37
C CYS K 357 -1.18 1.23 -79.63
N ASP K 358 -2.35 1.12 -80.25
CA ASP K 358 -2.53 0.32 -81.45
C ASP K 358 -2.19 1.06 -82.75
N LYS K 359 -2.08 2.38 -82.69
CA LYS K 359 -1.76 3.22 -83.86
C LYS K 359 -0.31 3.72 -84.04
N THR K 360 0.49 3.78 -82.97
CA THR K 360 1.87 4.25 -83.11
C THR K 360 2.70 3.36 -84.00
N GLN K 361 3.60 3.99 -84.79
CA GLN K 361 4.49 3.26 -85.69
C GLN K 361 5.96 3.31 -85.24
N LEU K 362 6.36 4.35 -84.50
CA LEU K 362 7.74 4.47 -84.00
C LEU K 362 7.79 4.04 -82.55
N PHE K 363 6.80 4.45 -81.77
CA PHE K 363 6.75 4.02 -80.40
C PHE K 363 6.32 2.55 -80.51
N LEU K 364 7.15 1.65 -80.01
CA LEU K 364 6.88 0.25 -80.06
C LEU K 364 6.15 -0.20 -78.80
N LEU K 365 5.01 -0.87 -79.00
CA LEU K 365 4.20 -1.40 -77.91
C LEU K 365 5.00 -2.54 -77.29
N ALA K 366 5.53 -2.28 -76.10
CA ALA K 366 6.36 -3.20 -75.40
C ALA K 366 6.53 -2.83 -73.93
N ALA K 367 7.10 -3.76 -73.18
CA ALA K 367 7.31 -3.55 -71.74
C ALA K 367 8.78 -3.49 -71.34
N ASN K 368 9.34 -2.30 -71.45
CA ASN K 368 10.72 -2.05 -71.09
C ASN K 368 10.91 -0.55 -71.07
N LEU K 369 12.09 -0.06 -70.67
CA LEU K 369 12.29 1.39 -70.74
C LEU K 369 13.79 1.67 -70.86
N GLY K 370 14.12 2.81 -71.45
CA GLY K 370 15.52 3.17 -71.65
C GLY K 370 16.13 2.57 -72.91
N ASP K 371 15.31 2.08 -73.83
CA ASP K 371 15.83 1.51 -75.09
C ASP K 371 16.06 2.73 -76.03
N SER K 372 16.96 2.58 -76.98
CA SER K 372 17.25 3.65 -77.93
C SER K 372 16.01 3.85 -78.83
N LYS K 373 15.17 2.81 -78.93
CA LYS K 373 13.93 2.89 -79.68
C LYS K 373 12.86 3.28 -78.71
N SER K 374 12.00 4.19 -79.13
CA SER K 374 10.92 4.66 -78.26
C SER K 374 9.91 3.56 -78.01
N LEU K 375 9.40 3.51 -76.79
CA LEU K 375 8.43 2.46 -76.42
C LEU K 375 7.14 3.03 -75.78
N ILE K 376 6.07 2.26 -75.87
CA ILE K 376 4.80 2.66 -75.32
C ILE K 376 4.08 1.50 -74.68
N ILE K 377 3.32 1.80 -73.62
CA ILE K 377 2.55 0.81 -72.89
C ILE K 377 1.44 1.43 -72.05
N HIS K 378 0.45 0.61 -71.71
CA HIS K 378 -0.73 1.00 -70.88
C HIS K 378 -0.61 0.25 -69.53
N PRO K 379 0.02 0.87 -68.50
CA PRO K 379 0.26 0.26 -67.18
C PRO K 379 -0.89 -0.49 -66.50
N GLY K 396 -0.26 6.45 -58.40
CA GLY K 396 -0.91 7.43 -59.29
C GLY K 396 -1.26 7.05 -60.74
N ILE K 397 -2.06 6.01 -60.96
CA ILE K 397 -2.37 5.55 -62.33
C ILE K 397 -3.86 5.39 -62.60
N THR K 398 -4.32 5.56 -63.84
CA THR K 398 -5.74 5.41 -64.20
C THR K 398 -5.90 4.57 -65.45
N LYS K 399 -7.14 4.34 -65.88
CA LYS K 399 -7.40 3.54 -67.07
C LYS K 399 -7.05 4.25 -68.36
N ALA K 400 -6.85 5.55 -68.23
CA ALA K 400 -6.52 6.38 -69.38
C ALA K 400 -5.02 6.65 -69.44
N THR K 401 -4.28 6.21 -68.42
CA THR K 401 -2.85 6.43 -68.37
C THR K 401 -1.98 5.65 -69.36
N ILE K 402 -1.06 6.39 -70.00
CA ILE K 402 -0.10 5.83 -70.96
C ILE K 402 1.29 6.20 -70.51
N ARG K 403 2.21 5.24 -70.58
CA ARG K 403 3.59 5.47 -70.18
C ARG K 403 4.42 5.40 -71.46
N LEU K 404 5.35 6.35 -71.63
CA LEU K 404 6.21 6.35 -72.76
C LEU K 404 7.67 6.31 -72.34
N SER K 405 8.48 5.64 -73.13
CA SER K 405 9.91 5.58 -72.91
C SER K 405 10.42 6.29 -74.16
N ILE K 406 10.96 7.48 -73.97
CA ILE K 406 11.43 8.26 -75.08
C ILE K 406 12.81 7.82 -75.52
N GLY K 407 12.88 7.48 -76.81
CA GLY K 407 14.13 7.05 -77.41
C GLY K 407 15.03 8.13 -77.97
N LEU K 408 15.92 7.72 -78.86
CA LEU K 408 16.88 8.62 -79.46
C LEU K 408 16.51 9.07 -80.87
N GLU K 409 15.30 8.74 -81.31
CA GLU K 409 14.87 9.12 -82.65
C GLU K 409 14.74 10.65 -82.77
N ASN K 410 14.52 11.12 -83.99
CA ASN K 410 14.34 12.54 -84.23
C ASN K 410 13.01 12.96 -83.56
N SER K 411 13.04 14.02 -82.75
CA SER K 411 11.85 14.50 -82.02
C SER K 411 10.67 14.85 -82.92
N ASP K 412 10.92 15.44 -84.08
CA ASP K 412 9.81 15.76 -84.97
C ASP K 412 9.10 14.48 -85.44
N ASP K 413 9.88 13.48 -85.74
CA ASP K 413 9.33 12.19 -86.15
C ASP K 413 8.52 11.57 -85.02
N LEU K 414 9.03 11.66 -83.80
CA LEU K 414 8.34 11.10 -82.64
C LEU K 414 7.03 11.81 -82.38
N ILE K 415 7.09 13.13 -82.42
CA ILE K 415 5.91 13.97 -82.21
C ILE K 415 4.88 13.65 -83.28
N ALA K 416 5.31 13.53 -84.53
CA ALA K 416 4.40 13.22 -85.61
C ALA K 416 3.74 11.88 -85.43
N ASP K 417 4.50 10.89 -84.97
CA ASP K 417 3.94 9.56 -84.77
C ASP K 417 2.88 9.63 -83.66
N LEU K 418 3.20 10.31 -82.57
CA LEU K 418 2.21 10.44 -81.49
C LEU K 418 1.01 11.27 -81.91
N LYS K 419 1.27 12.30 -82.71
CA LYS K 419 0.19 13.17 -83.15
C LYS K 419 -0.85 12.36 -83.93
N GLN K 420 -0.41 11.59 -84.92
CA GLN K 420 -1.35 10.79 -85.73
C GLN K 420 -2.07 9.72 -84.90
N ALA K 421 -1.39 9.15 -83.92
CA ALA K 421 -2.02 8.14 -83.07
C ALA K 421 -3.09 8.78 -82.19
N ILE K 422 -2.74 9.89 -81.57
CA ILE K 422 -3.65 10.62 -80.68
C ILE K 422 -4.89 11.16 -81.37
N GLU K 423 -4.69 11.71 -82.55
CA GLU K 423 -5.77 12.31 -83.34
C GLU K 423 -6.67 11.29 -84.00
N SER K 424 -6.31 10.01 -83.85
CA SER K 424 -7.10 8.88 -84.30
C SER K 424 -6.55 7.94 -85.31
N ASN L 3 9.69 -42.61 -81.26
CA ASN L 3 10.52 -41.43 -80.86
C ASN L 3 12.04 -41.66 -81.01
N PHE L 4 12.81 -40.57 -81.19
CA PHE L 4 14.28 -40.60 -81.37
C PHE L 4 15.15 -40.85 -80.12
N ASN L 5 16.41 -41.18 -80.35
CA ASN L 5 17.34 -41.41 -79.26
C ASN L 5 17.87 -40.09 -78.67
N LYS L 6 18.39 -40.18 -77.46
CA LYS L 6 18.93 -39.00 -76.76
C LYS L 6 19.91 -38.17 -77.55
N GLU L 7 20.83 -38.84 -78.22
CA GLU L 7 21.81 -38.15 -78.99
C GLU L 7 21.11 -37.26 -80.03
N THR L 8 20.05 -37.78 -80.62
CA THR L 8 19.31 -37.08 -81.64
C THR L 8 18.54 -35.91 -81.09
N LEU L 9 17.97 -36.10 -79.91
CA LEU L 9 17.18 -35.06 -79.24
C LEU L 9 18.03 -33.87 -78.80
N ALA L 10 19.33 -34.08 -78.60
CA ALA L 10 20.21 -32.98 -78.19
C ALA L 10 20.55 -32.08 -79.40
N LEU L 11 20.19 -32.57 -80.58
CA LEU L 11 20.45 -31.87 -81.88
C LEU L 11 19.24 -31.36 -82.67
N HIS L 12 18.09 -32.00 -82.46
CA HIS L 12 16.84 -31.66 -83.10
C HIS L 12 15.72 -31.57 -82.08
N GLY L 13 14.85 -30.58 -82.26
CA GLY L 13 13.71 -30.38 -81.34
C GLY L 13 13.61 -29.00 -80.68
N ALA L 14 12.40 -28.67 -80.24
CA ALA L 14 12.11 -27.39 -79.59
C ALA L 14 12.55 -26.13 -80.36
N TYR L 15 12.75 -26.23 -81.65
CA TYR L 15 13.15 -25.13 -82.49
C TYR L 15 12.67 -25.47 -83.90
N ASN L 16 11.69 -24.72 -84.41
CA ASN L 16 11.15 -24.99 -85.76
C ASN L 16 11.63 -24.09 -86.91
N PHE L 17 12.66 -23.27 -86.69
CA PHE L 17 13.20 -22.36 -87.74
C PHE L 17 12.26 -21.18 -87.86
N ASP L 18 12.74 -19.97 -87.58
CA ASP L 18 11.86 -18.83 -87.72
C ASP L 18 11.75 -18.46 -89.22
N THR L 19 11.46 -17.20 -89.53
CA THR L 19 11.30 -16.78 -90.91
C THR L 19 12.57 -17.00 -91.75
N GLN L 20 13.72 -16.72 -91.14
CA GLN L 20 15.02 -16.85 -91.82
C GLN L 20 15.52 -18.28 -92.03
N ARG L 21 14.95 -19.21 -91.29
CA ARG L 21 15.29 -20.63 -91.40
C ARG L 21 16.76 -20.97 -91.16
N SER L 22 17.35 -20.31 -90.17
CA SER L 22 18.75 -20.55 -89.84
C SER L 22 18.79 -21.91 -89.16
N ILE L 23 19.76 -22.74 -89.54
CA ILE L 23 19.89 -24.08 -88.96
C ILE L 23 20.28 -23.96 -87.49
N SER L 24 21.15 -23.00 -87.21
CA SER L 24 21.57 -22.77 -85.84
C SER L 24 20.53 -21.88 -85.16
N VAL L 25 20.35 -22.05 -83.85
CA VAL L 25 19.37 -21.24 -83.10
C VAL L 25 19.91 -19.82 -82.99
N PRO L 26 19.09 -18.84 -83.33
CA PRO L 26 19.60 -17.50 -83.24
C PRO L 26 19.82 -17.06 -81.81
N ILE L 27 20.75 -16.13 -81.62
CA ILE L 27 21.06 -15.58 -80.32
C ILE L 27 20.25 -14.31 -80.14
N TYR L 28 19.22 -14.40 -79.30
CA TYR L 28 18.34 -13.24 -79.03
C TYR L 28 18.92 -12.35 -77.93
N GLN L 29 19.92 -11.57 -78.31
CA GLN L 29 20.62 -10.66 -77.39
C GLN L 29 19.62 -9.52 -77.33
N ASN L 30 18.61 -9.75 -76.51
CA ASN L 30 17.49 -8.87 -76.38
C ASN L 30 16.70 -9.02 -75.07
N THR L 31 16.18 -7.90 -74.57
CA THR L 31 15.42 -7.92 -73.32
C THR L 31 13.91 -7.79 -73.46
N ALA L 32 13.44 -7.12 -74.50
CA ALA L 32 11.99 -6.93 -74.68
C ALA L 32 11.47 -7.34 -76.03
N TYR L 33 10.14 -7.48 -76.07
CA TYR L 33 9.44 -7.92 -77.28
C TYR L 33 8.28 -6.98 -77.67
N ASN L 34 8.07 -6.84 -78.97
CA ASN L 34 7.03 -5.98 -79.49
C ASN L 34 5.71 -6.74 -79.55
N PHE L 35 4.80 -6.43 -78.63
CA PHE L 35 3.49 -7.11 -78.62
C PHE L 35 2.77 -6.62 -79.86
N GLU L 36 2.01 -7.51 -80.49
CA GLU L 36 1.27 -7.19 -81.72
C GLU L 36 0.09 -6.27 -81.47
N ASN L 37 -0.43 -6.26 -80.26
CA ASN L 37 -1.56 -5.41 -79.91
C ASN L 37 -1.76 -5.45 -78.40
N LEU L 38 -2.53 -4.52 -77.87
CA LEU L 38 -2.81 -4.48 -76.44
C LEU L 38 -3.35 -5.73 -75.76
N ASP L 39 -4.31 -6.38 -76.41
CA ASP L 39 -4.91 -7.58 -75.85
C ASP L 39 -3.86 -8.64 -75.60
N GLN L 40 -3.06 -8.89 -76.63
CA GLN L 40 -2.01 -9.88 -76.57
C GLN L 40 -1.13 -9.64 -75.36
N ALA L 41 -0.73 -8.39 -75.19
CA ALA L 41 0.14 -8.01 -74.08
C ALA L 41 -0.52 -8.35 -72.75
N ALA L 42 -1.64 -7.71 -72.47
CA ALA L 42 -2.37 -7.93 -71.23
C ALA L 42 -2.63 -9.43 -71.03
N ALA L 43 -3.01 -10.12 -72.10
CA ALA L 43 -3.28 -11.54 -71.97
C ALA L 43 -2.03 -12.28 -71.46
N ARG L 44 -0.84 -11.86 -71.91
CA ARG L 44 0.40 -12.52 -71.46
C ARG L 44 0.71 -12.18 -70.01
N PHE L 45 0.46 -10.95 -69.61
CA PHE L 45 0.69 -10.56 -68.19
C PHE L 45 -0.25 -11.29 -67.21
N ASN L 46 -1.35 -11.85 -67.72
CA ASN L 46 -2.35 -12.58 -66.91
C ASN L 46 -2.27 -14.08 -67.02
N LEU L 47 -1.24 -14.58 -67.68
CA LEU L 47 -1.07 -16.02 -67.86
C LEU L 47 -2.17 -16.65 -68.71
N GLN L 48 -3.00 -15.84 -69.36
CA GLN L 48 -4.04 -16.42 -70.19
C GLN L 48 -3.35 -16.95 -71.44
N GLU L 49 -2.46 -16.15 -72.03
CA GLU L 49 -1.73 -16.59 -73.22
C GLU L 49 -0.25 -16.73 -72.88
N LEU L 50 0.37 -17.82 -73.29
CA LEU L 50 1.80 -18.00 -73.03
C LEU L 50 2.61 -17.33 -74.18
N GLY L 51 3.75 -16.75 -73.84
CA GLY L 51 4.56 -16.08 -74.86
C GLY L 51 5.59 -15.12 -74.29
N ASN L 52 6.30 -14.49 -75.21
CA ASN L 52 7.36 -13.55 -74.86
C ASN L 52 6.87 -12.27 -74.22
N ILE L 53 7.56 -11.89 -73.15
CA ILE L 53 7.23 -10.68 -72.41
C ILE L 53 8.46 -9.83 -72.13
N TYR L 54 9.38 -10.42 -71.38
CA TYR L 54 10.63 -9.76 -70.99
C TYR L 54 11.61 -10.84 -70.65
N SER L 55 12.83 -10.68 -71.13
CA SER L 55 13.90 -11.69 -70.93
C SER L 55 14.25 -12.10 -69.54
N ARG L 56 13.89 -11.33 -68.54
CA ARG L 56 14.19 -11.74 -67.19
C ARG L 56 13.38 -12.98 -66.85
N LEU L 57 12.24 -13.12 -67.53
CA LEU L 57 11.34 -14.27 -67.32
C LEU L 57 11.68 -15.39 -68.28
N SER L 58 11.75 -15.04 -69.56
CA SER L 58 12.09 -16.04 -70.56
C SER L 58 12.63 -15.39 -71.82
N ASN L 59 13.38 -16.20 -72.57
CA ASN L 59 14.03 -15.82 -73.81
C ASN L 59 13.98 -17.02 -74.78
N PRO L 60 13.67 -16.79 -76.06
CA PRO L 60 13.59 -17.88 -77.01
C PRO L 60 14.84 -18.75 -77.12
N THR L 61 16.03 -18.14 -77.04
CA THR L 61 17.26 -18.93 -77.13
C THR L 61 17.26 -19.89 -75.95
N SER L 62 17.11 -19.36 -74.75
CA SER L 62 17.09 -20.20 -73.55
C SER L 62 15.90 -21.17 -73.47
N ASP L 63 14.80 -20.87 -74.15
CA ASP L 63 13.63 -21.77 -74.16
C ASP L 63 13.98 -23.06 -74.90
N VAL L 64 14.71 -22.92 -75.99
CA VAL L 64 15.11 -24.10 -76.76
C VAL L 64 15.95 -25.00 -75.86
N LEU L 65 16.88 -24.39 -75.14
CA LEU L 65 17.76 -25.10 -74.23
C LEU L 65 16.96 -25.84 -73.16
N GLY L 66 16.02 -25.13 -72.55
CA GLY L 66 15.19 -25.71 -71.51
C GLY L 66 14.43 -26.95 -71.97
N GLN L 67 13.77 -26.83 -73.12
CA GLN L 67 13.01 -27.93 -73.65
C GLN L 67 13.90 -29.11 -74.07
N ARG L 68 15.01 -28.84 -74.74
CA ARG L 68 15.90 -29.93 -75.12
C ARG L 68 16.46 -30.64 -73.92
N LEU L 69 16.87 -29.90 -72.90
CA LEU L 69 17.38 -30.54 -71.68
C LEU L 69 16.33 -31.43 -71.10
N ALA L 70 15.09 -30.98 -71.17
CA ALA L 70 13.97 -31.80 -70.64
C ALA L 70 13.81 -33.05 -71.49
N ASN L 71 13.93 -32.88 -72.80
CA ASN L 71 13.78 -33.98 -73.74
C ASN L 71 14.84 -35.02 -73.54
N VAL L 72 16.09 -34.62 -73.35
CA VAL L 72 17.14 -35.61 -73.13
C VAL L 72 16.98 -36.33 -71.82
N GLU L 73 16.44 -35.67 -70.80
CA GLU L 73 16.22 -36.32 -69.47
C GLU L 73 14.95 -37.15 -69.44
N GLY L 74 14.06 -36.96 -70.40
CA GLY L 74 12.81 -37.72 -70.45
C GLY L 74 11.80 -37.04 -69.54
N GLY L 75 12.02 -35.76 -69.27
CA GLY L 75 11.12 -34.99 -68.42
C GLY L 75 10.13 -34.20 -69.24
N ALA L 76 9.38 -33.32 -68.59
CA ALA L 76 8.36 -32.51 -69.29
C ALA L 76 8.76 -31.07 -69.68
N PHE L 77 9.37 -30.34 -68.76
CA PHE L 77 9.72 -28.97 -69.02
C PHE L 77 11.00 -28.61 -68.26
N GLY L 78 11.78 -27.74 -68.84
CA GLY L 78 13.02 -27.32 -68.21
C GLY L 78 13.18 -25.81 -68.25
N ILE L 79 13.81 -25.30 -67.21
CA ILE L 79 14.05 -23.86 -67.07
C ILE L 79 15.48 -23.51 -66.75
N PRO L 80 16.15 -22.83 -67.68
CA PRO L 80 17.51 -22.42 -67.45
C PRO L 80 17.58 -21.17 -66.63
N VAL L 81 18.59 -21.12 -65.76
CA VAL L 81 18.84 -20.01 -64.86
C VAL L 81 20.32 -19.66 -64.90
N ALA L 82 20.68 -18.57 -64.22
CA ALA L 82 22.04 -18.06 -64.23
C ALA L 82 23.16 -18.95 -63.79
N SER L 83 22.87 -19.94 -62.97
CA SER L 83 23.91 -20.83 -62.53
C SER L 83 23.31 -22.05 -61.87
N GLY L 84 24.16 -23.06 -61.66
CA GLY L 84 23.77 -24.31 -61.02
C GLY L 84 23.28 -24.00 -59.60
N ALA L 86 21.97 -21.22 -58.52
CA ALA L 86 20.68 -20.59 -58.63
C ALA L 86 19.62 -21.65 -58.83
N ALA L 87 19.96 -22.67 -59.63
CA ALA L 87 19.03 -23.78 -59.90
C ALA L 87 18.71 -24.54 -58.62
N CYS L 88 19.73 -24.82 -57.81
CA CYS L 88 19.52 -25.53 -56.53
C CYS L 88 18.65 -24.66 -55.61
N PHE L 89 19.00 -23.38 -55.49
CA PHE L 89 18.28 -22.41 -54.68
C PHE L 89 16.81 -22.33 -55.10
N TYR L 90 16.57 -22.04 -56.37
CA TYR L 90 15.22 -21.95 -56.94
C TYR L 90 14.40 -23.23 -56.74
N ALA L 91 15.03 -24.39 -56.84
CA ALA L 91 14.31 -25.65 -56.67
C ALA L 91 13.81 -25.81 -55.21
N LEU L 92 14.66 -25.45 -54.26
CA LEU L 92 14.35 -25.56 -52.86
C LEU L 92 13.27 -24.57 -52.41
N ILE L 93 13.49 -23.30 -52.71
CA ILE L 93 12.52 -22.29 -52.31
C ILE L 93 11.20 -22.44 -53.04
N ASN L 94 11.16 -23.15 -54.17
CA ASN L 94 9.89 -23.28 -54.88
C ASN L 94 9.04 -24.28 -54.12
N LEU L 95 9.67 -24.98 -53.20
CA LEU L 95 9.03 -25.99 -52.39
C LEU L 95 8.92 -25.66 -50.92
N ALA L 96 9.94 -25.02 -50.37
CA ALA L 96 9.97 -24.67 -48.95
C ALA L 96 10.04 -23.18 -48.71
N SER L 97 9.37 -22.76 -47.64
CA SER L 97 9.32 -21.37 -47.23
C SER L 97 9.62 -21.31 -45.73
N SER L 98 9.69 -20.11 -45.19
CA SER L 98 10.00 -19.94 -43.78
C SER L 98 9.19 -20.87 -42.87
N GLY L 99 9.89 -21.56 -41.97
CA GLY L 99 9.27 -22.50 -41.03
C GLY L 99 9.31 -23.94 -41.50
N ASP L 100 9.67 -24.16 -42.75
CA ASP L 100 9.74 -25.50 -43.28
C ASP L 100 11.17 -26.04 -43.18
N ASN L 101 11.35 -27.29 -43.54
CA ASN L 101 12.67 -27.89 -43.53
C ASN L 101 12.85 -28.72 -44.78
N VAL L 102 14.10 -29.00 -45.10
CA VAL L 102 14.44 -29.79 -46.27
C VAL L 102 15.48 -30.79 -45.84
N ALA L 103 15.40 -31.98 -46.42
CA ALA L 103 16.34 -33.05 -46.13
C ALA L 103 17.40 -33.08 -47.22
N TYR L 104 18.66 -33.15 -46.82
CA TYR L 104 19.72 -33.16 -47.80
C TYR L 104 20.83 -34.16 -47.53
N SER L 105 21.38 -34.71 -48.61
CA SER L 105 22.46 -35.67 -48.53
C SER L 105 23.73 -35.07 -47.92
N ASN L 106 24.41 -35.88 -47.12
CA ASN L 106 25.65 -35.48 -46.48
C ASN L 106 26.81 -35.55 -47.44
N LYS L 107 26.56 -36.06 -48.64
CA LYS L 107 27.61 -36.15 -49.67
C LYS L 107 27.24 -35.38 -50.93
N ILE L 108 27.47 -34.08 -50.88
CA ILE L 108 27.16 -33.17 -52.00
C ILE L 108 28.20 -32.09 -52.18
N TYR L 109 27.98 -31.31 -53.26
CA TYR L 109 28.85 -30.19 -53.62
C TYR L 109 28.90 -29.22 -52.45
N GLY L 110 30.12 -28.85 -52.09
CA GLY L 110 30.36 -27.93 -50.97
C GLY L 110 29.51 -26.68 -50.98
N GLY L 111 29.41 -26.06 -52.15
CA GLY L 111 28.61 -24.85 -52.28
C GLY L 111 27.16 -25.14 -51.94
N THR L 112 26.63 -26.23 -52.46
CA THR L 112 25.24 -26.58 -52.20
C THR L 112 25.03 -26.89 -50.71
N GLN L 113 26.07 -27.43 -50.09
CA GLN L 113 26.01 -27.77 -48.68
C GLN L 113 25.91 -26.50 -47.85
N THR L 114 26.71 -25.50 -48.20
CA THR L 114 26.70 -24.22 -47.51
C THR L 114 25.33 -23.55 -47.72
N LEU L 115 24.86 -23.56 -48.96
CA LEU L 115 23.56 -22.97 -49.29
C LEU L 115 22.44 -23.53 -48.43
N ILE L 116 22.39 -24.85 -48.38
CA ILE L 116 21.36 -25.55 -47.63
C ILE L 116 21.50 -25.50 -46.11
N SER L 117 22.69 -25.84 -45.60
CA SER L 117 22.89 -25.84 -44.13
C SER L 117 23.11 -24.47 -43.47
N HIS L 118 23.55 -23.46 -44.21
CA HIS L 118 23.78 -22.15 -43.58
C HIS L 118 22.96 -21.01 -44.18
N THR L 119 23.15 -20.74 -45.46
CA THR L 119 22.45 -19.63 -46.11
C THR L 119 20.93 -19.65 -46.04
N LEU L 120 20.31 -20.80 -46.23
CA LEU L 120 18.86 -20.86 -46.15
C LEU L 120 18.29 -20.54 -44.77
N LYS L 121 19.09 -20.61 -43.71
CA LYS L 121 18.60 -20.26 -42.34
C LYS L 121 18.10 -18.83 -42.36
N ASN L 122 18.83 -17.96 -43.04
CA ASN L 122 18.45 -16.54 -43.16
C ASN L 122 17.03 -16.35 -43.64
N PHE L 123 16.49 -17.35 -44.33
CA PHE L 123 15.14 -17.23 -44.84
C PHE L 123 14.17 -18.09 -44.03
N GLY L 124 14.62 -18.53 -42.86
CA GLY L 124 13.81 -19.37 -41.98
C GLY L 124 13.57 -20.77 -42.50
N ILE L 125 14.51 -21.28 -43.28
CA ILE L 125 14.41 -22.62 -43.86
C ILE L 125 15.46 -23.52 -43.20
N GLU L 126 14.96 -24.51 -42.46
CA GLU L 126 15.78 -25.45 -41.73
C GLU L 126 16.30 -26.56 -42.62
N ALA L 127 17.54 -26.97 -42.37
CA ALA L 127 18.15 -28.03 -43.15
C ALA L 127 18.45 -29.23 -42.24
N ARG L 128 18.13 -30.44 -42.72
CA ARG L 128 18.34 -31.68 -41.99
C ARG L 128 19.11 -32.69 -42.83
N GLU L 129 20.36 -32.89 -42.44
CA GLU L 129 21.27 -33.80 -43.11
C GLU L 129 20.86 -35.27 -42.97
N PHE L 130 21.22 -36.08 -43.96
CA PHE L 130 20.93 -37.51 -43.90
C PHE L 130 22.07 -38.19 -44.63
N ASP L 131 22.27 -39.47 -44.34
CA ASP L 131 23.34 -40.27 -44.94
C ASP L 131 22.78 -41.10 -46.09
N ILE L 132 23.26 -40.85 -47.31
CA ILE L 132 22.78 -41.62 -48.47
C ILE L 132 23.12 -43.09 -48.36
N ASP L 133 24.15 -43.40 -47.57
CA ASP L 133 24.56 -44.79 -47.39
C ASP L 133 23.73 -45.53 -46.34
N ASP L 134 22.89 -44.81 -45.59
CA ASP L 134 22.05 -45.42 -44.55
C ASP L 134 20.70 -44.69 -44.55
N LEU L 135 19.85 -45.07 -45.48
CA LEU L 135 18.55 -44.42 -45.66
C LEU L 135 17.59 -44.37 -44.48
N ASP L 136 17.79 -45.21 -43.47
CA ASP L 136 16.90 -45.12 -42.33
C ASP L 136 17.08 -43.71 -41.76
N SER L 137 18.28 -43.15 -41.91
CA SER L 137 18.58 -41.80 -41.41
C SER L 137 17.69 -40.75 -42.08
N LEU L 138 17.18 -41.06 -43.26
CA LEU L 138 16.31 -40.13 -43.98
C LEU L 138 14.92 -40.13 -43.34
N GLU L 139 14.37 -41.32 -43.10
CA GLU L 139 13.04 -41.46 -42.46
C GLU L 139 13.00 -40.66 -41.17
N LYS L 140 14.07 -40.82 -40.42
CA LYS L 140 14.27 -40.17 -39.13
C LYS L 140 14.10 -38.66 -39.12
N VAL L 141 14.64 -37.97 -40.11
CA VAL L 141 14.54 -36.49 -40.15
C VAL L 141 13.28 -35.94 -40.82
N ILE L 142 12.46 -36.81 -41.37
CA ILE L 142 11.23 -36.37 -42.03
C ILE L 142 10.04 -36.09 -41.09
N ASP L 143 9.34 -34.99 -41.37
CA ASP L 143 8.14 -34.61 -40.60
C ASP L 143 7.15 -33.99 -41.63
N GLN L 144 6.03 -33.44 -41.18
CA GLN L 144 5.03 -32.86 -42.11
C GLN L 144 5.46 -31.52 -42.72
N ASN L 145 6.56 -30.96 -42.20
CA ASN L 145 7.12 -29.70 -42.68
C ASN L 145 8.29 -29.88 -43.67
N THR L 146 8.71 -31.13 -43.86
CA THR L 146 9.79 -31.45 -44.79
C THR L 146 9.22 -31.31 -46.21
N LYS L 147 9.77 -30.38 -46.97
CA LYS L 147 9.28 -30.12 -48.33
C LYS L 147 10.10 -30.66 -49.48
N ALA L 148 11.33 -31.07 -49.20
CA ALA L 148 12.18 -31.61 -50.26
C ALA L 148 13.28 -32.53 -49.75
N ILE L 149 13.64 -33.45 -50.62
CA ILE L 149 14.70 -34.44 -50.35
C ILE L 149 15.71 -34.20 -51.47
N PHE L 150 16.87 -33.69 -51.08
CA PHE L 150 17.92 -33.36 -52.02
C PHE L 150 19.15 -34.21 -51.96
N PHE L 151 19.61 -34.63 -53.14
CA PHE L 151 20.79 -35.45 -53.26
C PHE L 151 21.39 -35.39 -54.65
N GLU L 152 22.59 -35.92 -54.78
CA GLU L 152 23.27 -35.97 -56.07
C GLU L 152 23.28 -37.43 -56.55
N SER L 153 23.18 -37.62 -57.86
CA SER L 153 23.20 -38.94 -58.46
C SER L 153 24.59 -39.55 -58.34
N LEU L 154 25.60 -38.74 -58.59
CA LEU L 154 27.01 -39.12 -58.53
C LEU L 154 27.62 -37.92 -57.83
N SER L 155 28.00 -38.10 -56.58
CA SER L 155 28.49 -36.96 -55.79
C SER L 155 29.86 -36.38 -56.09
N ASN L 156 29.98 -35.12 -55.70
CA ASN L 156 31.18 -34.30 -55.85
C ASN L 156 31.76 -33.87 -54.48
N PRO L 157 33.01 -34.28 -54.15
CA PRO L 157 34.04 -35.05 -54.83
C PRO L 157 34.22 -36.51 -54.50
N GLN L 158 33.31 -37.05 -53.69
CA GLN L 158 33.33 -38.44 -53.27
C GLN L 158 33.06 -39.46 -54.37
N ILE L 159 32.31 -39.05 -55.36
CA ILE L 159 31.92 -39.90 -56.45
C ILE L 159 31.01 -40.97 -55.78
N ALA L 160 30.15 -40.54 -54.88
CA ALA L 160 29.25 -41.46 -54.19
C ALA L 160 27.95 -41.58 -54.97
N ILE L 161 27.55 -42.81 -55.22
CA ILE L 161 26.31 -43.07 -55.96
C ILE L 161 25.14 -43.35 -55.05
N ALA L 162 24.07 -42.61 -55.30
CA ALA L 162 22.84 -42.74 -54.52
C ALA L 162 21.95 -43.87 -55.04
N ASP L 163 21.35 -44.64 -54.12
CA ASP L 163 20.45 -45.73 -54.50
C ASP L 163 19.11 -45.03 -54.67
N ILE L 164 18.94 -44.51 -55.88
CA ILE L 164 17.75 -43.73 -56.23
C ILE L 164 16.41 -44.39 -55.93
N GLU L 165 16.22 -45.64 -56.35
CA GLU L 165 14.96 -46.36 -56.09
C GLU L 165 14.50 -46.32 -54.64
N LYS L 166 15.46 -46.49 -53.75
CA LYS L 166 15.17 -46.47 -52.30
C LYS L 166 14.82 -45.08 -51.79
N ILE L 167 15.44 -44.04 -52.38
CA ILE L 167 15.13 -42.69 -51.96
C ILE L 167 13.72 -42.39 -52.44
N ASN L 168 13.43 -42.81 -53.66
CA ASN L 168 12.14 -42.64 -54.26
C ASN L 168 11.01 -43.25 -53.42
N GLN L 169 11.22 -44.48 -52.97
CA GLN L 169 10.27 -45.22 -52.16
C GLN L 169 9.82 -44.37 -50.97
N ILE L 170 10.81 -43.92 -50.21
CA ILE L 170 10.60 -43.10 -49.03
C ILE L 170 9.90 -41.80 -49.39
N ALA L 171 10.36 -41.17 -50.47
CA ALA L 171 9.80 -39.90 -50.91
C ALA L 171 8.36 -40.05 -51.35
N LYS L 172 8.09 -41.09 -52.13
CA LYS L 172 6.71 -41.30 -52.61
C LYS L 172 5.74 -41.63 -51.48
N LYS L 173 6.24 -42.35 -50.49
CA LYS L 173 5.42 -42.74 -49.36
C LYS L 173 4.89 -41.48 -48.65
N HIS L 174 5.80 -40.57 -48.30
CA HIS L 174 5.44 -39.32 -47.59
C HIS L 174 4.90 -38.21 -48.50
N LYS L 175 4.85 -38.44 -49.81
CA LYS L 175 4.35 -37.43 -50.77
C LYS L 175 5.24 -36.19 -50.78
N ILE L 176 6.53 -36.44 -50.74
CA ILE L 176 7.53 -35.36 -50.76
C ILE L 176 8.25 -35.34 -52.11
N VAL L 177 8.48 -34.12 -52.58
CA VAL L 177 9.17 -33.91 -53.84
C VAL L 177 10.66 -34.22 -53.68
N SER L 178 11.17 -35.09 -54.58
CA SER L 178 12.59 -35.45 -54.57
C SER L 178 13.32 -34.65 -55.66
N ILE L 179 14.49 -34.11 -55.27
CA ILE L 179 15.35 -33.32 -56.14
C ILE L 179 16.71 -34.00 -56.32
N CYS L 180 17.06 -34.33 -57.57
CA CYS L 180 18.33 -34.96 -57.90
C CYS L 180 19.23 -34.09 -58.77
N ASP L 181 20.43 -33.83 -58.28
CA ASP L 181 21.41 -33.02 -58.97
C ASP L 181 22.16 -34.04 -59.79
N ASN L 182 21.88 -34.04 -61.10
CA ASN L 182 22.48 -35.02 -62.02
C ASN L 182 23.63 -34.42 -62.86
N THR L 183 24.26 -33.37 -62.33
CA THR L 183 25.35 -32.71 -63.01
C THR L 183 26.50 -33.56 -63.51
N VAL L 184 27.08 -34.34 -62.61
CA VAL L 184 28.24 -35.14 -62.96
C VAL L 184 27.96 -36.30 -63.88
N ALA L 185 26.91 -37.04 -63.63
CA ALA L 185 26.58 -38.17 -64.47
C ALA L 185 26.12 -37.74 -65.86
N THR L 186 25.38 -36.64 -65.92
CA THR L 186 24.82 -36.03 -67.15
C THR L 186 23.61 -36.90 -67.56
N PRO L 187 22.69 -36.34 -68.35
CA PRO L 187 21.54 -37.13 -68.75
C PRO L 187 21.91 -38.29 -69.63
N PHE L 188 23.13 -38.30 -70.19
CA PHE L 188 23.56 -39.39 -71.06
C PHE L 188 24.08 -40.62 -70.37
N LEU L 189 24.42 -40.52 -69.10
CA LEU L 189 24.92 -41.70 -68.40
C LEU L 189 23.91 -42.19 -67.38
N LEU L 190 23.00 -41.31 -66.98
CA LEU L 190 21.99 -41.66 -65.99
C LEU L 190 20.72 -40.81 -66.14
N GLN L 191 19.57 -41.46 -66.03
CA GLN L 191 18.29 -40.78 -66.17
C GLN L 191 17.50 -40.89 -64.88
N PRO L 192 17.72 -39.96 -63.93
CA PRO L 192 16.98 -40.07 -62.66
C PRO L 192 15.47 -40.17 -62.79
N PHE L 193 14.87 -39.55 -63.80
CA PHE L 193 13.43 -39.66 -63.94
C PHE L 193 12.94 -41.10 -64.08
N LYS L 194 13.73 -41.96 -64.71
CA LYS L 194 13.38 -43.35 -64.84
C LYS L 194 13.19 -43.99 -63.51
N HIS L 195 13.85 -43.46 -62.49
CA HIS L 195 13.73 -44.07 -61.17
C HIS L 195 12.87 -43.36 -60.18
N GLY L 196 11.90 -42.59 -60.66
CA GLY L 196 10.97 -41.85 -59.80
C GLY L 196 11.30 -40.46 -59.32
N VAL L 197 12.42 -39.90 -59.77
CA VAL L 197 12.77 -38.54 -59.33
C VAL L 197 11.75 -37.57 -59.87
N ASP L 198 11.45 -36.57 -59.06
CA ASP L 198 10.46 -35.54 -59.41
C ASP L 198 11.09 -34.36 -60.16
N VAL L 199 12.17 -33.86 -59.58
CA VAL L 199 12.87 -32.71 -60.11
C VAL L 199 14.37 -32.93 -60.22
N ILE L 200 14.92 -32.57 -61.37
CA ILE L 200 16.35 -32.70 -61.63
C ILE L 200 17.01 -31.33 -61.79
N VAL L 201 18.13 -31.14 -61.10
CA VAL L 201 18.86 -29.87 -61.25
C VAL L 201 20.21 -30.19 -61.87
N HIS L 202 20.69 -29.25 -62.65
CA HIS L 202 21.99 -29.39 -63.32
C HIS L 202 22.77 -28.11 -63.28
N SER L 203 24.06 -28.28 -63.09
CA SER L 203 24.95 -27.15 -63.16
C SER L 203 25.40 -27.33 -64.61
N LEU L 204 24.82 -26.57 -65.52
CA LEU L 204 25.15 -26.64 -66.96
C LEU L 204 26.57 -26.17 -67.18
N SER L 205 27.04 -25.39 -66.23
N SER L 205 27.05 -25.40 -66.23
CA SER L 205 28.36 -24.81 -66.22
CA SER L 205 28.38 -24.82 -66.23
C SER L 205 29.49 -25.87 -66.35
C SER L 205 29.49 -25.88 -66.37
N TYR L 207 29.65 -30.13 -67.31
CA TYR L 207 29.67 -30.96 -68.56
C TYR L 207 28.89 -30.50 -69.79
N VAL L 208 27.72 -29.91 -69.57
CA VAL L 208 26.91 -29.39 -70.72
C VAL L 208 27.72 -28.37 -71.49
N SER L 209 28.38 -27.47 -70.78
CA SER L 209 29.26 -26.50 -71.43
C SER L 209 30.40 -27.31 -71.98
N GLY L 210 31.04 -28.06 -71.07
CA GLY L 210 32.16 -28.91 -71.41
C GLY L 210 33.48 -28.24 -71.74
N GLN L 211 33.49 -26.91 -71.66
CA GLN L 211 34.67 -26.14 -71.98
C GLN L 211 35.04 -24.98 -71.07
N GLY L 212 34.42 -24.94 -69.89
CA GLY L 212 34.69 -23.89 -68.91
C GLY L 212 34.41 -22.48 -69.40
N THR L 213 33.43 -22.36 -70.27
CA THR L 213 33.10 -21.06 -70.82
C THR L 213 31.74 -20.46 -70.52
N ALA L 214 30.79 -21.21 -70.03
CA ALA L 214 29.50 -20.62 -69.79
C ALA L 214 28.87 -21.11 -68.53
N LEU L 215 28.76 -20.18 -67.60
CA LEU L 215 28.17 -20.44 -66.33
C LEU L 215 26.66 -20.56 -66.60
N GLY L 216 26.00 -21.53 -65.97
CA GLY L 216 24.58 -21.72 -66.14
C GLY L 216 24.00 -22.89 -65.36
N GLY L 217 22.67 -22.86 -65.15
CA GLY L 217 21.98 -23.94 -64.44
C GLY L 217 20.61 -24.24 -65.03
N ALA L 218 20.03 -25.35 -64.63
CA ALA L 218 18.70 -25.69 -65.11
C ALA L 218 17.88 -26.51 -64.11
N LEU L 219 16.57 -26.26 -64.11
CA LEU L 219 15.65 -27.01 -63.25
C LEU L 219 14.75 -27.71 -64.21
N ILE L 220 14.67 -29.02 -64.08
CA ILE L 220 13.85 -29.83 -64.98
C ILE L 220 12.82 -30.62 -64.18
N GLU L 221 11.58 -30.63 -64.65
CA GLU L 221 10.54 -31.37 -63.92
C GLU L 221 10.06 -32.58 -64.73
N ARG L 222 9.71 -33.64 -64.01
CA ARG L 222 9.22 -34.85 -64.66
C ARG L 222 7.82 -34.67 -65.19
N LYS L 223 7.40 -35.63 -65.99
CA LYS L 223 6.07 -35.62 -66.54
C LYS L 223 5.10 -35.95 -65.39
N ASP L 224 3.95 -35.30 -65.39
CA ASP L 224 2.90 -35.50 -64.39
C ASP L 224 3.23 -35.06 -62.98
N LEU L 225 4.19 -34.15 -62.80
CA LEU L 225 4.53 -33.70 -61.43
C LEU L 225 3.35 -33.01 -60.73
N ASN L 226 2.41 -32.46 -61.52
CA ASN L 226 1.21 -31.81 -60.98
C ASN L 226 0.47 -32.76 -60.05
N ASP L 227 0.42 -34.05 -60.44
CA ASP L 227 -0.24 -35.09 -59.64
C ASP L 227 0.24 -35.05 -58.19
N LEU L 228 1.54 -34.85 -57.99
CA LEU L 228 2.13 -34.79 -56.65
C LEU L 228 1.97 -33.44 -55.94
N LEU L 229 1.90 -32.35 -56.69
CA LEU L 229 1.77 -31.02 -56.10
C LEU L 229 0.32 -30.58 -55.87
N LYS L 230 -0.55 -30.85 -56.84
CA LYS L 230 -1.96 -30.49 -56.72
C LYS L 230 -2.66 -31.31 -55.65
N ASN L 231 -3.49 -30.64 -54.85
CA ASN L 231 -4.24 -31.28 -53.76
C ASN L 231 -3.36 -32.03 -52.78
N ASN L 232 -2.23 -31.43 -52.43
CA ASN L 232 -1.30 -32.05 -51.51
C ASN L 232 -1.10 -31.00 -50.44
N ASP L 233 -1.59 -31.33 -49.25
CA ASP L 233 -1.51 -30.48 -48.06
C ASP L 233 -0.08 -30.05 -47.70
N ARG L 234 0.91 -30.80 -48.18
CA ARG L 234 2.29 -30.46 -47.88
C ARG L 234 2.74 -29.22 -48.69
N TYR L 235 2.06 -28.93 -49.80
CA TYR L 235 2.44 -27.80 -50.66
C TYR L 235 1.34 -26.79 -50.94
N LYS L 236 1.13 -25.91 -49.97
CA LYS L 236 0.14 -24.88 -50.12
C LYS L 236 0.29 -23.88 -51.19
N ALA L 237 1.54 -23.49 -51.38
CA ALA L 237 1.82 -22.47 -52.38
C ALA L 237 1.22 -22.83 -53.73
N PHE L 238 1.08 -24.12 -53.99
CA PHE L 238 0.50 -24.57 -55.27
C PHE L 238 -1.00 -24.87 -55.22
N ASN L 239 -1.62 -24.54 -54.08
CA ASN L 239 -3.05 -24.81 -53.86
C ASN L 239 -3.82 -23.72 -53.15
N THR L 240 -3.33 -22.48 -53.19
CA THR L 240 -3.99 -21.38 -52.50
C THR L 240 -3.95 -20.13 -53.39
N PRO L 241 -5.03 -19.33 -53.38
CA PRO L 241 -5.05 -18.12 -54.19
C PRO L 241 -3.83 -17.29 -53.86
N ASP L 242 -3.14 -16.79 -54.88
CA ASP L 242 -1.94 -15.99 -54.65
C ASP L 242 -2.23 -14.51 -54.90
N PRO L 243 -1.98 -13.66 -53.88
CA PRO L 243 -2.23 -12.23 -54.02
C PRO L 243 -1.33 -11.56 -55.05
N SER L 244 -0.12 -12.05 -55.27
CA SER L 244 0.77 -11.46 -56.27
C SER L 244 0.13 -11.57 -57.67
N TYR L 245 -0.77 -12.54 -57.87
CA TYR L 245 -1.48 -12.75 -59.16
C TYR L 245 -2.99 -12.67 -59.11
N HIS L 246 -3.49 -11.67 -58.38
CA HIS L 246 -4.92 -11.48 -58.24
C HIS L 246 -5.70 -12.74 -57.96
N GLY L 247 -5.31 -13.41 -56.88
CA GLY L 247 -5.99 -14.65 -56.43
C GLY L 247 -5.80 -15.93 -57.21
N LEU L 248 -4.99 -15.90 -58.25
CA LEU L 248 -4.76 -17.10 -59.04
C LEU L 248 -4.33 -18.26 -58.16
N ASN L 249 -4.91 -19.43 -58.40
CA ASN L 249 -4.56 -20.62 -57.65
C ASN L 249 -3.95 -21.57 -58.67
N LEU L 250 -2.67 -21.88 -58.47
CA LEU L 250 -1.95 -22.74 -59.41
C LEU L 250 -2.53 -24.12 -59.67
N ASN L 251 -3.22 -24.71 -58.69
CA ASN L 251 -3.80 -26.04 -58.93
C ASN L 251 -4.91 -26.02 -59.97
N THR L 252 -5.29 -24.83 -60.41
CA THR L 252 -6.33 -24.65 -61.40
C THR L 252 -5.74 -24.70 -62.86
N LEU L 253 -4.42 -24.68 -62.99
CA LEU L 253 -3.77 -24.67 -64.31
C LEU L 253 -3.38 -25.99 -64.93
N ASP L 254 -3.58 -26.09 -66.24
N ASP L 254 -3.60 -26.09 -66.23
CA ASP L 254 -3.23 -27.28 -66.96
CA ASP L 254 -3.24 -27.30 -66.98
C ASP L 254 -1.87 -26.98 -67.62
C ASP L 254 -1.87 -26.98 -67.62
N LEU L 255 -0.86 -26.84 -66.76
CA LEU L 255 0.51 -26.54 -67.15
C LEU L 255 1.43 -27.04 -66.08
N PRO L 256 2.72 -27.24 -66.41
CA PRO L 256 3.67 -27.70 -65.38
C PRO L 256 3.77 -26.57 -64.36
N ILE L 257 2.99 -26.67 -63.30
CA ILE L 257 2.94 -25.63 -62.28
C ILE L 257 4.24 -25.38 -61.53
N PHE L 258 5.08 -26.41 -61.38
CA PHE L 258 6.34 -26.23 -60.68
C PHE L 258 7.18 -25.23 -61.47
N SER L 259 7.28 -25.48 -62.77
CA SER L 259 8.06 -24.60 -63.67
C SER L 259 7.42 -23.22 -63.79
N ILE L 260 6.09 -23.18 -63.86
CA ILE L 260 5.38 -21.91 -63.95
C ILE L 260 5.70 -21.04 -62.75
N ARG L 261 5.72 -21.62 -61.57
CA ARG L 261 6.01 -20.80 -60.42
C ARG L 261 7.46 -20.29 -60.49
N VAL L 262 8.38 -21.12 -60.94
CA VAL L 262 9.78 -20.68 -61.06
C VAL L 262 9.86 -19.44 -61.92
N ILE L 263 9.06 -19.41 -62.98
CA ILE L 263 9.06 -18.28 -63.85
C ILE L 263 8.36 -17.03 -63.33
N ILE L 264 7.07 -17.16 -63.06
CA ILE L 264 6.26 -16.01 -62.60
C ILE L 264 6.60 -15.47 -61.22
N THR L 265 7.33 -16.26 -60.44
CA THR L 265 7.71 -15.79 -59.13
C THR L 265 9.22 -15.65 -58.91
N TRP L 266 9.97 -16.74 -58.96
CA TRP L 266 11.40 -16.69 -58.70
C TRP L 266 12.24 -15.95 -59.75
N LEU L 267 12.01 -16.21 -61.02
CA LEU L 267 12.77 -15.48 -62.05
C LEU L 267 12.28 -14.06 -62.07
N ARG L 268 10.96 -13.90 -62.07
CA ARG L 268 10.42 -12.56 -62.13
C ARG L 268 10.82 -11.64 -60.99
N ASP L 269 10.83 -12.15 -59.77
CA ASP L 269 11.16 -11.32 -58.61
C ASP L 269 12.59 -11.40 -58.09
N LEU L 270 13.22 -12.57 -58.16
CA LEU L 270 14.62 -12.72 -57.70
C LEU L 270 15.65 -12.47 -58.86
N GLY L 271 15.20 -12.70 -60.09
CA GLY L 271 16.03 -12.44 -61.28
C GLY L 271 17.36 -13.08 -61.60
N ALA L 272 17.50 -14.38 -61.34
CA ALA L 272 18.74 -15.09 -61.62
C ALA L 272 18.63 -15.65 -63.05
N SER L 273 18.48 -14.72 -63.98
CA SER L 273 18.31 -15.04 -65.37
C SER L 273 19.55 -15.45 -66.09
N LEU L 274 19.36 -16.40 -66.99
CA LEU L 274 20.43 -16.88 -67.82
C LEU L 274 20.57 -16.00 -69.06
N ALA L 275 21.74 -15.39 -69.24
CA ALA L 275 22.00 -14.52 -70.42
C ALA L 275 21.97 -15.36 -71.74
N PRO L 276 21.50 -14.74 -72.84
CA PRO L 276 21.35 -15.34 -74.14
C PRO L 276 22.63 -15.95 -74.74
N GLN L 277 23.75 -15.27 -74.59
CA GLN L 277 25.07 -15.76 -75.11
C GLN L 277 25.37 -17.05 -74.37
N ASN L 278 25.16 -17.07 -73.04
CA ASN L 278 25.44 -18.30 -72.27
C ASN L 278 24.51 -19.41 -72.65
N ALA L 279 23.24 -19.09 -72.77
CA ALA L 279 22.24 -20.09 -73.15
C ALA L 279 22.61 -20.71 -74.50
N TRP L 280 22.97 -19.86 -75.45
CA TRP L 280 23.32 -20.33 -76.78
C TRP L 280 24.55 -21.24 -76.75
N LEU L 281 25.57 -20.83 -76.01
CA LEU L 281 26.79 -21.64 -75.87
C LEU L 281 26.44 -23.00 -75.26
N LEU L 282 25.58 -22.97 -74.25
CA LEU L 282 25.13 -24.20 -73.56
C LEU L 282 24.37 -25.09 -74.53
N LEU L 283 23.59 -24.50 -75.43
N LEU L 283 23.61 -24.50 -75.42
CA LEU L 283 22.90 -25.32 -76.44
CA LEU L 283 22.89 -25.28 -76.41
C LEU L 283 23.91 -26.00 -77.29
C LEU L 283 23.90 -25.98 -77.29
N GLN L 284 24.97 -25.27 -77.66
CA GLN L 284 26.01 -25.88 -78.53
C GLN L 284 26.68 -27.03 -77.82
N GLY L 285 26.93 -26.84 -76.54
CA GLY L 285 27.59 -27.89 -75.73
C GLY L 285 26.71 -29.08 -75.61
N LEU L 286 25.42 -28.85 -75.47
CA LEU L 286 24.49 -29.94 -75.33
C LEU L 286 24.54 -30.82 -76.55
N GLU L 287 24.68 -30.20 -77.72
CA GLU L 287 24.74 -30.95 -78.99
C GLU L 287 25.86 -31.99 -79.03
N THR L 288 27.00 -31.67 -78.46
CA THR L 288 28.14 -32.57 -78.46
C THR L 288 28.42 -33.32 -77.16
N LEU L 289 27.61 -33.12 -76.14
CA LEU L 289 27.83 -33.81 -74.87
C LEU L 289 27.90 -35.34 -74.97
N ALA L 290 27.04 -35.94 -75.79
CA ALA L 290 27.06 -37.39 -75.90
C ALA L 290 28.40 -37.94 -76.33
N VAL L 291 29.04 -37.31 -77.30
CA VAL L 291 30.35 -37.81 -77.73
C VAL L 291 31.41 -37.45 -76.70
N ARG L 292 31.34 -36.25 -76.17
CA ARG L 292 32.31 -35.82 -75.18
C ARG L 292 32.34 -36.61 -73.87
N ILE L 293 31.18 -36.85 -73.28
CA ILE L 293 31.13 -37.57 -72.02
C ILE L 293 31.74 -38.98 -72.11
N GLU L 294 31.66 -39.60 -73.28
CA GLU L 294 32.25 -40.92 -73.46
C GLU L 294 33.79 -40.83 -73.39
N LYS L 295 34.38 -39.80 -74.01
CA LYS L 295 35.83 -39.63 -73.98
C LYS L 295 36.23 -39.29 -72.55
N HIS L 296 35.50 -38.38 -71.91
CA HIS L 296 35.81 -38.05 -70.53
C HIS L 296 35.84 -39.34 -69.69
N SER L 297 34.84 -40.18 -69.90
CA SER L 297 34.70 -41.45 -69.16
C SER L 297 35.81 -42.44 -69.47
N GLN L 298 36.10 -42.64 -70.75
CA GLN L 298 37.17 -43.56 -71.14
C GLN L 298 38.51 -43.09 -70.57
N ASN L 299 38.81 -41.80 -70.68
CA ASN L 299 40.04 -41.27 -70.10
C ASN L 299 40.09 -41.44 -68.59
N ALA L 300 39.00 -41.16 -67.92
CA ALA L 300 38.95 -41.26 -66.47
C ALA L 300 39.25 -42.67 -66.00
N GLU L 301 38.67 -43.65 -66.69
CA GLU L 301 38.87 -45.01 -66.32
C GLU L 301 40.33 -45.39 -66.43
N LYS L 302 40.98 -45.01 -67.50
CA LYS L 302 42.39 -45.34 -67.67
C LYS L 302 43.26 -44.69 -66.61
N VAL L 303 42.98 -43.43 -66.31
CA VAL L 303 43.71 -42.71 -65.29
C VAL L 303 43.45 -43.39 -63.95
N ALA L 304 42.22 -43.79 -63.71
CA ALA L 304 41.90 -44.46 -62.48
C ALA L 304 42.69 -45.76 -62.33
N ASN L 305 42.70 -46.58 -63.37
CA ASN L 305 43.43 -47.85 -63.34
C ASN L 305 44.90 -47.64 -63.08
N PHE L 306 45.46 -46.63 -63.72
CA PHE L 306 46.85 -46.28 -63.55
C PHE L 306 47.14 -45.88 -62.10
N LEU L 307 46.33 -44.99 -61.56
CA LEU L 307 46.53 -44.54 -60.19
C LEU L 307 46.37 -45.68 -59.21
N ASN L 308 45.39 -46.53 -59.49
CA ASN L 308 45.10 -47.67 -58.63
C ASN L 308 46.24 -48.68 -58.53
N SER L 309 47.14 -48.70 -59.51
CA SER L 309 48.26 -49.63 -59.51
C SER L 309 49.58 -49.02 -59.16
N HIS L 310 49.61 -47.70 -58.98
CA HIS L 310 50.87 -47.05 -58.69
C HIS L 310 51.17 -47.14 -57.20
N PRO L 311 52.40 -47.54 -56.84
CA PRO L 311 52.81 -47.69 -55.44
C PRO L 311 52.77 -46.44 -54.56
N ASP L 312 52.96 -45.26 -55.14
CA ASP L 312 52.91 -44.02 -54.36
C ASP L 312 51.48 -43.47 -54.11
N ILE L 313 50.45 -44.20 -54.51
CA ILE L 313 49.06 -43.76 -54.35
C ILE L 313 48.38 -44.68 -53.36
N LYS L 314 47.73 -44.10 -52.36
CA LYS L 314 47.10 -44.92 -51.32
C LYS L 314 45.63 -45.25 -51.41
N GLY L 315 44.94 -44.82 -52.47
CA GLY L 315 43.51 -45.13 -52.58
C GLY L 315 42.92 -44.34 -53.70
N VAL L 316 42.02 -44.96 -54.46
CA VAL L 316 41.38 -44.32 -55.61
C VAL L 316 39.90 -44.45 -55.55
N ASN L 317 39.23 -43.35 -55.84
CA ASN L 317 37.81 -43.29 -55.78
C ASN L 317 37.20 -43.14 -57.15
N TYR L 318 36.75 -44.24 -57.76
CA TYR L 318 36.11 -44.18 -59.09
C TYR L 318 35.23 -45.44 -59.21
N PRO L 319 33.97 -45.27 -59.61
CA PRO L 319 33.01 -46.40 -59.66
C PRO L 319 33.30 -47.60 -60.52
N THR L 320 34.13 -47.45 -61.55
CA THR L 320 34.43 -48.59 -62.41
C THR L 320 35.35 -49.58 -61.74
N LEU L 321 36.03 -49.14 -60.69
CA LEU L 321 36.95 -50.04 -59.97
C LEU L 321 36.11 -51.04 -59.17
N ALA L 322 36.29 -52.32 -59.48
CA ALA L 322 35.57 -53.44 -58.82
C ALA L 322 35.57 -53.45 -57.29
N SER L 323 36.61 -52.90 -56.68
CA SER L 323 36.73 -52.83 -55.22
C SER L 323 36.04 -51.61 -54.62
N ASN L 324 35.59 -50.70 -55.46
CA ASN L 324 34.95 -49.49 -54.97
C ASN L 324 33.59 -49.83 -54.34
N ALA L 325 33.24 -49.09 -53.30
CA ALA L 325 32.00 -49.32 -52.55
C ALA L 325 30.73 -49.03 -53.31
N TYR L 326 30.86 -48.24 -54.37
CA TYR L 326 29.69 -47.89 -55.15
C TYR L 326 29.64 -48.62 -56.46
N HIS L 327 30.54 -49.59 -56.64
CA HIS L 327 30.59 -50.36 -57.89
C HIS L 327 29.28 -51.07 -58.25
N ASN L 328 28.63 -51.72 -57.29
CA ASN L 328 27.36 -52.40 -57.57
C ASN L 328 26.26 -51.43 -57.96
N LEU L 329 26.21 -50.29 -57.27
CA LEU L 329 25.23 -49.27 -57.58
C LEU L 329 25.50 -48.74 -58.99
N PHE L 330 26.78 -48.67 -59.32
CA PHE L 330 27.19 -48.21 -60.63
C PHE L 330 26.63 -49.13 -61.69
N LYS L 331 26.88 -50.43 -61.53
CA LYS L 331 26.39 -51.42 -62.48
C LYS L 331 24.86 -51.43 -62.53
N LYS L 332 24.22 -51.14 -61.41
CA LYS L 332 22.78 -51.14 -61.38
C LYS L 332 22.12 -49.95 -62.09
N TYR L 333 22.64 -48.75 -61.90
CA TYR L 333 22.06 -47.56 -62.53
C TYR L 333 22.67 -46.99 -63.81
N PHE L 334 23.91 -47.34 -64.12
CA PHE L 334 24.58 -46.82 -65.34
C PHE L 334 24.57 -47.86 -66.48
N ASP L 335 23.61 -47.68 -67.40
CA ASP L 335 23.47 -48.60 -68.56
C ASP L 335 24.62 -48.67 -69.57
N LYS L 336 25.28 -47.56 -69.87
CA LYS L 336 26.41 -47.54 -70.85
C LYS L 336 27.84 -47.84 -70.35
N ASN L 337 27.89 -48.25 -69.13
CA ASN L 337 29.15 -48.55 -68.49
C ASN L 337 30.25 -47.43 -68.55
N PHE L 338 29.84 -46.19 -68.41
CA PHE L 338 30.72 -45.05 -68.37
C PHE L 338 30.38 -44.35 -67.06
N ALA L 339 31.39 -43.87 -66.33
CA ALA L 339 31.16 -43.23 -65.03
C ALA L 339 31.54 -41.74 -64.91
N SER L 340 31.60 -41.07 -66.04
CA SER L 340 31.93 -39.66 -66.12
C SER L 340 33.42 -39.36 -65.86
N GLY L 341 33.77 -38.08 -65.80
CA GLY L 341 35.17 -37.68 -65.63
C GLY L 341 35.70 -37.18 -64.32
N LEU L 342 34.96 -37.37 -63.25
CA LEU L 342 35.43 -36.92 -61.96
C LEU L 342 35.95 -38.09 -61.15
N LEU L 343 37.07 -37.90 -60.47
CA LEU L 343 37.60 -38.96 -59.64
C LEU L 343 38.48 -38.31 -58.57
N SER L 344 38.79 -39.07 -57.52
CA SER L 344 39.65 -38.53 -56.47
C SER L 344 40.58 -39.65 -56.05
N PHE L 345 41.69 -39.29 -55.42
CA PHE L 345 42.63 -40.29 -54.94
C PHE L 345 43.40 -39.73 -53.73
N GLU L 346 44.01 -40.65 -52.98
CA GLU L 346 44.79 -40.34 -51.80
C GLU L 346 46.27 -40.38 -52.10
N ALA L 347 46.96 -39.30 -51.77
CA ALA L 347 48.40 -39.22 -51.97
C ALA L 347 48.99 -39.83 -50.72
N LYS L 348 50.31 -39.91 -50.63
CA LYS L 348 50.97 -40.48 -49.44
C LYS L 348 50.58 -39.69 -48.20
N ASP L 349 50.59 -38.36 -48.34
CA ASP L 349 50.24 -37.44 -47.26
C ASP L 349 50.04 -36.03 -47.80
N TYR L 350 49.74 -35.10 -46.90
CA TYR L 350 49.53 -33.70 -47.26
C TYR L 350 50.66 -33.11 -48.12
N GLU L 351 51.91 -33.28 -47.69
CA GLU L 351 53.04 -32.75 -48.46
C GLU L 351 53.15 -33.31 -49.88
N HIS L 352 52.77 -34.57 -50.04
CA HIS L 352 52.82 -35.22 -51.36
C HIS L 352 51.69 -34.67 -52.25
N ALA L 353 50.50 -34.51 -51.66
CA ALA L 353 49.34 -33.97 -52.37
C ALA L 353 49.63 -32.56 -52.93
N ARG L 354 50.41 -31.79 -52.19
CA ARG L 354 50.79 -30.45 -52.61
C ARG L 354 51.80 -30.51 -53.70
N ARG L 355 52.81 -31.38 -53.61
CA ARG L 355 53.83 -31.43 -54.67
C ARG L 355 53.19 -31.77 -55.98
N ILE L 356 52.24 -32.69 -55.93
CA ILE L 356 51.53 -33.11 -57.11
C ILE L 356 50.81 -31.89 -57.73
N CYS L 357 50.02 -31.18 -56.95
CA CYS L 357 49.31 -30.01 -57.47
C CYS L 357 50.24 -28.97 -58.06
N ASP L 358 51.43 -28.85 -57.48
CA ASP L 358 52.40 -27.86 -57.93
C ASP L 358 53.27 -28.32 -59.12
N LYS L 359 53.26 -29.61 -59.42
CA LYS L 359 54.06 -30.21 -60.52
C LYS L 359 53.35 -30.55 -61.83
N THR L 360 52.03 -30.73 -61.82
CA THR L 360 51.32 -31.08 -63.06
C THR L 360 51.43 -29.98 -64.11
N GLN L 361 51.56 -30.37 -65.38
CA GLN L 361 51.65 -29.43 -66.50
C GLN L 361 50.38 -29.44 -67.39
N LEU L 362 49.65 -30.55 -67.44
CA LEU L 362 48.41 -30.63 -68.24
C LEU L 362 47.21 -30.47 -67.33
N PHE L 363 47.26 -31.10 -66.18
CA PHE L 363 46.18 -30.93 -65.22
C PHE L 363 46.41 -29.52 -64.69
N LEU L 364 45.42 -28.65 -64.89
CA LEU L 364 45.50 -27.26 -64.48
C LEU L 364 44.93 -27.08 -63.08
N LEU L 365 45.74 -26.51 -62.19
CA LEU L 365 45.34 -26.27 -60.82
C LEU L 365 44.26 -25.21 -60.89
N ALA L 366 43.03 -25.64 -60.61
CA ALA L 366 41.90 -24.77 -60.67
C ALA L 366 40.69 -25.36 -59.97
N ALA L 367 39.66 -24.54 -59.80
CA ALA L 367 38.44 -24.98 -59.12
C ALA L 367 37.22 -25.00 -60.05
N ASN L 368 37.07 -26.10 -60.78
CA ASN L 368 35.96 -26.28 -61.68
C ASN L 368 35.96 -27.75 -62.10
N LEU L 369 34.97 -28.21 -62.84
CA LEU L 369 35.01 -29.59 -63.29
C LEU L 369 34.20 -29.73 -64.57
N GLY L 370 34.56 -30.70 -65.38
CA GLY L 370 33.86 -30.90 -66.64
C GLY L 370 34.39 -30.04 -67.78
N ASP L 371 35.56 -29.45 -67.61
CA ASP L 371 36.16 -28.66 -68.68
C ASP L 371 36.86 -29.69 -69.62
N SER L 372 37.03 -29.29 -70.87
CA SER L 372 37.69 -30.14 -71.85
C SER L 372 39.19 -30.28 -71.47
N LYS L 373 39.70 -29.30 -70.70
CA LYS L 373 41.10 -29.33 -70.20
C LYS L 373 41.05 -29.98 -68.83
N SER L 374 41.97 -30.89 -68.57
CA SER L 374 42.02 -31.60 -67.29
C SER L 374 42.34 -30.66 -66.16
N LEU L 375 41.70 -30.84 -65.02
CA LEU L 375 41.90 -29.99 -63.87
C LEU L 375 42.24 -30.76 -62.60
N ILE L 376 42.92 -30.08 -61.68
CA ILE L 376 43.30 -30.66 -60.41
C ILE L 376 43.14 -29.68 -59.24
N ILE L 377 42.83 -30.22 -58.06
CA ILE L 377 42.63 -29.43 -56.86
C ILE L 377 42.75 -30.30 -55.58
N HIS L 378 43.03 -29.66 -54.46
CA HIS L 378 43.15 -30.26 -53.13
C HIS L 378 41.97 -29.76 -52.28
N PRO L 379 40.83 -30.48 -52.26
CA PRO L 379 39.59 -30.11 -51.53
C PRO L 379 39.71 -29.61 -50.09
N ALA L 395 32.88 -36.51 -42.65
CA ALA L 395 33.37 -35.13 -42.58
C ALA L 395 34.23 -34.83 -43.79
N GLY L 396 34.59 -35.88 -44.53
CA GLY L 396 35.44 -35.70 -45.69
C GLY L 396 35.60 -37.02 -46.47
N ILE L 397 36.68 -37.27 -47.23
CA ILE L 397 37.86 -36.40 -47.51
C ILE L 397 39.00 -36.34 -46.46
N THR L 398 40.26 -36.31 -46.89
CA THR L 398 41.40 -36.22 -45.96
C THR L 398 42.40 -35.14 -46.42
N LYS L 399 43.47 -34.94 -45.67
CA LYS L 399 44.48 -33.96 -46.05
C LYS L 399 45.35 -34.42 -47.23
N ALA L 400 45.27 -35.70 -47.53
CA ALA L 400 46.03 -36.28 -48.63
C ALA L 400 45.16 -36.40 -49.89
N THR L 401 43.88 -36.10 -49.78
CA THR L 401 42.97 -36.21 -50.91
C THR L 401 43.13 -35.21 -52.04
N ILE L 402 43.11 -35.73 -53.26
CA ILE L 402 43.22 -34.93 -54.48
C ILE L 402 42.04 -35.26 -55.36
N ARG L 403 41.46 -34.23 -55.98
CA ARG L 403 40.32 -34.43 -56.86
C ARG L 403 40.78 -34.06 -58.26
N LEU L 404 40.42 -34.87 -59.24
CA LEU L 404 40.79 -34.60 -60.63
C LEU L 404 39.56 -34.53 -61.51
N SER L 405 39.61 -33.66 -62.52
CA SER L 405 38.52 -33.52 -63.48
C SER L 405 39.24 -33.95 -64.74
N ILE L 406 38.84 -35.10 -65.25
CA ILE L 406 39.51 -35.64 -66.42
C ILE L 406 38.96 -35.02 -67.69
N GLY L 407 39.88 -34.44 -68.45
CA GLY L 407 39.54 -33.80 -69.72
C GLY L 407 39.50 -34.69 -70.94
N LEU L 408 39.59 -34.05 -72.09
CA LEU L 408 39.54 -34.75 -73.37
C LEU L 408 40.93 -34.96 -74.01
N GLU L 409 42.00 -34.68 -73.28
CA GLU L 409 43.34 -34.86 -73.84
C GLU L 409 43.65 -36.32 -74.07
N ASN L 410 44.78 -36.59 -74.71
CA ASN L 410 45.21 -37.97 -74.95
C ASN L 410 45.56 -38.61 -73.59
N SER L 411 45.00 -39.79 -73.30
CA SER L 411 45.22 -40.48 -72.02
C SER L 411 46.68 -40.75 -71.69
N ASP L 412 47.47 -41.13 -72.67
CA ASP L 412 48.88 -41.39 -72.39
C ASP L 412 49.54 -40.11 -71.90
N ASP L 413 49.20 -38.99 -72.50
CA ASP L 413 49.76 -37.71 -72.09
C ASP L 413 49.34 -37.38 -70.67
N LEU L 414 48.09 -37.62 -70.36
CA LEU L 414 47.57 -37.33 -69.04
C LEU L 414 48.25 -38.20 -67.99
N ILE L 415 48.34 -39.49 -68.28
CA ILE L 415 48.98 -40.43 -67.38
C ILE L 415 50.44 -40.02 -67.17
N ALA L 416 51.14 -39.65 -68.24
CA ALA L 416 52.55 -39.23 -68.13
C ALA L 416 52.70 -37.97 -67.26
N ASP L 417 51.78 -37.01 -67.39
CA ASP L 417 51.83 -35.79 -66.61
C ASP L 417 51.62 -36.15 -65.13
N LEU L 418 50.62 -36.98 -64.83
CA LEU L 418 50.39 -37.39 -63.43
C LEU L 418 51.55 -38.23 -62.90
N LYS L 419 52.13 -39.06 -63.76
CA LYS L 419 53.22 -39.92 -63.34
C LYS L 419 54.39 -39.08 -62.84
N GLN L 420 54.83 -38.14 -63.65
CA GLN L 420 55.97 -37.29 -63.25
C GLN L 420 55.66 -36.46 -61.99
N ALA L 421 54.42 -36.01 -61.85
CA ALA L 421 54.05 -35.22 -60.67
C ALA L 421 54.08 -36.09 -59.41
N ILE L 422 53.47 -37.24 -59.51
CA ILE L 422 53.41 -38.19 -58.41
C ILE L 422 54.76 -38.71 -57.95
N GLU L 423 55.62 -39.02 -58.90
CA GLU L 423 56.95 -39.57 -58.61
C GLU L 423 58.02 -38.56 -58.47
N SER L 424 57.67 -37.32 -58.76
CA SER L 424 58.69 -36.31 -58.88
C SER L 424 58.61 -35.08 -58.00
N ASN M 3 -40.30 40.01 65.06
CA ASN M 3 -41.12 39.76 66.28
C ASN M 3 -40.18 40.12 67.46
N PHE M 4 -39.68 39.10 68.16
CA PHE M 4 -38.82 39.25 69.34
C PHE M 4 -37.33 39.60 69.24
N ASN M 5 -36.76 40.00 70.37
CA ASN M 5 -35.33 40.32 70.44
C ASN M 5 -34.46 39.05 70.56
N LYS M 6 -33.18 39.20 70.24
CA LYS M 6 -32.23 38.09 70.29
C LYS M 6 -32.21 37.31 71.58
N GLU M 7 -32.23 38.02 72.69
CA GLU M 7 -32.22 37.38 73.98
C GLU M 7 -33.41 36.44 74.09
N THR M 8 -34.55 36.88 73.59
CA THR M 8 -35.78 36.08 73.66
C THR M 8 -35.74 34.86 72.75
N LEU M 9 -35.17 35.05 71.58
CA LEU M 9 -35.02 33.97 70.59
C LEU M 9 -34.09 32.87 71.03
N ALA M 10 -33.19 33.17 71.95
CA ALA M 10 -32.25 32.14 72.44
C ALA M 10 -32.94 31.23 73.45
N LEU M 11 -34.12 31.67 73.88
CA LEU M 11 -34.94 30.96 74.89
C LEU M 11 -36.28 30.34 74.42
N HIS M 12 -36.84 30.92 73.34
CA HIS M 12 -38.11 30.49 72.75
C HIS M 12 -37.97 30.35 71.25
N GLY M 13 -38.56 29.29 70.70
CA GLY M 13 -38.51 29.04 69.27
C GLY M 13 -37.97 27.67 68.87
N ALA M 14 -38.36 27.26 67.66
CA ALA M 14 -37.93 25.98 67.10
C ALA M 14 -38.18 24.75 67.95
N TYR M 15 -39.12 24.82 68.90
CA TYR M 15 -39.46 23.73 69.78
C TYR M 15 -40.89 23.99 70.23
N ASN M 16 -41.84 23.17 69.82
CA ASN M 16 -43.26 23.36 70.19
C ASN M 16 -43.82 22.46 71.30
N PHE M 17 -42.97 21.71 72.00
CA PHE M 17 -43.41 20.81 73.09
C PHE M 17 -44.01 19.54 72.48
N ASP M 18 -43.44 18.37 72.74
CA ASP M 18 -44.02 17.15 72.18
C ASP M 18 -45.27 16.79 72.99
N THR M 19 -45.60 15.51 73.01
CA THR M 19 -46.76 15.04 73.75
C THR M 19 -46.65 15.32 75.24
N GLN M 20 -45.46 15.14 75.80
CA GLN M 20 -45.21 15.34 77.25
C GLN M 20 -45.16 16.78 77.73
N ARG M 21 -44.99 17.69 76.78
CA ARG M 21 -44.94 19.11 77.06
C ARG M 21 -43.88 19.55 78.09
N SER M 22 -42.69 18.97 77.97
CA SER M 22 -41.59 19.32 78.85
C SER M 22 -41.12 20.70 78.41
N ILE M 23 -40.87 21.58 79.36
CA ILE M 23 -40.43 22.93 79.05
C ILE M 23 -39.03 22.89 78.46
N SER M 24 -38.20 22.02 79.02
CA SER M 24 -36.85 21.84 78.53
C SER M 24 -36.88 20.91 77.34
N VAL M 25 -35.97 21.11 76.42
CA VAL M 25 -35.92 20.26 75.22
C VAL M 25 -35.41 18.87 75.63
N PRO M 26 -36.11 17.83 75.23
CA PRO M 26 -35.64 16.52 75.63
C PRO M 26 -34.35 16.13 74.95
N ILE M 27 -33.60 15.27 75.62
CA ILE M 27 -32.32 14.78 75.08
C ILE M 27 -32.58 13.45 74.37
N TYR M 28 -32.56 13.50 73.05
CA TYR M 28 -32.80 12.32 72.24
C TYR M 28 -31.52 11.50 72.06
N GLN M 29 -31.15 10.78 73.12
CA GLN M 29 -29.94 9.94 73.14
C GLN M 29 -30.43 8.73 72.35
N ASN M 30 -30.41 8.92 71.05
CA ASN M 30 -30.94 7.96 70.13
C ASN M 30 -30.38 8.08 68.72
N THR M 31 -30.25 6.94 68.04
CA THR M 31 -29.73 6.95 66.67
C THR M 31 -30.75 6.72 65.56
N ALA M 32 -31.82 6.00 65.85
CA ALA M 32 -32.83 5.69 64.82
C ALA M 32 -34.25 6.02 65.22
N TYR M 33 -35.09 6.05 64.19
CA TYR M 33 -36.51 6.42 64.34
C TYR M 33 -37.46 5.41 63.70
N ASN M 34 -38.61 5.22 64.33
CA ASN M 34 -39.60 4.29 63.85
C ASN M 34 -40.50 4.95 62.81
N PHE M 35 -40.28 4.61 61.55
CA PHE M 35 -41.10 5.19 60.46
C PHE M 35 -42.48 4.61 60.64
N GLU M 36 -43.49 5.42 60.37
CA GLU M 36 -44.89 4.99 60.54
C GLU M 36 -45.35 4.01 59.51
N ASN M 37 -44.68 3.99 58.37
CA ASN M 37 -45.01 3.07 57.29
C ASN M 37 -43.92 3.11 56.26
N LEU M 38 -43.91 2.13 55.34
CA LEU M 38 -42.87 2.10 54.32
C LEU M 38 -42.81 3.33 53.36
N ASP M 39 -43.95 3.90 52.98
CA ASP M 39 -43.95 5.05 52.09
C ASP M 39 -43.20 6.21 52.72
N GLN M 40 -43.55 6.49 53.97
CA GLN M 40 -42.94 7.57 54.72
C GLN M 40 -41.43 7.44 54.71
N ALA M 41 -40.96 6.22 54.96
CA ALA M 41 -39.54 5.94 55.00
C ALA M 41 -38.90 6.26 53.66
N ALA M 42 -39.31 5.54 52.63
CA ALA M 42 -38.78 5.75 51.29
C ALA M 42 -38.87 7.22 50.88
N ALA M 43 -39.99 7.84 51.20
CA ALA M 43 -40.15 9.25 50.85
C ALA M 43 -39.05 10.11 51.51
N ARG M 44 -38.67 9.78 52.75
CA ARG M 44 -37.60 10.54 53.43
C ARG M 44 -36.24 10.26 52.80
N PHE M 45 -35.98 9.02 52.43
CA PHE M 45 -34.71 8.69 51.77
C PHE M 45 -34.55 9.36 50.39
N ASN M 46 -35.65 9.82 49.80
CA ASN M 46 -35.64 10.50 48.47
C ASN M 46 -35.76 12.00 48.53
N LEU M 47 -35.71 12.56 49.73
CA LEU M 47 -35.85 13.99 49.91
C LEU M 47 -37.23 14.53 49.51
N GLN M 48 -38.19 13.64 49.27
CA GLN M 48 -39.52 14.13 48.94
C GLN M 48 -40.14 14.67 50.23
N GLU M 49 -40.01 13.93 51.33
CA GLU M 49 -40.56 14.39 52.61
C GLU M 49 -39.42 14.64 53.60
N LEU M 50 -39.44 15.77 54.29
CA LEU M 50 -38.40 16.06 55.29
C LEU M 50 -38.79 15.38 56.63
N GLY M 51 -37.80 14.91 57.37
CA GLY M 51 -38.06 14.26 58.65
C GLY M 51 -36.91 13.40 59.16
N ASN M 52 -37.16 12.80 60.32
CA ASN M 52 -36.17 11.98 60.97
C ASN M 52 -35.89 10.70 60.25
N ILE M 53 -34.60 10.38 60.15
CA ILE M 53 -34.15 9.19 59.51
C ILE M 53 -33.13 8.42 60.36
N TYR M 54 -32.01 9.08 60.63
CA TYR M 54 -30.92 8.52 61.38
C TYR M 54 -30.10 9.69 61.91
N SER M 55 -29.73 9.60 63.20
CA SER M 55 -28.98 10.67 63.88
C SER M 55 -27.69 11.13 63.31
N ARG M 56 -27.08 10.33 62.45
CA ARG M 56 -25.83 10.82 61.83
C ARG M 56 -26.14 12.00 60.93
N LEU M 57 -27.38 12.06 60.42
CA LEU M 57 -27.82 13.14 59.54
C LEU M 57 -28.46 14.26 60.35
N SER M 58 -29.41 13.91 61.19
CA SER M 58 -30.07 14.90 62.01
C SER M 58 -30.70 14.26 63.24
N ASN M 59 -30.87 15.09 64.25
CA ASN M 59 -31.46 14.71 65.53
C ASN M 59 -32.32 15.89 66.04
N PRO M 60 -33.53 15.59 66.55
CA PRO M 60 -34.38 16.65 67.04
C PRO M 60 -33.76 17.60 68.08
N THR M 61 -32.94 17.09 68.99
CA THR M 61 -32.32 17.96 70.01
C THR M 61 -31.44 18.94 69.26
N SER M 62 -30.56 18.42 68.43
CA SER M 62 -29.66 19.29 67.63
C SER M 62 -30.39 20.18 66.62
N ASP M 63 -31.59 19.78 66.18
CA ASP M 63 -32.35 20.61 65.24
C ASP M 63 -32.81 21.89 65.89
N VAL M 64 -33.21 21.80 67.15
CA VAL M 64 -33.65 22.99 67.88
C VAL M 64 -32.48 23.95 67.96
N LEU M 65 -31.31 23.42 68.28
CA LEU M 65 -30.09 24.21 68.38
C LEU M 65 -29.76 24.91 67.07
N GLY M 66 -29.81 24.16 65.99
CA GLY M 66 -29.52 24.71 64.69
C GLY M 66 -30.42 25.88 64.32
N GLN M 67 -31.72 25.69 64.49
CA GLN M 67 -32.67 26.74 64.13
C GLN M 67 -32.54 27.97 65.06
N ARG M 68 -32.36 27.75 66.36
CA ARG M 68 -32.21 28.90 67.25
C ARG M 68 -30.95 29.68 66.92
N LEU M 69 -29.85 28.97 66.66
CA LEU M 69 -28.61 29.67 66.30
C LEU M 69 -28.84 30.52 65.06
N ALA M 70 -29.62 29.97 64.13
CA ALA M 70 -29.93 30.71 62.91
C ALA M 70 -30.79 31.93 63.24
N ASN M 71 -31.75 31.73 64.13
CA ASN M 71 -32.64 32.81 64.53
C ASN M 71 -31.88 33.92 65.21
N VAL M 72 -30.96 33.60 66.12
CA VAL M 72 -30.23 34.68 66.79
C VAL M 72 -29.32 35.42 65.85
N GLU M 73 -28.79 34.76 64.83
CA GLU M 73 -27.92 35.44 63.85
C GLU M 73 -28.69 36.18 62.78
N GLY M 74 -29.99 35.92 62.69
CA GLY M 74 -30.82 36.57 61.66
C GLY M 74 -30.66 35.83 60.31
N GLY M 75 -30.25 34.58 60.38
CA GLY M 75 -30.07 33.76 59.19
C GLY M 75 -31.29 32.87 58.93
N ALA M 76 -31.17 31.96 57.96
CA ALA M 76 -32.28 31.07 57.60
C ALA M 76 -32.26 29.67 58.20
N PHE M 77 -31.11 29.01 58.17
CA PHE M 77 -31.04 27.66 58.66
C PHE M 77 -29.63 27.41 59.25
N GLY M 78 -29.57 26.57 60.26
CA GLY M 78 -28.31 26.24 60.87
C GLY M 78 -28.14 24.75 61.06
N ILE M 79 -26.91 24.30 60.98
CA ILE M 79 -26.56 22.91 61.14
C ILE M 79 -25.42 22.67 62.09
N PRO M 80 -25.73 21.99 63.19
CA PRO M 80 -24.69 21.69 64.15
C PRO M 80 -23.92 20.47 63.77
N VAL M 81 -22.64 20.52 64.07
CA VAL M 81 -21.71 19.42 63.75
C VAL M 81 -20.82 19.14 64.95
N ALA M 82 -20.02 18.10 64.87
CA ALA M 82 -19.16 17.70 65.99
C ALA M 82 -18.19 18.71 66.58
N SER M 83 -17.76 19.67 65.82
CA SER M 83 -16.83 20.65 66.33
C SER M 83 -16.75 21.83 65.42
N GLY M 84 -16.13 22.89 65.92
CA GLY M 84 -15.91 24.14 65.16
C GLY M 84 -15.07 23.82 63.92
N ALA M 86 -14.81 20.98 62.33
CA ALA M 86 -15.66 20.27 61.38
C ALA M 86 -16.53 21.25 60.65
N ALA M 87 -17.02 22.27 61.37
CA ALA M 87 -17.86 23.31 60.77
C ALA M 87 -17.07 24.09 59.67
N CYS M 88 -15.83 24.47 59.98
CA CYS M 88 -15.00 25.17 59.01
C CYS M 88 -14.74 24.26 57.79
N PHE M 89 -14.36 23.01 58.06
CA PHE M 89 -14.09 22.01 57.01
C PHE M 89 -15.31 21.81 56.11
N TYR M 90 -16.44 21.49 56.71
CA TYR M 90 -17.70 21.30 55.99
C TYR M 90 -18.12 22.51 55.16
N ALA M 91 -17.89 23.72 55.69
CA ALA M 91 -18.26 24.92 54.96
C ALA M 91 -17.42 25.07 53.68
N LEU M 92 -16.13 24.81 53.80
CA LEU M 92 -15.20 24.94 52.67
C LEU M 92 -15.43 23.87 51.57
N ILE M 93 -15.46 22.60 51.97
CA ILE M 93 -15.68 21.54 51.02
C ILE M 93 -17.07 21.59 50.41
N ASN M 94 -18.03 22.27 51.03
CA ASN M 94 -19.37 22.30 50.44
C ASN M 94 -19.35 23.26 49.27
N LEU M 95 -18.27 24.03 49.19
CA LEU M 95 -18.07 25.01 48.15
C LEU M 95 -16.94 24.71 47.18
N ALA M 96 -15.86 24.14 47.67
CA ALA M 96 -14.71 23.83 46.85
C ALA M 96 -14.40 22.34 46.82
N SER M 97 -13.95 21.89 45.66
CA SER M 97 -13.56 20.50 45.45
C SER M 97 -12.18 20.50 44.77
N SER M 98 -11.64 19.32 44.53
CA SER M 98 -10.31 19.21 43.93
C SER M 98 -10.13 20.09 42.68
N GLY M 99 -9.03 20.85 42.67
CA GLY M 99 -8.73 21.75 41.56
C GLY M 99 -9.17 23.18 41.81
N ASP M 100 -9.95 23.40 42.85
CA ASP M 100 -10.41 24.74 43.18
C ASP M 100 -9.49 25.37 44.24
N ASN M 101 -9.75 26.63 44.56
CA ASN M 101 -8.96 27.30 45.58
C ASN M 101 -9.90 28.11 46.45
N VAL M 102 -9.41 28.46 47.62
CA VAL M 102 -10.17 29.26 48.57
C VAL M 102 -9.24 30.37 49.10
N ALA M 103 -9.82 31.53 49.34
CA ALA M 103 -9.08 32.67 49.84
C ALA M 103 -9.31 32.75 51.33
N TYR M 104 -8.24 32.91 52.10
CA TYR M 104 -8.38 32.97 53.53
C TYR M 104 -7.55 34.05 54.21
N SER M 105 -8.11 34.61 55.29
CA SER M 105 -7.45 35.64 56.07
C SER M 105 -6.17 35.14 56.72
N ASN M 106 -5.18 36.03 56.75
CA ASN M 106 -3.89 35.73 57.35
C ASN M 106 -3.97 35.85 58.86
N LYS M 107 -5.10 36.32 59.36
CA LYS M 107 -5.29 36.45 60.82
C LYS M 107 -6.47 35.64 61.31
N ILE M 108 -6.20 34.35 61.52
CA ILE M 108 -7.22 33.40 62.01
C ILE M 108 -6.67 32.37 62.97
N TYR M 109 -7.61 31.57 63.50
CA TYR M 109 -7.31 30.52 64.44
C TYR M 109 -6.30 29.57 63.82
N GLY M 110 -5.26 29.26 64.58
CA GLY M 110 -4.17 28.40 64.14
C GLY M 110 -4.61 27.09 63.52
N GLY M 111 -5.57 26.45 64.17
CA GLY M 111 -6.08 25.20 63.67
C GLY M 111 -6.71 25.39 62.31
N THR M 112 -7.51 26.43 62.15
CA THR M 112 -8.17 26.69 60.87
C THR M 112 -7.12 27.02 59.80
N GLN M 113 -6.03 27.64 60.22
CA GLN M 113 -4.95 28.02 59.30
C GLN M 113 -4.29 26.76 58.78
N THR M 114 -4.02 25.81 59.68
CA THR M 114 -3.41 24.53 59.31
C THR M 114 -4.36 23.75 58.36
N LEU M 115 -5.64 23.71 58.73
CA LEU M 115 -6.66 23.03 57.93
C LEU M 115 -6.66 23.54 56.48
N ILE M 116 -6.75 24.86 56.36
CA ILE M 116 -6.81 25.49 55.07
C ILE M 116 -5.51 25.47 54.27
N SER M 117 -4.40 25.92 54.87
CA SER M 117 -3.12 25.96 54.15
C SER M 117 -2.38 24.63 54.00
N HIS M 118 -2.64 23.63 54.86
CA HIS M 118 -1.93 22.33 54.68
C HIS M 118 -2.81 21.12 54.44
N THR M 119 -3.70 20.84 55.37
CA THR M 119 -4.57 19.69 55.24
C THR M 119 -5.43 19.61 53.99
N LEU M 120 -6.03 20.71 53.57
CA LEU M 120 -6.87 20.68 52.36
C LEU M 120 -6.11 20.34 51.08
N LYS M 121 -4.77 20.49 51.08
CA LYS M 121 -3.98 20.15 49.89
C LYS M 121 -4.22 18.69 49.54
N ASN M 122 -4.26 17.85 50.59
CA ASN M 122 -4.49 16.40 50.42
C ASN M 122 -5.72 16.12 49.61
N PHE M 123 -6.65 17.07 49.55
CA PHE M 123 -7.86 16.85 48.79
C PHE M 123 -7.87 17.65 47.50
N GLY M 124 -6.70 18.15 47.12
CA GLY M 124 -6.54 18.94 45.90
C GLY M 124 -7.18 20.31 45.95
N ILE M 125 -7.27 20.86 47.15
CA ILE M 125 -7.84 22.18 47.36
C ILE M 125 -6.74 23.16 47.75
N GLU M 126 -6.51 24.11 46.87
CA GLU M 126 -5.49 25.13 47.05
C GLU M 126 -5.95 26.27 47.96
N ALA M 127 -5.03 26.77 48.78
CA ALA M 127 -5.32 27.85 49.68
C ALA M 127 -4.49 29.08 49.31
N ARG M 128 -5.13 30.25 49.29
CA ARG M 128 -4.49 31.51 48.97
C ARG M 128 -4.75 32.56 50.04
N GLU M 129 -3.71 32.86 50.80
CA GLU M 129 -3.75 33.82 51.89
C GLU M 129 -3.97 35.25 51.41
N PHE M 130 -4.58 36.06 52.26
CA PHE M 130 -4.79 37.47 51.94
C PHE M 130 -4.73 38.21 53.27
N ASP M 131 -4.44 39.50 53.19
CA ASP M 131 -4.32 40.35 54.36
C ASP M 131 -5.63 41.12 54.56
N ILE M 132 -6.28 40.89 55.71
CA ILE M 132 -7.53 41.53 56.09
C ILE M 132 -7.35 43.04 56.25
N ASP M 133 -6.12 43.46 56.53
CA ASP M 133 -5.81 44.88 56.65
C ASP M 133 -5.51 45.58 55.32
N ASP M 134 -5.38 44.84 54.23
CA ASP M 134 -5.09 45.42 52.90
C ASP M 134 -5.85 44.59 51.87
N LEU M 135 -7.14 44.89 51.75
CA LEU M 135 -8.01 44.15 50.85
C LEU M 135 -7.65 44.06 49.36
N ASP M 136 -6.76 44.91 48.86
CA ASP M 136 -6.39 44.80 47.46
C ASP M 136 -5.75 43.42 47.31
N SER M 137 -5.13 42.93 48.39
CA SER M 137 -4.46 41.62 48.37
C SER M 137 -5.48 40.48 48.12
N LEU M 138 -6.74 40.74 48.42
CA LEU M 138 -7.78 39.74 48.20
C LEU M 138 -8.12 39.66 46.71
N GLU M 139 -8.34 40.81 46.07
CA GLU M 139 -8.64 40.87 44.63
C GLU M 139 -7.61 40.10 43.86
N LYS M 140 -6.37 40.35 44.23
CA LYS M 140 -5.21 39.74 43.63
C LYS M 140 -5.20 38.22 43.55
N VAL M 141 -5.62 37.55 44.62
CA VAL M 141 -5.60 36.09 44.60
C VAL M 141 -6.85 35.43 44.02
N ILE M 142 -7.85 36.23 43.67
CA ILE M 142 -9.10 35.68 43.13
C ILE M 142 -9.07 35.33 41.65
N ASP M 143 -9.65 34.18 41.31
CA ASP M 143 -9.76 33.74 39.90
C ASP M 143 -11.13 33.05 39.77
N GLN M 144 -11.43 32.42 38.65
CA GLN M 144 -12.76 31.80 38.47
C GLN M 144 -12.90 30.49 39.25
N ASN M 145 -11.79 30.02 39.80
CA ASN M 145 -11.76 28.77 40.60
C ASN M 145 -11.86 29.00 42.12
N THR M 146 -11.81 30.26 42.52
CA THR M 146 -11.90 30.66 43.92
C THR M 146 -13.35 30.44 44.34
N LYS M 147 -13.57 29.53 45.28
CA LYS M 147 -14.94 29.21 45.71
C LYS M 147 -15.38 29.79 47.05
N ALA M 148 -14.44 30.30 47.83
CA ALA M 148 -14.81 30.86 49.12
C ALA M 148 -13.79 31.87 49.64
N ILE M 149 -14.31 32.81 50.42
CA ILE M 149 -13.52 33.85 51.05
C ILE M 149 -13.77 33.67 52.53
N PHE M 150 -12.74 33.24 53.24
CA PHE M 150 -12.83 32.96 54.66
C PHE M 150 -12.09 33.92 55.56
N PHE M 151 -12.77 34.34 56.62
CA PHE M 151 -12.18 35.23 57.61
C PHE M 151 -12.95 35.18 58.95
N GLU M 152 -12.34 35.78 59.96
CA GLU M 152 -12.95 35.85 61.29
C GLU M 152 -13.41 37.29 61.54
N SER M 153 -14.54 37.43 62.23
CA SER M 153 -15.08 38.75 62.55
C SER M 153 -14.18 39.47 63.57
N LEU M 154 -13.74 38.71 64.57
CA LEU M 154 -12.85 39.20 65.63
C LEU M 154 -11.86 38.04 65.72
N SER M 155 -10.64 38.25 65.26
CA SER M 155 -9.64 37.17 65.23
C SER M 155 -9.04 36.69 66.52
N ASN M 156 -8.59 35.44 66.44
CA ASN M 156 -7.92 34.71 67.51
C ASN M 156 -6.45 34.37 67.17
N PRO M 157 -5.45 34.87 67.94
CA PRO M 157 -5.41 35.71 69.15
C PRO M 157 -5.13 37.17 69.02
N GLN M 158 -5.07 37.66 67.78
CA GLN M 158 -4.81 39.05 67.47
C GLN M 158 -5.90 40.04 67.90
N ILE M 159 -7.13 39.54 67.91
CA ILE M 159 -8.28 40.35 68.23
C ILE M 159 -8.35 41.37 67.06
N ALA M 160 -8.11 40.89 65.84
CA ALA M 160 -8.18 41.76 64.67
C ALA M 160 -9.59 41.78 64.11
N ILE M 161 -10.12 42.96 63.90
CA ILE M 161 -11.46 43.14 63.36
C ILE M 161 -11.46 43.36 61.84
N ALA M 162 -12.26 42.54 61.16
CA ALA M 162 -12.37 42.61 59.72
C ALA M 162 -13.38 43.66 59.29
N ASP M 163 -13.06 44.38 58.20
CA ASP M 163 -13.96 45.40 57.68
C ASP M 163 -14.88 44.61 56.75
N ILE M 164 -15.91 44.07 57.35
CA ILE M 164 -16.85 43.21 56.65
C ILE M 164 -17.46 43.79 55.38
N GLU M 165 -17.97 45.01 55.43
CA GLU M 165 -18.58 45.63 54.24
C GLU M 165 -17.70 45.60 53.01
N LYS M 166 -16.41 45.85 53.20
CA LYS M 166 -15.46 45.84 52.11
C LYS M 166 -15.19 44.45 51.59
N ILE M 167 -15.21 43.46 52.47
CA ILE M 167 -15.00 42.09 52.03
C ILE M 167 -16.22 41.68 51.19
N ASN M 168 -17.38 42.08 51.68
CA ASN M 168 -18.64 41.78 51.04
C ASN M 168 -18.66 42.33 49.63
N GLN M 169 -18.26 43.59 49.47
CA GLN M 169 -18.24 44.22 48.15
C GLN M 169 -17.50 43.37 47.13
N ILE M 170 -16.27 43.02 47.46
CA ILE M 170 -15.42 42.22 46.63
C ILE M 170 -16.05 40.87 46.36
N ALA M 171 -16.60 40.25 47.40
CA ALA M 171 -17.23 38.95 47.27
C ALA M 171 -18.46 38.99 46.39
N LYS M 172 -19.32 39.98 46.60
CA LYS M 172 -20.54 40.10 45.81
C LYS M 172 -20.24 40.40 44.33
N LYS M 173 -19.19 41.15 44.09
CA LYS M 173 -18.82 41.50 42.75
C LYS M 173 -18.49 40.24 41.96
N HIS M 174 -17.61 39.40 42.50
CA HIS M 174 -17.20 38.14 41.83
C HIS M 174 -18.18 36.98 42.01
N LYS M 175 -19.27 37.18 42.75
CA LYS M 175 -20.26 36.13 42.98
C LYS M 175 -19.66 34.96 43.73
N ILE M 176 -18.86 35.29 44.73
CA ILE M 176 -18.22 34.29 45.56
C ILE M 176 -18.85 34.27 46.97
N VAL M 177 -19.03 33.07 47.50
CA VAL M 177 -19.61 32.88 48.82
C VAL M 177 -18.60 33.30 49.88
N SER M 178 -19.06 34.17 50.80
CA SER M 178 -18.21 34.63 51.89
C SER M 178 -18.56 33.84 53.17
N ILE M 179 -17.52 33.38 53.88
CA ILE M 179 -17.65 32.64 55.12
C ILE M 179 -17.02 33.41 56.30
N CYS M 180 -17.82 33.73 57.30
CA CYS M 180 -17.35 34.46 58.48
C CYS M 180 -17.43 33.61 59.76
N ASP M 181 -16.31 33.46 60.44
CA ASP M 181 -16.22 32.71 61.67
C ASP M 181 -16.47 33.76 62.74
N ASN M 182 -17.69 33.72 63.30
CA ASN M 182 -18.12 34.71 64.30
C ASN M 182 -18.04 34.17 65.74
N THR M 183 -17.18 33.18 65.96
CA THR M 183 -17.02 32.56 67.27
C THR M 183 -16.79 33.49 68.47
N VAL M 184 -15.77 34.33 68.35
CA VAL M 184 -15.39 35.18 69.47
C VAL M 184 -16.37 36.29 69.76
N ALA M 185 -16.84 36.97 68.71
CA ALA M 185 -17.79 38.07 68.90
C ALA M 185 -19.16 37.59 69.42
N THR M 186 -19.58 36.44 68.90
CA THR M 186 -20.86 35.78 69.22
C THR M 186 -21.96 36.53 68.49
N PRO M 187 -23.12 35.90 68.28
CA PRO M 187 -24.18 36.58 67.58
C PRO M 187 -24.73 37.75 68.35
N PHE M 188 -24.44 37.81 69.65
CA PHE M 188 -24.93 38.92 70.49
C PHE M 188 -24.13 40.20 70.43
N LEU M 189 -22.90 40.16 69.92
CA LEU M 189 -22.12 41.39 69.83
C LEU M 189 -21.96 41.83 68.39
N LEU M 190 -22.12 40.90 67.46
CA LEU M 190 -21.96 41.21 66.05
C LEU M 190 -22.81 40.27 65.19
N GLN M 191 -23.46 40.82 64.17
CA GLN M 191 -24.31 40.06 63.27
C GLN M 191 -23.75 40.14 61.85
N PRO M 192 -22.76 39.29 61.49
CA PRO M 192 -22.22 39.36 60.13
C PRO M 192 -23.27 39.36 58.99
N PHE M 193 -24.40 38.67 59.15
CA PHE M 193 -25.40 38.67 58.09
C PHE M 193 -25.87 40.07 57.71
N LYS M 194 -25.94 40.96 58.69
CA LYS M 194 -26.34 42.33 58.43
C LYS M 194 -25.42 42.99 57.45
N HIS M 195 -24.19 42.52 57.38
CA HIS M 195 -23.27 43.16 56.45
C HIS M 195 -22.93 42.40 55.18
N GLY M 196 -23.85 41.55 54.74
CA GLY M 196 -23.66 40.79 53.51
C GLY M 196 -23.00 39.44 53.55
N VAL M 197 -22.66 38.94 54.71
CA VAL M 197 -22.04 37.63 54.79
C VAL M 197 -23.04 36.57 54.34
N ASP M 198 -22.54 35.56 53.64
CA ASP M 198 -23.35 34.46 53.12
C ASP M 198 -23.48 33.29 54.10
N VAL M 199 -22.34 32.87 54.64
CA VAL M 199 -22.26 31.77 55.58
C VAL M 199 -21.46 32.10 56.84
N ILE M 200 -22.03 31.75 57.98
CA ILE M 200 -21.38 31.97 59.28
C ILE M 200 -21.02 30.65 59.96
N VAL M 201 -19.79 30.53 60.45
CA VAL M 201 -19.39 29.35 61.16
C VAL M 201 -19.07 29.74 62.61
N HIS M 202 -19.36 28.83 63.52
CA HIS M 202 -19.12 29.04 64.93
C HIS M 202 -18.55 27.83 65.58
N SER M 203 -17.62 28.09 66.49
CA SER M 203 -17.09 27.02 67.27
C SER M 203 -17.98 27.19 68.50
N LEU M 204 -19.00 26.36 68.62
CA LEU M 204 -19.93 26.40 69.74
C LEU M 204 -19.24 26.01 71.05
N SER M 205 -18.14 25.30 70.88
CA SER M 205 -17.31 24.83 71.96
C SER M 205 -16.81 25.97 72.88
N TYR M 207 -17.70 30.20 73.41
CA TYR M 207 -18.73 30.98 74.15
C TYR M 207 -20.14 30.43 74.28
N VAL M 208 -20.66 29.76 73.26
CA VAL M 208 -22.01 29.20 73.34
C VAL M 208 -22.09 28.22 74.51
N SER M 209 -21.06 27.38 74.64
CA SER M 209 -20.99 26.45 75.75
C SER M 209 -20.78 27.32 76.95
N GLY M 210 -19.73 28.13 76.88
CA GLY M 210 -19.38 29.07 77.94
C GLY M 210 -18.81 28.48 79.22
N GLN M 211 -18.66 27.16 79.24
CA GLN M 211 -18.15 26.46 80.40
C GLN M 211 -17.13 25.33 80.18
N GLY M 212 -16.55 25.28 78.98
CA GLY M 212 -15.56 24.28 78.64
C GLY M 212 -16.02 22.86 78.77
N THR M 213 -17.31 22.64 78.51
CA THR M 213 -17.86 21.30 78.65
C THR M 213 -18.42 20.61 77.41
N ALA M 214 -18.63 21.31 76.33
CA ALA M 214 -19.19 20.64 75.19
C ALA M 214 -18.58 21.12 73.89
N LEU M 215 -17.86 20.21 73.27
CA LEU M 215 -17.23 20.46 72.02
C LEU M 215 -18.36 20.47 70.98
N GLY M 216 -18.31 21.40 70.06
CA GLY M 216 -19.33 21.51 69.02
C GLY M 216 -19.13 22.64 68.04
N GLY M 217 -19.77 22.52 66.89
CA GLY M 217 -19.69 23.57 65.85
C GLY M 217 -21.01 23.76 65.10
N ALA M 218 -21.10 24.83 64.32
CA ALA M 218 -22.31 25.08 63.54
C ALA M 218 -22.06 25.85 62.27
N LEU M 219 -22.84 25.52 61.25
CA LEU M 219 -22.74 26.23 59.95
C LEU M 219 -24.11 26.85 59.79
N ILE M 220 -24.13 28.16 59.59
CA ILE M 220 -25.38 28.89 59.45
C ILE M 220 -25.41 29.62 58.12
N GLU M 221 -26.55 29.55 57.43
CA GLU M 221 -26.64 30.21 56.12
C GLU M 221 -27.64 31.35 56.18
N ARG M 222 -27.34 32.39 55.42
CA ARG M 222 -28.22 33.56 55.39
C ARG M 222 -29.49 33.28 54.61
N LYS M 223 -30.43 34.18 54.73
CA LYS M 223 -31.66 34.07 54.00
C LYS M 223 -31.35 34.37 52.53
N ASP M 224 -32.01 33.65 51.63
CA ASP M 224 -31.87 33.80 50.19
C ASP M 224 -30.50 33.41 49.60
N LEU M 225 -29.72 32.60 50.30
CA LEU M 225 -28.41 32.19 49.77
C LEU M 225 -28.55 31.43 48.43
N ASN M 226 -29.70 30.81 48.19
CA ASN M 226 -29.95 30.09 46.93
C ASN M 226 -29.71 31.02 45.72
N ASP M 227 -30.13 32.27 45.86
CA ASP M 227 -29.97 33.29 44.82
C ASP M 227 -28.54 33.32 44.34
N LEU M 228 -27.58 33.20 45.25
CA LEU M 228 -26.14 33.21 44.91
C LEU M 228 -25.58 31.87 44.40
N LEU M 229 -26.17 30.77 44.85
CA LEU M 229 -25.70 29.45 44.43
C LEU M 229 -26.38 28.91 43.17
N LYS M 230 -27.69 29.10 43.07
CA LYS M 230 -28.42 28.65 41.89
C LYS M 230 -28.03 29.45 40.64
N ASN M 231 -27.85 28.75 39.52
CA ASN M 231 -27.49 29.35 38.24
C ASN M 231 -26.23 30.18 38.32
N ASN M 232 -25.23 29.67 39.02
CA ASN M 232 -23.97 30.37 39.17
C ASN M 232 -22.93 29.37 38.72
N ASP M 233 -22.29 29.69 37.61
CA ASP M 233 -21.27 28.84 37.00
C ASP M 233 -20.09 28.53 37.92
N ARG M 234 -19.93 29.34 38.96
CA ARG M 234 -18.83 29.10 39.88
C ARG M 234 -19.13 27.88 40.78
N TYR M 235 -20.40 27.53 40.92
CA TYR M 235 -20.80 26.40 41.80
C TYR M 235 -21.62 25.31 41.09
N LYS M 236 -20.92 24.46 40.35
CA LYS M 236 -21.60 23.39 39.62
C LYS M 236 -22.21 22.29 40.46
N ALA M 237 -21.64 22.03 41.64
CA ALA M 237 -22.19 21.00 42.51
C ALA M 237 -23.66 21.31 42.85
N PHE M 238 -24.04 22.58 42.87
CA PHE M 238 -25.43 22.97 43.16
C PHE M 238 -26.31 23.17 41.93
N ASN M 239 -25.78 22.82 40.77
CA ASN M 239 -26.50 22.99 39.50
C ASN M 239 -26.33 21.87 38.48
N THR M 240 -25.97 20.68 38.94
CA THR M 240 -25.77 19.55 38.04
C THR M 240 -26.35 18.28 38.66
N PRO M 241 -26.94 17.41 37.83
CA PRO M 241 -27.52 16.19 38.37
C PRO M 241 -26.46 15.46 39.18
N ASP M 242 -26.83 14.98 40.36
CA ASP M 242 -25.89 14.29 41.22
C ASP M 242 -26.15 12.78 41.21
N PRO M 243 -25.13 11.99 40.81
CA PRO M 243 -25.29 10.55 40.76
C PRO M 243 -25.53 9.90 42.12
N SER M 244 -25.00 10.49 43.20
CA SER M 244 -25.22 9.91 44.54
C SER M 244 -26.73 9.94 44.86
N TYR M 245 -27.50 10.85 44.24
CA TYR M 245 -28.95 10.95 44.44
C TYR M 245 -29.82 10.77 43.20
N HIS M 246 -29.47 9.77 42.40
CA HIS M 246 -30.20 9.46 41.19
C HIS M 246 -30.54 10.67 40.34
N GLY M 247 -29.50 11.40 39.96
CA GLY M 247 -29.64 12.59 39.12
C GLY M 247 -30.23 13.87 39.71
N LEU M 248 -30.59 13.87 40.99
CA LEU M 248 -31.15 15.07 41.61
C LEU M 248 -30.26 16.27 41.38
N ASN M 249 -30.88 17.40 41.01
CA ASN M 249 -30.16 18.64 40.76
C ASN M 249 -30.65 19.59 41.82
N LEU M 250 -29.74 19.99 42.71
CA LEU M 250 -30.10 20.88 43.82
C LEU M 250 -30.75 22.18 43.46
N ASN M 251 -30.42 22.74 42.30
CA ASN M 251 -31.03 24.03 41.93
C ASN M 251 -32.55 23.92 41.70
N THR M 252 -33.07 22.71 41.72
CA THR M 252 -34.50 22.45 41.54
C THR M 252 -35.26 22.52 42.86
N LEU M 253 -34.56 22.56 43.99
CA LEU M 253 -35.21 22.57 45.29
C LEU M 253 -35.58 23.90 45.91
N ASP M 254 -36.75 23.96 46.55
CA ASP M 254 -37.22 25.19 47.26
C ASP M 254 -36.84 24.94 48.71
N LEU M 255 -35.54 24.89 48.98
CA LEU M 255 -34.98 24.65 50.32
C LEU M 255 -33.59 25.25 50.39
N PRO M 256 -33.09 25.52 51.61
CA PRO M 256 -31.72 26.07 51.71
C PRO M 256 -30.79 24.97 51.22
N ILE M 257 -30.42 25.05 49.94
CA ILE M 257 -29.57 24.02 49.32
C ILE M 257 -28.17 23.87 49.88
N PHE M 258 -27.62 24.95 50.43
CA PHE M 258 -26.29 24.87 51.03
C PHE M 258 -26.37 23.90 52.23
N SER M 259 -27.36 24.13 53.09
CA SER M 259 -27.54 23.30 54.30
C SER M 259 -27.94 21.88 53.90
N ILE M 260 -28.78 21.76 52.89
CA ILE M 260 -29.22 20.44 52.43
C ILE M 260 -28.03 19.61 52.01
N ARG M 261 -27.10 20.23 51.30
CA ARG M 261 -25.97 19.45 50.85
C ARG M 261 -25.14 19.03 52.05
N VAL M 262 -24.99 19.91 53.04
CA VAL M 262 -24.20 19.59 54.23
C VAL M 262 -24.76 18.33 54.87
N ILE M 263 -26.08 18.23 54.88
CA ILE M 263 -26.71 17.07 55.46
C ILE M 263 -26.64 15.77 54.63
N ILE M 264 -27.19 15.82 53.42
CA ILE M 264 -27.26 14.64 52.56
C ILE M 264 -25.94 14.16 52.03
N THR M 265 -24.93 15.01 52.10
CA THR M 265 -23.65 14.59 51.63
C THR M 265 -22.54 14.56 52.69
N TRP M 266 -22.19 15.71 53.27
CA TRP M 266 -21.10 15.75 54.24
C TRP M 266 -21.38 15.06 55.58
N LEU M 267 -22.55 15.28 56.16
CA LEU M 267 -22.86 14.57 57.41
C LEU M 267 -23.10 13.11 57.10
N ARG M 268 -23.87 12.84 56.06
CA ARG M 268 -24.16 11.48 55.70
C ARG M 268 -22.97 10.62 55.37
N ASP M 269 -22.02 11.15 54.61
CA ASP M 269 -20.87 10.37 54.22
C ASP M 269 -19.59 10.58 55.05
N LEU M 270 -19.33 11.78 55.55
CA LEU M 270 -18.12 12.03 56.35
C LEU M 270 -18.39 11.84 57.85
N GLY M 271 -19.63 12.02 58.24
CA GLY M 271 -20.06 11.79 59.64
C GLY M 271 -19.54 12.50 60.86
N ALA M 272 -19.35 13.81 60.77
CA ALA M 272 -18.87 14.60 61.91
C ALA M 272 -20.10 15.10 62.68
N SER M 273 -20.87 14.15 63.18
CA SER M 273 -22.11 14.41 63.88
C SER M 273 -21.97 14.88 65.28
N LEU M 274 -22.86 15.80 65.64
CA LEU M 274 -22.87 16.35 66.97
C LEU M 274 -23.75 15.44 67.85
N ALA M 275 -23.14 14.91 68.92
CA ALA M 275 -23.85 14.06 69.85
C ALA M 275 -24.97 14.85 70.56
N PRO M 276 -26.09 14.18 70.88
CA PRO M 276 -27.25 14.74 71.55
C PRO M 276 -26.99 15.41 72.90
N GLN M 277 -26.15 14.80 73.74
CA GLN M 277 -25.80 15.36 75.08
C GLN M 277 -25.10 16.70 74.82
N ASN M 278 -24.18 16.74 73.86
CA ASN M 278 -23.47 18.01 73.56
C ASN M 278 -24.41 19.05 73.03
N ALA M 279 -25.26 18.64 72.10
CA ALA M 279 -26.22 19.56 71.51
C ALA M 279 -27.10 20.17 72.58
N TRP M 280 -27.59 19.32 73.48
CA TRP M 280 -28.45 19.79 74.55
C TRP M 280 -27.73 20.77 75.45
N LEU M 281 -26.52 20.43 75.85
CA LEU M 281 -25.73 21.34 76.70
C LEU M 281 -25.55 22.67 76.00
N LEU M 282 -25.24 22.61 74.71
CA LEU M 282 -25.05 23.83 73.89
C LEU M 282 -26.32 24.64 73.85
N LEU M 283 -27.48 23.98 73.79
N LEU M 283 -27.46 23.98 73.80
CA LEU M 283 -28.73 24.72 73.80
CA LEU M 283 -28.71 24.67 73.76
C LEU M 283 -28.84 25.45 75.09
C LEU M 283 -28.84 25.43 75.08
N GLN M 284 -28.43 24.79 76.17
CA GLN M 284 -28.53 25.44 77.50
C GLN M 284 -27.63 26.64 77.57
N GLY M 285 -26.45 26.50 77.01
CA GLY M 285 -25.50 27.61 76.99
C GLY M 285 -26.01 28.75 76.16
N LEU M 286 -26.65 28.43 75.04
CA LEU M 286 -27.18 29.47 74.17
C LEU M 286 -28.17 30.31 74.93
N GLU M 287 -28.97 29.67 75.79
CA GLU M 287 -29.98 30.41 76.56
C GLU M 287 -29.42 31.52 77.42
N THR M 288 -28.24 31.30 77.98
CA THR M 288 -27.62 32.28 78.86
C THR M 288 -26.48 33.10 78.25
N LEU M 289 -26.15 32.87 76.99
CA LEU M 289 -25.05 33.57 76.39
C LEU M 289 -25.18 35.11 76.44
N ALA M 290 -26.38 35.64 76.26
CA ALA M 290 -26.54 37.07 76.28
C ALA M 290 -26.09 37.69 77.57
N VAL M 291 -26.45 37.10 78.69
CA VAL M 291 -26.04 37.67 79.96
C VAL M 291 -24.56 37.41 80.18
N ARG M 292 -24.11 36.22 79.86
CA ARG M 292 -22.70 35.87 80.05
C ARG M 292 -21.69 36.69 79.26
N ILE M 293 -21.93 36.86 77.96
CA ILE M 293 -21.00 37.59 77.13
C ILE M 293 -20.80 39.04 77.62
N GLU M 294 -21.83 39.63 78.23
CA GLU M 294 -21.69 41.00 78.76
C GLU M 294 -20.71 41.01 79.93
N LYS M 295 -20.76 39.99 80.80
CA LYS M 295 -19.86 39.92 81.95
C LYS M 295 -18.47 39.66 81.43
N HIS M 296 -18.35 38.73 80.48
CA HIS M 296 -17.04 38.47 79.92
C HIS M 296 -16.44 39.74 79.39
N SER M 297 -17.26 40.51 78.68
CA SER M 297 -16.82 41.77 78.09
C SER M 297 -16.48 42.85 79.12
N GLN M 298 -17.34 43.06 80.10
CA GLN M 298 -17.07 44.05 81.15
C GLN M 298 -15.76 43.66 81.88
N ASN M 299 -15.61 42.39 82.25
CA ASN M 299 -14.37 41.95 82.90
C ASN M 299 -13.15 42.16 82.01
N ALA M 300 -13.25 41.81 80.74
CA ALA M 300 -12.12 41.97 79.81
C ALA M 300 -11.66 43.41 79.70
N GLU M 301 -12.62 44.33 79.62
CA GLU M 301 -12.30 45.71 79.51
C GLU M 301 -11.53 46.21 80.73
N LYS M 302 -11.97 45.83 81.92
CA LYS M 302 -11.28 46.26 83.14
C LYS M 302 -9.88 45.69 83.23
N VAL M 303 -9.73 44.41 82.85
CA VAL M 303 -8.43 43.78 82.85
C VAL M 303 -7.57 44.49 81.82
N ALA M 304 -8.15 44.81 80.68
CA ALA M 304 -7.39 45.48 79.63
C ALA M 304 -6.86 46.84 80.11
N ASN M 305 -7.75 47.64 80.73
CA ASN M 305 -7.34 48.94 81.23
C ASN M 305 -6.26 48.83 82.27
N PHE M 306 -6.37 47.84 83.14
CA PHE M 306 -5.38 47.59 84.18
C PHE M 306 -4.03 47.23 83.54
N LEU M 307 -4.03 46.30 82.61
CA LEU M 307 -2.78 45.91 81.96
C LEU M 307 -2.17 47.07 81.19
N ASN M 308 -3.04 47.84 80.55
CA ASN M 308 -2.61 48.98 79.75
C ASN M 308 -1.90 50.08 80.55
N SER M 309 -2.13 50.13 81.87
CA SER M 309 -1.51 51.14 82.71
C SER M 309 -0.40 50.61 83.58
N HIS M 310 -0.17 49.32 83.57
CA HIS M 310 0.85 48.76 84.42
C HIS M 310 2.23 48.90 83.75
N PRO M 311 3.22 49.40 84.49
CA PRO M 311 4.57 49.61 83.97
C PRO M 311 5.34 48.38 83.46
N ASP M 312 5.08 47.20 84.02
CA ASP M 312 5.74 45.99 83.57
C ASP M 312 5.11 45.36 82.30
N ILE M 313 4.11 46.01 81.69
CA ILE M 313 3.43 45.49 80.49
C ILE M 313 3.76 46.37 79.33
N LYS M 314 4.19 45.77 78.23
CA LYS M 314 4.60 46.57 77.08
C LYS M 314 3.62 46.80 75.95
N GLY M 315 2.41 46.29 76.04
CA GLY M 315 1.45 46.49 74.95
C GLY M 315 0.25 45.63 75.20
N VAL M 316 -0.94 46.17 74.92
CA VAL M 316 -2.18 45.45 75.13
C VAL M 316 -3.04 45.47 73.89
N ASN M 317 -3.59 44.32 73.56
CA ASN M 317 -4.39 44.17 72.39
C ASN M 317 -5.86 43.94 72.73
N TYR M 318 -6.68 44.99 72.71
CA TYR M 318 -8.12 44.84 73.01
C TYR M 318 -8.82 46.03 72.32
N PRO M 319 -9.88 45.75 71.54
CA PRO M 319 -10.57 46.82 70.78
C PRO M 319 -11.17 48.02 71.49
N THR M 320 -11.51 47.90 72.76
CA THR M 320 -12.08 49.05 73.48
C THR M 320 -11.03 50.11 73.78
N LEU M 321 -9.74 49.75 73.69
CA LEU M 321 -8.67 50.72 73.95
C LEU M 321 -8.59 51.68 72.76
N ALA M 322 -8.81 52.97 73.03
CA ALA M 322 -8.79 54.04 72.01
C ALA M 322 -7.57 54.08 71.10
N SER M 323 -6.43 53.62 71.59
CA SER M 323 -5.19 53.59 70.79
C SER M 323 -5.05 52.33 69.93
N ASN M 324 -5.93 51.37 70.12
CA ASN M 324 -5.86 50.11 69.36
C ASN M 324 -6.19 50.38 67.88
N ALA M 325 -5.52 49.68 67.01
CA ALA M 325 -5.67 49.84 65.56
C ALA M 325 -7.03 49.45 65.02
N TYR M 326 -7.74 48.63 65.80
CA TYR M 326 -9.05 48.19 65.36
C TYR M 326 -10.18 48.90 66.08
N HIS M 327 -9.84 49.93 66.86
CA HIS M 327 -10.84 50.65 67.62
C HIS M 327 -11.96 51.26 66.77
N ASN M 328 -11.62 51.86 65.64
CA ASN M 328 -12.65 52.46 64.75
C ASN M 328 -13.57 51.41 64.14
N LEU M 329 -12.98 50.30 63.74
CA LEU M 329 -13.76 49.19 63.17
C LEU M 329 -14.66 48.64 64.28
N PHE M 330 -14.16 48.66 65.51
CA PHE M 330 -14.93 48.19 66.65
C PHE M 330 -16.18 49.06 66.81
N LYS M 331 -15.98 50.37 66.85
CA LYS M 331 -17.08 51.31 66.98
C LYS M 331 -18.05 51.22 65.81
N LYS M 332 -17.53 50.92 64.64
CA LYS M 332 -18.37 50.82 63.47
C LYS M 332 -19.28 49.57 63.44
N TYR M 333 -18.74 48.42 63.80
CA TYR M 333 -19.53 47.18 63.78
C TYR M 333 -20.16 46.63 65.05
N PHE M 334 -19.67 47.04 66.21
CA PHE M 334 -20.21 46.55 67.50
C PHE M 334 -21.17 47.55 68.13
N ASP M 335 -22.46 47.31 67.94
CA ASP M 335 -23.55 48.18 68.46
C ASP M 335 -23.68 48.30 69.98
N LYS M 336 -23.51 47.21 70.71
CA LYS M 336 -23.58 47.27 72.17
C LYS M 336 -22.17 47.74 72.19
N ASN M 337 -21.45 48.01 73.26
CA ASN M 337 -20.07 48.48 73.12
C ASN M 337 -19.35 47.47 73.98
N PHE M 338 -19.45 46.20 73.60
CA PHE M 338 -18.79 45.10 74.29
C PHE M 338 -17.93 44.41 73.24
N ALA M 339 -16.71 44.03 73.62
CA ALA M 339 -15.77 43.41 72.69
C ALA M 339 -15.35 41.97 72.98
N SER M 340 -16.17 41.30 73.77
CA SER M 340 -15.95 39.90 74.14
C SER M 340 -14.84 39.71 75.17
N GLY M 341 -14.49 38.45 75.44
CA GLY M 341 -13.50 38.15 76.46
C GLY M 341 -12.11 37.70 76.11
N LEU M 342 -11.72 37.87 74.88
CA LEU M 342 -10.39 37.47 74.49
C LEU M 342 -9.49 38.70 74.34
N LEU M 343 -8.26 38.60 74.81
CA LEU M 343 -7.34 39.73 74.69
C LEU M 343 -5.93 39.18 74.77
N SER M 344 -4.95 39.99 74.37
CA SER M 344 -3.57 39.54 74.46
C SER M 344 -2.73 40.72 74.91
N PHE M 345 -1.55 40.45 75.42
CA PHE M 345 -0.67 41.51 75.85
C PHE M 345 0.79 41.05 75.75
N GLU M 346 1.70 42.03 75.76
CA GLU M 346 3.12 41.81 75.69
C GLU M 346 3.76 41.95 77.06
N ALA M 347 4.51 40.94 77.46
CA ALA M 347 5.22 40.94 78.73
C ALA M 347 6.54 41.63 78.41
N LYS M 348 7.41 41.80 79.40
CA LYS M 348 8.71 42.44 79.18
C LYS M 348 9.52 41.67 78.17
N ASP M 349 9.49 40.34 78.32
CA ASP M 349 10.20 39.42 77.44
C ASP M 349 9.74 37.98 77.66
N TYR M 350 10.33 37.07 76.92
CA TYR M 350 10.00 35.66 77.03
C TYR M 350 10.03 35.13 78.47
N GLU M 351 11.12 35.39 79.18
CA GLU M 351 11.22 34.91 80.58
C GLU M 351 10.11 35.44 81.49
N HIS M 352 9.66 36.66 81.23
CA HIS M 352 8.60 37.28 82.04
C HIS M 352 7.27 36.63 81.70
N ALA M 353 7.03 36.41 80.41
CA ALA M 353 5.81 35.78 79.93
C ALA M 353 5.62 34.39 80.56
N ARG M 354 6.74 33.69 80.77
CA ARG M 354 6.72 32.37 81.38
C ARG M 354 6.44 32.46 82.84
N ARG M 355 7.07 33.40 83.54
CA ARG M 355 6.81 33.50 84.98
C ARG M 355 5.37 33.75 85.25
N ILE M 356 4.79 34.60 84.43
CA ILE M 356 3.39 34.94 84.56
C ILE M 356 2.55 33.66 84.42
N CYS M 357 2.75 32.91 83.35
CA CYS M 357 1.97 31.68 83.14
C CYS M 357 2.14 30.70 84.27
N ASP M 358 3.31 30.68 84.87
CA ASP M 358 3.60 29.75 85.96
C ASP M 358 3.15 30.25 87.35
N LYS M 359 2.83 31.54 87.46
CA LYS M 359 2.39 32.14 88.74
C LYS M 359 0.87 32.40 88.97
N THR M 360 0.07 32.47 87.90
CA THR M 360 -1.38 32.75 88.07
C THR M 360 -2.07 31.65 88.81
N GLN M 361 -3.02 32.02 89.67
CA GLN M 361 -3.81 31.06 90.46
C GLN M 361 -5.29 30.96 90.00
N LEU M 362 -5.84 32.02 89.40
CA LEU M 362 -7.22 31.99 88.89
C LEU M 362 -7.20 31.77 87.39
N PHE M 363 -6.30 32.44 86.71
CA PHE M 363 -6.17 32.20 85.28
C PHE M 363 -5.53 30.82 85.20
N LEU M 364 -6.23 29.89 84.57
CA LEU M 364 -5.75 28.52 84.43
C LEU M 364 -4.95 28.35 83.13
N LEU M 365 -3.72 27.85 83.25
CA LEU M 365 -2.85 27.62 82.13
C LEU M 365 -3.48 26.47 81.35
N ALA M 366 -4.05 26.82 80.20
CA ALA M 366 -4.74 25.87 79.37
C ALA M 366 -4.95 26.40 77.95
N ALA M 367 -5.35 25.51 77.05
CA ALA M 367 -5.57 25.89 75.66
C ALA M 367 -7.03 25.81 75.23
N ASN M 368 -7.76 26.86 75.49
CA ASN M 368 -9.18 26.93 75.15
C ASN M 368 -9.59 28.38 75.35
N LEU M 369 -10.82 28.76 75.00
CA LEU M 369 -11.24 30.13 75.25
C LEU M 369 -12.76 30.16 75.37
N GLY M 370 -13.25 31.15 76.10
CA GLY M 370 -14.67 31.26 76.30
C GLY M 370 -15.21 30.39 77.44
N ASP M 371 -14.33 29.90 78.31
CA ASP M 371 -14.75 29.13 79.47
C ASP M 371 -15.17 30.18 80.55
N SER M 372 -16.03 29.77 81.46
CA SER M 372 -16.48 30.65 82.55
C SER M 372 -15.30 30.91 83.49
N LYS M 373 -14.32 29.98 83.48
CA LYS M 373 -13.10 30.14 84.28
C LYS M 373 -12.07 30.82 83.38
N SER M 374 -11.36 31.80 83.91
CA SER M 374 -10.35 32.54 83.13
C SER M 374 -9.19 31.62 82.77
N LEU M 375 -8.67 31.80 81.54
CA LEU M 375 -7.59 30.98 81.07
C LEU M 375 -6.43 31.80 80.52
N ILE M 376 -5.25 31.19 80.52
CA ILE M 376 -4.03 31.83 80.06
C ILE M 376 -3.14 30.88 79.27
N ILE M 377 -2.42 31.44 78.30
CA ILE M 377 -1.52 30.65 77.45
C ILE M 377 -0.50 31.56 76.73
N HIS M 378 0.62 30.97 76.32
CA HIS M 378 1.72 31.62 75.58
C HIS M 378 1.73 31.06 74.15
N PRO M 379 1.01 31.70 73.20
CA PRO M 379 0.88 31.25 71.80
C PRO M 379 2.14 30.77 71.08
N ALA M 395 3.61 36.91 61.52
CA ALA M 395 2.90 36.04 62.43
C ALA M 395 2.06 36.79 63.52
N GLY M 396 2.24 38.11 63.66
CA GLY M 396 1.47 39.00 64.66
C GLY M 396 1.57 38.84 66.19
N ILE M 397 2.44 37.93 66.46
CA ILE M 397 2.73 37.44 67.77
C ILE M 397 4.20 37.49 68.04
N THR M 398 4.61 37.57 69.29
CA THR M 398 6.03 37.60 69.65
C THR M 398 6.33 36.59 70.79
N LYS M 399 7.59 36.49 71.19
CA LYS M 399 7.96 35.59 72.26
C LYS M 399 7.51 36.06 73.63
N ALA M 400 7.12 37.32 73.69
CA ALA M 400 6.65 37.93 74.92
C ALA M 400 5.12 37.96 74.99
N THR M 401 4.45 37.57 73.91
CA THR M 401 3.00 37.59 73.85
C THR M 401 2.24 36.57 74.71
N ILE M 402 1.25 37.07 75.43
CA ILE M 402 0.38 36.26 76.28
C ILE M 402 -1.05 36.48 75.86
N ARG M 403 -1.82 35.41 75.79
CA ARG M 403 -3.21 35.48 75.41
C ARG M 403 -4.03 35.12 76.64
N LEU M 404 -5.09 35.88 76.90
CA LEU M 404 -5.95 35.59 78.04
C LEU M 404 -7.39 35.41 77.59
N SER M 405 -8.10 34.52 78.27
CA SER M 405 -9.52 34.30 78.00
C SER M 405 -10.12 34.75 79.32
N ILE M 406 -10.82 35.88 79.27
CA ILE M 406 -11.40 36.43 80.47
C ILE M 406 -12.71 35.74 80.83
N GLY M 407 -12.73 35.19 82.04
CA GLY M 407 -13.90 34.49 82.58
C GLY M 407 -14.96 35.34 83.23
N LEU M 408 -15.78 34.70 84.03
CA LEU M 408 -16.87 35.36 84.74
C LEU M 408 -16.57 35.63 86.23
N GLU M 409 -15.32 35.44 86.64
CA GLU M 409 -14.95 35.69 88.03
C GLU M 409 -15.04 37.18 88.35
N ASN M 410 -14.87 37.50 89.62
CA ASN M 410 -14.89 38.91 90.05
C ASN M 410 -13.65 39.60 89.49
N SER M 411 -13.85 40.74 88.82
CA SER M 411 -12.73 41.49 88.21
C SER M 411 -11.61 41.87 89.16
N ASP M 412 -11.93 42.28 90.36
CA ASP M 412 -10.88 42.64 91.30
C ASP M 412 -10.01 41.43 91.57
N ASP M 413 -10.65 40.26 91.73
CA ASP M 413 -9.92 39.02 91.99
C ASP M 413 -9.01 38.69 90.80
N LEU M 414 -9.52 38.88 89.59
CA LEU M 414 -8.75 38.59 88.40
C LEU M 414 -7.56 39.51 88.27
N ILE M 415 -7.82 40.79 88.46
CA ILE M 415 -6.78 41.79 88.41
C ILE M 415 -5.72 41.48 89.44
N ALA M 416 -6.12 41.18 90.67
CA ALA M 416 -5.17 40.85 91.73
C ALA M 416 -4.31 39.63 91.37
N ASP M 417 -4.91 38.63 90.74
CA ASP M 417 -4.18 37.42 90.37
C ASP M 417 -3.15 37.78 89.30
N LEU M 418 -3.55 38.55 88.30
CA LEU M 418 -2.60 38.97 87.27
C LEU M 418 -1.55 39.92 87.83
N LYS M 419 -1.94 40.78 88.76
CA LYS M 419 -1.00 41.72 89.36
C LYS M 419 0.16 40.98 90.06
N GLN M 420 -0.16 40.03 90.93
CA GLN M 420 0.89 39.29 91.63
C GLN M 420 1.76 38.46 90.66
N ALA M 421 1.16 37.91 89.61
CA ALA M 421 1.93 37.13 88.64
C ALA M 421 2.90 38.04 87.88
N ILE M 422 2.38 39.14 87.39
CA ILE M 422 3.17 40.12 86.64
C ILE M 422 4.31 40.74 87.41
N GLU M 423 4.04 41.09 88.66
CA GLU M 423 5.02 41.72 89.53
C GLU M 423 6.03 40.76 90.14
N SER M 424 5.89 39.47 89.89
CA SER M 424 6.86 38.50 90.38
C SER M 424 8.08 38.47 89.45
N ASN N 3 -2.53 -12.86 78.46
CA ASN N 3 -3.02 -12.92 79.82
C ASN N 3 -4.48 -13.36 79.74
N PHE N 4 -5.41 -12.42 79.94
CA PHE N 4 -6.85 -12.68 79.95
C PHE N 4 -7.63 -12.89 78.65
N ASN N 5 -8.84 -13.43 78.78
CA ASN N 5 -9.73 -13.62 77.63
C ASN N 5 -10.43 -12.31 77.22
N LYS N 6 -10.92 -12.29 76.00
CA LYS N 6 -11.64 -11.15 75.46
C LYS N 6 -12.77 -10.61 76.36
N GLU N 7 -13.59 -11.50 76.92
CA GLU N 7 -14.68 -11.07 77.76
C GLU N 7 -14.14 -10.25 78.91
N THR N 8 -13.02 -10.70 79.43
CA THR N 8 -12.39 -10.03 80.57
C THR N 8 -11.79 -8.68 80.20
N LEU N 9 -11.19 -8.61 79.02
CA LEU N 9 -10.57 -7.39 78.50
C LEU N 9 -11.57 -6.30 78.19
N ALA N 10 -12.82 -6.69 77.95
CA ALA N 10 -13.85 -5.68 77.69
C ALA N 10 -14.32 -5.01 78.99
N LEU N 11 -13.91 -5.58 80.11
CA LEU N 11 -14.28 -5.12 81.46
C LEU N 11 -13.16 -4.54 82.33
N HIS N 12 -11.94 -4.98 82.05
CA HIS N 12 -10.76 -4.54 82.78
C HIS N 12 -9.64 -4.15 81.83
N GLY N 13 -8.93 -3.08 82.15
CA GLY N 13 -7.83 -2.61 81.32
C GLY N 13 -7.94 -1.16 80.88
N ALA N 14 -6.79 -0.61 80.53
CA ALA N 14 -6.69 0.79 80.07
C ALA N 14 -7.33 1.84 80.98
N TYR N 15 -7.51 1.54 82.24
CA TYR N 15 -8.10 2.47 83.21
C TYR N 15 -7.60 2.12 84.54
N ASN N 16 -6.90 3.15 85.04
CA ASN N 16 -6.12 3.24 86.35
C ASN N 16 -6.71 3.44 87.76
N PHE N 17 -7.87 4.03 87.67
CA PHE N 17 -8.61 4.49 88.83
C PHE N 17 -7.84 5.78 89.15
N ASP N 18 -8.50 6.93 89.02
CA ASP N 18 -7.82 8.16 89.33
C ASP N 18 -7.80 8.32 90.87
N THR N 19 -7.74 9.53 91.35
CA THR N 19 -7.66 9.78 92.77
C THR N 19 -8.87 9.26 93.55
N GLN N 20 -10.05 9.41 92.96
CA GLN N 20 -11.31 9.00 93.55
C GLN N 20 -11.57 7.53 93.56
N ARG N 21 -10.83 6.82 92.72
CA ARG N 21 -10.96 5.37 92.62
C ARG N 21 -12.35 4.82 92.29
N SER N 22 -13.03 5.51 91.38
CA SER N 22 -14.36 5.11 90.96
C SER N 22 -14.17 3.88 90.10
N ILE N 23 -14.99 2.85 90.34
CA ILE N 23 -14.90 1.63 89.57
C ILE N 23 -15.28 1.89 88.11
N SER N 24 -16.29 2.74 87.93
CA SER N 24 -16.74 3.07 86.59
C SER N 24 -15.86 4.18 86.09
N VAL N 25 -15.65 4.22 84.79
CA VAL N 25 -14.82 5.25 84.18
C VAL N 25 -15.55 6.59 84.25
N PRO N 26 -14.90 7.62 84.74
CA PRO N 26 -15.61 8.86 84.82
C PRO N 26 -15.89 9.47 83.45
N ILE N 27 -16.94 10.28 83.39
CA ILE N 27 -17.32 10.95 82.15
C ILE N 27 -16.71 12.35 82.15
N TYR N 28 -15.69 12.53 81.35
CA TYR N 28 -15.00 13.83 81.26
C TYR N 28 -15.69 14.76 80.28
N GLN N 29 -16.81 15.32 80.73
CA GLN N 29 -17.62 16.22 79.92
C GLN N 29 -16.81 17.50 80.04
N ASN N 30 -15.75 17.51 79.24
CA ASN N 30 -14.79 18.56 79.27
C ASN N 30 -14.01 18.72 77.98
N THR N 31 -13.65 19.96 77.65
CA THR N 31 -12.89 20.22 76.42
C THR N 31 -11.42 20.54 76.61
N ALA N 32 -11.07 21.14 77.75
CA ALA N 32 -9.65 21.51 77.99
C ALA N 32 -9.07 20.98 79.28
N TYR N 33 -7.74 21.04 79.34
CA TYR N 33 -7.00 20.57 80.50
C TYR N 33 -5.99 21.60 81.05
N ASN N 34 -5.82 21.60 82.34
CA ASN N 34 -4.90 22.51 82.99
C ASN N 34 -3.50 21.95 82.98
N PHE N 35 -2.64 22.49 82.13
CA PHE N 35 -1.25 22.01 82.07
C PHE N 35 -0.62 22.42 83.39
N GLU N 36 0.27 21.58 83.91
CA GLU N 36 0.94 21.84 85.20
C GLU N 36 1.99 22.93 85.11
N ASN N 37 2.50 23.18 83.93
CA ASN N 37 3.50 24.22 83.72
C ASN N 37 3.71 24.42 82.23
N LEU N 38 4.37 25.51 81.87
CA LEU N 38 4.65 25.80 80.47
C LEU N 38 5.37 24.74 79.63
N ASP N 39 6.40 24.16 80.22
CA ASP N 39 7.18 23.15 79.51
C ASP N 39 6.30 21.99 79.09
N GLN N 40 5.53 21.50 80.05
CA GLN N 40 4.64 20.38 79.82
C GLN N 40 3.73 20.65 78.63
N ALA N 41 3.14 21.83 78.62
CA ALA N 41 2.25 22.23 77.56
C ALA N 41 2.97 22.17 76.22
N ALA N 42 4.00 23.00 76.06
CA ALA N 42 4.77 23.07 74.81
C ALA N 42 5.25 21.67 74.40
N ALA N 43 5.70 20.90 75.38
CA ALA N 43 6.16 19.57 75.08
C ALA N 43 5.04 18.75 74.44
N ARG N 44 3.81 18.92 74.91
CA ARG N 44 2.68 18.17 74.32
C ARG N 44 2.34 18.66 72.91
N PHE N 45 2.42 19.96 72.67
CA PHE N 45 2.14 20.50 71.34
C PHE N 45 3.18 20.08 70.31
N ASN N 46 4.35 19.59 70.78
CA ASN N 46 5.45 19.13 69.91
C ASN N 46 5.59 17.64 69.80
N LEU N 47 4.63 16.92 70.34
CA LEU N 47 4.68 15.46 70.31
C LEU N 47 5.84 14.86 71.09
N GLN N 48 6.55 15.68 71.87
CA GLN N 48 7.65 15.13 72.66
C GLN N 48 7.01 14.34 73.80
N GLU N 49 6.02 14.91 74.46
CA GLU N 49 5.32 14.25 75.56
C GLU N 49 3.90 13.93 75.20
N LEU N 50 3.46 12.70 75.46
CA LEU N 50 2.05 12.35 75.16
C LEU N 50 1.16 12.76 76.36
N GLY N 51 -0.05 13.20 76.06
CA GLY N 51 -0.94 13.61 77.13
C GLY N 51 -2.09 14.48 76.67
N ASN N 52 -2.90 14.87 77.65
CA ASN N 52 -4.09 15.68 77.38
C ASN N 52 -3.78 17.08 76.95
N ILE N 53 -4.51 17.50 75.92
CA ILE N 53 -4.36 18.83 75.35
C ILE N 53 -5.70 19.51 75.18
N TYR N 54 -6.52 18.91 74.32
CA TYR N 54 -7.84 19.45 73.99
C TYR N 54 -8.67 18.28 73.46
N SER N 55 -9.91 18.20 73.92
CA SER N 55 -10.82 17.09 73.57
C SER N 55 -11.11 16.82 72.14
N ARG N 56 -10.87 17.79 71.27
CA ARG N 56 -11.09 17.50 69.87
C ARG N 56 -10.09 16.45 69.42
N LEU N 57 -8.94 16.39 70.08
CA LEU N 57 -7.87 15.43 69.73
C LEU N 57 -8.03 14.14 70.51
N SER N 58 -8.16 14.28 71.84
CA SER N 58 -8.33 13.11 72.68
C SER N 58 -8.96 13.52 74.00
N ASN N 59 -9.60 12.52 74.61
CA ASN N 59 -10.32 12.64 75.89
C ASN N 59 -10.09 11.34 76.66
N PRO N 60 -9.85 11.43 77.99
CA PRO N 60 -9.59 10.23 78.78
C PRO N 60 -10.70 9.17 78.75
N THR N 61 -11.95 9.59 78.69
CA THR N 61 -13.06 8.64 78.66
C THR N 61 -12.92 7.87 77.36
N SER N 62 -12.83 8.60 76.26
CA SER N 62 -12.67 7.93 74.95
C SER N 62 -11.36 7.15 74.78
N ASP N 63 -10.32 7.52 75.52
CA ASP N 63 -9.04 6.81 75.43
C ASP N 63 -9.17 5.39 75.95
N VAL N 64 -9.95 5.26 77.03
CA VAL N 64 -10.14 3.95 77.63
C VAL N 64 -10.84 3.07 76.59
N LEU N 65 -11.85 3.64 75.93
CA LEU N 65 -12.60 2.94 74.92
C LEU N 65 -11.70 2.49 73.78
N GLY N 66 -10.86 3.40 73.31
CA GLY N 66 -9.95 3.09 72.20
C GLY N 66 -9.02 1.92 72.49
N GLN N 67 -8.39 1.97 73.66
CA GLN N 67 -7.46 0.93 74.03
C GLN N 67 -8.18 -0.41 74.28
N ARG N 68 -9.31 -0.38 74.94
CA ARG N 68 -10.05 -1.64 75.16
C ARG N 68 -10.48 -2.26 73.85
N LEU N 69 -11.00 -1.43 72.94
CA LEU N 69 -11.41 -1.97 71.63
C LEU N 69 -10.21 -2.62 70.96
N ALA N 70 -9.05 -1.99 71.11
CA ALA N 70 -7.82 -2.55 70.51
C ALA N 70 -7.47 -3.88 71.20
N ASN N 71 -7.62 -3.90 72.50
CA ASN N 71 -7.32 -5.10 73.27
C ASN N 71 -8.22 -6.24 72.89
N VAL N 72 -9.51 -6.00 72.75
CA VAL N 72 -10.38 -7.09 72.39
C VAL N 72 -10.11 -7.61 70.99
N GLU N 73 -9.70 -6.73 70.08
CA GLU N 73 -9.40 -7.18 68.70
C GLU N 73 -8.02 -7.82 68.57
N GLY N 74 -7.18 -7.65 69.59
CA GLY N 74 -5.83 -8.19 69.55
C GLY N 74 -4.92 -7.23 68.78
N GLY N 75 -5.31 -5.98 68.69
CA GLY N 75 -4.55 -4.95 67.96
C GLY N 75 -3.67 -4.14 68.90
N ALA N 76 -3.05 -3.08 68.39
CA ALA N 76 -2.17 -2.23 69.21
C ALA N 76 -2.75 -0.93 69.79
N PHE N 77 -3.46 -0.19 68.97
CA PHE N 77 -4.02 1.05 69.39
C PHE N 77 -5.36 1.31 68.65
N GLY N 78 -6.27 1.97 69.33
CA GLY N 78 -7.55 2.30 68.76
C GLY N 78 -7.91 3.76 68.99
N ILE N 79 -8.63 4.31 68.03
CA ILE N 79 -9.08 5.67 68.07
C ILE N 79 -10.54 5.87 67.77
N PRO N 80 -11.30 6.30 68.77
CA PRO N 80 -12.70 6.53 68.56
C PRO N 80 -12.95 7.86 67.90
N VAL N 81 -13.97 7.87 67.06
CA VAL N 81 -14.37 9.06 66.31
C VAL N 81 -15.89 9.20 66.36
N ALA N 82 -16.40 10.29 65.83
CA ALA N 82 -17.85 10.58 65.87
C ALA N 82 -18.82 9.60 65.30
N SER N 83 -18.37 8.80 64.34
CA SER N 83 -19.26 7.84 63.73
C SER N 83 -18.50 6.85 62.93
N GLY N 84 -19.19 5.77 62.56
CA GLY N 84 -18.61 4.68 61.76
C GLY N 84 -18.16 5.24 60.41
N ALA N 86 -17.29 8.33 59.77
CA ALA N 86 -16.10 9.11 60.02
C ALA N 86 -14.89 8.18 60.11
N ALA N 87 -15.08 7.02 60.73
CA ALA N 87 -13.99 6.03 60.87
C ALA N 87 -13.54 5.51 59.49
N CYS N 88 -14.49 5.19 58.62
CA CYS N 88 -14.17 4.71 57.28
C CYS N 88 -13.45 5.83 56.51
N PHE N 89 -14.00 7.02 56.57
CA PHE N 89 -13.42 8.20 55.92
C PHE N 89 -11.97 8.45 56.38
N TYR N 90 -11.79 8.58 57.68
CA TYR N 90 -10.47 8.80 58.28
C TYR N 90 -9.47 7.70 57.92
N ALA N 91 -9.92 6.46 57.85
CA ALA N 91 -9.02 5.34 57.51
C ALA N 91 -8.51 5.45 56.09
N LEU N 92 -9.40 5.80 55.18
CA LEU N 92 -9.06 5.93 53.78
C LEU N 92 -8.13 7.15 53.50
N ILE N 93 -8.54 8.33 53.95
CA ILE N 93 -7.74 9.52 53.72
C ILE N 93 -6.43 9.47 54.47
N ASN N 94 -6.29 8.61 55.49
CA ASN N 94 -5.02 8.58 56.19
C ASN N 94 -4.00 7.81 55.33
N LEU N 95 -4.52 7.16 54.29
CA LEU N 95 -3.73 6.35 53.37
C LEU N 95 -3.66 6.90 51.95
N ALA N 96 -4.76 7.46 51.48
CA ALA N 96 -4.83 8.00 50.14
C ALA N 96 -5.11 9.51 50.12
N SER N 97 -4.52 10.18 49.13
CA SER N 97 -4.67 11.61 48.93
C SER N 97 -4.99 11.82 47.45
N SER N 98 -5.23 13.05 47.06
CA SER N 98 -5.55 13.38 45.68
C SER N 98 -4.59 12.71 44.66
N GLY N 99 -5.18 12.07 43.66
CA GLY N 99 -4.41 11.39 42.62
C GLY N 99 -4.23 9.88 42.89
N ASP N 100 -4.55 9.44 44.10
CA ASP N 100 -4.43 8.04 44.43
C ASP N 100 -5.77 7.32 44.22
N ASN N 101 -5.77 6.01 44.41
CA ASN N 101 -6.98 5.24 44.27
C ASN N 101 -7.04 4.21 45.39
N VAL N 102 -8.24 3.72 45.62
CA VAL N 102 -8.46 2.73 46.67
C VAL N 102 -9.34 1.67 46.07
N ALA N 103 -9.09 0.43 46.48
CA ALA N 103 -9.86 -0.72 46.02
C ALA N 103 -10.91 -1.04 47.08
N TYR N 104 -12.15 -1.25 46.65
CA TYR N 104 -13.20 -1.55 47.59
C TYR N 104 -14.15 -2.64 47.15
N SER N 105 -14.62 -3.41 48.14
CA SER N 105 -15.54 -4.50 47.90
C SER N 105 -16.89 -4.02 47.34
N ASN N 106 -17.44 -4.81 46.44
CA ASN N 106 -18.73 -4.50 45.79
C ASN N 106 -19.87 -4.88 46.71
N LYS N 107 -19.54 -5.50 47.83
CA LYS N 107 -20.55 -5.88 48.80
C LYS N 107 -20.29 -5.25 50.17
N ILE N 108 -20.74 -4.01 50.32
CA ILE N 108 -20.59 -3.23 51.56
C ILE N 108 -21.78 -2.35 51.86
N TYR N 109 -21.70 -1.70 53.04
CA TYR N 109 -22.72 -0.78 53.52
C TYR N 109 -22.89 0.32 52.51
N GLY N 110 -24.15 0.57 52.17
CA GLY N 110 -24.52 1.58 51.18
C GLY N 110 -23.86 2.92 51.36
N GLY N 111 -23.86 3.39 52.61
CA GLY N 111 -23.27 4.66 52.93
C GLY N 111 -21.79 4.63 52.60
N THR N 112 -21.10 3.56 52.98
CA THR N 112 -19.66 3.47 52.71
C THR N 112 -19.42 3.40 51.20
N GLN N 113 -20.36 2.81 50.47
CA GLN N 113 -20.23 2.68 49.02
C GLN N 113 -20.32 4.06 48.39
N THR N 114 -21.26 4.87 48.87
CA THR N 114 -21.43 6.23 48.36
C THR N 114 -20.19 7.07 48.67
N LEU N 115 -19.72 6.96 49.91
CA LEU N 115 -18.54 7.68 50.35
C LEU N 115 -17.36 7.40 49.45
N ILE N 116 -17.11 6.12 49.24
CA ILE N 116 -15.97 5.69 48.42
C ILE N 116 -16.13 5.94 46.92
N SER N 117 -17.25 5.51 46.33
CA SER N 117 -17.44 5.69 44.87
C SER N 117 -17.86 7.07 44.40
N HIS N 118 -18.46 7.89 45.27
CA HIS N 118 -18.85 9.24 44.83
C HIS N 118 -18.21 10.40 45.59
N THR N 119 -18.44 10.46 46.88
CA THR N 119 -17.92 11.53 47.69
C THR N 119 -16.42 11.74 47.66
N LEU N 120 -15.65 10.68 47.69
CA LEU N 120 -14.19 10.85 47.66
C LEU N 120 -13.65 11.45 46.35
N LYS N 121 -14.43 11.42 45.27
CA LYS N 121 -13.99 12.01 43.99
C LYS N 121 -13.70 13.50 44.22
N ASN N 122 -14.57 14.14 45.00
CA ASN N 122 -14.42 15.57 45.34
C ASN N 122 -13.04 15.88 45.88
N PHE N 123 -12.37 14.88 46.44
CA PHE N 123 -11.05 15.11 46.98
C PHE N 123 -9.96 14.52 46.08
N GLY N 124 -10.32 14.22 44.85
CA GLY N 124 -9.39 13.64 43.88
C GLY N 124 -8.94 12.23 44.20
N ILE N 125 -9.81 11.47 44.87
CA ILE N 125 -9.51 10.10 45.25
C ILE N 125 -10.41 9.18 44.44
N GLU N 126 -9.76 8.40 43.59
CA GLU N 126 -10.44 7.44 42.72
C GLU N 126 -10.79 6.15 43.46
N ALA N 127 -11.95 5.58 43.12
CA ALA N 127 -12.41 4.35 43.73
C ALA N 127 -12.52 3.27 42.65
N ARG N 128 -12.02 2.07 42.96
CA ARG N 128 -12.05 0.93 42.05
C ARG N 128 -12.67 -0.28 42.73
N GLU N 129 -13.87 -0.61 42.29
CA GLU N 129 -14.64 -1.75 42.80
C GLU N 129 -14.01 -3.11 42.46
N PHE N 130 -14.25 -4.10 43.31
CA PHE N 130 -13.74 -5.44 43.07
C PHE N 130 -14.76 -6.38 43.69
N ASP N 131 -14.77 -7.61 43.21
CA ASP N 131 -15.71 -8.63 43.66
C ASP N 131 -15.05 -9.52 44.70
N ILE N 132 -15.56 -9.52 45.94
CA ILE N 132 -14.98 -10.36 46.99
C ILE N 132 -15.11 -11.84 46.65
N ASP N 133 -16.07 -12.19 45.80
CA ASP N 133 -16.29 -13.57 45.41
C ASP N 133 -15.36 -14.02 44.28
N ASP N 134 -14.63 -13.10 43.67
CA ASP N 134 -13.70 -13.43 42.57
C ASP N 134 -12.47 -12.52 42.72
N LEU N 135 -11.57 -12.92 43.62
CA LEU N 135 -10.38 -12.12 43.91
C LEU N 135 -9.42 -11.78 42.78
N ASP N 136 -9.50 -12.48 41.66
CA ASP N 136 -8.63 -12.10 40.56
C ASP N 136 -9.01 -10.65 40.18
N SER N 137 -10.29 -10.28 40.39
CA SER N 137 -10.77 -8.93 40.07
C SER N 137 -10.05 -7.87 40.89
N LEU N 138 -9.51 -8.27 42.04
CA LEU N 138 -8.77 -7.34 42.89
C LEU N 138 -7.38 -7.06 42.29
N GLU N 139 -6.66 -8.12 41.91
CA GLU N 139 -5.28 -8.08 41.29
C GLU N 139 -5.35 -7.07 40.11
N LYS N 140 -6.41 -7.23 39.33
CA LYS N 140 -6.70 -6.40 38.17
C LYS N 140 -6.77 -4.88 38.37
N VAL N 141 -7.41 -4.42 39.44
CA VAL N 141 -7.54 -2.97 39.66
C VAL N 141 -6.39 -2.34 40.42
N ILE N 142 -5.44 -3.14 40.87
CA ILE N 142 -4.30 -2.63 41.61
C ILE N 142 -3.17 -2.04 40.78
N ASP N 143 -2.65 -0.89 41.22
CA ASP N 143 -1.51 -0.23 40.54
C ASP N 143 -0.61 0.35 41.67
N GLN N 144 0.42 1.12 41.34
CA GLN N 144 1.30 1.64 42.41
C GLN N 144 0.66 2.82 43.17
N ASN N 145 -0.49 3.30 42.68
CA ASN N 145 -1.22 4.40 43.31
C ASN N 145 -2.36 3.92 44.24
N THR N 146 -2.59 2.60 44.25
CA THR N 146 -3.61 1.99 45.09
C THR N 146 -3.07 2.02 46.53
N LYS N 147 -3.76 2.75 47.39
CA LYS N 147 -3.31 2.88 48.79
C LYS N 147 -4.07 2.08 49.83
N ALA N 148 -5.22 1.54 49.46
CA ALA N 148 -5.99 0.73 50.43
C ALA N 148 -6.93 -0.28 49.77
N ILE N 149 -7.15 -1.37 50.49
CA ILE N 149 -8.04 -2.44 50.06
C ILE N 149 -9.08 -2.52 51.16
N PHE N 150 -10.31 -2.12 50.81
CA PHE N 150 -11.41 -2.07 51.78
C PHE N 150 -12.51 -3.09 51.57
N PHE N 151 -12.92 -3.72 52.67
CA PHE N 151 -13.97 -4.73 52.63
C PHE N 151 -14.57 -4.96 54.02
N GLU N 152 -15.69 -5.68 54.05
CA GLU N 152 -16.37 -6.00 55.28
C GLU N 152 -16.18 -7.49 55.55
N SER N 153 -16.04 -7.84 56.84
CA SER N 153 -15.86 -9.22 57.23
C SER N 153 -17.15 -10.00 57.00
N LEU N 154 -18.26 -9.39 57.34
CA LEU N 154 -19.60 -9.97 57.20
C LEU N 154 -20.36 -8.78 56.65
N SER N 155 -20.71 -8.83 55.39
CA SER N 155 -21.37 -7.67 54.75
C SER N 155 -22.82 -7.34 55.11
N ASN N 156 -23.12 -6.05 54.92
CA ASN N 156 -24.43 -5.45 55.12
C ASN N 156 -25.09 -4.92 53.81
N PRO N 157 -26.26 -5.46 53.39
CA PRO N 157 -27.17 -6.48 53.93
C PRO N 157 -27.12 -7.89 53.39
N GLN N 158 -26.14 -8.16 52.54
CA GLN N 158 -25.94 -9.47 51.93
C GLN N 158 -25.53 -10.60 52.88
N ILE N 159 -24.84 -10.23 53.94
CA ILE N 159 -24.33 -11.16 54.90
C ILE N 159 -23.28 -11.97 54.11
N ALA N 160 -22.48 -11.29 53.29
CA ALA N 160 -21.45 -11.96 52.51
C ALA N 160 -20.17 -12.00 53.30
N ILE N 161 -19.59 -13.18 53.40
CA ILE N 161 -18.33 -13.37 54.13
C ILE N 161 -17.11 -13.33 53.21
N ALA N 162 -16.16 -12.48 53.58
CA ALA N 162 -14.92 -12.33 52.81
C ALA N 162 -13.89 -13.37 53.20
N ASP N 163 -13.16 -13.89 52.21
CA ASP N 163 -12.12 -14.89 52.46
C ASP N 163 -10.90 -14.03 52.76
N ILE N 164 -10.81 -13.66 54.03
CA ILE N 164 -9.75 -12.79 54.50
C ILE N 164 -8.32 -13.20 54.16
N GLU N 165 -7.95 -14.45 54.39
CA GLU N 165 -6.59 -14.93 54.07
C GLU N 165 -6.15 -14.64 52.65
N LYS N 166 -7.06 -14.80 51.70
CA LYS N 166 -6.77 -14.54 50.28
C LYS N 166 -6.63 -13.06 49.99
N ILE N 167 -7.38 -12.22 50.68
CA ILE N 167 -7.28 -10.80 50.48
C ILE N 167 -5.92 -10.38 51.02
N ASN N 168 -5.58 -10.93 52.17
CA ASN N 168 -4.33 -10.64 52.82
C ASN N 168 -3.13 -10.97 51.95
N GLN N 169 -3.17 -12.15 51.33
CA GLN N 169 -2.11 -12.62 50.46
C GLN N 169 -1.79 -11.54 49.41
N ILE N 170 -2.83 -11.15 48.69
CA ILE N 170 -2.72 -10.13 47.65
C ILE N 170 -2.23 -8.79 48.20
N ALA N 171 -2.77 -8.38 49.35
CA ALA N 171 -2.41 -7.13 49.97
C ALA N 171 -0.98 -7.14 50.43
N LYS N 172 -0.55 -8.23 51.07
CA LYS N 172 0.85 -8.31 51.55
C LYS N 172 1.86 -8.35 50.41
N LYS N 173 1.47 -8.97 49.30
CA LYS N 173 2.34 -9.07 48.15
C LYS N 173 2.67 -7.67 47.61
N HIS N 174 1.65 -6.84 47.38
CA HIS N 174 1.84 -5.47 46.86
C HIS N 174 2.21 -4.44 47.92
N LYS N 175 2.31 -4.85 49.18
CA LYS N 175 2.65 -3.94 50.26
C LYS N 175 1.56 -2.84 50.45
N ILE N 176 0.31 -3.26 50.35
CA ILE N 176 -0.83 -2.36 50.52
C ILE N 176 -1.56 -2.61 51.83
N VAL N 177 -1.97 -1.52 52.48
CA VAL N 177 -2.69 -1.59 53.74
C VAL N 177 -4.11 -2.10 53.50
N SER N 178 -4.51 -3.14 54.25
CA SER N 178 -5.85 -3.70 54.16
C SER N 178 -6.71 -3.19 55.31
N ILE N 179 -7.93 -2.77 54.98
CA ILE N 179 -8.91 -2.23 55.93
C ILE N 179 -10.15 -3.11 55.99
N CYS N 180 -10.44 -3.66 57.16
CA CYS N 180 -11.60 -4.52 57.36
C CYS N 180 -12.62 -3.90 58.30
N ASP N 181 -13.84 -3.74 57.81
CA ASP N 181 -14.94 -3.21 58.60
C ASP N 181 -15.53 -4.45 59.26
N ASN N 182 -15.28 -4.59 60.56
CA ASN N 182 -15.74 -5.75 61.34
C ASN N 182 -16.96 -5.44 62.22
N THR N 183 -17.73 -4.44 61.83
CA THR N 183 -18.91 -4.04 62.56
C THR N 183 -19.94 -5.12 62.90
N VAL N 184 -20.40 -5.84 61.89
CA VAL N 184 -21.43 -6.85 62.10
C VAL N 184 -21.00 -8.09 62.85
N ALA N 185 -19.84 -8.61 62.51
CA ALA N 185 -19.34 -9.80 63.21
C ALA N 185 -18.98 -9.50 64.68
N THR N 186 -18.39 -8.33 64.91
CA THR N 186 -17.91 -7.83 66.21
C THR N 186 -16.60 -8.54 66.52
N PRO N 187 -15.79 -7.97 67.42
CA PRO N 187 -14.54 -8.62 67.74
C PRO N 187 -14.74 -9.94 68.44
N PHE N 188 -15.93 -10.19 68.99
CA PHE N 188 -16.19 -11.46 69.69
C PHE N 188 -16.53 -12.66 68.82
N LEU N 189 -16.86 -12.43 67.55
CA LEU N 189 -17.17 -13.57 66.68
C LEU N 189 -16.09 -13.77 65.64
N LEU N 190 -15.32 -12.71 65.36
CA LEU N 190 -14.27 -12.76 64.35
C LEU N 190 -13.17 -11.75 64.66
N GLN N 191 -11.93 -12.20 64.49
CA GLN N 191 -10.77 -11.37 64.76
C GLN N 191 -9.95 -11.18 63.47
N PRO N 192 -10.32 -10.19 62.64
CA PRO N 192 -9.56 -10.00 61.40
C PRO N 192 -8.04 -9.91 61.56
N PHE N 193 -7.54 -9.34 62.66
CA PHE N 193 -6.09 -9.25 62.81
C PHE N 193 -5.41 -10.62 62.75
N LYS N 194 -6.07 -11.65 63.26
CA LYS N 194 -5.53 -12.98 63.20
C LYS N 194 -5.24 -13.40 61.79
N HIS N 195 -5.95 -12.83 60.83
CA HIS N 195 -5.73 -13.22 59.46
C HIS N 195 -4.99 -12.25 58.59
N GLY N 196 -4.14 -11.42 59.20
CA GLY N 196 -3.33 -10.45 58.46
C GLY N 196 -3.86 -9.08 58.17
N VAL N 197 -5.04 -8.75 58.66
CA VAL N 197 -5.58 -7.42 58.41
C VAL N 197 -4.71 -6.40 59.11
N ASP N 198 -4.55 -5.26 58.47
CA ASP N 198 -3.75 -4.17 59.00
C ASP N 198 -4.54 -3.20 59.86
N VAL N 199 -5.68 -2.78 59.33
CA VAL N 199 -6.56 -1.83 60.00
C VAL N 199 -8.01 -2.28 60.05
N ILE N 200 -8.60 -2.16 61.22
CA ILE N 200 -9.99 -2.52 61.41
C ILE N 200 -10.85 -1.30 61.74
N VAL N 201 -11.99 -1.18 61.07
CA VAL N 201 -12.91 -0.08 61.36
C VAL N 201 -14.20 -0.69 61.90
N HIS N 202 -14.84 0.05 62.79
CA HIS N 202 -16.08 -0.37 63.38
C HIS N 202 -17.04 0.77 63.47
N SER N 203 -18.30 0.45 63.21
CA SER N 203 -19.34 1.42 63.44
C SER N 203 -19.77 0.98 64.87
N LEU N 204 -19.33 1.69 65.89
CA LEU N 204 -19.66 1.36 67.29
C LEU N 204 -21.13 1.57 67.56
N SER N 205 -21.72 2.39 66.72
CA SER N 205 -23.12 2.77 66.75
C SER N 205 -24.05 1.57 66.71
N TYR N 207 -23.57 -2.78 67.09
CA TYR N 207 -23.48 -3.75 68.18
C TYR N 207 -22.78 -3.36 69.47
N VAL N 208 -21.70 -2.60 69.37
CA VAL N 208 -21.00 -2.15 70.59
C VAL N 208 -21.98 -1.37 71.49
N SER N 209 -22.77 -0.48 70.90
CA SER N 209 -23.78 0.28 71.66
C SER N 209 -24.78 -0.74 72.05
N GLY N 210 -25.27 -1.45 71.05
CA GLY N 210 -26.26 -2.51 71.22
C GLY N 210 -27.67 -2.09 71.61
N GLN N 211 -27.88 -0.80 71.70
CA GLN N 211 -29.17 -0.25 72.10
C GLN N 211 -29.69 0.97 71.36
N GLY N 212 -29.09 1.28 70.22
CA GLY N 212 -29.50 2.39 69.40
C GLY N 212 -29.44 3.73 70.06
N THR N 213 -28.48 3.89 70.95
CA THR N 213 -28.35 5.12 71.70
C THR N 213 -27.09 5.96 71.52
N ALA N 214 -26.05 5.44 70.92
CA ALA N 214 -24.85 6.23 70.81
C ALA N 214 -24.16 6.01 69.52
N LEU N 215 -24.18 7.07 68.74
CA LEU N 215 -23.56 7.06 67.46
C LEU N 215 -22.06 7.12 67.75
N GLY N 216 -21.28 6.36 67.01
CA GLY N 216 -19.82 6.34 67.18
C GLY N 216 -19.05 5.39 66.27
N GLY N 217 -17.75 5.63 66.12
CA GLY N 217 -16.91 4.79 65.29
C GLY N 217 -15.52 4.62 65.86
N ALA N 218 -14.76 3.68 65.32
CA ALA N 218 -13.39 3.47 65.77
C ALA N 218 -12.48 2.94 64.69
N LEU N 219 -11.20 3.38 64.75
CA LEU N 219 -10.18 2.91 63.80
C LEU N 219 -9.18 2.20 64.70
N ILE N 220 -8.89 0.95 64.38
CA ILE N 220 -7.96 0.15 65.18
C ILE N 220 -6.84 -0.37 64.31
N GLU N 221 -5.61 -0.27 64.81
CA GLU N 221 -4.47 -0.72 64.01
C GLU N 221 -3.81 -1.93 64.67
N ARG N 222 -3.29 -2.82 63.84
CA ARG N 222 -2.66 -4.00 64.34
C ARG N 222 -1.30 -3.70 64.93
N LYS N 223 -0.74 -4.70 65.58
CA LYS N 223 0.58 -4.58 66.14
C LYS N 223 1.58 -4.61 65.00
N ASP N 224 2.63 -3.79 65.10
CA ASP N 224 3.69 -3.70 64.12
C ASP N 224 3.30 -3.12 62.77
N LEU N 225 2.21 -2.36 62.69
CA LEU N 225 1.81 -1.77 61.40
C LEU N 225 2.92 -0.83 60.82
N ASN N 226 3.76 -0.27 61.70
CA ASN N 226 4.83 0.61 61.29
C ASN N 226 5.71 -0.08 60.23
N ASP N 227 5.96 -1.38 60.45
CA ASP N 227 6.77 -2.19 59.54
C ASP N 227 6.29 -2.02 58.10
N LEU N 228 4.98 -1.97 57.89
CA LEU N 228 4.40 -1.82 56.56
C LEU N 228 4.36 -0.38 56.05
N LEU N 229 4.26 0.59 56.94
CA LEU N 229 4.20 2.00 56.55
C LEU N 229 5.56 2.69 56.43
N LYS N 230 6.44 2.42 57.38
CA LYS N 230 7.77 3.01 57.35
C LYS N 230 8.60 2.46 56.17
N ASN N 231 9.32 3.35 55.49
CA ASN N 231 10.18 2.99 54.34
C ASN N 231 9.43 2.26 53.26
N ASN N 232 8.24 2.72 52.97
CA ASN N 232 7.41 2.09 51.94
C ASN N 232 7.06 3.23 51.02
N ASP N 233 7.60 3.13 49.82
CA ASP N 233 7.46 4.10 48.74
C ASP N 233 5.95 4.36 48.38
N ARG N 234 5.08 3.44 48.76
CA ARG N 234 3.67 3.62 48.48
C ARG N 234 3.02 4.65 49.44
N TYR N 235 3.63 4.87 50.61
CA TYR N 235 3.08 5.80 51.60
C TYR N 235 4.03 6.92 52.00
N LYS N 236 4.13 7.94 51.15
CA LYS N 236 5.03 9.06 51.43
C LYS N 236 4.62 9.95 52.59
N ALA N 237 3.32 10.07 52.86
CA ALA N 237 2.86 10.89 53.98
C ALA N 237 3.50 10.42 55.30
N PHE N 238 3.84 9.14 55.40
CA PHE N 238 4.47 8.60 56.61
C PHE N 238 6.01 8.55 56.56
N ASN N 239 6.58 9.12 55.49
CA ASN N 239 8.03 9.10 55.29
C ASN N 239 8.63 10.38 54.75
N THR N 240 7.95 11.50 54.94
CA THR N 240 8.47 12.77 54.43
C THR N 240 8.24 13.87 55.47
N PRO N 241 9.19 14.82 55.58
CA PRO N 241 9.00 15.90 56.57
C PRO N 241 7.66 16.57 56.32
N ASP N 242 6.90 16.80 57.38
CA ASP N 242 5.59 17.42 57.25
C ASP N 242 5.63 18.88 57.68
N PRO N 243 5.24 19.80 56.77
CA PRO N 243 5.26 21.23 57.09
C PRO N 243 4.27 21.63 58.19
N SER N 244 3.15 20.90 58.31
CA SER N 244 2.18 21.24 59.37
C SER N 244 2.84 21.04 60.74
N TYR N 245 3.87 20.19 60.82
CA TYR N 245 4.61 19.93 62.10
C TYR N 245 6.09 20.24 62.08
N HIS N 246 6.42 21.39 61.50
CA HIS N 246 7.81 21.84 61.41
C HIS N 246 8.79 20.77 60.99
N GLY N 247 8.52 20.19 59.84
CA GLY N 247 9.38 19.15 59.27
C GLY N 247 9.39 17.75 59.89
N LEU N 248 8.57 17.52 60.92
CA LEU N 248 8.52 16.21 61.53
C LEU N 248 8.27 15.12 60.50
N ASN N 249 9.05 14.04 60.58
CA ASN N 249 8.89 12.91 59.67
C ASN N 249 8.41 11.76 60.54
N LEU N 250 7.20 11.29 60.27
CA LEU N 250 6.61 10.22 61.06
C LEU N 250 7.41 8.92 61.14
N ASN N 251 8.17 8.58 60.12
CA ASN N 251 8.93 7.32 60.18
C ASN N 251 10.02 7.35 61.23
N THR N 252 10.20 8.51 61.84
CA THR N 252 11.20 8.71 62.87
C THR N 252 10.62 8.37 64.31
N LEU N 253 9.31 8.18 64.40
CA LEU N 253 8.67 7.91 65.69
C LEU N 253 8.49 6.46 66.13
N ASP N 254 8.72 6.21 67.43
N ASP N 254 8.68 6.22 67.42
CA ASP N 254 8.54 4.87 68.01
CA ASP N 254 8.49 4.90 67.99
C ASP N 254 7.13 4.89 68.61
C ASP N 254 7.11 4.91 68.60
N LEU N 255 6.12 5.02 67.74
CA LEU N 255 4.71 5.07 68.14
C LEU N 255 3.88 4.57 66.98
N PRO N 256 2.64 4.15 67.24
CA PRO N 256 1.80 3.69 66.13
C PRO N 256 1.54 4.93 65.28
N ILE N 257 2.32 5.08 64.24
CA ILE N 257 2.21 6.26 63.36
C ILE N 257 0.89 6.42 62.61
N PHE N 258 0.21 5.31 62.32
CA PHE N 258 -1.08 5.39 61.62
C PHE N 258 -2.08 6.13 62.53
N SER N 259 -2.16 5.68 63.78
CA SER N 259 -3.04 6.29 64.77
C SER N 259 -2.61 7.73 65.08
N ILE N 260 -1.30 7.95 65.17
CA ILE N 260 -0.78 9.30 65.46
C ILE N 260 -1.23 10.29 64.39
N ARG N 261 -1.17 9.89 63.12
CA ARG N 261 -1.57 10.80 62.08
C ARG N 261 -3.07 11.09 62.20
N VAL N 262 -3.86 10.07 62.52
CA VAL N 262 -5.30 10.25 62.67
C VAL N 262 -5.57 11.34 63.69
N ILE N 263 -4.78 11.34 64.76
CA ILE N 263 -4.97 12.34 65.79
C ILE N 263 -4.47 13.75 65.47
N ILE N 264 -3.17 13.85 65.19
CA ILE N 264 -2.55 15.16 64.93
C ILE N 264 -2.97 15.82 63.64
N THR N 265 -3.56 15.04 62.74
CA THR N 265 -3.99 15.63 61.50
C THR N 265 -5.50 15.58 61.26
N TRP N 266 -6.06 14.37 61.17
CA TRP N 266 -7.51 14.26 60.87
C TRP N 266 -8.46 14.71 61.98
N LEU N 267 -8.20 14.32 63.22
CA LEU N 267 -9.06 14.78 64.30
C LEU N 267 -8.79 16.23 64.53
N ARG N 268 -7.52 16.58 64.59
CA ARG N 268 -7.18 17.97 64.85
C ARG N 268 -7.70 18.96 63.84
N ASP N 269 -7.61 18.63 62.57
CA ASP N 269 -8.06 19.57 61.53
C ASP N 269 -9.48 19.34 60.97
N LEU N 270 -9.93 18.09 60.86
CA LEU N 270 -11.29 17.81 60.34
C LEU N 270 -12.33 17.75 61.47
N GLY N 271 -11.87 17.42 62.67
CA GLY N 271 -12.74 17.39 63.86
C GLY N 271 -13.95 16.52 64.05
N ALA N 272 -13.89 15.27 63.60
CA ALA N 272 -15.00 14.35 63.76
C ALA N 272 -14.82 13.63 65.11
N SER N 273 -14.83 14.44 66.16
CA SER N 273 -14.64 13.96 67.52
C SER N 273 -15.79 13.28 68.18
N LEU N 274 -15.46 12.24 68.91
CA LEU N 274 -16.47 11.48 69.63
C LEU N 274 -16.74 12.14 70.99
N ALA N 275 -17.98 12.56 71.21
CA ALA N 275 -18.38 13.21 72.47
C ALA N 275 -18.23 12.22 73.66
N PRO N 276 -17.87 12.75 74.85
CA PRO N 276 -17.61 11.99 76.06
C PRO N 276 -18.78 11.13 76.56
N GLN N 277 -19.98 11.64 76.44
CA GLN N 277 -21.13 10.90 76.87
C GLN N 277 -21.29 9.69 75.96
N ASN N 278 -21.11 9.86 74.65
CA ASN N 278 -21.20 8.74 73.70
C ASN N 278 -20.12 7.73 73.94
N ALA N 279 -18.91 8.21 74.16
CA ALA N 279 -17.77 7.31 74.41
C ALA N 279 -18.04 6.47 75.65
N TRP N 280 -18.54 7.14 76.69
CA TRP N 280 -18.82 6.43 77.94
C TRP N 280 -19.90 5.37 77.72
N LEU N 281 -20.97 5.73 77.01
CA LEU N 281 -22.05 4.77 76.77
C LEU N 281 -21.51 3.58 76.00
N LEU N 282 -20.67 3.88 75.01
CA LEU N 282 -20.06 2.84 74.20
C LEU N 282 -19.16 1.92 75.07
N LEU N 283 -18.48 2.48 76.05
CA LEU N 283 -17.68 1.67 76.93
C LEU N 283 -18.58 0.73 77.66
N GLN N 284 -19.74 1.23 78.09
CA GLN N 284 -20.69 0.37 78.84
C GLN N 284 -21.19 -0.76 77.95
N GLY N 285 -21.47 -0.44 76.69
CA GLY N 285 -21.93 -1.42 75.77
C GLY N 285 -20.87 -2.46 75.50
N LEU N 286 -19.63 -2.01 75.42
CA LEU N 286 -18.55 -2.94 75.15
C LEU N 286 -18.45 -3.98 76.24
N GLU N 287 -18.65 -3.55 77.47
CA GLU N 287 -18.62 -4.48 78.60
C GLU N 287 -19.56 -5.69 78.46
N THR N 288 -20.75 -5.45 77.92
CA THR N 288 -21.75 -6.48 77.77
C THR N 288 -21.91 -7.08 76.38
N LEU N 289 -21.13 -6.66 75.41
CA LEU N 289 -21.25 -7.19 74.08
C LEU N 289 -21.09 -8.70 73.96
N ALA N 290 -20.16 -9.28 74.71
CA ALA N 290 -19.96 -10.72 74.64
C ALA N 290 -21.22 -11.50 74.94
N VAL N 291 -21.94 -11.10 75.99
CA VAL N 291 -23.16 -11.84 76.32
C VAL N 291 -24.25 -11.52 75.30
N ARG N 292 -24.38 -10.25 74.97
CA ARG N 292 -25.40 -9.82 74.02
C ARG N 292 -25.30 -10.43 72.62
N ILE N 293 -24.11 -10.41 72.03
CA ILE N 293 -23.94 -10.94 70.68
C ILE N 293 -24.34 -12.42 70.56
N GLU N 294 -24.15 -13.18 71.62
CA GLU N 294 -24.54 -14.58 71.60
C GLU N 294 -26.07 -14.70 71.50
N LYS N 295 -26.81 -13.88 72.25
CA LYS N 295 -28.28 -13.93 72.22
C LYS N 295 -28.73 -13.46 70.83
N HIS N 296 -28.14 -12.38 70.34
CA HIS N 296 -28.50 -11.89 69.02
C HIS N 296 -28.33 -13.04 68.01
N SER N 297 -27.20 -13.72 68.11
CA SER N 297 -26.89 -14.84 67.23
C SER N 297 -27.83 -16.03 67.38
N GLN N 298 -28.09 -16.44 68.61
CA GLN N 298 -29.02 -17.56 68.86
C GLN N 298 -30.40 -17.21 68.31
N ASN N 299 -30.88 -16.00 68.60
CA ASN N 299 -32.18 -15.60 68.08
C ASN N 299 -32.20 -15.57 66.56
N ALA N 300 -31.16 -15.03 65.97
CA ALA N 300 -31.10 -14.95 64.50
C ALA N 300 -31.20 -16.30 63.82
N GLU N 301 -30.48 -17.27 64.38
CA GLU N 301 -30.47 -18.57 63.82
C GLU N 301 -31.86 -19.18 63.86
N LYS N 302 -32.56 -19.04 64.96
CA LYS N 302 -33.91 -19.60 65.05
C LYS N 302 -34.86 -18.93 64.06
N VAL N 303 -34.77 -17.61 63.95
CA VAL N 303 -35.60 -16.88 63.03
C VAL N 303 -35.25 -17.32 61.62
N ALA N 304 -33.96 -17.49 61.35
CA ALA N 304 -33.54 -17.92 60.03
C ALA N 304 -34.14 -19.30 59.68
N ASN N 305 -34.05 -20.23 60.62
CA ASN N 305 -34.58 -21.57 60.40
C ASN N 305 -36.07 -21.54 60.15
N PHE N 306 -36.77 -20.71 60.91
CA PHE N 306 -38.21 -20.56 60.77
C PHE N 306 -38.54 -20.01 59.40
N LEU N 307 -37.87 -18.93 59.00
CA LEU N 307 -38.12 -18.35 57.69
C LEU N 307 -37.81 -19.34 56.58
N ASN N 308 -36.70 -20.05 56.74
CA ASN N 308 -36.24 -21.02 55.76
C ASN N 308 -37.22 -22.18 55.50
N SER N 309 -38.13 -22.45 56.44
CA SER N 309 -39.09 -23.54 56.28
C SER N 309 -40.50 -23.08 56.00
N HIS N 310 -40.72 -21.77 56.01
CA HIS N 310 -42.06 -21.27 55.79
C HIS N 310 -42.34 -21.20 54.29
N PRO N 311 -43.49 -21.72 53.85
CA PRO N 311 -43.87 -21.73 52.43
C PRO N 311 -44.01 -20.38 51.74
N ASP N 312 -44.38 -19.33 52.45
CA ASP N 312 -44.52 -17.97 51.85
C ASP N 312 -43.19 -17.20 51.71
N ILE N 313 -42.07 -17.83 52.04
CA ILE N 313 -40.74 -17.19 51.98
C ILE N 313 -39.95 -17.85 50.89
N LYS N 314 -39.38 -17.07 50.00
CA LYS N 314 -38.64 -17.63 48.86
C LYS N 314 -37.14 -17.76 48.93
N GLY N 315 -36.53 -17.39 50.04
CA GLY N 315 -35.07 -17.49 50.13
C GLY N 315 -34.60 -16.78 51.38
N VAL N 316 -33.62 -17.36 52.06
CA VAL N 316 -33.09 -16.78 53.29
C VAL N 316 -31.59 -16.67 53.23
N ASN N 317 -31.09 -15.53 53.66
CA ASN N 317 -29.69 -15.25 53.63
C ASN N 317 -29.09 -15.22 55.05
N TYR N 318 -28.50 -16.32 55.52
CA TYR N 318 -27.87 -16.35 56.84
C TYR N 318 -26.81 -17.45 56.80
N PRO N 319 -25.58 -17.16 57.23
CA PRO N 319 -24.49 -18.12 57.16
C PRO N 319 -24.60 -19.45 57.85
N THR N 320 -25.44 -19.58 58.87
CA THR N 320 -25.54 -20.85 59.57
C THR N 320 -26.31 -21.87 58.73
N LEU N 321 -27.06 -21.40 57.74
CA LEU N 321 -27.83 -22.30 56.88
C LEU N 321 -26.86 -23.05 55.97
N ALA N 322 -26.84 -24.37 56.09
CA ALA N 322 -25.95 -25.26 55.32
C ALA N 322 -25.95 -25.05 53.80
N SER N 323 -27.07 -24.57 53.25
CA SER N 323 -27.19 -24.32 51.81
C SER N 323 -26.71 -22.95 51.40
N ASN N 324 -26.39 -22.11 52.38
CA ASN N 324 -25.94 -20.78 52.08
C ASN N 324 -24.53 -20.82 51.42
N ALA N 325 -24.29 -19.91 50.49
CA ALA N 325 -23.03 -19.85 49.74
C ALA N 325 -21.82 -19.49 50.58
N TYR N 326 -22.05 -18.86 51.72
CA TYR N 326 -20.95 -18.46 52.58
C TYR N 326 -20.80 -19.34 53.79
N HIS N 327 -21.54 -20.45 53.82
CA HIS N 327 -21.49 -21.38 54.93
C HIS N 327 -20.07 -21.95 55.22
N ASN N 328 -19.34 -22.36 54.18
CA ASN N 328 -17.96 -22.89 54.39
C ASN N 328 -17.01 -21.82 54.93
N LEU N 329 -17.14 -20.61 54.41
CA LEU N 329 -16.32 -19.50 54.88
C LEU N 329 -16.69 -19.22 56.33
N PHE N 330 -17.97 -19.38 56.65
CA PHE N 330 -18.44 -19.16 58.01
C PHE N 330 -17.75 -20.14 58.93
N LYS N 331 -17.81 -21.41 58.58
CA LYS N 331 -17.17 -22.46 59.40
C LYS N 331 -15.66 -22.26 59.50
N LYS N 332 -15.07 -21.72 58.46
CA LYS N 332 -13.64 -21.50 58.47
C LYS N 332 -13.16 -20.34 59.34
N TYR N 333 -13.87 -19.22 59.31
CA TYR N 333 -13.47 -18.06 60.12
C TYR N 333 -14.16 -17.77 61.47
N PHE N 334 -15.33 -18.34 61.69
CA PHE N 334 -16.08 -18.09 62.94
C PHE N 334 -15.91 -19.27 63.93
N ASP N 335 -14.98 -19.11 64.89
CA ASP N 335 -14.69 -20.15 65.91
C ASP N 335 -15.80 -20.52 66.89
N LYS N 336 -16.57 -19.54 67.35
CA LYS N 336 -17.69 -19.84 68.26
C LYS N 336 -18.52 -20.20 67.06
N ASN N 337 -19.78 -20.59 67.06
CA ASN N 337 -20.46 -20.91 65.80
C ASN N 337 -21.67 -19.98 65.88
N PHE N 338 -21.40 -18.68 65.95
CA PHE N 338 -22.43 -17.66 66.01
C PHE N 338 -22.17 -16.76 64.82
N ALA N 339 -23.24 -16.34 64.14
CA ALA N 339 -23.11 -15.51 62.94
C ALA N 339 -23.72 -14.09 63.03
N SER N 340 -23.90 -13.61 64.25
CA SER N 340 -24.43 -12.28 64.52
C SER N 340 -25.94 -12.16 64.28
N GLY N 341 -26.47 -10.95 64.39
CA GLY N 341 -27.91 -10.74 64.24
C GLY N 341 -28.51 -10.12 63.01
N LEU N 342 -27.75 -10.06 61.94
CA LEU N 342 -28.27 -9.50 60.71
C LEU N 342 -28.61 -10.61 59.72
N LEU N 343 -29.74 -10.50 59.04
CA LEU N 343 -30.11 -11.50 58.05
C LEU N 343 -31.07 -10.87 57.07
N SER N 344 -31.28 -11.52 55.94
CA SER N 344 -32.21 -10.97 54.97
C SER N 344 -32.98 -12.13 54.39
N PHE N 345 -34.12 -11.85 53.78
CA PHE N 345 -34.90 -12.89 53.14
C PHE N 345 -35.74 -12.30 52.01
N GLU N 346 -36.21 -13.19 51.14
CA GLU N 346 -37.02 -12.83 50.00
C GLU N 346 -38.48 -13.13 50.28
N ALA N 347 -39.33 -12.13 50.07
CA ALA N 347 -40.77 -12.29 50.25
C ALA N 347 -41.27 -12.81 48.90
N LYS N 348 -42.56 -13.06 48.76
CA LYS N 348 -43.13 -13.57 47.49
C LYS N 348 -42.87 -12.57 46.38
N ASP N 349 -43.08 -11.30 46.70
CA ASP N 349 -42.87 -10.19 45.76
C ASP N 349 -42.87 -8.85 46.50
N TYR N 350 -42.71 -7.77 45.74
CA TYR N 350 -42.71 -6.43 46.30
C TYR N 350 -43.92 -6.15 47.21
N GLU N 351 -45.13 -6.42 46.75
CA GLU N 351 -46.33 -6.16 47.56
C GLU N 351 -46.36 -6.93 48.88
N HIS N 352 -45.80 -8.14 48.88
CA HIS N 352 -45.75 -8.95 50.09
C HIS N 352 -44.71 -8.37 51.05
N ALA N 353 -43.55 -7.97 50.52
CA ALA N 353 -42.48 -7.38 51.34
C ALA N 353 -42.96 -6.12 52.06
N ARG N 354 -43.86 -5.39 51.41
CA ARG N 354 -44.40 -4.17 51.92
C ARG N 354 -45.46 -4.49 53.00
N ARG N 355 -46.31 -5.50 52.80
CA ARG N 355 -47.31 -5.83 53.82
C ARG N 355 -46.63 -6.27 55.10
N ILE N 356 -45.56 -7.02 54.96
CA ILE N 356 -44.78 -7.48 56.09
C ILE N 356 -44.26 -6.28 56.87
N CYS N 357 -43.57 -5.35 56.21
CA CYS N 357 -43.05 -4.17 56.90
C CYS N 357 -44.12 -3.38 57.62
N ASP N 358 -45.32 -3.35 57.04
CA ASP N 358 -46.42 -2.59 57.60
C ASP N 358 -47.21 -3.33 58.68
N LYS N 359 -47.00 -4.65 58.79
CA LYS N 359 -47.70 -5.50 59.78
C LYS N 359 -46.95 -5.91 61.07
N THR N 360 -45.61 -5.88 61.07
CA THR N 360 -44.87 -6.29 62.26
C THR N 360 -45.11 -5.37 63.43
N GLN N 361 -45.20 -5.94 64.64
CA GLN N 361 -45.43 -5.19 65.88
C GLN N 361 -44.17 -5.13 66.78
N LEU N 362 -43.27 -6.12 66.70
CA LEU N 362 -42.03 -6.14 67.51
C LEU N 362 -40.87 -5.67 66.64
N PHE N 363 -40.81 -6.14 65.41
CA PHE N 363 -39.79 -5.69 64.52
C PHE N 363 -40.22 -4.25 64.17
N LEU N 364 -39.36 -3.28 64.49
CA LEU N 364 -39.66 -1.91 64.26
C LEU N 364 -39.12 -1.47 62.92
N LEU N 365 -40.01 -0.88 62.11
CA LEU N 365 -39.66 -0.39 60.81
C LEU N 365 -38.75 0.81 61.04
N ALA N 366 -37.48 0.61 60.75
CA ALA N 366 -36.47 1.62 60.95
C ALA N 366 -35.19 1.30 60.20
N ALA N 367 -34.31 2.28 60.16
CA ALA N 367 -33.03 2.12 59.47
C ALA N 367 -31.83 2.15 60.40
N ASN N 368 -31.51 1.01 60.95
CA ASN N 368 -30.37 0.86 61.85
C ASN N 368 -30.15 -0.63 62.05
N LEU N 369 -29.09 -1.04 62.74
CA LEU N 369 -28.93 -2.47 63.00
C LEU N 369 -28.11 -2.66 64.28
N GLY N 370 -28.33 -3.78 64.94
CA GLY N 370 -27.61 -4.05 66.18
C GLY N 370 -28.28 -3.43 67.42
N ASP N 371 -29.53 -3.00 67.31
CA ASP N 371 -30.25 -2.45 68.45
C ASP N 371 -30.77 -3.68 69.23
N SER N 372 -31.02 -3.49 70.51
CA SER N 372 -31.54 -4.57 71.35
C SER N 372 -32.97 -4.90 70.89
N LYS N 373 -33.63 -3.91 70.26
CA LYS N 373 -34.98 -4.08 69.74
C LYS N 373 -34.83 -4.51 68.32
N SER N 374 -35.61 -5.51 67.92
CA SER N 374 -35.56 -6.01 66.57
C SER N 374 -36.04 -4.97 65.58
N LEU N 375 -35.39 -4.93 64.43
CA LEU N 375 -35.73 -3.95 63.39
C LEU N 375 -35.96 -4.60 62.02
N ILE N 376 -36.71 -3.89 61.19
CA ILE N 376 -37.02 -4.33 59.84
C ILE N 376 -36.99 -3.19 58.83
N ILE N 377 -36.61 -3.51 57.59
CA ILE N 377 -36.51 -2.54 56.51
C ILE N 377 -36.51 -3.24 55.16
N HIS N 378 -36.88 -2.49 54.11
CA HIS N 378 -36.90 -2.93 52.70
C HIS N 378 -35.81 -2.14 51.95
N PRO N 379 -34.58 -2.69 51.85
CA PRO N 379 -33.42 -2.03 51.21
C PRO N 379 -33.62 -1.35 49.85
N ILE N 397 -29.59 -7.91 45.77
CA ILE N 397 -30.81 -7.39 46.39
C ILE N 397 -31.92 -7.33 45.35
N THR N 398 -33.17 -7.54 45.76
CA THR N 398 -34.30 -7.49 44.82
C THR N 398 -35.46 -6.66 45.41
N LYS N 399 -36.55 -6.52 44.67
CA LYS N 399 -37.69 -5.77 45.15
C LYS N 399 -38.48 -6.50 46.23
N ALA N 400 -38.18 -7.78 46.36
CA ALA N 400 -38.84 -8.62 47.36
C ALA N 400 -37.98 -8.78 48.61
N THR N 401 -36.76 -8.29 48.57
CA THR N 401 -35.84 -8.42 49.69
C THR N 401 -36.16 -7.62 50.95
N ILE N 402 -36.07 -8.30 52.09
CA ILE N 402 -36.30 -7.71 53.43
C ILE N 402 -35.10 -7.97 54.27
N ARG N 403 -34.68 -6.96 55.03
CA ARG N 403 -33.51 -7.08 55.88
C ARG N 403 -33.90 -6.92 57.34
N LEU N 404 -33.52 -7.89 58.17
CA LEU N 404 -33.91 -7.86 59.56
C LEU N 404 -32.70 -7.71 60.47
N SER N 405 -32.88 -6.98 61.57
CA SER N 405 -31.83 -6.83 62.58
C SER N 405 -32.46 -7.56 63.76
N ILE N 406 -31.92 -8.70 64.12
CA ILE N 406 -32.48 -9.50 65.20
C ILE N 406 -32.04 -9.00 66.54
N GLY N 407 -33.04 -8.67 67.36
CA GLY N 407 -32.81 -8.16 68.71
C GLY N 407 -32.65 -9.19 69.80
N LEU N 408 -32.84 -8.76 71.02
CA LEU N 408 -32.69 -9.60 72.21
C LEU N 408 -34.02 -10.10 72.79
N GLU N 409 -35.12 -9.86 72.07
CA GLU N 409 -36.41 -10.30 72.55
C GLU N 409 -36.51 -11.83 72.57
N ASN N 410 -37.57 -12.35 73.15
CA ASN N 410 -37.78 -13.76 73.19
C ASN N 410 -38.04 -14.26 71.75
N SER N 411 -37.31 -15.30 71.31
CA SER N 411 -37.43 -15.84 69.95
C SER N 411 -38.83 -16.27 69.55
N ASP N 412 -39.56 -16.88 70.46
CA ASP N 412 -40.92 -17.28 70.12
C ASP N 412 -41.77 -16.06 69.79
N ASP N 413 -41.63 -15.00 70.58
CA ASP N 413 -42.36 -13.76 70.36
C ASP N 413 -41.98 -13.19 69.00
N LEU N 414 -40.69 -13.23 68.68
CA LEU N 414 -40.22 -12.69 67.39
C LEU N 414 -40.75 -13.48 66.21
N ILE N 415 -40.65 -14.80 66.32
CA ILE N 415 -41.15 -15.69 65.31
C ILE N 415 -42.64 -15.48 65.14
N ALA N 416 -43.39 -15.38 66.23
CA ALA N 416 -44.84 -15.15 66.13
C ALA N 416 -45.17 -13.83 65.43
N ASP N 417 -44.39 -12.77 65.70
CA ASP N 417 -44.64 -11.48 65.10
C ASP N 417 -44.39 -11.59 63.60
N LEU N 418 -43.29 -12.20 63.21
CA LEU N 418 -43.02 -12.38 61.81
C LEU N 418 -44.04 -13.31 61.13
N LYS N 419 -44.47 -14.34 61.83
CA LYS N 419 -45.42 -15.28 61.29
C LYS N 419 -46.70 -14.58 60.90
N GLN N 420 -47.28 -13.82 61.82
CA GLN N 420 -48.54 -13.10 61.52
C GLN N 420 -48.35 -12.06 60.40
N ALA N 421 -47.19 -11.44 60.32
CA ALA N 421 -46.96 -10.44 59.26
C ALA N 421 -46.86 -11.11 57.92
N ILE N 422 -46.07 -12.17 57.87
CA ILE N 422 -45.87 -12.93 56.65
C ILE N 422 -47.13 -13.57 56.09
N GLU N 423 -47.94 -14.14 56.98
CA GLU N 423 -49.18 -14.83 56.62
C GLU N 423 -50.36 -13.92 56.42
N SER N 424 -50.24 -12.64 56.68
CA SER N 424 -51.46 -11.85 56.46
C SER N 424 -51.00 -10.44 56.58
N ASN O 3 -2.76 67.05 -15.10
CA ASN O 3 -1.85 65.94 -14.65
C ASN O 3 -1.06 66.26 -13.35
N PHE O 4 -0.66 65.23 -12.61
CA PHE O 4 0.09 65.35 -11.33
C PHE O 4 1.58 65.71 -11.42
N ASN O 5 2.14 66.11 -10.28
CA ASN O 5 3.56 66.44 -10.20
C ASN O 5 4.45 65.17 -10.11
N LYS O 6 5.71 65.33 -10.45
CA LYS O 6 6.67 64.22 -10.41
C LYS O 6 6.69 63.43 -9.12
N GLU O 7 6.68 64.13 -8.00
CA GLU O 7 6.70 63.48 -6.70
C GLU O 7 5.52 62.52 -6.59
N THR O 8 4.38 62.96 -7.10
CA THR O 8 3.17 62.15 -7.03
C THR O 8 3.21 60.94 -7.96
N LEU O 9 3.80 61.14 -9.13
CA LEU O 9 3.93 60.08 -10.14
C LEU O 9 4.86 58.97 -9.70
N ALA O 10 5.76 59.27 -8.79
CA ALA O 10 6.69 58.24 -8.29
C ALA O 10 6.02 57.34 -7.29
N LEU O 11 4.83 57.75 -6.84
CA LEU O 11 4.02 57.04 -5.85
C LEU O 11 2.70 56.39 -6.32
N HIS O 12 2.13 56.95 -7.37
CA HIS O 12 0.89 56.50 -7.96
C HIS O 12 1.02 56.38 -9.47
N GLY O 13 0.43 55.33 -10.03
CA GLY O 13 0.48 55.12 -11.48
C GLY O 13 1.02 53.77 -11.91
N ALA O 14 0.64 53.37 -13.11
CA ALA O 14 1.08 52.10 -13.72
C ALA O 14 0.83 50.85 -12.87
N TYR O 15 -0.09 50.92 -11.94
CA TYR O 15 -0.42 49.79 -11.09
C TYR O 15 -1.83 49.97 -10.63
N ASN O 16 -2.70 49.12 -11.15
CA ASN O 16 -4.09 49.14 -10.77
C ASN O 16 -4.24 47.78 -10.10
N PHE O 17 -4.25 47.84 -8.75
CA PHE O 17 -4.42 46.84 -7.73
C PHE O 17 -4.99 45.59 -8.35
N ASP O 18 -4.38 44.45 -8.11
CA ASP O 18 -4.94 43.24 -8.68
C ASP O 18 -6.16 42.82 -7.84
N THR O 19 -6.48 41.54 -7.82
CA THR O 19 -7.64 41.07 -7.09
C THR O 19 -7.57 41.35 -5.58
N GLN O 20 -6.38 41.18 -5.03
CA GLN O 20 -6.14 41.36 -3.59
C GLN O 20 -6.11 42.81 -3.12
N ARG O 21 -5.93 43.72 -4.05
CA ARG O 21 -5.89 45.16 -3.78
C ARG O 21 -4.83 45.61 -2.77
N SER O 22 -3.65 45.02 -2.90
CA SER O 22 -2.54 45.35 -2.00
C SER O 22 -2.07 46.73 -2.44
N ILE O 23 -1.83 47.62 -1.48
CA ILE O 23 -1.38 48.97 -1.77
C ILE O 23 0.01 48.92 -2.36
N SER O 24 0.83 48.02 -1.82
CA SER O 24 2.18 47.85 -2.29
C SER O 24 2.15 46.92 -3.49
N VAL O 25 3.07 47.14 -4.43
CA VAL O 25 3.13 46.32 -5.63
C VAL O 25 3.62 44.95 -5.24
N PRO O 26 2.93 43.91 -5.67
CA PRO O 26 3.41 42.61 -5.26
C PRO O 26 4.73 42.23 -5.95
N ILE O 27 5.50 41.37 -5.31
CA ILE O 27 6.75 40.90 -5.83
C ILE O 27 6.48 39.58 -6.55
N TYR O 28 6.54 39.62 -7.87
CA TYR O 28 6.30 38.41 -8.70
C TYR O 28 7.59 37.61 -8.87
N GLN O 29 7.97 36.90 -7.81
CA GLN O 29 9.17 36.06 -7.79
C GLN O 29 8.68 34.86 -8.59
N ASN O 30 8.73 35.06 -9.92
CA ASN O 30 8.22 34.10 -10.84
C ASN O 30 8.77 34.24 -12.27
N THR O 31 8.91 33.11 -12.97
CA THR O 31 9.43 33.14 -14.33
C THR O 31 8.41 32.91 -15.43
N ALA O 32 7.37 32.14 -15.16
CA ALA O 32 6.36 31.85 -16.19
C ALA O 32 4.93 32.18 -15.80
N TYR O 33 4.09 32.23 -16.83
CA TYR O 33 2.68 32.58 -16.66
C TYR O 33 1.75 31.55 -17.32
N ASN O 34 0.60 31.33 -16.70
CA ASN O 34 -0.37 30.39 -17.21
C ASN O 34 -1.29 31.05 -18.23
N PHE O 35 -1.10 30.72 -19.51
CA PHE O 35 -1.93 31.31 -20.56
C PHE O 35 -3.31 30.73 -20.37
N GLU O 36 -4.34 31.56 -20.61
CA GLU O 36 -5.74 31.13 -20.42
C GLU O 36 -6.22 30.16 -21.48
N ASN O 37 -5.56 30.16 -22.63
CA ASN O 37 -5.91 29.28 -23.73
C ASN O 37 -4.85 29.36 -24.80
N LEU O 38 -4.86 28.42 -25.70
CA LEU O 38 -3.89 28.41 -26.81
C LEU O 38 -3.77 29.63 -27.68
N ASP O 39 -4.91 30.20 -28.06
CA ASP O 39 -4.91 31.39 -28.90
C ASP O 39 -4.15 32.53 -28.25
N GLN O 40 -4.49 32.79 -26.99
CA GLN O 40 -3.86 33.85 -26.23
C GLN O 40 -2.35 33.72 -26.25
N ALA O 41 -1.88 32.49 -26.01
CA ALA O 41 -0.45 32.21 -25.99
C ALA O 41 0.16 32.57 -27.33
N ALA O 42 -0.27 31.86 -28.38
CA ALA O 42 0.26 32.09 -29.72
C ALA O 42 0.17 33.55 -30.09
N ALA O 43 -0.94 34.18 -29.75
CA ALA O 43 -1.10 35.59 -30.06
C ALA O 43 0.01 36.42 -29.40
N ARG O 44 0.41 36.07 -28.18
CA ARG O 44 1.48 36.80 -27.49
C ARG O 44 2.83 36.55 -28.11
N PHE O 45 3.09 35.31 -28.52
CA PHE O 45 4.37 34.98 -29.21
C PHE O 45 4.51 35.67 -30.57
N ASN O 46 3.41 36.15 -31.15
CA ASN O 46 3.38 36.84 -32.47
C ASN O 46 3.26 38.35 -32.38
N LEU O 47 3.32 38.89 -31.18
CA LEU O 47 3.18 40.33 -30.97
C LEU O 47 1.81 40.87 -31.34
N GLN O 48 0.84 39.99 -31.58
CA GLN O 48 -0.49 40.48 -31.90
C GLN O 48 -1.10 40.99 -30.61
N GLU O 49 -0.98 40.23 -29.52
CA GLU O 49 -1.51 40.68 -28.24
C GLU O 49 -0.36 40.92 -27.27
N LEU O 50 -0.38 42.02 -26.54
CA LEU O 50 0.66 42.29 -25.58
C LEU O 50 0.31 41.65 -24.21
N GLY O 51 1.31 41.17 -23.50
CA GLY O 51 1.04 40.50 -22.23
C GLY O 51 2.18 39.65 -21.73
N ASN O 52 1.93 39.02 -20.59
CA ASN O 52 2.93 38.16 -19.95
C ASN O 52 3.22 36.89 -20.68
N ILE O 53 4.50 36.58 -20.77
CA ILE O 53 4.97 35.39 -21.45
C ILE O 53 5.99 34.63 -20.62
N TYR O 54 7.12 35.30 -20.36
CA TYR O 54 8.23 34.72 -19.61
C TYR O 54 9.03 35.88 -19.06
N SER O 55 9.40 35.78 -17.79
CA SER O 55 10.13 36.86 -17.09
C SER O 55 11.44 37.36 -17.67
N ARG O 56 12.07 36.57 -18.55
CA ARG O 56 13.30 37.07 -19.15
C ARG O 56 12.96 38.27 -20.03
N LEU O 57 11.72 38.33 -20.52
CA LEU O 57 11.27 39.42 -21.40
C LEU O 57 10.62 40.52 -20.59
N SER O 58 9.67 40.15 -19.73
CA SER O 58 9.02 41.12 -18.89
C SER O 58 8.40 40.45 -17.68
N ASN O 59 8.22 41.27 -16.64
CA ASN O 59 7.63 40.87 -15.35
C ASN O 59 6.76 42.04 -14.83
N PRO O 60 5.58 41.74 -14.27
CA PRO O 60 4.70 42.79 -13.81
C PRO O 60 5.31 43.75 -12.79
N THR O 61 6.12 43.23 -11.88
CA THR O 61 6.75 44.08 -10.86
C THR O 61 7.63 45.09 -11.61
N SER O 62 8.52 44.59 -12.46
CA SER O 62 9.41 45.46 -13.25
C SER O 62 8.67 46.35 -14.25
N ASP O 63 7.50 45.95 -14.71
CA ASP O 63 6.70 46.79 -15.63
C ASP O 63 6.24 48.07 -14.96
N VAL O 64 5.83 47.95 -13.70
CA VAL O 64 5.38 49.12 -12.97
C VAL O 64 6.54 50.12 -12.87
N LEU O 65 7.72 49.58 -12.56
CA LEU O 65 8.93 50.39 -12.45
C LEU O 65 9.23 51.10 -13.74
N GLY O 66 9.18 50.36 -14.84
CA GLY O 66 9.47 50.93 -16.15
C GLY O 66 8.58 52.10 -16.51
N GLN O 67 7.27 51.89 -16.33
CA GLN O 67 6.30 52.92 -16.66
C GLN O 67 6.42 54.14 -15.71
N ARG O 68 6.62 53.91 -14.42
CA ARG O 68 6.76 55.06 -13.52
C ARG O 68 8.00 55.84 -13.84
N LEU O 69 9.11 55.16 -14.12
CA LEU O 69 10.34 55.87 -14.47
C LEU O 69 10.09 56.71 -15.70
N ALA O 70 9.33 56.17 -16.64
CA ALA O 70 9.01 56.92 -17.85
C ALA O 70 8.14 58.13 -17.50
N ASN O 71 7.18 57.93 -16.61
CA ASN O 71 6.29 58.98 -16.19
C ASN O 71 7.04 60.11 -15.49
N VAL O 72 7.96 59.79 -14.60
CA VAL O 72 8.68 60.87 -13.92
C VAL O 72 9.58 61.63 -14.87
N GLU O 73 10.11 60.97 -15.87
CA GLU O 73 10.97 61.67 -16.86
C GLU O 73 10.18 62.43 -17.91
N GLY O 74 8.89 62.15 -18.02
CA GLY O 74 8.05 62.81 -19.03
C GLY O 74 8.21 62.07 -20.37
N GLY O 75 8.62 60.81 -20.32
CA GLY O 75 8.82 60.01 -21.53
C GLY O 75 7.62 59.11 -21.80
N ALA O 76 7.74 58.22 -22.78
CA ALA O 76 6.64 57.31 -23.14
C ALA O 76 6.66 55.90 -22.55
N PHE O 77 7.80 55.26 -22.62
CA PHE O 77 7.90 53.89 -22.14
C PHE O 77 9.32 53.63 -21.58
N GLY O 78 9.39 52.78 -20.57
CA GLY O 78 10.66 52.47 -19.96
C GLY O 78 10.82 50.98 -19.81
N ILE O 79 12.05 50.55 -19.93
CA ILE O 79 12.38 49.14 -19.83
C ILE O 79 13.55 48.89 -18.82
N PRO O 80 13.24 48.23 -17.69
CA PRO O 80 14.30 47.95 -16.74
C PRO O 80 15.11 46.74 -17.15
N VAL O 81 16.40 46.79 -16.85
CA VAL O 81 17.33 45.71 -17.17
C VAL O 81 18.23 45.43 -15.96
N ALA O 82 19.06 44.41 -16.06
CA ALA O 82 19.92 43.99 -14.92
C ALA O 82 20.87 44.97 -14.31
N SER O 83 21.30 45.95 -15.10
CA SER O 83 22.22 46.94 -14.57
C SER O 83 22.29 48.14 -15.48
N GLY O 84 22.91 49.19 -14.97
CA GLY O 84 23.10 50.45 -15.70
C GLY O 84 23.96 50.18 -16.93
N ALA O 86 24.20 47.33 -18.56
CA ALA O 86 23.37 46.62 -19.50
C ALA O 86 22.49 47.61 -20.23
N ALA O 87 21.98 48.62 -19.51
CA ALA O 87 21.13 49.65 -20.11
C ALA O 87 21.91 50.44 -21.21
N CYS O 88 23.14 50.83 -20.90
CA CYS O 88 23.97 51.56 -21.85
C CYS O 88 24.24 50.67 -23.07
N PHE O 89 24.63 49.43 -22.81
CA PHE O 89 24.91 48.43 -23.86
C PHE O 89 23.68 48.23 -24.77
N TYR O 90 22.55 47.89 -24.18
CA TYR O 90 21.30 47.71 -24.89
C TYR O 90 20.87 48.92 -25.71
N ALA O 91 21.09 50.12 -25.18
CA ALA O 91 20.70 51.32 -25.90
C ALA O 91 21.53 51.52 -27.17
N LEU O 92 22.83 51.27 -27.05
CA LEU O 92 23.73 51.42 -28.17
C LEU O 92 23.50 50.35 -29.27
N ILE O 93 23.48 49.08 -28.87
CA ILE O 93 23.28 48.02 -29.84
C ILE O 93 21.89 48.04 -30.46
N ASN O 94 20.93 48.71 -29.82
CA ASN O 94 19.59 48.73 -30.40
C ASN O 94 19.60 49.72 -31.56
N LEU O 95 20.68 50.51 -31.64
CA LEU O 95 20.85 51.51 -32.67
C LEU O 95 21.97 51.23 -33.66
N ALA O 96 23.06 50.66 -33.19
CA ALA O 96 24.21 50.37 -34.02
C ALA O 96 24.53 48.88 -34.06
N SER O 97 25.00 48.45 -35.22
CA SER O 97 25.40 47.07 -35.46
C SER O 97 26.78 47.11 -36.12
N SER O 98 27.35 45.94 -36.38
CA SER O 98 28.67 45.85 -36.99
C SER O 98 28.82 46.77 -38.22
N GLY O 99 29.90 47.55 -38.21
CA GLY O 99 30.20 48.48 -39.31
C GLY O 99 29.75 49.89 -39.03
N ASP O 100 28.96 50.08 -38.00
CA ASP O 100 28.47 51.40 -37.65
C ASP O 100 29.38 52.02 -36.58
N ASN O 101 29.10 53.27 -36.27
CA ASN O 101 29.90 53.95 -35.27
C ASN O 101 28.95 54.75 -34.39
N VAL O 102 29.45 55.08 -33.21
CA VAL O 102 28.69 55.85 -32.25
C VAL O 102 29.59 56.94 -31.73
N ALA O 103 29.01 58.11 -31.50
CA ALA O 103 29.74 59.27 -30.97
C ALA O 103 29.51 59.31 -29.46
N TYR O 104 30.58 59.49 -28.70
CA TYR O 104 30.45 59.51 -27.25
C TYR O 104 31.27 60.59 -26.57
N SER O 105 30.72 61.13 -25.48
CA SER O 105 31.38 62.16 -24.70
C SER O 105 32.67 61.66 -24.06
N ASN O 106 33.65 62.54 -24.03
CA ASN O 106 34.96 62.25 -23.44
C ASN O 106 34.89 62.36 -21.93
N LYS O 107 33.76 62.82 -21.42
CA LYS O 107 33.57 62.92 -19.98
C LYS O 107 32.38 62.09 -19.49
N ILE O 108 32.67 60.81 -19.24
CA ILE O 108 31.66 59.85 -18.77
C ILE O 108 32.21 58.82 -17.81
N TYR O 109 31.30 57.98 -17.32
CA TYR O 109 31.61 56.91 -16.39
C TYR O 109 32.62 55.99 -17.04
N GLY O 110 33.70 55.71 -16.30
CA GLY O 110 34.78 54.86 -16.74
C GLY O 110 34.35 53.55 -17.36
N GLY O 111 33.42 52.87 -16.71
CA GLY O 111 32.92 51.61 -17.22
C GLY O 111 32.27 51.83 -18.59
N THR O 112 31.46 52.89 -18.74
CA THR O 112 30.80 53.14 -20.01
C THR O 112 31.83 53.50 -21.09
N GLN O 113 32.92 54.13 -20.67
CA GLN O 113 33.97 54.52 -21.57
C GLN O 113 34.68 53.27 -22.12
N THR O 114 34.94 52.31 -21.23
CA THR O 114 35.56 51.06 -21.62
C THR O 114 34.61 50.28 -22.55
N LEU O 115 33.36 50.21 -22.18
CA LEU O 115 32.35 49.53 -22.99
C LEU O 115 32.33 50.04 -24.42
N ILE O 116 32.23 51.37 -24.53
CA ILE O 116 32.15 52.01 -25.82
C ILE O 116 33.44 52.01 -26.62
N SER O 117 34.54 52.45 -26.01
CA SER O 117 35.81 52.53 -26.76
C SER O 117 36.56 51.22 -26.94
N HIS O 118 36.32 50.22 -26.10
CA HIS O 118 37.04 48.95 -26.27
C HIS O 118 36.16 47.74 -26.51
N THR O 119 35.27 47.45 -25.58
CA THR O 119 34.41 46.28 -25.70
C THR O 119 33.53 46.19 -26.94
N LEU O 120 32.94 47.29 -27.36
CA LEU O 120 32.10 47.25 -28.57
C LEU O 120 32.88 46.94 -29.87
N LYS O 121 34.20 47.11 -29.88
CA LYS O 121 35.00 46.79 -31.08
C LYS O 121 34.79 45.33 -31.44
N ASN O 122 34.78 44.49 -30.41
CA ASN O 122 34.57 43.06 -30.61
C ASN O 122 33.34 42.76 -31.44
N PHE O 123 32.39 43.70 -31.46
CA PHE O 123 31.17 43.46 -32.22
C PHE O 123 31.15 44.27 -33.50
N GLY O 124 32.31 44.78 -33.87
CA GLY O 124 32.44 45.59 -35.07
C GLY O 124 31.78 46.97 -34.99
N ILE O 125 31.68 47.51 -33.77
CA ILE O 125 31.09 48.80 -33.54
C ILE O 125 32.19 49.78 -33.15
N GLU O 126 32.41 50.76 -34.03
N GLU O 126 32.41 50.75 -34.04
CA GLU O 126 33.41 51.79 -33.85
CA GLU O 126 33.44 51.75 -33.86
C GLU O 126 32.95 52.90 -32.93
C GLU O 126 32.95 52.89 -32.94
N ALA O 127 33.86 53.39 -32.11
CA ALA O 127 33.54 54.47 -31.19
C ALA O 127 34.37 55.72 -31.56
N ARG O 128 33.71 56.88 -31.55
CA ARG O 128 34.34 58.18 -31.87
C ARG O 128 34.08 59.20 -30.78
N GLU O 129 35.13 59.50 -30.03
CA GLU O 129 35.08 60.44 -28.93
C GLU O 129 34.84 61.88 -29.38
N PHE O 130 34.23 62.67 -28.52
CA PHE O 130 34.01 64.08 -28.82
C PHE O 130 34.08 64.80 -27.48
N ASP O 131 34.34 66.11 -27.54
CA ASP O 131 34.46 66.94 -26.35
C ASP O 131 33.15 67.69 -26.12
N ILE O 132 32.49 67.43 -24.98
CA ILE O 132 31.23 68.11 -24.67
C ILE O 132 31.42 69.60 -24.50
N ASP O 133 32.64 70.02 -24.18
CA ASP O 133 32.95 71.42 -24.00
C ASP O 133 33.23 72.15 -25.31
N ASP O 134 33.35 71.40 -26.41
CA ASP O 134 33.62 72.00 -27.74
C ASP O 134 32.84 71.18 -28.76
N LEU O 135 31.56 71.47 -28.88
CA LEU O 135 30.68 70.73 -29.79
C LEU O 135 31.02 70.67 -31.28
N ASP O 136 31.88 71.57 -31.77
CA ASP O 136 32.25 71.47 -33.16
C ASP O 136 32.91 70.09 -33.33
N SER O 137 33.55 69.60 -32.26
CA SER O 137 34.23 68.29 -32.31
C SER O 137 33.24 67.16 -32.57
N LEU O 138 31.97 67.41 -32.27
CA LEU O 138 30.94 66.40 -32.50
C LEU O 138 30.59 66.34 -33.99
N GLU O 139 30.37 67.49 -34.61
CA GLU O 139 30.06 67.56 -36.07
C GLU O 139 31.09 66.82 -36.87
N LYS O 140 32.33 67.08 -36.48
CA LYS O 140 33.51 66.48 -37.08
C LYS O 140 33.53 64.96 -37.18
N VAL O 141 33.14 64.27 -36.12
CA VAL O 141 33.16 62.79 -36.16
C VAL O 141 31.91 62.12 -36.74
N ILE O 142 30.91 62.91 -37.10
CA ILE O 142 29.68 62.36 -37.64
C ILE O 142 29.71 62.03 -39.11
N ASP O 143 29.14 60.88 -39.46
CA ASP O 143 29.03 60.45 -40.86
C ASP O 143 27.66 59.75 -41.00
N GLN O 144 27.37 59.12 -42.14
CA GLN O 144 26.04 58.47 -42.32
C GLN O 144 25.93 57.14 -41.58
N ASN O 145 27.05 56.67 -41.03
CA ASN O 145 27.09 55.42 -40.25
C ASN O 145 27.00 55.64 -38.73
N THR O 146 27.02 56.91 -38.31
CA THR O 146 26.93 57.28 -36.91
C THR O 146 25.46 57.05 -36.48
N LYS O 147 25.26 56.10 -35.56
CA LYS O 147 23.91 55.78 -35.11
C LYS O 147 23.47 56.33 -33.76
N ALA O 148 24.40 56.85 -32.97
CA ALA O 148 24.04 57.40 -31.67
C ALA O 148 25.04 58.40 -31.15
N ILE O 149 24.51 59.34 -30.36
CA ILE O 149 25.28 60.38 -29.73
C ILE O 149 25.04 60.17 -28.23
N PHE O 150 26.09 59.74 -27.54
CA PHE O 150 26.01 59.45 -26.13
C PHE O 150 26.74 60.40 -25.22
N PHE O 151 26.06 60.79 -24.13
CA PHE O 151 26.64 61.67 -23.13
C PHE O 151 25.91 61.60 -21.81
N GLU O 152 26.51 62.19 -20.79
CA GLU O 152 25.92 62.25 -19.47
C GLU O 152 25.45 63.68 -19.20
N SER O 153 24.32 63.81 -18.49
CA SER O 153 23.76 65.11 -18.16
C SER O 153 24.67 65.81 -17.13
N LEU O 154 25.12 65.04 -16.15
CA LEU O 154 25.99 65.51 -15.09
C LEU O 154 26.99 64.38 -15.02
N SER O 155 28.19 64.62 -15.49
CA SER O 155 29.20 63.53 -15.53
C SER O 155 29.82 63.02 -14.23
N ASN O 156 30.28 61.78 -14.33
CA ASN O 156 30.97 61.04 -13.26
C ASN O 156 32.43 60.70 -13.62
N PRO O 157 33.44 61.21 -12.85
CA PRO O 157 33.48 62.03 -11.63
C PRO O 157 33.74 63.50 -11.75
N GLN O 158 33.80 64.01 -12.98
CA GLN O 158 34.05 65.40 -13.27
C GLN O 158 32.95 66.37 -12.83
N ILE O 159 31.73 65.86 -12.83
CA ILE O 159 30.58 66.66 -12.50
C ILE O 159 30.48 67.71 -13.65
N ALA O 160 30.70 67.26 -14.88
CA ALA O 160 30.65 68.14 -16.05
C ALA O 160 29.24 68.15 -16.62
N ILE O 161 28.71 69.34 -16.81
CA ILE O 161 27.35 69.51 -17.33
C ILE O 161 27.33 69.75 -18.83
N ALA O 162 26.54 68.95 -19.53
CA ALA O 162 26.40 69.03 -20.96
C ALA O 162 25.37 70.07 -21.37
N ASP O 163 25.67 70.83 -22.43
CA ASP O 163 24.76 71.84 -22.93
C ASP O 163 23.86 71.05 -23.86
N ILE O 164 22.84 70.47 -23.26
CA ILE O 164 21.89 69.61 -23.96
C ILE O 164 21.25 70.19 -25.23
N GLU O 165 20.74 71.41 -25.16
CA GLU O 165 20.11 72.05 -26.34
C GLU O 165 20.99 72.05 -27.58
N LYS O 166 22.29 72.28 -27.38
CA LYS O 166 23.24 72.31 -28.49
C LYS O 166 23.52 70.93 -29.04
N ILE O 167 23.50 69.93 -28.17
CA ILE O 167 23.74 68.56 -28.63
C ILE O 167 22.52 68.15 -29.45
N ASN O 168 21.36 68.53 -28.94
CA ASN O 168 20.11 68.24 -29.59
C ASN O 168 20.05 68.80 -31.01
N GLN O 169 20.45 70.06 -31.14
CA GLN O 169 20.46 70.76 -32.42
C GLN O 169 21.18 69.93 -33.46
N ILE O 170 22.41 69.58 -33.13
CA ILE O 170 23.26 68.78 -34.01
C ILE O 170 22.66 67.41 -34.30
N ALA O 171 22.11 66.78 -33.26
CA ALA O 171 21.51 65.47 -33.40
C ALA O 171 20.28 65.51 -34.26
N LYS O 172 19.41 66.50 -34.04
CA LYS O 172 18.18 66.60 -34.84
C LYS O 172 18.46 66.93 -36.31
N LYS O 173 19.50 67.70 -36.53
CA LYS O 173 19.88 68.08 -37.88
C LYS O 173 20.23 66.82 -38.71
N HIS O 174 21.11 65.97 -38.17
CA HIS O 174 21.52 64.74 -38.87
C HIS O 174 20.56 63.57 -38.72
N LYS O 175 19.48 63.76 -38.00
CA LYS O 175 18.50 62.69 -37.79
C LYS O 175 19.12 61.50 -37.01
N ILE O 176 19.91 61.81 -35.99
CA ILE O 176 20.57 60.81 -35.16
C ILE O 176 19.94 60.77 -33.76
N VAL O 177 19.77 59.55 -33.26
CA VAL O 177 19.22 59.36 -31.94
C VAL O 177 20.22 59.78 -30.87
N SER O 178 19.77 60.61 -29.93
CA SER O 178 20.61 61.06 -28.84
C SER O 178 20.26 60.27 -27.58
N ILE O 179 21.31 59.82 -26.88
CA ILE O 179 21.20 59.06 -25.63
C ILE O 179 21.83 59.82 -24.44
N CYS O 180 21.03 60.13 -23.43
CA CYS O 180 21.50 60.84 -22.26
C CYS O 180 21.43 59.99 -20.99
N ASP O 181 22.57 59.83 -20.33
CA ASP O 181 22.68 59.05 -19.10
C ASP O 181 22.42 60.11 -18.02
N ASN O 182 21.22 60.05 -17.45
CA ASN O 182 20.77 61.03 -16.43
C ASN O 182 20.85 60.46 -15.00
N THR O 183 21.72 59.47 -14.81
CA THR O 183 21.90 58.84 -13.51
C THR O 183 22.14 59.74 -12.29
N VAL O 184 23.15 60.60 -12.40
CA VAL O 184 23.52 61.44 -11.30
C VAL O 184 22.55 62.57 -10.99
N ALA O 185 22.06 63.24 -12.00
CA ALA O 185 21.11 64.32 -11.79
C ALA O 185 19.77 63.82 -11.26
N THR O 186 19.35 62.68 -11.81
CA THR O 186 18.07 62.00 -11.48
C THR O 186 16.95 62.76 -12.21
N PRO O 187 15.81 62.11 -12.43
CA PRO O 187 14.74 62.82 -13.11
C PRO O 187 14.18 63.98 -12.32
N PHE O 188 14.46 64.04 -11.01
CA PHE O 188 13.96 65.12 -10.20
C PHE O 188 14.73 66.41 -10.24
N LEU O 189 15.95 66.37 -10.75
CA LEU O 189 16.73 67.61 -10.82
C LEU O 189 16.89 68.07 -12.25
N LEU O 190 16.72 67.14 -13.19
CA LEU O 190 16.89 67.46 -14.61
C LEU O 190 16.08 66.52 -15.50
N GLN O 191 15.41 67.10 -16.49
CA GLN O 191 14.57 66.33 -17.40
C GLN O 191 15.10 66.43 -18.82
N PRO O 192 16.06 65.59 -19.18
CA PRO O 192 16.60 65.67 -20.54
C PRO O 192 15.56 65.67 -21.67
N PHE O 193 14.44 64.98 -21.49
CA PHE O 193 13.43 64.98 -22.56
C PHE O 193 12.93 66.41 -22.91
N LYS O 194 12.87 67.28 -21.92
CA LYS O 194 12.46 68.65 -22.16
C LYS O 194 13.35 69.33 -23.11
N HIS O 195 14.59 68.86 -23.21
CA HIS O 195 15.49 69.52 -24.14
C HIS O 195 15.81 68.78 -25.41
N GLY O 196 14.89 67.92 -25.86
CA GLY O 196 15.08 67.17 -27.11
C GLY O 196 15.76 65.82 -27.09
N VAL O 197 16.11 65.31 -25.93
CA VAL O 197 16.76 64.01 -25.87
C VAL O 197 15.77 62.94 -26.32
N ASP O 198 16.30 61.96 -27.05
CA ASP O 198 15.48 60.85 -27.58
C ASP O 198 15.37 59.68 -26.61
N VAL O 199 16.52 59.28 -26.08
CA VAL O 199 16.60 58.15 -25.16
C VAL O 199 17.41 58.46 -23.90
N ILE O 200 16.86 58.09 -22.77
CA ILE O 200 17.51 58.28 -21.48
C ILE O 200 17.88 56.97 -20.83
N VAL O 201 19.12 56.88 -20.36
CA VAL O 201 19.54 55.66 -19.63
C VAL O 201 19.84 56.05 -18.18
N HIS O 202 19.58 55.13 -17.29
CA HIS O 202 19.85 55.33 -15.90
C HIS O 202 20.46 54.12 -15.28
N SER O 203 21.40 54.38 -14.37
CA SER O 203 21.93 53.28 -13.59
C SER O 203 21.03 53.44 -12.35
N LEU O 204 20.01 52.61 -12.23
CA LEU O 204 19.08 52.65 -11.07
C LEU O 204 19.79 52.28 -9.77
N SER O 205 20.89 51.57 -9.93
CA SER O 205 21.73 51.08 -8.86
C SER O 205 22.21 52.18 -7.96
N TYR O 207 21.23 56.41 -7.37
CA TYR O 207 20.22 57.18 -6.63
C TYR O 207 18.82 56.64 -6.49
N VAL O 208 18.33 55.98 -7.53
CA VAL O 208 16.96 55.40 -7.45
C VAL O 208 16.91 54.41 -6.30
N SER O 209 17.93 53.55 -6.21
CA SER O 209 18.00 52.62 -5.08
C SER O 209 18.21 53.49 -3.87
N GLY O 210 19.26 54.30 -3.93
CA GLY O 210 19.62 55.21 -2.85
C GLY O 210 20.21 54.62 -1.58
N GLN O 211 20.38 53.30 -1.57
CA GLN O 211 20.89 52.59 -0.42
C GLN O 211 21.90 51.50 -0.66
N GLY O 212 22.47 51.44 -1.85
CA GLY O 212 23.46 50.45 -2.20
C GLY O 212 23.00 49.01 -2.05
N THR O 213 21.71 48.79 -2.31
CA THR O 213 21.15 47.46 -2.20
C THR O 213 20.60 46.79 -3.44
N ALA O 214 20.38 47.51 -4.53
CA ALA O 214 19.85 46.84 -5.69
C ALA O 214 20.45 47.33 -6.99
N LEU O 215 21.17 46.43 -7.61
CA LEU O 215 21.80 46.70 -8.85
C LEU O 215 20.66 46.71 -9.89
N GLY O 216 20.71 47.65 -10.82
CA GLY O 216 19.68 47.76 -11.86
C GLY O 216 19.86 48.92 -12.81
N GLY O 217 19.21 48.83 -13.98
CA GLY O 217 19.29 49.87 -15.01
C GLY O 217 17.99 50.04 -15.74
N ALA O 218 17.88 51.12 -16.51
CA ALA O 218 16.67 51.35 -17.28
C ALA O 218 16.92 52.14 -18.54
N LEU O 219 16.13 51.83 -19.58
CA LEU O 219 16.20 52.53 -20.85
C LEU O 219 14.85 53.14 -21.01
N ILE O 220 14.81 54.44 -21.20
CA ILE O 220 13.56 55.16 -21.34
C ILE O 220 13.52 55.91 -22.66
N GLU O 221 12.37 55.85 -23.35
CA GLU O 221 12.26 56.54 -24.64
C GLU O 221 11.23 57.66 -24.56
N ARG O 222 11.51 58.72 -25.28
CA ARG O 222 10.61 59.87 -25.31
C ARG O 222 9.36 59.58 -26.10
N LYS O 223 8.40 60.48 -25.95
CA LYS O 223 7.17 60.36 -26.69
C LYS O 223 7.49 60.68 -28.17
N ASP O 224 6.83 59.96 -29.06
CA ASP O 224 6.97 60.14 -30.51
C ASP O 224 8.34 59.77 -31.10
N LEU O 225 9.12 58.93 -30.40
CA LEU O 225 10.42 58.55 -30.95
C LEU O 225 10.30 57.81 -32.32
N ASN O 226 9.16 57.16 -32.55
CA ASN O 226 8.92 56.46 -33.81
C ASN O 226 9.15 57.41 -35.01
N ASP O 227 8.70 58.66 -34.86
CA ASP O 227 8.85 59.68 -35.90
C ASP O 227 10.29 59.72 -36.39
N LEU O 228 11.25 59.61 -35.49
CA LEU O 228 12.67 59.65 -35.83
C LEU O 228 13.24 58.32 -36.35
N LEU O 229 12.68 57.20 -35.90
CA LEU O 229 13.16 55.88 -36.34
C LEU O 229 12.49 55.35 -37.59
N LYS O 230 11.18 55.53 -37.69
CA LYS O 230 10.45 55.08 -38.88
C LYS O 230 10.83 55.89 -40.12
N ASN O 231 11.00 55.20 -41.25
CA ASN O 231 11.36 55.83 -42.53
C ASN O 231 12.60 56.68 -42.45
N ASN O 232 13.61 56.16 -41.77
CA ASN O 232 14.86 56.88 -41.60
C ASN O 232 15.92 55.90 -42.06
N ASP O 233 16.54 56.24 -43.19
CA ASP O 233 17.59 55.42 -43.81
C ASP O 233 18.76 55.11 -42.88
N ARG O 234 18.91 55.90 -41.83
CA ARG O 234 20.00 55.67 -40.92
C ARG O 234 19.73 54.45 -40.02
N TYR O 235 18.45 54.07 -39.87
CA TYR O 235 18.09 52.94 -39.02
C TYR O 235 17.29 51.85 -39.73
N LYS O 236 17.99 51.01 -40.48
CA LYS O 236 17.33 49.94 -41.22
C LYS O 236 16.74 48.82 -40.38
N ALA O 237 17.31 48.56 -39.21
CA ALA O 237 16.77 47.51 -38.32
C ALA O 237 15.30 47.79 -37.98
N PHE O 238 14.90 49.06 -37.98
CA PHE O 238 13.52 49.41 -37.67
C PHE O 238 12.63 49.61 -38.90
N ASN O 239 13.17 49.29 -40.08
CA ASN O 239 12.45 49.47 -41.33
C ASN O 239 12.64 48.35 -42.35
N THR O 240 13.00 47.16 -41.90
CA THR O 240 13.21 46.03 -42.81
C THR O 240 12.64 44.76 -42.20
N PRO O 241 12.04 43.90 -43.02
CA PRO O 241 11.48 42.66 -42.50
C PRO O 241 12.53 41.93 -41.71
N ASP O 242 12.17 41.42 -40.54
CA ASP O 242 13.13 40.73 -39.70
C ASP O 242 12.87 39.23 -39.72
N PRO O 243 13.89 38.44 -40.12
CA PRO O 243 13.73 36.97 -40.20
C PRO O 243 13.50 36.32 -38.85
N SER O 244 14.03 36.91 -37.77
CA SER O 244 13.81 36.33 -36.43
C SER O 244 12.32 36.35 -36.09
N TYR O 245 11.55 37.26 -36.71
CA TYR O 245 10.07 37.35 -36.49
C TYR O 245 9.21 37.18 -37.73
N HIS O 246 9.55 36.18 -38.54
CA HIS O 246 8.81 35.88 -39.76
C HIS O 246 8.47 37.11 -40.59
N GLY O 247 9.51 37.84 -40.97
CA GLY O 247 9.37 39.03 -41.79
C GLY O 247 8.79 40.29 -41.19
N LEU O 248 8.43 40.27 -39.91
CA LEU O 248 7.88 41.45 -39.30
C LEU O 248 8.75 42.68 -39.54
N ASN O 249 8.12 43.78 -39.91
CA ASN O 249 8.83 45.03 -40.12
C ASN O 249 8.33 45.98 -39.01
N LEU O 250 9.25 46.38 -38.14
CA LEU O 250 8.89 47.25 -37.01
C LEU O 250 8.22 48.59 -37.37
N ASN O 251 8.52 49.16 -38.52
CA ASN O 251 7.90 50.45 -38.87
C ASN O 251 6.41 50.31 -39.12
N THR O 252 5.91 49.08 -39.11
CA THR O 252 4.50 48.78 -39.33
C THR O 252 3.70 48.82 -37.98
N LEU O 253 4.41 48.89 -36.84
CA LEU O 253 3.76 48.87 -35.53
C LEU O 253 3.40 50.19 -34.91
N ASP O 254 2.24 50.21 -34.26
CA ASP O 254 1.78 51.40 -33.58
C ASP O 254 2.11 51.16 -32.09
N LEU O 255 3.41 51.14 -31.81
CA LEU O 255 3.97 50.91 -30.49
C LEU O 255 5.33 51.51 -30.41
N PRO O 256 5.84 51.78 -29.20
CA PRO O 256 7.20 52.34 -29.10
C PRO O 256 8.14 51.27 -29.60
N ILE O 257 8.50 51.36 -30.87
CA ILE O 257 9.36 50.36 -31.51
C ILE O 257 10.78 50.22 -30.94
N PHE O 258 11.32 51.29 -30.36
CA PHE O 258 12.67 51.23 -29.78
C PHE O 258 12.59 50.27 -28.60
N SER O 259 11.60 50.47 -27.73
CA SER O 259 11.43 49.62 -26.54
C SER O 259 11.05 48.18 -26.94
N ILE O 260 10.19 48.07 -27.95
CA ILE O 260 9.77 46.75 -28.42
C ILE O 260 10.98 45.94 -28.88
N ARG O 261 11.90 46.58 -29.60
CA ARG O 261 13.05 45.82 -30.05
C ARG O 261 13.89 45.40 -28.84
N VAL O 262 14.02 46.27 -27.85
CA VAL O 262 14.79 45.93 -26.66
C VAL O 262 14.25 44.65 -26.02
N ILE O 263 12.94 44.53 -26.02
CA ILE O 263 12.33 43.38 -25.45
C ILE O 263 12.40 42.10 -26.28
N ILE O 264 11.85 42.15 -27.49
CA ILE O 264 11.79 40.97 -28.36
C ILE O 264 13.12 40.51 -28.90
N THR O 265 14.13 41.37 -28.83
CA THR O 265 15.43 40.97 -29.32
C THR O 265 16.53 40.95 -28.25
N TRP O 266 16.86 42.09 -27.67
CA TRP O 266 17.95 42.14 -26.68
C TRP O 266 17.69 41.42 -25.35
N LEU O 267 16.52 41.61 -24.76
CA LEU O 267 16.21 40.90 -23.53
C LEU O 267 15.99 39.45 -23.86
N ARG O 268 15.21 39.19 -24.89
CA ARG O 268 14.92 37.82 -25.26
C ARG O 268 16.13 36.98 -25.61
N ASP O 269 17.05 37.53 -26.37
CA ASP O 269 18.24 36.78 -26.79
C ASP O 269 19.52 36.99 -25.96
N LEU O 270 19.76 38.18 -25.43
CA LEU O 270 20.96 38.44 -24.62
C LEU O 270 20.68 38.22 -23.10
N GLY O 271 19.43 38.38 -22.71
CA GLY O 271 19.00 38.13 -21.32
C GLY O 271 19.51 38.82 -20.08
N ALA O 272 19.72 40.13 -20.17
CA ALA O 272 20.19 40.92 -19.03
C ALA O 272 18.95 41.41 -18.27
N SER O 273 18.19 40.44 -17.79
CA SER O 273 16.97 40.69 -17.08
C SER O 273 17.11 41.15 -15.66
N LEU O 274 16.22 42.05 -15.30
CA LEU O 274 16.19 42.58 -13.96
C LEU O 274 15.35 41.67 -13.06
N ALA O 275 15.96 41.12 -12.02
CA ALA O 275 15.24 40.24 -11.07
C ALA O 275 14.13 41.02 -10.34
N PRO O 276 13.01 40.33 -10.04
CA PRO O 276 11.83 40.90 -9.38
C PRO O 276 12.08 41.56 -8.05
N GLN O 277 12.94 40.95 -7.26
CA GLN O 277 13.22 41.52 -5.95
C GLN O 277 13.91 42.87 -6.15
N ASN O 278 14.88 42.91 -7.09
CA ASN O 278 15.59 44.18 -7.35
C ASN O 278 14.64 45.23 -7.86
N ALA O 279 13.79 44.81 -8.79
CA ALA O 279 12.83 45.73 -9.38
C ALA O 279 11.94 46.31 -8.30
N TRP O 280 11.46 45.45 -7.41
CA TRP O 280 10.58 45.90 -6.32
C TRP O 280 11.30 46.88 -5.40
N LEU O 281 12.53 46.56 -5.02
CA LEU O 281 13.32 47.46 -4.18
C LEU O 281 13.52 48.80 -4.87
N LEU O 282 13.81 48.75 -6.16
CA LEU O 282 13.99 49.97 -6.95
C LEU O 282 12.69 50.79 -7.00
N LEU O 283 11.54 50.12 -7.05
CA LEU O 283 10.27 50.86 -7.03
C LEU O 283 10.15 51.56 -5.72
N GLN O 284 10.55 50.90 -4.63
CA GLN O 284 10.48 51.54 -3.28
C GLN O 284 11.39 52.75 -3.21
N GLY O 285 12.57 52.62 -3.80
CA GLY O 285 13.50 53.72 -3.80
C GLY O 285 12.99 54.87 -4.61
N LEU O 286 12.34 54.57 -5.72
CA LEU O 286 11.80 55.61 -6.58
C LEU O 286 10.79 56.45 -5.82
N GLU O 287 9.99 55.81 -4.98
CA GLU O 287 8.99 56.52 -4.20
C GLU O 287 9.55 57.62 -3.33
N THR O 288 10.74 57.41 -2.77
CA THR O 288 11.37 58.38 -1.89
C THR O 288 12.50 59.21 -2.47
N LEU O 289 12.84 59.00 -3.73
CA LEU O 289 13.91 59.73 -4.34
C LEU O 289 13.77 61.24 -4.28
N ALA O 290 12.56 61.76 -4.46
CA ALA O 290 12.37 63.19 -4.42
C ALA O 290 12.82 63.81 -3.11
N VAL O 291 12.48 63.18 -1.99
CA VAL O 291 12.90 63.76 -0.71
C VAL O 291 14.40 63.51 -0.49
N ARG O 292 14.85 62.32 -0.83
CA ARG O 292 16.26 62.00 -0.65
C ARG O 292 17.24 62.82 -1.43
N ILE O 293 16.98 63.01 -2.72
CA ILE O 293 17.92 63.77 -3.57
C ILE O 293 18.12 65.20 -3.07
N GLU O 294 17.10 65.78 -2.44
CA GLU O 294 17.24 67.12 -1.91
C GLU O 294 18.23 67.13 -0.73
N LYS O 295 18.16 66.14 0.14
CA LYS O 295 19.08 66.05 1.29
C LYS O 295 20.49 65.78 0.77
N HIS O 296 20.62 64.86 -0.19
CA HIS O 296 21.91 64.59 -0.77
C HIS O 296 22.51 65.89 -1.30
N SER O 297 21.69 66.66 -2.00
CA SER O 297 22.11 67.94 -2.59
C SER O 297 22.47 68.99 -1.55
N GLN O 298 21.61 69.17 -0.55
CA GLN O 298 21.87 70.14 0.51
C GLN O 298 23.18 69.78 1.23
N ASN O 299 23.35 68.50 1.58
CA ASN O 299 24.58 68.08 2.21
C ASN O 299 25.79 68.32 1.33
N ALA O 300 25.67 67.94 0.06
CA ALA O 300 26.80 68.11 -0.86
C ALA O 300 27.28 69.56 -0.96
N GLU O 301 26.32 70.48 -1.03
CA GLU O 301 26.65 71.86 -1.14
C GLU O 301 27.42 72.33 0.10
N LYS O 302 26.99 71.94 1.28
CA LYS O 302 27.69 72.36 2.48
C LYS O 302 29.09 71.82 2.54
N VAL O 303 29.24 70.56 2.16
CA VAL O 303 30.54 69.92 2.16
C VAL O 303 31.40 70.64 1.13
N ALA O 304 30.82 70.98 -0.01
CA ALA O 304 31.56 71.66 -1.04
C ALA O 304 32.08 73.01 -0.56
N ASN O 305 31.20 73.78 0.08
CA ASN O 305 31.59 75.09 0.60
C ASN O 305 32.69 74.97 1.62
N PHE O 306 32.59 73.96 2.48
CA PHE O 306 33.60 73.70 3.49
C PHE O 306 34.94 73.38 2.86
N LEU O 307 34.94 72.45 1.90
CA LEU O 307 36.17 72.07 1.24
C LEU O 307 36.76 73.24 0.49
N ASN O 308 35.89 74.01 -0.14
CA ASN O 308 36.32 75.16 -0.92
C ASN O 308 37.02 76.25 -0.10
N SER O 309 36.80 76.28 1.21
CA SER O 309 37.41 77.30 2.07
C SER O 309 38.52 76.77 2.94
N HIS O 310 38.76 75.47 2.90
CA HIS O 310 39.80 74.91 3.73
C HIS O 310 41.16 75.09 3.05
N PRO O 311 42.17 75.58 3.79
CA PRO O 311 43.52 75.80 3.25
C PRO O 311 44.27 74.57 2.74
N ASP O 312 44.02 73.38 3.27
CA ASP O 312 44.69 72.16 2.80
C ASP O 312 44.06 71.54 1.53
N ILE O 313 43.06 72.20 0.94
CA ILE O 313 42.36 71.68 -0.26
C ILE O 313 42.68 72.58 -1.42
N LYS O 314 43.11 72.00 -2.51
CA LYS O 314 43.51 72.81 -3.68
C LYS O 314 42.53 73.05 -4.80
N GLY O 315 41.31 72.55 -4.70
CA GLY O 315 40.34 72.75 -5.78
C GLY O 315 39.14 71.87 -5.55
N VAL O 316 37.95 72.42 -5.81
CA VAL O 316 36.71 71.70 -5.60
C VAL O 316 35.84 71.74 -6.81
N ASN O 317 35.28 70.59 -7.14
CA ASN O 317 34.48 70.45 -8.30
C ASN O 317 33.01 70.22 -7.96
N TYR O 318 32.19 71.26 -7.98
CA TYR O 318 30.74 71.11 -7.68
C TYR O 318 30.04 72.29 -8.34
N PRO O 319 28.98 72.02 -9.12
CA PRO O 319 28.29 73.10 -9.86
C PRO O 319 27.69 74.28 -9.12
N THR O 320 27.37 74.15 -7.84
CA THR O 320 26.79 75.28 -7.12
C THR O 320 27.83 76.35 -6.82
N LEU O 321 29.11 75.99 -6.89
CA LEU O 321 30.17 76.96 -6.64
C LEU O 321 30.24 77.93 -7.81
N ALA O 322 30.01 79.21 -7.53
CA ALA O 322 30.00 80.30 -8.55
C ALA O 322 31.22 80.36 -9.49
N SER O 323 32.38 79.91 -9.01
CA SER O 323 33.62 79.89 -9.80
C SER O 323 33.76 78.66 -10.65
N ASN O 324 32.88 77.69 -10.47
CA ASN O 324 32.95 76.47 -11.25
C ASN O 324 32.61 76.75 -12.73
N ALA O 325 33.27 76.03 -13.62
CA ALA O 325 33.11 76.20 -15.07
C ALA O 325 31.75 75.81 -15.60
N TYR O 326 31.04 74.98 -14.85
CA TYR O 326 29.73 74.53 -15.27
C TYR O 326 28.61 75.22 -14.53
N HIS O 327 28.95 76.24 -13.75
CA HIS O 327 27.94 76.97 -12.97
C HIS O 327 26.79 77.59 -13.80
N ASN O 328 27.12 78.22 -14.93
CA ASN O 328 26.09 78.82 -15.80
C ASN O 328 25.18 77.77 -16.40
N LEU O 329 25.77 76.67 -16.84
CA LEU O 329 24.99 75.56 -17.41
C LEU O 329 24.10 74.99 -16.32
N PHE O 330 24.62 74.98 -15.09
CA PHE O 330 23.84 74.49 -13.96
C PHE O 330 22.60 75.34 -13.77
N LYS O 331 22.79 76.66 -13.70
CA LYS O 331 21.68 77.59 -13.53
C LYS O 331 20.71 77.50 -14.70
N LYS O 332 21.23 77.22 -15.89
CA LYS O 332 20.37 77.12 -17.05
C LYS O 332 19.48 75.88 -17.10
N TYR O 333 20.04 74.72 -16.77
CA TYR O 333 19.26 73.47 -16.81
C TYR O 333 18.64 72.90 -15.52
N PHE O 334 19.12 73.30 -14.35
CA PHE O 334 18.60 72.79 -13.08
C PHE O 334 17.62 73.77 -12.43
N ASP O 335 16.33 73.51 -12.61
CA ASP O 335 15.24 74.37 -12.07
C ASP O 335 15.11 74.49 -10.55
N LYS O 336 15.31 73.39 -9.84
CA LYS O 336 15.23 73.43 -8.38
C LYS O 336 16.66 73.92 -8.38
N ASN O 337 17.38 74.20 -7.31
CA ASN O 337 18.76 74.67 -7.45
C ASN O 337 19.50 73.65 -6.61
N PHE O 338 19.41 72.39 -7.00
CA PHE O 338 20.08 71.30 -6.34
C PHE O 338 20.95 70.65 -7.39
N ALA O 339 22.16 70.27 -7.03
CA ALA O 339 23.10 69.65 -7.98
C ALA O 339 23.52 68.19 -7.72
N SER O 340 22.72 67.49 -6.93
CA SER O 340 22.97 66.10 -6.59
C SER O 340 24.10 65.90 -5.57
N GLY O 341 24.43 64.66 -5.28
CA GLY O 341 25.44 64.34 -4.25
C GLY O 341 26.83 63.90 -4.62
N LEU O 342 27.22 64.10 -5.86
CA LEU O 342 28.54 63.73 -6.26
C LEU O 342 29.42 64.95 -6.38
N LEU O 343 30.66 64.85 -5.91
CA LEU O 343 31.58 65.97 -6.03
C LEU O 343 33.00 65.44 -5.98
N SER O 344 33.97 66.24 -6.38
CA SER O 344 35.34 65.79 -6.31
C SER O 344 36.18 66.98 -5.84
N PHE O 345 37.38 66.71 -5.34
CA PHE O 345 38.26 67.77 -4.90
C PHE O 345 39.71 67.30 -4.99
N GLU O 346 40.62 68.29 -5.01
CA GLU O 346 42.04 68.07 -5.10
C GLU O 346 42.69 68.19 -3.73
N ALA O 347 43.44 67.17 -3.36
CA ALA O 347 44.16 67.17 -2.09
C ALA O 347 45.48 67.87 -2.41
N LYS O 348 46.35 68.04 -1.41
CA LYS O 348 47.65 68.68 -1.63
C LYS O 348 48.46 67.91 -2.66
N ASP O 349 48.45 66.59 -2.53
CA ASP O 349 49.16 65.70 -3.43
C ASP O 349 48.70 64.24 -3.22
N TYR O 350 49.30 63.32 -3.97
CA TYR O 350 48.97 61.91 -3.88
C TYR O 350 49.01 61.37 -2.43
N GLU O 351 50.09 61.62 -1.71
CA GLU O 351 50.20 61.14 -0.33
C GLU O 351 49.10 61.67 0.60
N HIS O 352 48.65 62.90 0.35
CA HIS O 352 47.59 63.50 1.18
C HIS O 352 46.24 62.85 0.82
N ALA O 353 46.00 62.62 -0.46
CA ALA O 353 44.77 62.00 -0.93
C ALA O 353 44.60 60.59 -0.32
N ARG O 354 45.72 59.89 -0.13
CA ARG O 354 45.70 58.56 0.47
C ARG O 354 45.44 58.64 1.93
N ARG O 355 46.08 59.57 2.64
CA ARG O 355 45.85 59.66 4.09
C ARG O 355 44.39 59.93 4.38
N ILE O 356 43.79 60.77 3.57
CA ILE O 356 42.40 61.09 3.70
C ILE O 356 41.55 59.81 3.55
N CYS O 357 41.74 59.08 2.46
CA CYS O 357 40.97 57.85 2.25
C CYS O 357 41.13 56.86 3.36
N ASP O 358 42.32 56.83 3.96
CA ASP O 358 42.61 55.89 5.04
C ASP O 358 42.19 56.36 6.43
N LYS O 359 41.85 57.65 6.56
CA LYS O 359 41.41 58.24 7.86
C LYS O 359 39.93 58.50 8.08
N THR O 360 39.13 58.59 7.01
CA THR O 360 37.68 58.85 7.21
C THR O 360 37.00 57.74 7.95
N GLN O 361 36.04 58.10 8.82
CA GLN O 361 35.26 57.13 9.60
C GLN O 361 33.79 57.02 9.13
N LEU O 362 33.22 58.09 8.56
CA LEU O 362 31.84 58.06 8.05
C LEU O 362 31.84 57.85 6.55
N PHE O 363 32.75 58.52 5.86
CA PHE O 363 32.84 58.31 4.44
C PHE O 363 33.50 56.94 4.35
N LEU O 364 32.82 56.01 3.70
CA LEU O 364 33.30 54.66 3.54
C LEU O 364 34.06 54.48 2.24
N LEU O 365 35.29 53.98 2.37
CA LEU O 365 36.15 53.76 1.23
C LEU O 365 35.53 52.64 0.45
N ALA O 366 34.97 53.00 -0.69
CA ALA O 366 34.29 52.05 -1.54
C ALA O 366 34.07 52.57 -2.93
N ALA O 367 33.64 51.69 -3.81
CA ALA O 367 33.40 52.06 -5.21
C ALA O 367 31.93 51.98 -5.62
N ASN O 368 31.20 53.04 -5.36
CA ASN O 368 29.80 53.15 -5.71
C ASN O 368 29.38 54.61 -5.50
N LEU O 369 28.16 54.98 -5.86
CA LEU O 369 27.74 56.35 -5.58
C LEU O 369 26.21 56.39 -5.43
N GLY O 370 25.72 57.36 -4.66
CA GLY O 370 24.28 57.48 -4.46
C GLY O 370 23.76 56.62 -3.33
N ASP O 371 24.65 56.10 -2.50
CA ASP O 371 24.24 55.30 -1.35
C ASP O 371 23.83 56.33 -0.25
N SER O 372 22.97 55.91 0.66
CA SER O 372 22.53 56.75 1.76
C SER O 372 23.73 57.01 2.71
N LYS O 373 24.72 56.09 2.68
CA LYS O 373 25.95 56.24 3.45
C LYS O 373 26.96 56.94 2.57
N SER O 374 27.67 57.91 3.13
CA SER O 374 28.66 58.65 2.38
C SER O 374 29.84 57.77 1.99
N LEU O 375 30.34 57.98 0.78
CA LEU O 375 31.44 57.15 0.27
C LEU O 375 32.59 57.98 -0.25
N ILE O 376 33.76 57.36 -0.27
CA ILE O 376 34.95 58.02 -0.76
C ILE O 376 35.81 57.07 -1.60
N ILE O 377 36.51 57.64 -2.58
CA ILE O 377 37.41 56.86 -3.46
C ILE O 377 38.42 57.80 -4.16
N HIS O 378 39.54 57.21 -4.59
CA HIS O 378 40.65 57.89 -5.32
C HIS O 378 40.64 57.34 -6.75
N PRO O 379 39.90 57.99 -7.67
CA PRO O 379 39.77 57.54 -9.07
C PRO O 379 41.09 57.09 -9.69
N ILE O 397 41.27 64.63 -14.29
CA ILE O 397 41.55 63.87 -13.05
C ILE O 397 43.06 63.89 -12.80
N THR O 398 43.49 63.91 -11.55
CA THR O 398 44.92 63.93 -11.21
C THR O 398 45.21 62.92 -10.09
N LYS O 399 46.47 62.81 -9.70
CA LYS O 399 46.83 61.90 -8.62
C LYS O 399 46.39 62.35 -7.25
N ALA O 400 46.01 63.61 -7.17
CA ALA O 400 45.57 64.21 -5.92
C ALA O 400 44.05 64.25 -5.84
N THR O 401 43.39 63.87 -6.94
CA THR O 401 41.94 63.89 -6.96
C THR O 401 41.20 62.85 -6.11
N ILE O 402 40.19 63.33 -5.39
CA ILE O 402 39.33 62.50 -4.53
C ILE O 402 37.89 62.72 -4.94
N ARG O 403 37.12 61.63 -5.01
CA ARG O 403 35.74 61.73 -5.40
C ARG O 403 34.91 61.34 -4.17
N LEU O 404 33.87 62.10 -3.89
CA LEU O 404 33.02 61.80 -2.76
C LEU O 404 31.57 61.60 -3.21
N SER O 405 30.86 60.69 -2.53
CA SER O 405 29.46 60.46 -2.80
C SER O 405 28.85 60.91 -1.48
N ILE O 406 28.15 62.04 -1.51
CA ILE O 406 27.57 62.58 -0.29
C ILE O 406 26.26 61.87 0.08
N GLY O 407 26.24 61.34 1.29
CA GLY O 407 25.09 60.62 1.82
C GLY O 407 24.05 61.46 2.52
N LEU O 408 23.22 60.80 3.32
CA LEU O 408 22.15 61.44 4.04
C LEU O 408 22.45 61.70 5.50
N GLU O 409 23.70 61.52 5.90
CA GLU O 409 24.07 61.76 7.28
C GLU O 409 23.97 63.24 7.62
N ASN O 410 24.13 63.56 8.90
CA ASN O 410 24.11 64.95 9.35
C ASN O 410 25.36 65.66 8.78
N SER O 411 25.16 66.82 8.14
CA SER O 411 26.27 67.56 7.52
C SER O 411 27.39 67.93 8.46
N ASP O 412 27.07 68.31 9.69
CA ASP O 412 28.14 68.66 10.62
C ASP O 412 29.02 67.45 10.89
N ASP O 413 28.40 66.29 11.03
CA ASP O 413 29.13 65.06 11.26
C ASP O 413 30.02 64.75 10.08
N LEU O 414 29.48 64.94 8.87
CA LEU O 414 30.25 64.65 7.66
C LEU O 414 31.44 65.59 7.53
N ILE O 415 31.18 66.88 7.76
CA ILE O 415 32.23 67.88 7.70
C ILE O 415 33.30 67.55 8.72
N ALA O 416 32.89 67.20 9.92
CA ALA O 416 33.86 66.87 10.99
C ALA O 416 34.71 65.67 10.63
N ASP O 417 34.11 64.68 10.01
CA ASP O 417 34.85 63.47 9.60
C ASP O 417 35.87 63.86 8.52
N LEU O 418 35.45 64.64 7.53
CA LEU O 418 36.40 65.07 6.50
C LEU O 418 37.47 66.01 7.07
N LYS O 419 37.08 66.86 8.01
CA LYS O 419 38.02 67.79 8.60
C LYS O 419 39.17 67.06 9.26
N GLN O 420 38.86 66.12 10.14
CA GLN O 420 39.91 65.34 10.83
C GLN O 420 40.77 64.52 9.84
N ALA O 421 40.18 64.01 8.77
CA ALA O 421 40.95 63.24 7.78
C ALA O 421 41.90 64.15 7.02
N ILE O 422 41.38 65.27 6.56
CA ILE O 422 42.16 66.24 5.82
C ILE O 422 43.32 66.85 6.60
N GLU O 423 43.08 67.17 7.86
CA GLU O 423 44.13 67.79 8.71
C GLU O 423 45.40 66.82 9.00
N SER O 424 45.13 65.79 9.77
CA SER O 424 46.09 64.78 10.12
C SER O 424 45.62 63.46 9.49
N ASN P 3 37.18 12.81 -2.25
CA ASN P 3 36.11 13.66 -1.72
C ASN P 3 34.72 13.01 -1.66
N PHE P 4 33.78 13.88 -1.31
CA PHE P 4 32.37 13.58 -1.16
C PHE P 4 31.57 13.38 -2.46
N ASN P 5 30.38 12.83 -2.32
CA ASN P 5 29.49 12.61 -3.45
C ASN P 5 28.76 13.90 -3.86
N LYS P 6 28.26 13.90 -5.09
CA LYS P 6 27.56 15.06 -5.65
C LYS P 6 26.46 15.60 -4.77
N GLU P 7 25.65 14.70 -4.24
CA GLU P 7 24.58 15.13 -3.37
C GLU P 7 25.13 15.94 -2.22
N THR P 8 26.27 15.51 -1.69
CA THR P 8 26.88 16.18 -0.53
C THR P 8 27.46 17.53 -0.86
N LEU P 9 28.04 17.62 -2.06
CA LEU P 9 28.64 18.84 -2.55
C LEU P 9 27.63 19.92 -2.86
N ALA P 10 26.38 19.54 -3.07
CA ALA P 10 25.34 20.54 -3.35
C ALA P 10 24.86 21.19 -2.05
N LEU P 11 25.27 20.61 -0.95
CA LEU P 11 24.93 21.04 0.41
C LEU P 11 26.04 21.64 1.30
N HIS P 12 27.27 21.23 1.03
CA HIS P 12 28.45 21.65 1.75
C HIS P 12 29.55 22.04 0.80
N GLY P 13 30.24 23.13 1.13
CA GLY P 13 31.33 23.63 0.30
C GLY P 13 31.21 25.08 -0.12
N ALA P 14 32.36 25.66 -0.46
CA ALA P 14 32.45 27.06 -0.92
C ALA P 14 31.82 28.09 -0.03
N TYR P 15 31.66 27.77 1.25
CA TYR P 15 31.06 28.71 2.18
C TYR P 15 31.85 29.12 3.37
N ASN P 16 32.11 28.21 4.30
CA ASN P 16 32.87 28.42 5.54
C ASN P 16 32.29 29.14 6.80
N PHE P 17 31.17 29.85 6.68
CA PHE P 17 30.52 30.55 7.81
C PHE P 17 31.27 31.84 8.14
N ASP P 18 30.62 32.97 8.01
CA ASP P 18 31.30 34.21 8.32
C ASP P 18 31.34 34.37 9.88
N THR P 19 31.42 35.60 10.37
CA THR P 19 31.50 35.84 11.79
C THR P 19 30.27 35.32 12.54
N GLN P 20 29.10 35.51 11.95
CA GLN P 20 27.82 35.10 12.57
C GLN P 20 27.54 33.61 12.57
N ARG P 21 28.26 32.89 11.73
CA ARG P 21 28.14 31.45 11.64
C ARG P 21 26.72 30.92 11.32
N SER P 22 26.05 31.60 10.41
CA SER P 22 24.73 31.20 10.00
C SER P 22 24.92 29.97 9.14
N ILE P 23 24.09 28.95 9.35
CA ILE P 23 24.17 27.71 8.59
C ILE P 23 23.77 27.97 7.14
N SER P 24 22.77 28.83 6.96
CA SER P 24 22.33 29.20 5.63
C SER P 24 23.21 30.32 5.11
N VAL P 25 23.43 30.36 3.80
CA VAL P 25 24.26 31.40 3.21
C VAL P 25 23.52 32.73 3.29
N PRO P 26 24.16 33.76 3.80
CA PRO P 26 23.46 35.00 3.87
C PRO P 26 23.17 35.61 2.51
N ILE P 27 22.11 36.40 2.45
CA ILE P 27 21.71 37.09 1.20
C ILE P 27 22.32 38.50 1.21
N TYR P 28 23.35 38.69 0.41
CA TYR P 28 24.03 39.95 0.32
C TYR P 28 23.34 40.89 -0.65
N GLN P 29 22.22 41.44 -0.20
CA GLN P 29 21.40 42.38 -0.98
C GLN P 29 22.21 43.67 -0.84
N ASN P 30 23.26 43.73 -1.65
CA ASN P 30 24.22 44.77 -1.62
C ASN P 30 25.02 44.92 -2.92
N THR P 31 25.39 46.17 -3.24
CA THR P 31 26.15 46.45 -4.45
C THR P 31 27.61 46.77 -4.26
N ALA P 32 27.97 47.36 -3.11
CA ALA P 32 29.36 47.74 -2.86
C ALA P 32 29.96 47.21 -1.56
N TYR P 33 31.28 47.28 -1.50
CA TYR P 33 32.04 46.77 -0.36
C TYR P 33 33.03 47.80 0.20
N ASN P 34 33.21 47.75 1.49
CA ASN P 34 34.10 48.65 2.17
C ASN P 34 35.51 48.10 2.14
N PHE P 35 36.37 48.70 1.32
CA PHE P 35 37.76 48.25 1.23
C PHE P 35 38.39 48.67 2.54
N GLU P 36 39.27 47.83 3.05
CA GLU P 36 39.94 48.09 4.34
C GLU P 36 40.97 49.21 4.27
N ASN P 37 41.46 49.49 3.07
CA ASN P 37 42.45 50.55 2.87
C ASN P 37 42.62 50.80 1.38
N LEU P 38 43.23 51.91 1.02
CA LEU P 38 43.40 52.24 -0.39
C LEU P 38 44.23 51.20 -1.22
N ASP P 39 45.29 50.62 -0.64
CA ASP P 39 46.10 49.63 -1.37
C ASP P 39 45.25 48.45 -1.81
N GLN P 40 44.50 47.92 -0.84
CA GLN P 40 43.62 46.78 -1.07
C GLN P 40 42.70 47.05 -2.24
N ALA P 41 42.10 48.23 -2.24
CA ALA P 41 41.19 48.63 -3.30
C ALA P 41 41.90 48.60 -4.66
N ALA P 42 42.90 49.45 -4.81
CA ALA P 42 43.66 49.54 -6.05
C ALA P 42 44.18 48.16 -6.47
N ALA P 43 44.66 47.39 -5.51
CA ALA P 43 45.16 46.07 -5.82
C ALA P 43 44.04 45.21 -6.46
N ARG P 44 42.81 45.34 -5.99
CA ARG P 44 41.70 44.57 -6.57
C ARG P 44 41.35 45.07 -7.95
N PHE P 45 41.39 46.37 -8.17
CA PHE P 45 41.11 46.92 -9.51
C PHE P 45 42.16 46.51 -10.57
N ASN P 46 43.33 46.07 -10.12
N ASN P 46 43.35 46.09 -10.17
CA ASN P 46 44.43 45.64 -11.00
CA ASN P 46 44.32 45.69 -11.18
C ASN P 46 44.60 44.15 -11.11
C ASN P 46 44.54 44.18 -11.23
N LEU P 47 43.67 43.40 -10.57
CA LEU P 47 43.75 41.94 -10.58
C LEU P 47 44.93 41.37 -9.81
N GLN P 48 45.62 42.19 -9.04
CA GLN P 48 46.74 41.67 -8.26
C GLN P 48 46.13 40.87 -7.12
N GLU P 49 45.12 41.42 -6.45
CA GLU P 49 44.46 40.69 -5.36
C GLU P 49 43.02 40.37 -5.74
N LEU P 50 42.59 39.15 -5.50
CA LEU P 50 41.21 38.77 -5.83
C LEU P 50 40.31 39.13 -4.62
N GLY P 51 39.08 39.58 -4.91
CA GLY P 51 38.16 39.96 -3.83
C GLY P 51 37.00 40.81 -4.27
N ASN P 52 36.18 41.15 -3.31
CA ASN P 52 34.98 41.94 -3.55
C ASN P 52 35.26 43.35 -3.96
N ILE P 53 34.53 43.79 -4.97
CA ILE P 53 34.65 45.12 -5.51
C ILE P 53 33.32 45.80 -5.69
N TYR P 54 32.49 45.20 -6.54
CA TYR P 54 31.17 45.72 -6.89
C TYR P 54 30.35 44.56 -7.43
N SER P 55 29.10 44.47 -6.97
CA SER P 55 28.19 43.37 -7.32
C SER P 55 27.90 43.11 -8.77
N ARG P 56 28.15 44.08 -9.63
CA ARG P 56 27.93 43.82 -11.04
C ARG P 56 28.95 42.79 -11.52
N LEU P 57 30.10 42.72 -10.85
CA LEU P 57 31.18 41.76 -11.20
C LEU P 57 31.04 40.48 -10.42
N SER P 58 30.90 40.62 -9.11
CA SER P 58 30.72 39.43 -8.26
C SER P 58 30.08 39.80 -6.94
N ASN P 59 29.44 38.80 -6.34
CA ASN P 59 28.76 38.90 -5.05
C ASN P 59 28.99 37.59 -4.28
N PRO P 60 29.25 37.67 -2.96
CA PRO P 60 29.49 36.47 -2.18
C PRO P 60 28.39 35.42 -2.23
N THR P 61 27.12 35.83 -2.26
CA THR P 61 26.02 34.84 -2.31
C THR P 61 26.17 34.08 -3.62
N SER P 62 26.28 34.81 -4.73
CA SER P 62 26.43 34.18 -6.04
C SER P 62 27.75 33.42 -6.21
N ASP P 63 28.79 33.78 -5.46
CA ASP P 63 30.08 33.08 -5.54
C ASP P 63 29.94 31.68 -5.02
N VAL P 64 29.17 31.52 -3.95
CA VAL P 64 28.98 30.19 -3.38
C VAL P 64 28.30 29.33 -4.43
N LEU P 65 27.29 29.89 -5.07
CA LEU P 65 26.54 29.19 -6.09
C LEU P 65 27.43 28.73 -7.23
N GLY P 66 28.25 29.66 -7.71
CA GLY P 66 29.17 29.38 -8.80
C GLY P 66 30.11 28.22 -8.49
N GLN P 67 30.75 28.28 -7.33
CA GLN P 67 31.67 27.24 -6.96
C GLN P 67 30.96 25.88 -6.73
N ARG P 68 29.81 25.89 -6.07
CA ARG P 68 29.11 24.63 -5.86
C ARG P 68 28.67 24.02 -7.19
N LEU P 69 28.17 24.86 -8.11
CA LEU P 69 27.76 24.31 -9.41
C LEU P 69 28.96 23.69 -10.08
N ALA P 70 30.11 24.31 -9.93
CA ALA P 70 31.36 23.79 -10.53
C ALA P 70 31.72 22.46 -9.84
N ASN P 71 31.57 22.42 -8.53
CA ASN P 71 31.87 21.22 -7.77
C ASN P 71 30.98 20.06 -8.17
N VAL P 72 29.67 20.29 -8.32
CA VAL P 72 28.78 19.17 -8.68
C VAL P 72 29.04 18.69 -10.08
N GLU P 73 29.47 19.57 -10.97
CA GLU P 73 29.80 19.14 -12.37
C GLU P 73 31.18 18.53 -12.50
N GLY P 74 32.01 18.70 -11.49
CA GLY P 74 33.39 18.16 -11.53
C GLY P 74 34.30 19.12 -12.28
N GLY P 75 33.89 20.39 -12.33
CA GLY P 75 34.67 21.40 -13.05
C GLY P 75 35.54 22.20 -12.12
N ALA P 76 36.12 23.27 -12.61
CA ALA P 76 36.98 24.12 -11.79
C ALA P 76 36.37 25.41 -11.20
N PHE P 77 35.67 26.16 -12.03
CA PHE P 77 35.12 27.43 -11.60
C PHE P 77 33.79 27.69 -12.33
N GLY P 78 32.88 28.33 -11.64
CA GLY P 78 31.58 28.64 -12.22
C GLY P 78 31.18 30.09 -11.99
N ILE P 79 30.48 30.65 -12.96
CA ILE P 79 30.04 32.03 -12.91
C ILE P 79 28.57 32.20 -13.21
N PRO P 80 27.81 32.67 -12.21
CA PRO P 80 26.41 32.84 -12.44
C PRO P 80 26.14 34.17 -13.08
N VAL P 81 25.12 34.18 -13.91
CA VAL P 81 24.71 35.36 -14.63
C VAL P 81 23.20 35.50 -14.59
N ALA P 82 22.68 36.59 -15.13
CA ALA P 82 21.24 36.87 -15.08
C ALA P 82 20.28 35.88 -15.67
N SER P 83 20.73 35.11 -16.64
CA SER P 83 19.84 34.13 -17.23
C SER P 83 20.62 33.12 -18.04
N GLY P 84 19.93 32.04 -18.42
CA GLY P 84 20.52 30.98 -19.24
C GLY P 84 20.97 31.55 -20.58
N ALA P 86 21.84 34.64 -21.20
CA ALA P 86 23.02 35.44 -20.95
C ALA P 86 24.23 34.53 -20.84
N ALA P 87 24.04 33.37 -20.23
CA ALA P 87 25.11 32.40 -20.10
C ALA P 87 25.59 31.90 -21.51
N CYS P 88 24.64 31.57 -22.38
CA CYS P 88 24.97 31.09 -23.72
C CYS P 88 25.70 32.21 -24.49
N PHE P 89 25.14 33.42 -24.42
CA PHE P 89 25.70 34.59 -25.07
C PHE P 89 27.14 34.85 -24.60
N TYR P 90 27.32 34.99 -23.30
CA TYR P 90 28.65 35.20 -22.69
C TYR P 90 29.65 34.12 -23.04
N ALA P 91 29.21 32.86 -23.11
CA ALA P 91 30.12 31.77 -23.44
C ALA P 91 30.64 31.89 -24.89
N LEU P 92 29.75 32.23 -25.81
CA LEU P 92 30.10 32.37 -27.22
C LEU P 92 31.00 33.59 -27.48
N ILE P 93 30.57 34.75 -27.01
CA ILE P 93 31.37 35.97 -27.21
C ILE P 93 32.70 35.92 -26.46
N ASN P 94 32.84 35.07 -25.44
CA ASN P 94 34.11 35.02 -24.73
C ASN P 94 35.12 34.26 -25.60
N LEU P 95 34.61 33.61 -26.66
CA LEU P 95 35.40 32.82 -27.57
C LEU P 95 35.47 33.37 -29.00
N ALA P 96 34.38 33.97 -29.48
CA ALA P 96 34.33 34.50 -30.81
C ALA P 96 34.05 35.99 -30.83
N SER P 97 34.66 36.65 -31.81
CA SER P 97 34.50 38.10 -32.01
C SER P 97 34.21 38.33 -33.50
N SER P 98 33.98 39.57 -33.88
CA SER P 98 33.63 39.91 -35.26
C SER P 98 34.59 39.26 -36.28
N GLY P 99 34.01 38.62 -37.27
CA GLY P 99 34.78 37.93 -38.31
C GLY P 99 34.96 36.44 -38.05
N ASP P 100 34.61 35.98 -36.86
CA ASP P 100 34.75 34.56 -36.52
C ASP P 100 33.42 33.83 -36.76
N ASN P 101 33.44 32.53 -36.60
CA ASN P 101 32.23 31.74 -36.74
C ASN P 101 32.17 30.71 -35.63
N VAL P 102 30.97 30.22 -35.39
CA VAL P 102 30.74 29.22 -34.34
C VAL P 102 29.87 28.15 -34.94
N ALA P 103 30.12 26.92 -34.53
CA ALA P 103 29.36 25.78 -35.01
C ALA P 103 28.32 25.44 -33.96
N TYR P 104 27.07 25.22 -34.40
CA TYR P 104 26.02 24.91 -33.47
C TYR P 104 25.08 23.79 -33.91
N SER P 105 24.61 23.01 -32.94
CA SER P 105 23.70 21.92 -33.20
C SER P 105 22.37 22.40 -33.75
N ASN P 106 21.84 21.61 -34.66
CA ASN P 106 20.55 21.90 -35.31
C ASN P 106 19.40 21.52 -34.38
N LYS P 107 19.73 20.87 -33.26
CA LYS P 107 18.69 20.48 -32.28
C LYS P 107 18.95 21.11 -30.91
N ILE P 108 18.48 22.36 -30.76
CA ILE P 108 18.63 23.12 -29.52
C ILE P 108 17.44 24.01 -29.21
N TYR P 109 17.50 24.65 -28.04
CA TYR P 109 16.48 25.54 -27.54
C TYR P 109 16.30 26.64 -28.54
N GLY P 110 15.03 26.88 -28.89
CA GLY P 110 14.65 27.90 -29.86
C GLY P 110 15.29 29.26 -29.66
N GLY P 111 15.31 29.70 -28.41
CA GLY P 111 15.90 30.97 -28.08
C GLY P 111 17.38 30.97 -28.41
N THR P 112 18.07 29.90 -28.05
CA THR P 112 19.50 29.82 -28.32
C THR P 112 19.76 29.78 -29.83
N GLN P 113 18.83 29.17 -30.56
CA GLN P 113 18.95 29.05 -31.99
C GLN P 113 18.86 30.43 -32.62
N THR P 114 17.91 31.23 -32.15
CA THR P 114 17.73 32.60 -32.64
C THR P 114 18.96 33.44 -32.30
N LEU P 115 19.41 33.33 -31.07
CA LEU P 115 20.61 34.06 -30.62
C LEU P 115 21.81 33.81 -31.53
N ILE P 116 22.06 32.55 -31.76
CA ILE P 116 23.19 32.15 -32.57
C ILE P 116 23.05 32.40 -34.06
N SER P 117 21.94 31.94 -34.65
CA SER P 117 21.75 32.11 -36.11
C SER P 117 21.32 33.49 -36.58
N HIS P 118 20.73 34.30 -35.71
CA HIS P 118 20.31 35.67 -36.15
C HIS P 118 20.94 36.82 -35.39
N THR P 119 20.71 36.86 -34.10
CA THR P 119 21.23 37.95 -33.29
C THR P 119 22.73 38.16 -33.31
N LEU P 120 23.51 37.09 -33.28
CA LEU P 120 24.98 37.27 -33.31
C LEU P 120 25.53 37.88 -34.62
N LYS P 121 24.73 37.86 -35.69
CA LYS P 121 25.16 38.47 -36.96
C LYS P 121 25.45 39.94 -36.73
N ASN P 122 24.58 40.58 -35.95
CA ASN P 122 24.74 42.00 -35.63
C ASN P 122 26.11 42.32 -35.08
N PHE P 123 26.78 41.33 -34.51
CA PHE P 123 28.08 41.57 -33.94
C PHE P 123 29.18 40.98 -34.83
N GLY P 124 28.83 40.67 -36.08
CA GLY P 124 29.77 40.13 -37.04
C GLY P 124 30.24 38.71 -36.74
N ILE P 125 29.38 37.95 -36.09
CA ILE P 125 29.67 36.58 -35.72
C ILE P 125 28.78 35.65 -36.54
N GLU P 126 29.43 34.89 -37.40
CA GLU P 126 28.77 33.94 -38.26
C GLU P 126 28.43 32.63 -37.54
N ALA P 127 27.27 32.09 -37.86
CA ALA P 127 26.82 30.84 -37.28
C ALA P 127 26.73 29.77 -38.37
N ARG P 128 27.24 28.57 -38.06
CA ARG P 128 27.23 27.44 -38.97
C ARG P 128 26.61 26.21 -38.31
N GLU P 129 25.42 25.87 -38.76
CA GLU P 129 24.66 24.74 -38.25
C GLU P 129 25.29 23.38 -38.58
N PHE P 130 25.05 22.40 -37.74
CA PHE P 130 25.56 21.04 -38.00
C PHE P 130 24.53 20.09 -37.40
N ASP P 131 24.51 18.87 -37.90
CA ASP P 131 23.57 17.84 -37.45
C ASP P 131 24.25 16.93 -36.42
N ILE P 132 23.72 16.91 -35.19
CA ILE P 132 24.31 16.06 -34.13
C ILE P 132 24.20 14.60 -34.48
N ASP P 133 23.24 14.25 -35.33
CA ASP P 133 23.05 12.87 -35.74
C ASP P 133 23.99 12.42 -36.87
N ASP P 134 24.72 13.35 -37.47
CA ASP P 134 25.65 13.06 -38.55
C ASP P 134 26.86 13.99 -38.38
N LEU P 135 27.77 13.60 -37.50
CA LEU P 135 28.94 14.41 -37.20
C LEU P 135 29.91 14.77 -38.33
N ASP P 136 29.85 14.08 -39.46
CA ASP P 136 30.73 14.48 -40.54
C ASP P 136 30.34 15.91 -40.91
N SER P 137 29.05 16.26 -40.71
CA SER P 137 28.57 17.60 -41.03
C SER P 137 29.27 18.67 -40.19
N LEU P 138 29.81 18.26 -39.04
CA LEU P 138 30.53 19.19 -38.17
C LEU P 138 31.90 19.50 -38.76
N GLU P 139 32.63 18.46 -39.15
CA GLU P 139 33.99 18.63 -39.77
C GLU P 139 33.91 19.61 -40.93
N LYS P 140 32.87 19.40 -41.74
CA LYS P 140 32.52 20.20 -42.93
C LYS P 140 32.49 21.70 -42.72
N VAL P 141 31.85 22.14 -41.65
CA VAL P 141 31.75 23.58 -41.40
C VAL P 141 32.91 24.23 -40.64
N ILE P 142 33.85 23.42 -40.18
CA ILE P 142 34.99 23.94 -39.43
C ILE P 142 36.13 24.53 -40.25
N ASP P 143 36.65 25.67 -39.80
CA ASP P 143 37.78 26.34 -40.46
C ASP P 143 38.66 26.92 -39.32
N GLN P 144 39.66 27.72 -39.63
CA GLN P 144 40.54 28.24 -38.57
C GLN P 144 39.88 29.41 -37.79
N ASN P 145 38.74 29.88 -38.28
CA ASN P 145 38.00 30.98 -37.63
C ASN P 145 36.86 30.48 -36.71
N THR P 146 36.64 29.16 -36.71
CA THR P 146 35.62 28.55 -35.90
C THR P 146 36.14 28.57 -34.47
N LYS P 147 35.43 29.27 -33.60
CA LYS P 147 35.87 29.38 -32.20
C LYS P 147 35.12 28.57 -31.15
N ALA P 148 33.97 28.01 -31.52
CA ALA P 148 33.21 27.20 -30.58
C ALA P 148 32.28 26.22 -31.25
N ILE P 149 32.04 25.13 -30.54
CA ILE P 149 31.17 24.05 -30.97
C ILE P 149 30.13 23.96 -29.87
N PHE P 150 28.90 24.34 -30.22
CA PHE P 150 27.82 24.36 -29.28
C PHE P 150 26.74 23.33 -29.50
N PHE P 151 26.33 22.68 -28.41
CA PHE P 151 25.28 21.68 -28.45
C PHE P 151 24.68 21.43 -27.07
N GLU P 152 23.55 20.73 -27.05
CA GLU P 152 22.87 20.38 -25.81
C GLU P 152 23.07 18.89 -25.54
N SER P 153 23.20 18.53 -24.26
CA SER P 153 23.39 17.13 -23.87
C SER P 153 22.11 16.33 -24.12
N LEU P 154 20.98 16.94 -23.77
CA LEU P 154 19.64 16.35 -23.91
C LEU P 154 18.87 17.55 -24.45
N SER P 155 18.52 17.51 -25.73
CA SER P 155 17.85 18.67 -26.37
C SER P 155 16.42 18.97 -26.02
N ASN P 156 16.10 20.23 -26.21
CA ASN P 156 14.79 20.82 -25.99
C ASN P 156 14.14 21.34 -27.30
N PRO P 157 12.98 20.80 -27.72
CA PRO P 157 12.07 19.78 -27.18
C PRO P 157 12.13 18.38 -27.73
N GLN P 158 13.11 18.11 -28.59
CA GLN P 158 13.32 16.82 -29.20
C GLN P 158 13.74 15.69 -28.26
N ILE P 159 14.43 16.07 -27.21
CA ILE P 159 14.94 15.12 -26.24
C ILE P 159 16.01 14.32 -27.02
N ALA P 160 16.79 15.02 -27.84
CA ALA P 160 17.83 14.38 -28.62
C ALA P 160 19.11 14.35 -27.82
N ILE P 161 19.72 13.16 -27.74
CA ILE P 161 20.97 12.98 -27.02
C ILE P 161 22.19 13.05 -27.94
N ALA P 162 23.14 13.89 -27.57
CA ALA P 162 24.38 14.06 -28.33
C ALA P 162 25.42 13.03 -27.94
N ASP P 163 26.14 12.53 -28.93
CA ASP P 163 27.20 11.53 -28.70
C ASP P 163 28.41 12.40 -28.39
N ILE P 164 28.49 12.76 -27.12
CA ILE P 164 29.54 13.63 -26.64
C ILE P 164 30.97 13.24 -26.99
N GLU P 165 31.34 12.00 -26.76
CA GLU P 165 32.70 11.53 -27.06
C GLU P 165 33.16 11.84 -28.48
N LYS P 166 32.24 11.67 -29.43
CA LYS P 166 32.54 11.93 -30.85
C LYS P 166 32.68 13.41 -31.13
N ILE P 167 31.91 14.25 -30.43
CA ILE P 167 32.01 15.69 -30.63
C ILE P 167 33.36 16.12 -30.07
N ASN P 168 33.70 15.54 -28.91
CA ASN P 168 34.94 15.83 -28.24
C ASN P 168 36.16 15.53 -29.13
N GLN P 169 36.14 14.37 -29.77
CA GLN P 169 37.24 13.97 -30.67
C GLN P 169 37.52 15.04 -31.69
N ILE P 170 36.49 15.42 -32.40
CA ILE P 170 36.58 16.42 -33.42
C ILE P 170 37.05 17.75 -32.86
N ALA P 171 36.48 18.14 -31.72
CA ALA P 171 36.84 19.40 -31.09
C ALA P 171 38.28 19.40 -30.63
N LYS P 172 38.73 18.31 -30.00
CA LYS P 172 40.11 18.25 -29.51
C LYS P 172 41.13 18.25 -30.65
N LYS P 173 40.76 17.62 -31.76
CA LYS P 173 41.65 17.53 -32.89
C LYS P 173 41.96 18.91 -33.42
N HIS P 174 40.94 19.73 -33.64
CA HIS P 174 41.11 21.10 -34.16
C HIS P 174 41.46 22.13 -33.09
N LYS P 175 41.53 21.73 -31.82
CA LYS P 175 41.85 22.64 -30.71
C LYS P 175 40.78 23.72 -30.55
N ILE P 176 39.54 23.30 -30.67
CA ILE P 176 38.40 24.17 -30.53
C ILE P 176 37.66 23.89 -29.19
N VAL P 177 37.23 24.96 -28.53
CA VAL P 177 36.51 24.88 -27.27
C VAL P 177 35.10 24.36 -27.53
N SER P 178 34.72 23.31 -26.81
CA SER P 178 33.39 22.75 -26.92
C SER P 178 32.51 23.27 -25.75
N ILE P 179 31.30 23.68 -26.08
CA ILE P 179 30.32 24.18 -25.13
C ILE P 179 29.09 23.25 -25.08
N CYS P 180 28.79 22.70 -23.90
CA CYS P 180 27.62 21.84 -23.71
C CYS P 180 26.58 22.46 -22.75
N ASP P 181 25.35 22.60 -23.21
CA ASP P 181 24.24 23.14 -22.45
C ASP P 181 23.65 21.89 -21.81
N ASN P 182 23.91 21.74 -20.51
CA ASN P 182 23.46 20.56 -19.75
C ASN P 182 22.23 20.85 -18.88
N THR P 183 21.46 21.85 -19.24
CA THR P 183 20.28 22.22 -18.50
C THR P 183 19.27 21.15 -18.16
N VAL P 184 18.82 20.43 -19.18
CA VAL P 184 17.81 19.43 -18.98
C VAL P 184 18.26 18.20 -18.22
N ALA P 185 19.42 17.68 -18.57
CA ALA P 185 19.93 16.49 -17.89
C ALA P 185 20.29 16.77 -16.43
N THR P 186 20.85 17.95 -16.18
CA THR P 186 21.30 18.44 -14.89
C THR P 186 22.62 17.73 -14.58
N PRO P 187 23.42 18.31 -13.68
CA PRO P 187 24.68 17.66 -13.37
C PRO P 187 24.50 16.33 -12.68
N PHE P 188 23.32 16.07 -12.14
CA PHE P 188 23.08 14.80 -11.44
C PHE P 188 22.76 13.62 -12.33
N LEU P 189 22.42 13.85 -13.60
CA LEU P 189 22.12 12.72 -14.47
C LEU P 189 23.19 12.54 -15.51
N LEU P 190 23.93 13.61 -15.79
CA LEU P 190 24.98 13.57 -16.78
C LEU P 190 26.10 14.57 -16.47
N GLN P 191 27.35 14.14 -16.63
CA GLN P 191 28.50 14.99 -16.37
C GLN P 191 29.32 15.19 -17.64
N PRO P 192 28.93 16.15 -18.48
CA PRO P 192 29.69 16.36 -19.69
C PRO P 192 31.22 16.48 -19.53
N PHE P 193 31.70 17.03 -18.42
CA PHE P 193 33.14 17.13 -18.25
C PHE P 193 33.84 15.77 -18.33
N LYS P 194 33.20 14.73 -17.84
CA LYS P 194 33.76 13.40 -17.91
C LYS P 194 34.04 13.01 -19.32
N HIS P 195 33.31 13.59 -20.27
CA HIS P 195 33.54 13.20 -21.65
C HIS P 195 34.28 14.18 -22.52
N GLY P 196 35.12 15.01 -21.89
CA GLY P 196 35.94 15.98 -22.63
C GLY P 196 35.38 17.37 -22.91
N VAL P 197 34.19 17.67 -22.41
CA VAL P 197 33.63 19.02 -22.66
C VAL P 197 34.49 20.05 -21.93
N ASP P 198 34.65 21.21 -22.56
CA ASP P 198 35.45 22.32 -22.05
C ASP P 198 34.67 23.27 -21.19
N VAL P 199 33.53 23.70 -21.72
CA VAL P 199 32.64 24.63 -21.05
C VAL P 199 31.18 24.16 -21.01
N ILE P 200 30.59 24.23 -19.83
CA ILE P 200 29.19 23.85 -19.63
C ILE P 200 28.34 25.05 -19.30
N VAL P 201 27.21 25.17 -19.99
CA VAL P 201 26.27 26.26 -19.69
C VAL P 201 24.96 25.65 -19.15
N HIS P 202 24.33 26.36 -18.23
CA HIS P 202 23.08 25.93 -17.64
C HIS P 202 22.10 27.07 -17.51
N SER P 203 20.84 26.74 -17.75
CA SER P 203 19.79 27.70 -17.54
C SER P 203 19.37 27.25 -16.14
N LEU P 204 19.83 27.95 -15.11
CA LEU P 204 19.50 27.62 -13.72
C LEU P 204 18.02 27.83 -13.45
N SER P 205 17.41 28.64 -14.30
CA SER P 205 16.03 28.99 -14.26
C SER P 205 15.11 27.77 -14.31
N TYR P 207 15.61 23.45 -14.00
CA TYR P 207 15.70 22.47 -12.87
C TYR P 207 16.39 22.87 -11.57
N VAL P 208 17.46 23.66 -11.64
CA VAL P 208 18.16 24.09 -10.44
C VAL P 208 17.21 24.85 -9.55
N SER P 209 16.42 25.73 -10.15
CA SER P 209 15.40 26.46 -9.38
C SER P 209 14.39 25.41 -8.96
N GLY P 210 13.88 24.70 -9.97
CA GLY P 210 12.92 23.65 -9.82
C GLY P 210 11.52 24.06 -9.43
N GLN P 211 11.28 25.36 -9.33
CA GLN P 211 9.99 25.88 -8.93
C GLN P 211 9.46 27.09 -9.67
N GLY P 212 10.06 27.40 -10.81
CA GLY P 212 9.64 28.53 -11.64
C GLY P 212 9.69 29.88 -10.95
N THR P 213 10.65 30.05 -10.06
CA THR P 213 10.76 31.29 -9.32
C THR P 213 12.01 32.12 -9.48
N ALA P 214 13.06 31.60 -10.07
CA ALA P 214 14.25 32.41 -10.17
C ALA P 214 14.96 32.22 -11.48
N LEU P 215 14.94 33.29 -12.25
CA LEU P 215 15.56 33.30 -13.51
C LEU P 215 17.06 33.38 -13.24
N GLY P 216 17.84 32.61 -13.98
CA GLY P 216 19.31 32.61 -13.80
C GLY P 216 20.06 31.67 -14.73
N GLY P 217 21.36 31.92 -14.88
CA GLY P 217 22.22 31.09 -15.71
C GLY P 217 23.61 30.93 -15.13
N ALA P 218 24.39 30.02 -15.71
CA ALA P 218 25.75 29.81 -15.25
C ALA P 218 26.68 29.29 -16.33
N LEU P 219 27.93 29.73 -16.26
CA LEU P 219 28.95 29.27 -17.19
C LEU P 219 29.95 28.56 -16.29
N ILE P 220 30.24 27.31 -16.61
CA ILE P 220 31.17 26.53 -15.83
C ILE P 220 32.32 26.03 -16.71
N GLU P 221 33.55 26.16 -16.21
CA GLU P 221 34.70 25.71 -17.00
C GLU P 221 35.36 24.49 -16.34
N ARG P 222 35.88 23.61 -17.19
CA ARG P 222 36.54 22.40 -16.71
C ARG P 222 37.90 22.71 -16.12
N LYS P 223 38.43 21.72 -15.44
CA LYS P 223 39.75 21.85 -14.88
C LYS P 223 40.75 21.86 -16.04
N ASP P 224 41.79 22.65 -15.91
CA ASP P 224 42.86 22.76 -16.90
C ASP P 224 42.49 23.35 -18.25
N LEU P 225 41.39 24.09 -18.33
CA LEU P 225 40.98 24.70 -19.61
C LEU P 225 42.07 25.67 -20.16
N ASN P 226 42.88 26.24 -19.26
CA ASN P 226 43.96 27.13 -19.68
C ASN P 226 44.86 26.42 -20.74
N ASP P 227 45.11 25.13 -20.53
CA ASP P 227 45.93 24.33 -21.43
C ASP P 227 45.48 24.50 -22.89
N LEU P 228 44.16 24.53 -23.09
CA LEU P 228 43.57 24.68 -24.41
C LEU P 228 43.52 26.14 -24.93
N LEU P 229 43.41 27.12 -24.02
CA LEU P 229 43.35 28.53 -24.41
C LEU P 229 44.71 29.21 -24.52
N LYS P 230 45.61 28.93 -23.59
CA LYS P 230 46.94 29.51 -23.61
C LYS P 230 47.78 28.96 -24.78
N ASN P 231 48.50 29.86 -25.45
CA ASN P 231 49.35 29.52 -26.58
C ASN P 231 48.60 28.78 -27.66
N ASN P 232 47.40 29.25 -27.98
CA ASN P 232 46.58 28.64 -28.99
C ASN P 232 46.22 29.78 -29.93
N ASP P 233 46.77 29.70 -31.15
CA ASP P 233 46.56 30.70 -32.20
C ASP P 233 45.10 30.96 -32.53
N ARG P 234 44.24 30.01 -32.18
CA ARG P 234 42.83 30.18 -32.47
C ARG P 234 42.18 31.20 -31.50
N TYR P 235 42.81 31.43 -30.36
CA TYR P 235 42.25 32.35 -29.36
C TYR P 235 43.20 33.46 -28.94
N LYS P 236 43.28 34.49 -29.77
CA LYS P 236 44.16 35.61 -29.48
C LYS P 236 43.75 36.50 -28.32
N ALA P 237 42.46 36.62 -28.06
CA ALA P 237 42.00 37.43 -26.94
C ALA P 237 42.65 36.94 -25.62
N PHE P 238 42.97 35.66 -25.52
CA PHE P 238 43.59 35.11 -24.31
C PHE P 238 45.14 35.07 -24.36
N ASN P 239 45.71 35.64 -25.42
CA ASN P 239 47.16 35.64 -25.60
C ASN P 239 47.75 36.94 -26.14
N THR P 240 47.06 38.05 -25.95
CA THR P 240 47.55 39.33 -26.46
C THR P 240 47.30 40.43 -25.41
N PRO P 241 48.22 41.40 -25.29
CA PRO P 241 48.04 42.46 -24.31
C PRO P 241 46.71 43.11 -24.55
N ASP P 242 45.94 43.34 -23.50
CA ASP P 242 44.63 43.95 -23.63
C ASP P 242 44.67 45.42 -23.17
N PRO P 243 44.31 46.35 -24.07
CA PRO P 243 44.31 47.78 -23.74
C PRO P 243 43.31 48.15 -22.65
N SER P 244 42.19 47.42 -22.54
CA SER P 244 41.21 47.73 -21.48
C SER P 244 41.86 47.52 -20.09
N TYR P 245 42.89 46.68 -20.01
CA TYR P 245 43.63 46.41 -18.75
C TYR P 245 45.11 46.72 -18.77
N HIS P 246 45.44 47.88 -19.33
CA HIS P 246 46.82 48.33 -19.39
C HIS P 246 47.80 47.25 -19.82
N GLY P 247 47.53 46.70 -20.98
CA GLY P 247 48.39 45.67 -21.57
C GLY P 247 48.41 44.28 -20.98
N LEU P 248 47.61 44.04 -19.95
CA LEU P 248 47.56 42.71 -19.34
C LEU P 248 47.32 41.63 -20.39
N ASN P 249 48.10 40.55 -20.30
CA ASN P 249 47.96 39.42 -21.22
C ASN P 249 47.49 38.26 -20.36
N LEU P 250 46.28 37.80 -20.63
CA LEU P 250 45.70 36.71 -19.85
C LEU P 250 46.50 35.42 -19.76
N ASN P 251 47.27 35.10 -20.79
CA ASN P 251 48.06 33.84 -20.73
C ASN P 251 49.13 33.86 -19.66
N THR P 252 49.29 35.00 -19.02
CA THR P 252 50.27 35.18 -17.95
C THR P 252 49.71 34.85 -16.58
N LEU P 253 48.40 34.69 -16.50
CA LEU P 253 47.75 34.42 -15.22
C LEU P 253 47.59 32.95 -14.80
N ASP P 254 47.79 32.70 -13.52
CA ASP P 254 47.65 31.37 -12.99
C ASP P 254 46.24 31.36 -12.33
N LEU P 255 45.22 31.47 -13.19
CA LEU P 255 43.82 31.50 -12.80
C LEU P 255 42.99 30.99 -13.97
N PRO P 256 41.73 30.60 -13.71
CA PRO P 256 40.88 30.13 -14.83
C PRO P 256 40.62 31.36 -15.67
N ILE P 257 41.42 31.53 -16.73
CA ILE P 257 41.32 32.71 -17.59
C ILE P 257 40.00 32.86 -18.34
N PHE P 258 39.33 31.76 -18.66
CA PHE P 258 38.05 31.84 -19.35
C PHE P 258 37.06 32.58 -18.44
N SER P 259 36.98 32.12 -17.19
CA SER P 259 36.08 32.72 -16.20
C SER P 259 36.50 34.14 -15.87
N ILE P 260 37.80 34.35 -15.77
CA ILE P 260 38.30 35.70 -15.46
C ILE P 260 37.84 36.68 -16.53
N ARG P 261 37.91 36.29 -17.80
CA ARG P 261 37.51 37.23 -18.84
C ARG P 261 36.01 37.49 -18.73
N VAL P 262 35.23 36.47 -18.44
CA VAL P 262 33.79 36.65 -18.29
C VAL P 262 33.51 37.73 -17.23
N ILE P 263 34.29 37.74 -16.16
CA ILE P 263 34.09 38.72 -15.12
C ILE P 263 34.59 40.12 -15.43
N ILE P 264 35.88 40.24 -15.70
CA ILE P 264 36.50 41.55 -15.96
C ILE P 264 36.08 42.22 -17.25
N THR P 265 35.49 41.46 -18.16
CA THR P 265 35.06 42.05 -19.37
C THR P 265 33.53 41.98 -19.60
N TRP P 266 32.97 40.79 -19.75
CA TRP P 266 31.54 40.64 -20.05
C TRP P 266 30.58 41.07 -18.94
N LEU P 267 30.85 40.67 -17.70
CA LEU P 267 29.97 41.12 -16.61
C LEU P 267 30.24 42.59 -16.36
N ARG P 268 31.51 42.96 -16.30
CA ARG P 268 31.86 44.36 -16.05
C ARG P 268 31.32 45.36 -17.04
N ASP P 269 31.40 45.03 -18.32
CA ASP P 269 30.94 45.98 -19.36
C ASP P 269 29.52 45.74 -19.93
N LEU P 270 29.10 44.48 -20.06
CA LEU P 270 27.76 44.20 -20.59
C LEU P 270 26.70 44.11 -19.44
N GLY P 271 27.16 43.78 -18.25
CA GLY P 271 26.28 43.73 -17.07
C GLY P 271 25.07 42.84 -16.89
N ALA P 272 25.14 41.58 -17.32
CA ALA P 272 24.04 40.63 -17.16
C ALA P 272 24.23 39.91 -15.83
N SER P 273 24.21 40.70 -14.77
CA SER P 273 24.41 40.23 -13.42
C SER P 273 23.25 39.51 -12.79
N LEU P 274 23.58 38.48 -12.03
CA LEU P 274 22.60 37.71 -11.32
C LEU P 274 22.33 38.37 -9.95
N ALA P 275 21.10 38.79 -9.74
CA ALA P 275 20.70 39.41 -8.46
C ALA P 275 20.88 38.44 -7.29
N PRO P 276 21.26 38.96 -6.12
CA PRO P 276 21.49 38.18 -4.89
C PRO P 276 20.32 37.30 -4.43
N GLN P 277 19.11 37.82 -4.53
CA GLN P 277 17.96 37.06 -4.09
C GLN P 277 17.81 35.86 -5.01
N ASN P 278 17.99 36.05 -6.32
CA ASN P 278 17.89 34.94 -7.27
C ASN P 278 18.98 33.91 -7.03
N ALA P 279 20.18 34.40 -6.79
CA ALA P 279 21.31 33.53 -6.54
C ALA P 279 21.06 32.69 -5.31
N TRP P 280 20.56 33.33 -4.25
CA TRP P 280 20.27 32.61 -3.02
C TRP P 280 19.20 31.54 -3.23
N LEU P 281 18.13 31.89 -3.93
CA LEU P 281 17.06 30.92 -4.20
C LEU P 281 17.61 29.76 -4.99
N LEU P 282 18.45 30.07 -5.98
CA LEU P 282 19.08 29.04 -6.80
C LEU P 282 19.98 28.14 -5.94
N LEU P 283 20.68 28.71 -4.95
CA LEU P 283 21.47 27.88 -4.07
C LEU P 283 20.56 26.90 -3.34
N GLN P 284 19.40 27.38 -2.91
CA GLN P 284 18.47 26.50 -2.17
C GLN P 284 17.98 25.40 -3.05
N GLY P 285 17.71 25.73 -4.30
CA GLY P 285 17.23 24.73 -5.24
C GLY P 285 18.30 23.71 -5.51
N LEU P 286 19.53 24.17 -5.59
CA LEU P 286 20.64 23.25 -5.87
C LEU P 286 20.73 22.19 -4.79
N GLU P 287 20.50 22.61 -3.54
CA GLU P 287 20.55 21.69 -2.41
C GLU P 287 19.62 20.48 -2.55
N THR P 288 18.44 20.68 -3.12
CA THR P 288 17.46 19.62 -3.28
C THR P 288 17.32 19.03 -4.67
N LEU P 289 18.08 19.52 -5.64
CA LEU P 289 17.97 19.02 -7.01
C LEU P 289 18.15 17.51 -7.13
N ALA P 290 19.09 16.93 -6.38
CA ALA P 290 19.31 15.49 -6.46
C ALA P 290 18.04 14.69 -6.15
N VAL P 291 17.32 15.05 -5.10
CA VAL P 291 16.11 14.31 -4.79
C VAL P 291 15.00 14.65 -5.80
N ARG P 292 14.85 15.91 -6.12
CA ARG P 292 13.83 16.33 -7.06
C ARG P 292 13.94 15.74 -8.48
N ILE P 293 15.13 15.76 -9.06
CA ILE P 293 15.29 15.27 -10.42
C ILE P 293 14.90 13.78 -10.54
N GLU P 294 15.09 13.00 -9.47
CA GLU P 294 14.73 11.59 -9.51
C GLU P 294 13.21 11.45 -9.61
N LYS P 295 12.46 12.28 -8.87
CA LYS P 295 11.00 12.23 -8.91
C LYS P 295 10.55 12.70 -10.28
N HIS P 296 11.12 13.80 -10.76
CA HIS P 296 10.77 14.29 -12.10
C HIS P 296 10.94 13.15 -13.11
N SER P 297 12.07 12.45 -13.01
CA SER P 297 12.41 11.34 -13.91
C SER P 297 11.47 10.14 -13.78
N GLN P 298 11.22 9.70 -12.56
CA GLN P 298 10.32 8.59 -12.32
C GLN P 298 8.93 8.93 -12.86
N ASN P 299 8.43 10.14 -12.56
CA ASN P 299 7.13 10.53 -13.07
C ASN P 299 7.11 10.57 -14.60
N ALA P 300 8.15 11.12 -15.21
CA ALA P 300 8.20 11.23 -16.67
C ALA P 300 8.13 9.90 -17.35
N GLU P 301 8.85 8.93 -16.79
CA GLU P 301 8.87 7.60 -17.34
C GLU P 301 7.49 6.98 -17.32
N LYS P 302 6.78 7.13 -16.22
CA LYS P 302 5.43 6.55 -16.12
C LYS P 302 4.47 7.20 -17.07
N VAL P 303 4.57 8.51 -17.21
CA VAL P 303 3.73 9.26 -18.11
C VAL P 303 4.09 8.83 -19.51
N ALA P 304 5.37 8.67 -19.79
CA ALA P 304 5.80 8.25 -21.11
C ALA P 304 5.21 6.86 -21.46
N ASN P 305 5.30 5.91 -20.52
CA ASN P 305 4.78 4.54 -20.75
C ASN P 305 3.29 4.56 -20.99
N PHE P 306 2.59 5.40 -20.24
CA PHE P 306 1.14 5.55 -20.38
C PHE P 306 0.79 6.11 -21.75
N LEU P 307 1.47 7.18 -22.15
CA LEU P 307 1.20 7.77 -23.46
C LEU P 307 1.53 6.80 -24.58
N ASN P 308 2.65 6.10 -24.41
CA ASN P 308 3.10 5.15 -25.41
C ASN P 308 2.13 3.98 -25.68
N SER P 309 1.25 3.67 -24.73
CA SER P 309 0.29 2.60 -24.88
C SER P 309 -1.12 3.06 -25.16
N HIS P 310 -1.35 4.36 -25.14
CA HIS P 310 -2.70 4.84 -25.37
C HIS P 310 -2.99 4.93 -26.86
N PRO P 311 -4.14 4.40 -27.30
CA PRO P 311 -4.52 4.40 -28.72
C PRO P 311 -4.69 5.75 -29.39
N ASP P 312 -5.08 6.79 -28.67
CA ASP P 312 -5.22 8.12 -29.27
C ASP P 312 -3.89 8.91 -29.42
N ILE P 313 -2.74 8.29 -29.10
CA ILE P 313 -1.44 8.96 -29.17
C ILE P 313 -0.65 8.31 -30.27
N LYS P 314 -0.08 9.12 -31.15
CA LYS P 314 0.66 8.57 -32.28
C LYS P 314 2.16 8.47 -32.20
N GLY P 315 2.76 8.84 -31.09
CA GLY P 315 4.22 8.74 -31.02
C GLY P 315 4.69 9.44 -29.75
N VAL P 316 5.68 8.87 -29.08
CA VAL P 316 6.22 9.45 -27.88
C VAL P 316 7.74 9.58 -27.92
N ASN P 317 8.25 10.72 -27.51
CA ASN P 317 9.69 10.96 -27.48
C ASN P 317 10.23 11.02 -26.08
N TYR P 318 10.86 9.94 -25.63
CA TYR P 318 11.45 9.92 -24.29
C TYR P 318 12.53 8.82 -24.35
N PRO P 319 13.76 9.12 -23.89
CA PRO P 319 14.88 8.16 -23.99
C PRO P 319 14.78 6.81 -23.31
N THR P 320 13.95 6.68 -22.29
CA THR P 320 13.82 5.39 -21.62
C THR P 320 13.06 4.37 -22.46
N LEU P 321 12.32 4.84 -23.46
CA LEU P 321 11.56 3.95 -24.31
C LEU P 321 12.53 3.22 -25.25
N ALA P 322 12.56 1.90 -25.13
CA ALA P 322 13.46 1.04 -25.92
C ALA P 322 13.47 1.28 -27.43
N SER P 323 12.36 1.76 -27.99
CA SER P 323 12.28 2.02 -29.43
C SER P 323 12.77 3.36 -29.82
N ASN P 324 13.03 4.20 -28.84
CA ASN P 324 13.48 5.55 -29.13
C ASN P 324 14.86 5.51 -29.77
N ALA P 325 15.10 6.42 -30.70
CA ALA P 325 16.35 6.50 -31.45
C ALA P 325 17.55 6.87 -30.62
N TYR P 326 17.30 7.48 -29.48
CA TYR P 326 18.40 7.89 -28.62
C TYR P 326 18.57 6.97 -27.41
N HIS P 327 17.83 5.86 -27.40
CA HIS P 327 17.89 4.92 -26.27
C HIS P 327 19.30 4.38 -25.98
N ASN P 328 20.04 3.99 -27.01
CA ASN P 328 21.41 3.48 -26.81
C ASN P 328 22.34 4.56 -26.26
N LEU P 329 22.22 5.77 -26.78
CA LEU P 329 23.03 6.89 -26.31
C LEU P 329 22.66 7.18 -24.85
N PHE P 330 21.38 6.99 -24.53
CA PHE P 330 20.91 7.18 -23.17
C PHE P 330 21.60 6.21 -22.23
N LYS P 331 21.56 4.93 -22.58
CA LYS P 331 22.20 3.89 -21.79
C LYS P 331 23.71 4.11 -21.69
N LYS P 332 24.31 4.65 -22.72
CA LYS P 332 25.73 4.87 -22.71
C LYS P 332 26.20 6.04 -21.82
N TYR P 333 25.49 7.16 -21.85
CA TYR P 333 25.86 8.32 -21.04
C TYR P 333 25.16 8.59 -19.70
N PHE P 334 23.99 8.01 -19.47
CA PHE P 334 23.24 8.23 -18.21
C PHE P 334 23.41 7.05 -17.24
N ASP P 335 24.31 7.22 -16.28
CA ASP P 335 24.60 6.17 -15.26
C ASP P 335 23.48 5.77 -14.30
N LYS P 336 22.66 6.73 -13.86
CA LYS P 336 21.54 6.42 -12.91
C LYS P 336 20.18 5.99 -13.50
N ASN P 337 20.20 5.77 -14.77
CA ASN P 337 19.01 5.38 -15.48
C ASN P 337 17.75 6.28 -15.30
N PHE P 338 17.96 7.59 -15.23
CA PHE P 338 16.91 8.56 -15.14
C PHE P 338 17.14 9.48 -16.32
N ALA P 339 16.08 9.89 -17.00
CA ALA P 339 16.19 10.74 -18.19
C ALA P 339 15.58 12.15 -18.10
N SER P 340 15.41 12.61 -16.88
CA SER P 340 14.86 13.94 -16.60
C SER P 340 13.35 14.05 -16.87
N GLY P 341 12.80 15.26 -16.76
CA GLY P 341 11.36 15.46 -16.89
C GLY P 341 10.76 16.04 -18.12
N LEU P 342 11.53 16.12 -19.18
CA LEU P 342 10.99 16.69 -20.40
C LEU P 342 10.66 15.58 -21.40
N LEU P 343 9.53 15.69 -22.08
CA LEU P 343 9.18 14.70 -23.07
C LEU P 343 8.22 15.34 -24.04
N SER P 344 8.02 14.70 -25.19
CA SER P 344 7.07 15.25 -26.16
C SER P 344 6.31 14.08 -26.76
N PHE P 345 5.15 14.35 -27.34
CA PHE P 345 4.38 13.30 -27.97
C PHE P 345 3.53 13.89 -29.10
N GLU P 346 3.08 13.01 -29.99
CA GLU P 346 2.25 13.35 -31.14
C GLU P 346 0.78 13.04 -30.87
N ALA P 347 -0.07 14.03 -31.06
CA ALA P 347 -1.51 13.86 -30.87
C ALA P 347 -2.01 13.35 -32.21
N LYS P 348 -3.30 13.09 -32.33
CA LYS P 348 -3.87 12.59 -33.60
C LYS P 348 -3.62 13.60 -34.70
N ASP P 349 -3.84 14.87 -34.37
CA ASP P 349 -3.65 15.97 -35.30
C ASP P 349 -3.67 17.33 -34.56
N TYR P 350 -3.52 18.41 -35.32
CA TYR P 350 -3.52 19.75 -34.76
C TYR P 350 -4.73 20.01 -33.84
N GLU P 351 -5.94 19.73 -34.32
CA GLU P 351 -7.13 19.97 -33.50
C GLU P 351 -7.15 19.19 -32.18
N HIS P 352 -6.55 18.00 -32.18
CA HIS P 352 -6.51 17.19 -30.97
C HIS P 352 -5.48 17.78 -30.02
N ALA P 353 -4.34 18.20 -30.56
CA ALA P 353 -3.27 18.80 -29.74
C ALA P 353 -3.78 20.02 -28.99
N ARG P 354 -4.68 20.76 -29.64
CA ARG P 354 -5.26 21.96 -29.03
C ARG P 354 -6.24 21.59 -27.97
N ARG P 355 -7.10 20.60 -28.22
CA ARG P 355 -8.08 20.24 -27.20
C ARG P 355 -7.41 19.81 -25.94
N ILE P 356 -6.33 19.07 -26.10
CA ILE P 356 -5.55 18.60 -24.98
C ILE P 356 -5.03 19.80 -24.18
N CYS P 357 -4.36 20.75 -24.85
CA CYS P 357 -3.83 21.93 -24.14
C CYS P 357 -4.92 22.71 -23.42
N ASP P 358 -6.11 22.73 -24.00
CA ASP P 358 -7.22 23.47 -23.43
C ASP P 358 -8.00 22.71 -22.34
N LYS P 359 -7.79 21.39 -22.24
CA LYS P 359 -8.48 20.54 -21.25
C LYS P 359 -7.71 20.12 -19.98
N THR P 360 -6.38 20.16 -19.98
CA THR P 360 -5.63 19.76 -18.79
C THR P 360 -5.88 20.68 -17.61
N GLN P 361 -5.94 20.10 -16.42
CA GLN P 361 -6.18 20.83 -15.17
C GLN P 361 -4.94 20.90 -14.27
N LEU P 362 -4.05 19.91 -14.36
CA LEU P 362 -2.80 19.90 -13.56
C LEU P 362 -1.65 20.37 -14.41
N PHE P 363 -1.60 19.91 -15.66
CA PHE P 363 -0.57 20.38 -16.56
C PHE P 363 -1.02 21.82 -16.88
N LEU P 364 -0.19 22.80 -16.52
CA LEU P 364 -0.50 24.20 -16.75
C LEU P 364 0.04 24.67 -18.11
N LEU P 365 -0.85 25.22 -18.91
CA LEU P 365 -0.49 25.72 -20.23
C LEU P 365 0.41 26.92 -19.99
N ALA P 366 1.69 26.74 -20.29
CA ALA P 366 2.68 27.75 -20.08
C ALA P 366 3.97 27.47 -20.83
N ALA P 367 4.85 28.46 -20.87
CA ALA P 367 6.12 28.31 -21.56
C ALA P 367 7.33 28.35 -20.63
N ASN P 368 7.66 27.20 -20.09
CA ASN P 368 8.78 27.06 -19.18
C ASN P 368 9.01 25.56 -18.98
N LEU P 369 10.07 25.16 -18.29
CA LEU P 369 10.26 23.73 -18.04
C LEU P 369 11.08 23.54 -16.77
N GLY P 370 10.87 22.42 -16.10
CA GLY P 370 11.58 22.15 -14.88
C GLY P 370 10.91 22.73 -13.64
N ASP P 371 9.66 23.15 -13.75
CA ASP P 371 8.94 23.69 -12.59
C ASP P 371 8.43 22.44 -11.82
N SER P 372 8.19 22.60 -10.52
CA SER P 372 7.69 21.53 -9.70
C SER P 372 6.25 21.22 -10.15
N LYS P 373 5.58 22.20 -10.76
CA LYS P 373 4.23 22.02 -11.30
C LYS P 373 4.38 21.58 -12.74
N SER P 374 3.60 20.59 -13.16
CA SER P 374 3.67 20.10 -14.53
C SER P 374 3.18 21.14 -15.51
N LEU P 375 3.84 21.21 -16.66
CA LEU P 375 3.50 22.19 -17.67
C LEU P 375 3.30 21.57 -19.05
N ILE P 376 2.54 22.29 -19.87
CA ILE P 376 2.23 21.83 -21.22
C ILE P 376 2.23 22.97 -22.22
N ILE P 377 2.62 22.65 -23.46
CA ILE P 377 2.68 23.63 -24.52
C ILE P 377 2.69 22.94 -25.90
N HIS P 378 2.31 23.69 -26.93
CA HIS P 378 2.30 23.26 -28.35
C HIS P 378 3.39 24.06 -29.09
N PRO P 379 4.62 23.54 -29.19
CA PRO P 379 5.78 24.20 -29.82
C PRO P 379 5.55 24.91 -31.17
N GLU P 390 5.42 22.43 -43.15
CA GLU P 390 6.68 22.57 -43.89
C GLU P 390 7.82 23.07 -43.00
N GLU P 391 7.74 24.33 -42.58
CA GLU P 391 8.74 24.88 -41.66
C GLU P 391 8.68 24.04 -40.38
N LEU P 392 7.51 23.49 -40.09
CA LEU P 392 7.29 22.65 -38.93
C LEU P 392 8.11 21.40 -39.00
N GLN P 393 8.19 20.85 -40.21
CA GLN P 393 8.95 19.63 -40.46
C GLN P 393 10.46 19.92 -40.45
N LYS P 394 10.85 21.14 -40.81
CA LYS P 394 12.28 21.52 -40.84
C LYS P 394 12.75 21.64 -39.37
N ALA P 395 11.81 21.93 -38.46
CA ALA P 395 12.08 22.03 -37.04
C ALA P 395 12.05 20.65 -36.23
N GLY P 396 12.08 19.43 -36.84
CA GLY P 396 12.08 18.13 -36.05
C GLY P 396 10.96 17.98 -34.99
N ILE P 397 9.84 18.66 -35.31
CA ILE P 397 8.49 18.92 -34.70
C ILE P 397 7.33 18.96 -35.72
N THR P 398 6.08 18.73 -35.32
CA THR P 398 4.92 18.78 -36.25
C THR P 398 3.74 19.58 -35.65
N LYS P 399 2.66 19.73 -36.40
CA LYS P 399 1.50 20.45 -35.92
C LYS P 399 0.73 19.72 -34.83
N ALA P 400 1.04 18.42 -34.71
CA ALA P 400 0.38 17.58 -33.72
C ALA P 400 1.25 17.41 -32.47
N THR P 401 2.48 17.92 -32.51
CA THR P 401 3.41 17.80 -31.40
C THR P 401 3.09 18.60 -30.12
N ILE P 402 3.18 17.92 -28.99
CA ILE P 402 2.95 18.49 -27.67
C ILE P 402 4.17 18.24 -26.82
N ARG P 403 4.60 19.26 -26.06
N ARG P 403 4.62 19.27 -26.06
CA ARG P 403 5.76 19.12 -25.19
CA ARG P 403 5.77 19.16 -25.16
C ARG P 403 5.24 19.20 -23.76
C ARG P 403 5.29 19.25 -23.73
N LEU P 404 5.73 18.31 -22.89
CA LEU P 404 5.34 18.32 -21.51
C LEU P 404 6.54 18.46 -20.61
N SER P 405 6.36 19.16 -19.50
CA SER P 405 7.40 19.32 -18.50
C SER P 405 6.76 18.59 -17.33
N ILE P 406 7.32 17.45 -16.99
CA ILE P 406 6.76 16.65 -15.90
C ILE P 406 7.20 17.14 -14.55
N GLY P 407 6.20 17.47 -13.73
CA GLY P 407 6.42 17.98 -12.37
C GLY P 407 6.61 16.93 -11.29
N LEU P 408 6.42 17.35 -10.05
CA LEU P 408 6.58 16.51 -8.90
C LEU P 408 5.25 16.02 -8.32
N GLU P 409 4.16 16.25 -9.03
CA GLU P 409 2.86 15.79 -8.54
C GLU P 409 2.78 14.26 -8.52
N ASN P 410 1.71 13.74 -7.94
CA ASN P 410 1.51 12.30 -7.92
C ASN P 410 1.27 11.81 -9.36
N SER P 411 2.00 10.78 -9.78
CA SER P 411 1.88 10.25 -11.16
C SER P 411 0.48 9.81 -11.56
N ASP P 412 -0.24 9.19 -10.63
CA ASP P 412 -1.58 8.76 -10.99
C ASP P 412 -2.44 9.98 -11.32
N ASP P 413 -2.29 11.03 -10.54
CA ASP P 413 -3.05 12.27 -10.77
C ASP P 413 -2.69 12.88 -12.11
N LEU P 414 -1.40 12.86 -12.44
CA LEU P 414 -0.94 13.39 -13.70
C LEU P 414 -1.48 12.59 -14.87
N ILE P 415 -1.35 11.27 -14.78
CA ILE P 415 -1.83 10.37 -15.81
C ILE P 415 -3.34 10.58 -15.99
N ALA P 416 -4.08 10.68 -14.90
CA ALA P 416 -5.53 10.89 -14.98
C ALA P 416 -5.89 12.21 -15.67
N ASP P 417 -5.13 13.26 -15.37
CA ASP P 417 -5.39 14.55 -15.98
C ASP P 417 -5.12 14.43 -17.49
N LEU P 418 -4.01 13.83 -17.89
CA LEU P 418 -3.72 13.67 -19.31
C LEU P 418 -4.72 12.75 -19.99
N LYS P 419 -5.15 11.71 -19.28
CA LYS P 419 -6.09 10.79 -19.85
C LYS P 419 -7.40 11.49 -20.22
N GLN P 420 -7.99 12.24 -19.30
CA GLN P 420 -9.25 12.94 -19.58
C GLN P 420 -9.08 13.98 -20.68
N ALA P 421 -7.94 14.64 -20.73
CA ALA P 421 -7.70 15.64 -21.79
C ALA P 421 -7.60 14.96 -23.15
N ILE P 422 -6.82 13.90 -23.21
CA ILE P 422 -6.61 13.14 -24.46
C ILE P 422 -7.86 12.49 -25.01
N GLU P 423 -8.66 11.92 -24.12
CA GLU P 423 -9.90 11.22 -24.46
C GLU P 423 -11.09 12.11 -24.63
N SER P 424 -10.96 13.38 -24.34
CA SER P 424 -12.18 14.19 -24.53
C SER P 424 -11.73 15.60 -24.46
#